data_8BWS
#
_entry.id   8BWS
#
_cell.length_a   1.00
_cell.length_b   1.00
_cell.length_c   1.00
_cell.angle_alpha   90.00
_cell.angle_beta   90.00
_cell.angle_gamma   90.00
#
_symmetry.space_group_name_H-M   'P 1'
#
loop_
_entity.id
_entity.type
_entity.pdbx_description
1 polymer 'DNA-directed RNA polymerase III subunit RPC1'
2 polymer 'DNA-directed RNA polymerase III subunit RPC2'
3 polymer 'DNA-directed RNA polymerases I and III subunit RPAC1'
4 polymer 'DNA-directed RNA polymerase III subunit RPC9'
5 polymer 'DNA-directed RNA polymerases I, II, and III subunit RPABC1'
6 polymer 'DNA-directed RNA polymerases I, II, and III subunit RPABC2'
7 polymer 'DNA-directed RNA polymerase III subunit RPC8'
8 polymer 'DNA-directed RNA polymerases I, II, and III subunit RPABC3'
9 polymer 'DNA-directed RNA polymerase III subunit RPC10'
10 polymer 'DNA-directed RNA polymerases I, II, and III subunit RPABC5'
11 polymer 'DNA-directed RNA polymerases I and III subunit RPAC2'
12 polymer 'DNA-directed RNA polymerases I, II, and III subunit RPABC4'
13 polymer 'DNA-directed RNA polymerase III subunit RPC5'
14 polymer 'DNA-directed RNA polymerase III subunit RPC4'
15 polymer 'DNA-directed RNA polymerase III subunit RPC3'
16 polymer 'DNA-directed RNA polymerase III subunit RPC6'
17 polymer 'DNA-directed RNA polymerase III subunit RPC7'
18 polymer 'Non-template DNA'
19 polymer 'Template DNA'
20 polymer RNA
21 non-polymer 'ZINC ION'
22 non-polymer 'MAGNESIUM ION'
23 non-polymer (3R,5S,7R,8R,9S,10S,12S,13R,14S,17R)-10,13-dimethyl-17-[(2R)-pentan-2-yl]-2,3,4,5,6,7,8,9,11,12,14,15,16,17-tetradecahydro-1H-cyclopenta[a]phenanthrene-3,7,12-triol
#
loop_
_entity_poly.entity_id
_entity_poly.type
_entity_poly.pdbx_seq_one_letter_code
_entity_poly.pdbx_strand_id
1 'polypeptide(L)'
;MKEVVVSETPKRIKGLEFSALSAADIVAQSEVEVSTRDLFDLEKDRAPKANGALDPKMGVSSSSLECATCHGNLASCHGH
FGHLKLALPVFHIGYFKATIQILQGICKNCSAILLSETDKRQFLHELRRPGVDNLRRMGILKKILDQCKKQRRCLHCGAL
NGVVKKAAAGAGSAALKIIHDTFRWVGKKSAPEKDIWVGEWKEVLAHNPELERYVKRCMDDLNPLKTLNLFKQIKSADCE
LLGIDATVPSGRPETYIWRYLPAPPVCIRPSVMMQDSPASNEDDLTVKLTEIVWTSSLIKAGLDKGISINNMMEHWDYLQ
LTVAMYINSDSVNPAMLPGSSNGGGKVKPIRGFCQRLKGKQGRFRGNLSGKRVDFSGRTVISPDPNLSIDEVAVPDRVAK
VLTYPEKVTRYNRHKLQELIVNGPNVHPGANYLLKRNEDARRNLRYGDRMKLAKNLQIGDVVERHLEDGDVVLFNRQPSL
HRLSILSHYAKIRPWRTFRLNECVCTPYNADFDGDEMNLHVPQTEEARAEAINLMGVKNNLLTPKSGEPIIAATQDFITG
SYLISHKDSFYDRATLTQLLSMMSDGIEHFDIPPPAIMKPYYLWTGKQVFSLLIKPNHNSPVVINLDAKNKVFVPPKSKS
LPNEMSQNDGFVIIRGSQILSGVMDKSVLGDGKKHSVFYTILRDYGPQEAANAMNRMAKLCARFLGNRGFSIGINDVTPA
DDLKQKKEELVEIAYHKCDELITLFNKGELETQPGCNEEQTLEAKIGGLLSKVREEVGDVCINELDNWNAPLIMATCGSK
GSTLNVSQMVAVVGQQIISGNRVPDGFQDRSLPHFPKNSKTPQSKGFVRNSFFSGLSPPEFLFHAISGREGLVDTAVKTA
ETGYMSRRLMKSLEDLSCQYDNTVRTSANGIVQFTYGGDGLDPLEMEGNAQPVNFNRSWDHAYNITFNNQDKGLLPYAIM
ETANEILGPLEERLVRYDNSGCLVKREDLNKAEYVDQYDAERDFYHSLREYINGKATALANLRKSRGMLGLLEPPAKELQ
GIDPDETVPDNVKTSVSQLYRISEKSVRKFLEIALFKYRKARLEPGTAIGAIGAQSIGEPGTQMTLKTFHFAGVASMNVT
LGVPRIKEIINASKVISTPIINAVLVNDNDERAARVVKGRVEKTLLSDVAFYVQDVYKDNLSFIQVRIDLGTIDKLQLEL
TIEDIAVAITRASKLKIQASDVNIIGKDRIAINVFPEGYKAKSISTSAKEPSENDVFYRMQQLRRALPDVVVKGLPDISR
AVINIRDDGKRELLVEGYGLRDVMCTDGVIGSRTTTNHVLEVFSVLGIEAARYSIIREINYTMSNHGMSVDPRHIQLLGD
VMTYKGEVLGITRFGLSKMRDSVLQLASFEKTTDHLFDAAFYMKKDAVEGVSECIILGQTMSIGTGSFKVVKGTNISEKD
LVPKRCLFESLSNEAALKAN
;
A
2 'polypeptide(L)'
;MVAATKRRKTHIHKHVKDEAFDDLLKPVYKGKKLTDEINTAQDKWHLLPAFLKVKGLVKQHLDSFNYFVDTDLKKIIKAN
QLILSDVDPEFYLKYVDIRVGKKSSSSTKDYLTPPHECRLRDMTYSAPIYVDIEYTRGRNIIMHKDVEIGRMPIMLRSNK
CILYDADESKMAKLNECPLDPGGYFIVNGTEKVILVQEQLSKNRIIVEADEKKGIVQASVTSSTHERKSKTYVITKNGKI
YLKHNSIAEEIPIAIVLKACGILSDLEIMQLVCGNDSSYQDIFAVNLEESSKLDIYTQQQALEYIGAKVKTMRRQKLTIL
QEGIEAIATTVIAHLTVEALDFREKALYIAMMTRRVVMAMYNPKMIDDRDYVGNKRLELAGQLISLLFEDLFKKFNNDFK
LSIDKVLKKPNRAMEYDALLSINVHSNNITSGLNRAISTGNWSLKRFKMERAGVTHVLSRLSYISALGMMTRISSQFEKS
RKVSGPRALQPSQFGMLCTADTPEGEACGLVKNLALMTHITTDDEEEPIKKLCYVLGVEDITLIDSASLHLNYGVYLNGT
LIGSIRFPTKFVTQFRHLRRTGKVSEFISIYSNSHQMAVHIATDGGRICRPLIIVSDGQSRVKDIHLRKLLDGELDFDDF
LKLGLVEYLDVNEENDSYIALYEKDIVPSMTHLEIEPFTILGAVAGLIPYPHHNQSPRNTYQCAMGKQAIGAIAYNQFKR
IDTLLYLMTYPQQPMVKTKTIELIDYDKLPAGQNATVAVMSYSGYDIEDALVLNKSSIDRGFGRCETRRKTTTVLKRYAN
HTQDIIGGMRVDENGDPIWQHQSLGPDGLGEVGMKVQSGQIYINKSVPTNSADAPNPNNVNVQTQYREAPVIYRGPEPSH
IDQVMMSVSDNDQALIKVLLRQNRRPELGDKFSSRHGQKGVCGIIVKQEDMPFNDQGIVPDIIMNPHGFPSRMTVGKMIE
LISGKAGVLNGTLEYGTCFGGSKLEDMSKILVDQGFNYSGKDMLYSGITGECLQAYIFFGPIYYQKLKHMVLDKMHARAR
GPRAVLTRQPTEGRSRDGGLRLGEMERDCVIAYGASQLLLERLMISSDAFEVDVCDKCGLMGYSGWCTTCKSAENIIKMT
IPYAAKLLFQELLSMNIAPRLRLEDIFQQ
;
B
3 'polypeptide(L)'
;MSNIVGIEYNRVTNTTSTDFPGFSKDAENEWNVEKFKKDFEVNISSLDAREANFDLINIDTSIANAFRRIMISEVPSVAA
EYVYFFNNTSVIQDEVLAHRIGLVPLKVDPDMLTWVDSNLPDDEKFTDENTIVLSLNVKCTRNPDAPKGSTDPKELYNNA
HVYARDLKFEPQGRQSTTFADCPVVPADPDILLAKLRPGQEISLKAHCILGIGGDHAKFSPVSTASYRLLPQINILQPIK
GESARRFQKCFPPGVIGIDEGSDEAYVKDARKDTVSREVLRYEEFADKVKLGRVRNHFIFNVESAGAMTPEEIFFKSVRI
LKNKAEYLKNCPITQ
;
C
4 'polypeptide(L)'
;MKVLEERNAFLSDYEVLKFLTDLEKKHLWDQKSLAALKKSRSKGKQNRPYNHPELQGITRNVVNYLSINKNFINQEDEGE
ERESSGAKDAEKSGISKMSDESFAELMTKLNSFKLFKAEKLQIVNQLPANMVHLYSIVEECDARFDEKTIEEMLEIISGY
A
;
D
5 'polypeptide(L)'
;MDQENERNISRLWRAFRTVKEMVKDRGYFITQEEVELPLEDFKAKYCDSMGRPQRKMMSFQANPTEESISKFPDMGSLWV
EFCDEPSVGVKTMKTFVIHIQEKNFQTGIFVYQNNITPSAMKLVPSIPPATIETFNEAALVVNITHHELVPKHIRLSSDE
KRELLKRYRLKESQLPRIQRADPVALYLGLKRGEVVKIIRKSETSGRYASYRICM
;
E
6 'polypeptide(L)'
;MSDYEEAFNDGNENFEDFDVEHFSDEETYEEKPQFKDGETTDANGKTIVTGGNGPEDFQQHEQIRRKTLKEKAIPKDQRA
TTPYMTKYERARILGTRALQISMNAPVFVDLEGETDPLRIAMKELAEKKIPLVIRRYLPDGSFEDWSVEELIVDL
;
F
7 'polypeptide(L)'
;MFILSKIADLVRIPPDQFHRDTISAITHQLNNKFANKIIPNVGLCITIYDLLTVEEGQLKPGDGSSYINVTFRAVVFKPF
LGEIVTGWISKCTAEGIKVSLLGIFDDIFIPQNMLFEGCYYTPEESAWIWPMDEETKLYFDVNEKIRFRIEREVFVDVKP
KSPKERELEERAQLENEIEGKNEETPQNEKPPAYALLGSCQTDGMGLVSWWE
;
G
8 'polypeptide(L)'
;MSNTLFDDIFQVSEVDPGRYNKVCRIEAASTTQDQCKLTLDINVELFPVAAQDSLTVTIASSLNLEDTPANDSSATRSWR
PPQAGDRSLADDYDYVMYGTAYKFEEVSKDLIAVYYSFGGLLMRLEGNYRNLNNLKQENAYLLIRR
;
H
9 'polypeptide(L)'
;MLSFCPSCNNMLLITSGDSGVYTLACRSCPYEFPIEGIEIYDRKKLPRKEVDDVLGGGWDNVDQTKTQCPNYDTCGGESA
YFFQLQIRSADEPMTTFYKCVNCGHRWKEN
;
I
10 'polypeptide(L)' MIVPVRCFSCGKVVGDKWESYLNLLQEDELDEGTALSRLGLKRYCCRRMILTHVDLIEKFLRYNPLEKRD J
11 'polypeptide(L)'
;MTEDIEQKKTATEVTPQEPKHIQEEEEQDVDMTGDEEQEEEPDREKIKLLTQATSEDGTSASFQIVEEDHTLGNALRYVI
MKNPDVEFCGYSIPHPSENLLNIRIQTYGETTAVDALQKGLKDLMDLCDVVESKFTEKIKSM
;
K
12 'polypeptide(L)'
;(UNK)(UNK)(UNK)(UNK)(UNK)(UNK)MSREGFQIPTNLDAAAAGTSQARTATLKYICAECSSKLSLSRTDAVRCKD
CGHRILLKARTKRLVQFEAR
;
L
13 'polypeptide(L)'
;MSIDNKLFVTEEDEEDRTQDRADVEDESNDIDMIADENGTNSAIANEQEEKSEEVKAEDDTGEEEEDDPVIEEFPLKISG
EEESLHVFQYANRPRLVGRKPAEHPFISAARYKPKSHLWEIDIPLDEQAFYNKDKAESEWNGVNVQTLKGVGVENNGQYA
AFVKDMQVYLVPIERVAQLKPFFKYIDDANVTRKQEDARRNPNPSSQRAQVVTMSVKSVNDPSQNRLTGSLLAHKVADEE
ANIELTWAEGTFEQFKDTIVKEAEDKTLVALEKQEDYIDNLV
;
M
14 'polypeptide(L)'
;MSSNKGNGRLPSLKDSSSNGGGSAKPSLKFKPKAVARKSKEEREAAASKVKLEEESKRGNDKKHFNNKNKRVTGAGGQQR
RMAKYLNNTHVISSGPLAAGNFVSEKGDLRRGFIKSEGSGSSLVQKGLETIDNGAESSENEAEDDDNEGVASKSKKKFNM
GKEFEARNLIEDEDDGESEKSSDVDMDDEEWRSKRIEQLFPVRPVRVRHEDVETVKREIQEALSEKPTREPTPSVKTEPV
GTGLQSYLEERERQVNEKLADLGLEKEFQSVDGKEAAAELELLNADHQHILRKLKKMNNKPERFMVFQLPTRLPAFERPA
VKEEKEDMETQASDPSKKKKNIKKKDTKDALSTRELAGKVGSIRVHKSGKLSVKIGNVVMDIGKGAETTFLQDVIALSIA
DDASSAELLGRVDGKIVVTPQI
;
N
15 'polypeptide(L)'
;MDELLGEALSAENQTGESTVESEKLVTPEDVMTISSLEQRTLNPDLFLYKELVKAHLGERAASVIGMLVALGRLSVRELV
EKIDGMDVDSVKTTLVSLTQLRCVKYLQETAISGKKTTYYYYNEEGIHILLYSGLIIDEIITQMRVNDEEEHKQLVAEIV
QNVISLGSLTVEDYLSSVTSDSMKYTISSLFVQLCEMGYLIQISKLHYTPIEDLWQFLYEKHYKNIPRNSPLSDLKKRSQ
AKMNAKTDFAKIINKPNELSQILTVDPKTSLRIVKPTVSLTINLDRFMKGRRSKQLINLAKTRVGSVTAQVYKIALRLTE
QKSPKIRDPLTQTGLLQDLEEAKSFQDEAELVEEKTPGLTFNAIDLARHLPAELDLRGSLLSRKPSDNKKRSGSNAAASL
PSKKLKTEDGFVIPALPAAVSKSLQESGDTQEEDEEEEDLDADTEDPHSASLINSHLKILASSNFPFLNETKPGVYYVPY
SKLMPVLKSSVYEYVIASTLGPSAMRLSRCIRDNKLVSEKIINSTALMKEKDIRSTLASLIRYNSVEIQEVPRTADRSAS
RAVFLFRCKETHSYNFMRQNLEWNMANLLFKKEKLKQENSTLLKKANRDDVKGRENELLLPSELNQLKMVNERELNVFAR
LSRLLSLWEVFQMA
;
O
16 'polypeptide(L)'
;MSGMIENGLQLSDNAKTLHSQMMSKGIGALFTQQELQKQMGIGSLTDLMSIVQELLDKNLIKLVKQNDELKFQGVLESEA
QKKATMSAEEALVYSYIEASGREGIWSKTIKARTNLHQHVVLKCLKSLESQRYVKSVKSVKFPTRKIYMLYSLQPSVDIT
GGPWFTDGELDIEFINSLLTIVWRFISENTFPNGFKNFENGPKKNVFYAPNVKNYSTTQEILEFITAAQVANVELTPSNI
RSLCEVLVYDDKLEKVTHDCYRVTLESILQMNQGEGEPEAGNKALEDEEEFSIFNYFKMFPASKHDKEVVYFDEWTI
;
P
17 'polypeptide(L)'
;MSSYRGGSRGGGSNYMSNLPFGLGYGDVGKNHITEFPSIPLPINGPITNKERSLAVKYINFGKTVKDGPFYTGSMSLIID
QQENSKSGKRKPNIILDEDDTNDGIERYSDKYLKKRKIGISIDDHPYNLNLFPNELYNVMGINKKKLLAISKFNNADDVF
TGTGLQDENIGLSMLAKLKELAEDVDDASTGDGAAKGSKTGEGEDDDLADDDFEEDEDEEDDDDYNAEKYFNNGDDDDYG
DEEDPNEEAAF
;
Q
18 'polydeoxyribonucleotide'
;(DG)(DC)(DA)(DG)(DC)(DC)(DT)(DA)(DG)(DT)(DT)(DG)(DA)(DT)(DC)(DT)(DC)(DA)(DT)(DA)
(DG)(DC)(DC)(DC)(DA)(DT)(DT)(DC)(DC)(DT)(DA)(DC)(DT)(DC)(DA)(DG)(DG)(DA)(DG)(DA)
(DA)(DG)(DG)(DA)(DG)(DC)(DA)(DG)(DA)(DG)(DC)(DG)
;
S
19 'polydeoxyribonucleotide'
;(DC)(DG)(DC)(DT)(DC)(DT)(DG)(DC)(DT)(DC)(DC)(DT)(DT)(DC)(DT)(DC)(DC)(DT)(DT)(DT)
(DC)(DC)(DT)(DC)(DT)(DC)(DG)(DA)(DT)(DG)(DG)(DC)(DT)(DA)(DT)(DG)(DA)(DG)(DA)(DT)
(DC)(DA)(DA)(DC)(DT)(DA)(DG)(DG)(DC)(DT)(DG)(DC)
;
T
20 'polyribonucleotide' AUCGAGAGGA R
#
loop_
_chem_comp.id
_chem_comp.type
_chem_comp.name
_chem_comp.formula
4QM non-polymer (3R,5S,7R,8R,9S,10S,12S,13R,14S,17R)-10,13-dimethyl-17-[(2R)-pentan-2-yl]-2,3,4,5,6,7,8,9,11,12,14,15,16,17-tetradecahydro-1H-cyclopenta[a]phenanthrene-3,7,12-triol 'C24 H42 O3'
A RNA linking ADENOSINE-5'-MONOPHOSPHATE 'C10 H14 N5 O7 P'
C RNA linking CYTIDINE-5'-MONOPHOSPHATE 'C9 H14 N3 O8 P'
DA DNA linking 2'-DEOXYADENOSINE-5'-MONOPHOSPHATE 'C10 H14 N5 O6 P'
DC DNA linking 2'-DEOXYCYTIDINE-5'-MONOPHOSPHATE 'C9 H14 N3 O7 P'
DG DNA linking 2'-DEOXYGUANOSINE-5'-MONOPHOSPHATE 'C10 H14 N5 O7 P'
DT DNA linking THYMIDINE-5'-MONOPHOSPHATE 'C10 H15 N2 O8 P'
G RNA linking GUANOSINE-5'-MONOPHOSPHATE 'C10 H14 N5 O8 P'
MG non-polymer 'MAGNESIUM ION' 'Mg 2'
U RNA linking URIDINE-5'-MONOPHOSPHATE 'C9 H13 N2 O9 P'
ZN non-polymer 'ZINC ION' 'Zn 2'
#
# COMPACT_ATOMS: atom_id res chain seq x y z
N LYS A 2 -29.03 48.33 19.51
CA LYS A 2 -28.84 46.88 19.56
C LYS A 2 -28.28 46.36 18.24
N GLU A 3 -28.16 45.05 18.13
CA GLU A 3 -27.65 44.37 16.95
C GLU A 3 -26.21 44.82 16.63
N VAL A 4 -25.31 44.42 17.52
CA VAL A 4 -23.89 44.64 17.30
C VAL A 4 -23.45 43.92 16.03
N VAL A 5 -22.51 44.53 15.30
CA VAL A 5 -22.08 43.95 14.03
C VAL A 5 -21.40 42.60 14.27
N VAL A 6 -21.42 41.76 13.24
CA VAL A 6 -20.74 40.47 13.25
C VAL A 6 -19.85 40.40 12.01
N SER A 7 -18.57 40.15 12.22
CA SER A 7 -17.59 40.13 11.14
C SER A 7 -17.00 38.74 11.00
N GLU A 8 -16.94 38.24 9.77
CA GLU A 8 -16.36 36.95 9.47
C GLU A 8 -15.41 37.08 8.28
N THR A 9 -14.35 36.29 8.30
CA THR A 9 -13.36 36.30 7.24
C THR A 9 -13.03 34.88 6.82
N PRO A 10 -12.77 34.66 5.53
CA PRO A 10 -12.40 33.32 5.07
C PRO A 10 -10.97 32.99 5.47
N LYS A 11 -10.80 31.84 6.12
CA LYS A 11 -9.49 31.40 6.57
C LYS A 11 -9.24 29.97 6.14
N ARG A 12 -8.00 29.69 5.76
CA ARG A 12 -7.55 28.37 5.33
C ARG A 12 -6.61 27.78 6.38
N ILE A 13 -6.27 26.51 6.20
CA ILE A 13 -5.39 25.80 7.12
C ILE A 13 -3.96 26.16 6.76
N LYS A 14 -3.35 27.04 7.55
CA LYS A 14 -1.96 27.41 7.28
C LYS A 14 -1.02 26.24 7.53
N GLY A 15 -1.28 25.43 8.55
CA GLY A 15 -0.45 24.28 8.83
C GLY A 15 -0.65 23.74 10.22
N LEU A 16 -0.53 22.42 10.38
CA LEU A 16 -0.70 21.81 11.68
C LEU A 16 0.53 22.05 12.55
N GLU A 17 0.35 21.84 13.85
CA GLU A 17 1.44 21.92 14.82
C GLU A 17 1.27 20.75 15.79
N PHE A 18 1.98 19.66 15.52
CA PHE A 18 1.83 18.45 16.32
C PHE A 18 2.46 18.61 17.68
N SER A 19 1.82 18.02 18.68
CA SER A 19 2.29 18.01 20.06
C SER A 19 1.37 17.08 20.85
N ALA A 20 1.71 16.86 22.11
CA ALA A 20 0.92 16.04 23.00
C ALA A 20 0.11 16.91 23.95
N LEU A 21 -0.84 16.28 24.63
CA LEU A 21 -1.67 16.95 25.60
C LEU A 21 -1.09 16.76 27.00
N SER A 22 -1.05 17.84 27.77
CA SER A 22 -0.28 17.88 29.01
C SER A 22 -1.13 17.62 30.24
N ALA A 23 -2.10 16.71 30.15
CA ALA A 23 -2.93 16.31 31.28
C ALA A 23 -3.76 17.47 31.82
N ALA A 24 -3.60 18.66 31.21
CA ALA A 24 -4.44 19.81 31.51
C ALA A 24 -5.32 20.20 30.34
N ASP A 25 -4.93 19.83 29.12
CA ASP A 25 -5.82 19.96 27.97
C ASP A 25 -6.74 18.74 27.83
N ILE A 26 -6.29 17.58 28.31
CA ILE A 26 -7.15 16.41 28.34
C ILE A 26 -8.36 16.65 29.23
N VAL A 27 -8.13 17.21 30.42
CA VAL A 27 -9.24 17.53 31.31
C VAL A 27 -10.05 18.69 30.75
N ALA A 28 -9.40 19.65 30.10
CA ALA A 28 -10.10 20.81 29.55
C ALA A 28 -11.08 20.39 28.45
N GLN A 29 -10.67 19.45 27.59
CA GLN A 29 -11.56 18.99 26.54
C GLN A 29 -12.70 18.15 27.08
N SER A 30 -12.49 17.47 28.20
CA SER A 30 -13.42 16.45 28.65
C SER A 30 -14.75 17.05 29.09
N GLU A 31 -15.78 16.22 29.02
CA GLU A 31 -17.11 16.55 29.53
C GLU A 31 -17.47 15.78 30.79
N VAL A 32 -17.06 14.51 30.87
CA VAL A 32 -17.29 13.68 32.05
C VAL A 32 -16.06 12.82 32.29
N GLU A 33 -15.77 12.56 33.55
CA GLU A 33 -14.73 11.62 33.92
C GLU A 33 -15.33 10.22 33.95
N VAL A 34 -14.83 9.35 33.08
CA VAL A 34 -15.35 7.99 33.03
C VAL A 34 -14.83 7.22 34.24
N SER A 35 -15.67 7.10 35.26
CA SER A 35 -15.28 6.51 36.53
C SER A 35 -16.25 5.41 36.93
N THR A 36 -16.60 4.55 35.97
CA THR A 36 -17.48 3.42 36.26
C THR A 36 -17.25 2.35 35.20
N ARG A 37 -17.00 1.12 35.66
CA ARG A 37 -16.81 0.01 34.74
C ARG A 37 -18.09 -0.32 33.99
N ASP A 38 -19.24 -0.15 34.63
CA ASP A 38 -20.51 -0.50 34.02
C ASP A 38 -20.86 0.46 32.89
N LEU A 39 -21.62 -0.05 31.92
CA LEU A 39 -22.01 0.71 30.73
C LEU A 39 -23.46 1.19 30.78
N PHE A 40 -24.39 0.32 31.16
CA PHE A 40 -25.81 0.62 31.14
C PHE A 40 -26.38 0.54 32.55
N ASP A 41 -27.45 1.32 32.79
CA ASP A 41 -28.02 1.43 34.12
C ASP A 41 -28.72 0.15 34.56
N LEU A 42 -29.08 -0.73 33.63
CA LEU A 42 -29.70 -2.02 33.87
C LEU A 42 -31.11 -1.92 34.45
N GLU A 43 -31.65 -0.72 34.61
CA GLU A 43 -33.01 -0.55 35.11
C GLU A 43 -33.92 0.18 34.13
N LYS A 44 -33.48 1.30 33.59
CA LYS A 44 -34.30 2.09 32.67
C LYS A 44 -34.05 1.69 31.21
N ASP A 45 -34.15 0.38 30.94
CA ASP A 45 -34.08 -0.18 29.59
C ASP A 45 -32.76 0.19 28.92
N ARG A 46 -31.66 -0.24 29.55
CA ARG A 46 -30.31 -0.15 28.97
C ARG A 46 -29.94 1.29 28.62
N ALA A 47 -30.32 2.24 29.47
CA ALA A 47 -29.84 3.60 29.27
C ALA A 47 -28.39 3.71 29.69
N PRO A 48 -27.61 4.57 29.04
CA PRO A 48 -26.19 4.71 29.40
C PRO A 48 -26.01 5.18 30.83
N LYS A 49 -24.93 4.72 31.45
CA LYS A 49 -24.67 5.01 32.85
C LYS A 49 -24.38 6.50 33.03
N ALA A 50 -24.29 6.92 34.30
CA ALA A 50 -24.07 8.32 34.61
C ALA A 50 -22.67 8.78 34.21
N ASN A 51 -21.66 7.93 34.43
CA ASN A 51 -20.29 8.27 34.07
C ASN A 51 -19.55 7.08 33.48
N GLY A 52 -20.27 6.23 32.76
CA GLY A 52 -19.66 5.08 32.11
C GLY A 52 -19.03 5.45 30.79
N ALA A 53 -18.57 4.41 30.08
CA ALA A 53 -17.87 4.62 28.82
C ALA A 53 -18.80 5.24 27.78
N LEU A 54 -20.06 4.82 27.74
CA LEU A 54 -21.02 5.29 26.76
C LEU A 54 -21.85 6.45 27.27
N ASP A 55 -21.28 7.29 28.13
CA ASP A 55 -22.02 8.40 28.69
C ASP A 55 -22.52 9.32 27.57
N PRO A 56 -23.78 9.76 27.60
CA PRO A 56 -24.29 10.60 26.52
C PRO A 56 -23.51 11.90 26.33
N LYS A 57 -22.94 12.47 27.39
CA LYS A 57 -22.21 13.72 27.26
C LYS A 57 -21.00 13.58 26.36
N MET A 58 -20.53 12.36 26.11
CA MET A 58 -19.43 12.11 25.19
C MET A 58 -19.91 11.86 23.77
N GLY A 59 -21.17 12.15 23.48
CA GLY A 59 -21.76 11.89 22.17
C GLY A 59 -22.86 10.86 22.26
N VAL A 60 -23.51 10.64 21.12
CA VAL A 60 -24.65 9.75 21.01
C VAL A 60 -24.33 8.68 19.97
N SER A 61 -24.54 7.41 20.34
CA SER A 61 -24.32 6.28 19.45
C SER A 61 -25.57 5.86 18.69
N SER A 62 -26.71 6.48 18.97
CA SER A 62 -27.98 6.11 18.36
C SER A 62 -28.47 7.26 17.47
N SER A 63 -29.50 6.96 16.68
CA SER A 63 -30.14 7.96 15.83
C SER A 63 -31.39 8.54 16.46
N SER A 64 -31.73 8.15 17.69
CA SER A 64 -32.95 8.60 18.35
C SER A 64 -32.67 8.93 19.81
N LEU A 65 -31.53 9.57 20.09
CA LEU A 65 -31.16 9.98 21.44
C LEU A 65 -30.60 11.39 21.38
N GLU A 66 -30.08 11.86 22.52
CA GLU A 66 -29.52 13.19 22.62
C GLU A 66 -28.19 13.12 23.35
N CYS A 67 -27.28 14.04 23.01
CA CYS A 67 -25.92 14.02 23.54
C CYS A 67 -25.75 14.81 24.83
N ALA A 68 -26.78 15.51 25.29
CA ALA A 68 -26.78 16.19 26.59
C ALA A 68 -25.71 17.28 26.68
N THR A 69 -24.96 17.50 25.61
CA THR A 69 -23.95 18.55 25.58
C THR A 69 -24.17 19.53 24.44
N CYS A 70 -24.56 19.04 23.26
CA CYS A 70 -24.99 19.88 22.16
C CYS A 70 -26.47 19.72 21.84
N HIS A 71 -27.15 18.74 22.43
CA HIS A 71 -28.59 18.53 22.26
C HIS A 71 -28.96 18.31 20.79
N GLY A 72 -28.11 17.56 20.09
CA GLY A 72 -28.37 17.21 18.71
C GLY A 72 -28.48 15.70 18.52
N ASN A 73 -28.94 15.32 17.33
CA ASN A 73 -29.07 13.92 16.98
C ASN A 73 -27.71 13.38 16.53
N LEU A 74 -27.70 12.18 15.94
CA LEU A 74 -26.45 11.59 15.49
C LEU A 74 -25.83 12.41 14.37
N ALA A 75 -26.63 12.96 13.47
CA ALA A 75 -26.09 13.67 12.32
C ALA A 75 -25.47 15.01 12.71
N SER A 76 -26.01 15.67 13.73
CA SER A 76 -25.59 17.01 14.09
C SER A 76 -24.77 17.04 15.38
N CYS A 77 -24.22 15.90 15.81
CA CYS A 77 -23.38 15.83 16.99
C CYS A 77 -21.95 15.58 16.55
N HIS A 78 -21.09 16.59 16.75
CA HIS A 78 -19.68 16.44 16.37
C HIS A 78 -18.97 15.43 17.25
N GLY A 79 -19.46 15.19 18.45
CA GLY A 79 -18.80 14.30 19.37
C GLY A 79 -17.96 15.05 20.39
N HIS A 80 -18.00 14.62 21.65
CA HIS A 80 -17.31 15.31 22.72
C HIS A 80 -16.42 14.32 23.47
N PHE A 81 -15.30 14.82 23.97
CA PHE A 81 -14.31 13.98 24.62
C PHE A 81 -14.62 13.80 26.10
N GLY A 82 -13.99 12.78 26.68
CA GLY A 82 -13.95 12.62 28.12
C GLY A 82 -12.52 12.43 28.58
N HIS A 83 -12.35 12.35 29.89
CA HIS A 83 -11.03 12.07 30.45
C HIS A 83 -11.12 10.96 31.47
N LEU A 84 -10.06 10.16 31.54
CA LEU A 84 -9.97 9.04 32.47
C LEU A 84 -8.65 9.18 33.22
N LYS A 85 -8.73 9.58 34.49
CA LYS A 85 -7.53 9.77 35.29
C LYS A 85 -7.04 8.42 35.79
N LEU A 86 -5.81 8.07 35.43
CA LEU A 86 -5.23 6.81 35.86
C LEU A 86 -4.63 6.95 37.25
N ALA A 87 -4.40 5.79 37.87
CA ALA A 87 -3.59 5.68 39.08
C ALA A 87 -2.32 4.93 38.73
N LEU A 88 -1.21 5.32 39.36
CA LEU A 88 0.09 4.74 39.03
C LEU A 88 0.35 4.86 37.53
N PRO A 89 0.74 6.06 37.05
CA PRO A 89 0.91 6.29 35.60
C PRO A 89 1.68 5.21 34.87
N VAL A 90 1.46 5.09 33.56
CA VAL A 90 2.06 4.05 32.75
C VAL A 90 2.68 4.67 31.51
N PHE A 91 3.64 3.95 30.93
CA PHE A 91 4.33 4.43 29.74
C PHE A 91 3.38 4.49 28.55
N HIS A 92 3.62 5.45 27.68
CA HIS A 92 2.91 5.54 26.41
C HIS A 92 3.65 4.70 25.38
N ILE A 93 2.94 3.73 24.79
CA ILE A 93 3.59 2.80 23.88
C ILE A 93 4.17 3.51 22.66
N GLY A 94 3.47 4.54 22.17
CA GLY A 94 3.99 5.29 21.05
C GLY A 94 5.29 6.01 21.37
N TYR A 95 5.38 6.58 22.57
CA TYR A 95 6.54 7.35 23.00
C TYR A 95 7.52 6.53 23.82
N PHE A 96 7.45 5.20 23.75
CA PHE A 96 8.32 4.38 24.57
C PHE A 96 9.77 4.50 24.15
N LYS A 97 10.04 4.49 22.85
CA LYS A 97 11.42 4.70 22.39
C LYS A 97 11.86 6.13 22.66
N ALA A 98 10.94 7.09 22.54
CA ALA A 98 11.24 8.46 22.92
C ALA A 98 11.54 8.55 24.41
N THR A 99 10.81 7.79 25.23
CA THR A 99 11.11 7.73 26.65
C THR A 99 12.49 7.15 26.90
N ILE A 100 12.87 6.12 26.14
CA ILE A 100 14.20 5.54 26.26
C ILE A 100 15.25 6.59 25.95
N GLN A 101 15.05 7.35 24.88
CA GLN A 101 16.03 8.37 24.50
C GLN A 101 16.12 9.47 25.55
N ILE A 102 14.99 9.90 26.10
CA ILE A 102 15.01 10.92 27.14
C ILE A 102 15.78 10.40 28.36
N LEU A 103 15.52 9.16 28.76
CA LEU A 103 16.24 8.59 29.90
C LEU A 103 17.73 8.50 29.62
N GLN A 104 18.11 8.09 28.40
CA GLN A 104 19.52 8.03 28.04
C GLN A 104 20.17 9.41 28.03
N GLY A 105 19.39 10.46 27.81
CA GLY A 105 19.94 11.80 27.73
C GLY A 105 20.12 12.53 29.05
N ILE A 106 19.67 11.96 30.17
CA ILE A 106 19.70 12.66 31.45
C ILE A 106 20.31 11.76 32.51
N CYS A 107 20.72 12.39 33.62
CA CYS A 107 21.20 11.63 34.77
C CYS A 107 20.05 10.87 35.41
N LYS A 108 20.35 10.19 36.52
CA LYS A 108 19.31 9.52 37.29
C LYS A 108 19.35 9.93 38.76
N ASN A 109 20.20 10.87 39.14
CA ASN A 109 20.18 11.48 40.45
C ASN A 109 19.79 12.95 40.40
N CYS A 110 20.50 13.75 39.60
CA CYS A 110 20.17 15.15 39.41
C CYS A 110 19.12 15.37 38.33
N SER A 111 18.82 14.35 37.53
CA SER A 111 17.85 14.46 36.43
C SER A 111 18.22 15.57 35.47
N ALA A 112 19.52 15.81 35.32
CA ALA A 112 20.03 16.84 34.42
C ALA A 112 20.68 16.20 33.21
N ILE A 113 20.79 17.01 32.14
CA ILE A 113 21.34 16.51 30.88
C ILE A 113 22.82 16.21 31.05
N LEU A 114 23.33 15.31 30.21
CA LEU A 114 24.68 14.76 30.35
C LEU A 114 25.65 15.35 29.33
N LEU A 115 25.57 16.64 29.04
CA LEU A 115 26.50 17.30 28.13
C LEU A 115 27.13 18.50 28.82
N SER A 116 28.42 18.70 28.58
CA SER A 116 29.11 19.85 29.14
C SER A 116 28.53 21.14 28.59
N GLU A 117 28.80 22.24 29.30
CA GLU A 117 28.22 23.52 28.93
C GLU A 117 28.63 23.94 27.52
N THR A 118 29.92 23.81 27.21
CA THR A 118 30.39 24.17 25.87
C THR A 118 29.77 23.27 24.81
N ASP A 119 29.67 21.96 25.09
CA ASP A 119 29.11 21.04 24.12
C ASP A 119 27.64 21.33 23.85
N LYS A 120 26.87 21.62 24.90
CA LYS A 120 25.46 21.94 24.67
C LYS A 120 25.29 23.29 24.00
N ARG A 121 26.16 24.26 24.29
CA ARG A 121 26.11 25.52 23.56
C ARG A 121 26.37 25.31 22.08
N GLN A 122 27.38 24.51 21.75
CA GLN A 122 27.67 24.22 20.34
C GLN A 122 26.52 23.49 19.67
N PHE A 123 25.94 22.50 20.35
CA PHE A 123 24.86 21.74 19.75
C PHE A 123 23.62 22.59 19.54
N LEU A 124 23.30 23.47 20.49
CA LEU A 124 22.18 24.38 20.32
C LEU A 124 22.45 25.36 19.18
N HIS A 125 23.70 25.81 19.04
CA HIS A 125 24.04 26.67 17.91
C HIS A 125 23.82 25.94 16.60
N GLU A 126 24.17 24.66 16.54
CA GLU A 126 23.94 23.88 15.33
C GLU A 126 22.44 23.67 15.08
N LEU A 127 21.66 23.49 16.14
CA LEU A 127 20.22 23.26 15.98
C LEU A 127 19.50 24.51 15.47
N ARG A 128 19.93 25.68 15.91
CA ARG A 128 19.25 26.94 15.57
C ARG A 128 19.81 27.59 14.31
N ARG A 129 20.36 26.79 13.39
CA ARG A 129 20.81 27.34 12.12
C ARG A 129 19.61 27.84 11.32
N PRO A 130 19.80 28.86 10.48
CA PRO A 130 18.63 29.44 9.77
C PRO A 130 17.87 28.44 8.92
N GLY A 131 18.57 27.51 8.28
CA GLY A 131 17.88 26.48 7.51
C GLY A 131 18.24 25.08 7.96
N VAL A 132 17.29 24.39 8.60
CA VAL A 132 17.48 23.03 9.06
C VAL A 132 16.24 22.22 8.72
N ASP A 133 16.42 21.08 8.07
CA ASP A 133 15.32 20.21 7.71
C ASP A 133 15.13 19.17 8.82
N ASN A 134 14.33 18.15 8.54
CA ASN A 134 14.13 17.08 9.52
C ASN A 134 15.36 16.18 9.61
N LEU A 135 16.01 15.91 8.48
CA LEU A 135 17.13 14.97 8.48
C LEU A 135 18.31 15.48 9.28
N ARG A 136 18.71 16.73 9.04
CA ARG A 136 19.84 17.30 9.76
C ARG A 136 19.54 17.42 11.25
N ARG A 137 18.31 17.80 11.59
CA ARG A 137 17.93 17.90 12.99
C ARG A 137 17.98 16.54 13.66
N MET A 138 17.49 15.50 13.00
CA MET A 138 17.55 14.16 13.57
C MET A 138 18.99 13.69 13.73
N GLY A 139 19.85 13.99 12.76
CA GLY A 139 21.26 13.65 12.90
C GLY A 139 21.90 14.37 14.07
N ILE A 140 21.60 15.66 14.26
CA ILE A 140 22.15 16.40 15.38
C ILE A 140 21.67 15.82 16.69
N LEU A 141 20.38 15.50 16.79
CA LEU A 141 19.85 14.92 18.02
C LEU A 141 20.47 13.57 18.32
N LYS A 142 20.68 12.75 17.28
CA LYS A 142 21.31 11.46 17.50
C LYS A 142 22.76 11.61 17.94
N LYS A 143 23.47 12.59 17.38
CA LYS A 143 24.84 12.86 17.83
C LYS A 143 24.86 13.32 19.28
N ILE A 144 23.89 14.16 19.66
CA ILE A 144 23.78 14.59 21.06
C ILE A 144 23.54 13.39 21.96
N LEU A 145 22.66 12.49 21.53
CA LEU A 145 22.36 11.30 22.33
C LEU A 145 23.60 10.42 22.48
N ASP A 146 24.36 10.23 21.40
CA ASP A 146 25.59 9.44 21.49
C ASP A 146 26.60 10.12 22.42
N GLN A 147 26.74 11.43 22.30
CA GLN A 147 27.69 12.15 23.15
C GLN A 147 27.33 12.02 24.62
N CYS A 148 26.05 12.15 24.95
CA CYS A 148 25.65 12.02 26.35
C CYS A 148 25.66 10.57 26.82
N LYS A 149 25.58 9.60 25.90
CA LYS A 149 25.79 8.22 26.29
C LYS A 149 27.26 7.94 26.57
N LYS A 150 28.16 8.69 25.93
CA LYS A 150 29.59 8.55 26.22
C LYS A 150 29.92 8.99 27.63
N GLN A 151 29.11 9.87 28.23
CA GLN A 151 29.40 10.40 29.55
C GLN A 151 29.28 9.31 30.61
N ARG A 152 30.16 9.36 31.60
CA ARG A 152 30.18 8.38 32.68
C ARG A 152 29.77 8.96 34.03
N ARG A 153 29.88 10.26 34.22
CA ARG A 153 29.54 10.91 35.48
C ARG A 153 28.63 12.09 35.23
N CYS A 154 27.70 12.32 36.15
CA CYS A 154 26.89 13.54 36.09
C CYS A 154 27.77 14.75 36.37
N LEU A 155 27.54 15.83 35.62
CA LEU A 155 28.32 17.04 35.81
C LEU A 155 27.93 17.81 37.06
N HIS A 156 26.75 17.55 37.62
CA HIS A 156 26.28 18.26 38.80
C HIS A 156 26.16 17.34 40.01
N CYS A 157 25.41 16.24 39.89
CA CYS A 157 25.28 15.30 41.00
C CYS A 157 26.54 14.48 41.20
N GLY A 158 27.35 14.31 40.16
CA GLY A 158 28.52 13.48 40.25
C GLY A 158 28.16 12.03 40.53
N ALA A 159 27.18 11.52 39.80
CA ALA A 159 26.70 10.15 39.96
C ALA A 159 27.01 9.36 38.71
N LEU A 160 27.29 8.07 38.91
CA LEU A 160 27.63 7.19 37.79
C LEU A 160 26.42 6.95 36.91
N ASN A 161 26.65 6.90 35.59
CA ASN A 161 25.60 6.61 34.63
C ASN A 161 26.08 5.54 33.67
N GLY A 162 25.20 4.59 33.35
CA GLY A 162 25.54 3.51 32.46
C GLY A 162 24.73 3.51 31.18
N VAL A 163 23.97 2.44 30.96
CA VAL A 163 23.15 2.29 29.76
C VAL A 163 21.70 2.11 30.17
N VAL A 164 20.80 2.76 29.44
CA VAL A 164 19.36 2.64 29.65
C VAL A 164 18.79 1.92 28.43
N LYS A 165 18.16 0.78 28.66
CA LYS A 165 17.75 -0.10 27.57
C LYS A 165 16.47 -0.83 27.94
N LYS A 166 15.80 -1.36 26.92
CA LYS A 166 14.64 -2.21 27.14
C LYS A 166 15.05 -3.46 27.89
N ALA A 167 14.15 -3.95 28.74
CA ALA A 167 14.47 -5.09 29.59
C ALA A 167 14.85 -6.32 28.78
N ALA A 168 13.89 -6.88 28.05
CA ALA A 168 14.16 -8.08 27.25
C ALA A 168 13.64 -8.02 25.83
N ALA A 169 12.89 -6.97 25.45
CA ALA A 169 12.32 -6.85 24.10
C ALA A 169 11.47 -8.07 23.75
N GLY A 170 10.73 -8.58 24.73
CA GLY A 170 9.92 -9.77 24.54
C GLY A 170 8.58 -9.47 23.90
N ALA A 171 7.56 -10.18 24.35
CA ALA A 171 6.21 -10.03 23.80
C ALA A 171 5.41 -8.98 24.55
N GLY A 172 5.26 -9.14 25.86
CA GLY A 172 4.38 -8.28 26.62
C GLY A 172 5.07 -7.32 27.56
N SER A 173 5.13 -7.69 28.85
CA SER A 173 5.66 -6.78 29.87
C SER A 173 7.12 -6.42 29.57
N ALA A 174 7.92 -7.41 29.16
CA ALA A 174 9.33 -7.16 28.89
C ALA A 174 9.53 -6.09 27.82
N ALA A 175 8.56 -5.95 26.91
CA ALA A 175 8.62 -4.92 25.89
C ALA A 175 8.31 -3.53 26.44
N LEU A 176 7.86 -3.43 27.68
CA LEU A 176 7.54 -2.13 28.29
C LEU A 176 8.22 -1.96 29.64
N LYS A 177 9.33 -2.65 29.87
CA LYS A 177 10.12 -2.50 31.09
C LYS A 177 11.46 -1.88 30.74
N ILE A 178 11.84 -0.84 31.47
CA ILE A 178 13.10 -0.13 31.25
C ILE A 178 14.02 -0.40 32.42
N ILE A 179 15.24 -0.84 32.12
CA ILE A 179 16.24 -1.15 33.14
C ILE A 179 17.44 -0.25 32.92
N HIS A 180 18.00 0.24 34.02
CA HIS A 180 19.21 1.07 34.00
C HIS A 180 20.36 0.25 34.56
N ASP A 181 21.41 0.09 33.76
CA ASP A 181 22.60 -0.65 34.17
C ASP A 181 23.65 0.39 34.59
N THR A 182 23.69 0.68 35.88
CA THR A 182 24.62 1.70 36.38
C THR A 182 26.07 1.23 36.34
N PHE A 183 26.31 -0.06 36.58
CA PHE A 183 27.65 -0.58 36.82
C PHE A 183 28.20 -1.34 35.61
N ARG A 184 27.91 -0.88 34.40
CA ARG A 184 28.47 -1.53 33.22
C ARG A 184 29.84 -0.96 32.86
N TRP A 185 30.03 0.35 33.01
CA TRP A 185 31.26 0.99 32.54
C TRP A 185 32.35 1.05 33.59
N VAL A 186 32.06 0.66 34.84
CA VAL A 186 33.08 0.63 35.88
C VAL A 186 33.72 -0.75 35.85
N GLY A 187 34.89 -0.84 35.21
CA GLY A 187 35.60 -2.10 35.12
C GLY A 187 36.21 -2.52 36.43
N LYS A 188 37.21 -1.77 36.89
CA LYS A 188 37.89 -2.10 38.14
C LYS A 188 38.15 -0.88 39.02
N LYS A 189 37.71 0.31 38.62
CA LYS A 189 37.94 1.50 39.43
C LYS A 189 37.05 1.50 40.68
N SER A 190 37.50 2.24 41.68
CA SER A 190 36.77 2.35 42.93
C SER A 190 35.64 3.36 42.78
N ALA A 191 34.40 2.89 42.95
CA ALA A 191 33.22 3.74 42.80
C ALA A 191 32.41 3.66 44.09
N PRO A 192 32.09 4.79 44.73
CA PRO A 192 31.32 4.71 45.97
C PRO A 192 29.94 4.10 45.80
N GLU A 193 29.31 4.32 44.64
CA GLU A 193 28.01 3.70 44.39
C GLU A 193 28.13 2.19 44.33
N LYS A 194 29.22 1.67 43.76
CA LYS A 194 29.42 0.24 43.72
C LYS A 194 29.59 -0.34 45.12
N ASP A 195 30.32 0.37 45.98
CA ASP A 195 30.48 -0.09 47.36
C ASP A 195 29.16 -0.06 48.12
N ILE A 196 28.35 0.97 47.89
CA ILE A 196 27.02 1.02 48.52
C ILE A 196 26.16 -0.15 48.03
N TRP A 197 26.23 -0.45 46.74
CA TRP A 197 25.51 -1.58 46.18
C TRP A 197 25.95 -2.88 46.84
N VAL A 198 27.27 -3.06 47.00
CA VAL A 198 27.81 -4.26 47.62
C VAL A 198 27.30 -4.37 49.06
N GLY A 199 27.33 -3.27 49.80
CA GLY A 199 26.85 -3.29 51.17
C GLY A 199 25.37 -3.63 51.27
N GLU A 200 24.55 -3.04 50.40
CA GLU A 200 23.12 -3.31 50.42
C GLU A 200 22.84 -4.78 50.11
N TRP A 201 23.51 -5.33 49.10
CA TRP A 201 23.27 -6.72 48.78
C TRP A 201 23.84 -7.66 49.84
N LYS A 202 24.93 -7.26 50.50
CA LYS A 202 25.41 -8.05 51.64
C LYS A 202 24.37 -8.07 52.75
N GLU A 203 23.75 -6.92 53.03
CA GLU A 203 22.69 -6.88 54.03
C GLU A 203 21.55 -7.82 53.67
N VAL A 204 21.03 -7.69 52.44
CA VAL A 204 19.85 -8.48 52.08
C VAL A 204 20.19 -9.97 52.01
N LEU A 205 21.40 -10.32 51.58
CA LEU A 205 21.78 -11.72 51.56
C LEU A 205 22.01 -12.27 52.96
N ALA A 206 22.49 -11.44 53.88
CA ALA A 206 22.55 -11.85 55.27
C ALA A 206 21.15 -12.14 55.81
N HIS A 207 20.18 -11.30 55.44
CA HIS A 207 18.80 -11.58 55.83
C HIS A 207 18.23 -12.75 55.04
N ASN A 208 18.47 -12.79 53.73
CA ASN A 208 17.91 -13.82 52.85
C ASN A 208 19.00 -14.30 51.89
N PRO A 209 19.67 -15.41 52.21
CA PRO A 209 20.80 -15.86 51.40
C PRO A 209 20.42 -16.61 50.13
N GLU A 210 19.15 -16.93 49.92
CA GLU A 210 18.77 -17.74 48.77
C GLU A 210 18.69 -16.93 47.47
N LEU A 211 18.85 -15.62 47.54
CA LEU A 211 18.79 -14.76 46.35
C LEU A 211 20.17 -14.48 45.76
N GLU A 212 21.19 -15.24 46.15
CA GLU A 212 22.54 -14.99 45.64
C GLU A 212 22.61 -15.20 44.13
N ARG A 213 21.92 -16.22 43.62
CA ARG A 213 21.98 -16.50 42.19
C ARG A 213 21.34 -15.41 41.35
N TYR A 214 20.47 -14.58 41.93
CA TYR A 214 19.81 -13.51 41.21
C TYR A 214 20.44 -12.15 41.44
N VAL A 215 21.52 -12.06 42.22
CA VAL A 215 22.18 -10.78 42.40
C VAL A 215 22.80 -10.31 41.09
N LYS A 216 23.22 -11.23 40.24
CA LYS A 216 23.62 -10.88 38.89
C LYS A 216 22.41 -10.37 38.13
N ARG A 217 22.67 -9.52 37.15
CA ARG A 217 21.60 -8.75 36.48
C ARG A 217 20.94 -7.90 37.58
N CYS A 218 19.61 -7.83 37.61
CA CYS A 218 18.89 -7.04 38.61
C CYS A 218 19.39 -5.60 38.63
N MET A 219 19.24 -4.94 37.49
CA MET A 219 19.71 -3.58 37.31
C MET A 219 18.75 -2.58 37.92
N ASP A 220 19.13 -1.31 37.89
CA ASP A 220 18.25 -0.24 38.34
C ASP A 220 17.01 -0.21 37.47
N ASP A 221 15.86 -0.50 38.06
CA ASP A 221 14.61 -0.62 37.33
C ASP A 221 13.87 0.72 37.38
N LEU A 222 13.49 1.21 36.20
CA LEU A 222 12.81 2.50 36.06
C LEU A 222 11.35 2.24 35.74
N ASN A 223 10.54 2.09 36.79
CA ASN A 223 9.11 1.97 36.61
C ASN A 223 8.53 3.32 36.19
N PRO A 224 7.33 3.34 35.60
CA PRO A 224 6.78 4.60 35.09
C PRO A 224 6.67 5.69 36.15
N LEU A 225 6.48 5.32 37.41
CA LEU A 225 6.36 6.34 38.45
C LEU A 225 7.69 7.05 38.67
N LYS A 226 8.79 6.29 38.78
CA LYS A 226 10.10 6.92 38.92
C LYS A 226 10.47 7.70 37.67
N THR A 227 10.12 7.19 36.50
CA THR A 227 10.38 7.92 35.26
C THR A 227 9.64 9.24 35.23
N LEU A 228 8.38 9.25 35.69
CA LEU A 228 7.63 10.50 35.76
C LEU A 228 8.26 11.46 36.76
N ASN A 229 8.68 10.95 37.93
CA ASN A 229 9.27 11.82 38.93
C ASN A 229 10.60 12.39 38.46
N LEU A 230 11.37 11.64 37.66
CA LEU A 230 12.59 12.19 37.08
C LEU A 230 12.28 13.21 35.99
N PHE A 231 11.29 12.91 35.13
CA PHE A 231 10.95 13.83 34.07
C PHE A 231 10.42 15.15 34.61
N LYS A 232 9.75 15.12 35.77
CA LYS A 232 9.27 16.35 36.37
C LYS A 232 10.40 17.30 36.76
N GLN A 233 11.63 16.83 36.84
CA GLN A 233 12.76 17.63 37.29
C GLN A 233 13.68 18.07 36.16
N ILE A 234 13.43 17.64 34.92
CA ILE A 234 14.28 18.03 33.80
C ILE A 234 14.11 19.52 33.55
N LYS A 235 15.21 20.27 33.62
CA LYS A 235 15.15 21.71 33.41
C LYS A 235 14.75 22.01 31.96
N SER A 236 13.99 23.08 31.79
CA SER A 236 13.51 23.44 30.46
C SER A 236 14.67 23.83 29.55
N ALA A 237 15.71 24.46 30.09
CA ALA A 237 16.87 24.84 29.30
C ALA A 237 17.59 23.64 28.71
N ASP A 238 17.43 22.46 29.31
CA ASP A 238 18.03 21.23 28.80
C ASP A 238 17.03 20.39 28.00
N CYS A 239 15.88 20.96 27.64
CA CYS A 239 14.83 20.22 26.96
C CYS A 239 14.89 20.34 25.44
N GLU A 240 15.51 21.40 24.91
CA GLU A 240 15.60 21.52 23.46
C GLU A 240 16.58 20.53 22.87
N LEU A 241 17.64 20.18 23.61
CA LEU A 241 18.58 19.17 23.12
C LEU A 241 17.92 17.81 23.00
N LEU A 242 16.93 17.53 23.85
CA LEU A 242 16.21 16.27 23.78
C LEU A 242 15.17 16.24 22.67
N GLY A 243 14.94 17.36 21.99
CA GLY A 243 14.00 17.44 20.89
C GLY A 243 12.68 18.07 21.23
N ILE A 244 12.40 18.32 22.50
CA ILE A 244 11.12 18.85 22.93
C ILE A 244 11.22 20.37 23.01
N ASP A 245 10.30 21.06 22.33
CA ASP A 245 10.25 22.53 22.36
C ASP A 245 9.52 22.96 23.62
N ALA A 246 10.27 23.54 24.56
CA ALA A 246 9.72 23.92 25.86
C ALA A 246 9.17 25.34 25.89
N THR A 247 9.17 26.04 24.76
CA THR A 247 8.65 27.41 24.73
C THR A 247 7.18 27.45 25.12
N VAL A 248 6.38 26.54 24.57
CA VAL A 248 4.95 26.51 24.82
C VAL A 248 4.66 25.51 25.94
N PRO A 249 3.52 25.63 26.63
CA PRO A 249 3.10 24.57 27.54
C PRO A 249 2.93 23.25 26.80
N SER A 250 2.87 22.17 27.57
CA SER A 250 2.83 20.79 27.10
C SER A 250 4.14 20.37 26.46
N GLY A 251 5.12 21.27 26.34
CA GLY A 251 6.44 20.92 25.86
C GLY A 251 7.33 20.45 26.99
N ARG A 252 6.87 19.44 27.72
CA ARG A 252 7.57 18.89 28.86
C ARG A 252 7.73 17.39 28.68
N PRO A 253 8.83 16.82 29.18
CA PRO A 253 9.03 15.37 29.04
C PRO A 253 7.99 14.55 29.79
N GLU A 254 7.29 15.12 30.75
CA GLU A 254 6.33 14.37 31.56
C GLU A 254 4.95 14.29 30.92
N THR A 255 4.74 14.94 29.78
CA THR A 255 3.45 14.85 29.08
C THR A 255 3.36 13.63 28.18
N TYR A 256 4.44 12.85 28.06
CA TYR A 256 4.48 11.67 27.21
C TYR A 256 4.29 10.39 28.01
N ILE A 257 3.87 10.50 29.26
CA ILE A 257 3.55 9.36 30.11
C ILE A 257 2.08 9.42 30.44
N TRP A 258 1.38 8.29 30.31
CA TRP A 258 -0.06 8.27 30.51
C TRP A 258 -0.45 8.59 31.94
N ARG A 259 -0.97 9.80 32.16
CA ARG A 259 -1.65 10.13 33.40
C ARG A 259 -3.12 10.37 33.23
N TYR A 260 -3.57 10.79 32.05
CA TYR A 260 -4.98 10.93 31.73
C TYR A 260 -5.21 10.34 30.33
N LEU A 261 -6.14 9.43 30.23
CA LEU A 261 -6.52 8.93 28.92
C LEU A 261 -7.67 9.76 28.36
N PRO A 262 -7.51 10.39 27.20
CA PRO A 262 -8.65 11.03 26.55
C PRO A 262 -9.60 9.98 26.01
N ALA A 263 -10.76 9.86 26.64
CA ALA A 263 -11.78 8.95 26.15
C ALA A 263 -12.42 9.55 24.90
N PRO A 264 -12.33 8.88 23.75
CA PRO A 264 -12.79 9.49 22.50
C PRO A 264 -14.30 9.60 22.48
N PRO A 265 -14.85 10.46 21.60
CA PRO A 265 -16.30 10.58 21.52
C PRO A 265 -16.93 9.27 21.06
N VAL A 266 -18.18 9.07 21.47
CA VAL A 266 -18.89 7.86 21.07
C VAL A 266 -19.08 7.77 19.57
N CYS A 267 -19.00 8.91 18.86
CA CYS A 267 -19.04 8.87 17.40
C CYS A 267 -17.83 8.14 16.83
N ILE A 268 -16.66 8.31 17.45
CA ILE A 268 -15.47 7.60 16.99
C ILE A 268 -15.61 6.10 17.21
N ARG A 269 -16.28 5.69 18.28
CA ARG A 269 -16.43 4.28 18.64
C ARG A 269 -17.92 3.97 18.81
N PRO A 270 -18.67 3.92 17.72
CA PRO A 270 -20.11 3.69 17.82
C PRO A 270 -20.42 2.27 18.23
N SER A 271 -21.65 2.07 18.70
CA SER A 271 -22.15 0.75 19.07
C SER A 271 -23.00 0.20 17.93
N VAL A 272 -22.71 -1.02 17.51
CA VAL A 272 -23.41 -1.64 16.41
C VAL A 272 -24.41 -2.66 16.95
N MET A 273 -25.26 -3.17 16.05
CA MET A 273 -26.25 -4.16 16.44
C MET A 273 -26.03 -5.47 15.70
N SER A 280 -26.40 -4.00 23.50
CA SER A 280 -26.00 -3.93 22.10
C SER A 280 -24.66 -4.64 21.89
N ASN A 281 -23.88 -4.17 20.92
CA ASN A 281 -22.58 -4.75 20.59
C ASN A 281 -21.57 -3.61 20.46
N GLU A 282 -20.94 -3.27 21.58
CA GLU A 282 -19.95 -2.21 21.59
C GLU A 282 -18.69 -2.63 20.84
N ASP A 283 -18.01 -1.66 20.24
CA ASP A 283 -16.80 -1.95 19.49
C ASP A 283 -15.63 -2.16 20.45
N ASP A 284 -14.43 -2.32 19.89
CA ASP A 284 -13.28 -2.73 20.70
C ASP A 284 -12.85 -1.63 21.67
N LEU A 285 -12.88 -0.37 21.24
CA LEU A 285 -12.34 0.71 22.06
C LEU A 285 -13.13 0.87 23.35
N THR A 286 -14.46 0.75 23.28
CA THR A 286 -15.27 0.87 24.49
C THR A 286 -14.93 -0.24 25.48
N VAL A 287 -14.77 -1.47 25.00
CA VAL A 287 -14.42 -2.58 25.88
C VAL A 287 -13.04 -2.35 26.49
N LYS A 288 -12.08 -1.90 25.67
CA LYS A 288 -10.72 -1.70 26.17
C LYS A 288 -10.69 -0.62 27.25
N LEU A 289 -11.40 0.49 27.03
CA LEU A 289 -11.39 1.53 28.05
C LEU A 289 -12.23 1.16 29.26
N THR A 290 -13.24 0.30 29.11
CA THR A 290 -13.93 -0.26 30.26
C THR A 290 -12.98 -1.09 31.11
N GLU A 291 -12.18 -1.93 30.47
CA GLU A 291 -11.18 -2.72 31.19
C GLU A 291 -10.15 -1.82 31.85
N ILE A 292 -9.76 -0.74 31.17
CA ILE A 292 -8.81 0.21 31.76
C ILE A 292 -9.41 0.83 33.01
N VAL A 293 -10.68 1.24 32.95
CA VAL A 293 -11.35 1.81 34.11
C VAL A 293 -11.39 0.80 35.25
N TRP A 294 -11.72 -0.45 34.94
CA TRP A 294 -11.81 -1.47 35.98
C TRP A 294 -10.47 -1.70 36.65
N THR A 295 -9.41 -1.87 35.86
CA THR A 295 -8.09 -2.11 36.44
C THR A 295 -7.59 -0.89 37.21
N SER A 296 -7.86 0.31 36.72
CA SER A 296 -7.46 1.51 37.44
C SER A 296 -8.18 1.62 38.78
N SER A 297 -9.47 1.30 38.80
CA SER A 297 -10.22 1.28 40.06
C SER A 297 -9.65 0.23 41.00
N LEU A 298 -9.28 -0.93 40.46
CA LEU A 298 -8.70 -1.98 41.29
C LEU A 298 -7.39 -1.52 41.91
N ILE A 299 -6.54 -0.87 41.13
CA ILE A 299 -5.26 -0.36 41.65
C ILE A 299 -5.52 0.68 42.73
N LYS A 300 -6.45 1.62 42.46
CA LYS A 300 -6.72 2.67 43.42
C LYS A 300 -7.27 2.11 44.73
N ALA A 301 -8.15 1.12 44.65
CA ALA A 301 -8.68 0.49 45.85
C ALA A 301 -7.62 -0.30 46.59
N GLY A 302 -6.77 -1.02 45.85
CA GLY A 302 -5.71 -1.78 46.49
C GLY A 302 -4.68 -0.92 47.19
N LEU A 303 -4.48 0.31 46.70
CA LEU A 303 -3.58 1.23 47.38
C LEU A 303 -4.05 1.51 48.80
N ASP A 304 -5.35 1.74 48.98
CA ASP A 304 -5.91 2.04 50.29
C ASP A 304 -6.19 0.80 51.12
N LYS A 305 -6.40 -0.35 50.49
CA LYS A 305 -6.64 -1.60 51.20
C LYS A 305 -5.36 -2.31 51.60
N GLY A 306 -4.21 -1.78 51.21
CA GLY A 306 -2.94 -2.39 51.56
C GLY A 306 -2.72 -3.77 50.99
N ILE A 307 -3.02 -3.94 49.69
CA ILE A 307 -2.80 -5.23 49.05
C ILE A 307 -1.30 -5.54 49.01
N SER A 308 -0.98 -6.79 48.69
CA SER A 308 0.40 -7.20 48.56
C SER A 308 1.08 -6.38 47.47
N ILE A 309 2.34 -6.00 47.73
CA ILE A 309 3.09 -5.22 46.75
C ILE A 309 3.26 -5.99 45.45
N ASN A 310 3.36 -7.31 45.53
CA ASN A 310 3.42 -8.13 44.33
C ASN A 310 2.13 -8.00 43.52
N ASN A 311 0.99 -8.07 44.20
CA ASN A 311 -0.29 -7.93 43.50
C ASN A 311 -0.43 -6.53 42.89
N MET A 312 -0.03 -5.50 43.63
CA MET A 312 -0.14 -4.15 43.11
C MET A 312 0.75 -3.96 41.89
N MET A 313 1.97 -4.47 41.93
CA MET A 313 2.85 -4.36 40.77
C MET A 313 2.31 -5.14 39.58
N GLU A 314 1.76 -6.34 39.83
CA GLU A 314 1.21 -7.12 38.74
C GLU A 314 0.02 -6.43 38.10
N HIS A 315 -0.86 -5.84 38.92
CA HIS A 315 -2.00 -5.11 38.37
C HIS A 315 -1.56 -3.87 37.63
N TRP A 316 -0.52 -3.19 38.12
CA TRP A 316 0.04 -2.04 37.41
C TRP A 316 0.56 -2.45 36.03
N ASP A 317 1.29 -3.57 35.97
CA ASP A 317 1.78 -4.05 34.68
C ASP A 317 0.64 -4.46 33.77
N TYR A 318 -0.39 -5.09 34.32
CA TYR A 318 -1.55 -5.46 33.51
C TYR A 318 -2.25 -4.24 32.95
N LEU A 319 -2.38 -3.18 33.76
CA LEU A 319 -2.96 -1.94 33.27
C LEU A 319 -2.11 -1.32 32.16
N GLN A 320 -0.79 -1.37 32.33
CA GLN A 320 0.09 -0.84 31.29
C GLN A 320 -0.06 -1.62 29.98
N LEU A 321 -0.12 -2.94 30.06
CA LEU A 321 -0.33 -3.75 28.86
C LEU A 321 -1.71 -3.49 28.25
N THR A 322 -2.73 -3.29 29.10
CA THR A 322 -4.07 -3.04 28.60
C THR A 322 -4.13 -1.73 27.82
N VAL A 323 -3.54 -0.67 28.37
CA VAL A 323 -3.56 0.61 27.65
C VAL A 323 -2.66 0.54 26.42
N ALA A 324 -1.57 -0.22 26.47
CA ALA A 324 -0.74 -0.40 25.29
C ALA A 324 -1.51 -1.08 24.17
N MET A 325 -2.29 -2.11 24.50
CA MET A 325 -3.15 -2.75 23.51
C MET A 325 -4.21 -1.78 23.01
N TYR A 326 -4.75 -0.97 23.91
CA TYR A 326 -5.73 0.04 23.52
C TYR A 326 -5.18 0.96 22.44
N ILE A 327 -3.96 1.45 22.63
CA ILE A 327 -3.34 2.30 21.62
C ILE A 327 -2.96 1.47 20.38
N ASN A 328 -2.37 0.30 20.59
CA ASN A 328 -1.87 -0.51 19.48
C ASN A 328 -1.98 -1.98 19.83
N SER A 329 -2.61 -2.77 18.96
CA SER A 329 -2.81 -4.18 19.22
C SER A 329 -1.60 -5.04 18.85
N ASP A 330 -0.58 -4.45 18.23
CA ASP A 330 0.62 -5.21 17.87
C ASP A 330 1.57 -5.37 19.04
N SER A 331 1.29 -4.76 20.19
CA SER A 331 2.20 -4.84 21.32
C SER A 331 2.31 -6.26 21.86
N VAL A 332 1.17 -6.89 22.13
CA VAL A 332 1.15 -8.20 22.77
C VAL A 332 0.33 -9.17 21.93
N ASN A 333 0.71 -10.45 22.00
CA ASN A 333 -0.07 -11.52 21.37
C ASN A 333 -1.22 -11.97 22.28
N PRO A 334 -0.98 -12.29 23.56
CA PRO A 334 -2.14 -12.69 24.36
C PRO A 334 -3.01 -11.50 24.77
N PRO A 349 -8.98 -9.95 17.94
CA PRO A 349 -8.29 -8.92 17.15
C PRO A 349 -8.79 -7.51 17.47
N ILE A 350 -8.43 -7.00 18.65
CA ILE A 350 -8.83 -5.61 19.04
C ILE A 350 -8.33 -4.64 17.96
N ARG A 351 -9.19 -3.71 17.52
CA ARG A 351 -8.77 -2.70 16.52
C ARG A 351 -8.21 -1.47 17.25
N GLY A 352 -6.91 -1.49 17.59
CA GLY A 352 -6.29 -0.33 18.25
C GLY A 352 -6.31 0.88 17.34
N PHE A 353 -6.21 2.08 17.92
CA PHE A 353 -6.14 3.32 17.08
C PHE A 353 -5.07 3.13 16.00
N CYS A 354 -3.98 2.44 16.34
CA CYS A 354 -2.94 2.17 15.35
C CYS A 354 -3.46 1.27 14.23
N GLN A 355 -4.30 0.28 14.57
CA GLN A 355 -4.95 -0.52 13.54
C GLN A 355 -5.90 0.32 12.71
N ARG A 356 -6.64 1.22 13.34
CA ARG A 356 -7.61 2.04 12.61
C ARG A 356 -6.92 2.98 11.65
N LEU A 357 -5.70 3.41 11.94
CA LEU A 357 -4.98 4.31 11.06
C LEU A 357 -4.13 3.56 10.02
N LYS A 358 -3.25 2.68 10.47
CA LYS A 358 -2.34 2.00 9.57
C LYS A 358 -3.09 0.97 8.73
N GLY A 359 -2.44 0.50 7.68
CA GLY A 359 -2.97 -0.53 6.82
C GLY A 359 -3.44 0.03 5.48
N LYS A 360 -3.75 -0.90 4.58
CA LYS A 360 -4.25 -0.52 3.27
C LYS A 360 -5.68 0.00 3.34
N GLN A 361 -6.48 -0.51 4.28
CA GLN A 361 -7.85 -0.07 4.47
C GLN A 361 -7.98 0.90 5.65
N GLY A 362 -6.88 1.42 6.16
CA GLY A 362 -6.91 2.37 7.25
C GLY A 362 -7.42 3.73 6.80
N ARG A 363 -7.47 4.65 7.76
CA ARG A 363 -8.05 5.96 7.49
C ARG A 363 -7.25 6.72 6.42
N PHE A 364 -5.92 6.60 6.44
CA PHE A 364 -5.13 7.36 5.48
C PHE A 364 -5.25 6.80 4.07
N ARG A 365 -5.30 5.47 3.92
CA ARG A 365 -5.34 4.86 2.60
C ARG A 365 -6.71 4.33 2.22
N GLY A 366 -7.71 4.49 3.06
CA GLY A 366 -9.04 4.03 2.73
C GLY A 366 -10.10 5.12 2.88
N ASN A 367 -9.77 6.18 3.60
CA ASN A 367 -10.72 7.25 3.88
C ASN A 367 -10.18 8.65 3.64
N LEU A 368 -8.87 8.86 3.62
CA LEU A 368 -8.32 10.19 3.41
C LEU A 368 -7.73 10.37 2.01
N SER A 369 -6.82 9.49 1.60
CA SER A 369 -6.24 9.54 0.26
C SER A 369 -6.98 8.52 -0.60
N GLY A 370 -8.18 8.89 -1.02
CA GLY A 370 -9.01 7.99 -1.78
C GLY A 370 -10.25 7.54 -1.05
N LYS A 371 -11.40 8.12 -1.39
CA LYS A 371 -12.67 7.84 -0.75
C LYS A 371 -13.64 7.24 -1.76
N ARG A 372 -14.83 6.91 -1.28
CA ARG A 372 -15.94 6.52 -2.15
C ARG A 372 -16.79 7.75 -2.43
N VAL A 373 -17.00 8.04 -3.70
CA VAL A 373 -17.60 9.30 -4.13
C VAL A 373 -19.01 9.06 -4.63
N ASP A 374 -19.86 10.07 -4.45
CA ASP A 374 -21.23 10.02 -4.93
C ASP A 374 -21.30 10.39 -6.41
N PHE A 375 -22.50 10.25 -6.97
CA PHE A 375 -22.77 10.57 -8.37
C PHE A 375 -21.82 9.82 -9.29
N SER A 376 -21.69 8.51 -9.03
CA SER A 376 -20.85 7.64 -9.84
C SER A 376 -21.59 6.34 -10.11
N GLY A 377 -21.32 5.77 -11.28
CA GLY A 377 -21.86 4.47 -11.64
C GLY A 377 -20.76 3.57 -12.16
N ARG A 378 -21.10 2.30 -12.33
CA ARG A 378 -20.15 1.33 -12.87
C ARG A 378 -20.90 0.29 -13.67
N THR A 379 -20.59 0.17 -14.96
CA THR A 379 -21.28 -0.80 -15.82
C THR A 379 -20.32 -1.42 -16.80
N VAL A 380 -20.81 -2.47 -17.47
CA VAL A 380 -20.05 -3.11 -18.55
C VAL A 380 -19.88 -2.14 -19.71
N ILE A 381 -18.89 -2.41 -20.55
CA ILE A 381 -18.59 -1.56 -21.69
C ILE A 381 -18.80 -2.35 -22.98
N SER A 382 -19.26 -1.65 -24.01
CA SER A 382 -19.46 -2.19 -25.33
C SER A 382 -18.99 -1.17 -26.35
N PRO A 383 -18.64 -1.60 -27.56
CA PRO A 383 -18.18 -0.65 -28.57
C PRO A 383 -19.34 0.11 -29.21
N ASP A 384 -18.98 1.22 -29.86
CA ASP A 384 -19.93 2.06 -30.58
C ASP A 384 -19.19 2.96 -31.56
N PRO A 385 -18.85 2.46 -32.75
CA PRO A 385 -18.08 3.28 -33.70
C PRO A 385 -18.80 4.55 -34.11
N ASN A 386 -20.13 4.51 -34.23
CA ASN A 386 -20.88 5.70 -34.61
C ASN A 386 -20.75 6.80 -33.57
N LEU A 387 -20.32 6.47 -32.35
CA LEU A 387 -20.12 7.47 -31.33
C LEU A 387 -18.76 8.15 -31.51
N SER A 388 -18.77 9.47 -31.62
CA SER A 388 -17.53 10.20 -31.80
C SER A 388 -16.66 10.10 -30.56
N ILE A 389 -15.35 10.24 -30.76
CA ILE A 389 -14.46 10.32 -29.61
C ILE A 389 -14.79 11.59 -28.82
N ASP A 390 -14.34 11.62 -27.58
CA ASP A 390 -14.75 12.61 -26.59
C ASP A 390 -16.24 12.50 -26.25
N GLU A 391 -16.84 11.34 -26.51
CA GLU A 391 -18.22 11.07 -26.13
C GLU A 391 -18.32 9.65 -25.60
N VAL A 392 -19.24 9.44 -24.68
CA VAL A 392 -19.52 8.12 -24.12
C VAL A 392 -21.02 7.95 -24.01
N ALA A 393 -21.50 6.77 -24.38
CA ALA A 393 -22.92 6.46 -24.28
C ALA A 393 -23.24 5.96 -22.88
N VAL A 394 -24.35 6.45 -22.33
CA VAL A 394 -24.77 6.15 -20.96
C VAL A 394 -26.17 5.58 -21.06
N PRO A 395 -26.49 4.54 -20.28
CA PRO A 395 -27.88 4.08 -20.21
C PRO A 395 -28.80 5.17 -19.69
N ASP A 396 -30.00 5.23 -20.25
CA ASP A 396 -31.01 6.10 -19.68
C ASP A 396 -31.53 5.59 -18.34
N ARG A 397 -31.25 4.34 -17.99
CA ARG A 397 -31.59 3.81 -16.68
C ARG A 397 -30.66 4.33 -15.60
N VAL A 398 -29.47 4.82 -15.96
CA VAL A 398 -28.57 5.44 -15.01
C VAL A 398 -28.36 6.92 -15.29
N ALA A 399 -28.74 7.41 -16.47
CA ALA A 399 -28.75 8.84 -16.71
C ALA A 399 -29.92 9.53 -16.01
N LYS A 400 -30.86 8.76 -15.47
CA LYS A 400 -31.98 9.30 -14.73
C LYS A 400 -31.77 9.23 -13.22
N VAL A 401 -30.62 8.78 -12.76
CA VAL A 401 -30.30 8.82 -11.34
C VAL A 401 -29.06 9.67 -11.14
N LEU A 402 -28.21 9.77 -12.17
CA LEU A 402 -27.00 10.57 -12.11
C LEU A 402 -27.36 12.02 -12.43
N THR A 403 -27.88 12.70 -11.43
CA THR A 403 -28.36 14.07 -11.60
C THR A 403 -27.21 15.06 -11.50
N TYR A 404 -27.35 16.17 -12.23
CA TYR A 404 -26.42 17.28 -12.15
C TYR A 404 -27.15 18.49 -11.60
N PRO A 405 -26.61 19.16 -10.59
CA PRO A 405 -27.29 20.32 -10.00
C PRO A 405 -27.04 21.58 -10.83
N GLU A 406 -28.04 21.99 -11.58
CA GLU A 406 -27.96 23.20 -12.40
C GLU A 406 -28.73 24.31 -11.71
N LYS A 407 -28.10 25.47 -11.59
CA LYS A 407 -28.70 26.61 -10.90
C LYS A 407 -29.42 27.49 -11.90
N VAL A 408 -30.63 27.93 -11.53
CA VAL A 408 -31.38 28.82 -12.41
C VAL A 408 -30.63 30.13 -12.56
N THR A 409 -30.46 30.57 -13.82
CA THR A 409 -29.62 31.73 -14.08
C THR A 409 -30.20 32.63 -15.15
N ARG A 410 -31.52 32.61 -15.34
CA ARG A 410 -32.24 33.48 -16.26
C ARG A 410 -31.89 33.21 -17.71
N TYR A 411 -30.89 32.34 -17.95
CA TYR A 411 -30.63 31.83 -19.28
C TYR A 411 -31.24 30.46 -19.51
N ASN A 412 -31.44 29.69 -18.44
CA ASN A 412 -32.00 28.34 -18.52
C ASN A 412 -33.21 28.17 -17.61
N ARG A 413 -33.86 29.26 -17.22
CA ARG A 413 -35.04 29.15 -16.37
C ARG A 413 -36.16 28.39 -17.07
N HIS A 414 -36.40 28.72 -18.35
CA HIS A 414 -37.42 28.03 -19.11
C HIS A 414 -37.09 26.54 -19.27
N LYS A 415 -35.83 26.25 -19.61
CA LYS A 415 -35.41 24.86 -19.75
C LYS A 415 -35.54 24.09 -18.45
N LEU A 416 -35.12 24.70 -17.33
CA LEU A 416 -35.19 24.00 -16.06
C LEU A 416 -36.62 23.78 -15.61
N GLN A 417 -37.50 24.76 -15.82
CA GLN A 417 -38.89 24.55 -15.44
C GLN A 417 -39.57 23.53 -16.35
N GLU A 418 -39.18 23.47 -17.63
CA GLU A 418 -39.68 22.41 -18.49
C GLU A 418 -39.22 21.04 -18.00
N LEU A 419 -37.96 20.93 -17.57
CA LEU A 419 -37.48 19.67 -17.02
C LEU A 419 -38.24 19.30 -15.75
N ILE A 420 -38.54 20.29 -14.91
CA ILE A 420 -39.33 20.04 -13.71
C ILE A 420 -40.72 19.53 -14.09
N VAL A 421 -41.34 20.13 -15.11
CA VAL A 421 -42.62 19.66 -15.59
C VAL A 421 -42.53 18.22 -16.05
N ASN A 422 -41.43 17.87 -16.73
CA ASN A 422 -41.26 16.50 -17.19
C ASN A 422 -41.24 15.51 -16.03
N GLY A 423 -40.50 15.84 -14.97
CA GLY A 423 -40.47 15.01 -13.79
C GLY A 423 -39.29 14.05 -13.77
N PRO A 424 -39.29 13.12 -12.82
CA PRO A 424 -38.17 12.18 -12.66
C PRO A 424 -38.29 10.88 -13.44
N ASN A 425 -39.32 10.72 -14.28
CA ASN A 425 -39.53 9.47 -15.00
C ASN A 425 -39.11 9.57 -16.46
N VAL A 426 -39.67 10.53 -17.22
CA VAL A 426 -39.18 10.77 -18.57
C VAL A 426 -37.78 11.36 -18.49
N HIS A 427 -36.87 10.86 -19.33
CA HIS A 427 -35.44 11.14 -19.13
C HIS A 427 -35.12 12.63 -19.13
N PRO A 428 -35.52 13.44 -20.12
CA PRO A 428 -35.20 14.86 -20.05
C PRO A 428 -36.03 15.56 -18.98
N GLY A 429 -35.77 15.23 -17.71
CA GLY A 429 -36.55 15.77 -16.62
C GLY A 429 -35.70 16.25 -15.46
N ALA A 430 -36.11 15.91 -14.24
CA ALA A 430 -35.41 16.35 -13.04
C ALA A 430 -35.85 15.52 -11.86
N ASN A 431 -34.95 15.34 -10.89
CA ASN A 431 -35.19 14.51 -9.72
C ASN A 431 -35.53 15.33 -8.47
N TYR A 432 -34.75 16.36 -8.18
CA TYR A 432 -34.91 17.14 -6.97
C TYR A 432 -34.90 18.63 -7.28
N LEU A 433 -35.58 19.39 -6.43
CA LEU A 433 -35.58 20.85 -6.50
C LEU A 433 -35.22 21.39 -5.13
N LEU A 434 -34.20 22.24 -5.08
CA LEU A 434 -33.78 22.87 -3.84
C LEU A 434 -34.03 24.37 -3.98
N LYS A 435 -34.91 24.90 -3.14
CA LYS A 435 -35.25 26.32 -3.20
C LYS A 435 -34.10 27.17 -2.69
N ARG A 436 -34.14 28.45 -3.05
CA ARG A 436 -33.04 29.36 -2.71
C ARG A 436 -32.88 29.51 -1.21
N ASN A 437 -33.98 29.66 -0.49
CA ASN A 437 -33.94 29.88 0.96
C ASN A 437 -34.09 28.61 1.77
N GLU A 438 -34.87 27.64 1.28
CA GLU A 438 -35.13 26.43 2.04
C GLU A 438 -33.88 25.56 2.14
N ASP A 439 -33.90 24.64 3.09
CA ASP A 439 -32.78 23.73 3.34
C ASP A 439 -33.00 22.35 2.72
N ALA A 440 -34.10 21.69 3.07
CA ALA A 440 -34.35 20.35 2.58
C ALA A 440 -34.69 20.37 1.09
N ARG A 441 -34.17 19.39 0.36
CA ARG A 441 -34.46 19.26 -1.05
C ARG A 441 -35.91 18.83 -1.24
N ARG A 442 -36.62 19.53 -2.12
CA ARG A 442 -38.01 19.20 -2.42
C ARG A 442 -38.01 18.19 -3.57
N ASN A 443 -38.33 16.94 -3.24
CA ASN A 443 -38.37 15.89 -4.25
C ASN A 443 -39.47 16.16 -5.26
N LEU A 444 -39.15 15.97 -6.53
CA LEU A 444 -40.10 16.20 -7.62
C LEU A 444 -40.91 14.96 -7.97
N ARG A 445 -40.76 13.88 -7.20
CA ARG A 445 -41.53 12.68 -7.46
C ARG A 445 -43.02 12.92 -7.25
N TYR A 446 -43.37 13.68 -6.21
CA TYR A 446 -44.76 13.98 -5.91
C TYR A 446 -44.88 15.43 -5.45
N GLY A 447 -46.05 16.00 -5.66
CA GLY A 447 -46.33 17.34 -5.16
C GLY A 447 -46.67 18.38 -6.20
N ASP A 448 -47.26 17.98 -7.32
CA ASP A 448 -47.75 18.90 -8.35
C ASP A 448 -46.60 19.79 -8.86
N ARG A 449 -45.66 19.14 -9.55
CA ARG A 449 -44.45 19.82 -10.00
C ARG A 449 -44.72 20.90 -11.03
N MET A 450 -45.92 20.97 -11.61
CA MET A 450 -46.24 22.03 -12.54
C MET A 450 -46.18 23.40 -11.87
N LYS A 451 -46.82 23.52 -10.70
CA LYS A 451 -46.77 24.79 -9.98
C LYS A 451 -45.38 25.05 -9.41
N LEU A 452 -44.63 24.00 -9.08
CA LEU A 452 -43.25 24.18 -8.66
C LEU A 452 -42.41 24.76 -9.79
N ALA A 453 -42.63 24.29 -11.01
CA ALA A 453 -41.95 24.86 -12.17
C ALA A 453 -42.39 26.30 -12.40
N LYS A 454 -43.68 26.59 -12.20
CA LYS A 454 -44.16 27.96 -12.32
C LYS A 454 -43.53 28.87 -11.27
N ASN A 455 -43.20 28.33 -10.11
CA ASN A 455 -42.59 29.08 -9.01
C ASN A 455 -41.09 28.84 -8.93
N LEU A 456 -40.42 28.74 -10.07
CA LEU A 456 -38.97 28.52 -10.12
C LEU A 456 -38.30 29.88 -10.06
N GLN A 457 -37.67 30.18 -8.92
CA GLN A 457 -37.00 31.46 -8.73
C GLN A 457 -35.64 31.42 -9.42
N ILE A 458 -34.84 32.47 -9.23
CA ILE A 458 -33.62 32.66 -10.00
C ILE A 458 -32.38 32.23 -9.20
N GLY A 459 -32.57 31.50 -8.12
CA GLY A 459 -31.44 31.00 -7.35
C GLY A 459 -31.57 29.55 -6.97
N ASP A 460 -32.68 28.92 -7.37
CA ASP A 460 -32.94 27.54 -7.02
C ASP A 460 -32.04 26.59 -7.81
N VAL A 461 -31.87 25.39 -7.28
CA VAL A 461 -31.02 24.37 -7.88
C VAL A 461 -31.89 23.19 -8.30
N VAL A 462 -31.81 22.81 -9.56
CA VAL A 462 -32.57 21.69 -10.11
C VAL A 462 -31.60 20.56 -10.37
N GLU A 463 -31.87 19.39 -9.78
CA GLU A 463 -31.06 18.20 -10.02
C GLU A 463 -31.53 17.57 -11.33
N ARG A 464 -31.11 18.18 -12.44
CA ARG A 464 -31.59 17.74 -13.73
C ARG A 464 -30.92 16.43 -14.13
N HIS A 465 -31.66 15.60 -14.86
CA HIS A 465 -31.11 14.34 -15.33
C HIS A 465 -29.95 14.57 -16.28
N LEU A 466 -28.96 13.68 -16.22
CA LEU A 466 -27.83 13.75 -17.13
C LEU A 466 -28.33 13.67 -18.57
N GLU A 467 -27.76 14.50 -19.44
CA GLU A 467 -28.24 14.61 -20.80
C GLU A 467 -27.05 14.72 -21.74
N ASP A 468 -27.36 14.86 -23.03
CA ASP A 468 -26.31 14.97 -24.03
C ASP A 468 -25.50 16.25 -23.83
N GLY A 469 -24.18 16.12 -23.96
CA GLY A 469 -23.29 17.24 -23.78
C GLY A 469 -22.74 17.41 -22.38
N ASP A 470 -23.25 16.65 -21.40
CA ASP A 470 -22.72 16.76 -20.06
C ASP A 470 -21.34 16.11 -19.96
N VAL A 471 -20.57 16.58 -18.99
CA VAL A 471 -19.19 16.15 -18.80
C VAL A 471 -19.16 15.02 -17.78
N VAL A 472 -18.49 13.92 -18.11
CA VAL A 472 -18.33 12.80 -17.20
C VAL A 472 -16.87 12.37 -17.19
N LEU A 473 -16.46 11.78 -16.07
CA LEU A 473 -15.14 11.21 -15.91
C LEU A 473 -15.26 9.70 -16.09
N PHE A 474 -14.71 9.19 -17.18
CA PHE A 474 -14.74 7.77 -17.50
C PHE A 474 -13.40 7.18 -17.10
N ASN A 475 -13.43 6.12 -16.30
CA ASN A 475 -12.22 5.54 -15.73
C ASN A 475 -12.31 4.03 -15.74
N ARG A 476 -11.16 3.39 -15.94
CA ARG A 476 -11.03 1.93 -15.84
C ARG A 476 -9.84 1.61 -14.97
N GLN A 477 -10.02 0.68 -14.05
CA GLN A 477 -9.01 0.26 -13.09
C GLN A 477 -8.26 -0.96 -13.62
N PRO A 478 -6.97 -1.12 -13.25
CA PRO A 478 -6.16 -0.23 -12.41
C PRO A 478 -5.69 0.99 -13.17
N SER A 479 -5.61 2.15 -12.52
CA SER A 479 -5.21 3.39 -13.18
C SER A 479 -3.69 3.46 -13.21
N LEU A 480 -3.10 2.75 -14.18
CA LEU A 480 -1.65 2.65 -14.27
C LEU A 480 -1.01 4.01 -14.57
N HIS A 481 -1.56 4.74 -15.52
CA HIS A 481 -1.02 6.04 -15.91
C HIS A 481 -2.16 7.06 -16.00
N ARG A 482 -1.79 8.29 -16.34
CA ARG A 482 -2.75 9.39 -16.26
C ARG A 482 -3.87 9.25 -17.27
N LEU A 483 -3.62 8.60 -18.39
CA LEU A 483 -4.65 8.45 -19.42
C LEU A 483 -5.62 7.32 -19.13
N SER A 484 -5.58 6.74 -17.94
CA SER A 484 -6.57 5.74 -17.56
C SER A 484 -7.89 6.36 -17.15
N ILE A 485 -7.95 7.67 -16.96
CA ILE A 485 -9.18 8.40 -16.67
C ILE A 485 -9.26 9.60 -17.59
N LEU A 486 -10.38 9.73 -18.30
CA LEU A 486 -10.53 10.79 -19.29
C LEU A 486 -11.93 11.37 -19.21
N SER A 487 -12.07 12.60 -19.69
CA SER A 487 -13.34 13.32 -19.63
C SER A 487 -14.06 13.18 -20.96
N HIS A 488 -15.29 12.69 -20.92
CA HIS A 488 -16.12 12.49 -22.10
C HIS A 488 -17.38 13.34 -22.03
N TYR A 489 -17.96 13.59 -23.20
CA TYR A 489 -19.28 14.18 -23.29
C TYR A 489 -20.32 13.07 -23.26
N ALA A 490 -21.32 13.21 -22.40
CA ALA A 490 -22.32 12.17 -22.26
C ALA A 490 -23.29 12.17 -23.44
N LYS A 491 -23.72 10.97 -23.81
CA LYS A 491 -24.81 10.74 -24.75
C LYS A 491 -25.71 9.70 -24.12
N ILE A 492 -26.98 9.67 -24.51
CA ILE A 492 -27.96 8.78 -23.89
C ILE A 492 -28.39 7.72 -24.89
N ARG A 493 -28.25 6.46 -24.51
CA ARG A 493 -28.61 5.36 -25.39
C ARG A 493 -29.41 4.32 -24.60
N PRO A 494 -30.29 3.58 -25.27
CA PRO A 494 -31.22 2.69 -24.54
C PRO A 494 -30.55 1.58 -23.73
N TRP A 495 -29.42 1.05 -24.17
CA TRP A 495 -28.92 -0.20 -23.61
C TRP A 495 -28.29 0.04 -22.24
N ARG A 496 -27.70 -1.00 -21.66
CA ARG A 496 -27.21 -0.97 -20.28
C ARG A 496 -25.69 -0.92 -20.18
N THR A 497 -25.00 -0.57 -21.26
CA THR A 497 -23.55 -0.64 -21.29
C THR A 497 -22.95 0.72 -21.63
N PHE A 498 -21.88 1.07 -20.93
CA PHE A 498 -21.13 2.28 -21.27
C PHE A 498 -20.44 2.07 -22.62
N ARG A 499 -20.99 2.67 -23.66
CA ARG A 499 -20.45 2.52 -25.01
C ARG A 499 -19.51 3.66 -25.33
N LEU A 500 -18.30 3.32 -25.76
CA LEU A 500 -17.29 4.29 -26.14
C LEU A 500 -16.68 3.87 -27.46
N ASN A 501 -16.22 4.86 -28.24
CA ASN A 501 -15.55 4.58 -29.49
C ASN A 501 -14.30 3.76 -29.23
N GLU A 502 -14.07 2.74 -30.05
CA GLU A 502 -12.95 1.83 -29.79
C GLU A 502 -11.60 2.50 -29.95
N CYS A 503 -11.52 3.59 -30.72
CA CYS A 503 -10.25 4.28 -30.88
C CYS A 503 -9.68 4.74 -29.55
N VAL A 504 -10.54 5.09 -28.61
CA VAL A 504 -10.12 5.59 -27.30
C VAL A 504 -9.96 4.44 -26.29
N CYS A 505 -10.02 3.20 -26.75
CA CYS A 505 -9.87 2.05 -25.87
C CYS A 505 -8.42 1.64 -25.64
N THR A 506 -7.47 2.30 -26.31
CA THR A 506 -6.05 2.04 -26.09
C THR A 506 -5.56 2.70 -24.79
N PRO A 507 -6.00 3.92 -24.46
CA PRO A 507 -5.62 4.45 -23.13
C PRO A 507 -6.17 3.63 -21.98
N TYR A 508 -7.49 3.42 -21.95
CA TYR A 508 -8.08 2.66 -20.86
C TYR A 508 -7.63 1.21 -20.83
N ASN A 509 -7.03 0.72 -21.92
CA ASN A 509 -6.72 -0.70 -22.07
C ASN A 509 -7.99 -1.54 -21.96
N ALA A 510 -9.07 -1.06 -22.59
CA ALA A 510 -10.34 -1.75 -22.56
C ALA A 510 -10.29 -3.00 -23.43
N ASP A 511 -11.15 -3.96 -23.10
CA ASP A 511 -11.15 -5.27 -23.74
C ASP A 511 -12.46 -5.62 -24.42
N PHE A 512 -13.59 -5.18 -23.87
CA PHE A 512 -14.93 -5.61 -24.27
C PHE A 512 -15.14 -7.10 -24.11
N ASP A 513 -14.29 -7.77 -23.34
CA ASP A 513 -14.48 -9.18 -23.02
C ASP A 513 -15.36 -9.39 -21.80
N GLY A 514 -15.92 -8.33 -21.25
CA GLY A 514 -16.65 -8.39 -20.01
C GLY A 514 -16.11 -7.38 -19.02
N ASP A 515 -15.32 -6.44 -19.55
CA ASP A 515 -14.69 -5.40 -18.71
C ASP A 515 -15.78 -4.50 -18.15
N GLU A 516 -15.53 -3.77 -17.08
CA GLU A 516 -16.45 -2.80 -16.51
C GLU A 516 -15.69 -1.49 -16.30
N MET A 517 -16.44 -0.40 -16.24
CA MET A 517 -15.83 0.91 -16.07
C MET A 517 -16.70 1.77 -15.17
N ASN A 518 -16.03 2.75 -14.54
CA ASN A 518 -16.66 3.71 -13.64
C ASN A 518 -16.88 5.03 -14.36
N LEU A 519 -17.98 5.69 -14.02
CA LEU A 519 -18.36 6.96 -14.62
C LEU A 519 -18.74 7.90 -13.49
N HIS A 520 -17.97 8.95 -13.29
CA HIS A 520 -18.23 9.98 -12.29
C HIS A 520 -18.83 11.21 -12.96
N VAL A 521 -19.64 11.94 -12.21
CA VAL A 521 -20.29 13.14 -12.69
C VAL A 521 -19.91 14.30 -11.78
N PRO A 522 -19.03 15.20 -12.22
CA PRO A 522 -18.71 16.38 -11.42
C PRO A 522 -19.94 17.22 -11.14
N GLN A 523 -20.00 17.79 -9.93
CA GLN A 523 -21.19 18.48 -9.44
C GLN A 523 -21.01 19.99 -9.35
N THR A 524 -19.94 20.54 -9.91
CA THR A 524 -19.72 21.98 -9.89
C THR A 524 -19.26 22.43 -11.27
N GLU A 525 -19.45 23.71 -11.56
CA GLU A 525 -19.00 24.26 -12.83
C GLU A 525 -17.48 24.24 -12.92
N GLU A 526 -16.79 24.48 -11.80
CA GLU A 526 -15.33 24.48 -11.81
C GLU A 526 -14.79 23.08 -12.10
N ALA A 527 -15.29 22.07 -11.38
CA ALA A 527 -14.83 20.70 -11.60
C ALA A 527 -15.15 20.24 -13.02
N ARG A 528 -16.36 20.53 -13.49
CA ARG A 528 -16.75 20.14 -14.84
C ARG A 528 -15.85 20.78 -15.89
N ALA A 529 -15.60 22.08 -15.76
CA ALA A 529 -14.78 22.77 -16.74
C ALA A 529 -13.34 22.27 -16.72
N GLU A 530 -12.79 22.06 -15.53
CA GLU A 530 -11.43 21.55 -15.43
C GLU A 530 -11.33 20.15 -16.03
N ALA A 531 -12.33 19.30 -15.79
CA ALA A 531 -12.34 17.99 -16.39
C ALA A 531 -12.35 18.08 -17.91
N ILE A 532 -13.27 18.86 -18.46
CA ILE A 532 -13.44 18.87 -19.91
C ILE A 532 -12.32 19.61 -20.62
N ASN A 533 -11.56 20.47 -19.93
CA ASN A 533 -10.48 21.20 -20.59
C ASN A 533 -9.10 20.61 -20.33
N LEU A 534 -8.87 19.99 -19.18
CA LEU A 534 -7.59 19.37 -18.88
C LEU A 534 -7.60 17.86 -19.11
N MET A 535 -8.70 17.19 -18.76
CA MET A 535 -8.81 15.75 -18.91
C MET A 535 -9.59 15.35 -20.17
N GLY A 536 -9.88 16.31 -21.05
CA GLY A 536 -10.67 16.00 -22.22
C GLY A 536 -9.96 15.01 -23.13
N VAL A 537 -10.76 14.20 -23.82
CA VAL A 537 -10.20 13.18 -24.71
C VAL A 537 -9.46 13.84 -25.86
N LYS A 538 -10.05 14.88 -26.46
CA LYS A 538 -9.39 15.55 -27.58
C LYS A 538 -8.06 16.15 -27.17
N ASN A 539 -7.95 16.63 -25.93
CA ASN A 539 -6.71 17.22 -25.44
C ASN A 539 -5.73 16.18 -24.90
N ASN A 540 -6.08 14.90 -24.95
CA ASN A 540 -5.23 13.82 -24.46
C ASN A 540 -5.07 12.75 -25.53
N LEU A 541 -4.78 13.18 -26.75
CA LEU A 541 -4.50 12.22 -27.82
C LEU A 541 -3.07 11.69 -27.78
N LEU A 542 -2.19 12.31 -27.01
CA LEU A 542 -0.81 11.88 -26.89
C LEU A 542 -0.53 11.44 -25.46
N THR A 543 0.15 10.31 -25.32
CA THR A 543 0.55 9.86 -24.00
C THR A 543 1.66 10.76 -23.47
N PRO A 544 1.69 11.04 -22.17
CA PRO A 544 2.70 11.95 -21.63
C PRO A 544 4.08 11.32 -21.44
N LYS A 545 4.19 10.00 -21.50
CA LYS A 545 5.48 9.37 -21.26
C LYS A 545 6.45 9.54 -22.42
N SER A 546 5.95 9.61 -23.65
CA SER A 546 6.82 9.81 -24.80
C SER A 546 6.30 10.83 -25.80
N GLY A 547 5.06 11.27 -25.70
CA GLY A 547 4.50 12.20 -26.67
C GLY A 547 3.96 11.55 -27.93
N GLU A 548 4.13 10.25 -28.09
CA GLU A 548 3.61 9.51 -29.23
C GLU A 548 2.10 9.34 -29.10
N PRO A 549 1.36 9.41 -30.21
CA PRO A 549 -0.09 9.28 -30.12
C PRO A 549 -0.50 7.93 -29.57
N ILE A 550 -1.56 7.94 -28.75
CA ILE A 550 -2.08 6.71 -28.18
C ILE A 550 -3.57 6.51 -28.45
N ILE A 551 -4.30 7.54 -28.85
CA ILE A 551 -5.68 7.41 -29.29
C ILE A 551 -5.66 7.43 -30.80
N ALA A 552 -5.86 6.28 -31.43
CA ALA A 552 -5.81 6.17 -32.87
C ALA A 552 -6.51 4.88 -33.28
N ALA A 553 -6.35 4.50 -34.55
CA ALA A 553 -7.03 3.33 -35.07
C ALA A 553 -6.62 2.07 -34.33
N THR A 554 -7.62 1.32 -33.87
CA THR A 554 -7.38 0.03 -33.23
C THR A 554 -7.49 -1.07 -34.29
N GLN A 555 -7.61 -2.31 -33.84
CA GLN A 555 -7.75 -3.43 -34.77
C GLN A 555 -9.01 -3.28 -35.60
N ASP A 556 -8.93 -3.80 -36.83
CA ASP A 556 -10.01 -3.83 -37.83
C ASP A 556 -10.25 -2.45 -38.43
N PHE A 557 -9.79 -1.39 -37.76
CA PHE A 557 -9.80 -0.10 -38.43
C PHE A 557 -8.59 0.03 -39.34
N ILE A 558 -7.43 -0.43 -38.86
CA ILE A 558 -6.26 -0.54 -39.73
C ILE A 558 -6.54 -1.49 -40.88
N THR A 559 -7.27 -2.57 -40.62
CA THR A 559 -7.62 -3.50 -41.68
C THR A 559 -8.54 -2.86 -42.71
N GLY A 560 -9.54 -2.11 -42.26
CA GLY A 560 -10.39 -1.41 -43.22
C GLY A 560 -9.62 -0.39 -44.04
N SER A 561 -8.74 0.37 -43.38
CA SER A 561 -7.93 1.33 -44.10
C SER A 561 -7.03 0.66 -45.12
N TYR A 562 -6.39 -0.45 -44.74
CA TYR A 562 -5.52 -1.15 -45.67
C TYR A 562 -6.28 -1.72 -46.85
N LEU A 563 -7.46 -2.29 -46.59
CA LEU A 563 -8.26 -2.83 -47.69
C LEU A 563 -8.75 -1.73 -48.62
N ILE A 564 -9.08 -0.55 -48.07
CA ILE A 564 -9.50 0.54 -48.94
C ILE A 564 -8.33 1.06 -49.77
N SER A 565 -7.17 1.26 -49.14
CA SER A 565 -6.04 1.87 -49.81
C SER A 565 -5.14 0.88 -50.54
N HIS A 566 -5.51 -0.40 -50.56
CA HIS A 566 -4.75 -1.36 -51.35
C HIS A 566 -4.83 -0.99 -52.82
N LYS A 567 -3.72 -1.22 -53.54
CA LYS A 567 -3.62 -0.72 -54.90
C LYS A 567 -4.62 -1.37 -55.84
N ASP A 568 -5.19 -2.53 -55.48
CA ASP A 568 -6.22 -3.14 -56.30
C ASP A 568 -7.53 -2.37 -56.27
N SER A 569 -7.72 -1.49 -55.31
CA SER A 569 -9.01 -0.81 -55.14
C SER A 569 -9.22 0.19 -56.27
N PHE A 570 -10.37 0.09 -56.93
CA PHE A 570 -10.79 1.05 -57.94
C PHE A 570 -12.30 1.18 -57.85
N TYR A 571 -12.77 2.39 -57.52
CA TYR A 571 -14.17 2.64 -57.28
C TYR A 571 -14.75 3.51 -58.39
N ASP A 572 -15.96 3.18 -58.83
CA ASP A 572 -16.70 4.04 -59.75
C ASP A 572 -17.29 5.21 -58.96
N ARG A 573 -18.13 6.02 -59.60
CA ARG A 573 -18.65 7.20 -58.92
C ARG A 573 -19.65 6.83 -57.84
N ALA A 574 -20.56 5.90 -58.13
CA ALA A 574 -21.59 5.55 -57.16
C ALA A 574 -20.98 4.94 -55.90
N THR A 575 -20.03 4.03 -56.07
CA THR A 575 -19.38 3.40 -54.92
C THR A 575 -18.59 4.43 -54.13
N LEU A 576 -17.90 5.34 -54.81
CA LEU A 576 -17.14 6.39 -54.12
C LEU A 576 -18.06 7.28 -53.31
N THR A 577 -19.19 7.69 -53.89
CA THR A 577 -20.12 8.55 -53.17
C THR A 577 -20.75 7.81 -51.99
N GLN A 578 -21.04 6.52 -52.15
CA GLN A 578 -21.54 5.74 -51.03
C GLN A 578 -20.50 5.68 -49.91
N LEU A 579 -19.23 5.47 -50.26
CA LEU A 579 -18.18 5.46 -49.24
C LEU A 579 -18.08 6.81 -48.54
N LEU A 580 -18.18 7.89 -49.30
CA LEU A 580 -18.05 9.22 -48.70
C LEU A 580 -19.23 9.55 -47.81
N SER A 581 -20.42 9.05 -48.14
CA SER A 581 -21.54 9.19 -47.22
C SER A 581 -21.45 8.24 -46.04
N MET A 582 -20.69 7.15 -46.18
CA MET A 582 -20.46 6.25 -45.05
C MET A 582 -19.48 6.84 -44.04
N MET A 583 -18.39 7.44 -44.52
CA MET A 583 -17.41 8.02 -43.60
C MET A 583 -18.00 9.20 -42.85
N SER A 584 -18.74 10.06 -43.54
CA SER A 584 -19.55 11.09 -42.90
C SER A 584 -20.90 10.47 -42.55
N ASP A 585 -21.88 11.30 -42.22
CA ASP A 585 -23.24 10.85 -42.01
C ASP A 585 -24.19 11.53 -42.98
N GLY A 586 -23.78 11.64 -44.24
CA GLY A 586 -24.57 12.37 -45.22
C GLY A 586 -24.73 13.82 -44.90
N ILE A 587 -23.73 14.42 -44.26
CA ILE A 587 -23.81 15.82 -43.83
C ILE A 587 -22.69 16.68 -44.40
N GLU A 588 -21.53 16.12 -44.72
CA GLU A 588 -20.41 16.90 -45.21
C GLU A 588 -20.47 17.01 -46.73
N HIS A 589 -20.28 18.21 -47.25
CA HIS A 589 -20.23 18.44 -48.69
C HIS A 589 -18.87 18.02 -49.21
N PHE A 590 -18.85 17.14 -50.21
CA PHE A 590 -17.60 16.61 -50.74
C PHE A 590 -17.33 17.19 -52.12
N ASP A 591 -16.12 17.69 -52.31
CA ASP A 591 -15.66 18.14 -53.63
C ASP A 591 -14.97 16.95 -54.29
N ILE A 592 -15.67 16.30 -55.22
CA ILE A 592 -15.16 15.09 -55.87
C ILE A 592 -13.99 15.46 -56.77
N PRO A 593 -12.81 14.88 -56.56
CA PRO A 593 -11.68 15.17 -57.42
C PRO A 593 -11.78 14.40 -58.72
N PRO A 594 -11.02 14.78 -59.74
CA PRO A 594 -10.99 14.01 -60.98
C PRO A 594 -10.53 12.59 -60.74
N PRO A 595 -11.10 11.61 -61.43
CA PRO A 595 -10.74 10.22 -61.18
C PRO A 595 -9.31 9.92 -61.60
N ALA A 596 -8.72 8.93 -60.92
CA ALA A 596 -7.37 8.51 -61.29
C ALA A 596 -7.33 7.89 -62.67
N ILE A 597 -8.34 7.09 -63.02
CA ILE A 597 -8.43 6.45 -64.33
C ILE A 597 -9.62 7.05 -65.07
N MET A 598 -9.40 7.44 -66.33
CA MET A 598 -10.40 8.17 -67.07
C MET A 598 -10.88 7.50 -68.34
N LYS A 599 -9.99 6.91 -69.14
CA LYS A 599 -10.41 6.52 -70.49
C LYS A 599 -11.27 5.26 -70.51
N PRO A 600 -10.81 4.12 -69.96
CA PRO A 600 -11.67 2.92 -69.99
C PRO A 600 -12.98 3.18 -69.27
N TYR A 601 -12.89 3.56 -68.00
CA TYR A 601 -14.02 4.01 -67.21
C TYR A 601 -13.54 5.16 -66.34
N TYR A 602 -14.42 5.64 -65.48
CA TYR A 602 -14.07 6.66 -64.47
C TYR A 602 -13.91 5.92 -63.15
N LEU A 603 -12.66 5.68 -62.76
CA LEU A 603 -12.35 4.92 -61.56
C LEU A 603 -11.46 5.73 -60.64
N TRP A 604 -11.85 5.82 -59.38
CA TRP A 604 -11.03 6.48 -58.36
C TRP A 604 -10.11 5.44 -57.72
N THR A 605 -9.48 5.80 -56.61
CA THR A 605 -8.61 4.87 -55.90
C THR A 605 -8.80 5.08 -54.40
N GLY A 606 -8.42 4.05 -53.63
CA GLY A 606 -8.56 4.14 -52.19
C GLY A 606 -7.76 5.26 -51.57
N LYS A 607 -6.58 5.53 -52.14
CA LYS A 607 -5.82 6.68 -51.66
C LYS A 607 -6.56 7.98 -51.93
N GLN A 608 -7.25 8.08 -53.06
CA GLN A 608 -8.06 9.26 -53.31
C GLN A 608 -9.19 9.40 -52.31
N VAL A 609 -9.88 8.30 -51.99
CA VAL A 609 -10.99 8.42 -51.05
C VAL A 609 -10.49 8.75 -49.65
N PHE A 610 -9.32 8.24 -49.26
CA PHE A 610 -8.79 8.61 -47.96
C PHE A 610 -8.30 10.05 -47.94
N SER A 611 -7.75 10.52 -49.06
CA SER A 611 -7.39 11.94 -49.15
C SER A 611 -8.63 12.82 -49.04
N LEU A 612 -9.75 12.37 -49.59
CA LEU A 612 -11.01 13.06 -49.37
C LEU A 612 -11.43 13.00 -47.91
N LEU A 613 -11.18 11.88 -47.24
CA LEU A 613 -11.48 11.78 -45.81
C LEU A 613 -10.68 12.81 -45.02
N ILE A 614 -9.42 13.04 -45.39
CA ILE A 614 -8.61 14.03 -44.69
C ILE A 614 -9.17 15.43 -44.94
N LYS A 615 -9.43 15.77 -46.20
CA LYS A 615 -9.90 17.11 -46.58
C LYS A 615 -11.13 16.96 -47.47
N PRO A 616 -12.32 16.91 -46.89
CA PRO A 616 -13.54 16.67 -47.67
C PRO A 616 -14.11 17.90 -48.37
N ASN A 617 -13.52 19.07 -48.23
CA ASN A 617 -14.07 20.28 -48.83
C ASN A 617 -12.91 21.13 -49.35
N HIS A 618 -13.24 22.30 -49.87
CA HIS A 618 -12.27 23.37 -50.06
C HIS A 618 -12.27 24.33 -48.88
N ASN A 619 -13.14 24.10 -47.89
CA ASN A 619 -13.20 24.90 -46.68
C ASN A 619 -12.43 24.28 -45.53
N SER A 620 -12.33 22.96 -45.47
CA SER A 620 -11.55 22.32 -44.41
C SER A 620 -10.08 22.72 -44.56
N PRO A 621 -9.45 23.25 -43.51
CA PRO A 621 -8.07 23.71 -43.63
C PRO A 621 -7.03 22.61 -43.49
N VAL A 622 -7.43 21.34 -43.45
CA VAL A 622 -6.50 20.26 -43.19
C VAL A 622 -5.73 19.91 -44.45
N VAL A 623 -4.59 20.55 -44.65
CA VAL A 623 -3.65 20.20 -45.70
C VAL A 623 -2.44 19.59 -45.02
N ILE A 624 -2.24 18.29 -45.22
CA ILE A 624 -1.23 17.51 -44.51
C ILE A 624 -0.09 17.19 -45.46
N ASN A 625 1.14 17.48 -45.02
CA ASN A 625 2.34 17.13 -45.76
C ASN A 625 3.14 16.16 -44.90
N LEU A 626 3.30 14.93 -45.38
CA LEU A 626 3.78 13.85 -44.54
C LEU A 626 4.56 12.85 -45.38
N ASP A 627 5.63 12.33 -44.80
CA ASP A 627 6.35 11.20 -45.37
C ASP A 627 6.59 10.20 -44.25
N ALA A 628 6.09 8.98 -44.44
CA ALA A 628 6.16 7.94 -43.42
C ALA A 628 6.56 6.64 -44.08
N LYS A 629 6.84 5.64 -43.24
CA LYS A 629 7.21 4.31 -43.72
C LYS A 629 6.45 3.28 -42.91
N ASN A 630 5.79 2.34 -43.61
CA ASN A 630 4.97 1.36 -42.95
C ASN A 630 5.83 0.38 -42.16
N LYS A 631 5.16 -0.54 -41.46
CA LYS A 631 5.88 -1.54 -40.69
C LYS A 631 6.52 -2.62 -41.56
N VAL A 632 5.97 -2.87 -42.74
CA VAL A 632 6.53 -3.83 -43.69
C VAL A 632 6.88 -3.03 -44.93
N PHE A 633 8.13 -2.56 -45.00
CA PHE A 633 8.62 -1.76 -46.11
C PHE A 633 9.71 -2.53 -46.84
N VAL A 634 9.48 -2.79 -48.12
CA VAL A 634 10.45 -3.49 -48.97
C VAL A 634 11.11 -2.45 -49.86
N PRO A 635 12.42 -2.21 -49.71
CA PRO A 635 13.07 -1.13 -50.47
C PRO A 635 13.01 -1.39 -51.96
N PRO A 636 13.11 -0.34 -52.78
CA PRO A 636 13.05 -0.53 -54.23
C PRO A 636 14.27 -1.31 -54.73
N LYS A 637 14.18 -1.71 -56.01
CA LYS A 637 15.21 -2.56 -56.60
C LYS A 637 16.57 -1.86 -56.61
N SER A 638 16.59 -0.58 -56.99
CA SER A 638 17.83 0.17 -57.09
C SER A 638 18.06 0.99 -55.83
N LYS A 639 19.32 1.05 -55.38
CA LYS A 639 19.65 1.86 -54.21
C LYS A 639 19.39 3.34 -54.46
N SER A 640 19.60 3.80 -55.70
CA SER A 640 19.46 5.23 -55.98
C SER A 640 18.00 5.67 -55.94
N LEU A 641 17.07 4.75 -56.17
CA LEU A 641 15.66 5.13 -56.21
C LEU A 641 15.17 5.56 -54.83
N PRO A 642 14.26 6.52 -54.78
CA PRO A 642 13.66 6.92 -53.50
C PRO A 642 12.73 5.83 -52.98
N ASN A 643 12.31 6.00 -51.73
CA ASN A 643 11.48 4.99 -51.09
C ASN A 643 10.07 4.93 -51.66
N GLU A 644 9.65 5.94 -52.44
CA GLU A 644 8.33 5.90 -53.06
C GLU A 644 8.17 4.71 -53.98
N MET A 645 9.25 4.29 -54.64
CA MET A 645 9.21 3.21 -55.62
C MET A 645 9.36 1.84 -54.99
N SER A 646 8.93 1.69 -53.74
CA SER A 646 9.09 0.42 -53.03
C SER A 646 8.41 -0.71 -53.79
N GLN A 647 8.89 -1.93 -53.54
CA GLN A 647 8.30 -3.11 -54.19
C GLN A 647 6.82 -3.24 -53.84
N ASN A 648 6.50 -3.14 -52.56
CA ASN A 648 5.12 -3.03 -52.12
C ASN A 648 4.76 -1.54 -52.07
N ASP A 649 3.60 -1.22 -51.49
CA ASP A 649 3.23 0.19 -51.36
C ASP A 649 4.20 0.92 -50.44
N GLY A 650 4.47 0.34 -49.28
CA GLY A 650 5.55 0.79 -48.42
C GLY A 650 5.49 2.25 -47.99
N PHE A 651 6.42 3.04 -48.50
CA PHE A 651 6.56 4.43 -48.08
C PHE A 651 5.32 5.22 -48.43
N VAL A 652 4.83 6.01 -47.47
CA VAL A 652 3.62 6.81 -47.64
C VAL A 652 4.03 8.26 -47.85
N ILE A 653 3.64 8.82 -48.99
CA ILE A 653 3.88 10.23 -49.32
C ILE A 653 2.53 10.90 -49.46
N ILE A 654 2.28 11.91 -48.62
CA ILE A 654 1.08 12.73 -48.67
C ILE A 654 1.51 14.18 -48.89
N ARG A 655 0.97 14.80 -49.93
CA ARG A 655 1.28 16.19 -50.26
C ARG A 655 -0.01 16.94 -50.51
N GLY A 656 -0.19 18.06 -49.81
CA GLY A 656 -1.40 18.85 -49.96
C GLY A 656 -2.67 18.11 -49.58
N SER A 657 -2.58 17.25 -48.56
CA SER A 657 -3.66 16.38 -48.09
C SER A 657 -4.06 15.33 -49.12
N GLN A 658 -3.27 15.16 -50.18
CA GLN A 658 -3.50 14.12 -51.17
C GLN A 658 -2.53 12.98 -50.89
N ILE A 659 -3.05 11.77 -50.74
CA ILE A 659 -2.19 10.62 -50.50
C ILE A 659 -1.58 10.22 -51.83
N LEU A 660 -0.41 10.79 -52.13
CA LEU A 660 0.21 10.54 -53.43
C LEU A 660 0.66 9.10 -53.56
N SER A 661 1.21 8.52 -52.49
CA SER A 661 1.65 7.14 -52.58
C SER A 661 1.60 6.49 -51.21
N GLY A 662 1.53 5.16 -51.21
CA GLY A 662 1.59 4.38 -49.98
C GLY A 662 0.22 3.93 -49.53
N VAL A 663 0.22 2.99 -48.60
CA VAL A 663 -1.00 2.41 -48.07
C VAL A 663 -1.11 2.77 -46.60
N MET A 664 -2.35 2.85 -46.12
CA MET A 664 -2.59 3.10 -44.71
C MET A 664 -2.15 1.89 -43.88
N ASP A 665 -1.65 2.16 -42.68
CA ASP A 665 -0.98 1.14 -41.90
C ASP A 665 -0.97 1.58 -40.44
N LYS A 666 -0.56 0.66 -39.56
CA LYS A 666 -0.43 1.00 -38.15
C LYS A 666 0.59 2.12 -37.94
N SER A 667 1.57 2.23 -38.84
CA SER A 667 2.55 3.30 -38.76
C SER A 667 2.06 4.59 -39.38
N VAL A 668 0.86 4.61 -39.95
CA VAL A 668 0.29 5.78 -40.60
C VAL A 668 -0.99 6.24 -39.90
N LEU A 669 -1.84 5.30 -39.51
CA LEU A 669 -3.07 5.61 -38.81
C LEU A 669 -3.12 5.13 -37.37
N GLY A 670 -2.27 4.18 -37.01
CA GLY A 670 -2.26 3.62 -35.66
C GLY A 670 -1.62 4.55 -34.65
N ASP A 671 -1.14 3.95 -33.57
CA ASP A 671 -0.58 4.69 -32.44
C ASP A 671 0.85 4.26 -32.20
N GLY A 672 1.62 5.16 -31.59
CA GLY A 672 3.01 4.91 -31.24
C GLY A 672 4.02 5.57 -32.15
N LYS A 673 3.60 6.18 -33.25
CA LYS A 673 4.50 6.81 -34.19
C LYS A 673 4.14 8.29 -34.35
N LYS A 674 5.15 9.14 -34.34
CA LYS A 674 4.95 10.59 -34.43
C LYS A 674 4.82 11.08 -35.87
N HIS A 675 4.78 10.19 -36.85
CA HIS A 675 4.59 10.55 -38.25
C HIS A 675 3.26 10.03 -38.78
N SER A 676 2.28 9.87 -37.90
CA SER A 676 0.95 9.40 -38.29
C SER A 676 0.15 10.54 -38.92
N VAL A 677 -0.90 10.16 -39.64
CA VAL A 677 -1.78 11.17 -40.22
C VAL A 677 -2.52 11.93 -39.12
N PHE A 678 -3.07 11.19 -38.14
CA PHE A 678 -3.80 11.84 -37.06
C PHE A 678 -2.90 12.72 -36.22
N TYR A 679 -1.66 12.26 -35.96
CA TYR A 679 -0.73 13.07 -35.19
C TYR A 679 -0.41 14.37 -35.91
N THR A 680 -0.15 14.30 -37.22
CA THR A 680 0.14 15.50 -37.98
C THR A 680 -1.06 16.44 -38.01
N ILE A 681 -2.25 15.90 -38.22
CA ILE A 681 -3.45 16.72 -38.23
C ILE A 681 -3.61 17.44 -36.90
N LEU A 682 -3.43 16.72 -35.80
CA LEU A 682 -3.54 17.34 -34.48
C LEU A 682 -2.49 18.44 -34.32
N ARG A 683 -1.22 18.09 -34.56
CA ARG A 683 -0.12 19.02 -34.31
C ARG A 683 -0.18 20.26 -35.19
N ASP A 684 -0.85 20.18 -36.34
CA ASP A 684 -0.92 21.33 -37.23
C ASP A 684 -2.23 22.09 -37.17
N TYR A 685 -3.32 21.48 -36.67
CA TYR A 685 -4.61 22.17 -36.70
C TYR A 685 -5.45 21.94 -35.45
N GLY A 686 -4.85 21.65 -34.30
CA GLY A 686 -5.61 21.54 -33.08
C GLY A 686 -6.30 20.20 -32.96
N PRO A 687 -6.73 19.86 -31.74
CA PRO A 687 -7.35 18.54 -31.53
C PRO A 687 -8.66 18.34 -32.26
N GLN A 688 -9.38 19.41 -32.59
CA GLN A 688 -10.70 19.26 -33.19
C GLN A 688 -10.63 18.59 -34.55
N GLU A 689 -9.66 18.99 -35.38
CA GLU A 689 -9.55 18.41 -36.72
C GLU A 689 -9.12 16.95 -36.65
N ALA A 690 -8.21 16.62 -35.72
CA ALA A 690 -7.83 15.22 -35.53
C ALA A 690 -9.01 14.39 -35.08
N ALA A 691 -9.82 14.93 -34.17
CA ALA A 691 -11.01 14.21 -33.73
C ALA A 691 -11.98 14.00 -34.87
N ASN A 692 -12.18 15.02 -35.70
CA ASN A 692 -13.08 14.88 -36.84
C ASN A 692 -12.59 13.83 -37.82
N ALA A 693 -11.29 13.85 -38.12
CA ALA A 693 -10.73 12.87 -39.05
C ALA A 693 -10.85 11.45 -38.49
N MET A 694 -10.56 11.28 -37.19
CA MET A 694 -10.67 9.95 -36.60
C MET A 694 -12.12 9.47 -36.58
N ASN A 695 -13.06 10.37 -36.32
CA ASN A 695 -14.47 10.00 -36.37
C ASN A 695 -14.87 9.57 -37.77
N ARG A 696 -14.42 10.31 -38.80
CA ARG A 696 -14.75 9.93 -40.17
C ARG A 696 -14.16 8.57 -40.50
N MET A 697 -12.90 8.32 -40.11
CA MET A 697 -12.29 7.03 -40.39
C MET A 697 -13.02 5.90 -39.69
N ALA A 698 -13.40 6.11 -38.42
CA ALA A 698 -14.11 5.07 -37.69
C ALA A 698 -15.46 4.78 -38.32
N LYS A 699 -16.20 5.82 -38.71
CA LYS A 699 -17.50 5.60 -39.34
C LYS A 699 -17.35 4.92 -40.69
N LEU A 700 -16.30 5.26 -41.45
CA LEU A 700 -16.06 4.60 -42.73
C LEU A 700 -15.80 3.12 -42.53
N CYS A 701 -14.85 2.78 -41.64
CA CYS A 701 -14.45 1.39 -41.45
C CYS A 701 -15.49 0.59 -40.67
N ALA A 702 -16.46 1.24 -40.02
CA ALA A 702 -17.52 0.49 -39.37
C ALA A 702 -18.44 -0.17 -40.39
N ARG A 703 -18.52 0.39 -41.60
CA ARG A 703 -19.41 -0.12 -42.62
C ARG A 703 -18.70 -0.74 -43.81
N PHE A 704 -17.47 -0.30 -44.11
CA PHE A 704 -16.77 -0.84 -45.26
C PHE A 704 -16.46 -2.33 -45.10
N LEU A 705 -16.07 -2.74 -43.89
CA LEU A 705 -15.79 -4.16 -43.67
C LEU A 705 -17.05 -5.00 -43.78
N GLY A 706 -18.19 -4.46 -43.33
CA GLY A 706 -19.44 -5.18 -43.48
C GLY A 706 -19.86 -5.33 -44.92
N ASN A 707 -19.70 -4.27 -45.71
CA ASN A 707 -20.12 -4.29 -47.10
C ASN A 707 -19.02 -4.76 -48.06
N ARG A 708 -17.88 -5.16 -47.54
CA ARG A 708 -16.77 -5.63 -48.36
C ARG A 708 -16.42 -7.09 -48.10
N GLY A 709 -16.39 -7.52 -46.84
CA GLY A 709 -16.08 -8.89 -46.53
C GLY A 709 -14.62 -9.13 -46.23
N PHE A 710 -14.34 -9.69 -45.06
CA PHE A 710 -12.97 -10.02 -44.67
C PHE A 710 -13.06 -11.15 -43.65
N SER A 711 -12.61 -12.34 -44.03
CA SER A 711 -12.76 -13.51 -43.18
C SER A 711 -11.45 -14.29 -43.14
N ILE A 712 -11.28 -15.05 -42.06
CA ILE A 712 -10.15 -15.94 -41.89
C ILE A 712 -10.68 -17.36 -41.74
N GLY A 713 -10.17 -18.27 -42.55
CA GLY A 713 -10.65 -19.64 -42.55
C GLY A 713 -9.55 -20.67 -42.35
N ILE A 714 -9.80 -21.91 -42.76
CA ILE A 714 -8.80 -22.95 -42.61
C ILE A 714 -7.81 -22.96 -43.77
N ASN A 715 -8.17 -22.42 -44.93
CA ASN A 715 -7.23 -22.30 -46.03
C ASN A 715 -6.25 -21.16 -45.83
N ASP A 716 -6.53 -20.24 -44.91
CA ASP A 716 -5.61 -19.17 -44.58
C ASP A 716 -4.52 -19.62 -43.62
N VAL A 717 -4.68 -20.78 -42.98
CA VAL A 717 -3.67 -21.32 -42.08
C VAL A 717 -3.11 -22.64 -42.55
N THR A 718 -3.70 -23.27 -43.57
CA THR A 718 -3.18 -24.55 -44.04
C THR A 718 -1.86 -24.33 -44.75
N PRO A 719 -0.93 -25.29 -44.65
CA PRO A 719 0.36 -25.15 -45.34
C PRO A 719 0.31 -25.66 -46.76
N ALA A 720 1.19 -25.10 -47.59
CA ALA A 720 1.32 -25.53 -48.97
C ALA A 720 1.82 -26.97 -49.02
N ASP A 721 1.55 -27.63 -50.15
CA ASP A 721 1.92 -29.03 -50.32
C ASP A 721 3.42 -29.23 -50.21
N ASP A 722 4.20 -28.42 -50.95
CA ASP A 722 5.65 -28.53 -50.89
C ASP A 722 6.23 -27.93 -49.62
N LEU A 723 5.49 -27.07 -48.93
CA LEU A 723 5.96 -26.55 -47.65
C LEU A 723 6.13 -27.68 -46.64
N LYS A 724 5.27 -28.69 -46.69
CA LYS A 724 5.40 -29.81 -45.78
C LYS A 724 6.72 -30.55 -45.99
N GLN A 725 7.05 -30.86 -47.23
CA GLN A 725 8.30 -31.59 -47.49
C GLN A 725 9.52 -30.71 -47.19
N LYS A 726 9.45 -29.42 -47.50
CA LYS A 726 10.59 -28.55 -47.19
C LYS A 726 10.80 -28.44 -45.69
N LYS A 727 9.72 -28.28 -44.93
CA LYS A 727 9.83 -28.23 -43.47
C LYS A 727 10.38 -29.54 -42.92
N GLU A 728 9.89 -30.67 -43.44
CA GLU A 728 10.37 -31.95 -42.94
C GLU A 728 11.85 -32.14 -43.24
N GLU A 729 12.30 -31.74 -44.44
CA GLU A 729 13.72 -31.84 -44.77
C GLU A 729 14.57 -30.97 -43.84
N LEU A 730 14.17 -29.71 -43.65
CA LEU A 730 14.94 -28.82 -42.80
C LEU A 730 14.98 -29.33 -41.36
N VAL A 731 13.85 -29.81 -40.85
CA VAL A 731 13.79 -30.30 -39.48
C VAL A 731 14.62 -31.57 -39.33
N GLU A 732 14.60 -32.45 -40.33
CA GLU A 732 15.44 -33.64 -40.26
C GLU A 732 16.92 -33.28 -40.28
N ILE A 733 17.31 -32.28 -41.08
CA ILE A 733 18.71 -31.84 -41.09
C ILE A 733 19.11 -31.29 -39.73
N ALA A 734 18.24 -30.45 -39.14
CA ALA A 734 18.54 -29.89 -37.82
C ALA A 734 18.61 -30.99 -36.77
N TYR A 735 17.71 -31.98 -36.85
CA TYR A 735 17.75 -33.09 -35.91
C TYR A 735 19.03 -33.90 -36.05
N HIS A 736 19.48 -34.13 -37.29
CA HIS A 736 20.73 -34.86 -37.51
C HIS A 736 21.91 -34.11 -36.91
N LYS A 737 21.97 -32.79 -37.14
CA LYS A 737 23.07 -32.01 -36.58
C LYS A 737 23.03 -32.01 -35.05
N CYS A 738 21.84 -31.88 -34.46
CA CYS A 738 21.73 -31.91 -33.01
C CYS A 738 22.11 -33.27 -32.46
N ASP A 739 21.75 -34.35 -33.17
CA ASP A 739 22.08 -35.69 -32.71
C ASP A 739 23.58 -35.93 -32.74
N GLU A 740 24.24 -35.51 -33.82
CA GLU A 740 25.69 -35.66 -33.86
C GLU A 740 26.37 -34.79 -32.80
N LEU A 741 25.83 -33.61 -32.53
CA LEU A 741 26.37 -32.79 -31.46
C LEU A 741 26.20 -33.47 -30.10
N ILE A 742 25.05 -34.11 -29.89
CA ILE A 742 24.79 -34.80 -28.62
C ILE A 742 25.76 -35.97 -28.46
N THR A 743 25.95 -36.76 -29.52
CA THR A 743 26.87 -37.89 -29.40
C THR A 743 28.32 -37.42 -29.24
N LEU A 744 28.68 -36.30 -29.87
CA LEU A 744 30.01 -35.73 -29.67
C LEU A 744 30.20 -35.29 -28.22
N PHE A 745 29.17 -34.67 -27.63
CA PHE A 745 29.24 -34.29 -26.23
C PHE A 745 29.29 -35.50 -25.31
N ASN A 746 28.65 -36.60 -25.70
CA ASN A 746 28.58 -37.77 -24.84
C ASN A 746 29.87 -38.59 -24.88
N LYS A 747 30.22 -39.13 -26.05
CA LYS A 747 31.39 -40.01 -26.11
C LYS A 747 32.68 -39.21 -25.99
N GLY A 748 32.76 -38.06 -26.63
CA GLY A 748 33.95 -37.23 -26.55
C GLY A 748 33.67 -35.92 -25.87
N GLU A 749 34.34 -34.85 -26.31
CA GLU A 749 34.12 -33.51 -25.78
C GLU A 749 34.08 -32.52 -26.93
N LEU A 750 33.23 -31.50 -26.78
CA LEU A 750 33.10 -30.45 -27.77
C LEU A 750 33.86 -29.20 -27.32
N GLU A 751 34.24 -28.39 -28.29
CA GLU A 751 35.00 -27.16 -28.00
C GLU A 751 34.13 -26.21 -27.20
N THR A 752 34.45 -26.06 -25.91
CA THR A 752 33.66 -25.21 -25.03
C THR A 752 33.80 -23.74 -25.44
N GLN A 753 32.69 -23.01 -25.37
CA GLN A 753 32.73 -21.59 -25.63
C GLN A 753 33.53 -20.88 -24.54
N PRO A 754 34.14 -19.74 -24.85
CA PRO A 754 35.07 -19.11 -23.90
C PRO A 754 34.43 -18.71 -22.58
N GLY A 755 33.11 -18.58 -22.51
CA GLY A 755 32.47 -18.16 -21.29
C GLY A 755 31.84 -19.27 -20.47
N CYS A 756 31.13 -20.18 -21.13
CA CYS A 756 30.34 -21.19 -20.45
C CYS A 756 31.18 -22.45 -20.22
N ASN A 757 30.54 -23.50 -19.72
CA ASN A 757 31.16 -24.81 -19.58
C ASN A 757 30.66 -25.74 -20.70
N GLU A 758 30.99 -27.03 -20.59
CA GLU A 758 30.67 -27.97 -21.66
C GLU A 758 29.17 -28.12 -21.86
N GLU A 759 28.44 -28.39 -20.77
CA GLU A 759 27.00 -28.61 -20.88
C GLU A 759 26.28 -27.34 -21.33
N GLN A 760 26.66 -26.19 -20.77
CA GLN A 760 26.05 -24.93 -21.19
C GLN A 760 26.39 -24.62 -22.64
N THR A 761 27.60 -24.96 -23.08
CA THR A 761 27.95 -24.79 -24.49
C THR A 761 27.05 -25.65 -25.37
N LEU A 762 26.82 -26.90 -24.98
CA LEU A 762 25.93 -27.77 -25.73
C LEU A 762 24.52 -27.17 -25.82
N GLU A 763 24.01 -26.71 -24.67
CA GLU A 763 22.66 -26.15 -24.65
C GLU A 763 22.57 -24.92 -25.55
N ALA A 764 23.55 -24.03 -25.46
CA ALA A 764 23.54 -22.83 -26.29
C ALA A 764 23.62 -23.19 -27.78
N LYS A 765 24.47 -24.15 -28.13
CA LYS A 765 24.62 -24.51 -29.54
C LYS A 765 23.33 -25.12 -30.09
N ILE A 766 22.71 -26.04 -29.34
CA ILE A 766 21.49 -26.65 -29.86
C ILE A 766 20.35 -25.64 -29.90
N GLY A 767 20.27 -24.74 -28.91
CA GLY A 767 19.26 -23.70 -28.94
C GLY A 767 19.42 -22.78 -30.15
N GLY A 768 20.66 -22.37 -30.43
CA GLY A 768 20.91 -21.55 -31.59
C GLY A 768 20.57 -22.26 -32.90
N LEU A 769 20.93 -23.53 -32.99
CA LEU A 769 20.62 -24.29 -34.21
C LEU A 769 19.12 -24.43 -34.40
N LEU A 770 18.38 -24.72 -33.33
CA LEU A 770 16.93 -24.84 -33.43
C LEU A 770 16.30 -23.50 -33.80
N SER A 771 16.79 -22.41 -33.21
CA SER A 771 16.28 -21.09 -33.57
C SER A 771 16.52 -20.79 -35.05
N LYS A 772 17.71 -21.13 -35.55
CA LYS A 772 18.01 -20.88 -36.96
C LYS A 772 17.11 -21.69 -37.87
N VAL A 773 16.92 -22.97 -37.58
CA VAL A 773 16.08 -23.79 -38.46
C VAL A 773 14.63 -23.32 -38.41
N ARG A 774 14.14 -22.95 -37.23
CA ARG A 774 12.78 -22.43 -37.13
C ARG A 774 12.63 -21.14 -37.92
N GLU A 775 13.61 -20.24 -37.82
CA GLU A 775 13.53 -18.99 -38.55
C GLU A 775 13.53 -19.24 -40.06
N GLU A 776 14.38 -20.16 -40.52
CA GLU A 776 14.46 -20.41 -41.96
C GLU A 776 13.16 -21.03 -42.48
N VAL A 777 12.61 -22.02 -41.78
CA VAL A 777 11.37 -22.62 -42.26
C VAL A 777 10.22 -21.62 -42.16
N GLY A 778 10.21 -20.77 -41.13
CA GLY A 778 9.19 -19.74 -41.04
C GLY A 778 9.26 -18.75 -42.19
N ASP A 779 10.47 -18.33 -42.56
CA ASP A 779 10.62 -17.44 -43.70
C ASP A 779 10.17 -18.11 -44.98
N VAL A 780 10.47 -19.41 -45.14
CA VAL A 780 10.00 -20.15 -46.30
C VAL A 780 8.47 -20.13 -46.36
N CYS A 781 7.83 -20.41 -45.22
CA CYS A 781 6.37 -20.43 -45.18
C CYS A 781 5.79 -19.05 -45.48
N ILE A 782 6.38 -18.00 -44.93
CA ILE A 782 5.86 -16.66 -45.14
C ILE A 782 6.00 -16.25 -46.60
N ASN A 783 7.15 -16.52 -47.21
CA ASN A 783 7.31 -16.19 -48.62
C ASN A 783 6.42 -17.04 -49.51
N GLU A 784 6.09 -18.26 -49.09
CA GLU A 784 5.23 -19.12 -49.90
C GLU A 784 3.75 -18.86 -49.66
N LEU A 785 3.39 -17.99 -48.73
CA LEU A 785 2.00 -17.68 -48.47
C LEU A 785 1.46 -16.74 -49.55
N ASP A 786 0.26 -17.05 -50.04
CA ASP A 786 -0.28 -16.38 -51.21
C ASP A 786 -0.82 -14.99 -50.85
N ASN A 787 -1.27 -14.27 -51.87
CA ASN A 787 -1.92 -12.99 -51.69
C ASN A 787 -3.31 -13.18 -51.10
N TRP A 788 -3.85 -12.10 -50.54
CA TRP A 788 -5.19 -12.09 -49.94
C TRP A 788 -5.32 -13.16 -48.87
N ASN A 789 -4.26 -13.34 -48.08
CA ASN A 789 -4.26 -14.26 -46.95
C ASN A 789 -4.57 -13.47 -45.69
N ALA A 790 -5.60 -13.88 -44.96
CA ALA A 790 -6.07 -13.08 -43.84
C ALA A 790 -5.02 -12.89 -42.76
N PRO A 791 -4.33 -13.93 -42.25
CA PRO A 791 -3.21 -13.65 -41.34
C PRO A 791 -2.13 -12.78 -41.96
N LEU A 792 -1.83 -13.00 -43.24
CA LEU A 792 -0.80 -12.18 -43.90
C LEU A 792 -1.22 -10.72 -43.96
N ILE A 793 -2.47 -10.45 -44.32
CA ILE A 793 -2.93 -9.06 -44.37
C ILE A 793 -2.95 -8.45 -42.98
N MET A 794 -3.46 -9.19 -41.99
CA MET A 794 -3.53 -8.67 -40.63
C MET A 794 -2.15 -8.48 -40.01
N ALA A 795 -1.13 -9.14 -40.53
CA ALA A 795 0.23 -8.89 -40.07
C ALA A 795 0.91 -7.77 -40.86
N THR A 796 0.60 -7.65 -42.14
CA THR A 796 1.20 -6.59 -42.95
C THR A 796 0.67 -5.22 -42.54
N CYS A 797 -0.65 -5.09 -42.39
CA CYS A 797 -1.21 -3.83 -41.95
C CYS A 797 -1.02 -3.60 -40.47
N GLY A 798 -0.70 -4.64 -39.71
CA GLY A 798 -0.49 -4.51 -38.28
C GLY A 798 -1.74 -4.51 -37.44
N SER A 799 -2.88 -4.92 -37.99
CA SER A 799 -4.11 -4.91 -37.22
C SER A 799 -4.07 -5.93 -36.08
N LYS A 800 -3.43 -7.08 -36.29
CA LYS A 800 -3.40 -8.11 -35.27
C LYS A 800 -2.29 -9.09 -35.58
N GLY A 801 -1.50 -9.43 -34.57
CA GLY A 801 -0.48 -10.44 -34.71
C GLY A 801 0.70 -9.96 -35.56
N SER A 802 1.53 -10.95 -35.93
CA SER A 802 2.72 -10.69 -36.72
C SER A 802 3.05 -11.96 -37.50
N THR A 803 4.16 -11.90 -38.25
CA THR A 803 4.56 -13.04 -39.06
C THR A 803 4.92 -14.25 -38.22
N LEU A 804 5.38 -14.03 -36.99
CA LEU A 804 5.71 -15.15 -36.12
C LEU A 804 4.47 -15.99 -35.79
N ASN A 805 3.35 -15.31 -35.52
CA ASN A 805 2.13 -16.02 -35.17
C ASN A 805 1.66 -16.90 -36.32
N VAL A 806 1.66 -16.36 -37.55
CA VAL A 806 1.20 -17.15 -38.68
C VAL A 806 2.20 -18.25 -39.02
N SER A 807 3.50 -18.00 -38.80
CA SER A 807 4.47 -19.07 -39.00
C SER A 807 4.23 -20.23 -38.03
N GLN A 808 3.92 -19.90 -36.77
CA GLN A 808 3.60 -20.95 -35.81
C GLN A 808 2.30 -21.67 -36.15
N MET A 809 1.31 -20.94 -36.66
CA MET A 809 0.03 -21.56 -37.00
C MET A 809 0.13 -22.43 -38.25
N VAL A 810 1.04 -22.10 -39.17
CA VAL A 810 1.12 -22.80 -40.44
C VAL A 810 2.29 -23.76 -40.46
N ALA A 811 3.49 -23.26 -40.19
CA ALA A 811 4.69 -24.08 -40.43
C ALA A 811 5.14 -24.84 -39.19
N VAL A 812 5.56 -24.14 -38.14
CA VAL A 812 6.18 -24.80 -37.00
C VAL A 812 6.23 -23.81 -35.84
N VAL A 813 6.22 -24.34 -34.63
CA VAL A 813 6.46 -23.56 -33.42
C VAL A 813 7.64 -24.22 -32.73
N GLY A 814 8.84 -23.71 -33.00
CA GLY A 814 10.05 -24.47 -32.74
C GLY A 814 10.38 -24.78 -31.29
N GLN A 815 10.80 -23.78 -30.52
CA GLN A 815 11.38 -24.01 -29.21
C GLN A 815 10.51 -23.41 -28.14
N GLN A 816 10.19 -24.22 -27.13
CA GLN A 816 9.38 -23.77 -25.99
C GLN A 816 10.29 -23.45 -24.81
N ILE A 817 10.94 -22.29 -24.88
CA ILE A 817 11.84 -21.86 -23.82
C ILE A 817 11.02 -21.49 -22.58
N ILE A 818 11.40 -22.05 -21.44
CA ILE A 818 10.81 -21.70 -20.16
C ILE A 818 11.93 -21.20 -19.25
N SER A 819 11.75 -20.00 -18.69
CA SER A 819 12.74 -19.36 -17.84
C SER A 819 14.08 -19.21 -18.56
N GLY A 820 14.02 -18.82 -19.83
CA GLY A 820 15.21 -18.49 -20.58
C GLY A 820 16.00 -19.66 -21.13
N ASN A 821 15.51 -20.89 -20.96
CA ASN A 821 16.20 -22.06 -21.50
C ASN A 821 15.16 -23.12 -21.84
N ARG A 822 15.64 -24.24 -22.37
CA ARG A 822 14.76 -25.34 -22.73
C ARG A 822 14.10 -25.91 -21.46
N VAL A 823 13.16 -26.83 -21.68
CA VAL A 823 12.36 -27.31 -20.55
C VAL A 823 13.26 -28.01 -19.54
N PRO A 824 13.08 -27.79 -18.25
CA PRO A 824 13.94 -28.44 -17.26
C PRO A 824 13.62 -29.92 -17.11
N ASP A 825 14.29 -30.58 -16.19
CA ASP A 825 14.11 -32.01 -15.97
C ASP A 825 13.01 -32.23 -14.94
N GLY A 826 11.90 -32.81 -15.37
CA GLY A 826 10.84 -33.19 -14.47
C GLY A 826 11.00 -34.56 -13.86
N PHE A 827 12.06 -35.28 -14.21
CA PHE A 827 12.34 -36.59 -13.67
C PHE A 827 13.84 -36.71 -13.46
N GLN A 828 14.31 -37.93 -13.22
CA GLN A 828 15.74 -38.18 -13.05
C GLN A 828 16.38 -38.24 -14.43
N ASP A 829 17.13 -37.20 -14.78
CA ASP A 829 17.87 -37.11 -16.04
C ASP A 829 16.93 -37.17 -17.25
N ARG A 830 15.70 -36.70 -17.09
CA ARG A 830 14.72 -36.75 -18.16
C ARG A 830 13.74 -35.61 -17.99
N SER A 831 12.99 -35.34 -19.07
CA SER A 831 11.86 -34.43 -19.01
C SER A 831 10.55 -35.19 -18.81
N LEU A 832 10.33 -36.23 -19.60
CA LEU A 832 9.14 -37.07 -19.54
C LEU A 832 9.55 -38.52 -19.58
N PRO A 833 8.73 -39.42 -19.04
CA PRO A 833 9.09 -40.85 -19.05
C PRO A 833 8.94 -41.49 -20.42
N HIS A 834 8.73 -40.67 -21.45
CA HIS A 834 8.56 -41.16 -22.80
C HIS A 834 9.83 -41.02 -23.64
N PHE A 835 10.95 -40.74 -23.02
CA PHE A 835 12.23 -40.57 -23.67
C PHE A 835 13.29 -41.36 -22.92
N PRO A 836 14.39 -41.73 -23.57
CA PRO A 836 15.45 -42.46 -22.87
C PRO A 836 16.08 -41.60 -21.79
N LYS A 837 16.62 -42.26 -20.77
CA LYS A 837 17.35 -41.56 -19.72
C LYS A 837 18.57 -40.88 -20.30
N ASN A 838 18.88 -39.68 -19.78
CA ASN A 838 20.01 -38.88 -20.23
C ASN A 838 19.91 -38.60 -21.74
N SER A 839 18.76 -38.03 -22.13
CA SER A 839 18.50 -37.66 -23.51
C SER A 839 18.34 -36.15 -23.58
N LYS A 840 19.11 -35.52 -24.47
CA LYS A 840 19.08 -34.06 -24.65
C LYS A 840 18.73 -33.67 -26.07
N THR A 841 18.38 -34.62 -26.93
CA THR A 841 18.02 -34.31 -28.30
C THR A 841 16.72 -33.51 -28.34
N PRO A 842 16.52 -32.70 -29.38
CA PRO A 842 15.22 -32.06 -29.57
C PRO A 842 14.13 -33.10 -29.73
N GLN A 843 12.88 -32.64 -29.58
CA GLN A 843 11.66 -33.46 -29.55
C GLN A 843 11.58 -34.20 -28.23
N SER A 844 12.63 -34.11 -27.41
CA SER A 844 12.62 -34.64 -26.05
C SER A 844 12.81 -33.57 -24.98
N LYS A 845 13.45 -32.45 -25.32
CA LYS A 845 13.56 -31.31 -24.41
C LYS A 845 12.96 -30.10 -25.13
N GLY A 846 11.63 -30.01 -25.10
CA GLY A 846 10.91 -28.84 -25.56
C GLY A 846 11.18 -28.40 -26.99
N PHE A 847 10.89 -29.24 -27.97
CA PHE A 847 10.82 -28.81 -29.35
C PHE A 847 9.53 -29.32 -29.96
N VAL A 848 8.80 -28.44 -30.62
CA VAL A 848 7.49 -28.74 -31.18
C VAL A 848 7.61 -28.58 -32.69
N ARG A 849 7.92 -29.67 -33.39
CA ARG A 849 8.03 -29.60 -34.84
C ARG A 849 6.68 -29.52 -35.53
N ASN A 850 5.59 -29.68 -34.78
CA ASN A 850 4.24 -29.66 -35.34
C ASN A 850 3.65 -28.25 -35.18
N SER A 851 3.13 -27.71 -36.27
CA SER A 851 2.40 -26.46 -36.21
C SER A 851 1.04 -26.69 -35.55
N PHE A 852 0.38 -25.59 -35.18
CA PHE A 852 -0.93 -25.70 -34.57
C PHE A 852 -1.95 -26.30 -35.52
N PHE A 853 -1.80 -26.06 -36.82
CA PHE A 853 -2.67 -26.69 -37.80
C PHE A 853 -2.49 -28.20 -37.80
N SER A 854 -1.24 -28.66 -37.76
CA SER A 854 -0.97 -30.09 -37.82
C SER A 854 -1.44 -30.79 -36.55
N GLY A 855 -1.22 -30.18 -35.39
CA GLY A 855 -1.63 -30.77 -34.13
C GLY A 855 -0.43 -31.20 -33.32
N LEU A 856 -0.45 -30.89 -32.03
CA LEU A 856 0.68 -31.16 -31.16
C LEU A 856 0.68 -32.59 -30.68
N SER A 857 1.87 -33.20 -30.67
CA SER A 857 2.06 -34.50 -30.04
C SER A 857 2.01 -34.35 -28.52
N PRO A 858 1.67 -35.40 -27.80
CA PRO A 858 1.43 -35.30 -26.35
C PRO A 858 2.58 -34.64 -25.60
N PRO A 859 3.85 -35.05 -25.83
CA PRO A 859 4.93 -34.32 -25.16
C PRO A 859 5.03 -32.87 -25.59
N GLU A 860 4.82 -32.60 -26.88
CA GLU A 860 4.82 -31.22 -27.36
C GLU A 860 3.70 -30.43 -26.73
N PHE A 861 2.53 -31.05 -26.59
CA PHE A 861 1.41 -30.39 -25.93
C PHE A 861 1.73 -30.07 -24.48
N LEU A 862 2.36 -31.01 -23.77
CA LEU A 862 2.73 -30.75 -22.38
C LEU A 862 3.73 -29.62 -22.27
N PHE A 863 4.74 -29.59 -23.15
CA PHE A 863 5.74 -28.54 -23.10
C PHE A 863 5.11 -27.17 -23.37
N HIS A 864 4.23 -27.11 -24.37
CA HIS A 864 3.56 -25.85 -24.67
C HIS A 864 2.66 -25.43 -23.51
N ALA A 865 2.01 -26.38 -22.85
CA ALA A 865 1.21 -26.06 -21.69
C ALA A 865 2.08 -25.51 -20.57
N ILE A 866 3.28 -26.06 -20.39
CA ILE A 866 4.19 -25.55 -19.37
C ILE A 866 4.56 -24.10 -19.67
N SER A 867 4.87 -23.81 -20.94
CA SER A 867 5.22 -22.43 -21.31
C SER A 867 4.04 -21.48 -21.08
N GLY A 868 2.83 -21.91 -21.45
CA GLY A 868 1.66 -21.07 -21.27
C GLY A 868 1.37 -20.79 -19.80
N ARG A 869 1.48 -21.81 -18.95
CA ARG A 869 1.29 -21.59 -17.53
C ARG A 869 2.39 -20.72 -16.95
N GLU A 870 3.61 -20.83 -17.47
CA GLU A 870 4.67 -19.92 -17.04
C GLU A 870 4.30 -18.47 -17.32
N GLY A 871 3.78 -18.20 -18.52
CA GLY A 871 3.34 -16.85 -18.83
C GLY A 871 2.19 -16.39 -17.95
N LEU A 872 1.21 -17.25 -17.73
CA LEU A 872 0.06 -16.89 -16.91
C LEU A 872 0.49 -16.55 -15.48
N VAL A 873 1.36 -17.38 -14.91
CA VAL A 873 1.87 -17.11 -13.57
C VAL A 873 2.73 -15.85 -13.55
N ASP A 874 3.48 -15.60 -14.63
CA ASP A 874 4.32 -14.40 -14.70
C ASP A 874 3.47 -13.13 -14.62
N THR A 875 2.34 -13.10 -15.31
CA THR A 875 1.49 -11.92 -15.28
C THR A 875 1.05 -11.59 -13.85
N ALA A 876 0.48 -12.58 -13.15
CA ALA A 876 -0.03 -12.39 -11.80
C ALA A 876 1.07 -12.29 -10.76
N VAL A 877 2.31 -12.65 -11.11
CA VAL A 877 3.42 -12.47 -10.17
C VAL A 877 4.10 -11.13 -10.36
N LYS A 878 3.95 -10.49 -11.53
CA LYS A 878 4.53 -9.17 -11.73
C LYS A 878 3.57 -8.04 -11.45
N THR A 879 2.26 -8.28 -11.54
CA THR A 879 1.30 -7.18 -11.41
C THR A 879 1.41 -6.49 -10.04
N ALA A 880 1.48 -7.26 -8.97
CA ALA A 880 1.51 -6.67 -7.63
C ALA A 880 2.77 -5.87 -7.39
N GLU A 881 3.93 -6.41 -7.80
CA GLU A 881 5.18 -5.70 -7.63
C GLU A 881 5.18 -4.41 -8.44
N THR A 882 4.69 -4.44 -9.67
CA THR A 882 4.62 -3.23 -10.47
C THR A 882 3.70 -2.20 -9.84
N GLY A 883 2.57 -2.65 -9.29
CA GLY A 883 1.67 -1.71 -8.63
C GLY A 883 2.30 -1.04 -7.42
N TYR A 884 2.98 -1.82 -6.58
CA TYR A 884 3.65 -1.24 -5.42
C TYR A 884 4.75 -0.27 -5.86
N MET A 885 5.53 -0.65 -6.87
CA MET A 885 6.59 0.23 -7.34
C MET A 885 6.02 1.54 -7.87
N SER A 886 4.93 1.48 -8.64
CA SER A 886 4.30 2.69 -9.15
C SER A 886 3.77 3.55 -8.01
N ARG A 887 3.17 2.91 -6.99
CA ARG A 887 2.65 3.66 -5.85
C ARG A 887 3.74 4.44 -5.15
N ARG A 888 4.86 3.78 -4.81
CA ARG A 888 5.90 4.48 -4.08
C ARG A 888 6.62 5.49 -4.96
N LEU A 889 6.79 5.20 -6.25
CA LEU A 889 7.38 6.16 -7.17
C LEU A 889 6.55 7.42 -7.24
N MET A 890 5.22 7.28 -7.25
CA MET A 890 4.35 8.45 -7.23
C MET A 890 4.43 9.17 -5.90
N LYS A 891 4.53 8.42 -4.80
CA LYS A 891 4.65 9.04 -3.48
C LYS A 891 5.91 9.88 -3.35
N SER A 892 6.97 9.50 -4.05
CA SER A 892 8.20 10.30 -4.01
C SER A 892 8.04 11.61 -4.75
N LEU A 893 7.65 11.55 -6.02
CA LEU A 893 7.55 12.72 -6.89
C LEU A 893 6.15 13.33 -6.90
N GLU A 894 5.40 13.18 -5.81
CA GLU A 894 3.99 13.57 -5.83
C GLU A 894 3.82 15.07 -6.07
N ASP A 895 4.64 15.89 -5.42
CA ASP A 895 4.47 17.34 -5.47
C ASP A 895 5.73 17.96 -6.07
N LEU A 896 5.80 18.00 -7.39
CA LEU A 896 6.82 18.75 -8.11
C LEU A 896 6.12 19.54 -9.21
N SER A 897 6.38 20.85 -9.23
CA SER A 897 5.70 21.73 -10.17
C SER A 897 6.71 22.57 -10.93
N CYS A 898 6.38 22.86 -12.17
CA CYS A 898 7.16 23.80 -12.98
C CYS A 898 6.70 25.21 -12.61
N GLN A 899 7.48 25.87 -11.75
CA GLN A 899 7.09 27.19 -11.29
C GLN A 899 7.23 28.21 -12.42
N TYR A 900 6.68 29.41 -12.19
CA TYR A 900 6.62 30.42 -13.23
C TYR A 900 7.98 31.04 -13.53
N ASP A 901 9.01 30.75 -12.72
CA ASP A 901 10.38 31.11 -13.07
C ASP A 901 11.07 30.00 -13.85
N ASN A 902 10.31 29.01 -14.34
CA ASN A 902 10.84 27.91 -15.13
C ASN A 902 11.86 27.09 -14.33
N THR A 903 11.46 26.70 -13.12
CA THR A 903 12.27 25.83 -12.27
C THR A 903 11.36 24.79 -11.63
N VAL A 904 11.68 23.52 -11.83
CA VAL A 904 10.93 22.47 -11.14
C VAL A 904 11.24 22.54 -9.66
N ARG A 905 10.20 22.64 -8.84
CA ARG A 905 10.38 22.77 -7.40
C ARG A 905 9.43 21.82 -6.67
N THR A 906 9.78 21.53 -5.42
CA THR A 906 8.97 20.69 -4.57
C THR A 906 7.99 21.53 -3.75
N SER A 907 7.27 20.87 -2.85
CA SER A 907 6.30 21.58 -2.03
C SER A 907 6.97 22.58 -1.09
N ALA A 908 8.08 22.19 -0.48
CA ALA A 908 8.79 23.04 0.46
C ALA A 908 9.61 24.13 -0.23
N ASN A 909 9.35 24.39 -1.51
CA ASN A 909 10.04 25.42 -2.28
C ASN A 909 11.55 25.17 -2.33
N GLY A 910 11.95 23.90 -2.31
CA GLY A 910 13.33 23.53 -2.50
C GLY A 910 13.60 23.16 -3.93
N ILE A 911 14.40 23.97 -4.63
CA ILE A 911 14.54 23.83 -6.07
C ILE A 911 15.34 22.57 -6.37
N VAL A 912 14.70 21.61 -7.03
CA VAL A 912 15.37 20.37 -7.42
C VAL A 912 16.03 20.50 -8.79
N GLN A 913 15.38 21.17 -9.73
CA GLN A 913 15.96 21.43 -11.04
C GLN A 913 15.81 22.90 -11.38
N PHE A 914 16.84 23.46 -11.99
CA PHE A 914 16.79 24.85 -12.43
C PHE A 914 16.10 25.03 -13.77
N THR A 915 15.95 23.95 -14.52
CA THR A 915 15.21 23.95 -15.78
C THR A 915 14.90 22.50 -16.12
N TYR A 916 13.64 22.20 -16.41
CA TYR A 916 13.21 20.82 -16.58
C TYR A 916 13.95 20.16 -17.73
N GLY A 917 14.74 19.13 -17.42
CA GLY A 917 15.45 18.38 -18.44
C GLY A 917 16.61 19.12 -19.05
N GLY A 918 16.95 20.30 -18.57
CA GLY A 918 18.00 21.11 -19.14
C GLY A 918 17.55 22.04 -20.25
N ASP A 919 16.37 21.80 -20.82
CA ASP A 919 15.83 22.65 -21.87
C ASP A 919 14.47 23.24 -21.52
N GLY A 920 13.77 22.68 -20.54
CA GLY A 920 12.44 23.16 -20.23
C GLY A 920 11.39 22.76 -21.25
N LEU A 921 11.62 21.67 -21.98
CA LEU A 921 10.72 21.23 -23.03
C LEU A 921 9.89 20.05 -22.54
N ASP A 922 8.57 20.18 -22.66
CA ASP A 922 7.68 19.11 -22.28
C ASP A 922 7.75 18.00 -23.33
N PRO A 923 8.03 16.77 -22.95
CA PRO A 923 8.07 15.68 -23.95
C PRO A 923 6.75 15.42 -24.63
N LEU A 924 5.64 15.89 -24.07
CA LEU A 924 4.33 15.65 -24.68
C LEU A 924 4.19 16.32 -26.03
N GLU A 925 4.90 17.43 -26.25
CA GLU A 925 4.79 18.19 -27.50
C GLU A 925 6.13 18.34 -28.19
N MET A 926 6.90 17.25 -28.27
CA MET A 926 8.14 17.22 -29.03
C MET A 926 7.94 16.36 -30.27
N GLU A 927 8.29 16.90 -31.44
CA GLU A 927 7.95 16.29 -32.72
C GLU A 927 9.08 15.52 -33.36
N GLY A 928 10.19 15.31 -32.65
CA GLY A 928 11.31 14.60 -33.23
C GLY A 928 12.09 13.85 -32.16
N ASN A 929 13.15 13.17 -32.61
CA ASN A 929 14.01 12.45 -31.69
C ASN A 929 14.85 13.42 -30.88
N ALA A 930 14.39 13.76 -29.68
CA ALA A 930 15.08 14.69 -28.78
C ALA A 930 15.23 16.07 -29.39
N GLN A 931 14.37 16.41 -30.35
CA GLN A 931 14.26 17.75 -30.90
C GLN A 931 12.80 18.08 -31.07
N PRO A 932 12.43 19.35 -30.95
CA PRO A 932 11.00 19.72 -30.96
C PRO A 932 10.41 20.15 -32.31
N VAL A 933 11.14 20.04 -33.42
CA VAL A 933 10.68 20.70 -34.64
C VAL A 933 10.51 19.78 -35.83
N ASN A 934 11.24 18.66 -35.87
CA ASN A 934 11.14 17.71 -36.97
C ASN A 934 11.37 18.41 -38.31
N PHE A 935 12.62 18.87 -38.47
CA PHE A 935 12.93 19.86 -39.50
C PHE A 935 12.43 19.47 -40.89
N ASN A 936 12.57 18.21 -41.27
CA ASN A 936 12.23 17.81 -42.64
C ASN A 936 10.74 17.98 -42.91
N ARG A 937 9.89 17.47 -42.02
CA ARG A 937 8.45 17.55 -42.25
C ARG A 937 7.97 19.00 -42.22
N SER A 938 8.50 19.80 -41.31
CA SER A 938 8.13 21.21 -41.27
C SER A 938 8.56 21.93 -42.53
N TRP A 939 9.75 21.63 -43.05
CA TRP A 939 10.18 22.24 -44.31
C TRP A 939 9.28 21.82 -45.45
N ASP A 940 8.88 20.55 -45.50
CA ASP A 940 7.98 20.11 -46.57
C ASP A 940 6.62 20.80 -46.46
N HIS A 941 6.12 20.97 -45.23
CA HIS A 941 4.86 21.67 -45.03
C HIS A 941 4.96 23.12 -45.49
N ALA A 942 6.06 23.79 -45.14
CA ALA A 942 6.24 25.17 -45.58
C ALA A 942 6.36 25.26 -47.10
N TYR A 943 7.03 24.29 -47.70
CA TYR A 943 7.16 24.25 -49.16
C TYR A 943 5.81 24.10 -49.82
N ASN A 944 4.98 23.17 -49.34
CA ASN A 944 3.72 22.87 -50.00
C ASN A 944 2.67 23.95 -49.75
N ILE A 945 2.60 24.48 -48.52
CA ILE A 945 1.60 25.50 -48.20
C ILE A 945 1.83 26.76 -49.03
N THR A 946 3.09 27.07 -49.34
CA THR A 946 3.43 28.33 -49.99
C THR A 946 4.07 28.10 -51.35
N PHE A 947 3.50 27.20 -52.15
CA PHE A 947 4.04 26.85 -53.46
C PHE A 947 3.17 27.48 -54.54
N ASN A 948 3.70 28.50 -55.20
CA ASN A 948 3.09 29.10 -56.37
C ASN A 948 3.98 28.85 -57.58
N ASN A 949 3.37 28.50 -58.71
CA ASN A 949 4.16 28.14 -59.89
C ASN A 949 5.03 29.30 -60.36
N GLN A 950 4.48 30.50 -60.41
CA GLN A 950 5.21 31.67 -60.90
C GLN A 950 5.74 32.47 -59.70
N ASP A 951 6.80 31.94 -59.10
CA ASP A 951 7.52 32.63 -58.04
C ASP A 951 9.01 32.57 -58.33
N LYS A 952 9.71 33.66 -58.03
CA LYS A 952 11.14 33.74 -58.29
C LYS A 952 11.90 33.10 -57.14
N GLY A 953 12.49 31.93 -57.38
CA GLY A 953 13.30 31.30 -56.36
C GLY A 953 14.55 32.11 -56.08
N LEU A 954 14.77 32.44 -54.82
CA LEU A 954 15.91 33.27 -54.45
C LEU A 954 17.20 32.47 -54.51
N LEU A 955 18.31 33.19 -54.73
CA LEU A 955 19.62 32.58 -54.71
C LEU A 955 19.95 32.11 -53.30
N PRO A 956 20.86 31.14 -53.16
CA PRO A 956 21.17 30.62 -51.82
C PRO A 956 21.65 31.68 -50.84
N TYR A 957 22.41 32.67 -51.32
CA TYR A 957 22.85 33.74 -50.42
C TYR A 957 21.66 34.54 -49.90
N ALA A 958 20.66 34.76 -50.75
CA ALA A 958 19.46 35.45 -50.30
C ALA A 958 18.71 34.63 -49.25
N ILE A 959 18.66 33.31 -49.43
CA ILE A 959 18.04 32.44 -48.43
C ILE A 959 18.77 32.55 -47.10
N MET A 960 20.10 32.51 -47.15
CA MET A 960 20.88 32.62 -45.92
C MET A 960 20.70 33.98 -45.27
N GLU A 961 20.61 35.04 -46.07
CA GLU A 961 20.38 36.37 -45.50
C GLU A 961 19.01 36.46 -44.84
N THR A 962 17.99 35.84 -45.45
CA THR A 962 16.68 35.80 -44.83
C THR A 962 16.73 35.05 -43.50
N ALA A 963 17.43 33.91 -43.48
CA ALA A 963 17.55 33.14 -42.24
C ALA A 963 18.27 33.95 -41.16
N ASN A 964 19.33 34.66 -41.54
CA ASN A 964 20.12 35.44 -40.58
C ASN A 964 19.43 36.73 -40.17
N GLU A 965 18.47 37.23 -40.94
CA GLU A 965 17.71 38.40 -40.54
C GLU A 965 16.43 38.05 -39.78
N ILE A 966 15.97 36.81 -39.87
CA ILE A 966 14.90 36.34 -39.00
C ILE A 966 15.45 35.71 -37.73
N LEU A 967 16.51 34.90 -37.87
CA LEU A 967 17.21 34.32 -36.74
C LEU A 967 18.50 35.10 -36.52
N GLY A 968 18.69 35.60 -35.30
CA GLY A 968 19.81 36.46 -34.99
C GLY A 968 19.38 37.72 -34.26
N PRO A 969 18.26 38.32 -34.67
CA PRO A 969 17.57 39.23 -33.77
C PRO A 969 17.11 38.54 -32.50
N LEU A 970 16.75 37.26 -32.59
CA LEU A 970 16.45 36.48 -31.39
C LEU A 970 17.72 36.06 -30.66
N GLU A 971 18.80 35.79 -31.41
CA GLU A 971 20.06 35.44 -30.76
C GLU A 971 20.65 36.63 -30.01
N GLU A 972 20.44 37.84 -30.51
CA GLU A 972 20.92 39.03 -29.81
C GLU A 972 20.25 39.18 -28.46
N ARG A 973 19.02 38.70 -28.32
CA ARG A 973 18.29 38.84 -27.07
C ARG A 973 18.92 38.04 -25.93
N LEU A 974 19.73 37.03 -26.25
CA LEU A 974 20.42 36.23 -25.26
C LEU A 974 21.88 36.63 -25.24
N VAL A 975 22.37 37.06 -24.07
CA VAL A 975 23.67 37.72 -23.97
C VAL A 975 24.70 36.92 -23.19
N ARG A 976 24.29 35.91 -22.43
CA ARG A 976 25.20 35.03 -21.68
C ARG A 976 26.05 35.84 -20.69
N TYR A 977 25.36 36.38 -19.70
CA TYR A 977 26.05 37.07 -18.60
C TYR A 977 26.91 36.09 -17.81
N ASP A 978 28.05 36.58 -17.34
CA ASP A 978 28.95 35.77 -16.54
C ASP A 978 28.37 35.52 -15.15
N ASN A 979 28.98 34.58 -14.43
CA ASN A 979 28.53 34.27 -13.08
C ASN A 979 28.67 35.47 -12.15
N SER A 980 29.61 36.36 -12.44
CA SER A 980 29.77 37.58 -11.65
C SER A 980 28.81 38.69 -12.09
N GLY A 981 28.00 38.45 -13.11
CA GLY A 981 27.08 39.44 -13.62
C GLY A 981 27.60 40.27 -14.78
N CYS A 982 28.88 40.13 -15.13
CA CYS A 982 29.45 40.88 -16.22
C CYS A 982 29.19 40.18 -17.56
N LEU A 983 29.55 40.86 -18.65
CA LEU A 983 29.32 40.36 -19.99
C LEU A 983 30.59 39.70 -20.52
N VAL A 984 30.43 38.54 -21.16
CA VAL A 984 31.56 37.87 -21.77
C VAL A 984 32.07 38.70 -22.94
N LYS A 985 33.40 38.69 -23.13
CA LYS A 985 34.08 39.62 -24.03
C LYS A 985 34.20 39.08 -25.45
N ARG A 986 33.30 38.21 -25.89
CA ARG A 986 33.20 37.77 -27.28
C ARG A 986 34.37 36.87 -27.66
N GLU A 987 35.35 36.73 -26.78
CA GLU A 987 36.48 35.85 -27.03
C GLU A 987 36.42 34.56 -26.22
N ASP A 988 35.57 34.50 -25.19
CA ASP A 988 35.45 33.34 -24.32
C ASP A 988 33.99 32.97 -24.14
N LEU A 989 33.18 33.16 -25.18
CA LEU A 989 31.76 32.81 -25.09
C LEU A 989 31.57 31.31 -24.89
N ASN A 990 32.35 30.49 -25.58
CA ASN A 990 32.28 29.04 -25.49
C ASN A 990 33.36 28.48 -24.56
N LYS A 991 33.71 29.22 -23.51
CA LYS A 991 34.78 28.81 -22.62
C LYS A 991 34.38 27.66 -21.71
N ALA A 992 33.15 27.17 -21.81
CA ALA A 992 32.65 25.99 -21.08
C ALA A 992 32.48 26.28 -19.60
N GLU A 993 32.88 27.47 -19.16
CA GLU A 993 32.69 27.88 -17.78
C GLU A 993 31.65 28.98 -17.65
N TYR A 994 31.06 29.42 -18.75
CA TYR A 994 30.07 30.49 -18.74
C TYR A 994 28.71 30.02 -19.27
N VAL A 995 28.50 28.71 -19.37
CA VAL A 995 27.22 28.20 -19.84
C VAL A 995 26.17 28.40 -18.76
N ASP A 996 24.93 28.58 -19.19
CA ASP A 996 23.81 28.83 -18.30
C ASP A 996 22.54 28.44 -19.03
N GLN A 997 21.39 28.91 -18.52
CA GLN A 997 20.15 28.77 -19.27
C GLN A 997 20.27 29.54 -20.58
N TYR A 998 19.28 29.33 -21.45
CA TYR A 998 19.25 29.86 -22.82
C TYR A 998 20.32 29.24 -23.70
N ASP A 999 21.08 28.26 -23.21
CA ASP A 999 22.01 27.54 -24.05
C ASP A 999 21.28 26.61 -25.01
N ALA A 1000 20.20 25.98 -24.53
CA ALA A 1000 19.40 25.13 -25.40
C ALA A 1000 18.78 25.92 -26.54
N GLU A 1001 18.30 27.13 -26.24
CA GLU A 1001 17.72 27.97 -27.29
C GLU A 1001 18.76 28.35 -28.32
N ARG A 1002 19.97 28.68 -27.89
CA ARG A 1002 21.03 28.99 -28.84
C ARG A 1002 21.39 27.78 -29.69
N ASP A 1003 21.44 26.60 -29.08
CA ASP A 1003 21.72 25.38 -29.85
C ASP A 1003 20.62 25.12 -30.87
N PHE A 1004 19.36 25.34 -30.48
CA PHE A 1004 18.25 25.15 -31.41
C PHE A 1004 18.32 26.14 -32.58
N TYR A 1005 18.65 27.40 -32.29
CA TYR A 1005 18.80 28.38 -33.37
C TYR A 1005 19.95 28.01 -34.29
N HIS A 1006 21.06 27.53 -33.72
CA HIS A 1006 22.18 27.09 -34.55
C HIS A 1006 21.78 25.91 -35.41
N SER A 1007 20.98 24.98 -34.87
CA SER A 1007 20.52 23.84 -35.67
C SER A 1007 19.61 24.29 -36.81
N LEU A 1008 18.72 25.26 -36.54
CA LEU A 1008 17.88 25.81 -37.60
C LEU A 1008 18.74 26.44 -38.69
N ARG A 1009 19.73 27.24 -38.30
CA ARG A 1009 20.61 27.87 -39.28
C ARG A 1009 21.38 26.83 -40.06
N GLU A 1010 21.84 25.76 -39.40
CA GLU A 1010 22.57 24.71 -40.08
C GLU A 1010 21.70 23.99 -41.09
N TYR A 1011 20.43 23.73 -40.74
CA TYR A 1011 19.52 23.08 -41.69
C TYR A 1011 19.27 23.95 -42.91
N ILE A 1012 19.02 25.25 -42.69
CA ILE A 1012 18.80 26.14 -43.82
C ILE A 1012 20.07 26.26 -44.66
N ASN A 1013 21.24 26.26 -44.01
CA ASN A 1013 22.50 26.30 -44.75
C ASN A 1013 22.68 25.03 -45.58
N GLY A 1014 22.29 23.89 -45.05
CA GLY A 1014 22.36 22.66 -45.82
C GLY A 1014 21.47 22.70 -47.05
N LYS A 1015 20.25 23.21 -46.90
CA LYS A 1015 19.37 23.35 -48.05
C LYS A 1015 19.95 24.30 -49.09
N ALA A 1016 20.48 25.45 -48.64
CA ALA A 1016 21.06 26.40 -49.57
C ALA A 1016 22.31 25.83 -50.25
N THR A 1017 23.11 25.06 -49.52
CA THR A 1017 24.29 24.42 -50.10
C THR A 1017 23.89 23.39 -51.15
N ALA A 1018 22.82 22.63 -50.89
CA ALA A 1018 22.32 21.71 -51.90
C ALA A 1018 21.89 22.46 -53.15
N LEU A 1019 21.19 23.58 -52.98
CA LEU A 1019 20.80 24.38 -54.14
C LEU A 1019 22.01 24.90 -54.91
N ALA A 1020 23.02 25.39 -54.19
CA ALA A 1020 24.20 25.93 -54.83
C ALA A 1020 24.98 24.84 -55.56
N ASN A 1021 25.10 23.66 -54.96
CA ASN A 1021 25.80 22.56 -55.62
C ASN A 1021 25.04 22.07 -56.84
N LEU A 1022 23.71 22.09 -56.82
CA LEU A 1022 22.96 21.84 -58.04
C LEU A 1022 23.25 22.90 -59.09
N ARG A 1023 23.30 24.17 -58.67
CA ARG A 1023 23.52 25.26 -59.62
C ARG A 1023 24.87 25.13 -60.31
N LYS A 1024 25.93 24.87 -59.54
CA LYS A 1024 27.26 24.78 -60.11
C LYS A 1024 27.44 23.55 -60.99
N SER A 1025 26.51 22.60 -60.94
CA SER A 1025 26.57 21.42 -61.80
C SER A 1025 25.94 21.67 -63.17
N ARG A 1026 25.34 22.83 -63.39
CA ARG A 1026 24.65 23.13 -64.64
C ARG A 1026 25.03 24.52 -65.13
N GLY A 1027 26.31 24.86 -65.05
CA GLY A 1027 26.80 26.12 -65.61
C GLY A 1027 26.73 27.33 -64.71
N MET A 1028 25.56 27.60 -64.12
CA MET A 1028 25.39 28.77 -63.27
C MET A 1028 26.31 28.66 -62.05
N LEU A 1029 27.01 29.75 -61.75
CA LEU A 1029 27.91 29.75 -60.61
C LEU A 1029 27.12 29.69 -59.30
N GLY A 1030 27.63 28.92 -58.35
CA GLY A 1030 26.96 28.76 -57.08
C GLY A 1030 27.15 29.95 -56.17
N LEU A 1031 26.10 30.76 -56.00
CA LEU A 1031 26.18 31.99 -55.23
C LEU A 1031 25.78 31.77 -53.77
N LEU A 1032 26.41 30.80 -53.11
CA LEU A 1032 26.17 30.62 -51.69
C LEU A 1032 26.73 31.79 -50.89
N GLU A 1033 27.97 32.17 -51.15
CA GLU A 1033 28.53 33.36 -50.56
C GLU A 1033 27.94 34.60 -51.24
N PRO A 1034 27.64 35.66 -50.49
CA PRO A 1034 27.02 36.85 -51.08
C PRO A 1034 27.93 37.49 -52.11
N PRO A 1035 27.37 37.96 -53.22
CA PRO A 1035 28.19 38.64 -54.23
C PRO A 1035 28.60 40.03 -53.77
N ALA A 1036 29.63 40.55 -54.41
CA ALA A 1036 30.12 41.88 -54.10
C ALA A 1036 29.14 42.94 -54.60
N LYS A 1037 29.24 44.14 -54.01
CA LYS A 1037 28.37 45.25 -54.38
C LYS A 1037 28.70 45.82 -55.75
N GLU A 1038 29.83 45.44 -56.34
CA GLU A 1038 30.17 45.91 -57.68
C GLU A 1038 29.21 45.36 -58.75
N LEU A 1039 28.48 44.29 -58.43
CA LEU A 1039 27.50 43.73 -59.35
C LEU A 1039 26.21 43.34 -58.63
N GLN A 1040 25.96 43.89 -57.44
CA GLN A 1040 24.77 43.52 -56.68
C GLN A 1040 23.49 43.95 -57.40
N GLY A 1041 23.49 45.15 -57.97
CA GLY A 1041 22.29 45.67 -58.61
C GLY A 1041 21.93 45.00 -59.90
N ILE A 1042 22.87 44.34 -60.56
CA ILE A 1042 22.62 43.69 -61.83
C ILE A 1042 22.36 42.21 -61.59
N ASP A 1043 21.64 41.58 -62.52
CA ASP A 1043 21.37 40.15 -62.43
C ASP A 1043 22.66 39.37 -62.59
N PRO A 1044 22.95 38.42 -61.71
CA PRO A 1044 24.24 37.71 -61.78
C PRO A 1044 24.24 36.53 -62.73
N ASP A 1045 23.12 36.24 -63.42
CA ASP A 1045 23.06 35.10 -64.32
C ASP A 1045 22.38 35.43 -65.64
N GLU A 1046 22.38 36.68 -66.06
CA GLU A 1046 21.69 37.05 -67.30
C GLU A 1046 22.32 36.40 -68.51
N THR A 1047 23.64 36.21 -68.51
CA THR A 1047 24.32 35.61 -69.65
C THR A 1047 23.99 34.14 -69.83
N VAL A 1048 23.56 33.46 -68.76
CA VAL A 1048 23.26 32.03 -68.84
C VAL A 1048 22.06 31.81 -69.74
N PRO A 1049 22.03 30.75 -70.54
CA PRO A 1049 20.83 30.45 -71.33
C PRO A 1049 19.63 30.19 -70.42
N ASP A 1050 18.45 30.59 -70.89
CA ASP A 1050 17.24 30.48 -70.07
C ASP A 1050 16.76 29.05 -69.95
N ASN A 1051 17.21 28.13 -70.82
CA ASN A 1051 16.76 26.75 -70.72
C ASN A 1051 17.27 26.08 -69.46
N VAL A 1052 18.55 26.25 -69.14
CA VAL A 1052 19.09 25.64 -67.93
C VAL A 1052 18.56 26.35 -66.68
N LYS A 1053 18.20 27.63 -66.79
CA LYS A 1053 17.56 28.31 -65.67
C LYS A 1053 16.27 27.63 -65.29
N THR A 1054 15.46 27.27 -66.29
CA THR A 1054 14.20 26.57 -66.01
C THR A 1054 14.45 25.21 -65.39
N SER A 1055 15.47 24.49 -65.86
CA SER A 1055 15.78 23.18 -65.28
C SER A 1055 16.18 23.31 -63.81
N VAL A 1056 17.06 24.26 -63.51
CA VAL A 1056 17.46 24.46 -62.12
C VAL A 1056 16.28 24.88 -61.27
N SER A 1057 15.41 25.75 -61.81
CA SER A 1057 14.25 26.20 -61.06
C SER A 1057 13.29 25.04 -60.77
N GLN A 1058 13.07 24.17 -61.75
CA GLN A 1058 12.13 23.08 -61.55
C GLN A 1058 12.72 22.00 -60.66
N LEU A 1059 14.05 21.88 -60.62
CA LEU A 1059 14.67 20.87 -59.74
C LEU A 1059 14.67 21.34 -58.29
N TYR A 1060 15.38 22.43 -58.00
CA TYR A 1060 15.46 23.01 -56.67
C TYR A 1060 15.07 24.48 -56.75
N ARG A 1061 13.89 24.82 -56.24
CA ARG A 1061 13.46 26.21 -56.13
C ARG A 1061 13.09 26.48 -54.68
N ILE A 1062 13.77 27.45 -54.07
CA ILE A 1062 13.49 27.87 -52.70
C ILE A 1062 13.03 29.32 -52.75
N SER A 1063 11.84 29.58 -52.22
CA SER A 1063 11.23 30.89 -52.27
C SER A 1063 11.35 31.60 -50.93
N GLU A 1064 11.20 32.93 -50.97
CA GLU A 1064 11.20 33.71 -49.74
C GLU A 1064 10.04 33.31 -48.84
N LYS A 1065 8.86 33.10 -49.42
CA LYS A 1065 7.71 32.70 -48.63
C LYS A 1065 7.95 31.35 -47.95
N SER A 1066 8.56 30.40 -48.67
CA SER A 1066 8.82 29.09 -48.08
C SER A 1066 9.78 29.19 -46.89
N VAL A 1067 10.85 29.97 -47.04
CA VAL A 1067 11.81 30.11 -45.95
C VAL A 1067 11.17 30.80 -44.76
N ARG A 1068 10.44 31.88 -45.00
CA ARG A 1068 9.79 32.60 -43.90
C ARG A 1068 8.75 31.73 -43.21
N LYS A 1069 7.97 30.96 -43.97
CA LYS A 1069 7.00 30.06 -43.38
C LYS A 1069 7.68 28.97 -42.56
N PHE A 1070 8.78 28.41 -43.08
CA PHE A 1070 9.50 27.38 -42.32
C PHE A 1070 10.04 27.94 -41.02
N LEU A 1071 10.64 29.12 -41.06
CA LEU A 1071 11.15 29.72 -39.83
C LEU A 1071 10.03 30.03 -38.85
N GLU A 1072 8.91 30.56 -39.34
CA GLU A 1072 7.79 30.87 -38.47
C GLU A 1072 7.23 29.61 -37.83
N ILE A 1073 7.09 28.54 -38.62
CA ILE A 1073 6.56 27.28 -38.08
C ILE A 1073 7.50 26.71 -37.04
N ALA A 1074 8.82 26.74 -37.32
CA ALA A 1074 9.78 26.21 -36.37
C ALA A 1074 9.75 27.00 -35.06
N LEU A 1075 9.75 28.32 -35.16
CA LEU A 1075 9.74 29.14 -33.94
C LEU A 1075 8.44 28.97 -33.17
N PHE A 1076 7.31 28.86 -33.86
CA PHE A 1076 6.04 28.65 -33.20
C PHE A 1076 6.01 27.31 -32.48
N LYS A 1077 6.47 26.24 -33.15
CA LYS A 1077 6.50 24.93 -32.53
C LYS A 1077 7.52 24.86 -31.41
N TYR A 1078 8.52 25.73 -31.41
CA TYR A 1078 9.46 25.73 -30.29
C TYR A 1078 8.89 26.48 -29.09
N ARG A 1079 8.36 27.68 -29.31
CA ARG A 1079 7.74 28.42 -28.21
C ARG A 1079 6.51 27.72 -27.66
N LYS A 1080 5.88 26.86 -28.47
CA LYS A 1080 4.79 26.03 -27.98
C LYS A 1080 5.27 24.86 -27.15
N ALA A 1081 6.45 24.31 -27.49
CA ALA A 1081 6.94 23.10 -26.85
C ALA A 1081 7.80 23.40 -25.63
N ARG A 1082 7.29 24.25 -24.74
CA ARG A 1082 7.93 24.51 -23.46
C ARG A 1082 7.00 24.05 -22.35
N LEU A 1083 7.58 23.46 -21.30
CA LEU A 1083 6.79 23.00 -20.18
C LEU A 1083 6.04 24.16 -19.56
N GLU A 1084 4.72 24.15 -19.69
CA GLU A 1084 3.91 25.27 -19.23
C GLU A 1084 3.94 25.33 -17.71
N PRO A 1085 4.10 26.52 -17.12
CA PRO A 1085 4.19 26.61 -15.66
C PRO A 1085 2.94 26.09 -14.99
N GLY A 1086 3.12 25.48 -13.83
CA GLY A 1086 2.04 24.84 -13.10
C GLY A 1086 1.85 23.37 -13.42
N THR A 1087 2.56 22.85 -14.42
CA THR A 1087 2.42 21.45 -14.79
C THR A 1087 2.86 20.55 -13.64
N ALA A 1088 2.05 19.53 -13.36
CA ALA A 1088 2.37 18.54 -12.33
C ALA A 1088 3.40 17.55 -12.85
N ILE A 1089 4.59 18.08 -13.13
CA ILE A 1089 5.62 17.30 -13.83
C ILE A 1089 6.06 16.12 -12.98
N GLY A 1090 5.97 16.22 -11.67
CA GLY A 1090 6.37 15.10 -10.83
C GLY A 1090 5.48 13.89 -11.03
N ALA A 1091 4.16 14.10 -11.03
CA ALA A 1091 3.23 13.00 -11.26
C ALA A 1091 3.41 12.41 -12.66
N ILE A 1092 3.59 13.27 -13.66
CA ILE A 1092 3.80 12.80 -15.02
C ILE A 1092 5.04 11.93 -15.11
N GLY A 1093 6.14 12.37 -14.48
CA GLY A 1093 7.35 11.57 -14.51
C GLY A 1093 7.22 10.26 -13.76
N ALA A 1094 6.58 10.29 -12.59
CA ALA A 1094 6.41 9.07 -11.82
C ALA A 1094 5.58 8.05 -12.58
N GLN A 1095 4.48 8.49 -13.21
CA GLN A 1095 3.69 7.58 -14.01
C GLN A 1095 4.44 7.09 -15.24
N SER A 1096 5.19 7.99 -15.90
CA SER A 1096 5.93 7.61 -17.09
C SER A 1096 7.04 6.60 -16.78
N ILE A 1097 7.51 6.59 -15.54
CA ILE A 1097 8.55 5.61 -15.18
C ILE A 1097 7.95 4.35 -14.56
N GLY A 1098 6.76 4.44 -13.97
CA GLY A 1098 6.18 3.28 -13.33
C GLY A 1098 5.26 2.43 -14.20
N GLU A 1099 4.44 3.09 -15.02
CA GLU A 1099 3.50 2.35 -15.87
C GLU A 1099 4.19 1.40 -16.86
N PRO A 1100 5.26 1.79 -17.56
CA PRO A 1100 5.94 0.82 -18.42
C PRO A 1100 6.47 -0.37 -17.65
N GLY A 1101 6.75 -0.23 -16.36
CA GLY A 1101 7.12 -1.37 -15.56
C GLY A 1101 6.05 -2.43 -15.51
N THR A 1102 4.77 -2.01 -15.54
CA THR A 1102 3.66 -2.95 -15.54
C THR A 1102 3.60 -3.79 -16.80
N GLN A 1103 4.33 -3.42 -17.86
CA GLN A 1103 4.36 -4.17 -19.09
C GLN A 1103 5.70 -4.84 -19.34
N MET A 1104 6.68 -4.67 -18.45
CA MET A 1104 8.01 -5.25 -18.64
C MET A 1104 7.97 -6.73 -18.25
N THR A 1105 7.49 -7.54 -19.18
CA THR A 1105 7.56 -8.99 -18.99
C THR A 1105 9.00 -9.45 -18.99
N LEU A 1106 9.32 -10.38 -18.11
CA LEU A 1106 10.70 -10.82 -17.93
C LEU A 1106 11.19 -11.51 -19.20
N LYS A 1107 12.15 -10.88 -19.87
CA LYS A 1107 12.82 -11.45 -21.03
C LYS A 1107 14.27 -11.72 -20.67
N THR A 1108 14.75 -12.92 -20.97
CA THR A 1108 16.10 -13.31 -20.59
C THR A 1108 17.12 -12.68 -21.54
N PHE A 1109 18.08 -11.94 -20.97
CA PHE A 1109 19.11 -11.27 -21.74
C PHE A 1109 20.48 -11.56 -21.14
N HIS A 1110 21.51 -11.27 -21.93
CA HIS A 1110 22.90 -11.41 -21.53
C HIS A 1110 23.64 -10.12 -21.86
N PHE A 1111 24.90 -10.04 -21.45
CA PHE A 1111 25.69 -8.81 -21.58
C PHE A 1111 26.32 -8.77 -22.97
N ALA A 1112 25.49 -8.48 -23.96
CA ALA A 1112 25.91 -8.18 -25.32
C ALA A 1112 26.80 -9.28 -25.90
N GLY A 1113 26.21 -10.46 -26.06
CA GLY A 1113 26.87 -11.57 -26.72
C GLY A 1113 27.61 -12.52 -25.79
N VAL A 1114 27.77 -12.16 -24.51
CA VAL A 1114 28.44 -13.02 -23.55
C VAL A 1114 27.37 -13.83 -22.85
N ALA A 1115 27.24 -15.11 -23.25
CA ALA A 1115 26.21 -15.97 -22.66
C ALA A 1115 26.48 -16.21 -21.18
N SER A 1116 27.75 -16.41 -20.81
CA SER A 1116 28.07 -16.71 -19.42
C SER A 1116 27.74 -15.55 -18.50
N MET A 1117 28.02 -14.31 -18.92
CA MET A 1117 27.80 -13.15 -18.06
C MET A 1117 26.31 -12.86 -17.95
N ASN A 1118 25.65 -13.49 -16.98
CA ASN A 1118 24.23 -13.24 -16.76
C ASN A 1118 24.01 -11.85 -16.18
N VAL A 1119 22.93 -11.21 -16.60
CA VAL A 1119 22.55 -9.89 -16.13
C VAL A 1119 21.10 -9.93 -15.66
N THR A 1120 20.73 -8.91 -14.89
CA THR A 1120 19.34 -8.68 -14.51
C THR A 1120 18.91 -7.37 -15.14
N LEU A 1121 17.87 -7.41 -15.97
CA LEU A 1121 17.50 -6.24 -16.75
C LEU A 1121 15.99 -6.02 -16.81
N GLY A 1122 15.20 -6.70 -15.98
CA GLY A 1122 13.76 -6.53 -15.98
C GLY A 1122 13.30 -5.51 -14.97
N VAL A 1123 12.11 -5.74 -14.45
CA VAL A 1123 11.56 -4.93 -13.35
C VAL A 1123 12.48 -4.97 -12.14
N PRO A 1124 13.06 -6.12 -11.75
CA PRO A 1124 13.98 -6.11 -10.59
C PRO A 1124 15.15 -5.17 -10.73
N ARG A 1125 15.69 -4.96 -11.94
CA ARG A 1125 16.78 -4.01 -12.09
C ARG A 1125 16.32 -2.57 -11.82
N ILE A 1126 15.15 -2.21 -12.36
CA ILE A 1126 14.61 -0.88 -12.08
C ILE A 1126 14.33 -0.72 -10.59
N LYS A 1127 13.84 -1.79 -9.95
CA LYS A 1127 13.61 -1.76 -8.51
C LYS A 1127 14.91 -1.57 -7.74
N GLU A 1128 15.98 -2.23 -8.17
CA GLU A 1128 17.27 -2.07 -7.51
C GLU A 1128 17.80 -0.65 -7.64
N ILE A 1129 17.67 -0.06 -8.84
CA ILE A 1129 18.15 1.31 -9.01
C ILE A 1129 17.28 2.28 -8.23
N ILE A 1130 15.96 2.05 -8.21
CA ILE A 1130 15.03 2.94 -7.53
C ILE A 1130 15.25 2.91 -6.03
N ASN A 1131 15.34 1.71 -5.44
CA ASN A 1131 15.49 1.58 -4.00
C ASN A 1131 16.90 1.90 -3.52
N ALA A 1132 17.85 2.05 -4.43
CA ALA A 1132 19.24 2.34 -4.09
C ALA A 1132 19.77 1.32 -3.07
N SER A 1133 19.54 0.04 -3.38
CA SER A 1133 20.00 -1.02 -2.49
C SER A 1133 21.52 -1.05 -2.42
N LYS A 1134 22.04 -1.36 -1.24
CA LYS A 1134 23.48 -1.43 -1.05
C LYS A 1134 24.11 -2.66 -1.68
N VAL A 1135 23.33 -3.70 -1.93
CA VAL A 1135 23.82 -4.92 -2.56
C VAL A 1135 22.85 -5.31 -3.66
N ILE A 1136 23.38 -5.61 -4.85
CA ILE A 1136 22.58 -6.04 -5.98
C ILE A 1136 23.11 -7.36 -6.48
N SER A 1137 22.25 -8.10 -7.17
CA SER A 1137 22.64 -9.37 -7.77
C SER A 1137 23.32 -9.14 -9.11
N THR A 1138 24.47 -9.79 -9.30
CA THR A 1138 25.27 -9.70 -10.51
C THR A 1138 25.68 -8.26 -10.82
N PRO A 1139 26.56 -7.65 -10.02
CA PRO A 1139 27.09 -6.33 -10.40
C PRO A 1139 28.25 -6.46 -11.37
N ILE A 1140 28.19 -5.74 -12.48
CA ILE A 1140 29.13 -5.90 -13.57
C ILE A 1140 29.98 -4.64 -13.69
N ILE A 1141 31.29 -4.80 -13.58
CA ILE A 1141 32.24 -3.71 -13.75
C ILE A 1141 32.85 -3.89 -15.14
N ASN A 1142 32.48 -3.01 -16.06
CA ASN A 1142 33.15 -2.94 -17.36
C ASN A 1142 34.44 -2.13 -17.19
N ALA A 1143 35.57 -2.74 -17.54
CA ALA A 1143 36.87 -2.09 -17.44
C ALA A 1143 37.52 -2.12 -18.81
N VAL A 1144 37.92 -0.95 -19.31
CA VAL A 1144 38.53 -0.81 -20.61
C VAL A 1144 40.05 -0.86 -20.45
N LEU A 1145 40.70 -1.66 -21.27
CA LEU A 1145 42.15 -1.79 -21.22
C LEU A 1145 42.82 -0.64 -21.94
N VAL A 1146 44.04 -0.31 -21.49
CA VAL A 1146 44.86 0.67 -22.22
C VAL A 1146 45.33 0.08 -23.55
N ASN A 1147 45.80 -1.17 -23.52
CA ASN A 1147 46.23 -1.89 -24.71
C ASN A 1147 45.38 -3.14 -24.83
N ASP A 1148 44.47 -3.16 -25.80
CA ASP A 1148 43.54 -4.27 -25.97
C ASP A 1148 43.62 -4.89 -27.36
N ASN A 1149 44.65 -4.58 -28.14
CA ASN A 1149 44.81 -5.16 -29.47
C ASN A 1149 45.47 -6.54 -29.42
N ASP A 1150 45.87 -7.01 -28.25
CA ASP A 1150 46.48 -8.33 -28.10
C ASP A 1150 45.93 -8.99 -26.84
N GLU A 1151 45.62 -10.28 -26.94
CA GLU A 1151 45.11 -11.01 -25.79
C GLU A 1151 46.18 -11.17 -24.71
N ARG A 1152 47.46 -11.05 -25.06
CA ARG A 1152 48.52 -11.14 -24.06
C ARG A 1152 48.39 -10.02 -23.04
N ALA A 1153 48.09 -8.80 -23.51
CA ALA A 1153 47.84 -7.71 -22.57
C ALA A 1153 46.51 -7.90 -21.85
N ALA A 1154 45.55 -8.54 -22.50
CA ALA A 1154 44.21 -8.69 -21.92
C ALA A 1154 44.17 -9.74 -20.82
N ARG A 1155 45.18 -10.62 -20.74
CA ARG A 1155 45.19 -11.65 -19.71
C ARG A 1155 46.13 -11.35 -18.56
N VAL A 1156 47.18 -10.57 -18.79
CA VAL A 1156 48.05 -10.18 -17.67
C VAL A 1156 47.31 -9.22 -16.74
N VAL A 1157 46.48 -8.34 -17.29
CA VAL A 1157 45.65 -7.46 -16.46
C VAL A 1157 44.56 -8.25 -15.75
N LYS A 1158 43.98 -9.24 -16.40
CA LYS A 1158 42.90 -10.01 -15.81
C LYS A 1158 43.36 -10.70 -14.53
N GLY A 1159 44.54 -11.31 -14.56
CA GLY A 1159 45.06 -11.98 -13.38
C GLY A 1159 45.26 -11.07 -12.19
N ARG A 1160 45.45 -9.77 -12.44
CA ARG A 1160 45.60 -8.81 -11.35
C ARG A 1160 44.26 -8.46 -10.70
N VAL A 1161 43.14 -8.75 -11.35
CA VAL A 1161 41.84 -8.29 -10.86
C VAL A 1161 40.91 -9.49 -10.64
N GLU A 1162 41.47 -10.63 -10.28
CA GLU A 1162 40.69 -11.82 -9.99
C GLU A 1162 41.03 -12.33 -8.59
N LYS A 1163 40.06 -13.00 -7.97
CA LYS A 1163 40.27 -13.62 -6.67
C LYS A 1163 41.03 -14.92 -6.90
N THR A 1164 42.35 -14.79 -7.05
CA THR A 1164 43.23 -15.93 -7.31
C THR A 1164 43.58 -16.56 -5.97
N LEU A 1165 42.93 -17.68 -5.65
CA LEU A 1165 43.16 -18.35 -4.39
C LEU A 1165 44.52 -19.03 -4.38
N LEU A 1166 44.98 -19.37 -3.18
CA LEU A 1166 46.21 -20.16 -3.05
C LEU A 1166 46.04 -21.54 -3.66
N SER A 1167 44.82 -22.09 -3.61
CA SER A 1167 44.60 -23.47 -4.04
C SER A 1167 44.99 -23.67 -5.50
N ASP A 1168 44.81 -22.65 -6.34
CA ASP A 1168 45.19 -22.79 -7.74
C ASP A 1168 46.69 -22.69 -7.97
N VAL A 1169 47.45 -22.21 -6.98
CA VAL A 1169 48.89 -22.10 -7.12
C VAL A 1169 49.59 -22.72 -5.91
N ALA A 1170 48.90 -23.65 -5.23
CA ALA A 1170 49.50 -24.39 -4.13
C ALA A 1170 50.01 -25.75 -4.54
N PHE A 1171 49.25 -26.46 -5.37
CA PHE A 1171 49.68 -27.69 -6.04
C PHE A 1171 49.79 -28.87 -5.08
N TYR A 1172 49.77 -28.59 -3.78
CA TYR A 1172 49.50 -29.53 -2.69
C TYR A 1172 49.68 -28.77 -1.38
N VAL A 1173 49.09 -29.32 -0.32
CA VAL A 1173 49.26 -28.81 1.04
C VAL A 1173 49.40 -30.01 1.98
N GLN A 1174 50.38 -29.96 2.87
CA GLN A 1174 50.62 -31.05 3.81
C GLN A 1174 50.83 -30.48 5.20
N ASP A 1175 50.59 -31.32 6.20
CA ASP A 1175 50.77 -30.97 7.60
C ASP A 1175 51.78 -31.95 8.20
N VAL A 1176 52.95 -31.44 8.61
CA VAL A 1176 54.05 -32.29 9.03
C VAL A 1176 54.45 -31.93 10.45
N TYR A 1177 54.56 -32.95 11.29
CA TYR A 1177 55.03 -32.79 12.66
C TYR A 1177 56.54 -33.00 12.72
N LYS A 1178 57.09 -32.82 13.93
CA LYS A 1178 58.49 -33.12 14.21
C LYS A 1178 58.56 -33.68 15.63
N ASP A 1179 59.79 -33.78 16.16
CA ASP A 1179 59.98 -34.34 17.49
C ASP A 1179 59.29 -33.49 18.55
N ASN A 1180 59.39 -32.16 18.44
CA ASN A 1180 58.76 -31.28 19.40
C ASN A 1180 58.07 -30.07 18.74
N LEU A 1181 57.80 -30.12 17.44
CA LEU A 1181 57.17 -29.01 16.75
C LEU A 1181 56.42 -29.55 15.53
N SER A 1182 55.54 -28.71 14.99
CA SER A 1182 54.75 -29.07 13.82
C SER A 1182 54.52 -27.83 12.98
N PHE A 1183 54.21 -28.06 11.70
CA PHE A 1183 54.06 -26.96 10.75
C PHE A 1183 53.26 -27.43 9.54
N ILE A 1184 52.97 -26.49 8.67
CA ILE A 1184 52.21 -26.73 7.44
C ILE A 1184 53.08 -26.34 6.25
N GLN A 1185 53.23 -27.26 5.31
CA GLN A 1185 54.10 -27.09 4.15
C GLN A 1185 53.26 -27.04 2.88
N VAL A 1186 53.43 -25.97 2.09
CA VAL A 1186 52.77 -25.84 0.80
C VAL A 1186 53.82 -25.39 -0.21
N ARG A 1187 54.00 -26.16 -1.28
CA ARG A 1187 55.01 -25.89 -2.28
C ARG A 1187 54.36 -25.26 -3.50
N ILE A 1188 54.55 -23.96 -3.68
CA ILE A 1188 54.00 -23.26 -4.84
C ILE A 1188 54.73 -23.74 -6.09
N ASP A 1189 53.96 -24.20 -7.08
CA ASP A 1189 54.52 -24.68 -8.34
C ASP A 1189 54.75 -23.48 -9.26
N LEU A 1190 56.02 -23.19 -9.55
CA LEU A 1190 56.34 -22.07 -10.43
C LEU A 1190 55.88 -22.29 -11.86
N GLY A 1191 55.61 -23.55 -12.24
CA GLY A 1191 55.11 -23.80 -13.58
C GLY A 1191 53.78 -23.14 -13.85
N THR A 1192 52.85 -23.25 -12.90
CA THR A 1192 51.54 -22.61 -13.06
C THR A 1192 51.65 -21.10 -12.98
N ILE A 1193 52.55 -20.58 -12.15
CA ILE A 1193 52.77 -19.14 -12.08
C ILE A 1193 53.27 -18.61 -13.42
N ASP A 1194 54.23 -19.30 -14.02
CA ASP A 1194 54.74 -18.88 -15.32
C ASP A 1194 53.69 -19.02 -16.41
N LYS A 1195 52.92 -20.11 -16.38
CA LYS A 1195 51.89 -20.32 -17.40
C LYS A 1195 50.74 -19.34 -17.23
N LEU A 1196 50.44 -18.92 -16.01
CA LEU A 1196 49.42 -17.91 -15.77
C LEU A 1196 49.97 -16.49 -15.81
N GLN A 1197 51.26 -16.33 -16.11
CA GLN A 1197 51.97 -15.05 -16.18
C GLN A 1197 51.57 -14.10 -15.06
N LEU A 1198 51.28 -14.65 -13.88
CA LEU A 1198 51.00 -13.82 -12.71
C LEU A 1198 52.27 -13.11 -12.26
N GLU A 1199 52.11 -11.87 -11.81
CA GLU A 1199 53.23 -11.05 -11.35
C GLU A 1199 53.30 -11.12 -9.83
N LEU A 1200 53.82 -12.23 -9.33
CA LEU A 1200 53.99 -12.41 -7.89
C LEU A 1200 55.11 -13.41 -7.65
N THR A 1201 55.73 -13.30 -6.48
CA THR A 1201 56.84 -14.16 -6.08
C THR A 1201 56.47 -14.89 -4.79
N ILE A 1202 57.45 -15.63 -4.27
CA ILE A 1202 57.24 -16.36 -3.02
C ILE A 1202 57.00 -15.37 -1.88
N GLU A 1203 57.81 -14.30 -1.84
CA GLU A 1203 57.63 -13.28 -0.81
C GLU A 1203 56.27 -12.61 -0.93
N ASP A 1204 55.79 -12.40 -2.16
CA ASP A 1204 54.47 -11.82 -2.34
C ASP A 1204 53.39 -12.72 -1.77
N ILE A 1205 53.50 -14.03 -2.02
CA ILE A 1205 52.52 -14.97 -1.47
C ILE A 1205 52.58 -14.99 0.04
N ALA A 1206 53.79 -14.97 0.60
CA ALA A 1206 53.94 -14.99 2.06
C ALA A 1206 53.34 -13.75 2.70
N VAL A 1207 53.63 -12.57 2.13
CA VAL A 1207 53.09 -11.35 2.70
C VAL A 1207 51.58 -11.29 2.51
N ALA A 1208 51.07 -11.84 1.39
CA ALA A 1208 49.63 -11.91 1.21
C ALA A 1208 48.98 -12.78 2.26
N ILE A 1209 49.60 -13.93 2.57
CA ILE A 1209 49.08 -14.81 3.62
C ILE A 1209 49.07 -14.08 4.96
N THR A 1210 50.18 -13.41 5.29
CA THR A 1210 50.27 -12.74 6.58
C THR A 1210 49.24 -11.62 6.69
N ARG A 1211 49.04 -10.87 5.61
CA ARG A 1211 48.12 -9.73 5.66
C ARG A 1211 46.67 -10.20 5.65
N ALA A 1212 46.36 -11.26 4.90
CA ALA A 1212 45.01 -11.79 4.84
C ALA A 1212 44.71 -12.74 5.99
N SER A 1213 45.66 -12.98 6.89
CA SER A 1213 45.41 -13.77 8.09
C SER A 1213 44.43 -13.10 9.04
N LYS A 1214 43.87 -11.96 8.63
CA LYS A 1214 42.79 -11.34 9.39
C LYS A 1214 41.64 -12.33 9.59
N LEU A 1215 41.25 -13.01 8.51
CA LEU A 1215 40.28 -14.09 8.64
C LEU A 1215 40.83 -15.23 9.50
N LYS A 1216 42.10 -15.57 9.30
CA LYS A 1216 42.73 -16.63 10.08
C LYS A 1216 43.00 -16.14 11.50
N ILE A 1217 43.66 -16.99 12.28
CA ILE A 1217 43.92 -16.66 13.68
C ILE A 1217 45.18 -15.81 13.81
N GLN A 1218 46.33 -16.36 13.41
CA GLN A 1218 47.59 -15.66 13.60
C GLN A 1218 48.61 -16.21 12.61
N ALA A 1219 49.55 -15.35 12.20
CA ALA A 1219 50.63 -15.73 11.32
C ALA A 1219 51.73 -14.69 11.42
N SER A 1220 52.93 -15.12 11.79
CA SER A 1220 54.06 -14.20 11.95
C SER A 1220 55.36 -14.67 11.33
N ASP A 1221 55.55 -15.97 11.10
CA ASP A 1221 56.81 -16.50 10.59
C ASP A 1221 56.57 -17.32 9.34
N VAL A 1222 57.37 -17.05 8.31
CA VAL A 1222 57.31 -17.76 7.04
C VAL A 1222 58.73 -18.11 6.62
N ASN A 1223 58.94 -19.34 6.16
CA ASN A 1223 60.26 -19.81 5.75
C ASN A 1223 60.19 -20.38 4.36
N ILE A 1224 61.30 -20.27 3.63
CA ILE A 1224 61.46 -20.86 2.31
C ILE A 1224 62.68 -21.77 2.35
N ILE A 1225 62.51 -23.03 1.99
CA ILE A 1225 63.58 -24.02 2.03
C ILE A 1225 64.21 -24.22 0.66
N GLY A 1226 63.39 -24.39 -0.38
CA GLY A 1226 63.92 -24.59 -1.71
C GLY A 1226 62.82 -24.82 -2.75
N LYS A 1227 62.95 -24.17 -3.90
CA LYS A 1227 61.95 -24.25 -4.97
C LYS A 1227 60.56 -23.87 -4.46
N ASP A 1228 60.52 -22.84 -3.62
CA ASP A 1228 59.27 -22.23 -3.16
C ASP A 1228 58.38 -23.24 -2.42
N ARG A 1229 58.88 -23.71 -1.29
CA ARG A 1229 58.11 -24.58 -0.39
C ARG A 1229 57.90 -23.80 0.91
N ILE A 1230 56.82 -23.03 0.96
CA ILE A 1230 56.53 -22.19 2.12
C ILE A 1230 56.10 -23.07 3.29
N ALA A 1231 56.69 -22.82 4.45
CA ALA A 1231 56.36 -23.53 5.67
C ALA A 1231 55.89 -22.52 6.70
N ILE A 1232 54.71 -22.77 7.28
CA ILE A 1232 54.15 -21.94 8.33
C ILE A 1232 54.17 -22.75 9.61
N ASN A 1233 54.82 -22.21 10.64
CA ASN A 1233 55.05 -22.91 11.90
C ASN A 1233 54.04 -22.47 12.94
N VAL A 1234 53.45 -23.43 13.63
CA VAL A 1234 52.52 -23.16 14.73
C VAL A 1234 53.15 -23.71 16.00
N PHE A 1235 53.35 -22.84 17.00
CA PHE A 1235 53.93 -23.23 18.27
C PHE A 1235 53.23 -22.43 19.36
N PRO A 1236 52.85 -23.07 20.48
CA PRO A 1236 52.13 -22.39 21.56
C PRO A 1236 53.00 -21.43 22.35
N SER A 1252 46.32 -25.53 27.19
CA SER A 1252 47.38 -25.72 26.21
C SER A 1252 47.29 -27.11 25.57
N GLU A 1253 46.58 -28.02 26.23
CA GLU A 1253 46.41 -29.36 25.71
C GLU A 1253 45.53 -29.35 24.47
N ASN A 1254 46.01 -29.99 23.41
CA ASN A 1254 45.34 -30.12 22.11
C ASN A 1254 45.20 -28.79 21.37
N ASP A 1255 45.67 -27.68 21.96
CA ASP A 1255 45.57 -26.40 21.26
C ASP A 1255 46.39 -26.41 19.98
N VAL A 1256 47.58 -27.00 20.02
CA VAL A 1256 48.44 -27.05 18.83
C VAL A 1256 47.75 -27.83 17.73
N PHE A 1257 47.21 -29.00 18.05
CA PHE A 1257 46.62 -29.87 17.03
C PHE A 1257 45.38 -29.23 16.41
N TYR A 1258 44.47 -28.73 17.24
CA TYR A 1258 43.25 -28.12 16.71
C TYR A 1258 43.56 -26.85 15.92
N ARG A 1259 44.43 -25.99 16.45
CA ARG A 1259 44.79 -24.77 15.74
C ARG A 1259 45.45 -25.09 14.40
N MET A 1260 46.34 -26.08 14.38
CA MET A 1260 47.04 -26.42 13.15
C MET A 1260 46.09 -27.06 12.14
N GLN A 1261 45.16 -27.89 12.59
CA GLN A 1261 44.17 -28.47 11.69
C GLN A 1261 43.30 -27.38 11.07
N GLN A 1262 42.84 -26.43 11.89
CA GLN A 1262 42.03 -25.35 11.37
C GLN A 1262 42.82 -24.49 10.39
N LEU A 1263 44.09 -24.22 10.70
CA LEU A 1263 44.92 -23.45 9.79
C LEU A 1263 45.14 -24.19 8.47
N ARG A 1264 45.33 -25.51 8.53
CA ARG A 1264 45.48 -26.29 7.31
C ARG A 1264 44.22 -26.25 6.47
N ARG A 1265 43.05 -26.37 7.12
CA ARG A 1265 41.80 -26.30 6.36
C ARG A 1265 41.60 -24.93 5.73
N ALA A 1266 41.91 -23.87 6.46
CA ALA A 1266 41.67 -22.50 6.00
C ALA A 1266 42.87 -21.90 5.29
N LEU A 1267 43.88 -22.68 4.98
CA LEU A 1267 45.05 -22.15 4.27
C LEU A 1267 44.83 -22.05 2.77
N PRO A 1268 44.33 -23.10 2.07
CA PRO A 1268 44.18 -22.99 0.61
C PRO A 1268 42.92 -22.24 0.18
N ASP A 1269 42.65 -21.09 0.78
CA ASP A 1269 41.60 -20.21 0.28
C ASP A 1269 41.91 -18.73 0.44
N VAL A 1270 43.06 -18.36 0.97
CA VAL A 1270 43.41 -16.96 1.17
C VAL A 1270 43.75 -16.35 -0.19
N VAL A 1271 43.13 -15.21 -0.48
CA VAL A 1271 43.36 -14.52 -1.74
C VAL A 1271 44.81 -14.07 -1.81
N VAL A 1272 45.58 -14.67 -2.72
CA VAL A 1272 47.00 -14.38 -2.81
C VAL A 1272 47.24 -13.13 -3.65
N LYS A 1273 46.64 -13.07 -4.84
CA LYS A 1273 46.76 -11.93 -5.72
C LYS A 1273 45.39 -11.55 -6.26
N GLY A 1274 45.13 -10.24 -6.35
CA GLY A 1274 43.89 -9.74 -6.90
C GLY A 1274 43.10 -8.95 -5.86
N LEU A 1275 41.78 -8.96 -6.04
CA LEU A 1275 40.87 -8.21 -5.18
C LEU A 1275 39.89 -9.18 -4.52
N PRO A 1276 39.86 -9.28 -3.19
CA PRO A 1276 39.01 -10.26 -2.51
C PRO A 1276 37.54 -9.85 -2.43
N ASP A 1277 37.03 -9.28 -3.53
CA ASP A 1277 35.62 -8.90 -3.62
C ASP A 1277 35.06 -9.21 -5.00
N ILE A 1278 35.66 -10.14 -5.74
CA ILE A 1278 35.34 -10.38 -7.13
C ILE A 1278 35.11 -11.87 -7.33
N SER A 1279 33.94 -12.22 -7.89
CA SER A 1279 33.67 -13.63 -8.18
C SER A 1279 34.49 -14.12 -9.37
N ARG A 1280 34.54 -13.33 -10.45
CA ARG A 1280 35.23 -13.74 -11.66
C ARG A 1280 35.43 -12.52 -12.56
N ALA A 1281 36.21 -12.71 -13.60
CA ALA A 1281 36.45 -11.67 -14.60
C ALA A 1281 36.69 -12.35 -15.94
N VAL A 1282 36.00 -11.89 -16.98
CA VAL A 1282 36.04 -12.50 -18.30
C VAL A 1282 36.39 -11.44 -19.33
N ILE A 1283 37.31 -11.76 -20.22
CA ILE A 1283 37.64 -10.85 -21.33
C ILE A 1283 36.56 -11.00 -22.40
N ASN A 1284 35.94 -9.89 -22.76
CA ASN A 1284 34.94 -9.86 -23.81
C ASN A 1284 35.48 -9.06 -24.99
N ILE A 1285 35.13 -9.47 -26.20
CA ILE A 1285 35.56 -8.82 -27.42
C ILE A 1285 34.43 -7.93 -27.92
N ARG A 1286 34.66 -6.62 -27.94
CA ARG A 1286 33.68 -5.71 -28.50
C ARG A 1286 33.72 -5.76 -30.03
N ASP A 1287 32.79 -5.05 -30.65
CA ASP A 1287 32.80 -4.93 -32.09
C ASP A 1287 33.97 -4.05 -32.54
N ASP A 1288 34.32 -4.18 -33.82
CA ASP A 1288 35.43 -3.49 -34.47
C ASP A 1288 36.79 -3.90 -33.92
N GLY A 1289 36.87 -5.02 -33.21
CA GLY A 1289 38.12 -5.57 -32.76
C GLY A 1289 38.51 -5.21 -31.33
N LYS A 1290 37.87 -4.23 -30.72
CA LYS A 1290 38.20 -3.86 -29.36
C LYS A 1290 37.82 -4.97 -28.38
N ARG A 1291 38.42 -4.90 -27.19
CA ARG A 1291 38.08 -5.84 -26.14
C ARG A 1291 38.25 -5.17 -24.78
N GLU A 1292 37.53 -5.67 -23.79
CA GLU A 1292 37.59 -5.14 -22.44
C GLU A 1292 37.19 -6.24 -21.48
N LEU A 1293 37.48 -6.04 -20.19
CA LEU A 1293 37.25 -7.07 -19.20
C LEU A 1293 36.00 -6.76 -18.38
N LEU A 1294 35.11 -7.73 -18.28
CA LEU A 1294 33.89 -7.61 -17.50
C LEU A 1294 34.09 -8.40 -16.19
N VAL A 1295 33.92 -7.72 -15.07
CA VAL A 1295 34.23 -8.26 -13.75
C VAL A 1295 32.93 -8.36 -12.96
N GLU A 1296 32.77 -9.45 -12.20
CA GLU A 1296 31.62 -9.62 -11.33
C GLU A 1296 32.08 -9.40 -9.89
N GLY A 1297 31.82 -8.22 -9.35
CA GLY A 1297 32.26 -7.90 -8.02
C GLY A 1297 32.04 -6.43 -7.70
N TYR A 1298 32.61 -6.01 -6.57
CA TYR A 1298 32.41 -4.65 -6.05
C TYR A 1298 33.72 -3.89 -5.89
N GLY A 1299 34.75 -4.23 -6.65
CA GLY A 1299 36.02 -3.53 -6.53
C GLY A 1299 36.26 -2.42 -7.54
N LEU A 1300 35.34 -1.47 -7.68
CA LEU A 1300 35.50 -0.46 -8.72
C LEU A 1300 36.72 0.41 -8.48
N ARG A 1301 36.93 0.84 -7.23
CA ARG A 1301 38.06 1.73 -6.95
C ARG A 1301 39.38 1.02 -7.23
N ASP A 1302 39.51 -0.24 -6.81
CA ASP A 1302 40.73 -0.98 -7.06
C ASP A 1302 40.91 -1.23 -8.56
N VAL A 1303 39.83 -1.55 -9.27
CA VAL A 1303 39.93 -1.78 -10.71
C VAL A 1303 40.39 -0.51 -11.42
N MET A 1304 39.90 0.64 -10.99
CA MET A 1304 40.37 1.90 -11.56
C MET A 1304 41.83 2.16 -11.20
N CYS A 1305 42.24 1.78 -9.99
CA CYS A 1305 43.59 2.09 -9.55
C CYS A 1305 44.64 1.20 -10.21
N THR A 1306 44.33 -0.08 -10.40
CA THR A 1306 45.34 -1.01 -10.90
C THR A 1306 45.76 -0.64 -12.32
N ASP A 1307 47.05 -0.80 -12.59
CA ASP A 1307 47.61 -0.45 -13.89
C ASP A 1307 47.15 -1.45 -14.95
N GLY A 1308 47.31 -1.04 -16.21
CA GLY A 1308 46.84 -1.83 -17.33
C GLY A 1308 45.45 -1.48 -17.82
N VAL A 1309 44.74 -0.60 -17.13
CA VAL A 1309 43.42 -0.13 -17.54
C VAL A 1309 43.41 1.38 -17.49
N ILE A 1310 42.46 1.97 -18.22
CA ILE A 1310 42.25 3.41 -18.20
C ILE A 1310 41.18 3.72 -17.14
N GLY A 1311 41.54 4.51 -16.14
CA GLY A 1311 40.61 4.84 -15.09
C GLY A 1311 39.54 5.82 -15.49
N SER A 1312 39.77 6.59 -16.55
CA SER A 1312 38.78 7.57 -16.98
C SER A 1312 37.55 6.93 -17.62
N ARG A 1313 37.63 5.64 -17.97
CA ARG A 1313 36.51 4.93 -18.59
C ARG A 1313 36.45 3.53 -17.96
N THR A 1314 35.73 3.43 -16.85
CA THR A 1314 35.55 2.15 -16.15
C THR A 1314 34.34 2.30 -15.25
N THR A 1315 33.29 1.52 -15.52
CA THR A 1315 32.01 1.78 -14.86
C THR A 1315 31.37 0.48 -14.40
N THR A 1316 30.73 0.54 -13.23
CA THR A 1316 30.00 -0.59 -12.70
C THR A 1316 28.50 -0.34 -12.78
N ASN A 1317 27.74 -1.42 -12.62
CA ASN A 1317 26.28 -1.29 -12.57
C ASN A 1317 25.81 -0.68 -11.26
N HIS A 1318 26.55 -0.90 -10.19
CA HIS A 1318 26.10 -0.49 -8.86
C HIS A 1318 26.15 1.03 -8.74
N VAL A 1319 25.00 1.64 -8.46
CA VAL A 1319 24.93 3.10 -8.36
C VAL A 1319 25.65 3.57 -7.09
N LEU A 1320 25.41 2.90 -5.97
CA LEU A 1320 25.98 3.36 -4.70
C LEU A 1320 27.50 3.29 -4.73
N GLU A 1321 28.06 2.29 -5.42
CA GLU A 1321 29.51 2.20 -5.55
C GLU A 1321 30.07 3.40 -6.31
N VAL A 1322 29.42 3.77 -7.41
CA VAL A 1322 29.84 4.95 -8.16
C VAL A 1322 29.69 6.20 -7.30
N PHE A 1323 28.64 6.26 -6.49
CA PHE A 1323 28.45 7.39 -5.59
C PHE A 1323 29.60 7.48 -4.59
N SER A 1324 30.01 6.34 -4.04
CA SER A 1324 31.08 6.34 -3.04
C SER A 1324 32.41 6.74 -3.66
N VAL A 1325 32.70 6.29 -4.89
CA VAL A 1325 34.04 6.44 -5.43
C VAL A 1325 34.18 7.61 -6.40
N LEU A 1326 33.09 8.23 -6.85
CA LEU A 1326 33.17 9.25 -7.88
C LEU A 1326 32.22 10.41 -7.64
N GLY A 1327 31.85 10.66 -6.38
CA GLY A 1327 30.98 11.78 -6.09
C GLY A 1327 29.51 11.46 -6.33
N ILE A 1328 28.70 12.51 -6.25
CA ILE A 1328 27.24 12.36 -6.32
C ILE A 1328 26.76 12.66 -7.74
N GLU A 1329 27.45 13.55 -8.44
CA GLU A 1329 27.09 13.83 -9.82
C GLU A 1329 27.25 12.59 -10.69
N ALA A 1330 28.35 11.85 -10.51
CA ALA A 1330 28.51 10.59 -11.21
C ALA A 1330 27.43 9.59 -10.81
N ALA A 1331 26.97 9.63 -9.57
CA ALA A 1331 25.87 8.77 -9.17
C ALA A 1331 24.59 9.13 -9.92
N ARG A 1332 24.31 10.43 -10.08
CA ARG A 1332 23.14 10.84 -10.84
C ARG A 1332 23.26 10.39 -12.30
N TYR A 1333 24.43 10.58 -12.90
CA TYR A 1333 24.65 10.14 -14.26
C TYR A 1333 24.44 8.64 -14.38
N SER A 1334 24.95 7.87 -13.42
CA SER A 1334 24.80 6.41 -13.46
C SER A 1334 23.34 6.01 -13.32
N ILE A 1335 22.60 6.67 -12.43
CA ILE A 1335 21.18 6.36 -12.29
C ILE A 1335 20.45 6.59 -13.61
N ILE A 1336 20.65 7.76 -14.20
CA ILE A 1336 19.94 8.10 -15.44
C ILE A 1336 20.32 7.11 -16.55
N ARG A 1337 21.62 6.86 -16.71
CA ARG A 1337 22.08 5.99 -17.79
C ARG A 1337 21.59 4.56 -17.61
N GLU A 1338 21.62 4.04 -16.38
CA GLU A 1338 21.19 2.66 -16.16
C GLU A 1338 19.69 2.51 -16.36
N ILE A 1339 18.90 3.49 -15.89
CA ILE A 1339 17.46 3.41 -16.12
C ILE A 1339 17.15 3.48 -17.61
N ASN A 1340 17.82 4.39 -18.33
CA ASN A 1340 17.61 4.50 -19.77
C ASN A 1340 17.99 3.20 -20.48
N TYR A 1341 19.12 2.60 -20.09
CA TYR A 1341 19.54 1.35 -20.72
C TYR A 1341 18.56 0.22 -20.43
N THR A 1342 18.06 0.13 -19.20
CA THR A 1342 17.12 -0.92 -18.87
C THR A 1342 15.82 -0.76 -19.63
N MET A 1343 15.33 0.46 -19.77
CA MET A 1343 14.08 0.67 -20.49
C MET A 1343 14.24 0.74 -22.00
N SER A 1344 15.47 0.82 -22.50
CA SER A 1344 15.71 0.75 -23.94
C SER A 1344 15.97 -0.68 -24.39
N ASN A 1345 16.66 -1.47 -23.57
CA ASN A 1345 16.87 -2.88 -23.90
C ASN A 1345 15.55 -3.63 -23.93
N HIS A 1346 14.54 -3.14 -23.23
CA HIS A 1346 13.22 -3.74 -23.24
C HIS A 1346 12.33 -3.20 -24.34
N GLY A 1347 12.83 -2.28 -25.17
CA GLY A 1347 12.11 -1.80 -26.32
C GLY A 1347 11.06 -0.75 -26.05
N MET A 1348 10.93 -0.30 -24.80
CA MET A 1348 9.91 0.68 -24.46
C MET A 1348 10.41 2.10 -24.67
N SER A 1349 9.49 2.98 -25.05
CA SER A 1349 9.81 4.35 -25.40
C SER A 1349 9.35 5.26 -24.26
N VAL A 1350 10.26 5.55 -23.33
CA VAL A 1350 10.05 6.52 -22.27
C VAL A 1350 11.01 7.68 -22.52
N ASP A 1351 10.48 8.90 -22.50
CA ASP A 1351 11.31 10.06 -22.77
C ASP A 1351 12.41 10.16 -21.72
N PRO A 1352 13.64 10.50 -22.11
CA PRO A 1352 14.74 10.58 -21.11
C PRO A 1352 14.56 11.69 -20.10
N ARG A 1353 13.71 12.69 -20.36
CA ARG A 1353 13.54 13.78 -19.42
C ARG A 1353 12.89 13.33 -18.13
N HIS A 1354 11.96 12.38 -18.21
CA HIS A 1354 11.38 11.82 -16.99
C HIS A 1354 12.44 11.08 -16.18
N ILE A 1355 13.33 10.37 -16.87
CA ILE A 1355 14.43 9.68 -16.18
C ILE A 1355 15.35 10.69 -15.50
N GLN A 1356 15.65 11.80 -16.19
CA GLN A 1356 16.49 12.83 -15.59
C GLN A 1356 15.83 13.43 -14.36
N LEU A 1357 14.52 13.67 -14.43
CA LEU A 1357 13.80 14.17 -13.26
C LEU A 1357 13.87 13.19 -12.10
N LEU A 1358 13.73 11.90 -12.39
CA LEU A 1358 13.84 10.89 -11.34
C LEU A 1358 15.23 10.88 -10.71
N GLY A 1359 16.27 10.96 -11.55
CA GLY A 1359 17.62 11.00 -11.02
C GLY A 1359 17.86 12.22 -10.15
N ASP A 1360 17.37 13.39 -10.59
CA ASP A 1360 17.52 14.59 -9.79
C ASP A 1360 16.76 14.48 -8.48
N VAL A 1361 15.57 13.91 -8.49
CA VAL A 1361 14.82 13.71 -7.25
C VAL A 1361 15.59 12.81 -6.30
N MET A 1362 16.19 11.74 -6.84
CA MET A 1362 16.94 10.82 -5.98
C MET A 1362 18.22 11.45 -5.44
N THR A 1363 18.84 12.38 -6.18
CA THR A 1363 20.18 12.85 -5.84
C THR A 1363 20.21 14.38 -5.73
N TYR A 1364 19.24 14.97 -5.05
CA TYR A 1364 19.26 16.41 -4.84
C TYR A 1364 19.41 16.83 -3.39
N LYS A 1365 19.22 15.93 -2.43
CA LYS A 1365 19.49 16.25 -1.04
C LYS A 1365 20.98 16.18 -0.72
N GLY A 1366 21.80 15.67 -1.63
CA GLY A 1366 23.21 15.53 -1.39
C GLY A 1366 23.70 14.10 -1.57
N GLU A 1367 22.88 13.13 -1.18
CA GLU A 1367 23.25 11.73 -1.25
C GLU A 1367 22.13 10.95 -1.94
N VAL A 1368 22.51 9.79 -2.48
CA VAL A 1368 21.54 8.93 -3.15
C VAL A 1368 20.53 8.43 -2.13
N LEU A 1369 19.25 8.71 -2.38
CA LEU A 1369 18.17 8.34 -1.47
C LEU A 1369 17.14 7.52 -2.25
N GLY A 1370 16.76 6.38 -1.68
CA GLY A 1370 15.85 5.48 -2.35
C GLY A 1370 14.43 5.98 -2.35
N ILE A 1371 13.56 5.17 -2.95
CA ILE A 1371 12.13 5.47 -3.01
C ILE A 1371 11.41 4.48 -2.10
N THR A 1372 12.11 4.03 -1.05
CA THR A 1372 11.50 3.20 -0.03
C THR A 1372 10.91 4.10 1.05
N ARG A 1373 10.45 3.51 2.15
CA ARG A 1373 10.00 4.29 3.29
C ARG A 1373 11.15 4.89 4.07
N PHE A 1374 12.39 4.47 3.79
CA PHE A 1374 13.56 5.03 4.44
C PHE A 1374 14.12 6.22 3.68
N GLY A 1375 14.16 6.13 2.35
CA GLY A 1375 14.63 7.24 1.55
C GLY A 1375 13.65 8.39 1.46
N LEU A 1376 12.36 8.12 1.65
CA LEU A 1376 11.37 9.20 1.64
C LEU A 1376 11.41 9.98 2.94
N SER A 1377 11.65 9.31 4.06
CA SER A 1377 11.70 9.98 5.36
C SER A 1377 12.83 10.99 5.46
N LYS A 1378 13.84 10.89 4.60
CA LYS A 1378 14.95 11.83 4.57
C LYS A 1378 14.77 12.89 3.50
N MET A 1379 13.66 12.89 2.77
CA MET A 1379 13.40 13.88 1.73
C MET A 1379 12.25 14.80 2.09
N ARG A 1380 11.08 14.25 2.40
CA ARG A 1380 9.87 15.04 2.65
C ARG A 1380 9.70 15.26 4.15
N ASP A 1381 9.63 16.54 4.54
CA ASP A 1381 9.42 16.87 5.95
C ASP A 1381 7.98 16.67 6.38
N SER A 1382 7.02 16.78 5.46
CA SER A 1382 5.61 16.75 5.79
C SER A 1382 5.22 15.46 6.51
N VAL A 1383 4.82 15.58 7.76
CA VAL A 1383 4.52 14.40 8.57
C VAL A 1383 3.29 13.67 8.02
N LEU A 1384 2.27 14.42 7.62
CA LEU A 1384 1.04 13.78 7.14
C LEU A 1384 1.29 12.98 5.86
N GLN A 1385 2.12 13.50 4.95
CA GLN A 1385 2.43 12.77 3.73
C GLN A 1385 3.16 11.47 4.02
N LEU A 1386 4.17 11.53 4.89
CA LEU A 1386 4.91 10.33 5.25
C LEU A 1386 4.02 9.31 5.94
N ALA A 1387 3.14 9.79 6.82
CA ALA A 1387 2.21 8.89 7.50
C ALA A 1387 1.25 8.25 6.51
N SER A 1388 0.79 9.02 5.52
CA SER A 1388 -0.10 8.47 4.50
C SER A 1388 0.61 7.40 3.67
N PHE A 1389 1.89 7.60 3.37
CA PHE A 1389 2.60 6.65 2.54
C PHE A 1389 2.84 5.33 3.28
N GLU A 1390 3.61 5.38 4.36
CA GLU A 1390 4.04 4.16 5.03
C GLU A 1390 4.57 4.51 6.40
N LYS A 1391 4.41 3.57 7.34
CA LYS A 1391 4.78 3.78 8.75
C LYS A 1391 4.02 4.97 9.33
N THR A 1392 2.69 4.83 9.39
CA THR A 1392 1.84 5.94 9.79
C THR A 1392 2.02 6.28 11.26
N THR A 1393 1.75 5.31 12.14
CA THR A 1393 1.72 5.60 13.58
C THR A 1393 3.10 6.03 14.09
N ASP A 1394 4.16 5.37 13.60
CA ASP A 1394 5.50 5.76 14.04
C ASP A 1394 5.82 7.19 13.65
N HIS A 1395 5.50 7.58 12.42
CA HIS A 1395 5.76 8.95 11.99
C HIS A 1395 4.91 9.95 12.77
N LEU A 1396 3.65 9.62 13.02
CA LEU A 1396 2.79 10.55 13.78
C LEU A 1396 3.27 10.70 15.21
N PHE A 1397 3.67 9.61 15.86
CA PHE A 1397 4.19 9.71 17.21
C PHE A 1397 5.52 10.44 17.26
N ASP A 1398 6.39 10.24 16.26
CA ASP A 1398 7.63 11.00 16.21
C ASP A 1398 7.37 12.49 16.02
N ALA A 1399 6.40 12.83 15.17
CA ALA A 1399 6.07 14.24 14.96
C ALA A 1399 5.43 14.85 16.21
N ALA A 1400 4.70 14.04 16.98
CA ALA A 1400 4.17 14.53 18.25
C ALA A 1400 5.28 14.74 19.28
N PHE A 1401 6.25 13.83 19.32
CA PHE A 1401 7.33 13.92 20.31
C PHE A 1401 8.28 15.07 19.98
N TYR A 1402 8.89 15.04 18.81
CA TYR A 1402 9.79 16.12 18.39
C TYR A 1402 9.07 17.41 18.11
N MET A 1403 7.73 17.41 18.15
CA MET A 1403 6.92 18.61 17.95
C MET A 1403 7.22 19.28 16.62
N LYS A 1404 7.05 18.51 15.55
CA LYS A 1404 7.24 19.04 14.21
C LYS A 1404 6.11 20.01 13.87
N LYS A 1405 6.40 20.91 12.94
CA LYS A 1405 5.54 22.06 12.62
C LYS A 1405 5.35 22.17 11.12
N ASP A 1406 4.96 21.07 10.49
CA ASP A 1406 4.83 21.03 9.04
C ASP A 1406 3.82 22.06 8.55
N ALA A 1407 4.14 22.71 7.44
CA ALA A 1407 3.22 23.61 6.76
C ALA A 1407 2.62 22.86 5.57
N VAL A 1408 1.30 22.77 5.53
CA VAL A 1408 0.62 21.96 4.54
C VAL A 1408 0.73 22.64 3.18
N GLU A 1409 1.59 22.11 2.31
CA GLU A 1409 1.73 22.61 0.95
C GLU A 1409 1.77 21.51 -0.11
N GLY A 1410 2.10 20.28 0.25
CA GLY A 1410 2.07 19.20 -0.70
C GLY A 1410 0.65 18.85 -1.11
N VAL A 1411 0.55 18.06 -2.18
CA VAL A 1411 -0.77 17.68 -2.68
C VAL A 1411 -1.47 16.73 -1.73
N SER A 1412 -0.73 15.81 -1.12
CA SER A 1412 -1.34 14.90 -0.15
C SER A 1412 -1.84 15.66 1.08
N GLU A 1413 -1.09 16.66 1.53
CA GLU A 1413 -1.54 17.47 2.65
C GLU A 1413 -2.83 18.21 2.34
N CYS A 1414 -2.91 18.79 1.13
CA CYS A 1414 -4.12 19.51 0.75
C CYS A 1414 -5.30 18.57 0.59
N ILE A 1415 -5.07 17.38 0.03
CA ILE A 1415 -6.15 16.42 -0.16
C ILE A 1415 -6.67 15.93 1.19
N ILE A 1416 -5.77 15.67 2.13
CA ILE A 1416 -6.20 15.19 3.45
C ILE A 1416 -7.03 16.25 4.16
N LEU A 1417 -6.65 17.52 4.03
CA LEU A 1417 -7.33 18.62 4.70
C LEU A 1417 -8.36 19.30 3.82
N GLY A 1418 -8.60 18.81 2.61
CA GLY A 1418 -9.60 19.39 1.75
C GLY A 1418 -9.29 20.80 1.30
N GLN A 1419 -8.09 21.01 0.78
CA GLN A 1419 -7.65 22.31 0.29
C GLN A 1419 -7.38 22.23 -1.21
N THR A 1420 -6.84 23.33 -1.75
CA THR A 1420 -6.48 23.44 -3.15
C THR A 1420 -4.98 23.31 -3.30
N MET A 1421 -4.54 22.46 -4.22
CA MET A 1421 -3.13 22.18 -4.38
C MET A 1421 -2.38 23.41 -4.88
N SER A 1422 -1.05 23.32 -4.87
CA SER A 1422 -0.19 24.36 -5.39
C SER A 1422 0.30 24.05 -6.81
N ILE A 1423 -0.16 22.95 -7.40
CA ILE A 1423 0.23 22.56 -8.75
C ILE A 1423 -1.03 22.50 -9.61
N GLY A 1424 -0.85 22.69 -10.91
CA GLY A 1424 -1.99 22.69 -11.81
C GLY A 1424 -2.78 23.98 -11.76
N THR A 1425 -4.10 23.88 -11.79
CA THR A 1425 -4.95 25.06 -11.77
C THR A 1425 -4.90 25.80 -10.43
N GLY A 1426 -4.31 25.21 -9.40
CA GLY A 1426 -4.19 25.86 -8.12
C GLY A 1426 -2.83 26.49 -7.91
N SER A 1427 -2.09 26.71 -9.00
CA SER A 1427 -0.75 27.28 -8.93
C SER A 1427 -0.75 28.80 -9.04
N PHE A 1428 -1.92 29.43 -9.15
CA PHE A 1428 -2.03 30.87 -9.32
C PHE A 1428 -3.33 31.33 -8.69
N LYS A 1429 -3.73 32.56 -9.00
CA LYS A 1429 -4.96 33.13 -8.48
C LYS A 1429 -5.74 33.78 -9.61
N VAL A 1430 -7.06 33.84 -9.44
CA VAL A 1430 -7.95 34.53 -10.37
C VAL A 1430 -8.47 35.78 -9.68
N VAL A 1431 -8.31 36.92 -10.34
CA VAL A 1431 -8.64 38.22 -9.76
C VAL A 1431 -9.46 39.00 -10.77
N LYS A 1432 -10.57 39.58 -10.31
CA LYS A 1432 -11.44 40.40 -11.14
C LYS A 1432 -11.14 41.87 -10.91
N GLY A 1433 -10.82 42.59 -11.99
CA GLY A 1433 -10.53 44.00 -11.88
C GLY A 1433 -11.77 44.77 -11.45
N THR A 1434 -11.66 45.55 -10.38
CA THR A 1434 -12.77 46.39 -9.95
C THR A 1434 -13.11 47.43 -11.01
N ASN A 1435 -12.10 48.03 -11.62
CA ASN A 1435 -12.26 49.01 -12.70
C ASN A 1435 -13.08 50.21 -12.22
N ILE A 1436 -12.53 50.90 -11.22
CA ILE A 1436 -13.14 52.10 -10.67
C ILE A 1436 -12.21 53.28 -10.90
N SER A 1437 -12.76 54.39 -11.35
CA SER A 1437 -11.97 55.56 -11.69
C SER A 1437 -11.37 56.19 -10.43
N GLU A 1438 -10.30 56.96 -10.63
CA GLU A 1438 -9.66 57.69 -9.54
C GLU A 1438 -10.27 59.06 -9.33
N LYS A 1439 -11.27 59.44 -10.13
CA LYS A 1439 -11.88 60.76 -10.04
C LYS A 1439 -13.10 60.80 -9.13
N ASP A 1440 -13.52 59.66 -8.58
CA ASP A 1440 -14.59 59.62 -7.60
C ASP A 1440 -14.20 58.94 -6.29
N LEU A 1441 -13.17 58.10 -6.28
CA LEU A 1441 -12.71 57.48 -5.05
C LEU A 1441 -12.01 58.45 -4.12
N VAL A 1442 -11.72 59.66 -4.57
CA VAL A 1442 -11.05 60.68 -3.77
C VAL A 1442 -11.97 61.08 -2.61
N PRO A 1443 -11.42 61.50 -1.47
CA PRO A 1443 -12.28 61.92 -0.36
C PRO A 1443 -13.12 63.13 -0.74
N LYS A 1444 -14.35 63.16 -0.25
CA LYS A 1444 -15.28 64.24 -0.52
C LYS A 1444 -15.85 64.77 0.79
N ARG A 1445 -15.96 66.09 0.88
CA ARG A 1445 -16.55 66.75 2.04
C ARG A 1445 -16.98 68.14 1.62
N CYS A 1446 -17.83 68.75 2.44
CA CYS A 1446 -18.37 70.08 2.13
C CYS A 1446 -17.82 71.09 3.13
N LEU A 1447 -16.60 71.54 2.87
CA LEU A 1447 -15.96 72.66 3.57
C LEU A 1447 -16.12 72.56 5.09
N PHE A 1448 -15.57 71.47 5.65
CA PHE A 1448 -15.52 71.37 7.10
C PHE A 1448 -14.45 72.28 7.69
N GLU A 1449 -13.32 72.42 7.01
CA GLU A 1449 -12.21 73.21 7.53
C GLU A 1449 -12.55 74.69 7.67
N SER A 1450 -13.74 75.10 7.26
CA SER A 1450 -14.17 76.49 7.48
C SER A 1450 -14.24 76.80 8.97
N LEU A 1451 -15.14 76.13 9.69
CA LEU A 1451 -15.28 76.38 11.13
C LEU A 1451 -14.07 75.92 11.92
N SER A 1452 -13.24 75.05 11.37
CA SER A 1452 -12.00 74.64 12.02
C SER A 1452 -10.85 75.51 11.50
N ASN A 1453 -10.86 76.76 11.96
CA ASN A 1453 -9.83 77.73 11.61
C ASN A 1453 -8.64 77.68 12.54
N GLU A 1454 -8.42 76.54 13.21
CA GLU A 1454 -7.31 76.34 14.15
C GLU A 1454 -7.39 77.36 15.29
N ALA A 1455 -8.41 77.15 16.14
CA ALA A 1455 -8.63 78.03 17.28
C ALA A 1455 -7.41 78.15 18.18
N ALA A 1456 -6.44 77.23 18.07
CA ALA A 1456 -5.21 77.34 18.82
C ALA A 1456 -4.34 78.50 18.34
N LEU A 1457 -4.58 79.01 17.13
CA LEU A 1457 -3.82 80.16 16.64
C LEU A 1457 -4.03 81.37 17.53
N LYS A 1458 -5.28 81.63 17.90
CA LYS A 1458 -5.59 82.73 18.81
C LYS A 1458 -5.41 82.27 20.26
N ALA A 1459 -5.51 83.24 21.17
CA ALA A 1459 -5.30 82.94 22.59
C ALA A 1459 -6.34 81.96 23.11
N ASN A 1460 -7.60 82.14 22.71
CA ASN A 1460 -8.67 81.26 23.16
C ASN A 1460 -9.59 80.88 22.00
N ASP B 36 -16.00 -58.95 -37.15
CA ASP B 36 -15.07 -57.82 -37.17
C ASP B 36 -13.86 -58.11 -36.30
N GLU B 37 -12.69 -57.65 -36.75
CA GLU B 37 -11.43 -57.87 -36.05
C GLU B 37 -11.12 -56.65 -35.20
N ILE B 38 -10.83 -56.88 -33.91
CA ILE B 38 -10.46 -55.80 -33.02
C ILE B 38 -9.09 -55.27 -33.39
N ASN B 39 -8.94 -53.95 -33.41
CA ASN B 39 -7.66 -53.30 -33.68
C ASN B 39 -7.16 -52.68 -32.38
N THR B 40 -6.01 -53.17 -31.90
CA THR B 40 -5.51 -52.74 -30.59
C THR B 40 -5.22 -51.24 -30.58
N ALA B 41 -4.60 -50.72 -31.64
CA ALA B 41 -4.20 -49.32 -31.66
C ALA B 41 -5.39 -48.37 -31.59
N GLN B 42 -6.60 -48.85 -31.87
CA GLN B 42 -7.79 -48.02 -31.80
C GLN B 42 -8.85 -48.58 -30.87
N ASP B 43 -8.60 -49.69 -30.18
CA ASP B 43 -9.53 -50.23 -29.21
C ASP B 43 -8.92 -50.43 -27.83
N LYS B 44 -7.65 -50.09 -27.64
CA LYS B 44 -7.10 -50.07 -26.29
C LYS B 44 -7.68 -48.93 -25.46
N TRP B 45 -8.28 -47.93 -26.12
CA TRP B 45 -8.83 -46.78 -25.41
C TRP B 45 -10.08 -47.13 -24.62
N HIS B 46 -10.69 -48.30 -24.88
CA HIS B 46 -11.90 -48.70 -24.20
C HIS B 46 -11.67 -49.11 -22.75
N LEU B 47 -10.43 -49.10 -22.27
CA LEU B 47 -10.21 -49.40 -20.86
C LEU B 47 -10.68 -48.26 -19.96
N LEU B 48 -10.61 -47.01 -20.44
CA LEU B 48 -11.07 -45.89 -19.62
C LEU B 48 -12.54 -45.99 -19.25
N PRO B 49 -13.47 -46.32 -20.15
CA PRO B 49 -14.85 -46.53 -19.69
C PRO B 49 -14.97 -47.58 -18.61
N ALA B 50 -14.21 -48.68 -18.71
CA ALA B 50 -14.22 -49.68 -17.65
C ALA B 50 -13.65 -49.12 -16.36
N PHE B 51 -12.56 -48.36 -16.45
CA PHE B 51 -11.96 -47.77 -15.25
C PHE B 51 -12.92 -46.82 -14.56
N LEU B 52 -13.63 -45.99 -15.33
CA LEU B 52 -14.57 -45.04 -14.76
C LEU B 52 -15.85 -45.70 -14.27
N LYS B 53 -16.24 -46.85 -14.85
CA LYS B 53 -17.37 -47.59 -14.32
C LYS B 53 -17.03 -48.22 -12.98
N VAL B 54 -15.85 -48.85 -12.87
CA VAL B 54 -15.49 -49.48 -11.61
C VAL B 54 -14.95 -48.45 -10.62
N LYS B 55 -14.38 -47.35 -11.11
CA LYS B 55 -13.77 -46.32 -10.26
C LYS B 55 -14.10 -44.96 -10.87
N GLY B 56 -15.18 -44.35 -10.41
CA GLY B 56 -15.71 -43.15 -11.02
C GLY B 56 -14.80 -41.95 -10.83
N LEU B 57 -15.21 -40.84 -11.45
CA LEU B 57 -14.48 -39.58 -11.31
C LEU B 57 -14.43 -39.15 -9.85
N VAL B 58 -15.57 -39.16 -9.17
CA VAL B 58 -15.62 -38.82 -7.75
C VAL B 58 -15.47 -40.13 -7.00
N LYS B 59 -14.22 -40.58 -6.86
CA LYS B 59 -13.90 -41.77 -6.11
C LYS B 59 -12.92 -41.54 -4.98
N GLN B 60 -12.17 -40.44 -5.00
CA GLN B 60 -11.33 -40.10 -3.86
C GLN B 60 -12.18 -39.87 -2.62
N HIS B 61 -13.19 -39.00 -2.74
CA HIS B 61 -14.06 -38.71 -1.60
C HIS B 61 -14.83 -39.94 -1.18
N LEU B 62 -15.45 -40.64 -2.14
CA LEU B 62 -16.27 -41.79 -1.82
C LEU B 62 -15.45 -42.90 -1.16
N ASP B 63 -14.35 -43.29 -1.80
CA ASP B 63 -13.53 -44.37 -1.25
C ASP B 63 -12.91 -43.98 0.08
N SER B 64 -12.44 -42.73 0.21
CA SER B 64 -11.86 -42.30 1.47
C SER B 64 -12.89 -42.35 2.59
N PHE B 65 -14.11 -41.86 2.33
CA PHE B 65 -15.13 -41.85 3.37
C PHE B 65 -15.58 -43.26 3.71
N ASN B 66 -15.70 -44.14 2.72
CA ASN B 66 -16.08 -45.52 2.99
C ASN B 66 -15.02 -46.23 3.82
N TYR B 67 -13.74 -46.06 3.45
CA TYR B 67 -12.67 -46.64 4.24
C TYR B 67 -12.66 -46.08 5.65
N PHE B 68 -12.91 -44.78 5.79
CA PHE B 68 -13.02 -44.17 7.10
C PHE B 68 -14.09 -44.86 7.94
N VAL B 69 -15.34 -44.84 7.47
CA VAL B 69 -16.44 -45.39 8.25
C VAL B 69 -16.30 -46.89 8.47
N ASP B 70 -15.50 -47.57 7.66
CA ASP B 70 -15.34 -49.01 7.85
C ASP B 70 -14.17 -49.39 8.74
N THR B 71 -13.11 -48.58 8.80
CA THR B 71 -11.93 -48.93 9.57
C THR B 71 -11.64 -47.98 10.71
N ASP B 72 -11.61 -46.66 10.44
CA ASP B 72 -11.09 -45.72 11.42
C ASP B 72 -12.03 -45.55 12.61
N LEU B 73 -13.34 -45.75 12.41
CA LEU B 73 -14.25 -45.72 13.55
C LEU B 73 -13.85 -46.76 14.58
N LYS B 74 -13.68 -48.01 14.15
CA LYS B 74 -13.29 -49.07 15.07
C LYS B 74 -11.86 -48.89 15.56
N LYS B 75 -10.98 -48.31 14.74
CA LYS B 75 -9.61 -48.06 15.18
C LYS B 75 -9.58 -47.07 16.33
N ILE B 76 -10.30 -45.95 16.19
CA ILE B 76 -10.37 -44.96 17.26
C ILE B 76 -11.10 -45.54 18.47
N ILE B 77 -12.12 -46.38 18.24
CA ILE B 77 -12.84 -46.99 19.35
C ILE B 77 -11.92 -47.88 20.17
N LYS B 78 -11.14 -48.74 19.51
CA LYS B 78 -10.22 -49.60 20.25
C LYS B 78 -9.08 -48.79 20.85
N ALA B 79 -8.74 -47.65 20.25
CA ALA B 79 -7.75 -46.76 20.85
C ALA B 79 -8.25 -46.24 22.20
N ASN B 80 -9.36 -45.51 22.19
CA ASN B 80 -9.97 -45.02 23.42
C ASN B 80 -11.12 -45.94 23.84
N GLN B 81 -10.77 -47.19 24.15
CA GLN B 81 -11.75 -48.19 24.52
C GLN B 81 -12.01 -48.26 26.02
N LEU B 82 -11.26 -47.51 26.83
CA LEU B 82 -11.35 -47.63 28.27
C LEU B 82 -11.36 -46.25 28.91
N ILE B 83 -12.21 -46.07 29.91
CA ILE B 83 -12.18 -44.90 30.77
C ILE B 83 -12.14 -45.38 32.21
N LEU B 84 -11.21 -44.82 32.99
CA LEU B 84 -10.96 -45.28 34.35
C LEU B 84 -11.26 -44.16 35.34
N SER B 85 -10.95 -44.41 36.61
CA SER B 85 -11.16 -43.44 37.67
C SER B 85 -10.18 -43.71 38.80
N ASP B 86 -9.90 -42.68 39.58
CA ASP B 86 -9.03 -42.85 40.75
C ASP B 86 -9.73 -43.66 41.84
N VAL B 87 -11.03 -43.46 42.00
CA VAL B 87 -11.82 -44.21 42.96
C VAL B 87 -12.67 -45.23 42.21
N ASP B 88 -13.27 -46.16 42.96
CA ASP B 88 -14.09 -47.23 42.41
C ASP B 88 -13.33 -47.98 41.31
N PRO B 89 -12.32 -48.78 41.66
CA PRO B 89 -11.58 -49.52 40.63
C PRO B 89 -12.44 -50.49 39.86
N GLU B 90 -13.56 -50.95 40.43
CA GLU B 90 -14.49 -51.84 39.72
C GLU B 90 -15.58 -51.01 39.04
N PHE B 91 -15.14 -50.14 38.13
CA PHE B 91 -16.06 -49.35 37.31
C PHE B 91 -15.30 -48.92 36.06
N TYR B 92 -15.69 -49.46 34.91
CA TYR B 92 -15.04 -49.13 33.66
C TYR B 92 -16.02 -49.31 32.52
N LEU B 93 -15.86 -48.53 31.47
CA LEU B 93 -16.68 -48.61 30.27
C LEU B 93 -15.85 -49.11 29.11
N LYS B 94 -16.33 -50.15 28.45
CA LYS B 94 -15.60 -50.82 27.37
C LYS B 94 -16.40 -50.67 26.08
N TYR B 95 -15.86 -49.90 25.13
CA TYR B 95 -16.48 -49.76 23.83
C TYR B 95 -16.20 -50.99 22.97
N VAL B 96 -17.10 -51.98 23.02
CA VAL B 96 -16.86 -53.23 22.31
C VAL B 96 -16.89 -53.02 20.81
N ASP B 97 -17.90 -52.31 20.32
CA ASP B 97 -18.08 -52.15 18.87
C ASP B 97 -18.77 -50.82 18.60
N ILE B 98 -18.60 -50.34 17.37
CA ILE B 98 -19.23 -49.10 16.92
C ILE B 98 -19.77 -49.32 15.50
N ARG B 99 -20.92 -48.73 15.23
CA ARG B 99 -21.56 -48.84 13.92
C ARG B 99 -22.20 -47.51 13.58
N VAL B 100 -22.40 -47.29 12.28
CA VAL B 100 -23.01 -46.06 11.78
C VAL B 100 -24.31 -46.44 11.08
N GLY B 101 -25.42 -45.91 11.58
CA GLY B 101 -26.71 -46.19 11.00
C GLY B 101 -27.23 -47.59 11.20
N LYS B 102 -26.64 -48.32 12.15
CA LYS B 102 -27.02 -49.75 12.35
C LYS B 102 -27.40 -49.99 13.82
N LYS B 103 -28.66 -49.79 14.18
CA LYS B 103 -29.07 -50.13 15.56
C LYS B 103 -28.92 -51.64 15.77
N SER B 104 -27.95 -52.07 16.58
CA SER B 104 -27.80 -53.51 16.91
C SER B 104 -27.83 -54.33 15.62
N SER B 105 -28.41 -55.52 15.66
CA SER B 105 -28.57 -56.31 14.42
C SER B 105 -29.39 -55.49 13.42
N SER B 106 -30.63 -55.13 13.79
CA SER B 106 -31.51 -54.31 12.91
C SER B 106 -31.85 -55.06 11.62
N SER B 107 -30.84 -55.50 10.86
CA SER B 107 -31.04 -56.21 9.57
C SER B 107 -31.36 -55.20 8.46
N THR B 108 -31.40 -53.91 8.82
CA THR B 108 -31.72 -52.86 7.82
C THR B 108 -31.06 -51.55 8.27
N LYS B 109 -30.46 -50.82 7.34
CA LYS B 109 -29.86 -49.50 7.70
C LYS B 109 -30.99 -48.63 8.24
N ASP B 110 -30.76 -47.90 9.33
CA ASP B 110 -31.82 -47.07 9.95
C ASP B 110 -32.36 -46.08 8.91
N TYR B 111 -33.56 -45.55 9.13
CA TYR B 111 -34.18 -44.64 8.12
C TYR B 111 -33.50 -43.27 8.18
N LEU B 112 -32.87 -42.86 7.08
CA LEU B 112 -32.26 -41.55 7.00
C LEU B 112 -33.17 -40.61 6.20
N THR B 113 -33.12 -39.34 6.56
CA THR B 113 -33.83 -38.33 5.79
C THR B 113 -33.20 -38.24 4.39
N PRO B 114 -34.00 -38.28 3.33
CA PRO B 114 -33.42 -38.24 1.99
C PRO B 114 -32.62 -36.98 1.79
N PRO B 115 -31.55 -37.04 0.98
CA PRO B 115 -30.67 -35.87 0.86
C PRO B 115 -31.38 -34.62 0.37
N HIS B 116 -32.33 -34.75 -0.56
CA HIS B 116 -33.03 -33.57 -1.03
C HIS B 116 -33.95 -32.99 0.03
N GLU B 117 -34.56 -33.85 0.85
CA GLU B 117 -35.36 -33.35 1.97
C GLU B 117 -34.50 -32.57 2.95
N CYS B 118 -33.29 -33.06 3.23
CA CYS B 118 -32.37 -32.31 4.07
C CYS B 118 -31.99 -30.99 3.42
N ARG B 119 -31.77 -30.99 2.10
CA ARG B 119 -31.40 -29.77 1.41
C ARG B 119 -32.52 -28.73 1.45
N LEU B 120 -33.77 -29.17 1.30
CA LEU B 120 -34.90 -28.25 1.31
C LEU B 120 -35.21 -27.75 2.72
N ARG B 121 -35.17 -28.63 3.71
CA ARG B 121 -35.54 -28.27 5.07
C ARG B 121 -34.41 -27.59 5.84
N ASP B 122 -33.24 -27.40 5.21
CA ASP B 122 -32.07 -26.81 5.87
C ASP B 122 -31.61 -27.66 7.06
N MET B 123 -31.93 -28.95 7.04
CA MET B 123 -31.42 -29.87 8.05
C MET B 123 -30.00 -30.29 7.66
N THR B 124 -29.48 -31.31 8.33
CA THR B 124 -28.17 -31.85 8.05
C THR B 124 -28.30 -33.34 7.75
N TYR B 125 -27.81 -33.75 6.58
CA TYR B 125 -27.83 -35.17 6.21
C TYR B 125 -26.85 -35.92 7.10
N SER B 126 -27.36 -36.85 7.90
CA SER B 126 -26.53 -37.56 8.85
C SER B 126 -27.17 -38.90 9.19
N ALA B 127 -26.36 -39.78 9.77
CA ALA B 127 -26.79 -41.07 10.26
C ALA B 127 -26.33 -41.24 11.71
N PRO B 128 -27.11 -41.92 12.53
CA PRO B 128 -26.74 -42.09 13.93
C PRO B 128 -25.55 -43.04 14.09
N ILE B 129 -24.83 -42.84 15.19
CA ILE B 129 -23.70 -43.70 15.57
C ILE B 129 -24.10 -44.48 16.80
N TYR B 130 -24.13 -45.80 16.69
CA TYR B 130 -24.51 -46.67 17.79
C TYR B 130 -23.29 -47.44 18.27
N VAL B 131 -22.98 -47.33 19.56
CA VAL B 131 -21.82 -47.97 20.15
C VAL B 131 -22.30 -49.02 21.14
N ASP B 132 -21.36 -49.89 21.52
CA ASP B 132 -21.62 -50.91 22.52
C ASP B 132 -21.16 -50.41 23.89
N ILE B 133 -21.85 -50.88 24.93
CA ILE B 133 -21.66 -50.40 26.29
C ILE B 133 -21.37 -51.57 27.21
N GLU B 134 -20.36 -51.41 28.06
CA GLU B 134 -20.02 -52.39 29.09
C GLU B 134 -19.80 -51.63 30.40
N TYR B 135 -20.82 -51.58 31.24
CA TYR B 135 -20.78 -50.87 32.50
C TYR B 135 -21.00 -51.83 33.64
N THR B 136 -20.17 -51.72 34.67
CA THR B 136 -20.17 -52.65 35.79
C THR B 136 -21.20 -52.26 36.84
N ARG B 137 -21.18 -52.95 37.97
CA ARG B 137 -22.10 -52.69 39.07
C ARG B 137 -21.42 -53.08 40.38
N GLY B 138 -21.93 -52.52 41.48
CA GLY B 138 -21.37 -52.85 42.78
C GLY B 138 -21.43 -54.32 43.11
N ARG B 139 -22.37 -55.05 42.51
CA ARG B 139 -22.46 -56.50 42.65
C ARG B 139 -21.55 -57.24 41.67
N ASN B 140 -20.75 -56.52 40.89
CA ASN B 140 -19.82 -57.09 39.92
C ASN B 140 -20.57 -57.93 38.87
N ILE B 141 -21.48 -57.26 38.16
CA ILE B 141 -22.23 -57.85 37.07
C ILE B 141 -21.96 -57.03 35.81
N ILE B 142 -21.54 -57.69 34.74
CA ILE B 142 -21.25 -57.05 33.47
C ILE B 142 -22.50 -57.13 32.60
N MET B 143 -22.93 -55.97 32.09
CA MET B 143 -24.13 -55.89 31.26
C MET B 143 -23.83 -55.07 30.01
N HIS B 144 -24.62 -55.33 28.97
CA HIS B 144 -24.38 -54.76 27.65
C HIS B 144 -25.55 -53.87 27.24
N LYS B 145 -25.24 -52.91 26.37
CA LYS B 145 -26.26 -52.01 25.84
C LYS B 145 -25.77 -51.48 24.49
N ASP B 146 -26.72 -50.99 23.69
CA ASP B 146 -26.43 -50.38 22.40
C ASP B 146 -27.15 -49.03 22.35
N VAL B 147 -26.40 -47.94 22.50
CA VAL B 147 -26.97 -46.60 22.63
C VAL B 147 -26.34 -45.68 21.60
N GLU B 148 -27.14 -44.75 21.08
CA GLU B 148 -26.64 -43.73 20.18
C GLU B 148 -25.66 -42.81 20.91
N ILE B 149 -24.65 -42.34 20.18
CA ILE B 149 -23.63 -41.50 20.77
C ILE B 149 -23.53 -40.18 20.01
N GLY B 150 -24.23 -40.08 18.89
CA GLY B 150 -24.21 -38.88 18.09
C GLY B 150 -24.73 -39.15 16.70
N ARG B 151 -24.65 -38.12 15.86
CA ARG B 151 -25.08 -38.21 14.46
C ARG B 151 -23.95 -37.73 13.56
N MET B 152 -23.39 -38.64 12.78
CA MET B 152 -22.31 -38.29 11.86
C MET B 152 -22.87 -37.95 10.49
N PRO B 153 -22.51 -36.81 9.91
CA PRO B 153 -22.97 -36.51 8.54
C PRO B 153 -22.46 -37.55 7.56
N ILE B 154 -23.29 -37.86 6.57
CA ILE B 154 -23.03 -38.92 5.61
C ILE B 154 -22.71 -38.27 4.27
N MET B 155 -21.57 -38.65 3.70
CA MET B 155 -21.20 -38.19 2.37
C MET B 155 -22.14 -38.80 1.33
N LEU B 156 -22.56 -37.97 0.37
CA LEU B 156 -23.49 -38.41 -0.65
C LEU B 156 -22.90 -39.55 -1.48
N ARG B 157 -23.72 -40.58 -1.70
CA ARG B 157 -23.34 -41.73 -2.52
C ARG B 157 -22.18 -42.52 -1.92
N SER B 158 -22.14 -42.61 -0.59
CA SER B 158 -21.19 -43.45 0.10
C SER B 158 -21.85 -44.76 0.51
N ASN B 159 -21.09 -45.61 1.20
CA ASN B 159 -21.63 -46.90 1.63
C ASN B 159 -22.79 -46.74 2.61
N LYS B 160 -22.94 -45.57 3.24
CA LYS B 160 -23.99 -45.34 4.20
C LYS B 160 -25.18 -44.60 3.62
N CYS B 161 -24.98 -43.80 2.58
CA CYS B 161 -26.06 -43.04 1.98
C CYS B 161 -27.07 -43.98 1.30
N ILE B 162 -28.33 -43.54 1.31
CA ILE B 162 -29.38 -44.34 0.67
C ILE B 162 -29.19 -44.39 -0.84
N LEU B 163 -28.55 -43.38 -1.42
CA LEU B 163 -28.31 -43.35 -2.85
C LEU B 163 -27.34 -44.41 -3.32
N TYR B 164 -26.64 -45.07 -2.40
CA TYR B 164 -25.74 -46.16 -2.77
C TYR B 164 -26.53 -47.26 -3.46
N ASP B 165 -26.18 -47.52 -4.73
CA ASP B 165 -26.87 -48.51 -5.56
C ASP B 165 -28.36 -48.19 -5.68
N ALA B 166 -28.62 -47.01 -6.25
CA ALA B 166 -29.97 -46.59 -6.63
C ALA B 166 -29.97 -46.33 -8.13
N ASP B 167 -30.99 -46.84 -8.82
CA ASP B 167 -30.98 -46.89 -10.29
C ASP B 167 -32.27 -46.28 -10.86
N GLU B 168 -32.26 -44.95 -11.04
CA GLU B 168 -33.19 -44.25 -11.93
C GLU B 168 -34.64 -44.31 -11.49
N SER B 169 -34.94 -45.09 -10.45
CA SER B 169 -36.28 -45.14 -9.88
C SER B 169 -36.28 -44.73 -8.42
N LYS B 170 -35.36 -45.28 -7.61
CA LYS B 170 -35.19 -44.81 -6.25
C LYS B 170 -34.73 -43.37 -6.24
N MET B 171 -33.81 -43.00 -7.14
CA MET B 171 -33.37 -41.62 -7.24
C MET B 171 -34.49 -40.68 -7.67
N ALA B 172 -35.33 -41.11 -8.60
CA ALA B 172 -36.46 -40.29 -9.00
C ALA B 172 -37.45 -40.10 -7.85
N LYS B 173 -37.68 -41.16 -7.08
CA LYS B 173 -38.60 -41.05 -5.95
C LYS B 173 -38.04 -40.23 -4.81
N LEU B 174 -36.72 -40.05 -4.76
CA LEU B 174 -36.07 -39.26 -3.71
C LEU B 174 -35.67 -37.88 -4.19
N ASN B 175 -36.15 -37.45 -5.36
CA ASN B 175 -35.84 -36.13 -5.92
C ASN B 175 -34.34 -35.91 -6.03
N GLU B 176 -33.62 -36.92 -6.50
CA GLU B 176 -32.18 -36.85 -6.66
C GLU B 176 -31.81 -37.03 -8.12
N CYS B 177 -30.91 -36.18 -8.60
CA CYS B 177 -30.47 -36.26 -9.99
C CYS B 177 -29.57 -37.48 -10.19
N PRO B 178 -29.88 -38.36 -11.16
CA PRO B 178 -29.02 -39.52 -11.39
C PRO B 178 -27.60 -39.15 -11.78
N LEU B 179 -27.41 -38.01 -12.47
CA LEU B 179 -26.11 -37.60 -12.95
C LEU B 179 -25.33 -36.78 -11.94
N ASP B 180 -25.88 -36.59 -10.73
CA ASP B 180 -25.18 -35.80 -9.72
C ASP B 180 -23.90 -36.53 -9.30
N PRO B 181 -22.80 -35.79 -9.09
CA PRO B 181 -21.53 -36.44 -8.77
C PRO B 181 -21.55 -37.14 -7.43
N GLY B 182 -21.98 -36.44 -6.38
CA GLY B 182 -21.86 -36.95 -5.04
C GLY B 182 -20.51 -36.61 -4.45
N GLY B 183 -20.26 -37.20 -3.27
CA GLY B 183 -19.03 -36.93 -2.55
C GLY B 183 -19.06 -35.70 -1.68
N TYR B 184 -20.18 -34.99 -1.63
CA TYR B 184 -20.30 -33.79 -0.82
C TYR B 184 -21.34 -33.99 0.27
N PHE B 185 -21.16 -33.29 1.38
CA PHE B 185 -22.06 -33.40 2.51
C PHE B 185 -23.17 -32.37 2.41
N ILE B 186 -24.29 -32.68 3.04
CA ILE B 186 -25.41 -31.75 3.18
C ILE B 186 -25.48 -31.38 4.65
N VAL B 187 -24.92 -30.22 5.00
CA VAL B 187 -24.91 -29.74 6.38
C VAL B 187 -25.62 -28.40 6.44
N ASN B 188 -26.59 -28.29 7.34
CA ASN B 188 -27.44 -27.09 7.45
C ASN B 188 -28.10 -26.78 6.11
N GLY B 189 -28.49 -27.83 5.39
CA GLY B 189 -29.10 -27.65 4.09
C GLY B 189 -28.19 -27.05 3.05
N THR B 190 -26.89 -27.11 3.25
CA THR B 190 -25.91 -26.55 2.31
C THR B 190 -24.99 -27.67 1.84
N GLU B 191 -24.67 -27.64 0.56
CA GLU B 191 -23.79 -28.64 -0.06
C GLU B 191 -22.35 -28.20 0.16
N LYS B 192 -21.65 -28.84 1.09
CA LYS B 192 -20.27 -28.52 1.41
C LYS B 192 -19.38 -29.71 1.06
N VAL B 193 -18.32 -29.44 0.30
CA VAL B 193 -17.40 -30.46 -0.17
C VAL B 193 -16.04 -30.22 0.47
N ILE B 194 -15.43 -31.28 1.00
CA ILE B 194 -14.10 -31.22 1.58
C ILE B 194 -13.10 -31.38 0.43
N LEU B 195 -12.45 -30.29 0.07
CA LEU B 195 -11.50 -30.32 -1.03
C LEU B 195 -10.28 -31.15 -0.68
N VAL B 196 -9.75 -31.88 -1.69
CA VAL B 196 -8.56 -32.68 -1.48
C VAL B 196 -7.38 -31.77 -1.18
N GLN B 197 -6.63 -32.09 -0.14
CA GLN B 197 -5.53 -31.25 0.31
C GLN B 197 -4.20 -31.89 -0.10
N GLU B 198 -3.36 -31.13 -0.77
CA GLU B 198 -2.02 -31.60 -1.09
C GLU B 198 -1.03 -31.11 -0.04
N GLN B 199 -0.03 -31.94 0.24
CA GLN B 199 0.97 -31.61 1.23
C GLN B 199 2.27 -32.32 0.87
N LEU B 200 3.35 -31.90 1.53
CA LEU B 200 4.62 -32.60 1.37
C LEU B 200 4.54 -33.99 1.98
N SER B 201 5.32 -34.91 1.42
CA SER B 201 5.29 -36.29 1.90
C SER B 201 5.84 -36.36 3.31
N LYS B 202 5.05 -36.93 4.21
CA LYS B 202 5.48 -37.10 5.59
C LYS B 202 6.46 -38.26 5.69
N ASN B 203 7.33 -38.19 6.70
CA ASN B 203 8.31 -39.23 6.99
C ASN B 203 9.27 -39.43 5.82
N ARG B 204 9.56 -38.38 5.06
CA ARG B 204 10.47 -38.45 3.92
C ARG B 204 11.49 -37.33 4.01
N ILE B 205 12.68 -37.61 3.50
CA ILE B 205 13.80 -36.67 3.57
C ILE B 205 13.70 -35.69 2.41
N ILE B 206 13.71 -34.39 2.73
CA ILE B 206 13.69 -33.34 1.72
C ILE B 206 14.85 -32.39 2.00
N VAL B 207 15.80 -32.33 1.07
CA VAL B 207 17.02 -31.55 1.24
C VAL B 207 17.02 -30.41 0.24
N GLU B 208 17.13 -29.18 0.75
CA GLU B 208 17.13 -27.97 -0.13
C GLU B 208 18.44 -27.21 0.08
N ALA B 209 19.18 -26.95 -1.01
CA ALA B 209 20.47 -26.24 -0.89
C ALA B 209 20.25 -24.73 -1.06
N ASP B 210 20.23 -23.98 0.04
CA ASP B 210 20.09 -22.51 -0.06
C ASP B 210 21.47 -21.92 -0.39
N GLU B 211 21.82 -21.90 -1.68
CA GLU B 211 23.14 -21.37 -2.10
C GLU B 211 23.21 -19.88 -1.73
N LYS B 212 22.06 -19.23 -1.52
CA LYS B 212 22.06 -17.78 -1.23
C LYS B 212 23.02 -17.51 -0.06
N LYS B 213 23.23 -18.50 0.80
CA LYS B 213 24.15 -18.33 1.96
C LYS B 213 25.20 -19.43 1.95
N GLY B 214 24.99 -20.49 1.17
CA GLY B 214 25.90 -21.64 1.22
C GLY B 214 25.38 -22.63 2.24
N ILE B 215 24.08 -22.59 2.54
CA ILE B 215 23.53 -23.48 3.61
C ILE B 215 22.67 -24.57 2.99
N VAL B 216 22.87 -25.83 3.42
CA VAL B 216 22.00 -26.95 2.96
C VAL B 216 21.27 -27.50 4.19
N GLN B 217 20.27 -28.38 4.01
CA GLN B 217 19.48 -28.86 5.17
C GLN B 217 18.94 -30.27 4.92
N ALA B 218 18.53 -30.96 5.99
CA ALA B 218 17.91 -32.30 5.84
C ALA B 218 16.75 -32.43 6.83
N SER B 219 15.67 -31.69 6.61
CA SER B 219 14.52 -31.71 7.56
C SER B 219 13.53 -32.82 7.18
N VAL B 220 12.91 -33.45 8.18
CA VAL B 220 11.89 -34.50 7.91
C VAL B 220 10.68 -34.22 8.81
N THR B 221 9.51 -33.94 8.21
CA THR B 221 8.31 -33.58 9.01
C THR B 221 7.65 -34.84 9.53
N SER B 222 8.44 -35.67 10.18
CA SER B 222 7.89 -36.95 10.68
C SER B 222 6.53 -36.66 11.24
N SER B 223 5.52 -37.45 10.85
CA SER B 223 4.13 -37.19 11.31
C SER B 223 3.50 -38.48 11.85
N THR B 224 3.36 -38.59 13.17
CA THR B 224 2.71 -39.78 13.77
C THR B 224 1.22 -39.47 14.00
N HIS B 225 0.49 -40.41 14.60
CA HIS B 225 -0.96 -40.19 14.89
C HIS B 225 -1.11 -39.25 16.08
N GLU B 226 0.02 -38.91 16.74
CA GLU B 226 -0.04 -38.06 17.96
C GLU B 226 0.96 -36.90 17.83
N ARG B 227 2.13 -37.13 17.22
CA ARG B 227 3.16 -36.07 17.17
C ARG B 227 3.55 -35.75 15.73
N LYS B 228 3.94 -34.50 15.48
CA LYS B 228 4.40 -34.09 14.15
C LYS B 228 5.49 -33.04 14.35
N SER B 229 6.74 -33.34 14.02
CA SER B 229 7.80 -32.34 14.28
C SER B 229 8.89 -32.42 13.22
N LYS B 230 9.56 -31.31 12.95
CA LYS B 230 10.60 -31.29 11.88
C LYS B 230 11.99 -31.44 12.48
N THR B 231 12.75 -32.48 12.08
CA THR B 231 14.13 -32.71 12.55
C THR B 231 15.12 -32.23 11.50
N TYR B 232 15.32 -30.92 11.37
CA TYR B 232 16.26 -30.36 10.39
C TYR B 232 17.70 -30.81 10.67
N VAL B 233 18.55 -30.93 9.65
CA VAL B 233 19.99 -31.25 9.84
C VAL B 233 20.76 -30.19 9.03
N ILE B 234 20.89 -29.00 9.59
CA ILE B 234 21.49 -27.87 8.84
C ILE B 234 22.99 -28.02 8.70
N THR B 235 23.62 -27.14 7.91
CA THR B 235 25.10 -27.13 7.75
C THR B 235 25.58 -25.71 7.98
N LYS B 236 26.16 -25.42 9.15
CA LYS B 236 26.66 -24.09 9.52
C LYS B 236 28.15 -24.19 9.84
N ASN B 237 28.94 -23.19 9.43
CA ASN B 237 30.41 -23.23 9.65
C ASN B 237 30.96 -24.54 9.08
N GLY B 238 30.58 -24.90 7.85
CA GLY B 238 31.01 -26.18 7.28
C GLY B 238 30.78 -27.33 8.26
N LYS B 239 29.88 -27.14 9.22
CA LYS B 239 29.72 -28.18 10.28
C LYS B 239 28.27 -28.62 10.37
N ILE B 240 28.03 -29.92 10.23
CA ILE B 240 26.64 -30.45 10.21
C ILE B 240 26.05 -30.39 11.62
N TYR B 241 24.82 -29.90 11.75
CA TYR B 241 24.11 -29.82 13.01
C TYR B 241 22.81 -30.59 12.98
N LEU B 242 21.99 -30.45 14.02
CA LEU B 242 20.67 -31.07 14.06
C LEU B 242 19.78 -30.18 14.93
N LYS B 243 19.03 -29.30 14.30
CA LYS B 243 18.11 -28.45 15.04
C LYS B 243 16.83 -29.22 15.36
N HIS B 244 15.99 -28.63 16.20
CA HIS B 244 14.73 -29.24 16.59
C HIS B 244 13.91 -28.19 17.33
N ASN B 245 12.60 -28.42 17.38
CA ASN B 245 11.72 -27.55 18.14
C ASN B 245 11.70 -27.90 19.62
N SER B 246 12.39 -28.97 20.03
CA SER B 246 12.42 -29.40 21.42
C SER B 246 13.81 -29.35 22.05
N ILE B 247 14.86 -29.09 21.29
CA ILE B 247 16.20 -28.95 21.82
C ILE B 247 16.65 -27.50 21.63
N ALA B 248 17.73 -27.13 22.30
CA ALA B 248 18.08 -25.73 22.45
C ALA B 248 18.64 -25.11 21.17
N GLU B 249 19.79 -25.59 20.69
CA GLU B 249 20.49 -24.90 19.61
C GLU B 249 21.57 -25.78 19.01
N GLU B 250 21.40 -26.14 17.73
CA GLU B 250 22.47 -26.56 16.84
C GLU B 250 23.42 -27.56 17.48
N ILE B 251 22.88 -28.74 17.78
CA ILE B 251 23.65 -29.82 18.38
C ILE B 251 24.54 -30.45 17.31
N PRO B 252 25.83 -30.65 17.57
CA PRO B 252 26.71 -31.25 16.56
C PRO B 252 26.29 -32.69 16.24
N ILE B 253 26.54 -33.07 14.98
CA ILE B 253 26.05 -34.34 14.46
C ILE B 253 26.84 -35.52 15.03
N ALA B 254 28.15 -35.33 15.26
CA ALA B 254 28.94 -36.44 15.79
C ALA B 254 28.43 -36.87 17.17
N ILE B 255 28.04 -35.91 18.00
CA ILE B 255 27.53 -36.23 19.32
C ILE B 255 26.22 -37.00 19.24
N VAL B 256 25.30 -36.57 18.36
CA VAL B 256 24.03 -37.27 18.25
C VAL B 256 24.22 -38.65 17.65
N LEU B 257 25.21 -38.83 16.77
CA LEU B 257 25.49 -40.15 16.23
C LEU B 257 26.09 -41.06 17.30
N LYS B 258 26.93 -40.52 18.18
CA LYS B 258 27.42 -41.31 19.30
C LYS B 258 26.28 -41.69 20.25
N ALA B 259 25.38 -40.74 20.52
CA ALA B 259 24.24 -41.00 21.39
C ALA B 259 23.26 -42.00 20.77
N CYS B 260 23.21 -42.11 19.45
CA CYS B 260 22.31 -43.03 18.78
C CYS B 260 22.87 -44.44 18.67
N GLY B 261 24.09 -44.68 19.15
CA GLY B 261 24.66 -46.02 19.24
C GLY B 261 25.96 -46.18 18.48
N ILE B 262 26.15 -45.44 17.39
CA ILE B 262 27.35 -45.57 16.57
C ILE B 262 28.41 -44.69 17.22
N LEU B 263 29.09 -45.25 18.22
CA LEU B 263 30.08 -44.51 19.00
C LEU B 263 31.52 -44.79 18.58
N SER B 264 31.72 -45.63 17.56
CA SER B 264 33.08 -46.05 17.21
C SER B 264 33.93 -44.90 16.69
N ASP B 265 33.32 -43.82 16.21
CA ASP B 265 33.96 -42.63 15.66
C ASP B 265 34.69 -42.92 14.36
N LEU B 266 34.75 -44.17 13.93
CA LEU B 266 35.22 -44.53 12.59
C LEU B 266 34.12 -45.09 11.73
N GLU B 267 33.17 -45.83 12.33
CA GLU B 267 31.97 -46.22 11.59
C GLU B 267 31.18 -45.00 11.15
N ILE B 268 31.36 -43.86 11.82
CA ILE B 268 30.75 -42.62 11.35
C ILE B 268 31.30 -42.26 9.97
N MET B 269 32.62 -42.36 9.80
CA MET B 269 33.22 -42.06 8.51
C MET B 269 32.85 -43.08 7.45
N GLN B 270 32.51 -44.30 7.85
CA GLN B 270 32.08 -45.33 6.91
C GLN B 270 30.57 -45.34 6.68
N LEU B 271 29.82 -44.55 7.44
CA LEU B 271 28.38 -44.40 7.22
C LEU B 271 28.00 -43.06 6.61
N VAL B 272 28.87 -42.05 6.69
CA VAL B 272 28.57 -40.74 6.13
C VAL B 272 29.42 -40.45 4.89
N CYS B 273 30.54 -41.14 4.69
CA CYS B 273 31.39 -40.89 3.53
C CYS B 273 31.75 -42.13 2.74
N GLY B 274 31.57 -43.32 3.30
CA GLY B 274 31.92 -44.53 2.58
C GLY B 274 33.41 -44.63 2.28
N ASN B 275 33.77 -44.45 1.00
CA ASN B 275 35.17 -44.52 0.59
C ASN B 275 35.56 -43.39 -0.35
N ASP B 276 34.75 -42.35 -0.46
CA ASP B 276 35.05 -41.23 -1.34
C ASP B 276 35.96 -40.25 -0.61
N SER B 277 37.13 -39.98 -1.19
CA SER B 277 38.09 -39.08 -0.56
C SER B 277 37.54 -37.65 -0.49
N SER B 278 36.81 -37.22 -1.52
CA SER B 278 36.27 -35.86 -1.57
C SER B 278 35.16 -35.63 -0.56
N TYR B 279 34.62 -36.68 0.04
CA TYR B 279 33.59 -36.56 1.07
C TYR B 279 34.17 -36.58 2.49
N GLN B 280 35.23 -37.37 2.70
CA GLN B 280 35.82 -37.48 4.02
C GLN B 280 36.39 -36.14 4.48
N ASP B 281 37.08 -35.42 3.59
CA ASP B 281 37.63 -34.14 3.99
C ASP B 281 36.54 -33.12 4.28
N ILE B 282 35.40 -33.22 3.59
CA ILE B 282 34.28 -32.34 3.88
C ILE B 282 33.69 -32.66 5.24
N PHE B 283 33.57 -33.94 5.56
CA PHE B 283 32.97 -34.36 6.83
C PHE B 283 33.98 -34.47 7.97
N ALA B 284 35.28 -34.38 7.68
CA ALA B 284 36.26 -34.48 8.76
C ALA B 284 36.20 -33.27 9.69
N VAL B 285 35.66 -32.15 9.22
CA VAL B 285 35.67 -30.91 10.00
C VAL B 285 34.85 -31.09 11.27
N ASN B 286 33.67 -31.69 11.16
CA ASN B 286 32.76 -31.83 12.29
C ASN B 286 32.91 -33.15 13.04
N LEU B 287 33.84 -34.00 12.64
CA LEU B 287 34.09 -35.23 13.38
C LEU B 287 34.93 -34.99 14.63
N GLU B 288 35.62 -33.85 14.71
CA GLU B 288 36.48 -33.52 15.83
C GLU B 288 35.77 -32.68 16.88
N GLU B 289 34.48 -32.41 16.70
CA GLU B 289 33.70 -31.73 17.72
C GLU B 289 33.20 -32.66 18.81
N SER B 290 33.32 -33.97 18.62
CA SER B 290 33.06 -34.92 19.69
C SER B 290 34.27 -35.11 20.59
N SER B 291 35.38 -34.43 20.30
CA SER B 291 36.55 -34.45 21.16
C SER B 291 37.10 -33.08 21.50
N LYS B 292 36.71 -32.03 20.75
CA LYS B 292 37.19 -30.69 21.06
C LYS B 292 36.65 -30.21 22.40
N LEU B 293 35.34 -30.31 22.60
CA LEU B 293 34.77 -30.00 23.90
C LEU B 293 35.29 -30.97 24.97
N ASP B 294 35.16 -32.26 24.70
CA ASP B 294 35.73 -33.37 25.46
C ASP B 294 35.33 -34.64 24.75
N ILE B 295 36.08 -35.71 25.01
CA ILE B 295 35.73 -37.00 24.42
C ILE B 295 34.40 -37.48 25.00
N TYR B 296 33.67 -38.25 24.20
CA TYR B 296 32.32 -38.66 24.56
C TYR B 296 32.17 -40.17 24.49
N THR B 297 31.26 -40.69 25.30
CA THR B 297 30.73 -42.04 25.19
C THR B 297 29.23 -41.93 24.96
N GLN B 298 28.58 -43.10 24.83
CA GLN B 298 27.15 -43.11 24.55
C GLN B 298 26.36 -42.44 25.67
N GLN B 299 26.66 -42.78 26.92
CA GLN B 299 25.97 -42.16 28.04
C GLN B 299 26.30 -40.67 28.13
N GLN B 300 27.57 -40.31 27.91
CA GLN B 300 27.94 -38.89 27.97
C GLN B 300 27.27 -38.09 26.86
N ALA B 301 27.19 -38.65 25.65
CA ALA B 301 26.49 -37.97 24.57
C ALA B 301 25.01 -37.82 24.87
N LEU B 302 24.39 -38.86 25.44
CA LEU B 302 22.99 -38.75 25.82
C LEU B 302 22.79 -37.66 26.88
N GLU B 303 23.70 -37.59 27.85
CA GLU B 303 23.61 -36.54 28.86
C GLU B 303 23.76 -35.16 28.23
N TYR B 304 24.68 -35.02 27.28
CA TYR B 304 24.88 -33.72 26.64
C TYR B 304 23.65 -33.31 25.84
N ILE B 305 23.06 -34.25 25.09
CA ILE B 305 21.87 -33.89 24.31
C ILE B 305 20.69 -33.59 25.23
N GLY B 306 20.57 -34.31 26.35
CA GLY B 306 19.48 -34.05 27.28
C GLY B 306 19.66 -32.78 28.10
N ALA B 307 20.89 -32.32 28.25
CA ALA B 307 21.12 -31.09 29.02
C ALA B 307 20.45 -29.89 28.36
N LYS B 308 20.52 -29.81 27.03
CA LYS B 308 19.95 -28.70 26.29
C LYS B 308 18.55 -28.99 25.78
N VAL B 309 17.87 -29.99 26.33
CA VAL B 309 16.50 -30.29 25.92
C VAL B 309 15.57 -29.24 26.51
N LYS B 310 14.79 -28.59 25.65
CA LYS B 310 13.83 -27.59 26.10
C LYS B 310 12.48 -28.19 26.48
N THR B 311 12.28 -29.49 26.24
CA THR B 311 11.04 -30.13 26.62
C THR B 311 10.92 -30.20 28.13
N MET B 312 9.73 -29.91 28.65
CA MET B 312 9.49 -29.94 30.08
C MET B 312 9.00 -31.31 30.51
N ARG B 313 9.24 -31.63 31.77
CA ARG B 313 8.84 -32.91 32.36
C ARG B 313 7.73 -32.66 33.37
N ARG B 314 6.59 -33.32 33.17
CA ARG B 314 5.50 -33.24 34.13
C ARG B 314 5.73 -34.13 35.33
N GLN B 315 6.63 -35.12 35.21
CA GLN B 315 7.08 -35.94 36.32
C GLN B 315 8.59 -35.96 36.31
N LYS B 316 9.19 -36.01 37.50
CA LYS B 316 10.63 -35.84 37.63
C LYS B 316 11.37 -36.98 36.93
N LEU B 317 12.25 -36.60 35.99
CA LEU B 317 13.06 -37.56 35.25
C LEU B 317 14.49 -37.06 35.22
N THR B 318 15.44 -38.00 35.26
CA THR B 318 16.85 -37.64 35.21
C THR B 318 17.20 -37.01 33.87
N ILE B 319 18.22 -36.16 33.87
CA ILE B 319 18.64 -35.49 32.64
C ILE B 319 19.07 -36.51 31.61
N LEU B 320 19.83 -37.53 32.04
CA LEU B 320 20.18 -38.62 31.12
C LEU B 320 18.93 -39.39 30.71
N GLN B 321 18.01 -39.62 31.65
CA GLN B 321 16.78 -40.32 31.32
C GLN B 321 15.96 -39.55 30.30
N GLU B 322 15.83 -38.24 30.49
CA GLU B 322 15.13 -37.41 29.51
C GLU B 322 15.86 -37.39 28.19
N GLY B 323 17.19 -37.28 28.22
CA GLY B 323 17.96 -37.25 26.99
C GLY B 323 17.76 -38.49 26.15
N ILE B 324 17.74 -39.66 26.78
CA ILE B 324 17.42 -40.89 26.05
C ILE B 324 16.06 -40.76 25.39
N GLU B 325 15.08 -40.24 26.12
CA GLU B 325 13.78 -39.95 25.52
C GLU B 325 13.92 -39.02 24.32
N ALA B 326 14.78 -38.01 24.44
CA ALA B 326 14.99 -37.08 23.34
C ALA B 326 15.51 -37.77 22.10
N ILE B 327 16.10 -38.96 22.25
CA ILE B 327 16.55 -39.74 21.12
C ILE B 327 15.57 -40.86 20.86
N ALA B 328 14.89 -41.32 21.92
CA ALA B 328 13.96 -42.44 21.76
C ALA B 328 12.77 -42.05 20.90
N THR B 329 12.12 -40.95 21.24
CA THR B 329 10.92 -40.53 20.51
C THR B 329 10.97 -39.08 20.06
N THR B 330 11.58 -38.19 20.85
CA THR B 330 11.43 -36.76 20.60
C THR B 330 12.14 -36.33 19.32
N VAL B 331 13.29 -36.93 19.00
CA VAL B 331 14.04 -36.47 17.84
C VAL B 331 13.28 -36.77 16.55
N ILE B 332 12.80 -37.99 16.38
CA ILE B 332 12.08 -38.41 15.18
C ILE B 332 10.81 -39.11 15.64
N ALA B 333 9.67 -38.44 15.53
CA ALA B 333 8.41 -39.07 15.88
C ALA B 333 8.10 -40.25 14.98
N HIS B 334 8.64 -40.25 13.77
CA HIS B 334 8.36 -41.33 12.82
C HIS B 334 8.85 -42.67 13.35
N LEU B 335 10.07 -42.70 13.90
CA LEU B 335 10.68 -43.94 14.36
C LEU B 335 10.78 -43.92 15.88
N THR B 336 10.15 -44.90 16.51
CA THR B 336 10.20 -45.06 17.96
C THR B 336 11.02 -46.31 18.28
N VAL B 337 12.22 -46.11 18.82
CA VAL B 337 13.11 -47.21 19.15
C VAL B 337 12.83 -47.70 20.56
N GLU B 338 11.86 -48.60 20.70
CA GLU B 338 11.46 -49.13 22.00
C GLU B 338 12.20 -50.45 22.25
N ALA B 339 13.52 -50.35 22.25
CA ALA B 339 14.37 -51.52 22.48
C ALA B 339 15.72 -51.03 23.02
N LEU B 340 16.69 -51.94 23.08
CA LEU B 340 18.01 -51.63 23.58
C LEU B 340 18.99 -51.27 22.46
N ASP B 341 18.59 -51.40 21.21
CA ASP B 341 19.43 -51.09 20.07
C ASP B 341 18.79 -49.97 19.25
N PHE B 342 19.57 -48.93 18.96
CA PHE B 342 19.10 -47.77 18.21
C PHE B 342 19.75 -47.71 16.82
N ARG B 343 20.10 -48.86 16.25
CA ARG B 343 20.81 -48.87 14.98
C ARG B 343 19.97 -48.30 13.85
N GLU B 344 18.65 -48.54 13.88
CA GLU B 344 17.80 -48.01 12.81
C GLU B 344 17.79 -46.49 12.82
N LYS B 345 17.57 -45.89 13.99
CA LYS B 345 17.56 -44.43 14.09
C LYS B 345 18.94 -43.86 13.80
N ALA B 346 20.00 -44.52 14.28
CA ALA B 346 21.36 -44.05 14.02
C ALA B 346 21.66 -44.04 12.53
N LEU B 347 21.28 -45.12 11.84
CA LEU B 347 21.52 -45.17 10.40
C LEU B 347 20.61 -44.20 9.64
N TYR B 348 19.42 -43.91 10.18
CA TYR B 348 18.57 -42.88 9.58
C TYR B 348 19.26 -41.52 9.63
N ILE B 349 19.79 -41.16 10.80
CA ILE B 349 20.50 -39.89 10.93
C ILE B 349 21.76 -39.91 10.06
N ALA B 350 22.41 -41.07 9.96
CA ALA B 350 23.59 -41.19 9.11
C ALA B 350 23.24 -40.96 7.65
N MET B 351 22.10 -41.48 7.19
CA MET B 351 21.70 -41.27 5.80
C MET B 351 21.30 -39.82 5.56
N MET B 352 20.66 -39.19 6.54
CA MET B 352 20.39 -37.76 6.43
C MET B 352 21.69 -36.98 6.27
N THR B 353 22.69 -37.29 7.09
CA THR B 353 23.98 -36.61 6.99
C THR B 353 24.68 -36.93 5.67
N ARG B 354 24.53 -38.17 5.18
CA ARG B 354 25.11 -38.54 3.90
C ARG B 354 24.50 -37.72 2.77
N ARG B 355 23.17 -37.54 2.79
CA ARG B 355 22.53 -36.69 1.80
C ARG B 355 23.01 -35.24 1.91
N VAL B 356 23.17 -34.75 3.14
CA VAL B 356 23.64 -33.39 3.33
C VAL B 356 25.06 -33.22 2.78
N VAL B 357 25.93 -34.19 3.04
CA VAL B 357 27.30 -34.13 2.55
C VAL B 357 27.32 -34.23 1.03
N MET B 358 26.46 -35.06 0.46
CA MET B 358 26.35 -35.13 -1.00
C MET B 358 25.96 -33.78 -1.58
N ALA B 359 25.01 -33.09 -0.94
CA ALA B 359 24.64 -31.75 -1.38
C ALA B 359 25.80 -30.78 -1.23
N MET B 360 26.57 -30.92 -0.16
CA MET B 360 27.72 -30.03 0.07
C MET B 360 28.78 -30.19 -1.01
N TYR B 361 29.12 -31.44 -1.35
CA TYR B 361 30.20 -31.67 -2.30
C TYR B 361 29.85 -31.12 -3.67
N ASN B 362 28.61 -31.29 -4.10
CA ASN B 362 28.17 -30.74 -5.37
C ASN B 362 26.67 -30.50 -5.33
N PRO B 363 26.22 -29.25 -5.49
CA PRO B 363 24.78 -28.99 -5.61
C PRO B 363 24.21 -29.60 -6.89
N LYS B 364 22.92 -29.37 -7.14
CA LYS B 364 22.13 -29.98 -8.20
C LYS B 364 21.84 -31.45 -7.92
N MET B 365 22.33 -31.99 -6.81
CA MET B 365 21.98 -33.33 -6.36
C MET B 365 20.84 -33.32 -5.35
N ILE B 366 20.27 -32.15 -5.09
CA ILE B 366 19.14 -32.01 -4.17
C ILE B 366 17.87 -32.42 -4.90
N ASP B 367 16.78 -32.58 -4.15
CA ASP B 367 15.49 -32.96 -4.71
C ASP B 367 14.55 -31.78 -4.69
N ASP B 368 13.81 -31.59 -5.77
CA ASP B 368 12.86 -30.49 -5.89
C ASP B 368 11.63 -30.77 -5.03
N ARG B 369 11.23 -29.77 -4.23
CA ARG B 369 10.03 -29.93 -3.41
C ARG B 369 8.77 -29.98 -4.25
N ASP B 370 8.74 -29.22 -5.35
CA ASP B 370 7.57 -29.16 -6.22
C ASP B 370 7.35 -30.45 -7.00
N TYR B 371 8.32 -31.37 -6.98
CA TYR B 371 8.17 -32.65 -7.65
C TYR B 371 6.92 -33.36 -7.14
N VAL B 372 6.09 -33.85 -8.07
CA VAL B 372 4.80 -34.41 -7.70
C VAL B 372 4.98 -35.67 -6.85
N GLY B 373 6.01 -36.46 -7.12
CA GLY B 373 6.25 -37.65 -6.34
C GLY B 373 6.60 -37.37 -4.89
N ASN B 374 6.97 -36.14 -4.57
CA ASN B 374 7.25 -35.74 -3.19
C ASN B 374 6.02 -35.24 -2.46
N LYS B 375 4.85 -35.27 -3.09
CA LYS B 375 3.63 -34.74 -2.50
C LYS B 375 2.59 -35.85 -2.32
N ARG B 376 1.78 -35.69 -1.28
CA ARG B 376 0.69 -36.61 -0.95
C ARG B 376 -0.62 -35.85 -0.96
N LEU B 377 -1.71 -36.59 -1.20
CA LEU B 377 -3.05 -36.03 -1.23
C LEU B 377 -3.88 -36.66 -0.11
N GLU B 378 -4.37 -35.82 0.80
CA GLU B 378 -5.26 -36.26 1.86
C GLU B 378 -6.68 -35.86 1.52
N LEU B 379 -7.58 -36.83 1.54
CA LEU B 379 -8.96 -36.68 1.10
C LEU B 379 -9.85 -36.33 2.30
N ALA B 380 -11.16 -36.44 2.11
CA ALA B 380 -12.09 -36.13 3.21
C ALA B 380 -12.03 -37.17 4.32
N GLY B 381 -11.71 -38.43 3.98
CA GLY B 381 -11.74 -39.48 4.98
C GLY B 381 -10.74 -39.25 6.09
N GLN B 382 -9.50 -38.90 5.73
CA GLN B 382 -8.48 -38.69 6.75
C GLN B 382 -8.78 -37.48 7.62
N LEU B 383 -9.22 -36.38 7.01
CA LEU B 383 -9.55 -35.19 7.79
C LEU B 383 -10.69 -35.47 8.76
N ILE B 384 -11.73 -36.17 8.30
CA ILE B 384 -12.83 -36.51 9.19
C ILE B 384 -12.36 -37.48 10.28
N SER B 385 -11.41 -38.37 9.95
CA SER B 385 -10.85 -39.23 10.99
C SER B 385 -10.19 -38.41 12.09
N LEU B 386 -9.38 -37.42 11.70
CA LEU B 386 -8.73 -36.57 12.69
C LEU B 386 -9.75 -35.83 13.54
N LEU B 387 -10.75 -35.22 12.89
CA LEU B 387 -11.74 -34.43 13.60
C LEU B 387 -12.54 -35.30 14.57
N PHE B 388 -12.94 -36.49 14.12
CA PHE B 388 -13.71 -37.39 14.97
C PHE B 388 -12.87 -37.91 16.13
N GLU B 389 -11.58 -38.17 15.91
CA GLU B 389 -10.73 -38.62 17.01
C GLU B 389 -10.62 -37.53 18.08
N ASP B 390 -10.42 -36.28 17.65
CA ASP B 390 -10.36 -35.18 18.61
C ASP B 390 -11.68 -35.04 19.38
N LEU B 391 -12.80 -35.06 18.65
CA LEU B 391 -14.10 -34.91 19.30
C LEU B 391 -14.37 -36.07 20.25
N PHE B 392 -13.99 -37.28 19.86
CA PHE B 392 -14.24 -38.44 20.70
C PHE B 392 -13.41 -38.40 21.97
N LYS B 393 -12.14 -37.98 21.87
CA LYS B 393 -11.34 -37.90 23.08
C LYS B 393 -11.86 -36.80 24.00
N LYS B 394 -12.31 -35.67 23.45
CA LYS B 394 -12.91 -34.64 24.28
C LYS B 394 -14.19 -35.14 24.95
N PHE B 395 -15.01 -35.88 24.21
CA PHE B 395 -16.24 -36.43 24.77
C PHE B 395 -15.93 -37.41 25.89
N ASN B 396 -14.94 -38.28 25.70
CA ASN B 396 -14.58 -39.24 26.74
C ASN B 396 -14.06 -38.53 27.98
N ASN B 397 -13.24 -37.49 27.80
CA ASN B 397 -12.75 -36.73 28.95
C ASN B 397 -13.90 -36.10 29.71
N ASP B 398 -14.84 -35.48 28.99
CA ASP B 398 -15.99 -34.85 29.66
C ASP B 398 -16.83 -35.89 30.39
N PHE B 399 -17.08 -37.04 29.75
CA PHE B 399 -17.88 -38.08 30.37
C PHE B 399 -17.21 -38.64 31.62
N LYS B 400 -15.90 -38.84 31.56
CA LYS B 400 -15.18 -39.32 32.73
C LYS B 400 -15.23 -38.31 33.86
N LEU B 401 -15.07 -37.02 33.54
CA LEU B 401 -15.16 -35.99 34.57
C LEU B 401 -16.55 -35.98 35.21
N SER B 402 -17.60 -36.09 34.39
CA SER B 402 -18.96 -36.11 34.94
C SER B 402 -19.18 -37.35 35.80
N ILE B 403 -18.65 -38.50 35.38
CA ILE B 403 -18.80 -39.73 36.16
C ILE B 403 -18.11 -39.58 37.51
N ASP B 404 -16.90 -39.03 37.51
CA ASP B 404 -16.19 -38.82 38.78
C ASP B 404 -16.93 -37.84 39.67
N LYS B 405 -17.50 -36.78 39.08
CA LYS B 405 -18.26 -35.81 39.88
C LYS B 405 -19.49 -36.46 40.51
N VAL B 406 -20.21 -37.29 39.75
CA VAL B 406 -21.42 -37.91 40.29
C VAL B 406 -21.07 -38.96 41.34
N LEU B 407 -20.03 -39.75 41.09
CA LEU B 407 -19.66 -40.83 42.01
C LEU B 407 -18.82 -40.36 43.19
N LYS B 408 -18.48 -39.07 43.25
CA LYS B 408 -17.65 -38.56 44.33
C LYS B 408 -18.32 -38.69 45.70
N LYS B 409 -19.64 -38.82 45.73
CA LYS B 409 -20.34 -38.92 47.00
C LYS B 409 -19.89 -40.17 47.76
N PRO B 410 -19.53 -40.05 49.04
CA PRO B 410 -19.02 -41.23 49.77
C PRO B 410 -20.00 -42.39 49.86
N ASN B 411 -21.30 -42.09 49.97
CA ASN B 411 -22.31 -43.11 50.16
C ASN B 411 -23.40 -42.95 49.11
N ARG B 412 -24.25 -43.98 49.03
CA ARG B 412 -25.38 -44.09 48.10
C ARG B 412 -25.02 -43.64 46.68
N ALA B 413 -23.78 -43.90 46.27
CA ALA B 413 -23.32 -43.58 44.92
C ALA B 413 -23.93 -44.61 43.97
N MET B 414 -25.16 -44.34 43.55
CA MET B 414 -25.89 -45.26 42.70
C MET B 414 -25.26 -45.35 41.31
N GLU B 415 -25.36 -46.53 40.70
CA GLU B 415 -24.88 -46.74 39.35
C GLU B 415 -26.00 -46.81 38.33
N TYR B 416 -27.25 -46.94 38.78
CA TYR B 416 -28.38 -47.00 37.86
C TYR B 416 -28.48 -45.70 37.06
N ASP B 417 -28.86 -45.83 35.79
CA ASP B 417 -28.93 -44.70 34.86
C ASP B 417 -27.60 -43.96 34.79
N ALA B 418 -26.50 -44.73 34.73
CA ALA B 418 -25.18 -44.14 34.51
C ALA B 418 -25.01 -43.63 33.08
N LEU B 419 -25.95 -43.94 32.19
CA LEU B 419 -25.88 -43.54 30.79
C LEU B 419 -26.79 -42.36 30.48
N LEU B 420 -26.90 -41.40 31.39
CA LEU B 420 -27.64 -40.17 31.13
C LEU B 420 -26.73 -39.06 30.61
N SER B 421 -25.58 -38.89 31.25
CA SER B 421 -24.64 -37.86 30.81
C SER B 421 -24.12 -38.13 29.41
N ILE B 422 -24.05 -39.40 29.00
CA ILE B 422 -23.62 -39.71 27.64
C ILE B 422 -24.62 -39.15 26.63
N ASN B 423 -25.92 -39.32 26.89
CA ASN B 423 -26.91 -38.74 25.99
C ASN B 423 -26.99 -37.22 26.12
N VAL B 424 -26.62 -36.68 27.29
CA VAL B 424 -26.53 -35.23 27.42
C VAL B 424 -25.43 -34.68 26.53
N HIS B 425 -24.28 -35.33 26.52
CA HIS B 425 -23.12 -34.87 25.75
C HIS B 425 -23.15 -35.32 24.30
N SER B 426 -24.05 -36.25 23.93
CA SER B 426 -24.15 -36.69 22.55
C SER B 426 -24.57 -35.57 21.62
N ASN B 427 -25.20 -34.51 22.13
CA ASN B 427 -25.43 -33.33 21.33
C ASN B 427 -24.14 -32.62 20.99
N ASN B 428 -23.18 -32.62 21.93
CA ASN B 428 -21.95 -31.86 21.74
C ASN B 428 -21.14 -32.40 20.57
N ILE B 429 -21.00 -33.72 20.46
CA ILE B 429 -20.17 -34.30 19.41
C ILE B 429 -20.75 -34.00 18.04
N THR B 430 -22.06 -34.21 17.86
CA THR B 430 -22.66 -33.97 16.55
C THR B 430 -22.68 -32.48 16.22
N SER B 431 -22.92 -31.62 17.22
CA SER B 431 -22.88 -30.18 16.97
C SER B 431 -21.49 -29.74 16.54
N GLY B 432 -20.45 -30.22 17.22
CA GLY B 432 -19.10 -29.87 16.83
C GLY B 432 -18.75 -30.39 15.45
N LEU B 433 -19.15 -31.61 15.13
CA LEU B 433 -18.87 -32.18 13.82
C LEU B 433 -19.54 -31.37 12.72
N ASN B 434 -20.84 -31.09 12.87
CA ASN B 434 -21.55 -30.31 11.86
C ASN B 434 -20.98 -28.92 11.71
N ARG B 435 -20.67 -28.26 12.84
CA ARG B 435 -20.13 -26.90 12.76
C ARG B 435 -18.77 -26.88 12.10
N ALA B 436 -17.90 -27.83 12.45
CA ALA B 436 -16.56 -27.87 11.86
C ALA B 436 -16.64 -28.15 10.37
N ILE B 437 -17.56 -29.01 9.94
CA ILE B 437 -17.71 -29.26 8.51
C ILE B 437 -18.26 -28.02 7.80
N SER B 438 -19.26 -27.36 8.40
CA SER B 438 -19.92 -26.26 7.71
C SER B 438 -19.02 -25.04 7.60
N THR B 439 -18.39 -24.63 8.71
CA THR B 439 -17.65 -23.38 8.71
C THR B 439 -16.29 -23.49 8.04
N GLY B 440 -15.76 -24.71 7.89
CA GLY B 440 -14.47 -24.90 7.25
C GLY B 440 -13.27 -24.63 8.13
N ASN B 441 -13.48 -24.27 9.39
CA ASN B 441 -12.40 -24.05 10.34
C ASN B 441 -12.24 -25.33 11.17
N TRP B 442 -11.15 -26.04 10.96
CA TRP B 442 -10.88 -27.31 11.64
C TRP B 442 -9.96 -27.02 12.82
N SER B 443 -10.56 -26.79 13.99
CA SER B 443 -9.81 -26.50 15.20
C SER B 443 -9.45 -27.79 15.91
N LEU B 444 -8.16 -28.05 16.06
CA LEU B 444 -7.67 -29.22 16.76
C LEU B 444 -6.70 -28.77 17.87
N LYS B 445 -6.61 -29.60 18.91
CA LYS B 445 -5.73 -29.31 20.03
C LYS B 445 -4.63 -30.34 20.24
N ARG B 446 -4.84 -31.59 19.81
CA ARG B 446 -3.82 -32.61 19.99
C ARG B 446 -2.56 -32.27 19.20
N PHE B 447 -2.71 -31.83 17.95
CA PHE B 447 -1.59 -31.39 17.13
C PHE B 447 -1.40 -29.89 17.14
N LYS B 448 -2.30 -29.15 17.79
CA LYS B 448 -2.29 -27.69 17.76
C LYS B 448 -2.31 -27.18 16.32
N MET B 449 -3.12 -27.84 15.48
CA MET B 449 -3.22 -27.51 14.07
C MET B 449 -4.53 -26.78 13.80
N GLU B 450 -4.44 -25.67 13.08
CA GLU B 450 -5.60 -24.85 12.71
C GLU B 450 -5.58 -24.65 11.21
N ARG B 451 -6.53 -25.23 10.51
CA ARG B 451 -6.69 -25.08 9.07
C ARG B 451 -8.06 -24.50 8.77
N ALA B 452 -8.08 -23.51 7.87
CA ALA B 452 -9.31 -22.82 7.52
C ALA B 452 -9.59 -22.98 6.03
N GLY B 453 -10.88 -22.99 5.69
CA GLY B 453 -11.27 -23.14 4.31
C GLY B 453 -11.16 -24.54 3.77
N VAL B 454 -11.26 -25.55 4.64
CA VAL B 454 -11.18 -26.94 4.17
C VAL B 454 -12.40 -27.29 3.33
N THR B 455 -13.59 -26.86 3.77
CA THR B 455 -14.83 -27.16 3.06
C THR B 455 -15.28 -25.95 2.25
N HIS B 456 -15.71 -26.22 1.03
CA HIS B 456 -16.23 -25.18 0.14
C HIS B 456 -17.68 -25.48 -0.23
N VAL B 457 -18.46 -24.42 -0.42
CA VAL B 457 -19.84 -24.60 -0.87
C VAL B 457 -19.81 -25.08 -2.32
N LEU B 458 -20.54 -26.16 -2.59
CA LEU B 458 -20.51 -26.76 -3.91
C LEU B 458 -21.06 -25.78 -4.94
N SER B 459 -20.31 -25.60 -6.03
CA SER B 459 -20.68 -24.63 -7.05
C SER B 459 -21.78 -25.20 -7.94
N ARG B 460 -22.84 -24.41 -8.15
CA ARG B 460 -23.95 -24.79 -9.01
C ARG B 460 -24.16 -23.68 -10.03
N LEU B 461 -23.41 -23.73 -11.11
CA LEU B 461 -23.63 -22.88 -12.27
C LEU B 461 -23.94 -23.70 -13.51
N SER B 462 -23.10 -24.66 -13.83
CA SER B 462 -23.35 -25.67 -14.86
C SER B 462 -23.17 -27.04 -14.24
N TYR B 463 -23.27 -28.07 -15.09
CA TYR B 463 -22.93 -29.42 -14.62
C TYR B 463 -21.43 -29.59 -14.49
N ILE B 464 -20.68 -29.04 -15.45
CA ILE B 464 -19.23 -29.19 -15.41
C ILE B 464 -18.63 -28.42 -14.24
N SER B 465 -19.28 -27.34 -13.81
CA SER B 465 -18.79 -26.61 -12.64
C SER B 465 -18.89 -27.46 -11.38
N ALA B 466 -20.04 -28.11 -11.17
CA ALA B 466 -20.21 -28.95 -10.00
C ALA B 466 -19.34 -30.20 -10.07
N LEU B 467 -19.07 -30.70 -11.28
CA LEU B 467 -18.18 -31.85 -11.38
C LEU B 467 -16.72 -31.47 -11.20
N GLY B 468 -16.33 -30.27 -11.61
CA GLY B 468 -14.96 -29.82 -11.51
C GLY B 468 -14.59 -29.27 -10.16
N MET B 469 -15.58 -28.79 -9.40
CA MET B 469 -15.31 -28.45 -8.00
C MET B 469 -14.93 -29.71 -7.22
N MET B 470 -15.63 -30.81 -7.48
CA MET B 470 -15.14 -32.10 -7.06
C MET B 470 -13.88 -32.45 -7.85
N THR B 471 -13.07 -33.33 -7.28
CA THR B 471 -11.77 -33.69 -7.87
C THR B 471 -10.93 -32.44 -8.09
N ARG B 472 -10.87 -31.59 -7.06
CA ARG B 472 -10.04 -30.39 -7.07
C ARG B 472 -9.03 -30.48 -5.94
N ILE B 473 -7.84 -29.93 -6.17
CA ILE B 473 -6.73 -30.01 -5.25
C ILE B 473 -6.30 -28.60 -4.88
N SER B 474 -6.08 -28.36 -3.59
CA SER B 474 -5.67 -27.07 -3.10
C SER B 474 -4.24 -27.15 -2.56
N SER B 475 -3.37 -26.24 -3.01
CA SER B 475 -2.00 -26.22 -2.55
C SER B 475 -1.92 -25.79 -1.09
N GLN B 476 -0.91 -26.32 -0.39
CA GLN B 476 -0.73 -25.97 1.02
C GLN B 476 -0.14 -24.57 1.19
N PHE B 477 0.50 -24.02 0.17
CA PHE B 477 1.07 -22.68 0.27
C PHE B 477 -0.03 -21.64 0.40
N GLU B 478 0.19 -20.67 1.29
CA GLU B 478 -0.81 -19.63 1.52
C GLU B 478 -0.92 -18.71 0.30
N LYS B 479 0.15 -17.99 -0.02
CA LYS B 479 0.14 -17.05 -1.13
C LYS B 479 1.19 -17.35 -2.18
N SER B 480 2.41 -17.74 -1.77
CA SER B 480 3.53 -17.94 -2.69
C SER B 480 3.68 -16.72 -3.61
N ARG B 481 4.01 -15.59 -2.99
CA ARG B 481 3.95 -14.31 -3.68
C ARG B 481 4.77 -14.30 -4.96
N LYS B 482 6.09 -14.44 -4.84
CA LYS B 482 6.96 -14.40 -6.01
C LYS B 482 7.57 -15.75 -6.34
N VAL B 483 7.37 -16.77 -5.50
CA VAL B 483 7.97 -18.08 -5.75
C VAL B 483 7.30 -18.70 -6.95
N SER B 484 8.02 -18.77 -8.08
CA SER B 484 7.53 -19.37 -9.30
C SER B 484 7.79 -20.87 -9.36
N GLY B 485 7.97 -21.51 -8.21
CA GLY B 485 8.21 -22.93 -8.15
C GLY B 485 6.93 -23.76 -8.09
N PRO B 486 6.14 -23.59 -7.02
CA PRO B 486 4.90 -24.36 -6.91
C PRO B 486 3.84 -24.00 -7.92
N ARG B 487 3.95 -22.84 -8.56
CA ARG B 487 2.98 -22.41 -9.56
C ARG B 487 3.35 -22.81 -10.98
N ALA B 488 4.50 -23.45 -11.18
CA ALA B 488 4.88 -23.90 -12.50
C ALA B 488 4.18 -25.22 -12.83
N LEU B 489 4.26 -25.62 -14.10
CA LEU B 489 3.68 -26.87 -14.57
C LEU B 489 4.80 -27.90 -14.63
N GLN B 490 4.93 -28.69 -13.57
CA GLN B 490 6.00 -29.68 -13.52
C GLN B 490 5.71 -30.80 -14.52
N PRO B 491 6.69 -31.21 -15.32
CA PRO B 491 6.45 -32.33 -16.25
C PRO B 491 6.12 -33.64 -15.55
N SER B 492 6.43 -33.75 -14.26
CA SER B 492 6.16 -34.99 -13.52
C SER B 492 4.68 -35.25 -13.31
N GLN B 493 3.81 -34.28 -13.59
CA GLN B 493 2.38 -34.45 -13.38
C GLN B 493 1.66 -34.95 -14.64
N PHE B 494 2.41 -35.31 -15.68
CA PHE B 494 1.81 -35.86 -16.90
C PHE B 494 0.94 -37.06 -16.56
N GLY B 495 -0.37 -36.92 -16.78
CA GLY B 495 -1.32 -37.97 -16.50
C GLY B 495 -1.84 -37.98 -15.08
N MET B 496 -1.21 -37.26 -14.16
CA MET B 496 -1.66 -37.20 -12.77
C MET B 496 -2.58 -36.03 -12.52
N LEU B 497 -2.27 -34.86 -13.10
CA LEU B 497 -3.05 -33.65 -12.91
C LEU B 497 -3.40 -33.08 -14.28
N CYS B 498 -4.52 -32.38 -14.34
CA CYS B 498 -4.94 -31.75 -15.59
C CYS B 498 -3.96 -30.63 -15.95
N THR B 499 -3.24 -30.81 -17.06
CA THR B 499 -2.20 -29.88 -17.46
C THR B 499 -2.75 -28.64 -18.13
N ALA B 500 -4.04 -28.38 -18.01
CA ALA B 500 -4.65 -27.19 -18.59
C ALA B 500 -5.62 -26.47 -17.66
N ASP B 501 -6.20 -27.15 -16.69
CA ASP B 501 -7.24 -26.56 -15.84
C ASP B 501 -6.61 -25.95 -14.59
N THR B 502 -6.70 -24.63 -14.43
CA THR B 502 -6.17 -23.98 -13.21
C THR B 502 -6.77 -22.59 -13.03
N PRO B 503 -7.44 -22.28 -11.91
CA PRO B 503 -7.95 -20.95 -11.69
C PRO B 503 -6.96 -19.94 -12.23
N GLU B 504 -7.21 -19.32 -13.38
CA GLU B 504 -6.32 -18.25 -13.89
C GLU B 504 -6.42 -17.07 -12.93
N GLY B 505 -5.35 -16.31 -12.73
CA GLY B 505 -5.44 -15.22 -11.75
C GLY B 505 -4.49 -15.34 -10.58
N GLU B 506 -5.01 -15.24 -9.36
CA GLU B 506 -4.11 -15.22 -8.17
C GLU B 506 -3.94 -16.61 -7.57
N ALA B 507 -4.58 -17.62 -8.12
CA ALA B 507 -4.31 -18.99 -7.66
C ALA B 507 -3.85 -19.75 -8.90
N CYS B 508 -3.27 -19.03 -9.85
CA CYS B 508 -2.92 -19.67 -11.14
C CYS B 508 -1.73 -20.58 -10.99
N GLY B 509 -1.92 -21.72 -10.36
CA GLY B 509 -0.81 -22.67 -10.32
C GLY B 509 -0.88 -23.33 -8.99
N LEU B 510 -1.59 -22.70 -8.07
CA LEU B 510 -1.73 -23.27 -6.73
C LEU B 510 -2.81 -24.34 -6.70
N VAL B 511 -3.96 -24.05 -7.32
CA VAL B 511 -5.07 -24.98 -7.34
C VAL B 511 -5.01 -25.80 -8.61
N LYS B 512 -5.07 -27.12 -8.48
CA LYS B 512 -4.97 -28.05 -9.59
C LYS B 512 -6.10 -29.05 -9.51
N ASN B 513 -6.32 -29.78 -10.60
CA ASN B 513 -7.41 -30.74 -10.69
C ASN B 513 -6.91 -32.08 -11.18
N LEU B 514 -7.51 -33.14 -10.67
CA LEU B 514 -7.14 -34.50 -11.05
C LEU B 514 -7.54 -34.78 -12.49
N ALA B 515 -6.78 -35.66 -13.14
CA ALA B 515 -7.05 -36.06 -14.51
C ALA B 515 -8.05 -37.22 -14.52
N LEU B 516 -8.32 -37.76 -15.71
CA LEU B 516 -9.26 -38.86 -15.83
C LEU B 516 -8.67 -40.16 -15.28
N MET B 517 -7.58 -40.62 -15.89
CA MET B 517 -6.87 -41.81 -15.42
C MET B 517 -6.02 -41.43 -14.22
N THR B 518 -6.57 -41.57 -13.02
CA THR B 518 -5.86 -41.23 -11.80
C THR B 518 -6.53 -41.84 -10.58
N HIS B 519 -5.79 -42.60 -9.79
CA HIS B 519 -6.32 -43.26 -8.61
C HIS B 519 -5.44 -42.91 -7.41
N ILE B 520 -6.06 -42.39 -6.36
CA ILE B 520 -5.32 -42.04 -5.15
C ILE B 520 -5.16 -43.26 -4.27
N THR B 521 -3.94 -43.48 -3.79
CA THR B 521 -3.63 -44.67 -3.04
C THR B 521 -4.17 -44.59 -1.61
N THR B 522 -4.14 -45.73 -0.93
CA THR B 522 -4.47 -45.82 0.49
C THR B 522 -3.44 -46.73 1.15
N ASP B 523 -3.26 -46.54 2.46
CA ASP B 523 -2.26 -47.32 3.19
C ASP B 523 -2.56 -48.80 3.10
N ASP B 524 -1.72 -49.54 2.36
CA ASP B 524 -1.99 -50.96 2.14
C ASP B 524 -1.49 -51.81 3.30
N GLU B 525 -0.19 -51.81 3.55
CA GLU B 525 0.43 -52.59 4.60
C GLU B 525 1.79 -51.98 4.92
N GLU B 526 2.31 -52.34 6.06
CA GLU B 526 3.70 -51.98 6.34
C GLU B 526 4.52 -53.15 6.87
N GLU B 527 3.93 -54.01 7.70
CA GLU B 527 4.66 -55.11 8.31
C GLU B 527 4.91 -56.28 7.35
N PRO B 528 3.91 -56.75 6.60
CA PRO B 528 4.18 -57.88 5.70
C PRO B 528 5.25 -57.60 4.66
N ILE B 529 5.40 -56.34 4.23
CA ILE B 529 6.37 -56.04 3.19
C ILE B 529 7.80 -56.18 3.70
N LYS B 530 8.04 -55.92 4.99
CA LYS B 530 9.36 -56.18 5.55
C LYS B 530 9.71 -57.66 5.45
N LYS B 531 8.77 -58.53 5.82
CA LYS B 531 9.01 -59.95 5.72
C LYS B 531 9.20 -60.38 4.27
N LEU B 532 8.42 -59.79 3.36
CA LEU B 532 8.58 -60.09 1.94
C LEU B 532 9.96 -59.69 1.45
N CYS B 533 10.45 -58.53 1.87
CA CYS B 533 11.80 -58.10 1.49
C CYS B 533 12.85 -59.06 2.04
N TYR B 534 12.71 -59.45 3.31
CA TYR B 534 13.68 -60.36 3.91
C TYR B 534 13.69 -61.70 3.17
N VAL B 535 12.52 -62.17 2.75
CA VAL B 535 12.46 -63.37 1.91
C VAL B 535 13.13 -63.11 0.57
N LEU B 536 12.95 -61.92 0.01
CA LEU B 536 13.49 -61.59 -1.30
C LEU B 536 15.00 -61.52 -1.32
N GLY B 537 15.66 -61.52 -0.16
CA GLY B 537 17.10 -61.67 -0.16
C GLY B 537 17.90 -60.43 0.17
N VAL B 538 17.40 -59.60 1.08
CA VAL B 538 18.15 -58.46 1.61
C VAL B 538 18.54 -58.75 3.04
N GLU B 539 19.83 -58.63 3.35
CA GLU B 539 20.29 -58.81 4.71
C GLU B 539 19.75 -57.68 5.59
N ASP B 540 19.44 -58.03 6.84
CA ASP B 540 18.78 -57.10 7.74
C ASP B 540 19.70 -55.92 8.05
N ILE B 541 19.17 -54.95 8.80
CA ILE B 541 19.95 -53.76 9.12
C ILE B 541 20.94 -54.01 10.26
N THR B 542 20.77 -55.10 11.01
CA THR B 542 21.67 -55.44 12.10
C THR B 542 22.67 -56.52 11.72
N LEU B 543 22.90 -56.73 10.42
CA LEU B 543 23.84 -57.73 9.97
C LEU B 543 24.78 -57.23 8.89
N ILE B 544 24.82 -55.91 8.64
CA ILE B 544 25.69 -55.34 7.63
C ILE B 544 26.64 -54.36 8.31
N ASP B 545 27.93 -54.51 8.05
CA ASP B 545 28.92 -53.60 8.60
C ASP B 545 28.87 -52.26 7.86
N SER B 546 29.28 -51.21 8.55
CA SER B 546 29.27 -49.88 7.96
C SER B 546 30.22 -49.77 6.78
N ALA B 547 31.28 -50.59 6.74
CA ALA B 547 32.25 -50.48 5.66
C ALA B 547 31.63 -50.82 4.31
N SER B 548 30.84 -51.88 4.27
CA SER B 548 30.23 -52.36 3.02
C SER B 548 28.80 -51.89 2.83
N LEU B 549 28.35 -50.94 3.66
CA LEU B 549 26.99 -50.44 3.54
C LEU B 549 26.79 -49.56 2.31
N HIS B 550 27.85 -48.91 1.83
CA HIS B 550 27.77 -48.05 0.66
C HIS B 550 28.39 -48.69 -0.58
N LEU B 551 28.67 -49.99 -0.52
CA LEU B 551 29.23 -50.69 -1.67
C LEU B 551 28.17 -51.35 -2.54
N ASN B 552 26.91 -51.33 -2.12
CA ASN B 552 25.82 -51.92 -2.89
C ASN B 552 24.51 -51.23 -2.51
N TYR B 553 23.50 -51.43 -3.35
CA TYR B 553 22.24 -50.73 -3.18
C TYR B 553 21.57 -51.11 -1.86
N GLY B 554 21.10 -50.11 -1.13
CA GLY B 554 20.35 -50.32 0.09
C GLY B 554 18.87 -50.02 -0.14
N VAL B 555 18.03 -50.98 0.21
CA VAL B 555 16.60 -50.88 -0.06
C VAL B 555 15.94 -50.11 1.09
N TYR B 556 15.30 -49.00 0.76
CA TYR B 556 14.59 -48.17 1.73
C TYR B 556 13.10 -48.48 1.63
N LEU B 557 12.52 -48.95 2.73
CA LEU B 557 11.10 -49.22 2.80
C LEU B 557 10.40 -48.03 3.45
N ASN B 558 9.68 -47.25 2.65
CA ASN B 558 8.89 -46.11 3.12
C ASN B 558 9.78 -45.10 3.86
N GLY B 559 10.99 -44.90 3.38
CA GLY B 559 11.86 -43.85 3.85
C GLY B 559 12.91 -44.28 4.86
N THR B 560 12.72 -45.42 5.51
CA THR B 560 13.66 -45.89 6.54
C THR B 560 14.48 -47.06 5.98
N LEU B 561 15.79 -46.98 6.16
CA LEU B 561 16.67 -48.03 5.65
C LEU B 561 16.34 -49.35 6.32
N ILE B 562 16.22 -50.40 5.53
CA ILE B 562 15.93 -51.74 6.01
C ILE B 562 17.14 -52.66 5.89
N GLY B 563 17.89 -52.54 4.80
CA GLY B 563 19.06 -53.37 4.62
C GLY B 563 19.68 -53.10 3.25
N SER B 564 20.70 -53.90 2.94
CA SER B 564 21.39 -53.83 1.66
C SER B 564 21.28 -55.16 0.95
N ILE B 565 21.00 -55.11 -0.34
CA ILE B 565 20.81 -56.31 -1.15
C ILE B 565 21.65 -56.18 -2.42
N ARG B 566 22.40 -57.23 -2.74
CA ARG B 566 23.11 -57.28 -4.01
C ARG B 566 22.14 -57.60 -5.14
N PHE B 567 22.55 -57.25 -6.36
CA PHE B 567 21.74 -57.42 -7.56
C PHE B 567 20.41 -56.68 -7.41
N PRO B 568 20.43 -55.34 -7.39
CA PRO B 568 19.16 -54.62 -7.23
C PRO B 568 18.18 -54.84 -8.36
N THR B 569 18.66 -55.05 -9.59
CA THR B 569 17.77 -55.25 -10.72
C THR B 569 16.93 -56.51 -10.54
N LYS B 570 17.55 -57.60 -10.09
CA LYS B 570 16.81 -58.83 -9.87
C LYS B 570 15.76 -58.66 -8.79
N PHE B 571 16.11 -57.97 -7.70
CA PHE B 571 15.16 -57.72 -6.63
C PHE B 571 13.98 -56.90 -7.12
N VAL B 572 14.25 -55.84 -7.89
CA VAL B 572 13.18 -54.99 -8.41
C VAL B 572 12.27 -55.78 -9.33
N THR B 573 12.86 -56.56 -10.24
CA THR B 573 12.07 -57.35 -11.17
C THR B 573 11.20 -58.37 -10.45
N GLN B 574 11.76 -59.06 -9.45
CA GLN B 574 10.98 -60.05 -8.72
C GLN B 574 9.86 -59.39 -7.92
N PHE B 575 10.13 -58.25 -7.30
CA PHE B 575 9.08 -57.56 -6.55
C PHE B 575 7.97 -57.08 -7.47
N ARG B 576 8.33 -56.54 -8.64
CA ARG B 576 7.31 -56.11 -9.60
C ARG B 576 6.50 -57.29 -10.10
N HIS B 577 7.14 -58.44 -10.32
CA HIS B 577 6.40 -59.63 -10.73
C HIS B 577 5.43 -60.07 -9.65
N LEU B 578 5.88 -60.04 -8.39
CA LEU B 578 4.99 -60.39 -7.28
C LEU B 578 3.81 -59.44 -7.20
N ARG B 579 4.06 -58.15 -7.42
CA ARG B 579 2.97 -57.17 -7.38
C ARG B 579 2.00 -57.39 -8.53
N ARG B 580 2.51 -57.70 -9.72
CA ARG B 580 1.66 -57.88 -10.89
C ARG B 580 0.81 -59.15 -10.76
N THR B 581 1.38 -60.22 -10.22
CA THR B 581 0.63 -61.47 -10.11
C THR B 581 -0.40 -61.44 -8.99
N GLY B 582 -0.44 -60.38 -8.18
CA GLY B 582 -1.47 -60.22 -7.18
C GLY B 582 -1.08 -60.61 -5.76
N LYS B 583 0.19 -60.92 -5.50
CA LYS B 583 0.61 -61.29 -4.15
C LYS B 583 0.45 -60.12 -3.19
N VAL B 584 0.81 -58.92 -3.61
CA VAL B 584 0.73 -57.74 -2.76
C VAL B 584 -0.30 -56.77 -3.36
N SER B 585 -0.53 -55.68 -2.64
CA SER B 585 -1.46 -54.67 -3.13
C SER B 585 -0.91 -53.98 -4.37
N GLU B 586 -1.81 -53.61 -5.28
CA GLU B 586 -1.43 -53.01 -6.55
C GLU B 586 -0.82 -51.62 -6.37
N PHE B 587 -0.97 -50.99 -5.21
CA PHE B 587 -0.53 -49.63 -4.99
C PHE B 587 0.85 -49.53 -4.36
N ILE B 588 1.49 -50.65 -4.06
CA ILE B 588 2.83 -50.64 -3.49
C ILE B 588 3.83 -50.44 -4.61
N SER B 589 4.54 -49.32 -4.61
CA SER B 589 5.37 -48.91 -5.73
C SER B 589 6.84 -49.04 -5.36
N ILE B 590 7.59 -49.81 -6.16
CA ILE B 590 9.02 -50.03 -5.94
C ILE B 590 9.78 -49.50 -7.14
N TYR B 591 10.85 -48.75 -6.87
CA TYR B 591 11.65 -48.17 -7.93
C TYR B 591 13.10 -48.09 -7.49
N SER B 592 13.98 -47.84 -8.46
CA SER B 592 15.42 -47.81 -8.23
C SER B 592 15.96 -46.40 -8.45
N ASN B 593 16.72 -45.91 -7.48
CA ASN B 593 17.45 -44.65 -7.61
C ASN B 593 18.94 -44.97 -7.66
N SER B 594 19.61 -44.45 -8.68
CA SER B 594 21.02 -44.78 -8.92
C SER B 594 21.98 -43.69 -8.44
N HIS B 595 21.54 -42.44 -8.37
CA HIS B 595 22.43 -41.37 -7.91
C HIS B 595 22.85 -41.60 -6.47
N GLN B 596 21.91 -41.98 -5.60
CA GLN B 596 22.21 -42.65 -4.35
C GLN B 596 21.67 -44.07 -4.48
N MET B 597 22.56 -45.05 -4.38
CA MET B 597 22.19 -46.43 -4.72
C MET B 597 21.14 -46.91 -3.74
N ALA B 598 19.89 -46.96 -4.21
CA ALA B 598 18.78 -47.29 -3.34
C ALA B 598 17.67 -47.96 -4.15
N VAL B 599 16.92 -48.81 -3.48
CA VAL B 599 15.72 -49.44 -4.06
C VAL B 599 14.57 -49.04 -3.15
N HIS B 600 13.90 -47.94 -3.49
CA HIS B 600 12.84 -47.43 -2.64
C HIS B 600 11.56 -48.23 -2.83
N ILE B 601 10.85 -48.43 -1.73
CA ILE B 601 9.53 -49.05 -1.73
C ILE B 601 8.59 -48.15 -0.97
N ALA B 602 7.53 -47.68 -1.63
CA ALA B 602 6.56 -46.78 -1.04
C ALA B 602 5.22 -47.50 -0.93
N THR B 603 4.64 -47.47 0.27
CA THR B 603 3.38 -48.14 0.54
C THR B 603 2.31 -47.23 1.11
N ASP B 604 2.66 -46.06 1.63
CA ASP B 604 1.68 -45.19 2.26
C ASP B 604 0.70 -44.64 1.24
N GLY B 605 -0.50 -44.30 1.71
CA GLY B 605 -1.50 -43.74 0.84
C GLY B 605 -1.25 -42.29 0.51
N GLY B 606 -2.05 -41.76 -0.41
CA GLY B 606 -1.92 -40.40 -0.88
C GLY B 606 -1.09 -40.24 -2.13
N ARG B 607 -0.37 -41.29 -2.54
CA ARG B 607 0.37 -41.21 -3.79
C ARG B 607 -0.58 -41.28 -4.97
N ILE B 608 -0.28 -40.50 -6.01
CA ILE B 608 -1.12 -40.43 -7.19
C ILE B 608 -0.67 -41.50 -8.17
N CYS B 609 -1.60 -42.37 -8.56
CA CYS B 609 -1.30 -43.48 -9.45
C CYS B 609 -2.20 -43.45 -10.67
N ARG B 610 -1.66 -43.88 -11.80
CA ARG B 610 -2.43 -44.01 -13.02
C ARG B 610 -2.19 -45.37 -13.66
N PRO B 611 -3.19 -45.92 -14.34
CA PRO B 611 -3.01 -47.22 -15.01
C PRO B 611 -2.21 -47.09 -16.29
N LEU B 612 -1.40 -48.10 -16.55
CA LEU B 612 -0.61 -48.19 -17.78
C LEU B 612 -0.53 -49.64 -18.22
N ILE B 613 -0.51 -49.85 -19.53
CA ILE B 613 -0.49 -51.20 -20.09
C ILE B 613 0.93 -51.74 -20.01
N ILE B 614 1.08 -52.92 -19.40
CA ILE B 614 2.39 -53.54 -19.28
C ILE B 614 2.79 -54.13 -20.62
N VAL B 615 3.99 -53.78 -21.10
CA VAL B 615 4.52 -54.30 -22.34
C VAL B 615 5.73 -55.18 -22.02
N SER B 616 5.73 -56.39 -22.57
CA SER B 616 6.89 -57.27 -22.45
C SER B 616 7.91 -56.89 -23.51
N ASP B 617 8.91 -57.74 -23.72
CA ASP B 617 9.95 -57.45 -24.71
C ASP B 617 9.36 -57.24 -26.10
N GLY B 618 9.40 -56.00 -26.58
CA GLY B 618 9.00 -55.71 -27.94
C GLY B 618 7.52 -55.53 -28.18
N GLN B 619 6.68 -56.23 -27.42
CA GLN B 619 5.25 -56.24 -27.68
C GLN B 619 4.48 -56.08 -26.38
N SER B 620 3.22 -55.66 -26.52
CA SER B 620 2.35 -55.36 -25.39
C SER B 620 1.80 -56.64 -24.79
N ARG B 621 0.87 -56.51 -23.84
CA ARG B 621 0.24 -57.66 -23.19
C ARG B 621 -1.27 -57.72 -23.36
N VAL B 622 -1.88 -56.71 -24.02
CA VAL B 622 -3.31 -56.78 -24.27
C VAL B 622 -3.63 -57.92 -25.24
N LYS B 623 -2.77 -58.12 -26.24
CA LYS B 623 -2.80 -59.28 -27.14
C LYS B 623 -4.05 -59.34 -28.01
N ASP B 624 -4.81 -58.24 -28.11
CA ASP B 624 -5.89 -58.03 -29.06
C ASP B 624 -7.10 -58.94 -28.81
N ILE B 625 -7.03 -59.88 -27.87
CA ILE B 625 -8.17 -60.71 -27.54
C ILE B 625 -8.78 -60.35 -26.20
N HIS B 626 -8.03 -59.67 -25.32
CA HIS B 626 -8.63 -59.16 -24.10
C HIS B 626 -9.50 -57.93 -24.35
N LEU B 627 -9.18 -57.16 -25.40
CA LEU B 627 -10.06 -56.07 -25.79
C LEU B 627 -11.41 -56.60 -26.25
N ARG B 628 -11.41 -57.70 -26.99
CA ARG B 628 -12.67 -58.30 -27.42
C ARG B 628 -13.50 -58.74 -26.24
N LYS B 629 -12.87 -59.36 -25.23
CA LYS B 629 -13.60 -59.77 -24.04
C LYS B 629 -14.10 -58.57 -23.26
N LEU B 630 -13.30 -57.49 -23.21
CA LEU B 630 -13.74 -56.28 -22.52
C LEU B 630 -14.97 -55.69 -23.20
N LEU B 631 -14.97 -55.64 -24.53
CA LEU B 631 -16.12 -55.12 -25.25
C LEU B 631 -17.33 -56.06 -25.14
N ASP B 632 -17.08 -57.36 -25.00
CA ASP B 632 -18.19 -58.30 -24.83
C ASP B 632 -18.94 -58.05 -23.54
N GLY B 633 -18.22 -57.80 -22.45
CA GLY B 633 -18.85 -57.53 -21.18
C GLY B 633 -18.11 -58.10 -19.99
N GLU B 634 -17.13 -58.96 -20.25
CA GLU B 634 -16.29 -59.53 -19.20
C GLU B 634 -15.00 -58.73 -19.08
N LEU B 635 -14.21 -59.07 -18.07
CA LEU B 635 -12.94 -58.41 -17.77
C LEU B 635 -13.15 -56.90 -17.54
N ASP B 636 -13.83 -56.59 -16.43
CA ASP B 636 -14.17 -55.21 -16.12
C ASP B 636 -13.01 -54.46 -15.48
N PHE B 637 -11.84 -54.48 -16.14
CA PHE B 637 -10.65 -53.73 -15.75
C PHE B 637 -10.06 -54.23 -14.44
N ASP B 638 -10.74 -55.14 -13.76
CA ASP B 638 -10.18 -55.77 -12.58
C ASP B 638 -9.48 -57.08 -12.90
N ASP B 639 -10.08 -57.89 -13.78
CA ASP B 639 -9.36 -59.05 -14.30
C ASP B 639 -8.19 -58.64 -15.18
N PHE B 640 -8.14 -57.38 -15.63
CA PHE B 640 -6.94 -56.89 -16.28
C PHE B 640 -5.78 -56.72 -15.30
N LEU B 641 -6.09 -56.28 -14.07
CA LEU B 641 -5.06 -56.21 -13.04
C LEU B 641 -4.69 -57.59 -12.53
N LYS B 642 -5.70 -58.46 -12.35
CA LYS B 642 -5.42 -59.81 -11.85
C LYS B 642 -4.57 -60.61 -12.83
N LEU B 643 -4.80 -60.43 -14.13
CA LEU B 643 -4.02 -61.12 -15.15
C LEU B 643 -2.73 -60.40 -15.49
N GLY B 644 -2.45 -59.27 -14.83
CA GLY B 644 -1.19 -58.58 -15.03
C GLY B 644 -0.99 -57.96 -16.38
N LEU B 645 -2.06 -57.44 -16.99
CA LEU B 645 -1.95 -56.73 -18.26
C LEU B 645 -1.68 -55.25 -18.05
N VAL B 646 -2.29 -54.65 -17.04
CA VAL B 646 -2.09 -53.23 -16.72
C VAL B 646 -1.69 -53.13 -15.26
N GLU B 647 -1.05 -52.00 -14.92
CA GLU B 647 -0.61 -51.78 -13.55
C GLU B 647 -0.62 -50.30 -13.24
N TYR B 648 -0.68 -49.98 -11.95
CA TYR B 648 -0.72 -48.60 -11.49
C TYR B 648 0.70 -48.11 -11.26
N LEU B 649 1.08 -47.04 -11.98
CA LEU B 649 2.35 -46.36 -11.76
C LEU B 649 2.10 -45.05 -11.05
N ASP B 650 2.86 -44.79 -10.00
CA ASP B 650 2.84 -43.47 -9.38
C ASP B 650 3.92 -42.60 -10.00
N VAL B 651 4.10 -41.40 -9.46
CA VAL B 651 5.03 -40.46 -10.06
C VAL B 651 6.46 -40.96 -9.97
N ASN B 652 6.82 -41.59 -8.85
CA ASN B 652 8.20 -42.01 -8.65
C ASN B 652 8.56 -43.23 -9.49
N GLU B 653 7.65 -44.20 -9.58
CA GLU B 653 7.94 -45.40 -10.36
C GLU B 653 8.08 -45.10 -11.83
N GLU B 654 7.52 -43.98 -12.31
CA GLU B 654 7.70 -43.59 -13.71
C GLU B 654 9.14 -43.20 -14.01
N ASN B 655 9.94 -42.90 -12.99
CA ASN B 655 11.36 -42.60 -13.22
C ASN B 655 12.07 -43.81 -13.78
N ASP B 656 11.75 -45.00 -13.29
CA ASP B 656 12.41 -46.23 -13.72
C ASP B 656 11.80 -46.81 -14.99
N SER B 657 10.76 -46.20 -15.53
CA SER B 657 10.03 -46.77 -16.65
C SER B 657 10.31 -46.02 -17.95
N TYR B 658 10.05 -46.71 -19.05
CA TYR B 658 10.12 -46.13 -20.40
C TYR B 658 8.76 -46.32 -21.03
N ILE B 659 8.03 -45.23 -21.21
CA ILE B 659 6.61 -45.26 -21.55
C ILE B 659 6.42 -44.88 -23.01
N ALA B 660 5.64 -45.68 -23.73
CA ALA B 660 5.36 -45.44 -25.14
C ALA B 660 4.03 -44.72 -25.29
N LEU B 661 4.01 -43.67 -26.10
CA LEU B 661 2.78 -42.92 -26.32
C LEU B 661 1.77 -43.72 -27.13
N TYR B 662 2.24 -44.43 -28.16
CA TYR B 662 1.38 -45.25 -28.99
C TYR B 662 2.05 -46.59 -29.24
N GLU B 663 1.24 -47.58 -29.61
CA GLU B 663 1.76 -48.93 -29.80
C GLU B 663 2.78 -48.98 -30.95
N LYS B 664 2.66 -48.10 -31.93
CA LYS B 664 3.58 -48.09 -33.06
C LYS B 664 4.96 -47.56 -32.70
N ASP B 665 5.14 -46.99 -31.51
CA ASP B 665 6.42 -46.47 -31.07
C ASP B 665 7.18 -47.41 -30.14
N ILE B 666 6.68 -48.63 -29.95
CA ILE B 666 7.27 -49.53 -28.95
C ILE B 666 8.56 -50.09 -29.52
N VAL B 667 9.69 -49.57 -29.03
CA VAL B 667 11.01 -50.16 -29.29
C VAL B 667 11.20 -51.25 -28.26
N PRO B 668 12.08 -52.25 -28.49
CA PRO B 668 12.21 -53.37 -27.56
C PRO B 668 13.00 -53.02 -26.29
N SER B 669 12.72 -51.86 -25.72
CA SER B 669 13.26 -51.48 -24.43
C SER B 669 12.25 -50.83 -23.50
N MET B 670 11.08 -50.42 -23.98
CA MET B 670 10.09 -49.76 -23.15
C MET B 670 9.34 -50.78 -22.31
N THR B 671 8.91 -50.35 -21.12
CA THR B 671 8.28 -51.23 -20.15
C THR B 671 6.85 -50.83 -19.82
N HIS B 672 6.31 -49.80 -20.46
CA HIS B 672 4.93 -49.40 -20.24
C HIS B 672 4.38 -48.76 -21.50
N LEU B 673 3.05 -48.75 -21.61
CA LEU B 673 2.36 -48.18 -22.74
C LEU B 673 1.19 -47.35 -22.25
N GLU B 674 0.97 -46.21 -22.90
CA GLU B 674 -0.15 -45.35 -22.55
C GLU B 674 -1.45 -45.95 -23.04
N ILE B 675 -2.45 -46.01 -22.16
CA ILE B 675 -3.78 -46.42 -22.59
C ILE B 675 -4.35 -45.43 -23.59
N GLU B 676 -4.21 -44.13 -23.31
CA GLU B 676 -4.61 -43.08 -24.23
C GLU B 676 -4.03 -41.75 -23.79
N PRO B 677 -3.44 -40.98 -24.70
CA PRO B 677 -2.80 -39.72 -24.32
C PRO B 677 -3.75 -38.56 -24.07
N PHE B 678 -5.05 -38.72 -24.30
CA PHE B 678 -5.98 -37.61 -24.06
C PHE B 678 -6.52 -37.60 -22.64
N THR B 679 -6.06 -38.50 -21.78
CA THR B 679 -6.43 -38.49 -20.37
C THR B 679 -5.55 -37.58 -19.54
N ILE B 680 -4.62 -36.86 -20.18
CA ILE B 680 -3.83 -35.86 -19.46
C ILE B 680 -4.63 -34.62 -19.13
N LEU B 681 -5.88 -34.55 -19.56
CA LEU B 681 -6.76 -33.42 -19.30
C LEU B 681 -7.89 -33.85 -18.38
N GLY B 682 -8.31 -32.95 -17.50
CA GLY B 682 -9.35 -33.26 -16.52
C GLY B 682 -10.72 -33.24 -17.15
N ALA B 683 -11.73 -33.29 -16.27
CA ALA B 683 -13.12 -33.31 -16.73
C ALA B 683 -13.48 -32.02 -17.46
N VAL B 684 -13.06 -30.87 -16.92
CA VAL B 684 -13.40 -29.59 -17.53
C VAL B 684 -12.70 -29.46 -18.89
N ALA B 685 -11.40 -29.76 -18.93
CA ALA B 685 -10.63 -29.59 -20.15
C ALA B 685 -11.08 -30.52 -21.27
N GLY B 686 -11.89 -31.53 -20.96
CA GLY B 686 -12.45 -32.35 -22.02
C GLY B 686 -13.54 -31.67 -22.83
N LEU B 687 -13.98 -30.49 -22.40
CA LEU B 687 -15.00 -29.77 -23.16
C LEU B 687 -14.44 -29.25 -24.48
N ILE B 688 -13.17 -28.87 -24.50
CA ILE B 688 -12.60 -28.17 -25.65
C ILE B 688 -12.59 -29.09 -26.86
N PRO B 689 -13.00 -28.64 -28.05
CA PRO B 689 -12.84 -29.46 -29.25
C PRO B 689 -11.49 -29.23 -29.92
N TYR B 690 -10.80 -30.31 -30.24
CA TYR B 690 -9.43 -30.25 -30.77
C TYR B 690 -8.53 -29.39 -29.89
N PRO B 691 -8.37 -29.73 -28.60
CA PRO B 691 -7.53 -28.89 -27.73
C PRO B 691 -6.06 -28.92 -28.10
N HIS B 692 -5.62 -29.89 -28.89
CA HIS B 692 -4.22 -29.99 -29.27
C HIS B 692 -3.84 -29.05 -30.40
N HIS B 693 -4.79 -28.29 -30.94
CA HIS B 693 -4.49 -27.29 -31.95
C HIS B 693 -4.44 -25.88 -31.40
N ASN B 694 -5.09 -25.62 -30.27
CA ASN B 694 -5.13 -24.28 -29.70
C ASN B 694 -3.80 -23.96 -29.01
N GLN B 695 -3.64 -22.67 -28.69
CA GLN B 695 -2.56 -22.23 -27.83
C GLN B 695 -2.95 -22.47 -26.38
N SER B 696 -1.97 -22.82 -25.55
CA SER B 696 -2.26 -23.27 -24.19
C SER B 696 -3.04 -22.27 -23.34
N PRO B 697 -2.73 -20.97 -23.34
CA PRO B 697 -3.56 -20.03 -22.56
C PRO B 697 -5.02 -20.04 -22.97
N ARG B 698 -5.32 -20.28 -24.25
CA ARG B 698 -6.71 -20.40 -24.68
C ARG B 698 -7.39 -21.58 -23.99
N ASN B 699 -6.71 -22.72 -23.92
CA ASN B 699 -7.26 -23.88 -23.23
C ASN B 699 -7.47 -23.60 -21.75
N THR B 700 -6.51 -22.89 -21.14
CA THR B 700 -6.66 -22.56 -19.72
C THR B 700 -7.85 -21.63 -19.49
N TYR B 701 -8.03 -20.62 -20.34
CA TYR B 701 -9.16 -19.73 -20.21
C TYR B 701 -10.48 -20.47 -20.40
N GLN B 702 -10.51 -21.42 -21.34
CA GLN B 702 -11.72 -22.22 -21.51
C GLN B 702 -12.01 -23.05 -20.27
N CYS B 703 -10.97 -23.67 -19.69
CA CYS B 703 -11.17 -24.43 -18.47
C CYS B 703 -11.68 -23.55 -17.34
N ALA B 704 -11.24 -22.28 -17.30
CA ALA B 704 -11.70 -21.36 -16.27
C ALA B 704 -13.15 -20.97 -16.47
N MET B 705 -13.53 -20.62 -17.71
CA MET B 705 -14.84 -20.03 -17.97
C MET B 705 -15.90 -21.05 -18.35
N GLY B 706 -15.56 -22.33 -18.47
CA GLY B 706 -16.58 -23.32 -18.72
C GLY B 706 -17.41 -23.66 -17.50
N LYS B 707 -16.88 -23.39 -16.31
CA LYS B 707 -17.65 -23.61 -15.08
C LYS B 707 -18.77 -22.59 -14.96
N GLN B 708 -18.54 -21.36 -15.43
CA GLN B 708 -19.50 -20.27 -15.31
C GLN B 708 -20.31 -20.08 -16.59
N ALA B 709 -20.61 -21.17 -17.29
CA ALA B 709 -21.46 -21.14 -18.46
C ALA B 709 -22.84 -21.65 -18.06
N ILE B 710 -23.87 -20.84 -18.29
CA ILE B 710 -25.21 -21.19 -17.86
C ILE B 710 -25.76 -22.30 -18.74
N GLY B 711 -26.54 -23.18 -18.12
CA GLY B 711 -27.11 -24.29 -18.83
C GLY B 711 -27.79 -25.24 -17.88
N ALA B 712 -28.17 -26.41 -18.40
CA ALA B 712 -28.80 -27.43 -17.58
C ALA B 712 -27.89 -27.83 -16.44
N ILE B 713 -28.48 -28.02 -15.26
CA ILE B 713 -27.73 -28.31 -14.04
C ILE B 713 -28.02 -29.71 -13.53
N ALA B 714 -29.28 -30.10 -13.47
CA ALA B 714 -29.65 -31.42 -12.98
C ALA B 714 -31.04 -31.77 -13.46
N TYR B 715 -31.37 -33.06 -13.37
CA TYR B 715 -32.72 -33.49 -13.75
C TYR B 715 -33.76 -32.92 -12.80
N ASN B 716 -33.41 -32.75 -11.52
CA ASN B 716 -34.32 -32.15 -10.54
C ASN B 716 -34.11 -30.66 -10.38
N GLN B 717 -33.63 -29.96 -11.42
CA GLN B 717 -33.33 -28.55 -11.29
C GLN B 717 -34.57 -27.71 -11.05
N PHE B 718 -35.77 -28.24 -11.34
CA PHE B 718 -37.00 -27.54 -11.06
C PHE B 718 -37.59 -27.88 -9.70
N LYS B 719 -37.18 -29.01 -9.11
CA LYS B 719 -37.56 -29.36 -7.75
C LYS B 719 -36.55 -28.87 -6.72
N ARG B 720 -35.71 -27.91 -7.09
CA ARG B 720 -34.59 -27.47 -6.28
C ARG B 720 -34.73 -26.00 -5.96
N ILE B 721 -34.50 -25.64 -4.71
CA ILE B 721 -34.54 -24.25 -4.26
C ILE B 721 -33.14 -23.90 -3.79
N ASP B 722 -32.33 -23.33 -4.69
CA ASP B 722 -30.96 -22.94 -4.38
C ASP B 722 -30.84 -21.42 -4.33
N THR B 723 -29.70 -20.97 -3.80
CA THR B 723 -29.49 -19.53 -3.62
C THR B 723 -29.51 -18.80 -4.95
N LEU B 724 -28.88 -19.37 -5.98
CA LEU B 724 -28.80 -18.71 -7.27
C LEU B 724 -28.55 -19.77 -8.34
N LEU B 725 -29.54 -19.99 -9.20
CA LEU B 725 -29.43 -20.95 -10.28
C LEU B 725 -29.60 -20.22 -11.61
N TYR B 726 -28.70 -20.50 -12.54
CA TYR B 726 -28.83 -20.03 -13.92
C TYR B 726 -29.18 -21.22 -14.79
N LEU B 727 -30.22 -21.09 -15.59
CA LEU B 727 -30.70 -22.17 -16.43
C LEU B 727 -30.83 -21.70 -17.86
N MET B 728 -30.67 -22.63 -18.79
CA MET B 728 -30.82 -22.37 -20.22
C MET B 728 -32.16 -22.91 -20.68
N THR B 729 -32.90 -22.10 -21.43
CA THR B 729 -34.23 -22.51 -21.87
C THR B 729 -34.14 -23.65 -22.88
N TYR B 730 -33.27 -23.52 -23.87
CA TYR B 730 -33.12 -24.51 -24.94
C TYR B 730 -31.65 -24.92 -25.08
N PRO B 731 -31.14 -25.70 -24.13
CA PRO B 731 -29.76 -26.18 -24.27
C PRO B 731 -29.64 -27.16 -25.42
N GLN B 732 -28.48 -27.17 -26.05
CA GLN B 732 -28.23 -28.01 -27.21
C GLN B 732 -26.93 -28.79 -27.05
N GLN B 733 -26.98 -30.05 -27.46
CA GLN B 733 -25.79 -30.88 -27.44
C GLN B 733 -24.75 -30.31 -28.39
N PRO B 734 -23.47 -30.32 -28.02
CA PRO B 734 -22.45 -29.77 -28.92
C PRO B 734 -22.33 -30.59 -30.20
N MET B 735 -22.03 -29.90 -31.30
CA MET B 735 -21.83 -30.58 -32.57
C MET B 735 -20.54 -31.38 -32.57
N VAL B 736 -19.43 -30.73 -32.22
CA VAL B 736 -18.12 -31.37 -32.18
C VAL B 736 -17.92 -31.86 -30.75
N LYS B 737 -18.24 -33.13 -30.52
CA LYS B 737 -18.15 -33.69 -29.18
C LYS B 737 -16.71 -33.99 -28.84
N THR B 738 -16.52 -34.73 -27.75
CA THR B 738 -15.21 -35.20 -27.30
C THR B 738 -15.42 -36.52 -26.58
N LYS B 739 -14.45 -37.43 -26.71
CA LYS B 739 -14.57 -38.71 -26.02
C LYS B 739 -14.68 -38.54 -24.52
N THR B 740 -14.21 -37.41 -23.98
CA THR B 740 -14.32 -37.17 -22.55
C THR B 740 -15.76 -36.83 -22.15
N ILE B 741 -16.43 -35.98 -22.94
CA ILE B 741 -17.75 -35.49 -22.55
C ILE B 741 -18.82 -36.56 -22.60
N GLU B 742 -18.60 -37.66 -23.33
CA GLU B 742 -19.51 -38.79 -23.24
C GLU B 742 -19.41 -39.49 -21.90
N LEU B 743 -18.19 -39.55 -21.34
CA LEU B 743 -17.97 -40.24 -20.08
C LEU B 743 -18.47 -39.44 -18.88
N ILE B 744 -18.36 -38.11 -18.94
CA ILE B 744 -18.85 -37.25 -17.87
C ILE B 744 -20.27 -36.77 -18.13
N ASP B 745 -20.95 -37.33 -19.14
CA ASP B 745 -22.36 -37.05 -19.40
C ASP B 745 -22.62 -35.57 -19.66
N TYR B 746 -21.70 -34.91 -20.37
CA TYR B 746 -21.90 -33.52 -20.73
C TYR B 746 -22.81 -33.35 -21.94
N ASP B 747 -23.05 -34.40 -22.70
CA ASP B 747 -24.00 -34.36 -23.80
C ASP B 747 -25.43 -34.60 -23.35
N LYS B 748 -25.64 -34.90 -22.07
CA LYS B 748 -26.98 -35.05 -21.52
C LYS B 748 -27.45 -33.83 -20.75
N LEU B 749 -26.52 -33.03 -20.22
CA LEU B 749 -26.84 -31.77 -19.54
C LEU B 749 -25.92 -30.69 -20.07
N PRO B 750 -26.07 -30.31 -21.33
CA PRO B 750 -25.16 -29.32 -21.92
C PRO B 750 -25.51 -27.91 -21.48
N ALA B 751 -24.54 -27.01 -21.68
CA ALA B 751 -24.69 -25.59 -21.36
C ALA B 751 -24.21 -24.80 -22.56
N GLY B 752 -25.08 -24.62 -23.54
CA GLY B 752 -24.72 -23.88 -24.73
C GLY B 752 -25.63 -24.23 -25.88
N GLN B 753 -25.38 -23.57 -27.00
CA GLN B 753 -26.17 -23.76 -28.21
C GLN B 753 -25.27 -23.64 -29.43
N ASN B 754 -25.65 -24.33 -30.50
CA ASN B 754 -24.86 -24.34 -31.72
C ASN B 754 -25.23 -23.13 -32.56
N ALA B 755 -24.47 -22.05 -32.44
CA ALA B 755 -24.74 -20.83 -33.17
C ALA B 755 -24.11 -20.89 -34.56
N THR B 756 -24.87 -20.47 -35.57
CA THR B 756 -24.34 -20.40 -36.92
C THR B 756 -23.43 -19.20 -37.04
N VAL B 757 -22.14 -19.39 -36.79
CA VAL B 757 -21.18 -18.30 -36.77
C VAL B 757 -20.68 -18.01 -38.17
N ALA B 758 -20.57 -16.73 -38.49
CA ALA B 758 -19.92 -16.25 -39.70
C ALA B 758 -18.74 -15.39 -39.24
N VAL B 759 -17.53 -15.91 -39.42
CA VAL B 759 -16.32 -15.21 -38.99
C VAL B 759 -16.06 -14.10 -40.00
N MET B 760 -16.41 -12.86 -39.65
CA MET B 760 -16.32 -11.76 -40.60
C MET B 760 -16.40 -10.44 -39.84
N SER B 761 -15.65 -9.45 -40.31
CA SER B 761 -15.70 -8.11 -39.75
C SER B 761 -17.00 -7.44 -40.20
N TYR B 762 -17.91 -7.22 -39.28
CA TYR B 762 -19.24 -6.71 -39.63
C TYR B 762 -19.67 -5.61 -38.67
N SER B 763 -20.18 -4.52 -39.21
CA SER B 763 -20.91 -3.48 -38.48
C SER B 763 -20.01 -2.61 -37.60
N GLY B 764 -18.73 -2.98 -37.48
CA GLY B 764 -17.81 -2.23 -36.66
C GLY B 764 -17.99 -2.36 -35.17
N TYR B 765 -19.14 -2.86 -34.71
CA TYR B 765 -19.40 -3.02 -33.29
C TYR B 765 -18.81 -4.30 -32.72
N ASP B 766 -17.83 -4.89 -33.40
CA ASP B 766 -17.19 -6.13 -32.94
C ASP B 766 -15.68 -6.01 -33.05
N ILE B 767 -15.13 -4.90 -32.55
CA ILE B 767 -13.71 -4.62 -32.74
C ILE B 767 -12.85 -5.50 -31.84
N GLU B 768 -13.00 -5.34 -30.53
CA GLU B 768 -12.15 -6.04 -29.57
C GLU B 768 -13.00 -7.06 -28.83
N ASP B 769 -12.98 -8.30 -29.29
CA ASP B 769 -13.65 -9.42 -28.64
C ASP B 769 -15.17 -9.26 -28.60
N ALA B 770 -15.69 -8.16 -29.12
CA ALA B 770 -17.13 -7.94 -29.11
C ALA B 770 -17.80 -8.78 -30.18
N LEU B 771 -19.01 -9.22 -29.90
CA LEU B 771 -19.77 -10.04 -30.83
C LEU B 771 -20.89 -9.23 -31.48
N VAL B 772 -21.51 -9.83 -32.50
CA VAL B 772 -22.64 -9.23 -33.19
C VAL B 772 -23.76 -10.27 -33.14
N LEU B 773 -24.58 -10.20 -32.10
CA LEU B 773 -25.71 -11.12 -32.01
C LEU B 773 -26.74 -10.79 -33.08
N ASN B 774 -27.47 -11.81 -33.51
CA ASN B 774 -28.45 -11.68 -34.59
C ASN B 774 -29.84 -11.59 -33.97
N LYS B 775 -30.45 -10.41 -34.06
CA LYS B 775 -31.87 -10.32 -33.75
C LYS B 775 -32.65 -11.20 -34.71
N SER B 776 -33.91 -11.47 -34.36
CA SER B 776 -34.77 -12.44 -35.02
C SER B 776 -34.32 -13.87 -34.78
N SER B 777 -33.20 -14.07 -34.10
CA SER B 777 -32.85 -15.37 -33.52
C SER B 777 -32.96 -15.36 -32.01
N ILE B 778 -32.58 -14.24 -31.38
CA ILE B 778 -32.90 -14.03 -29.98
C ILE B 778 -34.41 -14.07 -29.77
N ASP B 779 -35.16 -13.50 -30.72
CA ASP B 779 -36.62 -13.53 -30.64
C ASP B 779 -37.14 -14.96 -30.70
N ARG B 780 -36.57 -15.78 -31.59
CA ARG B 780 -36.96 -17.18 -31.68
C ARG B 780 -36.45 -18.01 -30.51
N GLY B 781 -35.60 -17.44 -29.67
CA GLY B 781 -35.09 -18.11 -28.50
C GLY B 781 -33.68 -18.61 -28.70
N PHE B 782 -32.70 -17.81 -28.30
CA PHE B 782 -31.29 -18.16 -28.47
C PHE B 782 -30.51 -17.40 -27.41
N GLY B 783 -29.94 -18.12 -26.46
CA GLY B 783 -29.40 -17.47 -25.29
C GLY B 783 -30.43 -17.10 -24.26
N ARG B 784 -31.70 -17.48 -24.47
CA ARG B 784 -32.72 -17.27 -23.46
C ARG B 784 -32.34 -18.01 -22.19
N CYS B 785 -32.42 -17.33 -21.05
CA CYS B 785 -31.95 -17.90 -19.80
C CYS B 785 -32.94 -17.60 -18.69
N GLU B 786 -32.71 -18.20 -17.54
CA GLU B 786 -33.56 -18.02 -16.37
C GLU B 786 -32.69 -17.94 -15.13
N THR B 787 -33.04 -17.02 -14.23
CA THR B 787 -32.36 -16.85 -12.96
C THR B 787 -33.33 -17.13 -11.82
N ARG B 788 -33.00 -18.12 -11.00
CA ARG B 788 -33.82 -18.50 -9.86
C ARG B 788 -33.09 -18.16 -8.58
N ARG B 789 -33.73 -17.39 -7.70
CA ARG B 789 -33.13 -16.98 -6.44
C ARG B 789 -34.07 -17.32 -5.29
N LYS B 790 -33.51 -17.90 -4.23
CA LYS B 790 -34.30 -18.26 -3.07
C LYS B 790 -34.23 -17.16 -2.01
N THR B 791 -35.29 -17.04 -1.23
CA THR B 791 -35.35 -16.14 -0.08
C THR B 791 -35.90 -16.96 1.08
N THR B 792 -35.12 -17.06 2.15
CA THR B 792 -35.52 -17.85 3.30
C THR B 792 -36.02 -16.95 4.42
N THR B 793 -36.93 -17.49 5.22
CA THR B 793 -37.49 -16.78 6.35
C THR B 793 -37.73 -17.76 7.48
N VAL B 794 -37.23 -17.44 8.67
CA VAL B 794 -37.37 -18.28 9.85
C VAL B 794 -38.25 -17.56 10.85
N LEU B 795 -39.35 -18.20 11.24
CA LEU B 795 -40.27 -17.65 12.24
C LEU B 795 -39.85 -18.21 13.60
N LYS B 796 -38.79 -17.62 14.15
CA LYS B 796 -38.21 -18.10 15.39
C LYS B 796 -39.17 -17.90 16.56
N ARG B 797 -39.16 -18.85 17.49
CA ARG B 797 -39.92 -18.73 18.73
C ARG B 797 -39.00 -18.16 19.80
N TYR B 798 -39.32 -16.97 20.29
CA TYR B 798 -38.51 -16.35 21.33
C TYR B 798 -38.72 -17.05 22.67
N ALA B 799 -37.81 -16.78 23.60
CA ALA B 799 -37.88 -17.41 24.92
C ALA B 799 -39.11 -16.99 25.70
N ASN B 800 -39.74 -15.87 25.32
CA ASN B 800 -40.93 -15.37 26.01
C ASN B 800 -42.22 -15.97 25.48
N HIS B 801 -42.15 -17.16 24.88
CA HIS B 801 -43.32 -17.86 24.34
C HIS B 801 -44.05 -17.00 23.31
N THR B 802 -43.29 -16.28 22.49
CA THR B 802 -43.83 -15.40 21.48
C THR B 802 -43.25 -15.77 20.11
N GLN B 803 -44.13 -15.91 19.12
CA GLN B 803 -43.74 -16.34 17.79
C GLN B 803 -43.73 -15.15 16.84
N ASP B 804 -43.45 -15.41 15.56
CA ASP B 804 -43.53 -14.40 14.52
C ASP B 804 -44.69 -14.73 13.60
N ILE B 805 -45.58 -13.76 13.40
CA ILE B 805 -46.82 -13.95 12.66
C ILE B 805 -46.62 -13.44 11.25
N ILE B 806 -46.97 -14.26 10.26
CA ILE B 806 -46.84 -13.90 8.86
C ILE B 806 -48.14 -13.28 8.36
N GLY B 807 -49.00 -12.88 9.28
CA GLY B 807 -50.24 -12.23 8.92
C GLY B 807 -50.05 -10.95 8.15
N GLY B 808 -50.83 -10.76 7.09
CA GLY B 808 -50.72 -9.58 6.27
C GLY B 808 -51.94 -9.33 5.41
N MET B 809 -51.71 -8.91 4.16
CA MET B 809 -52.77 -8.69 3.18
C MET B 809 -53.73 -7.59 3.64
N ARG B 810 -53.20 -6.37 3.73
CA ARG B 810 -54.03 -5.22 4.01
C ARG B 810 -54.94 -4.91 2.81
N VAL B 811 -56.04 -4.24 3.10
CA VAL B 811 -57.04 -3.90 2.08
C VAL B 811 -57.33 -2.41 2.15
N ASP B 812 -57.39 -1.76 0.99
CA ASP B 812 -57.75 -0.36 0.91
C ASP B 812 -59.26 -0.24 0.69
N GLU B 813 -59.72 0.95 0.32
CA GLU B 813 -61.14 1.18 0.13
C GLU B 813 -61.68 0.35 -1.02
N ASN B 814 -62.98 0.06 -0.96
CA ASN B 814 -63.66 -0.78 -1.95
C ASN B 814 -63.00 -2.15 -2.06
N GLY B 815 -62.58 -2.70 -0.93
CA GLY B 815 -61.88 -3.97 -0.94
C GLY B 815 -60.52 -3.82 -1.61
N ASP B 816 -60.06 -4.91 -2.24
CA ASP B 816 -58.83 -4.98 -3.02
C ASP B 816 -57.58 -4.81 -2.15
N PRO B 817 -56.46 -5.37 -2.55
CA PRO B 817 -55.21 -5.15 -1.80
C PRO B 817 -54.52 -3.86 -2.23
N ILE B 818 -53.72 -3.33 -1.32
CA ILE B 818 -52.94 -2.13 -1.60
C ILE B 818 -51.85 -2.48 -2.60
N TRP B 819 -51.20 -1.45 -3.16
CA TRP B 819 -50.21 -1.69 -4.21
C TRP B 819 -49.05 -2.54 -3.70
N GLN B 820 -48.55 -2.24 -2.50
CA GLN B 820 -47.46 -3.02 -1.93
C GLN B 820 -47.86 -4.47 -1.67
N HIS B 821 -49.15 -4.72 -1.42
CA HIS B 821 -49.64 -6.07 -1.17
C HIS B 821 -50.39 -6.64 -2.36
N GLN B 822 -50.26 -6.02 -3.54
CA GLN B 822 -51.02 -6.43 -4.71
C GLN B 822 -50.67 -7.84 -5.18
N SER B 823 -49.54 -8.39 -4.74
CA SER B 823 -49.10 -9.73 -5.11
C SER B 823 -48.67 -10.52 -3.89
N LEU B 824 -49.51 -10.51 -2.85
CA LEU B 824 -49.18 -11.14 -1.58
C LEU B 824 -50.04 -12.35 -1.26
N GLY B 825 -51.34 -12.29 -1.51
CA GLY B 825 -52.22 -13.38 -1.20
C GLY B 825 -52.77 -13.31 0.21
N PRO B 826 -53.80 -14.10 0.50
CA PRO B 826 -54.45 -14.00 1.82
C PRO B 826 -53.55 -14.41 2.99
N ASP B 827 -52.65 -15.37 2.78
CA ASP B 827 -51.89 -15.96 3.88
C ASP B 827 -50.58 -15.24 4.15
N GLY B 828 -50.30 -14.15 3.43
CA GLY B 828 -49.07 -13.41 3.64
C GLY B 828 -47.86 -13.97 2.93
N LEU B 829 -48.01 -15.05 2.17
CA LEU B 829 -46.94 -15.59 1.35
C LEU B 829 -47.33 -15.44 -0.12
N GLY B 830 -46.43 -14.84 -0.90
CA GLY B 830 -46.72 -14.46 -2.27
C GLY B 830 -47.31 -15.57 -3.12
N GLU B 831 -48.35 -15.23 -3.89
CA GLU B 831 -49.02 -16.20 -4.73
C GLU B 831 -48.06 -16.74 -5.78
N VAL B 832 -48.10 -18.05 -6.00
CA VAL B 832 -47.19 -18.70 -6.95
C VAL B 832 -47.67 -18.40 -8.36
N GLY B 833 -46.78 -17.84 -9.18
CA GLY B 833 -47.07 -17.48 -10.54
C GLY B 833 -47.28 -16.00 -10.78
N MET B 834 -47.48 -15.23 -9.71
CA MET B 834 -47.70 -13.79 -9.85
C MET B 834 -46.39 -13.09 -10.21
N LYS B 835 -46.45 -11.77 -10.33
CA LYS B 835 -45.30 -10.96 -10.67
C LYS B 835 -45.07 -9.91 -9.58
N VAL B 836 -43.82 -9.75 -9.19
CA VAL B 836 -43.45 -8.80 -8.16
C VAL B 836 -42.46 -7.80 -8.76
N GLN B 837 -42.44 -6.59 -8.17
CA GLN B 837 -41.61 -5.49 -8.64
C GLN B 837 -40.95 -4.83 -7.44
N SER B 838 -40.36 -3.65 -7.65
CA SER B 838 -39.83 -2.88 -6.54
C SER B 838 -40.95 -2.60 -5.55
N GLY B 839 -40.70 -2.88 -4.28
CA GLY B 839 -41.77 -2.96 -3.30
C GLY B 839 -42.34 -4.37 -3.30
N GLN B 840 -43.67 -4.47 -3.38
CA GLN B 840 -44.36 -5.73 -3.64
C GLN B 840 -43.95 -6.80 -2.64
N ILE B 841 -44.36 -6.57 -1.39
CA ILE B 841 -44.09 -7.52 -0.32
C ILE B 841 -44.66 -8.89 -0.68
N TYR B 842 -43.82 -9.91 -0.58
CA TYR B 842 -44.26 -11.28 -0.82
C TYR B 842 -44.10 -12.19 0.39
N ILE B 843 -43.46 -11.73 1.46
CA ILE B 843 -43.46 -12.41 2.76
C ILE B 843 -43.74 -11.33 3.80
N ASN B 844 -45.00 -11.23 4.23
CA ASN B 844 -45.39 -10.20 5.20
C ASN B 844 -45.17 -10.75 6.61
N LYS B 845 -43.93 -10.66 7.05
CA LYS B 845 -43.53 -11.20 8.35
C LYS B 845 -43.59 -10.11 9.40
N SER B 846 -44.22 -10.41 10.53
CA SER B 846 -44.29 -9.52 11.68
C SER B 846 -43.53 -10.14 12.85
N VAL B 847 -42.91 -9.29 13.65
CA VAL B 847 -42.07 -9.75 14.76
C VAL B 847 -42.50 -9.01 16.02
N PRO B 848 -42.54 -9.67 17.18
CA PRO B 848 -42.93 -8.98 18.41
C PRO B 848 -41.97 -7.84 18.76
N THR B 849 -42.52 -6.78 19.31
CA THR B 849 -41.71 -5.70 19.85
C THR B 849 -41.17 -6.00 21.24
N ASN B 850 -41.72 -7.01 21.91
CA ASN B 850 -41.33 -7.39 23.26
C ASN B 850 -40.56 -8.72 23.27
N SER B 851 -39.71 -8.92 22.28
CA SER B 851 -38.94 -10.15 22.19
C SER B 851 -37.91 -10.30 23.31
N ALA B 852 -37.63 -9.22 24.04
CA ALA B 852 -36.69 -9.28 25.16
C ALA B 852 -37.36 -8.89 26.47
N GLN B 863 -48.27 -9.82 22.83
CA GLN B 863 -48.12 -10.26 21.45
C GLN B 863 -48.80 -9.29 20.50
N THR B 864 -49.64 -8.41 21.05
CA THR B 864 -50.40 -7.48 20.21
C THR B 864 -49.48 -6.51 19.48
N GLN B 865 -48.43 -6.03 20.14
CA GLN B 865 -47.51 -5.06 19.54
C GLN B 865 -46.59 -5.82 18.58
N TYR B 866 -47.02 -5.93 17.33
CA TYR B 866 -46.26 -6.61 16.29
C TYR B 866 -45.65 -5.57 15.36
N ARG B 867 -44.34 -5.41 15.40
CA ARG B 867 -43.65 -4.57 14.44
C ARG B 867 -43.56 -5.30 13.12
N GLU B 868 -44.03 -4.66 12.06
CA GLU B 868 -44.09 -5.31 10.75
C GLU B 868 -42.74 -5.21 10.07
N ALA B 869 -42.15 -6.35 9.72
CA ALA B 869 -40.84 -6.42 9.08
C ALA B 869 -40.98 -7.28 7.82
N PRO B 870 -41.64 -6.77 6.79
CA PRO B 870 -41.91 -7.57 5.60
C PRO B 870 -40.65 -7.78 4.77
N VAL B 871 -40.70 -8.83 3.94
CA VAL B 871 -39.64 -9.10 2.98
C VAL B 871 -40.04 -8.46 1.67
N ILE B 872 -39.21 -7.54 1.18
CA ILE B 872 -39.53 -6.72 0.02
C ILE B 872 -38.59 -7.12 -1.12
N TYR B 873 -39.17 -7.37 -2.30
CA TYR B 873 -38.39 -7.65 -3.50
C TYR B 873 -37.78 -6.35 -3.99
N ARG B 874 -36.48 -6.19 -3.80
CA ARG B 874 -35.75 -4.99 -4.21
C ARG B 874 -34.94 -5.36 -5.45
N GLY B 875 -35.56 -5.24 -6.61
CA GLY B 875 -34.91 -5.59 -7.85
C GLY B 875 -35.11 -4.52 -8.91
N PRO B 876 -34.28 -4.55 -9.95
CA PRO B 876 -34.40 -3.55 -11.01
C PRO B 876 -35.39 -3.95 -12.10
N GLU B 877 -35.73 -5.23 -12.16
CA GLU B 877 -36.67 -5.75 -13.14
C GLU B 877 -37.62 -6.71 -12.46
N PRO B 878 -38.85 -6.83 -12.95
CA PRO B 878 -39.81 -7.73 -12.31
C PRO B 878 -39.41 -9.20 -12.42
N SER B 879 -39.77 -9.96 -11.40
CA SER B 879 -39.55 -11.39 -11.38
C SER B 879 -40.78 -12.07 -10.81
N HIS B 880 -40.93 -13.35 -11.12
CA HIS B 880 -42.15 -14.09 -10.78
C HIS B 880 -41.88 -15.10 -9.68
N ILE B 881 -42.90 -15.31 -8.86
CA ILE B 881 -42.85 -16.29 -7.77
C ILE B 881 -43.33 -17.62 -8.33
N ASP B 882 -42.45 -18.62 -8.36
CA ASP B 882 -42.81 -19.92 -8.92
C ASP B 882 -42.83 -21.06 -7.91
N GLN B 883 -42.29 -20.85 -6.71
CA GLN B 883 -42.35 -21.86 -5.66
C GLN B 883 -42.38 -21.19 -4.30
N VAL B 884 -43.24 -21.69 -3.42
CA VAL B 884 -43.30 -21.26 -2.03
C VAL B 884 -43.38 -22.52 -1.18
N MET B 885 -42.31 -22.81 -0.44
CA MET B 885 -42.22 -24.00 0.39
C MET B 885 -42.29 -23.59 1.85
N MET B 886 -43.22 -24.20 2.58
CA MET B 886 -43.37 -23.95 4.02
C MET B 886 -43.18 -25.26 4.77
N SER B 887 -42.33 -25.24 5.79
CA SER B 887 -42.00 -26.45 6.53
C SER B 887 -41.50 -26.04 7.91
N VAL B 888 -40.95 -26.99 8.66
CA VAL B 888 -40.30 -26.72 9.92
C VAL B 888 -39.01 -27.53 9.99
N SER B 889 -38.07 -27.05 10.79
CA SER B 889 -36.82 -27.75 11.01
C SER B 889 -36.99 -28.71 12.19
N ASP B 890 -35.86 -29.26 12.68
CA ASP B 890 -35.94 -30.23 13.77
C ASP B 890 -36.50 -29.59 15.04
N ASN B 891 -36.12 -28.35 15.34
CA ASN B 891 -36.54 -27.66 16.54
C ASN B 891 -37.97 -27.14 16.46
N ASP B 892 -38.72 -27.48 15.41
CA ASP B 892 -40.11 -27.08 15.25
C ASP B 892 -40.27 -25.56 15.23
N GLN B 893 -39.62 -24.93 14.25
CA GLN B 893 -39.80 -23.51 13.98
C GLN B 893 -40.07 -23.33 12.49
N ALA B 894 -41.02 -22.46 12.17
CA ALA B 894 -41.48 -22.32 10.80
C ALA B 894 -40.36 -21.81 9.90
N LEU B 895 -40.30 -22.37 8.70
CA LEU B 895 -39.30 -22.02 7.70
C LEU B 895 -39.99 -21.91 6.36
N ILE B 896 -39.87 -20.75 5.72
CA ILE B 896 -40.51 -20.47 4.45
C ILE B 896 -39.44 -20.10 3.44
N LYS B 897 -39.38 -20.84 2.34
CA LYS B 897 -38.45 -20.56 1.26
C LYS B 897 -39.26 -20.21 0.01
N VAL B 898 -39.05 -19.00 -0.50
CA VAL B 898 -39.75 -18.54 -1.70
C VAL B 898 -38.74 -18.41 -2.82
N LEU B 899 -39.01 -19.07 -3.94
CA LEU B 899 -38.13 -19.05 -5.10
C LEU B 899 -38.70 -18.08 -6.13
N LEU B 900 -37.88 -17.12 -6.54
CA LEU B 900 -38.26 -16.13 -7.53
C LEU B 900 -37.52 -16.43 -8.83
N ARG B 901 -38.29 -16.60 -9.90
CA ARG B 901 -37.74 -16.85 -11.22
C ARG B 901 -37.78 -15.57 -12.04
N GLN B 902 -36.76 -15.38 -12.87
CA GLN B 902 -36.68 -14.21 -13.74
C GLN B 902 -36.16 -14.67 -15.10
N ASN B 903 -36.99 -14.51 -16.12
CA ASN B 903 -36.63 -14.90 -17.48
C ASN B 903 -35.84 -13.76 -18.11
N ARG B 904 -34.61 -14.06 -18.54
CA ARG B 904 -33.72 -13.07 -19.10
C ARG B 904 -33.46 -13.38 -20.57
N ARG B 905 -33.44 -12.33 -21.38
CA ARG B 905 -33.19 -12.19 -22.80
C ARG B 905 -31.76 -11.71 -23.03
N PRO B 906 -31.10 -12.19 -24.07
CA PRO B 906 -29.71 -11.77 -24.30
C PRO B 906 -29.59 -10.30 -24.69
N GLU B 907 -29.62 -9.43 -23.70
CA GLU B 907 -29.49 -8.00 -23.93
C GLU B 907 -28.08 -7.66 -24.42
N LEU B 908 -27.92 -6.44 -24.90
CA LEU B 908 -26.61 -5.97 -25.31
C LEU B 908 -25.72 -5.81 -24.09
N GLY B 909 -24.50 -6.35 -24.17
CA GLY B 909 -23.59 -6.35 -23.05
C GLY B 909 -23.48 -7.66 -22.30
N ASP B 910 -24.12 -8.72 -22.77
CA ASP B 910 -23.99 -10.02 -22.13
C ASP B 910 -22.77 -10.77 -22.68
N LYS B 911 -22.15 -11.56 -21.81
CA LYS B 911 -20.88 -12.21 -22.12
C LYS B 911 -21.13 -13.60 -22.69
N PHE B 912 -20.58 -13.86 -23.87
CA PHE B 912 -20.64 -15.16 -24.52
C PHE B 912 -19.23 -15.69 -24.71
N SER B 913 -19.03 -16.97 -24.42
CA SER B 913 -17.77 -17.65 -24.66
C SER B 913 -17.91 -18.56 -25.88
N SER B 914 -16.77 -19.08 -26.34
CA SER B 914 -16.75 -19.84 -27.57
C SER B 914 -16.13 -21.23 -27.42
N ARG B 915 -15.96 -21.70 -26.19
CA ARG B 915 -15.35 -22.99 -25.90
C ARG B 915 -13.91 -23.07 -26.41
N HIS B 916 -13.26 -21.93 -26.59
CA HIS B 916 -11.85 -21.89 -26.94
C HIS B 916 -11.11 -20.74 -26.24
N GLY B 917 -11.72 -20.12 -25.25
CA GLY B 917 -11.13 -18.94 -24.64
C GLY B 917 -11.43 -17.65 -25.36
N GLN B 918 -12.35 -17.65 -26.32
CA GLN B 918 -12.72 -16.45 -27.07
C GLN B 918 -13.92 -15.77 -26.41
N LYS B 919 -13.75 -15.42 -25.14
CA LYS B 919 -14.80 -14.72 -24.41
C LYS B 919 -15.06 -13.36 -25.05
N GLY B 920 -16.33 -12.95 -25.05
CA GLY B 920 -16.69 -11.69 -25.65
C GLY B 920 -18.03 -11.22 -25.17
N VAL B 921 -18.33 -9.96 -25.48
CA VAL B 921 -19.57 -9.32 -25.08
C VAL B 921 -20.41 -9.09 -26.33
N CYS B 922 -21.73 -9.01 -26.14
CA CYS B 922 -22.66 -8.77 -27.24
C CYS B 922 -22.56 -7.30 -27.63
N GLY B 923 -21.75 -7.02 -28.66
CA GLY B 923 -21.53 -5.64 -29.05
C GLY B 923 -22.77 -4.96 -29.60
N ILE B 924 -23.51 -5.65 -30.46
CA ILE B 924 -24.69 -5.07 -31.09
C ILE B 924 -25.65 -6.19 -31.47
N ILE B 925 -26.94 -5.87 -31.49
CA ILE B 925 -27.98 -6.78 -31.90
C ILE B 925 -28.63 -6.20 -33.14
N VAL B 926 -28.41 -6.84 -34.29
CA VAL B 926 -28.86 -6.32 -35.57
C VAL B 926 -29.95 -7.22 -36.13
N LYS B 927 -30.83 -6.62 -36.92
CA LYS B 927 -31.98 -7.33 -37.47
C LYS B 927 -31.52 -8.38 -38.48
N GLN B 928 -32.45 -9.27 -38.83
CA GLN B 928 -32.10 -10.39 -39.71
C GLN B 928 -31.75 -9.92 -41.11
N GLU B 929 -32.55 -9.00 -41.66
CA GLU B 929 -32.30 -8.58 -43.03
C GLU B 929 -31.00 -7.82 -43.17
N ASP B 930 -30.54 -7.14 -42.11
CA ASP B 930 -29.25 -6.47 -42.15
C ASP B 930 -28.15 -7.43 -41.76
N MET B 931 -28.14 -8.62 -42.37
CA MET B 931 -27.15 -9.64 -42.09
C MET B 931 -26.78 -10.34 -43.39
N PRO B 932 -25.54 -10.81 -43.52
CA PRO B 932 -25.17 -11.59 -44.69
C PRO B 932 -25.97 -12.88 -44.78
N PHE B 933 -26.25 -13.29 -46.02
CA PHE B 933 -26.97 -14.52 -46.27
C PHE B 933 -26.32 -15.25 -47.43
N ASN B 934 -26.37 -16.58 -47.38
CA ASN B 934 -25.78 -17.41 -48.41
C ASN B 934 -26.79 -17.67 -49.52
N ASP B 935 -26.49 -18.63 -50.39
CA ASP B 935 -27.41 -18.96 -51.48
C ASP B 935 -28.72 -19.55 -50.96
N GLN B 936 -28.68 -20.19 -49.80
CA GLN B 936 -29.87 -20.83 -49.24
C GLN B 936 -30.63 -19.92 -48.29
N GLY B 937 -30.15 -18.70 -48.04
CA GLY B 937 -30.84 -17.77 -47.18
C GLY B 937 -30.50 -17.88 -45.71
N ILE B 938 -29.48 -18.65 -45.35
CA ILE B 938 -29.08 -18.77 -43.94
C ILE B 938 -28.40 -17.48 -43.52
N VAL B 939 -28.84 -16.94 -42.38
CA VAL B 939 -28.17 -15.76 -41.80
C VAL B 939 -27.49 -16.20 -40.51
N PRO B 940 -26.31 -15.66 -40.21
CA PRO B 940 -25.59 -16.13 -39.02
C PRO B 940 -26.24 -15.64 -37.74
N ASP B 941 -26.22 -16.50 -36.71
CA ASP B 941 -26.69 -16.09 -35.39
C ASP B 941 -25.67 -15.22 -34.68
N ILE B 942 -24.39 -15.51 -34.85
CA ILE B 942 -23.31 -14.74 -34.24
C ILE B 942 -22.28 -14.44 -35.32
N ILE B 943 -21.82 -13.20 -35.38
CA ILE B 943 -20.80 -12.80 -36.33
C ILE B 943 -19.56 -12.46 -35.52
N MET B 944 -18.67 -13.45 -35.38
CA MET B 944 -17.44 -13.24 -34.62
C MET B 944 -16.40 -12.56 -35.49
N ASN B 945 -15.68 -11.61 -34.89
CA ASN B 945 -14.64 -10.88 -35.60
C ASN B 945 -13.51 -11.83 -35.99
N PRO B 946 -12.94 -11.66 -37.18
CA PRO B 946 -11.82 -12.51 -37.60
C PRO B 946 -10.49 -12.20 -36.92
N HIS B 947 -10.39 -11.08 -36.19
CA HIS B 947 -9.13 -10.71 -35.57
C HIS B 947 -8.86 -11.46 -34.28
N GLY B 948 -9.80 -12.24 -33.78
CA GLY B 948 -9.54 -13.03 -32.59
C GLY B 948 -8.59 -14.19 -32.83
N PHE B 949 -8.43 -14.61 -34.08
CA PHE B 949 -7.64 -15.78 -34.43
C PHE B 949 -6.14 -15.51 -34.62
N PRO B 950 -5.73 -14.53 -35.43
CA PRO B 950 -4.31 -14.47 -35.84
C PRO B 950 -3.34 -14.23 -34.70
N SER B 951 -3.77 -13.70 -33.57
CA SER B 951 -2.88 -13.46 -32.44
C SER B 951 -3.11 -14.41 -31.29
N ARG B 952 -4.15 -15.24 -31.34
CA ARG B 952 -4.40 -16.23 -30.31
C ARG B 952 -4.27 -17.65 -30.83
N MET B 953 -4.16 -17.83 -32.14
CA MET B 953 -3.83 -19.13 -32.74
C MET B 953 -4.79 -20.22 -32.28
N THR B 954 -6.08 -19.94 -32.39
CA THR B 954 -7.11 -20.94 -32.08
C THR B 954 -7.51 -21.66 -33.36
N VAL B 955 -6.54 -22.40 -33.93
CA VAL B 955 -6.82 -23.22 -35.09
C VAL B 955 -7.79 -24.33 -34.73
N GLY B 956 -7.81 -24.77 -33.47
CA GLY B 956 -8.80 -25.73 -33.03
C GLY B 956 -10.21 -25.24 -33.25
N LYS B 957 -10.44 -23.94 -33.15
CA LYS B 957 -11.78 -23.41 -33.39
C LYS B 957 -12.17 -23.50 -34.86
N MET B 958 -11.23 -23.20 -35.76
CA MET B 958 -11.52 -23.35 -37.19
C MET B 958 -11.80 -24.80 -37.53
N ILE B 959 -11.01 -25.72 -36.98
CA ILE B 959 -11.27 -27.14 -37.23
C ILE B 959 -12.60 -27.55 -36.63
N GLU B 960 -12.97 -26.98 -35.48
CA GLU B 960 -14.28 -27.26 -34.91
C GLU B 960 -15.40 -26.79 -35.83
N LEU B 961 -15.25 -25.60 -36.41
CA LEU B 961 -16.27 -25.11 -37.32
C LEU B 961 -16.43 -26.03 -38.53
N ILE B 962 -15.30 -26.44 -39.13
CA ILE B 962 -15.38 -27.30 -40.29
C ILE B 962 -15.98 -28.65 -39.93
N SER B 963 -15.53 -29.25 -38.83
CA SER B 963 -16.04 -30.54 -38.42
C SER B 963 -17.53 -30.48 -38.11
N GLY B 964 -17.96 -29.42 -37.42
CA GLY B 964 -19.38 -29.27 -37.12
C GLY B 964 -20.22 -29.12 -38.36
N LYS B 965 -19.77 -28.28 -39.31
CA LYS B 965 -20.52 -28.12 -40.54
C LYS B 965 -20.62 -29.43 -41.31
N ALA B 966 -19.49 -30.14 -41.44
CA ALA B 966 -19.50 -31.39 -42.17
C ALA B 966 -20.38 -32.43 -41.48
N GLY B 967 -20.30 -32.51 -40.15
CA GLY B 967 -21.12 -33.48 -39.44
C GLY B 967 -22.60 -33.19 -39.53
N VAL B 968 -22.98 -31.91 -39.41
CA VAL B 968 -24.40 -31.58 -39.49
C VAL B 968 -24.93 -31.79 -40.91
N LEU B 969 -24.12 -31.51 -41.94
CA LEU B 969 -24.53 -31.83 -43.30
C LEU B 969 -24.65 -33.34 -43.50
N ASN B 970 -23.76 -34.10 -42.89
CA ASN B 970 -23.80 -35.56 -42.93
C ASN B 970 -24.74 -36.15 -41.90
N GLY B 971 -25.33 -35.32 -41.05
CA GLY B 971 -26.24 -35.81 -40.03
C GLY B 971 -25.61 -36.68 -38.97
N THR B 972 -24.44 -36.28 -38.46
CA THR B 972 -23.78 -37.01 -37.39
C THR B 972 -22.98 -36.04 -36.55
N LEU B 973 -22.68 -36.45 -35.32
CA LEU B 973 -21.93 -35.64 -34.39
C LEU B 973 -20.45 -36.01 -34.48
N GLU B 974 -19.62 -35.04 -34.86
CA GLU B 974 -18.20 -35.30 -35.02
C GLU B 974 -17.48 -35.18 -33.68
N TYR B 975 -16.30 -35.78 -33.61
CA TYR B 975 -15.53 -35.86 -32.37
C TYR B 975 -14.30 -34.97 -32.48
N GLY B 976 -14.21 -33.97 -31.60
CA GLY B 976 -12.96 -33.28 -31.40
C GLY B 976 -12.37 -33.66 -30.07
N THR B 977 -11.38 -34.55 -30.08
CA THR B 977 -10.76 -35.05 -28.86
C THR B 977 -9.26 -34.78 -28.93
N CYS B 978 -8.65 -34.65 -27.76
CA CYS B 978 -7.22 -34.39 -27.70
C CYS B 978 -6.46 -35.54 -28.35
N PHE B 979 -5.53 -35.19 -29.24
CA PHE B 979 -4.67 -36.16 -29.92
C PHE B 979 -5.52 -37.19 -30.69
N GLY B 980 -6.26 -36.69 -31.68
CA GLY B 980 -7.10 -37.54 -32.48
C GLY B 980 -8.31 -36.82 -33.03
N GLY B 981 -9.50 -37.40 -32.86
CA GLY B 981 -10.71 -36.80 -33.33
C GLY B 981 -10.89 -36.96 -34.83
N SER B 982 -11.98 -36.38 -35.32
CA SER B 982 -12.29 -36.48 -36.74
C SER B 982 -11.26 -35.72 -37.56
N LYS B 983 -10.64 -36.41 -38.52
CA LYS B 983 -9.61 -35.79 -39.33
C LYS B 983 -10.21 -34.72 -40.23
N LEU B 984 -9.39 -33.71 -40.54
CA LEU B 984 -9.86 -32.61 -41.38
C LEU B 984 -10.15 -33.07 -42.80
N GLU B 985 -9.39 -34.04 -43.32
CA GLU B 985 -9.56 -34.47 -44.69
C GLU B 985 -10.94 -35.08 -44.92
N ASP B 986 -11.39 -35.93 -43.99
CA ASP B 986 -12.71 -36.53 -44.12
C ASP B 986 -13.81 -35.47 -44.07
N MET B 987 -13.67 -34.51 -43.16
CA MET B 987 -14.67 -33.45 -43.05
C MET B 987 -14.71 -32.60 -44.30
N SER B 988 -13.54 -32.30 -44.89
CA SER B 988 -13.52 -31.53 -46.12
C SER B 988 -14.10 -32.32 -47.29
N LYS B 989 -13.88 -33.64 -47.32
CA LYS B 989 -14.52 -34.47 -48.34
C LYS B 989 -16.03 -34.43 -48.21
N ILE B 990 -16.54 -34.55 -46.97
CA ILE B 990 -17.98 -34.46 -46.76
C ILE B 990 -18.50 -33.09 -47.18
N LEU B 991 -17.74 -32.04 -46.87
CA LEU B 991 -18.15 -30.68 -47.19
C LEU B 991 -18.21 -30.44 -48.70
N VAL B 992 -17.26 -31.01 -49.45
CA VAL B 992 -17.27 -30.85 -50.90
C VAL B 992 -18.26 -31.79 -51.57
N ASP B 993 -18.63 -32.90 -50.93
CA ASP B 993 -19.64 -33.79 -51.48
C ASP B 993 -21.01 -33.13 -51.50
N GLN B 994 -21.32 -32.28 -50.52
CA GLN B 994 -22.61 -31.63 -50.42
C GLN B 994 -22.70 -30.37 -51.29
N GLY B 995 -21.62 -30.01 -51.96
CA GLY B 995 -21.61 -28.82 -52.80
C GLY B 995 -21.04 -27.58 -52.15
N PHE B 996 -20.47 -27.70 -50.95
CA PHE B 996 -19.85 -26.58 -50.26
C PHE B 996 -18.34 -26.59 -50.48
N ASN B 997 -17.72 -25.44 -50.21
CA ASN B 997 -16.29 -25.32 -50.41
C ASN B 997 -15.54 -26.23 -49.44
N TYR B 998 -14.37 -26.70 -49.88
CA TYR B 998 -13.60 -27.66 -49.10
C TYR B 998 -13.12 -27.07 -47.79
N SER B 999 -12.98 -25.75 -47.70
CA SER B 999 -12.46 -25.08 -46.51
C SER B 999 -13.55 -24.50 -45.64
N GLY B 1000 -14.82 -24.75 -45.96
CA GLY B 1000 -15.91 -24.22 -45.17
C GLY B 1000 -16.21 -22.77 -45.39
N LYS B 1001 -15.58 -22.14 -46.38
CA LYS B 1001 -15.76 -20.71 -46.65
C LYS B 1001 -16.79 -20.55 -47.75
N ASP B 1002 -18.03 -20.24 -47.37
CA ASP B 1002 -19.07 -19.94 -48.32
C ASP B 1002 -18.91 -18.52 -48.87
N MET B 1003 -19.66 -18.22 -49.92
CA MET B 1003 -19.67 -16.89 -50.52
C MET B 1003 -21.02 -16.26 -50.22
N LEU B 1004 -21.01 -15.19 -49.43
CA LEU B 1004 -22.24 -14.59 -48.91
C LEU B 1004 -22.64 -13.36 -49.71
N TYR B 1005 -23.87 -12.93 -49.47
CA TYR B 1005 -24.40 -11.69 -50.03
C TYR B 1005 -24.58 -10.69 -48.91
N SER B 1006 -24.09 -9.46 -49.13
CA SER B 1006 -24.25 -8.42 -48.13
C SER B 1006 -25.74 -8.15 -47.89
N GLY B 1007 -26.12 -8.04 -46.62
CA GLY B 1007 -27.53 -7.88 -46.29
C GLY B 1007 -28.07 -6.49 -46.44
N ILE B 1008 -27.21 -5.48 -46.57
CA ILE B 1008 -27.67 -4.10 -46.67
C ILE B 1008 -27.49 -3.52 -48.08
N THR B 1009 -26.53 -4.03 -48.85
CA THR B 1009 -26.39 -3.62 -50.25
C THR B 1009 -26.86 -4.68 -51.23
N GLY B 1010 -27.01 -5.92 -50.79
CA GLY B 1010 -27.55 -6.96 -51.65
C GLY B 1010 -26.63 -7.45 -52.73
N GLU B 1011 -25.32 -7.28 -52.57
CA GLU B 1011 -24.33 -7.73 -53.54
C GLU B 1011 -23.39 -8.72 -52.88
N CYS B 1012 -22.56 -9.36 -53.69
CA CYS B 1012 -21.64 -10.37 -53.18
C CYS B 1012 -20.56 -9.71 -52.31
N LEU B 1013 -20.14 -10.45 -51.29
CA LEU B 1013 -19.01 -10.04 -50.47
C LEU B 1013 -17.73 -10.45 -51.20
N GLN B 1014 -16.82 -9.49 -51.39
CA GLN B 1014 -15.66 -9.71 -52.23
C GLN B 1014 -14.66 -10.70 -51.64
N ALA B 1015 -14.96 -11.31 -50.50
CA ALA B 1015 -14.13 -12.37 -49.95
C ALA B 1015 -15.05 -13.45 -49.37
N TYR B 1016 -14.67 -14.70 -49.60
CA TYR B 1016 -15.47 -15.81 -49.08
C TYR B 1016 -15.41 -15.80 -47.56
N ILE B 1017 -16.53 -16.14 -46.93
CA ILE B 1017 -16.73 -15.95 -45.50
C ILE B 1017 -16.73 -17.30 -44.82
N PHE B 1018 -15.88 -17.45 -43.81
CA PHE B 1018 -15.92 -18.63 -42.96
C PHE B 1018 -17.28 -18.74 -42.31
N PHE B 1019 -17.98 -19.84 -42.56
CA PHE B 1019 -19.40 -19.94 -42.24
C PHE B 1019 -19.67 -21.33 -41.72
N GLY B 1020 -20.24 -21.44 -40.52
CA GLY B 1020 -20.59 -22.74 -40.01
C GLY B 1020 -21.01 -22.75 -38.55
N PRO B 1021 -21.50 -23.89 -38.06
CA PRO B 1021 -21.96 -23.98 -36.67
C PRO B 1021 -20.79 -24.08 -35.70
N ILE B 1022 -20.79 -23.20 -34.69
CA ILE B 1022 -19.84 -23.24 -33.59
C ILE B 1022 -20.63 -23.29 -32.29
N TYR B 1023 -20.20 -24.13 -31.35
CA TYR B 1023 -20.90 -24.31 -30.09
C TYR B 1023 -20.56 -23.13 -29.17
N TYR B 1024 -21.49 -22.17 -29.07
CA TYR B 1024 -21.31 -20.99 -28.24
C TYR B 1024 -22.10 -21.14 -26.96
N GLN B 1025 -21.46 -20.82 -25.84
CA GLN B 1025 -22.06 -20.94 -24.51
C GLN B 1025 -22.18 -19.57 -23.88
N LYS B 1026 -23.35 -19.28 -23.32
CA LYS B 1026 -23.61 -18.00 -22.68
C LYS B 1026 -23.19 -18.06 -21.22
N LEU B 1027 -22.41 -17.08 -20.78
CA LEU B 1027 -21.86 -17.08 -19.44
C LEU B 1027 -22.76 -16.27 -18.50
N LYS B 1028 -22.54 -16.46 -17.19
CA LYS B 1028 -23.42 -15.90 -16.17
C LYS B 1028 -23.22 -14.41 -15.94
N HIS B 1029 -22.12 -13.84 -16.43
CA HIS B 1029 -21.80 -12.44 -16.17
C HIS B 1029 -22.66 -11.57 -17.09
N MET B 1030 -23.89 -11.32 -16.66
CA MET B 1030 -24.87 -10.57 -17.43
C MET B 1030 -24.93 -9.13 -16.95
N VAL B 1031 -25.13 -8.21 -17.89
CA VAL B 1031 -25.11 -6.78 -17.57
C VAL B 1031 -26.23 -6.39 -16.63
N LEU B 1032 -27.33 -7.14 -16.61
CA LEU B 1032 -28.45 -6.80 -15.74
C LEU B 1032 -28.05 -6.83 -14.27
N ASP B 1033 -27.12 -7.71 -13.91
CA ASP B 1033 -26.67 -7.81 -12.53
C ASP B 1033 -25.49 -6.92 -12.22
N LYS B 1034 -24.91 -6.24 -13.21
CA LYS B 1034 -23.71 -5.46 -13.03
C LYS B 1034 -23.91 -3.96 -13.14
N MET B 1035 -24.97 -3.51 -13.82
CA MET B 1035 -25.30 -2.09 -13.83
C MET B 1035 -25.55 -1.60 -12.41
N HIS B 1036 -24.96 -0.46 -12.07
CA HIS B 1036 -25.04 0.06 -10.71
C HIS B 1036 -24.66 1.52 -10.72
N ALA B 1037 -25.53 2.36 -10.17
CA ALA B 1037 -25.32 3.80 -10.14
C ALA B 1037 -25.84 4.37 -8.82
N ARG B 1038 -25.21 5.46 -8.38
CA ARG B 1038 -25.57 6.12 -7.14
C ARG B 1038 -25.49 7.63 -7.32
N ALA B 1039 -26.47 8.34 -6.76
CA ALA B 1039 -26.40 9.78 -6.61
C ALA B 1039 -26.29 10.19 -5.14
N ARG B 1040 -27.23 9.75 -4.32
CA ARG B 1040 -27.14 9.85 -2.87
C ARG B 1040 -27.82 8.63 -2.28
N GLY B 1041 -27.46 8.33 -1.03
CA GLY B 1041 -28.03 7.18 -0.37
C GLY B 1041 -27.34 6.87 0.95
N PRO B 1042 -27.29 5.59 1.30
CA PRO B 1042 -26.70 5.20 2.59
C PRO B 1042 -25.24 5.61 2.66
N ARG B 1043 -24.82 6.05 3.85
CA ARG B 1043 -23.45 6.41 4.12
C ARG B 1043 -22.98 5.65 5.35
N ALA B 1044 -21.68 5.37 5.39
CA ALA B 1044 -21.12 4.64 6.52
C ALA B 1044 -21.33 5.40 7.82
N VAL B 1045 -21.69 4.68 8.88
CA VAL B 1045 -21.98 5.32 10.15
C VAL B 1045 -20.71 5.95 10.73
N LEU B 1046 -19.56 5.31 10.52
CA LEU B 1046 -18.33 5.76 11.17
C LEU B 1046 -17.77 7.02 10.52
N THR B 1047 -17.41 6.94 9.23
CA THR B 1047 -16.74 8.03 8.55
C THR B 1047 -17.67 8.85 7.66
N ARG B 1048 -18.96 8.54 7.66
CA ARG B 1048 -19.95 9.27 6.86
C ARG B 1048 -19.53 9.33 5.39
N GLN B 1049 -19.24 8.16 4.83
CA GLN B 1049 -18.89 8.00 3.43
C GLN B 1049 -19.78 6.93 2.82
N PRO B 1050 -20.01 6.99 1.50
CA PRO B 1050 -20.92 6.02 0.88
C PRO B 1050 -20.46 4.59 1.06
N THR B 1051 -21.44 3.68 1.15
CA THR B 1051 -21.15 2.28 1.36
C THR B 1051 -20.45 1.69 0.13
N GLU B 1052 -19.95 0.46 0.28
CA GLU B 1052 -19.06 -0.12 -0.71
C GLU B 1052 -19.76 -1.05 -1.70
N GLY B 1053 -20.66 -1.91 -1.25
CA GLY B 1053 -21.20 -2.96 -2.07
C GLY B 1053 -22.22 -2.46 -3.08
N ARG B 1054 -22.88 -3.43 -3.72
CA ARG B 1054 -23.98 -3.14 -4.63
C ARG B 1054 -25.35 -3.38 -4.00
N SER B 1055 -25.46 -4.36 -3.10
CA SER B 1055 -26.70 -4.53 -2.35
C SER B 1055 -27.00 -3.31 -1.50
N ARG B 1056 -25.97 -2.59 -1.09
CA ARG B 1056 -26.10 -1.27 -0.48
C ARG B 1056 -25.78 -0.23 -1.53
N ASP B 1057 -26.68 0.74 -1.71
CA ASP B 1057 -26.52 1.71 -2.78
C ASP B 1057 -25.32 2.58 -2.45
N GLY B 1058 -24.17 2.25 -3.03
CA GLY B 1058 -22.93 2.90 -2.67
C GLY B 1058 -22.18 3.38 -3.89
N GLY B 1059 -21.22 4.27 -3.64
CA GLY B 1059 -20.48 4.90 -4.72
C GLY B 1059 -19.28 4.08 -5.15
N LEU B 1060 -18.62 4.57 -6.20
CA LEU B 1060 -17.43 3.92 -6.74
C LEU B 1060 -16.19 4.55 -6.14
N ARG B 1061 -15.29 3.72 -5.64
CA ARG B 1061 -14.13 4.21 -4.91
C ARG B 1061 -13.11 4.82 -5.87
N LEU B 1062 -12.76 6.08 -5.62
CA LEU B 1062 -11.72 6.78 -6.37
C LEU B 1062 -10.48 6.79 -5.50
N GLY B 1063 -9.67 5.74 -5.64
CA GLY B 1063 -8.59 5.48 -4.71
C GLY B 1063 -7.32 6.26 -5.01
N GLU B 1064 -6.21 5.73 -4.48
CA GLU B 1064 -4.92 6.44 -4.59
C GLU B 1064 -4.48 6.57 -6.04
N MET B 1065 -4.63 5.51 -6.83
CA MET B 1065 -4.20 5.58 -8.23
C MET B 1065 -5.01 6.62 -8.99
N GLU B 1066 -6.32 6.68 -8.75
CA GLU B 1066 -7.15 7.63 -9.47
C GLU B 1066 -6.85 9.06 -9.06
N ARG B 1067 -6.61 9.31 -7.77
CA ARG B 1067 -6.27 10.66 -7.36
C ARG B 1067 -4.90 11.07 -7.86
N ASP B 1068 -3.96 10.12 -7.98
CA ASP B 1068 -2.69 10.43 -8.61
C ASP B 1068 -2.87 10.78 -10.07
N CYS B 1069 -3.75 10.05 -10.76
CA CYS B 1069 -4.05 10.39 -12.16
C CYS B 1069 -4.64 11.78 -12.26
N VAL B 1070 -5.55 12.14 -11.36
CA VAL B 1070 -6.13 13.47 -11.37
C VAL B 1070 -5.05 14.52 -11.09
N ILE B 1071 -4.12 14.21 -10.18
CA ILE B 1071 -3.00 15.11 -9.90
C ILE B 1071 -2.16 15.32 -11.16
N ALA B 1072 -1.98 14.25 -11.95
CA ALA B 1072 -1.15 14.35 -13.15
C ALA B 1072 -1.67 15.41 -14.11
N TYR B 1073 -2.99 15.46 -14.30
CA TYR B 1073 -3.59 16.50 -15.14
C TYR B 1073 -3.45 17.89 -14.54
N GLY B 1074 -3.12 17.99 -13.26
CA GLY B 1074 -3.11 19.27 -12.59
C GLY B 1074 -4.49 19.88 -12.47
N ALA B 1075 -5.46 19.06 -12.08
CA ALA B 1075 -6.83 19.50 -11.84
C ALA B 1075 -7.06 19.59 -10.34
N SER B 1076 -7.09 20.82 -9.82
CA SER B 1076 -7.20 21.02 -8.38
C SER B 1076 -8.64 21.14 -7.92
N GLN B 1077 -9.46 21.93 -8.64
CA GLN B 1077 -10.85 22.10 -8.25
C GLN B 1077 -11.62 20.80 -8.42
N LEU B 1078 -11.34 20.04 -9.47
CA LEU B 1078 -11.99 18.74 -9.63
C LEU B 1078 -11.58 17.78 -8.51
N LEU B 1079 -10.31 17.80 -8.13
CA LEU B 1079 -9.87 16.96 -7.02
C LEU B 1079 -10.59 17.34 -5.73
N LEU B 1080 -10.70 18.64 -5.46
CA LEU B 1080 -11.40 19.10 -4.26
C LEU B 1080 -12.87 18.71 -4.29
N GLU B 1081 -13.50 18.82 -5.45
CA GLU B 1081 -14.91 18.48 -5.55
C GLU B 1081 -15.15 16.98 -5.41
N ARG B 1082 -14.29 16.17 -6.03
CA ARG B 1082 -14.48 14.72 -5.97
C ARG B 1082 -14.20 14.20 -4.57
N LEU B 1083 -13.07 14.58 -3.98
CA LEU B 1083 -12.67 13.95 -2.73
C LEU B 1083 -13.18 14.66 -1.48
N MET B 1084 -13.77 15.84 -1.60
CA MET B 1084 -14.38 16.49 -0.45
C MET B 1084 -15.87 16.77 -0.65
N ILE B 1085 -16.23 17.47 -1.71
CA ILE B 1085 -17.60 17.97 -1.85
C ILE B 1085 -18.57 16.83 -2.10
N SER B 1086 -18.23 15.94 -3.02
CA SER B 1086 -19.14 14.86 -3.42
C SER B 1086 -18.93 13.58 -2.62
N SER B 1087 -17.97 13.55 -1.70
CA SER B 1087 -17.73 12.36 -0.89
C SER B 1087 -18.13 12.56 0.56
N ASP B 1088 -17.54 13.55 1.24
CA ASP B 1088 -17.92 13.86 2.62
C ASP B 1088 -17.44 15.27 2.94
N ALA B 1089 -18.38 16.17 3.20
CA ALA B 1089 -18.07 17.53 3.60
C ALA B 1089 -18.68 17.81 4.97
N PHE B 1090 -17.88 18.36 5.87
CA PHE B 1090 -18.32 18.62 7.23
C PHE B 1090 -17.92 20.04 7.61
N GLU B 1091 -18.87 20.81 8.13
CA GLU B 1091 -18.63 22.19 8.56
C GLU B 1091 -18.23 22.16 10.02
N VAL B 1092 -16.94 22.27 10.29
CA VAL B 1092 -16.41 22.21 11.63
C VAL B 1092 -16.12 23.62 12.12
N ASP B 1093 -15.95 23.75 13.43
CA ASP B 1093 -15.65 25.01 14.10
C ASP B 1093 -14.29 24.85 14.78
N VAL B 1094 -13.26 25.47 14.21
CA VAL B 1094 -11.91 25.38 14.75
C VAL B 1094 -11.59 26.66 15.50
N CYS B 1095 -11.00 26.53 16.69
CA CYS B 1095 -10.62 27.70 17.46
C CYS B 1095 -9.37 28.33 16.85
N ASP B 1096 -9.38 29.66 16.75
CA ASP B 1096 -8.25 30.34 16.14
C ASP B 1096 -7.03 30.39 17.07
N LYS B 1097 -7.22 30.14 18.37
CA LYS B 1097 -6.09 30.19 19.30
C LYS B 1097 -5.44 28.82 19.47
N CYS B 1098 -6.22 27.83 19.95
CA CYS B 1098 -5.77 26.45 20.04
C CYS B 1098 -6.50 25.68 18.95
N GLY B 1099 -5.76 25.18 17.97
CA GLY B 1099 -6.39 24.61 16.79
C GLY B 1099 -7.13 23.31 17.05
N LEU B 1100 -8.09 23.33 17.95
CA LEU B 1100 -8.93 22.18 18.24
C LEU B 1100 -10.36 22.48 17.85
N MET B 1101 -11.00 21.50 17.23
CA MET B 1101 -12.36 21.68 16.72
C MET B 1101 -13.35 21.85 17.86
N GLY B 1102 -14.30 22.75 17.67
CA GLY B 1102 -15.36 22.96 18.65
C GLY B 1102 -16.74 22.70 18.09
N TYR B 1103 -17.74 22.62 18.96
CA TYR B 1103 -19.11 22.35 18.57
C TYR B 1103 -19.98 23.58 18.81
N SER B 1104 -20.86 23.86 17.85
CA SER B 1104 -21.85 24.93 17.98
C SER B 1104 -21.19 26.26 18.29
N GLY B 1105 -20.05 26.52 17.67
CA GLY B 1105 -19.32 27.74 17.94
C GLY B 1105 -18.82 27.86 19.36
N TRP B 1106 -18.30 26.78 19.92
CA TRP B 1106 -17.83 26.74 21.30
C TRP B 1106 -16.54 25.94 21.36
N CYS B 1107 -15.48 26.57 21.86
CA CYS B 1107 -14.15 25.97 21.80
C CYS B 1107 -13.98 24.83 22.79
N THR B 1108 -14.66 24.88 23.94
CA THR B 1108 -14.67 23.82 24.95
C THR B 1108 -13.34 23.73 25.68
N THR B 1109 -12.32 24.43 25.19
CA THR B 1109 -11.04 24.50 25.88
C THR B 1109 -10.73 25.94 26.29
N CYS B 1110 -10.80 26.89 25.36
CA CYS B 1110 -10.70 28.29 25.73
C CYS B 1110 -11.98 28.77 26.40
N LYS B 1111 -13.12 28.16 26.07
CA LYS B 1111 -14.42 28.51 26.64
C LYS B 1111 -14.72 29.99 26.44
N SER B 1112 -14.40 30.49 25.24
CA SER B 1112 -14.60 31.90 24.91
C SER B 1112 -15.53 32.12 23.73
N ALA B 1113 -15.58 31.19 22.77
CA ALA B 1113 -16.40 31.29 21.57
C ALA B 1113 -16.09 32.53 20.73
N GLU B 1114 -15.01 33.24 21.04
CA GLU B 1114 -14.64 34.43 20.30
C GLU B 1114 -13.77 34.11 19.09
N ASN B 1115 -12.88 33.12 19.21
CA ASN B 1115 -11.95 32.76 18.14
C ASN B 1115 -12.47 31.64 17.25
N ILE B 1116 -13.70 31.16 17.50
CA ILE B 1116 -14.23 30.06 16.69
C ILE B 1116 -14.42 30.52 15.25
N ILE B 1117 -13.95 29.70 14.32
CA ILE B 1117 -14.07 29.96 12.89
C ILE B 1117 -14.66 28.72 12.23
N LYS B 1118 -15.69 28.91 11.41
CA LYS B 1118 -16.35 27.82 10.73
C LYS B 1118 -15.71 27.59 9.37
N MET B 1119 -15.34 26.35 9.09
CA MET B 1119 -14.80 26.00 7.79
C MET B 1119 -15.11 24.55 7.48
N THR B 1120 -15.09 24.21 6.19
CA THR B 1120 -15.52 22.90 5.72
C THR B 1120 -14.30 22.04 5.42
N ILE B 1121 -14.24 20.87 6.06
CA ILE B 1121 -13.19 19.89 5.82
C ILE B 1121 -13.84 18.52 5.70
N PRO B 1122 -13.17 17.57 5.07
CA PRO B 1122 -13.74 16.21 4.96
C PRO B 1122 -14.00 15.62 6.33
N TYR B 1123 -15.11 14.88 6.45
CA TYR B 1123 -15.42 14.24 7.72
C TYR B 1123 -14.35 13.22 8.09
N ALA B 1124 -13.68 12.64 7.09
CA ALA B 1124 -12.59 11.72 7.39
C ALA B 1124 -11.44 12.43 8.11
N ALA B 1125 -11.15 13.67 7.70
CA ALA B 1125 -10.12 14.45 8.39
C ALA B 1125 -10.54 14.76 9.82
N LYS B 1126 -11.81 15.10 10.04
CA LYS B 1126 -12.29 15.34 11.40
C LYS B 1126 -12.19 14.09 12.25
N LEU B 1127 -12.54 12.94 11.68
CA LEU B 1127 -12.41 11.67 12.40
C LEU B 1127 -10.95 11.39 12.73
N LEU B 1128 -10.05 11.66 11.79
CA LEU B 1128 -8.62 11.47 12.05
C LEU B 1128 -8.15 12.38 13.17
N PHE B 1129 -8.58 13.64 13.16
CA PHE B 1129 -8.19 14.57 14.22
C PHE B 1129 -8.69 14.10 15.57
N GLN B 1130 -9.93 13.62 15.63
CA GLN B 1130 -10.45 13.14 16.91
C GLN B 1130 -9.73 11.88 17.37
N GLU B 1131 -9.37 11.00 16.44
CA GLU B 1131 -8.63 9.80 16.83
C GLU B 1131 -7.23 10.13 17.29
N LEU B 1132 -6.59 11.13 16.67
CA LEU B 1132 -5.28 11.57 17.12
C LEU B 1132 -5.36 12.21 18.51
N LEU B 1133 -6.40 13.02 18.74
CA LEU B 1133 -6.60 13.59 20.07
C LEU B 1133 -6.94 12.53 21.10
N SER B 1134 -7.52 11.40 20.68
CA SER B 1134 -7.74 10.30 21.62
C SER B 1134 -6.42 9.67 22.05
N MET B 1135 -5.44 9.62 21.15
CA MET B 1135 -4.06 9.36 21.53
C MET B 1135 -3.45 10.66 22.06
N ASN B 1136 -2.16 10.62 22.39
CA ASN B 1136 -1.51 11.82 22.93
C ASN B 1136 -0.87 12.62 21.80
N ILE B 1137 -1.68 12.93 20.78
CA ILE B 1137 -1.28 13.74 19.65
C ILE B 1137 -2.29 14.86 19.47
N ALA B 1138 -1.80 16.08 19.28
CA ALA B 1138 -2.66 17.25 19.13
C ALA B 1138 -2.47 17.89 17.77
N PRO B 1139 -3.32 17.60 16.79
CA PRO B 1139 -3.24 18.29 15.49
C PRO B 1139 -3.85 19.69 15.57
N ARG B 1140 -3.06 20.64 16.04
CA ARG B 1140 -3.53 22.01 16.24
C ARG B 1140 -3.50 22.73 14.90
N LEU B 1141 -4.68 23.04 14.36
CA LEU B 1141 -4.80 23.69 13.06
C LEU B 1141 -4.54 25.18 13.23
N ARG B 1142 -3.60 25.71 12.45
CA ARG B 1142 -3.30 27.14 12.45
C ARG B 1142 -3.93 27.75 11.20
N LEU B 1143 -4.71 28.81 11.39
CA LEU B 1143 -5.44 29.43 10.30
C LEU B 1143 -4.79 30.74 9.88
N GLU B 1144 -4.94 31.07 8.60
CA GLU B 1144 -4.50 32.33 8.05
C GLU B 1144 -5.56 32.82 7.07
N ASP B 1145 -5.60 34.12 6.87
CA ASP B 1145 -6.59 34.70 5.96
C ASP B 1145 -6.33 34.24 4.54
N ILE B 1146 -7.38 33.78 3.87
CA ILE B 1146 -7.27 33.44 2.46
C ILE B 1146 -6.98 34.68 1.63
N PHE B 1147 -7.67 35.77 1.94
CA PHE B 1147 -7.53 37.03 1.21
C PHE B 1147 -6.49 37.90 1.90
N GLN B 1148 -6.49 39.20 1.60
CA GLN B 1148 -5.50 40.16 2.07
C GLN B 1148 -4.13 39.81 1.50
N GLN B 1149 -4.05 39.72 0.17
CA GLN B 1149 -2.80 39.50 -0.54
C GLN B 1149 -2.09 38.23 -0.07
N MET C 1 -17.40 -8.28 -65.01
CA MET C 1 -17.07 -7.59 -66.25
C MET C 1 -18.24 -7.63 -67.23
N SER C 2 -18.90 -6.48 -67.41
CA SER C 2 -20.05 -6.34 -68.29
C SER C 2 -21.17 -7.30 -67.88
N ASN C 3 -21.74 -7.03 -66.70
CA ASN C 3 -22.82 -7.83 -66.13
C ASN C 3 -22.36 -9.26 -65.84
N ILE C 4 -21.20 -9.37 -65.20
CA ILE C 4 -20.70 -10.64 -64.72
C ILE C 4 -19.77 -10.37 -63.56
N VAL C 5 -19.82 -11.24 -62.55
CA VAL C 5 -18.99 -11.11 -61.36
C VAL C 5 -18.15 -12.36 -61.26
N GLY C 6 -16.83 -12.20 -61.38
CA GLY C 6 -15.94 -13.35 -61.44
C GLY C 6 -15.73 -13.97 -60.07
N ILE C 7 -15.69 -15.30 -60.05
CA ILE C 7 -15.38 -16.06 -58.84
C ILE C 7 -13.97 -16.60 -58.98
N GLU C 8 -13.06 -16.09 -58.16
CA GLU C 8 -11.67 -16.53 -58.16
C GLU C 8 -11.45 -17.50 -57.01
N TYR C 9 -10.23 -18.00 -56.89
CA TYR C 9 -9.91 -18.96 -55.84
C TYR C 9 -9.69 -18.30 -54.49
N ASN C 10 -9.52 -16.97 -54.44
CA ASN C 10 -9.26 -16.28 -53.19
C ASN C 10 -10.09 -15.01 -53.03
N ARG C 11 -10.96 -14.68 -53.97
CA ARG C 11 -11.70 -13.42 -53.92
C ARG C 11 -12.87 -13.50 -54.89
N VAL C 12 -13.73 -12.48 -54.82
CA VAL C 12 -14.83 -12.29 -55.75
C VAL C 12 -14.72 -10.88 -56.29
N THR C 13 -14.63 -10.74 -57.62
CA THR C 13 -14.33 -9.47 -58.25
C THR C 13 -15.52 -8.94 -59.03
N ASN C 14 -15.56 -7.62 -59.20
CA ASN C 14 -16.59 -6.93 -59.98
C ASN C 14 -17.99 -7.21 -59.42
N THR C 15 -18.19 -6.79 -58.17
CA THR C 15 -19.46 -6.95 -57.49
C THR C 15 -20.29 -5.68 -57.44
N THR C 16 -19.86 -4.62 -58.11
CA THR C 16 -20.56 -3.34 -58.11
C THR C 16 -21.50 -3.25 -59.32
N SER C 17 -22.33 -2.21 -59.31
CA SER C 17 -23.39 -2.10 -60.31
C SER C 17 -22.86 -1.62 -61.66
N THR C 18 -22.34 -0.40 -61.70
CA THR C 18 -21.78 0.20 -62.92
C THR C 18 -22.79 0.18 -64.08
N ASP C 19 -23.98 0.68 -63.81
CA ASP C 19 -25.01 0.83 -64.83
C ASP C 19 -25.69 2.20 -64.70
N PHE C 20 -24.88 3.23 -64.54
CA PHE C 20 -25.35 4.59 -64.35
C PHE C 20 -24.56 5.54 -65.23
N PRO C 21 -25.14 6.67 -65.63
CA PRO C 21 -24.37 7.68 -66.36
C PRO C 21 -23.28 8.26 -65.48
N GLY C 22 -22.16 8.62 -66.10
CA GLY C 22 -20.98 9.02 -65.37
C GLY C 22 -20.01 7.91 -65.10
N PHE C 23 -20.37 6.67 -65.40
CA PHE C 23 -19.42 5.56 -65.32
C PHE C 23 -18.44 5.54 -66.49
N SER C 24 -18.74 6.26 -67.57
CA SER C 24 -17.86 6.35 -68.72
C SER C 24 -18.13 7.66 -69.43
N LYS C 25 -17.28 7.97 -70.40
CA LYS C 25 -17.42 9.23 -71.14
C LYS C 25 -18.76 9.28 -71.85
N ASP C 26 -19.15 8.20 -72.51
CA ASP C 26 -20.47 8.09 -73.13
C ASP C 26 -21.48 7.83 -72.01
N ALA C 27 -22.14 8.89 -71.56
CA ALA C 27 -23.03 8.83 -70.40
C ALA C 27 -24.31 8.10 -70.79
N GLU C 28 -24.22 6.78 -70.88
CA GLU C 28 -25.34 5.92 -71.20
C GLU C 28 -25.90 5.28 -69.93
N ASN C 29 -26.91 4.44 -70.11
CA ASN C 29 -27.61 3.76 -69.03
C ASN C 29 -28.30 4.74 -68.08
N GLU C 30 -28.61 5.95 -68.56
CA GLU C 30 -29.44 6.86 -67.78
C GLU C 30 -30.83 6.29 -67.63
N TRP C 31 -31.44 6.51 -66.47
CA TRP C 31 -32.71 5.86 -66.16
C TRP C 31 -33.82 6.37 -67.07
N ASN C 32 -34.60 5.42 -67.61
CA ASN C 32 -35.82 5.73 -68.32
C ASN C 32 -36.64 4.45 -68.50
N VAL C 33 -37.93 4.51 -68.15
CA VAL C 33 -38.83 3.39 -68.38
C VAL C 33 -39.05 3.27 -69.88
N GLU C 34 -39.66 2.16 -70.31
CA GLU C 34 -39.78 1.70 -71.69
C GLU C 34 -38.46 1.17 -72.23
N LYS C 35 -37.37 1.27 -71.46
CA LYS C 35 -36.16 0.50 -71.69
C LYS C 35 -35.93 -0.52 -70.60
N PHE C 36 -36.18 -0.15 -69.34
CA PHE C 36 -36.26 -1.12 -68.26
C PHE C 36 -37.52 -1.97 -68.36
N LYS C 37 -38.57 -1.43 -69.00
CA LYS C 37 -39.81 -2.18 -69.14
C LYS C 37 -39.61 -3.46 -69.97
N LYS C 38 -38.82 -3.37 -71.03
CA LYS C 38 -38.61 -4.51 -71.92
C LYS C 38 -37.49 -5.42 -71.43
N ASP C 39 -36.42 -4.85 -70.87
CA ASP C 39 -35.29 -5.69 -70.43
C ASP C 39 -35.68 -6.57 -69.26
N PHE C 40 -36.43 -6.02 -68.30
CA PHE C 40 -36.81 -6.80 -67.12
C PHE C 40 -37.67 -7.99 -67.50
N GLU C 41 -37.49 -9.09 -66.80
CA GLU C 41 -38.28 -10.29 -67.09
C GLU C 41 -38.46 -11.11 -65.82
N VAL C 42 -39.51 -11.92 -65.81
CA VAL C 42 -39.79 -12.85 -64.72
C VAL C 42 -40.02 -14.22 -65.33
N ASN C 43 -39.32 -15.23 -64.82
CA ASN C 43 -39.52 -16.62 -65.23
C ASN C 43 -39.89 -17.41 -63.98
N ILE C 44 -41.17 -17.75 -63.84
CA ILE C 44 -41.65 -18.42 -62.64
C ILE C 44 -41.42 -19.92 -62.79
N SER C 45 -40.48 -20.46 -62.03
CA SER C 45 -40.27 -21.90 -61.95
C SER C 45 -41.27 -22.49 -60.96
N SER C 46 -41.05 -23.75 -60.56
CA SER C 46 -41.99 -24.51 -59.75
C SER C 46 -42.54 -23.69 -58.59
N LEU C 47 -43.85 -23.50 -58.58
CA LEU C 47 -44.56 -22.75 -57.55
C LEU C 47 -45.48 -23.71 -56.80
N ASP C 48 -45.37 -23.72 -55.47
CA ASP C 48 -46.17 -24.63 -54.66
C ASP C 48 -47.12 -23.86 -53.75
N ALA C 49 -47.80 -24.57 -52.85
CA ALA C 49 -48.70 -23.90 -51.92
C ALA C 49 -47.93 -23.13 -50.85
N ARG C 50 -46.69 -23.54 -50.56
CA ARG C 50 -45.88 -22.88 -49.54
C ARG C 50 -44.47 -22.60 -50.03
N GLU C 51 -44.29 -22.46 -51.34
CA GLU C 51 -42.97 -22.17 -51.89
C GLU C 51 -43.12 -21.64 -53.31
N ALA C 52 -42.26 -20.69 -53.65
CA ALA C 52 -42.21 -20.13 -54.99
C ALA C 52 -40.75 -19.90 -55.36
N ASN C 53 -40.40 -20.20 -56.61
CA ASN C 53 -39.04 -20.05 -57.11
C ASN C 53 -39.12 -19.30 -58.44
N PHE C 54 -39.13 -17.98 -58.38
CA PHE C 54 -39.28 -17.15 -59.57
C PHE C 54 -38.00 -16.38 -59.83
N ASP C 55 -37.48 -16.48 -61.04
CA ASP C 55 -36.27 -15.79 -61.44
C ASP C 55 -36.60 -14.39 -61.94
N LEU C 56 -35.90 -13.41 -61.38
CA LEU C 56 -36.02 -12.02 -61.80
C LEU C 56 -34.80 -11.65 -62.62
N ILE C 57 -35.01 -11.05 -63.79
CA ILE C 57 -33.96 -10.82 -64.77
C ILE C 57 -33.90 -9.33 -65.10
N ASN C 58 -32.68 -8.80 -65.12
CA ASN C 58 -32.39 -7.42 -65.55
C ASN C 58 -32.87 -6.38 -64.54
N ILE C 59 -32.65 -6.65 -63.26
CA ILE C 59 -32.77 -5.65 -62.20
C ILE C 59 -31.45 -5.62 -61.44
N ASP C 60 -31.09 -4.43 -60.97
CA ASP C 60 -29.87 -4.29 -60.19
C ASP C 60 -30.07 -4.88 -58.79
N THR C 61 -28.94 -5.08 -58.10
CA THR C 61 -28.99 -5.74 -56.80
C THR C 61 -29.77 -4.94 -55.77
N SER C 62 -29.78 -3.61 -55.88
CA SER C 62 -30.41 -2.78 -54.87
C SER C 62 -31.91 -3.06 -54.79
N ILE C 63 -32.59 -3.11 -55.92
CA ILE C 63 -34.04 -3.31 -55.94
C ILE C 63 -34.39 -4.71 -55.46
N ALA C 64 -33.64 -5.73 -55.90
CA ALA C 64 -33.92 -7.09 -55.48
C ALA C 64 -33.70 -7.26 -53.98
N ASN C 65 -32.63 -6.65 -53.44
CA ASN C 65 -32.39 -6.72 -52.01
C ASN C 65 -33.45 -5.95 -51.23
N ALA C 66 -33.94 -4.83 -51.77
CA ALA C 66 -35.03 -4.13 -51.11
C ALA C 66 -36.27 -5.01 -51.06
N PHE C 67 -36.57 -5.71 -52.15
CA PHE C 67 -37.70 -6.64 -52.16
C PHE C 67 -37.51 -7.72 -51.11
N ARG C 68 -36.30 -8.28 -51.02
CA ARG C 68 -36.03 -9.34 -50.05
C ARG C 68 -36.21 -8.84 -48.62
N ARG C 69 -35.66 -7.66 -48.32
CA ARG C 69 -35.75 -7.11 -46.97
C ARG C 69 -37.19 -6.80 -46.60
N ILE C 70 -37.95 -6.22 -47.53
CA ILE C 70 -39.37 -5.96 -47.28
C ILE C 70 -40.11 -7.27 -47.04
N MET C 71 -39.79 -8.29 -47.82
CA MET C 71 -40.45 -9.58 -47.65
C MET C 71 -40.17 -10.16 -46.27
N ILE C 72 -38.93 -10.05 -45.81
CA ILE C 72 -38.58 -10.63 -44.52
C ILE C 72 -39.20 -9.86 -43.36
N SER C 73 -39.04 -8.53 -43.34
CA SER C 73 -39.41 -7.80 -42.13
C SER C 73 -40.17 -6.50 -42.43
N GLU C 74 -41.04 -6.50 -43.43
CA GLU C 74 -41.94 -5.37 -43.63
C GLU C 74 -43.36 -5.84 -43.88
N VAL C 75 -43.50 -7.05 -44.43
CA VAL C 75 -44.82 -7.61 -44.72
C VAL C 75 -45.48 -8.00 -43.42
N PRO C 76 -46.65 -7.46 -43.09
CA PRO C 76 -47.28 -7.79 -41.81
C PRO C 76 -47.80 -9.21 -41.78
N SER C 77 -48.01 -9.70 -40.57
CA SER C 77 -48.56 -11.03 -40.35
C SER C 77 -49.26 -11.05 -39.01
N VAL C 78 -49.92 -12.16 -38.70
CA VAL C 78 -50.70 -12.31 -37.48
C VAL C 78 -50.08 -13.42 -36.65
N ALA C 79 -49.72 -13.08 -35.41
CA ALA C 79 -49.20 -14.07 -34.47
C ALA C 79 -49.57 -13.61 -33.06
N ALA C 80 -49.57 -14.57 -32.13
CA ALA C 80 -49.94 -14.27 -30.75
C ALA C 80 -48.97 -13.26 -30.16
N GLU C 81 -49.52 -12.24 -29.50
CA GLU C 81 -48.73 -11.21 -28.83
C GLU C 81 -48.91 -11.20 -27.33
N TYR C 82 -50.12 -11.39 -26.85
CA TYR C 82 -50.41 -11.46 -25.42
C TYR C 82 -51.02 -12.81 -25.09
N VAL C 83 -50.54 -13.44 -24.02
CA VAL C 83 -51.04 -14.71 -23.55
C VAL C 83 -51.45 -14.54 -22.09
N TYR C 84 -52.69 -14.92 -21.77
CA TYR C 84 -53.21 -14.85 -20.42
C TYR C 84 -53.34 -16.27 -19.90
N PHE C 85 -52.69 -16.56 -18.78
CA PHE C 85 -52.69 -17.89 -18.19
C PHE C 85 -53.74 -17.95 -17.09
N PHE C 86 -54.68 -18.90 -17.22
CA PHE C 86 -55.61 -19.18 -16.14
C PHE C 86 -55.05 -20.22 -15.18
N ASN C 87 -54.28 -21.19 -15.69
CA ASN C 87 -53.67 -22.23 -14.88
C ASN C 87 -52.60 -22.94 -15.70
N ASN C 88 -51.39 -23.08 -15.14
CA ASN C 88 -50.30 -23.74 -15.85
C ASN C 88 -49.52 -24.56 -14.82
N THR C 89 -49.90 -25.83 -14.70
CA THR C 89 -49.26 -26.75 -13.78
C THR C 89 -48.16 -27.57 -14.45
N SER C 90 -47.92 -27.36 -15.74
CA SER C 90 -46.88 -28.09 -16.45
C SER C 90 -45.50 -27.62 -15.99
N VAL C 91 -44.50 -28.47 -16.23
CA VAL C 91 -43.14 -28.16 -15.80
C VAL C 91 -42.52 -27.01 -16.57
N ILE C 92 -43.15 -26.59 -17.67
CA ILE C 92 -42.64 -25.46 -18.45
C ILE C 92 -43.04 -24.17 -17.75
N GLN C 93 -42.08 -23.26 -17.61
CA GLN C 93 -42.39 -21.95 -17.06
C GLN C 93 -43.37 -21.22 -17.97
N ASP C 94 -44.16 -20.34 -17.37
CA ASP C 94 -45.23 -19.68 -18.12
C ASP C 94 -44.68 -18.84 -19.26
N GLU C 95 -43.59 -18.11 -19.02
CA GLU C 95 -43.04 -17.25 -20.07
C GLU C 95 -42.53 -18.08 -21.23
N VAL C 96 -41.91 -19.23 -20.95
CA VAL C 96 -41.41 -20.09 -22.03
C VAL C 96 -42.57 -20.59 -22.88
N LEU C 97 -43.65 -21.04 -22.25
CA LEU C 97 -44.80 -21.54 -23.00
C LEU C 97 -45.45 -20.41 -23.79
N ALA C 98 -45.51 -19.20 -23.22
CA ALA C 98 -46.06 -18.07 -23.96
C ALA C 98 -45.21 -17.74 -25.18
N HIS C 99 -43.88 -17.83 -25.03
CA HIS C 99 -43.00 -17.61 -26.18
C HIS C 99 -43.22 -18.67 -27.25
N ARG C 100 -43.37 -19.94 -26.83
CA ARG C 100 -43.63 -21.01 -27.78
C ARG C 100 -44.92 -20.79 -28.54
N ILE C 101 -45.96 -20.34 -27.84
CA ILE C 101 -47.23 -20.07 -28.50
C ILE C 101 -47.12 -18.87 -29.43
N GLY C 102 -46.37 -17.85 -29.02
CA GLY C 102 -46.17 -16.70 -29.89
C GLY C 102 -45.45 -17.04 -31.17
N LEU C 103 -44.51 -17.99 -31.12
CA LEU C 103 -43.77 -18.37 -32.31
C LEU C 103 -44.59 -19.20 -33.29
N VAL C 104 -45.74 -19.72 -32.88
CA VAL C 104 -46.54 -20.59 -33.74
C VAL C 104 -47.19 -19.79 -34.86
N PRO C 105 -46.98 -20.14 -36.11
CA PRO C 105 -47.66 -19.44 -37.20
C PRO C 105 -49.14 -19.73 -37.20
N LEU C 106 -49.91 -18.76 -37.69
CA LEU C 106 -51.36 -18.87 -37.76
C LEU C 106 -51.81 -18.71 -39.20
N LYS C 107 -52.67 -19.62 -39.66
CA LYS C 107 -53.19 -19.58 -41.02
C LYS C 107 -54.40 -18.65 -41.10
N VAL C 108 -54.17 -17.39 -40.75
CA VAL C 108 -55.17 -16.34 -40.86
C VAL C 108 -54.65 -15.30 -41.84
N ASP C 109 -55.41 -15.06 -42.89
CA ASP C 109 -54.97 -14.13 -43.92
C ASP C 109 -55.02 -12.71 -43.37
N PRO C 110 -53.94 -11.94 -43.46
CA PRO C 110 -53.99 -10.53 -43.07
C PRO C 110 -54.90 -9.74 -43.99
N ASP C 111 -55.04 -8.44 -43.73
CA ASP C 111 -55.99 -7.53 -44.37
C ASP C 111 -57.43 -7.83 -43.96
N MET C 112 -57.68 -8.90 -43.21
CA MET C 112 -58.95 -9.11 -42.54
C MET C 112 -58.96 -8.52 -41.15
N LEU C 113 -57.85 -7.95 -40.70
CA LEU C 113 -57.73 -7.27 -39.43
C LEU C 113 -57.18 -5.87 -39.66
N THR C 114 -57.17 -5.07 -38.59
CA THR C 114 -56.63 -3.73 -38.64
C THR C 114 -55.56 -3.57 -37.58
N TRP C 115 -54.69 -2.59 -37.77
CA TRP C 115 -53.60 -2.35 -36.83
C TRP C 115 -54.15 -1.94 -35.46
N VAL C 116 -53.56 -2.51 -34.42
CA VAL C 116 -53.93 -2.17 -33.06
C VAL C 116 -53.28 -0.85 -32.67
N ASP C 117 -54.05 0.00 -31.99
CA ASP C 117 -53.56 1.29 -31.53
C ASP C 117 -53.01 1.13 -30.11
N SER C 118 -51.71 1.36 -29.94
CA SER C 118 -51.09 1.18 -28.64
C SER C 118 -51.43 2.27 -27.64
N ASN C 119 -52.08 3.35 -28.09
CA ASN C 119 -52.38 4.49 -27.23
C ASN C 119 -53.71 4.33 -26.49
N LEU C 120 -54.18 3.10 -26.30
CA LEU C 120 -55.46 2.86 -25.67
C LEU C 120 -55.31 1.86 -24.53
N PRO C 121 -56.16 1.94 -23.51
CA PRO C 121 -56.08 0.99 -22.40
C PRO C 121 -56.55 -0.40 -22.84
N ASP C 122 -56.08 -1.41 -22.09
CA ASP C 122 -56.33 -2.80 -22.44
C ASP C 122 -57.80 -3.15 -22.43
N ASP C 123 -58.64 -2.36 -21.75
CA ASP C 123 -60.06 -2.69 -21.67
C ASP C 123 -60.76 -2.48 -23.01
N GLU C 124 -60.31 -1.53 -23.83
CA GLU C 124 -60.91 -1.33 -25.14
C GLU C 124 -59.87 -1.15 -26.24
N LYS C 125 -58.63 -1.60 -26.01
CA LYS C 125 -57.63 -1.54 -27.08
C LYS C 125 -57.87 -2.62 -28.12
N PHE C 126 -58.38 -3.78 -27.71
CA PHE C 126 -58.61 -4.91 -28.60
C PHE C 126 -60.09 -4.95 -28.98
N THR C 127 -60.37 -4.94 -30.27
CA THR C 127 -61.73 -5.02 -30.80
C THR C 127 -61.94 -6.36 -31.50
N ASP C 128 -63.12 -6.54 -32.07
CA ASP C 128 -63.40 -7.73 -32.84
C ASP C 128 -62.69 -7.72 -34.19
N GLU C 129 -62.57 -6.56 -34.82
CA GLU C 129 -61.87 -6.42 -36.09
C GLU C 129 -60.40 -6.11 -35.92
N ASN C 130 -59.89 -6.15 -34.69
CA ASN C 130 -58.50 -5.83 -34.39
C ASN C 130 -57.67 -7.03 -33.99
N THR C 131 -58.20 -7.90 -33.15
CA THR C 131 -57.46 -9.05 -32.63
C THR C 131 -58.25 -10.32 -32.88
N ILE C 132 -57.59 -11.46 -32.64
CA ILE C 132 -58.19 -12.78 -32.76
C ILE C 132 -57.86 -13.55 -31.49
N VAL C 133 -58.89 -14.15 -30.89
CA VAL C 133 -58.75 -14.81 -29.60
C VAL C 133 -58.62 -16.31 -29.83
N LEU C 134 -57.54 -16.89 -29.30
CA LEU C 134 -57.29 -18.33 -29.40
C LEU C 134 -57.28 -18.94 -28.01
N SER C 135 -58.02 -20.03 -27.83
CA SER C 135 -58.15 -20.68 -26.53
C SER C 135 -57.41 -22.01 -26.54
N LEU C 136 -56.73 -22.31 -25.43
CA LEU C 136 -56.16 -23.62 -25.21
C LEU C 136 -56.58 -24.11 -23.84
N ASN C 137 -56.99 -25.37 -23.75
CA ASN C 137 -57.41 -25.96 -22.48
C ASN C 137 -57.13 -27.45 -22.56
N VAL C 138 -56.04 -27.88 -21.94
CA VAL C 138 -55.60 -29.26 -21.95
C VAL C 138 -55.41 -29.74 -20.52
N LYS C 139 -56.01 -30.88 -20.19
CA LYS C 139 -55.86 -31.50 -18.89
C LYS C 139 -55.37 -32.92 -19.10
N CYS C 140 -54.30 -33.29 -18.41
CA CYS C 140 -53.65 -34.58 -18.60
C CYS C 140 -54.07 -35.53 -17.49
N THR C 141 -54.56 -36.71 -17.88
CA THR C 141 -54.94 -37.75 -16.94
C THR C 141 -54.42 -39.09 -17.44
N ARG C 142 -54.33 -40.05 -16.54
CA ARG C 142 -53.83 -41.37 -16.89
C ARG C 142 -54.79 -42.06 -17.87
N ASN C 143 -54.30 -43.16 -18.45
CA ASN C 143 -55.05 -43.93 -19.42
C ASN C 143 -55.45 -45.27 -18.80
N PRO C 144 -56.71 -45.44 -18.39
CA PRO C 144 -57.10 -46.66 -17.69
C PRO C 144 -57.21 -47.89 -18.58
N ASP C 145 -56.19 -48.13 -19.40
CA ASP C 145 -56.08 -49.35 -20.18
C ASP C 145 -55.08 -50.28 -19.48
N ALA C 146 -54.73 -51.37 -20.15
CA ALA C 146 -53.77 -52.35 -19.62
C ALA C 146 -52.68 -52.61 -20.65
N PRO C 147 -51.83 -51.62 -20.93
CA PRO C 147 -50.66 -51.87 -21.78
C PRO C 147 -49.44 -52.24 -20.95
N LYS C 148 -48.32 -52.51 -21.60
CA LYS C 148 -47.08 -52.79 -20.89
C LYS C 148 -46.57 -51.52 -20.20
N GLY C 149 -46.08 -51.68 -18.98
CA GLY C 149 -45.59 -50.56 -18.22
C GLY C 149 -44.27 -50.02 -18.74
N SER C 150 -43.95 -48.79 -18.32
CA SER C 150 -42.75 -48.07 -18.70
C SER C 150 -42.62 -47.86 -20.20
N THR C 151 -43.68 -48.08 -20.96
CA THR C 151 -43.65 -47.93 -22.41
C THR C 151 -43.77 -46.45 -22.77
N ASP C 152 -44.04 -46.18 -24.04
CA ASP C 152 -44.14 -44.80 -24.50
C ASP C 152 -45.24 -44.06 -23.74
N PRO C 153 -45.05 -42.78 -23.43
CA PRO C 153 -46.06 -42.01 -22.69
C PRO C 153 -47.16 -41.45 -23.60
N LYS C 154 -47.67 -42.29 -24.48
CA LYS C 154 -48.77 -41.95 -25.36
C LYS C 154 -49.98 -42.87 -25.17
N GLU C 155 -49.74 -44.16 -24.98
CA GLU C 155 -50.78 -45.11 -24.61
C GLU C 155 -50.86 -45.32 -23.11
N LEU C 156 -50.03 -44.62 -22.34
CA LEU C 156 -50.04 -44.72 -20.89
C LEU C 156 -50.63 -43.49 -20.20
N TYR C 157 -50.46 -42.31 -20.80
CA TYR C 157 -51.05 -41.07 -20.29
C TYR C 157 -51.96 -40.50 -21.37
N ASN C 158 -53.19 -40.15 -20.98
CA ASN C 158 -54.14 -39.60 -21.93
C ASN C 158 -53.89 -38.11 -22.11
N ASN C 159 -53.76 -37.69 -23.37
CA ASN C 159 -53.46 -36.29 -23.72
C ASN C 159 -52.16 -35.84 -23.05
N ALA C 160 -51.11 -36.63 -23.23
CA ALA C 160 -49.82 -36.35 -22.62
C ALA C 160 -49.00 -35.33 -23.41
N HIS C 161 -49.39 -35.01 -24.64
CA HIS C 161 -48.73 -33.99 -25.43
C HIS C 161 -49.75 -32.90 -25.76
N VAL C 162 -49.27 -31.66 -25.80
CA VAL C 162 -50.08 -30.52 -26.21
C VAL C 162 -49.47 -30.02 -27.52
N TYR C 163 -50.25 -30.11 -28.59
CA TYR C 163 -49.82 -29.67 -29.91
C TYR C 163 -50.35 -28.27 -30.20
N ALA C 164 -49.84 -27.68 -31.29
CA ALA C 164 -50.32 -26.37 -31.71
C ALA C 164 -51.77 -26.41 -32.17
N ARG C 165 -52.25 -27.55 -32.65
CA ARG C 165 -53.64 -27.66 -33.07
C ARG C 165 -54.60 -27.58 -31.89
N ASP C 166 -54.11 -27.70 -30.66
CA ASP C 166 -54.96 -27.51 -29.49
C ASP C 166 -55.40 -26.07 -29.32
N LEU C 167 -54.80 -25.13 -30.04
CA LEU C 167 -55.24 -23.74 -30.01
C LEU C 167 -56.58 -23.62 -30.73
N LYS C 168 -57.65 -23.40 -29.98
CA LYS C 168 -58.97 -23.23 -30.55
C LYS C 168 -59.10 -21.81 -31.10
N PHE C 169 -60.32 -21.42 -31.44
CA PHE C 169 -60.58 -20.08 -31.96
C PHE C 169 -62.03 -19.73 -31.72
N GLU C 170 -62.28 -18.75 -30.85
CA GLU C 170 -63.64 -18.30 -30.57
C GLU C 170 -63.84 -16.92 -31.15
N PRO C 171 -64.69 -16.75 -32.16
CA PRO C 171 -64.94 -15.42 -32.72
C PRO C 171 -65.72 -14.55 -31.76
N GLN C 172 -65.62 -13.24 -31.96
CA GLN C 172 -66.39 -12.27 -31.20
C GLN C 172 -67.10 -11.34 -32.16
N GLY C 173 -68.42 -11.23 -32.02
CA GLY C 173 -69.18 -10.30 -32.84
C GLY C 173 -69.08 -10.64 -34.31
N ARG C 174 -68.67 -9.64 -35.10
CA ARG C 174 -68.62 -9.79 -36.55
C ARG C 174 -67.69 -10.92 -37.00
N GLN C 175 -66.73 -11.31 -36.15
CA GLN C 175 -65.85 -12.42 -36.51
C GLN C 175 -66.61 -13.72 -36.69
N SER C 176 -67.83 -13.82 -36.15
CA SER C 176 -68.64 -15.01 -36.38
C SER C 176 -69.08 -15.12 -37.84
N THR C 177 -69.03 -14.04 -38.60
CA THR C 177 -69.43 -14.03 -40.00
C THR C 177 -68.25 -13.94 -40.95
N THR C 178 -67.33 -13.00 -40.72
CA THR C 178 -66.20 -12.84 -41.63
C THR C 178 -65.31 -14.08 -41.65
N PHE C 179 -65.07 -14.67 -40.48
CA PHE C 179 -64.24 -15.87 -40.36
C PHE C 179 -65.06 -17.16 -40.37
N ALA C 180 -66.24 -17.13 -40.98
CA ALA C 180 -67.06 -18.33 -41.03
C ALA C 180 -66.48 -19.36 -41.99
N ASP C 181 -66.02 -18.92 -43.16
CA ASP C 181 -65.49 -19.86 -44.15
C ASP C 181 -64.11 -20.35 -43.79
N CYS C 182 -63.27 -19.48 -43.23
CA CYS C 182 -61.87 -19.80 -42.94
C CYS C 182 -61.56 -19.49 -41.48
N PRO C 183 -61.94 -20.38 -40.57
CA PRO C 183 -61.53 -20.21 -39.17
C PRO C 183 -60.02 -20.28 -39.04
N VAL C 184 -59.47 -19.50 -38.12
CA VAL C 184 -58.02 -19.41 -37.98
C VAL C 184 -57.51 -20.69 -37.33
N VAL C 185 -56.45 -21.25 -37.92
CA VAL C 185 -55.82 -22.48 -37.41
C VAL C 185 -54.32 -22.36 -37.54
N PRO C 186 -53.59 -23.08 -36.69
CA PRO C 186 -52.13 -23.10 -36.84
C PRO C 186 -51.73 -23.67 -38.18
N ALA C 187 -50.82 -22.98 -38.86
CA ALA C 187 -50.38 -23.43 -40.18
C ALA C 187 -49.67 -24.77 -40.09
N ASP C 188 -49.06 -25.09 -38.95
CA ASP C 188 -48.42 -26.38 -38.70
C ASP C 188 -49.05 -26.97 -37.45
N PRO C 189 -50.09 -27.80 -37.60
CA PRO C 189 -50.83 -28.29 -36.44
C PRO C 189 -50.10 -29.33 -35.61
N ASP C 190 -48.93 -29.79 -36.04
CA ASP C 190 -48.19 -30.82 -35.33
C ASP C 190 -47.08 -30.26 -34.45
N ILE C 191 -47.00 -28.94 -34.30
CA ILE C 191 -45.96 -28.34 -33.48
C ILE C 191 -46.13 -28.81 -32.04
N LEU C 192 -45.09 -29.41 -31.48
CA LEU C 192 -45.12 -29.89 -30.10
C LEU C 192 -45.07 -28.67 -29.19
N LEU C 193 -46.24 -28.20 -28.78
CA LEU C 193 -46.29 -27.01 -27.92
C LEU C 193 -45.73 -27.30 -26.54
N ALA C 194 -46.16 -28.40 -25.92
CA ALA C 194 -45.75 -28.71 -24.56
C ALA C 194 -45.94 -30.19 -24.29
N LYS C 195 -45.34 -30.65 -23.19
CA LYS C 195 -45.53 -31.99 -22.70
C LYS C 195 -45.93 -31.90 -21.23
N LEU C 196 -46.73 -32.86 -20.79
CA LEU C 196 -47.26 -32.77 -19.43
C LEU C 196 -47.71 -34.15 -18.96
N ARG C 197 -47.50 -34.42 -17.68
CA ARG C 197 -47.83 -35.67 -17.03
C ARG C 197 -49.18 -35.54 -16.35
N PRO C 198 -49.79 -36.66 -15.93
CA PRO C 198 -51.11 -36.59 -15.30
C PRO C 198 -51.11 -35.71 -14.07
N GLY C 199 -52.20 -34.97 -13.89
CA GLY C 199 -52.31 -33.99 -12.83
C GLY C 199 -51.90 -32.60 -13.21
N GLN C 200 -51.53 -32.37 -14.46
CA GLN C 200 -51.07 -31.06 -14.93
C GLN C 200 -52.03 -30.52 -15.98
N GLU C 201 -52.24 -29.20 -15.94
CA GLU C 201 -53.23 -28.55 -16.78
C GLU C 201 -52.62 -27.28 -17.39
N ILE C 202 -52.99 -27.01 -18.64
CA ILE C 202 -52.63 -25.76 -19.30
C ILE C 202 -53.92 -25.16 -19.87
N SER C 203 -54.34 -24.03 -19.32
CA SER C 203 -55.56 -23.34 -19.76
C SER C 203 -55.24 -21.87 -19.93
N LEU C 204 -55.23 -21.40 -21.18
CA LEU C 204 -54.82 -20.05 -21.47
C LEU C 204 -55.62 -19.50 -22.65
N LYS C 205 -55.53 -18.17 -22.82
CA LYS C 205 -56.22 -17.46 -23.87
C LYS C 205 -55.28 -16.41 -24.44
N ALA C 206 -55.11 -16.41 -25.76
CA ALA C 206 -54.12 -15.57 -26.42
C ALA C 206 -54.80 -14.59 -27.36
N HIS C 207 -54.38 -13.32 -27.29
CA HIS C 207 -54.93 -12.26 -28.15
C HIS C 207 -53.94 -12.02 -29.29
N CYS C 208 -54.04 -12.85 -30.32
CA CYS C 208 -53.17 -12.71 -31.48
C CYS C 208 -53.52 -11.45 -32.25
N ILE C 209 -52.52 -10.63 -32.55
CA ILE C 209 -52.71 -9.34 -33.20
C ILE C 209 -51.90 -9.34 -34.49
N LEU C 210 -51.92 -8.20 -35.17
CA LEU C 210 -51.23 -8.02 -36.45
C LEU C 210 -49.95 -7.23 -36.20
N GLY C 211 -48.81 -7.81 -36.56
CA GLY C 211 -47.52 -7.19 -36.33
C GLY C 211 -46.65 -7.26 -37.57
N ILE C 212 -45.48 -6.62 -37.46
CA ILE C 212 -44.53 -6.52 -38.56
C ILE C 212 -43.30 -7.35 -38.23
N GLY C 213 -42.61 -7.80 -39.28
CA GLY C 213 -41.48 -8.69 -39.07
C GLY C 213 -40.34 -8.03 -38.31
N GLY C 214 -40.06 -6.77 -38.62
CA GLY C 214 -38.98 -6.07 -37.94
C GLY C 214 -39.20 -5.88 -36.46
N ASP C 215 -40.46 -5.96 -36.01
CA ASP C 215 -40.73 -5.87 -34.57
C ASP C 215 -40.31 -7.14 -33.85
N HIS C 216 -40.63 -8.30 -34.41
CA HIS C 216 -40.32 -9.57 -33.77
C HIS C 216 -40.25 -10.65 -34.85
N ALA C 217 -39.45 -11.68 -34.59
CA ALA C 217 -39.29 -12.75 -35.56
C ALA C 217 -40.55 -13.58 -35.74
N LYS C 218 -41.47 -13.56 -34.77
CA LYS C 218 -42.70 -14.34 -34.90
C LYS C 218 -43.64 -13.74 -35.93
N PHE C 219 -43.45 -12.48 -36.30
CA PHE C 219 -44.30 -11.80 -37.26
C PHE C 219 -43.78 -11.89 -38.69
N SER C 220 -42.65 -12.53 -38.91
CA SER C 220 -42.14 -12.69 -40.26
C SER C 220 -43.00 -13.70 -41.02
N PRO C 221 -43.54 -13.34 -42.18
CA PRO C 221 -44.44 -14.28 -42.87
C PRO C 221 -43.71 -15.45 -43.50
N VAL C 222 -42.55 -15.20 -44.09
CA VAL C 222 -41.77 -16.24 -44.76
C VAL C 222 -40.80 -16.86 -43.77
N SER C 223 -40.53 -18.15 -43.95
CA SER C 223 -39.44 -18.78 -43.21
C SER C 223 -38.12 -18.08 -43.55
N THR C 224 -37.73 -18.13 -44.82
CA THR C 224 -36.65 -17.29 -45.31
C THR C 224 -36.92 -16.93 -46.76
N ALA C 225 -36.69 -15.66 -47.09
CA ALA C 225 -36.82 -15.15 -48.44
C ALA C 225 -35.43 -14.77 -48.90
N SER C 226 -34.92 -15.47 -49.91
CA SER C 226 -33.54 -15.28 -50.33
C SER C 226 -33.48 -15.13 -51.84
N TYR C 227 -32.26 -14.99 -52.34
CA TYR C 227 -31.99 -15.00 -53.76
C TYR C 227 -30.51 -15.31 -53.95
N ARG C 228 -30.13 -15.58 -55.20
CA ARG C 228 -28.74 -15.83 -55.52
C ARG C 228 -28.52 -15.53 -57.00
N LEU C 229 -27.39 -14.93 -57.32
CA LEU C 229 -27.08 -14.67 -58.71
C LEU C 229 -26.97 -15.98 -59.47
N LEU C 230 -27.46 -15.99 -60.69
CA LEU C 230 -27.44 -17.20 -61.50
C LEU C 230 -26.00 -17.61 -61.78
N PRO C 231 -25.58 -18.82 -61.40
CA PRO C 231 -24.21 -19.25 -61.69
C PRO C 231 -23.97 -19.35 -63.19
N GLN C 232 -22.72 -19.17 -63.58
CA GLN C 232 -22.32 -19.23 -64.97
C GLN C 232 -20.94 -19.86 -65.06
N ILE C 233 -20.81 -20.83 -65.97
CA ILE C 233 -19.57 -21.56 -66.17
C ILE C 233 -19.18 -21.44 -67.63
N ASN C 234 -17.95 -20.97 -67.89
CA ASN C 234 -17.41 -20.89 -69.23
C ASN C 234 -16.36 -21.99 -69.36
N ILE C 235 -16.66 -22.99 -70.19
CA ILE C 235 -15.71 -24.07 -70.46
C ILE C 235 -14.99 -23.67 -71.74
N LEU C 236 -13.89 -22.95 -71.59
CA LEU C 236 -13.01 -22.61 -72.68
C LEU C 236 -11.84 -23.58 -72.71
N GLN C 237 -11.20 -23.70 -73.89
CA GLN C 237 -10.19 -24.72 -74.12
C GLN C 237 -10.76 -26.09 -73.75
N PRO C 238 -11.64 -26.65 -74.60
CA PRO C 238 -12.40 -27.87 -74.25
C PRO C 238 -11.59 -28.96 -73.56
N ILE C 239 -12.24 -29.69 -72.67
CA ILE C 239 -11.57 -30.61 -71.75
C ILE C 239 -11.96 -32.04 -72.08
N LYS C 240 -12.17 -32.34 -73.36
CA LYS C 240 -12.58 -33.66 -73.77
C LYS C 240 -11.54 -34.71 -73.39
N GLY C 241 -12.01 -35.89 -73.02
CA GLY C 241 -11.17 -37.01 -72.66
C GLY C 241 -11.58 -37.58 -71.33
N GLU C 242 -10.67 -38.37 -70.74
CA GLU C 242 -10.92 -38.90 -69.41
C GLU C 242 -10.89 -37.79 -68.35
N SER C 243 -10.02 -36.79 -68.55
CA SER C 243 -9.94 -35.68 -67.60
C SER C 243 -11.29 -35.00 -67.41
N ALA C 244 -12.13 -35.00 -68.46
CA ALA C 244 -13.47 -34.42 -68.34
C ALA C 244 -14.23 -35.03 -67.17
N ARG C 245 -14.13 -36.35 -67.00
CA ARG C 245 -14.78 -36.99 -65.86
C ARG C 245 -14.31 -36.38 -64.55
N ARG C 246 -13.00 -36.16 -64.42
CA ARG C 246 -12.49 -35.45 -63.26
C ARG C 246 -13.09 -34.05 -63.18
N PHE C 247 -13.12 -33.35 -64.32
CA PHE C 247 -13.76 -32.04 -64.37
C PHE C 247 -15.23 -32.11 -64.03
N GLN C 248 -15.85 -33.29 -64.16
CA GLN C 248 -17.24 -33.47 -63.77
C GLN C 248 -17.39 -33.78 -62.28
N LYS C 249 -16.35 -34.32 -61.64
CA LYS C 249 -16.49 -34.71 -60.24
C LYS C 249 -16.49 -33.51 -59.31
N CYS C 250 -16.08 -32.33 -59.79
CA CYS C 250 -16.06 -31.14 -58.94
C CYS C 250 -17.46 -30.57 -58.76
N PHE C 251 -18.11 -30.21 -59.87
CA PHE C 251 -19.43 -29.62 -59.80
C PHE C 251 -20.45 -30.66 -59.34
N PRO C 252 -21.58 -30.21 -58.79
CA PRO C 252 -22.65 -31.14 -58.40
C PRO C 252 -23.09 -32.00 -59.57
N PRO C 253 -23.77 -33.12 -59.31
CA PRO C 253 -24.07 -34.08 -60.38
C PRO C 253 -24.76 -33.48 -61.60
N GLY C 254 -25.93 -32.90 -61.41
CA GLY C 254 -26.68 -32.37 -62.52
C GLY C 254 -26.28 -30.98 -62.94
N VAL C 255 -24.98 -30.76 -63.18
CA VAL C 255 -24.44 -29.47 -63.59
C VAL C 255 -23.82 -29.54 -64.97
N ILE C 256 -22.81 -30.40 -65.14
CA ILE C 256 -22.16 -30.57 -66.42
C ILE C 256 -22.19 -32.05 -66.78
N GLY C 257 -22.09 -32.33 -68.08
CA GLY C 257 -22.10 -33.69 -68.58
C GLY C 257 -21.01 -33.90 -69.60
N ILE C 258 -20.87 -35.15 -70.02
CA ILE C 258 -19.92 -35.56 -71.04
C ILE C 258 -20.70 -35.89 -72.29
N ASP C 259 -20.39 -35.22 -73.39
CA ASP C 259 -21.13 -35.41 -74.63
C ASP C 259 -20.92 -36.83 -75.15
N GLU C 260 -22.02 -37.50 -75.50
CA GLU C 260 -21.94 -38.86 -75.99
C GLU C 260 -21.25 -38.89 -77.35
N GLY C 261 -20.29 -39.80 -77.50
CA GLY C 261 -19.51 -39.87 -78.73
C GLY C 261 -18.37 -38.88 -78.80
N SER C 262 -18.66 -37.60 -78.53
CA SER C 262 -17.61 -36.58 -78.51
C SER C 262 -16.77 -36.62 -77.24
N ASP C 263 -17.25 -37.28 -76.19
CA ASP C 263 -16.59 -37.36 -74.88
C ASP C 263 -15.98 -36.03 -74.48
N GLU C 264 -16.75 -34.97 -74.65
CA GLU C 264 -16.32 -33.60 -74.37
C GLU C 264 -17.22 -33.01 -73.29
N ALA C 265 -16.61 -32.38 -72.29
CA ALA C 265 -17.37 -31.78 -71.21
C ALA C 265 -18.14 -30.57 -71.71
N TYR C 266 -19.40 -30.47 -71.30
CA TYR C 266 -20.26 -29.35 -71.67
C TYR C 266 -21.16 -29.02 -70.48
N VAL C 267 -21.62 -27.77 -70.45
CA VAL C 267 -22.48 -27.31 -69.35
C VAL C 267 -23.90 -27.80 -69.62
N LYS C 268 -24.44 -28.57 -68.69
CA LYS C 268 -25.82 -29.05 -68.82
C LYS C 268 -26.80 -27.98 -68.35
N ASP C 269 -26.70 -27.60 -67.07
CA ASP C 269 -27.53 -26.53 -66.52
C ASP C 269 -26.82 -25.96 -65.30
N ALA C 270 -26.58 -24.64 -65.30
CA ALA C 270 -25.88 -24.01 -64.20
C ALA C 270 -26.79 -23.70 -63.01
N ARG C 271 -28.10 -23.81 -63.18
CA ARG C 271 -29.02 -23.51 -62.09
C ARG C 271 -28.90 -24.48 -60.93
N LYS C 272 -28.40 -25.69 -61.17
CA LYS C 272 -28.29 -26.71 -60.13
C LYS C 272 -26.95 -26.66 -59.42
N ASP C 273 -26.08 -25.71 -59.75
CA ASP C 273 -24.73 -25.66 -59.21
C ASP C 273 -24.66 -24.70 -58.04
N THR C 274 -24.07 -25.15 -56.94
CA THR C 274 -23.67 -24.29 -55.84
C THR C 274 -22.19 -23.97 -56.01
N VAL C 275 -21.85 -22.69 -55.97
CA VAL C 275 -20.50 -22.27 -56.35
C VAL C 275 -19.51 -22.56 -55.22
N SER C 276 -18.92 -23.75 -55.24
CA SER C 276 -17.90 -24.15 -54.29
C SER C 276 -16.50 -23.98 -54.83
N ARG C 277 -16.36 -23.43 -56.03
CA ARG C 277 -15.08 -23.19 -56.71
C ARG C 277 -14.09 -24.34 -56.48
N GLU C 278 -14.60 -25.56 -56.66
CA GLU C 278 -13.76 -26.74 -56.49
C GLU C 278 -12.74 -26.84 -57.62
N VAL C 279 -13.16 -26.59 -58.87
CA VAL C 279 -12.24 -26.68 -59.99
C VAL C 279 -11.07 -25.72 -59.83
N LEU C 280 -11.27 -24.64 -59.10
CA LEU C 280 -10.23 -23.65 -58.87
C LEU C 280 -9.19 -24.12 -57.86
N ARG C 281 -9.23 -25.39 -57.45
CA ARG C 281 -8.26 -25.91 -56.50
C ARG C 281 -7.22 -26.81 -57.14
N TYR C 282 -7.50 -27.42 -58.29
CA TYR C 282 -6.63 -28.43 -58.86
C TYR C 282 -5.50 -27.87 -59.71
N GLU C 283 -5.64 -26.64 -60.22
CA GLU C 283 -4.59 -25.94 -60.96
C GLU C 283 -4.30 -26.60 -62.32
N GLU C 284 -4.95 -27.73 -62.61
CA GLU C 284 -4.93 -28.26 -63.97
C GLU C 284 -6.04 -27.67 -64.81
N PHE C 285 -7.00 -26.98 -64.18
CA PHE C 285 -8.06 -26.26 -64.86
C PHE C 285 -7.89 -24.76 -64.71
N ALA C 286 -6.63 -24.30 -64.75
CA ALA C 286 -6.35 -22.89 -64.59
C ALA C 286 -6.91 -22.07 -65.76
N ASP C 287 -6.84 -22.60 -66.97
CA ASP C 287 -7.39 -21.93 -68.14
C ASP C 287 -8.50 -22.73 -68.82
N LYS C 288 -8.87 -23.88 -68.28
CA LYS C 288 -9.90 -24.71 -68.89
C LYS C 288 -11.29 -24.45 -68.34
N VAL C 289 -11.43 -23.52 -67.38
CA VAL C 289 -12.73 -23.23 -66.79
C VAL C 289 -12.69 -21.81 -66.25
N LYS C 290 -13.83 -21.12 -66.33
CA LYS C 290 -13.96 -19.77 -65.80
C LYS C 290 -15.32 -19.66 -65.14
N LEU C 291 -15.35 -19.50 -63.82
CA LEU C 291 -16.61 -19.39 -63.12
C LEU C 291 -17.07 -17.93 -63.06
N GLY C 292 -18.34 -17.75 -62.72
CA GLY C 292 -18.86 -16.41 -62.53
C GLY C 292 -20.32 -16.49 -62.15
N ARG C 293 -20.90 -15.31 -61.95
CA ARG C 293 -22.32 -15.19 -61.66
C ARG C 293 -22.91 -14.04 -62.45
N VAL C 294 -24.18 -14.16 -62.80
CA VAL C 294 -24.89 -13.10 -63.51
C VAL C 294 -25.37 -12.10 -62.46
N ARG C 295 -24.79 -10.91 -62.46
CA ARG C 295 -25.01 -9.97 -61.36
C ARG C 295 -26.45 -9.49 -61.29
N ASN C 296 -27.15 -9.40 -62.43
CA ASN C 296 -28.51 -8.90 -62.46
C ASN C 296 -29.49 -9.97 -62.91
N HIS C 297 -29.33 -11.19 -62.38
CA HIS C 297 -30.25 -12.30 -62.65
C HIS C 297 -30.38 -13.08 -61.35
N PHE C 298 -31.39 -12.74 -60.56
CA PHE C 298 -31.62 -13.39 -59.28
C PHE C 298 -32.64 -14.51 -59.44
N ILE C 299 -32.57 -15.50 -58.56
CA ILE C 299 -33.54 -16.59 -58.54
C ILE C 299 -34.06 -16.67 -57.10
N PHE C 300 -35.15 -15.96 -56.83
CA PHE C 300 -35.74 -15.98 -55.50
C PHE C 300 -36.32 -17.35 -55.19
N ASN C 301 -36.19 -17.77 -53.93
CA ASN C 301 -36.80 -19.00 -53.43
C ASN C 301 -37.57 -18.61 -52.17
N VAL C 302 -38.79 -18.18 -52.35
CA VAL C 302 -39.64 -17.72 -51.25
C VAL C 302 -40.47 -18.88 -50.74
N GLU C 303 -40.45 -19.09 -49.43
CA GLU C 303 -41.27 -20.12 -48.81
C GLU C 303 -41.99 -19.51 -47.62
N SER C 304 -43.30 -19.69 -47.57
CA SER C 304 -44.12 -19.11 -46.54
C SER C 304 -44.20 -20.03 -45.32
N ALA C 305 -44.60 -19.44 -44.20
CA ALA C 305 -44.87 -20.22 -42.99
C ALA C 305 -46.25 -20.86 -43.01
N GLY C 306 -47.10 -20.49 -43.95
CA GLY C 306 -48.44 -21.05 -44.05
C GLY C 306 -49.53 -19.99 -44.05
N ALA C 307 -49.17 -18.77 -43.66
CA ALA C 307 -50.17 -17.71 -43.55
C ALA C 307 -50.77 -17.36 -44.91
N MET C 308 -49.92 -17.21 -45.93
CA MET C 308 -50.38 -16.78 -47.24
C MET C 308 -49.45 -17.34 -48.32
N THR C 309 -49.94 -17.31 -49.56
CA THR C 309 -49.16 -17.86 -50.66
C THR C 309 -47.93 -17.01 -50.91
N PRO C 310 -46.80 -17.61 -51.30
CA PRO C 310 -45.57 -16.83 -51.51
C PRO C 310 -45.68 -15.76 -52.59
N GLU C 311 -46.44 -16.03 -53.66
CA GLU C 311 -46.58 -15.01 -54.69
C GLU C 311 -47.32 -13.79 -54.16
N GLU C 312 -48.31 -14.00 -53.29
CA GLU C 312 -48.96 -12.88 -52.64
C GLU C 312 -47.98 -12.12 -51.77
N ILE C 313 -47.06 -12.82 -51.12
CA ILE C 313 -46.06 -12.16 -50.28
C ILE C 313 -45.13 -11.29 -51.12
N PHE C 314 -44.67 -11.80 -52.27
CA PHE C 314 -43.82 -10.99 -53.12
C PHE C 314 -44.57 -9.80 -53.70
N PHE C 315 -45.84 -9.99 -54.08
CA PHE C 315 -46.63 -8.88 -54.57
C PHE C 315 -46.81 -7.83 -53.49
N LYS C 316 -47.04 -8.26 -52.24
CA LYS C 316 -47.13 -7.33 -51.13
C LYS C 316 -45.82 -6.59 -50.93
N SER C 317 -44.69 -7.27 -51.11
CA SER C 317 -43.40 -6.61 -50.97
C SER C 317 -43.22 -5.51 -52.02
N VAL C 318 -43.57 -5.81 -53.26
CA VAL C 318 -43.46 -4.80 -54.32
C VAL C 318 -44.39 -3.62 -54.03
N ARG C 319 -45.62 -3.92 -53.63
CA ARG C 319 -46.58 -2.86 -53.32
C ARG C 319 -46.13 -2.05 -52.12
N ILE C 320 -45.47 -2.67 -51.14
CA ILE C 320 -45.00 -1.94 -49.98
C ILE C 320 -43.86 -1.01 -50.36
N LEU C 321 -42.94 -1.47 -51.22
CA LEU C 321 -41.90 -0.57 -51.68
C LEU C 321 -42.47 0.61 -52.46
N LYS C 322 -43.45 0.34 -53.33
CA LYS C 322 -44.07 1.43 -54.08
C LYS C 322 -44.80 2.39 -53.15
N ASN C 323 -45.50 1.86 -52.14
CA ASN C 323 -46.20 2.71 -51.19
C ASN C 323 -45.23 3.55 -50.39
N LYS C 324 -44.10 2.98 -49.99
CA LYS C 324 -43.10 3.72 -49.23
C LYS C 324 -42.54 4.88 -50.07
N ALA C 325 -42.19 4.60 -51.33
CA ALA C 325 -41.70 5.66 -52.19
C ALA C 325 -42.76 6.74 -52.42
N GLU C 326 -44.01 6.32 -52.65
CA GLU C 326 -45.08 7.28 -52.90
C GLU C 326 -45.34 8.15 -51.68
N TYR C 327 -45.37 7.54 -50.49
CA TYR C 327 -45.62 8.30 -49.28
C TYR C 327 -44.48 9.28 -49.00
N LEU C 328 -43.24 8.86 -49.26
CA LEU C 328 -42.13 9.80 -49.12
C LEU C 328 -42.26 10.95 -50.11
N LYS C 329 -42.73 10.65 -51.33
CA LYS C 329 -42.94 11.70 -52.32
C LYS C 329 -44.02 12.68 -51.88
N ASN C 330 -45.10 12.14 -51.28
CA ASN C 330 -46.23 13.00 -50.83
C ASN C 330 -45.78 13.82 -49.61
N CYS C 331 -44.94 13.24 -48.74
CA CYS C 331 -44.51 13.93 -47.51
C CYS C 331 -43.83 15.26 -47.88
N PRO C 332 -44.24 16.40 -47.28
CA PRO C 332 -43.68 17.71 -47.61
C PRO C 332 -42.20 17.79 -47.21
N ILE C 333 -41.39 18.50 -48.00
CA ILE C 333 -39.94 18.66 -47.69
C ILE C 333 -39.79 19.80 -46.67
N THR C 334 -39.94 19.49 -45.38
CA THR C 334 -39.75 20.52 -44.32
C THR C 334 -38.26 20.76 -44.14
N GLN C 335 -37.88 21.85 -43.45
CA GLN C 335 -36.45 22.20 -43.28
C GLN C 335 -36.03 21.89 -41.84
N MET D 1 -11.45 44.38 9.21
CA MET D 1 -12.45 44.88 10.14
C MET D 1 -11.80 45.83 11.15
N LYS D 2 -10.47 45.82 11.21
CA LYS D 2 -9.76 46.66 12.16
C LYS D 2 -10.07 48.13 11.90
N VAL D 3 -10.37 48.86 12.98
CA VAL D 3 -10.67 50.28 12.88
C VAL D 3 -9.35 51.03 12.77
N LEU D 4 -9.05 51.55 11.58
CA LEU D 4 -7.80 52.28 11.38
C LEU D 4 -7.72 53.50 12.29
N GLU D 5 -8.81 54.26 12.38
CA GLU D 5 -8.88 55.42 13.26
C GLU D 5 -10.20 55.40 14.01
N GLU D 6 -10.12 55.41 15.34
CA GLU D 6 -11.32 55.44 16.15
C GLU D 6 -12.10 56.74 15.95
N ARG D 7 -11.45 57.78 15.44
CA ARG D 7 -12.11 59.06 15.22
C ARG D 7 -11.29 59.84 14.19
N ASN D 8 -11.88 60.10 13.03
CA ASN D 8 -11.26 60.89 11.99
C ASN D 8 -11.58 62.36 12.25
N ALA D 9 -11.38 63.23 11.26
CA ALA D 9 -11.72 64.63 11.42
C ALA D 9 -13.20 64.80 11.75
N PHE D 10 -13.50 65.77 12.61
CA PHE D 10 -14.87 65.98 13.08
C PHE D 10 -15.77 66.43 11.95
N LEU D 11 -17.05 66.09 12.08
CA LEU D 11 -18.07 66.42 11.09
C LEU D 11 -19.09 67.37 11.72
N SER D 12 -19.30 68.52 11.09
CA SER D 12 -20.30 69.46 11.55
C SER D 12 -21.70 68.90 11.32
N ASP D 13 -22.63 69.29 12.18
CA ASP D 13 -24.00 68.82 12.07
C ASP D 13 -24.82 69.69 11.11
N TYR D 14 -24.23 69.97 9.97
CA TYR D 14 -24.91 70.52 8.79
C TYR D 14 -24.62 69.71 7.54
N GLU D 15 -23.39 69.22 7.40
CA GLU D 15 -23.06 68.39 6.25
C GLU D 15 -23.70 67.02 6.34
N VAL D 16 -23.87 66.50 7.55
CA VAL D 16 -24.54 65.21 7.73
C VAL D 16 -26.00 65.30 7.28
N LEU D 17 -26.69 66.38 7.65
CA LEU D 17 -28.09 66.53 7.30
C LEU D 17 -28.28 66.60 5.78
N LYS D 18 -27.51 67.47 5.11
CA LYS D 18 -27.63 67.59 3.66
C LYS D 18 -27.20 66.30 2.98
N PHE D 19 -26.17 65.63 3.51
CA PHE D 19 -25.72 64.37 2.93
C PHE D 19 -26.82 63.32 3.00
N LEU D 20 -27.48 63.20 4.15
CA LEU D 20 -28.56 62.22 4.30
C LEU D 20 -29.74 62.58 3.43
N THR D 21 -30.09 63.86 3.34
CA THR D 21 -31.20 64.27 2.47
C THR D 21 -30.90 63.96 1.01
N ASP D 22 -29.67 64.24 0.57
CA ASP D 22 -29.28 63.91 -0.80
C ASP D 22 -29.29 62.41 -1.03
N LEU D 23 -28.85 61.64 -0.04
CA LEU D 23 -28.86 60.19 -0.17
C LEU D 23 -30.29 59.67 -0.32
N GLU D 24 -31.22 60.20 0.47
CA GLU D 24 -32.62 59.80 0.34
C GLU D 24 -33.20 60.25 -0.99
N LYS D 25 -32.78 61.40 -1.51
CA LYS D 25 -33.23 61.82 -2.83
C LYS D 25 -32.73 60.89 -3.92
N LYS D 26 -31.47 60.48 -3.84
CA LYS D 26 -30.92 59.55 -4.83
C LYS D 26 -31.62 58.21 -4.77
N HIS D 27 -31.88 57.72 -3.57
CA HIS D 27 -32.58 56.45 -3.37
C HIS D 27 -34.09 56.58 -3.42
N LEU D 28 -34.59 57.80 -3.64
CA LEU D 28 -36.03 58.07 -3.74
C LEU D 28 -36.75 57.69 -2.44
N TRP D 29 -36.21 58.17 -1.32
CA TRP D 29 -36.84 57.99 -0.02
C TRP D 29 -37.48 59.26 0.49
N ASP D 30 -37.51 60.32 -0.31
CA ASP D 30 -38.09 61.59 0.11
C ASP D 30 -39.58 61.41 0.37
N GLN D 31 -40.09 62.16 1.36
CA GLN D 31 -41.52 62.09 1.66
C GLN D 31 -42.35 62.52 0.46
N LYS D 32 -41.93 63.58 -0.23
CA LYS D 32 -42.61 63.98 -1.46
C LYS D 32 -42.48 62.91 -2.54
N SER D 33 -41.31 62.29 -2.66
CA SER D 33 -41.11 61.28 -3.69
C SER D 33 -41.94 60.03 -3.41
N LEU D 34 -41.96 59.56 -2.16
CA LEU D 34 -42.77 58.39 -1.84
C LEU D 34 -44.25 58.70 -1.91
N ALA D 35 -44.66 59.92 -1.56
CA ALA D 35 -46.07 60.29 -1.65
C ALA D 35 -46.51 60.46 -3.10
N ALA D 36 -45.58 60.81 -3.99
CA ALA D 36 -45.94 61.05 -5.39
C ALA D 36 -46.10 59.74 -6.15
N LEU D 37 -45.04 58.96 -6.26
CA LEU D 37 -45.07 57.73 -7.05
C LEU D 37 -45.62 56.55 -6.24
N LYS D 38 -44.98 56.26 -5.11
CA LYS D 38 -45.34 55.08 -4.32
C LYS D 38 -46.68 55.23 -3.60
N LYS D 39 -47.24 56.43 -3.56
CA LYS D 39 -48.53 56.66 -2.91
C LYS D 39 -49.47 57.37 -3.86
N SER D 40 -50.77 57.15 -3.67
CA SER D 40 -51.87 57.73 -4.41
C SER D 40 -51.92 57.27 -5.87
N ARG D 41 -51.00 56.41 -6.30
CA ARG D 41 -51.02 55.89 -7.66
C ARG D 41 -50.20 54.61 -7.71
N SER D 42 -50.37 53.86 -8.80
CA SER D 42 -49.60 52.64 -9.02
C SER D 42 -48.37 52.96 -9.87
N LYS D 43 -47.34 52.14 -9.71
CA LYS D 43 -46.07 52.36 -10.40
C LYS D 43 -46.22 52.01 -11.87
N GLY D 44 -46.48 53.03 -12.71
CA GLY D 44 -46.55 52.80 -14.13
C GLY D 44 -45.23 52.40 -14.74
N LYS D 45 -44.15 53.07 -14.34
CA LYS D 45 -42.81 52.71 -14.80
C LYS D 45 -42.20 51.59 -13.98
N GLN D 46 -42.78 51.27 -12.82
CA GLN D 46 -42.24 50.27 -11.91
C GLN D 46 -40.80 50.56 -11.53
N ASN D 47 -40.52 51.84 -11.25
CA ASN D 47 -39.18 52.27 -10.84
C ASN D 47 -39.11 52.22 -9.31
N ARG D 48 -38.88 51.01 -8.80
CA ARG D 48 -38.83 50.81 -7.36
C ARG D 48 -37.62 51.55 -6.77
N PRO D 49 -37.75 52.06 -5.55
CA PRO D 49 -36.63 52.72 -4.88
C PRO D 49 -35.69 51.69 -4.27
N TYR D 50 -34.69 52.20 -3.55
CA TYR D 50 -33.75 51.34 -2.86
C TYR D 50 -34.48 50.53 -1.78
N ASN D 51 -34.00 49.30 -1.56
CA ASN D 51 -34.75 48.36 -0.74
C ASN D 51 -33.96 47.92 0.49
N HIS D 52 -33.41 48.88 1.23
CA HIS D 52 -32.76 48.56 2.48
C HIS D 52 -33.64 49.01 3.64
N PRO D 53 -34.30 48.10 4.36
CA PRO D 53 -35.21 48.51 5.43
C PRO D 53 -34.52 49.22 6.58
N GLU D 54 -33.46 48.60 7.12
CA GLU D 54 -32.77 49.17 8.26
C GLU D 54 -32.14 50.52 7.91
N LEU D 55 -31.55 50.62 6.73
CA LEU D 55 -30.96 51.89 6.31
C LEU D 55 -32.02 52.97 6.16
N GLN D 56 -33.17 52.62 5.55
CA GLN D 56 -34.26 53.58 5.45
C GLN D 56 -34.69 54.06 6.83
N GLY D 57 -34.90 53.12 7.75
CA GLY D 57 -35.34 53.50 9.08
C GLY D 57 -34.36 54.42 9.78
N ILE D 58 -33.08 54.06 9.76
CA ILE D 58 -32.10 54.85 10.49
C ILE D 58 -31.92 56.22 9.86
N THR D 59 -31.91 56.29 8.52
CA THR D 59 -31.72 57.60 7.88
C THR D 59 -32.94 58.48 8.08
N ARG D 60 -34.15 57.91 8.05
CA ARG D 60 -35.34 58.71 8.30
C ARG D 60 -35.35 59.21 9.73
N ASN D 61 -34.99 58.36 10.70
CA ASN D 61 -34.96 58.78 12.08
C ASN D 61 -33.93 59.89 12.31
N VAL D 62 -32.74 59.75 11.73
CA VAL D 62 -31.71 60.75 11.97
C VAL D 62 -32.05 62.07 11.28
N VAL D 63 -32.60 62.01 10.05
CA VAL D 63 -32.96 63.26 9.39
C VAL D 63 -34.11 63.94 10.12
N ASN D 64 -35.05 63.16 10.67
CA ASN D 64 -36.13 63.76 11.45
C ASN D 64 -35.60 64.37 12.73
N TYR D 65 -34.68 63.69 13.42
CA TYR D 65 -34.09 64.23 14.64
C TYR D 65 -33.32 65.51 14.37
N LEU D 66 -32.60 65.56 13.24
CA LEU D 66 -31.90 66.77 12.85
C LEU D 66 -32.85 67.85 12.36
N SER D 67 -34.08 67.49 11.98
CA SER D 67 -35.04 68.44 11.46
C SER D 67 -36.24 68.65 12.38
N ILE D 68 -36.08 68.37 13.68
CA ILE D 68 -37.14 68.64 14.64
C ILE D 68 -37.26 70.15 14.82
N ASN D 69 -38.33 70.59 15.48
CA ASN D 69 -38.45 72.00 15.84
C ASN D 69 -37.29 72.41 16.74
N LYS D 70 -36.76 73.60 16.51
CA LYS D 70 -35.61 74.08 17.27
C LYS D 70 -35.95 74.12 18.76
N ASN D 71 -35.05 73.58 19.58
CA ASN D 71 -35.22 73.58 21.02
C ASN D 71 -34.75 74.93 21.56
N PHE D 72 -35.69 75.85 21.73
CA PHE D 72 -35.37 77.18 22.24
C PHE D 72 -35.00 77.14 23.71
N GLU D 91 -40.80 75.95 13.66
CA GLU D 91 -41.08 74.52 13.74
C GLU D 91 -39.96 73.71 13.11
N LYS D 92 -38.89 74.40 12.73
CA LYS D 92 -37.72 73.79 12.10
C LYS D 92 -36.51 73.90 13.03
N SER D 93 -35.44 73.24 12.63
CA SER D 93 -34.20 73.22 13.41
C SER D 93 -33.16 74.21 12.91
N GLY D 94 -33.53 75.07 11.97
CA GLY D 94 -32.54 76.03 11.44
C GLY D 94 -31.54 75.42 10.49
N ILE D 95 -30.97 74.27 10.87
CA ILE D 95 -30.04 73.56 9.99
C ILE D 95 -30.77 73.11 8.73
N SER D 96 -32.08 72.89 8.82
CA SER D 96 -32.85 72.48 7.65
C SER D 96 -32.79 73.53 6.55
N LYS D 97 -32.91 74.81 6.92
CA LYS D 97 -32.82 75.91 5.96
C LYS D 97 -31.41 76.50 5.89
N MET D 98 -30.47 75.99 6.68
CA MET D 98 -29.11 76.50 6.64
C MET D 98 -28.45 76.16 5.30
N SER D 99 -27.70 77.11 4.76
CA SER D 99 -27.00 76.94 3.49
C SER D 99 -25.49 76.94 3.72
N ASP D 100 -24.76 76.58 2.66
CA ASP D 100 -23.30 76.52 2.75
C ASP D 100 -22.71 77.91 2.93
N GLU D 101 -23.25 78.91 2.24
CA GLU D 101 -22.78 80.28 2.43
C GLU D 101 -23.17 80.82 3.81
N SER D 102 -24.35 80.45 4.30
CA SER D 102 -24.70 80.78 5.68
C SER D 102 -23.73 80.10 6.65
N PHE D 103 -23.29 78.89 6.32
CA PHE D 103 -22.29 78.22 7.14
C PHE D 103 -20.96 78.97 7.10
N ALA D 104 -20.60 79.52 5.94
CA ALA D 104 -19.38 80.33 5.84
C ALA D 104 -19.50 81.59 6.69
N GLU D 105 -20.65 82.25 6.64
CA GLU D 105 -20.86 83.42 7.48
C GLU D 105 -20.77 83.06 8.95
N LEU D 106 -21.35 81.92 9.33
CA LEU D 106 -21.31 81.47 10.72
C LEU D 106 -19.87 81.15 11.16
N MET D 107 -19.09 80.51 10.28
CA MET D 107 -17.71 80.21 10.65
C MET D 107 -16.88 81.48 10.77
N THR D 108 -17.12 82.47 9.91
CA THR D 108 -16.44 83.75 10.08
C THR D 108 -16.78 84.37 11.43
N LYS D 109 -18.07 84.38 11.78
CA LYS D 109 -18.49 84.98 13.04
C LYS D 109 -17.88 84.25 14.24
N LEU D 110 -17.84 82.92 14.18
CA LEU D 110 -17.31 82.16 15.31
C LEU D 110 -15.79 82.24 15.40
N ASN D 111 -15.10 82.30 14.25
CA ASN D 111 -13.65 82.51 14.27
C ASN D 111 -13.31 83.90 14.78
N SER D 112 -14.21 84.87 14.58
CA SER D 112 -14.03 86.16 15.22
C SER D 112 -14.14 86.08 16.74
N PHE D 113 -14.73 85.01 17.25
CA PHE D 113 -14.87 84.79 18.69
C PHE D 113 -13.86 83.75 19.16
N LYS D 114 -13.82 83.57 20.49
CA LYS D 114 -12.84 82.69 21.13
C LYS D 114 -13.58 81.51 21.76
N LEU D 115 -13.34 80.31 21.23
CA LEU D 115 -13.82 79.06 21.83
C LEU D 115 -12.68 78.06 21.80
N PHE D 116 -12.29 77.55 22.98
CA PHE D 116 -11.13 76.67 23.05
C PHE D 116 -11.36 75.37 22.30
N LYS D 117 -12.33 74.57 22.75
CA LYS D 117 -12.64 73.32 22.08
C LYS D 117 -13.33 73.61 20.75
N ALA D 118 -13.62 72.53 20.01
CA ALA D 118 -14.51 72.67 18.87
C ALA D 118 -15.95 72.64 19.34
N GLU D 119 -16.26 73.47 20.34
CA GLU D 119 -17.64 73.69 20.75
C GLU D 119 -18.39 74.56 19.76
N LYS D 120 -17.68 75.20 18.83
CA LYS D 120 -18.33 75.90 17.73
C LYS D 120 -19.22 74.95 16.94
N LEU D 121 -18.69 73.76 16.62
CA LEU D 121 -19.52 72.72 16.02
C LEU D 121 -20.62 72.28 16.96
N GLN D 122 -20.37 72.31 18.28
CA GLN D 122 -21.39 71.93 19.24
C GLN D 122 -22.56 72.91 19.23
N ILE D 123 -22.28 74.21 19.14
CA ILE D 123 -23.37 75.17 19.03
C ILE D 123 -23.96 75.20 17.62
N VAL D 124 -23.25 74.67 16.64
CA VAL D 124 -23.88 74.42 15.34
C VAL D 124 -24.90 73.29 15.46
N ASN D 125 -24.59 72.27 16.25
CA ASN D 125 -25.51 71.15 16.44
C ASN D 125 -26.84 71.64 16.99
N GLN D 126 -26.82 72.48 18.01
CA GLN D 126 -28.02 73.05 18.61
C GLN D 126 -27.85 74.55 18.74
N LEU D 127 -28.81 75.31 18.23
CA LEU D 127 -28.79 76.76 18.32
C LEU D 127 -29.91 77.23 19.23
N PRO D 128 -29.70 77.21 20.55
CA PRO D 128 -30.80 77.54 21.47
C PRO D 128 -31.11 79.02 21.52
N ALA D 129 -30.10 79.86 21.28
CA ALA D 129 -30.25 81.32 21.31
C ALA D 129 -30.77 81.80 22.66
N ASN D 130 -30.21 81.25 23.73
CA ASN D 130 -30.59 81.62 25.10
C ASN D 130 -29.34 81.88 25.93
N MET D 131 -29.46 82.82 26.86
CA MET D 131 -28.34 83.12 27.75
C MET D 131 -28.02 81.92 28.63
N VAL D 132 -29.04 81.29 29.20
CA VAL D 132 -28.82 80.15 30.08
C VAL D 132 -28.22 78.98 29.31
N HIS D 133 -28.74 78.69 28.13
CA HIS D 133 -28.27 77.53 27.38
C HIS D 133 -26.85 77.74 26.85
N LEU D 134 -26.56 78.93 26.34
CA LEU D 134 -25.20 79.23 25.91
C LEU D 134 -24.24 79.24 27.09
N TYR D 135 -24.69 79.69 28.25
CA TYR D 135 -23.84 79.65 29.45
C TYR D 135 -23.56 78.21 29.87
N SER D 136 -24.56 77.34 29.75
CA SER D 136 -24.39 75.95 30.17
C SER D 136 -23.57 75.14 29.17
N ILE D 137 -23.64 75.48 27.88
CA ILE D 137 -23.00 74.66 26.85
C ILE D 137 -21.48 74.77 26.96
N VAL D 138 -20.97 75.92 27.37
CA VAL D 138 -19.53 76.16 27.49
C VAL D 138 -19.20 76.37 28.97
N GLU D 139 -18.11 75.75 29.42
CA GLU D 139 -17.73 75.86 30.82
C GLU D 139 -17.25 77.27 31.16
N GLU D 140 -17.60 77.72 32.36
CA GLU D 140 -17.27 79.04 32.89
C GLU D 140 -17.32 80.13 31.81
N CYS D 141 -18.52 80.27 31.22
CA CYS D 141 -18.72 81.34 30.26
C CYS D 141 -18.56 82.70 30.90
N ASP D 142 -19.09 82.88 32.11
CA ASP D 142 -18.93 84.15 32.81
C ASP D 142 -17.48 84.39 33.20
N ALA D 143 -16.77 83.34 33.62
CA ALA D 143 -15.39 83.52 34.04
C ALA D 143 -14.46 83.76 32.86
N ARG D 144 -14.74 83.16 31.71
CA ARG D 144 -13.87 83.33 30.55
C ARG D 144 -14.05 84.72 29.94
N PHE D 145 -15.25 85.03 29.47
CA PHE D 145 -15.56 86.36 28.96
C PHE D 145 -17.07 86.53 28.93
N ASP D 146 -17.58 87.55 29.61
CA ASP D 146 -19.02 87.80 29.67
C ASP D 146 -19.33 89.30 29.63
N GLU D 147 -18.53 90.07 28.89
CA GLU D 147 -18.66 91.53 28.93
C GLU D 147 -19.63 92.08 27.89
N LYS D 148 -19.26 92.02 26.61
CA LYS D 148 -20.06 92.63 25.56
C LYS D 148 -20.32 91.74 24.36
N THR D 149 -19.54 90.69 24.14
CA THR D 149 -19.70 89.85 22.96
C THR D 149 -20.67 88.69 23.17
N ILE D 150 -21.11 88.44 24.40
CA ILE D 150 -22.02 87.32 24.64
C ILE D 150 -23.40 87.62 24.04
N GLU D 151 -23.87 88.85 24.17
CA GLU D 151 -25.15 89.20 23.55
C GLU D 151 -25.02 89.23 22.02
N GLU D 152 -23.83 89.55 21.50
CA GLU D 152 -23.61 89.43 20.06
C GLU D 152 -23.74 87.99 19.61
N MET D 153 -23.21 87.05 20.38
CA MET D 153 -23.37 85.64 20.05
C MET D 153 -24.83 85.25 20.03
N LEU D 154 -25.60 85.69 21.03
CA LEU D 154 -27.02 85.36 21.08
C LEU D 154 -27.77 85.98 19.91
N GLU D 155 -27.43 87.21 19.52
CA GLU D 155 -28.16 87.86 18.44
C GLU D 155 -27.79 87.30 17.08
N ILE D 156 -26.58 86.74 16.93
CA ILE D 156 -26.22 86.10 15.67
C ILE D 156 -26.64 84.63 15.63
N ILE D 157 -26.90 84.01 16.79
CA ILE D 157 -27.37 82.63 16.81
C ILE D 157 -28.89 82.56 16.84
N SER D 158 -29.58 83.65 17.18
CA SER D 158 -31.04 83.67 17.08
C SER D 158 -31.48 83.44 15.64
N GLY D 159 -30.83 84.13 14.70
CA GLY D 159 -30.95 83.78 13.30
C GLY D 159 -30.02 82.62 13.00
N TYR D 160 -30.57 81.47 12.61
CA TYR D 160 -29.75 80.28 12.46
C TYR D 160 -28.70 80.45 11.37
N ALA D 161 -28.97 81.28 10.37
CA ALA D 161 -28.01 81.53 9.30
C ALA D 161 -26.82 82.33 9.83
N MET E 1 60.82 -6.42 -2.68
CA MET E 1 61.89 -6.69 -3.64
C MET E 1 61.80 -5.74 -4.84
N ASP E 2 62.30 -6.19 -5.99
CA ASP E 2 62.37 -5.32 -7.16
C ASP E 2 60.98 -4.96 -7.68
N GLN E 3 60.13 -5.98 -7.89
CA GLN E 3 58.83 -5.74 -8.49
C GLN E 3 57.94 -4.90 -7.59
N GLU E 4 57.88 -5.24 -6.30
CA GLU E 4 57.06 -4.48 -5.36
C GLU E 4 57.54 -3.04 -5.26
N ASN E 5 58.85 -2.84 -5.19
CA ASN E 5 59.38 -1.48 -5.08
C ASN E 5 59.08 -0.66 -6.33
N GLU E 6 59.25 -1.26 -7.51
CA GLU E 6 58.95 -0.54 -8.75
C GLU E 6 57.47 -0.22 -8.86
N ARG E 7 56.60 -1.16 -8.49
CA ARG E 7 55.17 -0.90 -8.51
C ARG E 7 54.80 0.23 -7.56
N ASN E 8 55.38 0.23 -6.36
CA ASN E 8 55.12 1.31 -5.41
C ASN E 8 55.63 2.64 -5.93
N ILE E 9 56.78 2.62 -6.61
CA ILE E 9 57.31 3.86 -7.18
C ILE E 9 56.36 4.43 -8.22
N SER E 10 55.87 3.56 -9.11
CA SER E 10 54.94 4.03 -10.14
C SER E 10 53.64 4.53 -9.53
N ARG E 11 53.11 3.82 -8.54
CA ARG E 11 51.88 4.25 -7.88
C ARG E 11 52.07 5.58 -7.17
N LEU E 12 53.22 5.76 -6.51
CA LEU E 12 53.50 7.02 -5.85
C LEU E 12 53.64 8.15 -6.86
N TRP E 13 54.23 7.87 -8.02
CA TRP E 13 54.31 8.90 -9.06
C TRP E 13 52.93 9.31 -9.54
N ARG E 14 52.05 8.34 -9.75
CA ARG E 14 50.68 8.67 -10.18
C ARG E 14 49.95 9.46 -9.09
N ALA E 15 50.13 9.07 -7.83
CA ALA E 15 49.52 9.80 -6.73
C ALA E 15 50.03 11.23 -6.66
N PHE E 16 51.34 11.42 -6.87
CA PHE E 16 51.91 12.75 -6.82
C PHE E 16 51.40 13.62 -7.97
N ARG E 17 51.24 13.03 -9.16
CA ARG E 17 50.65 13.79 -10.26
C ARG E 17 49.22 14.19 -9.94
N THR E 18 48.44 13.27 -9.34
CA THR E 18 47.07 13.59 -8.95
C THR E 18 47.04 14.72 -7.92
N VAL E 19 47.94 14.68 -6.94
CA VAL E 19 48.00 15.73 -5.94
C VAL E 19 48.36 17.06 -6.59
N LYS E 20 49.31 17.05 -7.52
CA LYS E 20 49.71 18.28 -8.19
C LYS E 20 48.55 18.89 -8.97
N GLU E 21 47.80 18.07 -9.71
CA GLU E 21 46.68 18.63 -10.46
C GLU E 21 45.55 19.06 -9.54
N MET E 22 45.34 18.36 -8.41
CA MET E 22 44.34 18.77 -7.44
C MET E 22 44.67 20.13 -6.84
N VAL E 23 45.93 20.36 -6.51
CA VAL E 23 46.31 21.68 -5.98
C VAL E 23 46.41 22.71 -7.09
N LYS E 24 46.51 22.28 -8.35
CA LYS E 24 46.53 23.24 -9.45
C LYS E 24 45.14 23.80 -9.72
N ASP E 25 44.16 22.93 -9.95
CA ASP E 25 42.85 23.43 -10.34
C ASP E 25 42.12 24.13 -9.19
N ARG E 26 42.63 24.04 -7.96
CA ARG E 26 42.07 24.83 -6.87
C ARG E 26 42.48 26.30 -6.95
N GLY E 27 43.47 26.64 -7.75
CA GLY E 27 43.86 28.03 -7.91
C GLY E 27 45.29 28.34 -7.51
N TYR E 28 46.06 27.33 -7.15
CA TYR E 28 47.44 27.54 -6.77
C TYR E 28 48.36 27.45 -7.98
N PHE E 29 49.62 27.82 -7.78
CA PHE E 29 50.57 28.01 -8.86
C PHE E 29 51.45 26.78 -9.01
N ILE E 30 51.21 26.01 -10.08
CA ILE E 30 52.14 25.00 -10.55
C ILE E 30 52.25 25.16 -12.06
N THR E 31 53.33 24.62 -12.62
CA THR E 31 53.55 24.66 -14.07
C THR E 31 53.15 23.32 -14.68
N GLN E 32 52.68 23.37 -15.93
CA GLN E 32 52.24 22.17 -16.61
C GLN E 32 53.38 21.17 -16.78
N GLU E 33 54.61 21.67 -16.94
CA GLU E 33 55.76 20.77 -17.01
C GLU E 33 56.03 20.12 -15.67
N GLU E 34 55.65 20.77 -14.57
CA GLU E 34 55.89 20.19 -13.25
C GLU E 34 54.93 19.04 -12.96
N VAL E 35 53.66 19.20 -13.31
CA VAL E 35 52.70 18.11 -13.10
C VAL E 35 52.98 16.97 -14.08
N GLU E 36 53.26 17.30 -15.35
CA GLU E 36 53.61 16.29 -16.34
C GLU E 36 55.06 15.87 -16.11
N LEU E 37 55.26 15.05 -15.08
CA LEU E 37 56.58 14.60 -14.71
C LEU E 37 56.75 13.14 -15.10
N PRO E 38 57.64 12.81 -16.03
CA PRO E 38 57.84 11.40 -16.41
C PRO E 38 58.35 10.58 -15.24
N LEU E 39 58.04 9.28 -15.28
CA LEU E 39 58.42 8.38 -14.19
C LEU E 39 59.92 8.34 -13.98
N GLU E 40 60.70 8.50 -15.05
CA GLU E 40 62.16 8.52 -14.91
C GLU E 40 62.62 9.70 -14.06
N ASP E 41 62.01 10.88 -14.27
CA ASP E 41 62.33 12.03 -13.44
C ASP E 41 61.93 11.79 -11.99
N PHE E 42 60.78 11.15 -11.77
CA PHE E 42 60.34 10.84 -10.42
C PHE E 42 61.33 9.92 -9.72
N LYS E 43 61.84 8.91 -10.45
CA LYS E 43 62.87 8.05 -9.89
C LYS E 43 64.15 8.83 -9.60
N ALA E 44 64.52 9.72 -10.51
CA ALA E 44 65.79 10.43 -10.37
C ALA E 44 65.79 11.39 -9.18
N LYS E 45 64.71 12.16 -9.01
CA LYS E 45 64.70 13.23 -8.03
C LYS E 45 63.92 12.92 -6.76
N TYR E 46 63.18 11.81 -6.71
CA TYR E 46 62.37 11.49 -5.54
C TYR E 46 62.63 10.08 -5.04
N CYS E 47 63.87 9.61 -5.15
CA CYS E 47 64.25 8.29 -4.66
C CYS E 47 65.66 8.35 -4.09
N ASP E 48 65.96 7.37 -3.24
CA ASP E 48 67.26 7.29 -2.60
C ASP E 48 68.25 6.59 -3.53
N SER E 49 69.43 6.27 -3.01
CA SER E 49 70.48 5.67 -3.83
C SER E 49 70.06 4.28 -4.33
N MET E 50 69.43 3.49 -3.47
CA MET E 50 69.04 2.13 -3.81
C MET E 50 67.63 2.03 -4.38
N GLY E 51 66.96 3.16 -4.60
CA GLY E 51 65.68 3.16 -5.28
C GLY E 51 64.49 2.77 -4.42
N ARG E 52 64.18 3.57 -3.41
CA ARG E 52 63.00 3.38 -2.58
C ARG E 52 62.24 4.69 -2.45
N PRO E 53 60.91 4.63 -2.26
CA PRO E 53 60.11 5.84 -2.20
C PRO E 53 60.30 6.57 -0.87
N GLN E 54 60.99 7.70 -0.92
CA GLN E 54 61.17 8.56 0.25
C GLN E 54 60.27 9.78 0.09
N ARG E 55 59.42 10.02 1.09
CA ARG E 55 58.41 11.06 1.02
C ARG E 55 58.84 12.37 1.66
N LYS E 56 59.98 12.39 2.36
CA LYS E 56 60.43 13.61 3.03
C LYS E 56 60.83 14.69 2.04
N MET E 57 61.13 14.33 0.79
CA MET E 57 61.56 15.30 -0.21
C MET E 57 60.44 15.75 -1.14
N MET E 58 59.50 14.86 -1.46
CA MET E 58 58.42 15.21 -2.38
C MET E 58 57.38 16.13 -1.78
N SER E 59 57.38 16.33 -0.47
CA SER E 59 56.49 17.31 0.15
C SER E 59 56.84 18.71 -0.36
N PHE E 60 55.82 19.52 -0.60
CA PHE E 60 56.02 20.83 -1.18
C PHE E 60 55.05 21.84 -0.57
N GLN E 61 55.24 23.10 -0.94
CA GLN E 61 54.36 24.19 -0.55
C GLN E 61 53.93 24.94 -1.78
N ALA E 62 52.64 25.22 -1.90
CA ALA E 62 52.07 25.91 -3.04
C ALA E 62 51.37 27.18 -2.61
N ASN E 63 51.55 28.24 -3.40
CA ASN E 63 50.99 29.56 -3.17
C ASN E 63 50.01 29.91 -4.28
N PRO E 64 49.04 30.77 -4.00
CA PRO E 64 48.01 31.07 -5.01
C PRO E 64 48.56 31.89 -6.16
N THR E 65 47.77 31.95 -7.23
CA THR E 65 48.07 32.78 -8.38
C THR E 65 47.40 34.14 -8.24
N GLU E 66 47.80 35.08 -9.10
CA GLU E 66 47.29 36.44 -9.00
C GLU E 66 45.79 36.49 -9.27
N GLU E 67 45.32 35.77 -10.29
CA GLU E 67 43.89 35.79 -10.60
C GLU E 67 43.08 35.08 -9.54
N SER E 68 43.60 33.97 -9.00
CA SER E 68 42.87 33.22 -7.98
C SER E 68 42.92 33.95 -6.64
N ILE E 69 43.98 34.69 -6.37
CA ILE E 69 44.02 35.49 -5.15
C ILE E 69 43.22 36.77 -5.29
N SER E 70 42.98 37.23 -6.52
CA SER E 70 42.03 38.33 -6.73
C SER E 70 40.60 37.85 -6.57
N LYS E 71 40.28 36.67 -7.09
CA LYS E 71 38.93 36.13 -6.96
C LYS E 71 38.64 35.72 -5.52
N PHE E 72 39.63 35.15 -4.84
CA PHE E 72 39.48 34.72 -3.44
C PHE E 72 40.49 35.46 -2.58
N PRO E 73 40.12 36.58 -1.95
CA PRO E 73 41.10 37.31 -1.12
C PRO E 73 41.65 36.47 0.02
N ASP E 74 40.83 35.64 0.65
CA ASP E 74 41.26 34.84 1.79
C ASP E 74 41.61 33.44 1.30
N MET E 75 42.86 33.28 0.85
CA MET E 75 43.36 31.97 0.43
C MET E 75 44.87 31.98 0.60
N GLY E 76 45.35 31.36 1.67
CA GLY E 76 46.77 31.29 1.94
C GLY E 76 47.45 30.11 1.27
N SER E 77 48.75 30.00 1.51
CA SER E 77 49.52 28.90 0.95
C SER E 77 49.19 27.60 1.66
N LEU E 78 49.43 26.49 0.98
CA LEU E 78 49.18 25.17 1.53
C LEU E 78 50.45 24.33 1.47
N TRP E 79 50.54 23.37 2.39
CA TRP E 79 51.71 22.51 2.53
C TRP E 79 51.25 21.07 2.35
N VAL E 80 51.65 20.46 1.24
CA VAL E 80 51.31 19.07 0.95
C VAL E 80 52.49 18.21 1.38
N GLU E 81 52.27 17.37 2.40
CA GLU E 81 53.28 16.44 2.86
C GLU E 81 52.69 15.04 2.92
N PHE E 82 53.53 14.06 2.61
CA PHE E 82 53.14 12.65 2.71
C PHE E 82 53.57 12.13 4.08
N CYS E 83 53.49 10.81 4.27
CA CYS E 83 53.91 10.19 5.51
C CYS E 83 54.84 9.02 5.20
N ASP E 84 55.69 8.70 6.17
CA ASP E 84 56.60 7.57 6.07
C ASP E 84 56.06 6.31 6.73
N GLU E 85 55.36 6.46 7.84
CA GLU E 85 54.78 5.34 8.59
C GLU E 85 53.41 5.01 8.02
N PRO E 86 53.15 3.74 7.67
CA PRO E 86 51.84 3.41 7.09
C PRO E 86 50.67 3.66 8.03
N SER E 87 50.71 3.11 9.24
CA SER E 87 49.63 3.28 10.21
C SER E 87 49.81 4.62 10.91
N VAL E 88 49.25 5.67 10.29
CA VAL E 88 49.34 7.01 10.84
C VAL E 88 48.50 7.08 12.12
N GLY E 89 49.12 7.55 13.19
CA GLY E 89 48.46 7.60 14.48
C GLY E 89 48.34 8.99 15.06
N VAL E 90 48.21 9.08 16.39
CA VAL E 90 48.05 10.38 17.03
C VAL E 90 49.34 11.17 16.98
N LYS E 91 50.48 10.50 17.16
CA LYS E 91 51.75 11.22 17.32
C LYS E 91 52.17 11.92 16.03
N THR E 92 52.15 11.21 14.91
CA THR E 92 52.56 11.82 13.65
C THR E 92 51.60 12.92 13.22
N MET E 93 50.30 12.69 13.39
CA MET E 93 49.31 13.72 13.05
C MET E 93 49.50 14.95 13.93
N LYS E 94 49.80 14.74 15.21
CA LYS E 94 50.04 15.86 16.11
C LYS E 94 51.29 16.64 15.70
N THR E 95 52.35 15.94 15.31
CA THR E 95 53.54 16.64 14.82
C THR E 95 53.22 17.44 13.56
N PHE E 96 52.43 16.84 12.66
CA PHE E 96 52.06 17.55 11.43
C PHE E 96 51.25 18.81 11.73
N VAL E 97 50.28 18.72 12.64
CA VAL E 97 49.46 19.88 12.93
C VAL E 97 50.27 20.95 13.67
N ILE E 98 51.22 20.53 14.52
CA ILE E 98 52.09 21.50 15.18
C ILE E 98 52.94 22.22 14.14
N HIS E 99 53.47 21.49 13.17
CA HIS E 99 54.25 22.10 12.10
C HIS E 99 53.40 23.07 11.29
N ILE E 100 52.15 22.69 11.00
CA ILE E 100 51.25 23.58 10.27
C ILE E 100 51.02 24.86 11.06
N GLN E 101 50.77 24.74 12.35
CA GLN E 101 50.53 25.92 13.17
C GLN E 101 51.75 26.83 13.22
N GLU E 102 52.94 26.25 13.38
CA GLU E 102 54.15 27.06 13.51
C GLU E 102 54.63 27.62 12.18
N LYS E 103 54.19 27.05 11.06
CA LYS E 103 54.61 27.51 9.75
C LYS E 103 53.68 28.55 9.14
N ASN E 104 52.59 28.91 9.83
CA ASN E 104 51.65 29.92 9.38
C ASN E 104 51.08 29.57 8.00
N PHE E 105 50.36 28.44 7.97
CA PHE E 105 49.73 27.95 6.76
C PHE E 105 48.22 27.95 6.91
N GLN E 106 47.52 28.40 5.87
CA GLN E 106 46.07 28.44 5.91
C GLN E 106 45.45 27.06 5.81
N THR E 107 46.12 26.12 5.14
CA THR E 107 45.59 24.77 5.01
C THR E 107 46.75 23.81 4.74
N GLY E 108 46.49 22.54 4.99
CA GLY E 108 47.46 21.50 4.74
C GLY E 108 46.82 20.21 4.29
N ILE E 109 47.47 19.51 3.37
CA ILE E 109 46.95 18.26 2.82
C ILE E 109 47.90 17.14 3.26
N PHE E 110 47.38 16.20 4.04
CA PHE E 110 48.18 15.10 4.58
C PHE E 110 47.79 13.83 3.84
N VAL E 111 48.68 13.36 2.97
CA VAL E 111 48.42 12.16 2.16
C VAL E 111 49.00 10.98 2.92
N TYR E 112 48.16 10.34 3.74
CA TYR E 112 48.61 9.18 4.49
C TYR E 112 48.77 7.97 3.57
N GLN E 113 49.59 7.02 4.00
CA GLN E 113 50.01 5.94 3.12
C GLN E 113 48.97 4.83 3.05
N ASN E 114 48.66 4.20 4.19
CA ASN E 114 47.83 3.00 4.15
C ASN E 114 46.63 3.06 5.10
N ASN E 115 46.80 3.65 6.27
CA ASN E 115 45.76 3.60 7.28
C ASN E 115 45.86 4.81 8.19
N ILE E 116 44.71 5.25 8.70
CA ILE E 116 44.63 6.36 9.64
C ILE E 116 44.00 5.87 10.93
N THR E 117 44.66 6.12 12.05
CA THR E 117 44.08 5.83 13.35
C THR E 117 42.91 6.77 13.60
N PRO E 118 41.79 6.27 14.14
CA PRO E 118 40.65 7.17 14.40
C PRO E 118 40.97 8.32 15.34
N SER E 119 41.96 8.15 16.23
CA SER E 119 42.36 9.27 17.08
C SER E 119 42.94 10.42 16.27
N ALA E 120 43.68 10.09 15.21
CA ALA E 120 44.15 11.14 14.31
C ALA E 120 42.99 11.88 13.66
N MET E 121 41.96 11.13 13.24
CA MET E 121 40.77 11.78 12.67
C MET E 121 40.08 12.66 13.70
N LYS E 122 40.05 12.23 14.96
CA LYS E 122 39.50 13.08 16.01
C LYS E 122 40.30 14.37 16.15
N LEU E 123 41.63 14.27 16.06
CA LEU E 123 42.47 15.46 16.20
C LEU E 123 42.45 16.34 14.95
N VAL E 124 42.02 15.81 13.80
CA VAL E 124 42.09 16.54 12.54
C VAL E 124 41.31 17.85 12.57
N PRO E 125 39.99 17.86 12.88
CA PRO E 125 39.20 19.09 12.77
C PRO E 125 39.21 19.94 14.04
N SER E 126 40.41 20.16 14.60
CA SER E 126 40.57 21.07 15.73
C SER E 126 41.72 22.03 15.42
N ILE E 127 41.42 23.05 14.63
CA ILE E 127 42.29 24.18 14.35
C ILE E 127 41.38 25.33 13.91
N PRO E 128 41.24 26.39 14.69
CA PRO E 128 40.32 27.47 14.33
C PRO E 128 40.71 28.16 13.04
N PRO E 129 41.96 28.67 12.89
CA PRO E 129 42.25 29.47 11.68
C PRO E 129 42.40 28.61 10.43
N ALA E 130 43.15 27.53 10.53
CA ALA E 130 43.52 26.71 9.39
C ALA E 130 42.71 25.41 9.39
N THR E 131 43.02 24.53 8.44
CA THR E 131 42.37 23.24 8.35
C THR E 131 43.32 22.25 7.68
N ILE E 132 43.06 20.97 7.91
CA ILE E 132 43.85 19.89 7.31
C ILE E 132 42.90 18.88 6.69
N GLU E 133 43.40 18.14 5.69
CA GLU E 133 42.62 17.15 4.98
C GLU E 133 43.44 15.88 4.82
N THR E 134 42.75 14.75 4.71
CA THR E 134 43.38 13.45 4.61
C THR E 134 43.05 12.82 3.25
N PHE E 135 44.07 12.30 2.59
CA PHE E 135 43.90 11.64 1.29
C PHE E 135 44.67 10.33 1.30
N ASN E 136 43.97 9.23 1.06
CA ASN E 136 44.63 7.93 0.93
C ASN E 136 45.43 7.89 -0.37
N GLU E 137 46.59 7.24 -0.32
CA GLU E 137 47.37 7.05 -1.53
C GLU E 137 46.63 6.20 -2.54
N ALA E 138 45.90 5.19 -2.07
CA ALA E 138 45.05 4.41 -2.97
C ALA E 138 43.91 5.25 -3.53
N ALA E 139 43.34 6.14 -2.72
CA ALA E 139 42.29 7.02 -3.19
C ALA E 139 42.79 8.07 -4.18
N LEU E 140 44.09 8.28 -4.28
CA LEU E 140 44.67 9.20 -5.26
C LEU E 140 45.58 8.41 -6.18
N VAL E 141 44.99 7.81 -7.21
CA VAL E 141 45.72 7.20 -8.31
C VAL E 141 45.29 7.78 -9.65
N VAL E 142 43.98 7.87 -9.87
CA VAL E 142 43.40 8.59 -10.99
C VAL E 142 42.45 9.62 -10.40
N ASN E 143 42.68 10.89 -10.73
CA ASN E 143 41.85 11.95 -10.17
C ASN E 143 40.41 11.79 -10.62
N ILE E 144 39.48 12.08 -9.71
CA ILE E 144 38.06 11.83 -9.98
C ILE E 144 37.55 12.71 -11.11
N THR E 145 38.05 13.95 -11.18
CA THR E 145 37.53 14.91 -12.15
C THR E 145 37.76 14.47 -13.59
N HIS E 146 38.69 13.55 -13.83
CA HIS E 146 38.97 13.08 -15.19
C HIS E 146 38.16 11.86 -15.58
N HIS E 147 37.32 11.34 -14.68
CA HIS E 147 36.44 10.23 -15.04
C HIS E 147 35.37 10.72 -16.01
N GLU E 148 34.85 9.80 -16.82
CA GLU E 148 33.87 10.16 -17.83
C GLU E 148 32.55 10.61 -17.21
N LEU E 149 32.19 10.06 -16.05
CA LEU E 149 30.90 10.34 -15.43
C LEU E 149 30.93 11.52 -14.47
N VAL E 150 32.06 12.21 -14.33
CA VAL E 150 32.20 13.31 -13.39
C VAL E 150 32.14 14.61 -14.17
N PRO E 151 31.06 15.38 -14.09
CA PRO E 151 30.98 16.63 -14.84
C PRO E 151 31.86 17.71 -14.23
N LYS E 152 32.13 18.74 -15.03
CA LYS E 152 33.04 19.81 -14.66
C LYS E 152 32.44 20.61 -13.50
N HIS E 153 33.13 20.62 -12.37
CA HIS E 153 32.77 21.45 -11.23
C HIS E 153 33.56 22.75 -11.24
N ILE E 154 32.93 23.83 -10.78
CA ILE E 154 33.55 25.14 -10.66
C ILE E 154 33.22 25.69 -9.28
N ARG E 155 34.23 26.19 -8.59
CA ARG E 155 34.03 26.81 -7.29
C ARG E 155 33.62 28.27 -7.48
N LEU E 156 32.51 28.65 -6.85
CA LEU E 156 31.97 29.99 -6.99
C LEU E 156 32.30 30.81 -5.75
N SER E 157 32.80 32.03 -5.96
CA SER E 157 33.17 32.90 -4.86
C SER E 157 31.92 33.44 -4.17
N SER E 158 32.14 34.32 -3.19
CA SER E 158 31.02 34.95 -2.49
C SER E 158 30.22 35.84 -3.42
N ASP E 159 30.89 36.63 -4.26
CA ASP E 159 30.19 37.51 -5.18
C ASP E 159 29.38 36.71 -6.20
N GLU E 160 29.95 35.64 -6.74
CA GLU E 160 29.22 34.83 -7.71
C GLU E 160 28.04 34.13 -7.06
N LYS E 161 28.21 33.63 -5.82
CA LYS E 161 27.09 33.02 -5.11
C LYS E 161 25.99 34.04 -4.86
N ARG E 162 26.35 35.26 -4.48
CA ARG E 162 25.34 36.30 -4.27
C ARG E 162 24.62 36.64 -5.56
N GLU E 163 25.37 36.71 -6.68
CA GLU E 163 24.74 36.96 -7.97
C GLU E 163 23.77 35.86 -8.33
N LEU E 164 24.15 34.60 -8.11
CA LEU E 164 23.28 33.48 -8.41
C LEU E 164 22.02 33.53 -7.56
N LEU E 165 22.18 33.78 -6.26
CA LEU E 165 21.03 33.83 -5.36
C LEU E 165 20.08 34.97 -5.72
N LYS E 166 20.62 36.13 -6.09
CA LYS E 166 19.76 37.23 -6.51
C LYS E 166 19.08 36.92 -7.84
N ARG E 167 19.79 36.23 -8.75
CA ARG E 167 19.21 35.92 -10.05
C ARG E 167 18.04 34.96 -9.93
N TYR E 168 18.22 33.88 -9.17
CA TYR E 168 17.15 32.91 -8.99
C TYR E 168 16.27 33.21 -7.79
N ARG E 169 16.53 34.30 -7.07
CA ARG E 169 15.73 34.71 -5.92
C ARG E 169 15.59 33.58 -4.90
N LEU E 170 16.69 32.85 -4.69
CA LEU E 170 16.73 31.72 -3.80
C LEU E 170 17.39 32.11 -2.48
N LYS E 171 17.61 31.12 -1.62
CA LYS E 171 18.35 31.29 -0.38
C LYS E 171 19.44 30.22 -0.35
N GLU E 172 20.29 30.29 0.68
CA GLU E 172 21.33 29.28 0.80
C GLU E 172 20.80 27.93 1.23
N SER E 173 19.55 27.84 1.66
CA SER E 173 18.98 26.60 2.15
C SER E 173 18.08 25.90 1.14
N GLN E 174 17.98 26.44 -0.08
CA GLN E 174 17.09 25.85 -1.09
C GLN E 174 17.81 25.20 -2.25
N LEU E 175 19.06 25.57 -2.52
CA LEU E 175 19.79 24.99 -3.63
C LEU E 175 20.03 23.50 -3.36
N PRO E 176 20.20 22.69 -4.41
CA PRO E 176 20.44 21.26 -4.20
C PRO E 176 21.81 20.99 -3.62
N ARG E 177 21.86 20.65 -2.34
CA ARG E 177 23.14 20.59 -1.64
C ARG E 177 23.98 19.41 -2.11
N ILE E 178 25.28 19.53 -1.91
CA ILE E 178 26.24 18.45 -2.10
C ILE E 178 26.94 18.21 -0.77
N GLN E 179 26.96 16.96 -0.32
CA GLN E 179 27.52 16.65 0.98
C GLN E 179 29.01 16.97 1.04
N ARG E 180 29.46 17.44 2.20
CA ARG E 180 30.88 17.48 2.45
C ARG E 180 31.41 16.06 2.57
N ALA E 181 32.70 15.89 2.28
CA ALA E 181 33.34 14.58 2.12
C ALA E 181 32.83 13.83 0.89
N ASP E 182 32.19 14.53 -0.04
CA ASP E 182 31.89 13.97 -1.34
C ASP E 182 33.16 13.93 -2.18
N PRO E 183 33.43 12.83 -2.88
CA PRO E 183 34.74 12.69 -3.54
C PRO E 183 35.09 13.81 -4.51
N VAL E 184 34.10 14.42 -5.17
CA VAL E 184 34.36 15.59 -6.01
C VAL E 184 34.26 16.89 -5.23
N ALA E 185 33.82 16.84 -3.98
CA ALA E 185 33.78 18.04 -3.13
C ALA E 185 35.08 18.21 -2.34
N LEU E 186 35.50 17.16 -1.63
CA LEU E 186 36.78 17.23 -0.93
C LEU E 186 37.95 17.31 -1.89
N TYR E 187 37.75 16.94 -3.15
CA TYR E 187 38.77 17.17 -4.17
C TYR E 187 39.04 18.67 -4.33
N LEU E 188 37.97 19.45 -4.53
CA LEU E 188 38.12 20.90 -4.57
C LEU E 188 38.27 21.50 -3.19
N GLY E 189 37.97 20.75 -2.14
CA GLY E 189 38.07 21.25 -0.78
C GLY E 189 37.08 22.36 -0.50
N LEU E 190 35.83 22.18 -0.92
CA LEU E 190 34.80 23.17 -0.69
C LEU E 190 34.48 23.24 0.81
N LYS E 191 34.46 24.46 1.34
CA LYS E 191 34.04 24.68 2.72
C LYS E 191 32.53 24.80 2.79
N ARG E 192 31.99 24.63 4.00
CA ARG E 192 30.55 24.64 4.19
C ARG E 192 29.96 25.98 3.75
N GLY E 193 28.99 25.90 2.84
CA GLY E 193 28.34 27.09 2.34
C GLY E 193 28.90 27.64 1.05
N GLU E 194 29.75 26.90 0.35
CA GLU E 194 30.31 27.35 -0.92
C GLU E 194 29.54 26.72 -2.07
N VAL E 195 29.15 27.54 -3.03
CA VAL E 195 28.38 27.07 -4.18
C VAL E 195 29.32 26.57 -5.26
N VAL E 196 29.00 25.42 -5.83
CA VAL E 196 29.73 24.84 -6.94
C VAL E 196 28.79 24.75 -8.14
N LYS E 197 29.23 25.28 -9.27
CA LYS E 197 28.48 25.25 -10.53
C LYS E 197 28.95 24.07 -11.37
N ILE E 198 28.01 23.30 -11.90
CA ILE E 198 28.30 22.03 -12.54
C ILE E 198 27.87 22.14 -13.99
N ILE E 199 28.81 21.92 -14.91
CA ILE E 199 28.53 21.93 -16.34
C ILE E 199 28.17 20.49 -16.71
N ARG E 200 26.87 20.19 -16.67
CA ARG E 200 26.37 18.85 -16.89
C ARG E 200 26.03 18.69 -18.36
N LYS E 201 26.51 17.60 -18.97
CA LYS E 201 26.33 17.35 -20.40
C LYS E 201 25.42 16.14 -20.58
N SER E 202 24.35 16.33 -21.33
CA SER E 202 23.41 15.27 -21.67
C SER E 202 23.27 15.18 -23.17
N GLU E 203 23.05 13.97 -23.68
CA GLU E 203 23.02 13.76 -25.12
C GLU E 203 21.79 14.39 -25.77
N THR E 204 20.70 14.53 -25.03
CA THR E 204 19.47 15.11 -25.57
C THR E 204 19.33 16.60 -25.30
N SER E 205 20.28 17.21 -24.58
CA SER E 205 20.13 18.62 -24.22
C SER E 205 21.43 19.41 -24.28
N GLY E 206 22.53 18.83 -24.74
CA GLY E 206 23.78 19.58 -24.73
C GLY E 206 24.28 19.81 -23.32
N ARG E 207 24.93 20.95 -23.12
CA ARG E 207 25.46 21.33 -21.82
C ARG E 207 24.53 22.30 -21.13
N TYR E 208 24.43 22.17 -19.81
CA TYR E 208 23.65 23.12 -19.02
C TYR E 208 24.20 23.13 -17.60
N ALA E 209 23.90 24.21 -16.88
CA ALA E 209 24.50 24.46 -15.57
C ALA E 209 23.53 24.06 -14.47
N SER E 210 24.01 23.30 -13.49
CA SER E 210 23.26 22.97 -12.29
C SER E 210 24.11 23.31 -11.07
N TYR E 211 23.49 23.88 -10.05
CA TYR E 211 24.22 24.44 -8.93
C TYR E 211 24.02 23.62 -7.67
N ARG E 212 25.07 23.55 -6.85
CA ARG E 212 25.03 22.82 -5.59
C ARG E 212 25.72 23.63 -4.52
N ILE E 213 25.44 23.31 -3.25
CA ILE E 213 26.12 23.93 -2.12
C ILE E 213 26.66 22.84 -1.22
N CYS E 214 27.74 23.15 -0.51
CA CYS E 214 28.36 22.19 0.38
C CYS E 214 27.75 22.29 1.77
N MET E 215 27.33 21.14 2.31
CA MET E 215 26.71 21.08 3.62
C MET E 215 27.41 20.08 4.53
N GLU F 71 7.26 40.75 -3.13
CA GLU F 71 6.02 40.85 -2.38
C GLU F 71 5.02 41.72 -3.13
N LYS F 72 5.45 42.91 -3.52
CA LYS F 72 4.59 43.82 -4.26
C LYS F 72 4.38 43.31 -5.69
N ALA F 73 3.34 43.84 -6.34
CA ALA F 73 3.05 43.47 -7.71
C ALA F 73 4.13 44.01 -8.64
N ILE F 74 4.67 43.15 -9.48
CA ILE F 74 5.66 43.58 -10.46
C ILE F 74 4.99 44.49 -11.48
N PRO F 75 5.56 45.66 -11.78
CA PRO F 75 4.88 46.59 -12.69
C PRO F 75 4.77 46.00 -14.10
N LYS F 76 3.73 46.45 -14.81
CA LYS F 76 3.42 45.92 -16.13
C LYS F 76 4.54 46.12 -17.14
N ASP F 77 5.39 47.13 -16.94
CA ASP F 77 6.40 47.47 -17.95
C ASP F 77 7.34 46.29 -18.21
N GLN F 78 7.76 45.58 -17.15
CA GLN F 78 8.59 44.40 -17.32
C GLN F 78 7.96 43.25 -16.53
N ARG F 79 7.73 42.10 -17.15
CA ARG F 79 7.03 41.00 -16.45
C ARG F 79 7.58 39.73 -17.09
N ALA F 80 8.52 39.07 -16.43
CA ALA F 80 9.21 37.92 -17.06
C ALA F 80 8.25 36.79 -17.43
N THR F 81 7.24 36.53 -16.60
CA THR F 81 6.33 35.38 -16.86
C THR F 81 5.93 35.34 -18.35
N THR F 82 5.78 34.14 -18.90
CA THR F 82 5.42 34.00 -20.35
C THR F 82 4.16 34.80 -20.67
N PRO F 83 4.09 35.49 -21.83
CA PRO F 83 2.88 36.22 -22.22
C PRO F 83 1.82 35.25 -22.75
N TYR F 84 2.14 33.96 -22.84
CA TYR F 84 1.19 32.95 -23.35
C TYR F 84 0.20 32.57 -22.25
N MET F 85 -0.82 31.78 -22.59
CA MET F 85 -1.83 31.38 -21.61
C MET F 85 -1.76 29.87 -21.46
N THR F 86 -1.30 29.41 -20.30
CA THR F 86 -1.15 27.99 -20.07
C THR F 86 -2.51 27.30 -20.01
N LYS F 87 -2.50 26.00 -20.31
CA LYS F 87 -3.75 25.24 -20.31
C LYS F 87 -4.41 25.23 -18.95
N TYR F 88 -3.61 25.21 -17.88
CA TYR F 88 -4.18 25.27 -16.54
C TYR F 88 -4.88 26.60 -16.29
N GLU F 89 -4.25 27.71 -16.71
CA GLU F 89 -4.88 29.01 -16.59
C GLU F 89 -6.15 29.09 -17.41
N ARG F 90 -6.14 28.52 -18.62
CA ARG F 90 -7.34 28.56 -19.46
C ARG F 90 -8.48 27.76 -18.84
N ALA F 91 -8.19 26.57 -18.31
CA ALA F 91 -9.22 25.77 -17.68
C ALA F 91 -9.76 26.46 -16.44
N ARG F 92 -8.88 27.05 -15.63
CA ARG F 92 -9.33 27.75 -14.43
C ARG F 92 -10.17 28.97 -14.76
N ILE F 93 -9.78 29.71 -15.80
CA ILE F 93 -10.56 30.87 -16.23
C ILE F 93 -11.93 30.45 -16.70
N LEU F 94 -12.00 29.39 -17.51
CA LEU F 94 -13.29 28.90 -17.96
C LEU F 94 -14.15 28.43 -16.80
N GLY F 95 -13.55 27.71 -15.84
CA GLY F 95 -14.31 27.27 -14.68
C GLY F 95 -14.84 28.41 -13.84
N THR F 96 -14.00 29.42 -13.59
CA THR F 96 -14.42 30.57 -12.81
C THR F 96 -15.51 31.36 -13.52
N ARG F 97 -15.35 31.60 -14.81
CA ARG F 97 -16.36 32.34 -15.55
C ARG F 97 -17.68 31.58 -15.61
N ALA F 98 -17.62 30.26 -15.80
CA ALA F 98 -18.84 29.46 -15.79
C ALA F 98 -19.49 29.45 -14.42
N LEU F 99 -18.70 29.44 -13.35
CA LEU F 99 -19.28 29.51 -12.02
C LEU F 99 -19.96 30.86 -11.80
N GLN F 100 -19.34 31.94 -12.27
CA GLN F 100 -19.98 33.25 -12.16
C GLN F 100 -21.28 33.29 -12.94
N ILE F 101 -21.26 32.79 -14.19
CA ILE F 101 -22.46 32.85 -15.03
C ILE F 101 -23.56 31.96 -14.47
N SER F 102 -23.22 30.82 -13.88
CA SER F 102 -24.22 29.97 -13.25
C SER F 102 -24.86 30.64 -12.04
N MET F 103 -24.20 31.64 -11.46
CA MET F 103 -24.76 32.42 -10.37
C MET F 103 -25.49 33.67 -10.85
N ASN F 104 -26.05 33.63 -12.06
CA ASN F 104 -26.81 34.73 -12.64
C ASN F 104 -25.94 35.98 -12.77
N ALA F 105 -24.89 35.86 -13.57
CA ALA F 105 -24.04 37.00 -13.86
C ALA F 105 -24.25 37.47 -15.30
N PRO F 106 -24.07 38.77 -15.56
CA PRO F 106 -24.21 39.25 -16.94
C PRO F 106 -23.14 38.68 -17.85
N VAL F 107 -23.52 38.49 -19.11
CA VAL F 107 -22.61 37.99 -20.13
C VAL F 107 -22.35 39.11 -21.13
N PHE F 108 -21.20 39.02 -21.80
CA PHE F 108 -20.75 40.07 -22.71
C PHE F 108 -20.67 39.58 -24.15
N VAL F 109 -21.40 38.51 -24.48
CA VAL F 109 -21.44 37.97 -25.83
C VAL F 109 -22.89 37.73 -26.23
N ASP F 110 -23.10 37.61 -27.54
CA ASP F 110 -24.42 37.27 -28.06
C ASP F 110 -24.75 35.83 -27.64
N LEU F 111 -25.81 35.68 -26.84
CA LEU F 111 -26.06 34.40 -26.20
C LEU F 111 -26.32 33.29 -27.20
N GLU F 112 -27.09 33.59 -28.25
CA GLU F 112 -27.42 32.62 -29.31
C GLU F 112 -28.17 31.41 -28.76
N GLY F 113 -28.93 31.62 -27.68
CA GLY F 113 -29.78 30.57 -27.13
C GLY F 113 -29.09 29.54 -26.27
N GLU F 114 -27.78 29.66 -26.05
CA GLU F 114 -27.08 28.70 -25.21
C GLU F 114 -27.45 28.89 -23.75
N THR F 115 -27.60 27.78 -23.04
CA THR F 115 -28.05 27.78 -21.64
C THR F 115 -27.00 27.27 -20.68
N ASP F 116 -26.25 26.24 -21.04
CA ASP F 116 -25.24 25.69 -20.14
C ASP F 116 -24.14 26.73 -19.92
N PRO F 117 -23.84 27.08 -18.66
CA PRO F 117 -22.87 28.15 -18.42
C PRO F 117 -21.48 27.88 -18.99
N LEU F 118 -21.07 26.61 -19.08
CA LEU F 118 -19.74 26.32 -19.61
C LEU F 118 -19.63 26.72 -21.07
N ARG F 119 -20.67 26.51 -21.87
CA ARG F 119 -20.63 26.91 -23.27
C ARG F 119 -20.61 28.42 -23.41
N ILE F 120 -21.35 29.13 -22.56
CA ILE F 120 -21.30 30.59 -22.57
C ILE F 120 -19.91 31.08 -22.20
N ALA F 121 -19.28 30.44 -21.21
CA ALA F 121 -17.92 30.81 -20.83
C ALA F 121 -16.95 30.56 -21.97
N MET F 122 -17.09 29.43 -22.67
CA MET F 122 -16.23 29.15 -23.82
C MET F 122 -16.41 30.21 -24.90
N LYS F 123 -17.66 30.59 -25.18
CA LYS F 123 -17.90 31.59 -26.21
C LYS F 123 -17.34 32.94 -25.81
N GLU F 124 -17.44 33.29 -24.52
CA GLU F 124 -16.83 34.53 -24.04
C GLU F 124 -15.32 34.52 -24.18
N LEU F 125 -14.69 33.39 -23.84
CA LEU F 125 -13.25 33.29 -23.99
C LEU F 125 -12.83 33.32 -25.46
N ALA F 126 -13.71 32.87 -26.36
CA ALA F 126 -13.41 32.94 -27.79
C ALA F 126 -13.30 34.38 -28.25
N GLU F 127 -14.11 35.27 -27.69
CA GLU F 127 -14.10 36.68 -28.06
C GLU F 127 -13.31 37.54 -27.07
N LYS F 128 -12.59 36.92 -26.14
CA LYS F 128 -11.77 37.64 -25.16
C LYS F 128 -12.59 38.59 -24.31
N LYS F 129 -13.85 38.24 -24.04
CA LYS F 129 -14.75 39.09 -23.28
C LYS F 129 -14.82 38.74 -21.80
N ILE F 130 -14.05 37.76 -21.35
CA ILE F 130 -14.06 37.37 -19.94
C ILE F 130 -13.33 38.43 -19.12
N PRO F 131 -13.99 39.05 -18.14
CA PRO F 131 -13.36 40.11 -17.32
C PRO F 131 -12.65 39.56 -16.09
N LEU F 132 -11.53 38.88 -16.30
CA LEU F 132 -10.74 38.32 -15.20
C LEU F 132 -9.26 38.54 -15.49
N VAL F 133 -8.46 38.54 -14.43
CA VAL F 133 -7.02 38.61 -14.55
C VAL F 133 -6.40 37.49 -13.72
N ILE F 134 -5.14 37.20 -14.03
CA ILE F 134 -4.41 36.09 -13.41
C ILE F 134 -3.28 36.68 -12.58
N ARG F 135 -3.18 36.25 -11.33
CA ARG F 135 -2.06 36.61 -10.46
C ARG F 135 -1.08 35.44 -10.48
N ARG F 136 -0.07 35.53 -11.33
CA ARG F 136 0.92 34.45 -11.43
C ARG F 136 1.90 34.58 -10.27
N TYR F 137 1.79 33.67 -9.31
CA TYR F 137 2.58 33.73 -8.08
C TYR F 137 3.94 33.08 -8.32
N LEU F 138 4.98 33.89 -8.39
CA LEU F 138 6.34 33.37 -8.46
C LEU F 138 6.73 32.76 -7.11
N PRO F 139 7.72 31.86 -7.10
CA PRO F 139 8.10 31.22 -5.83
C PRO F 139 8.61 32.19 -4.78
N ASP F 140 9.25 33.29 -5.18
CA ASP F 140 9.80 34.22 -4.20
C ASP F 140 8.69 34.88 -3.39
N GLY F 141 7.57 35.20 -4.04
CA GLY F 141 6.47 35.85 -3.36
C GLY F 141 5.80 36.91 -4.22
N SER F 142 6.56 37.46 -5.16
CA SER F 142 6.02 38.48 -6.04
C SER F 142 5.01 37.87 -7.02
N PHE F 143 4.37 38.72 -7.82
CA PHE F 143 3.28 38.21 -8.68
C PHE F 143 2.91 39.19 -9.78
N GLU F 144 2.90 38.71 -11.02
CA GLU F 144 2.56 39.59 -12.17
C GLU F 144 1.09 39.40 -12.50
N ASP F 145 0.34 40.49 -12.61
CA ASP F 145 -1.11 40.42 -12.91
C ASP F 145 -1.31 40.47 -14.42
N TRP F 146 -1.71 39.37 -15.02
CA TRP F 146 -1.87 39.29 -16.50
C TRP F 146 -3.35 39.31 -16.86
N SER F 147 -3.84 40.28 -17.65
CA SER F 147 -5.23 40.33 -18.07
C SER F 147 -5.50 39.23 -19.09
N VAL F 148 -6.70 38.66 -19.02
CA VAL F 148 -7.09 37.61 -19.98
C VAL F 148 -7.08 38.15 -21.39
N GLU F 149 -7.47 39.42 -21.57
CA GLU F 149 -7.45 40.02 -22.91
C GLU F 149 -6.03 40.06 -23.47
N GLU F 150 -5.04 40.37 -22.64
CA GLU F 150 -3.66 40.48 -23.12
C GLU F 150 -3.04 39.10 -23.38
N LEU F 151 -3.43 38.09 -22.62
CA LEU F 151 -2.89 36.75 -22.85
C LEU F 151 -3.28 36.26 -24.24
N ILE F 152 -2.37 35.51 -24.87
CA ILE F 152 -2.59 34.99 -26.20
C ILE F 152 -2.87 33.49 -26.13
N VAL F 153 -3.59 33.00 -27.13
CA VAL F 153 -3.94 31.59 -27.20
C VAL F 153 -3.54 31.03 -28.56
N PHE G 2 -21.97 63.61 15.58
CA PHE G 2 -21.63 62.73 14.46
C PHE G 2 -20.18 62.92 14.05
N ILE G 3 -19.44 61.81 14.00
CA ILE G 3 -18.02 61.84 13.72
C ILE G 3 -17.70 60.80 12.66
N LEU G 4 -16.87 61.19 11.68
CA LEU G 4 -16.41 60.25 10.67
C LEU G 4 -15.38 59.30 11.26
N SER G 5 -15.51 58.02 10.97
CA SER G 5 -14.54 57.02 11.33
C SER G 5 -13.68 56.69 10.11
N LYS G 6 -12.82 55.67 10.23
CA LYS G 6 -12.04 55.19 9.09
C LYS G 6 -11.80 53.70 9.32
N ILE G 7 -12.57 52.87 8.63
CA ILE G 7 -12.56 51.42 8.83
C ILE G 7 -12.18 50.74 7.54
N ALA G 8 -11.32 49.74 7.65
CA ALA G 8 -10.96 48.86 6.54
C ALA G 8 -11.61 47.51 6.74
N ASP G 9 -12.24 46.99 5.69
CA ASP G 9 -13.01 45.77 5.80
C ASP G 9 -12.87 44.97 4.50
N LEU G 10 -13.50 43.79 4.48
CA LEU G 10 -13.53 42.89 3.34
C LEU G 10 -14.97 42.72 2.90
N VAL G 11 -15.23 42.90 1.61
CA VAL G 11 -16.57 43.00 1.06
C VAL G 11 -16.78 41.87 0.07
N ARG G 12 -17.89 41.14 0.23
CA ARG G 12 -18.27 40.07 -0.69
C ARG G 12 -19.33 40.60 -1.65
N ILE G 13 -19.02 40.61 -2.93
CA ILE G 13 -19.94 41.04 -3.99
C ILE G 13 -20.37 39.79 -4.75
N PRO G 14 -21.60 39.35 -4.63
CA PRO G 14 -22.08 38.19 -5.40
C PRO G 14 -22.12 38.53 -6.87
N PRO G 15 -22.06 37.53 -7.75
CA PRO G 15 -22.09 37.82 -9.20
C PRO G 15 -23.38 38.46 -9.65
N ASP G 16 -24.46 38.35 -8.88
CA ASP G 16 -25.72 39.00 -9.26
C ASP G 16 -25.54 40.51 -9.36
N GLN G 17 -24.61 41.07 -8.60
CA GLN G 17 -24.41 42.51 -8.52
C GLN G 17 -23.27 43.01 -9.39
N PHE G 18 -22.75 42.17 -10.29
CA PHE G 18 -21.66 42.60 -11.16
C PHE G 18 -22.12 43.59 -12.21
N HIS G 19 -23.42 43.65 -12.51
CA HIS G 19 -23.89 44.51 -13.58
C HIS G 19 -23.87 45.98 -13.18
N ARG G 20 -24.22 46.28 -11.93
CA ARG G 20 -24.31 47.67 -11.50
C ARG G 20 -22.91 48.24 -11.27
N ASP G 21 -22.89 49.50 -10.83
CA ASP G 21 -21.62 50.17 -10.54
C ASP G 21 -20.92 49.50 -9.37
N THR G 22 -19.59 49.38 -9.47
CA THR G 22 -18.84 48.70 -8.42
C THR G 22 -18.93 49.43 -7.09
N ILE G 23 -18.85 50.76 -7.10
CA ILE G 23 -18.97 51.52 -5.86
C ILE G 23 -20.35 51.33 -5.27
N SER G 24 -21.38 51.25 -6.11
CA SER G 24 -22.73 51.04 -5.61
C SER G 24 -22.84 49.70 -4.88
N ALA G 25 -22.26 48.64 -5.45
CA ALA G 25 -22.31 47.34 -4.80
C ALA G 25 -21.50 47.33 -3.51
N ILE G 26 -20.34 48.00 -3.52
CA ILE G 26 -19.52 48.09 -2.31
C ILE G 26 -20.30 48.78 -1.20
N THR G 27 -20.93 49.90 -1.53
CA THR G 27 -21.71 50.64 -0.53
C THR G 27 -22.90 49.82 -0.06
N HIS G 28 -23.54 49.09 -0.98
CA HIS G 28 -24.66 48.25 -0.59
C HIS G 28 -24.25 47.19 0.42
N GLN G 29 -23.11 46.53 0.18
CA GLN G 29 -22.67 45.50 1.12
C GLN G 29 -22.24 46.12 2.45
N LEU G 30 -21.53 47.25 2.40
CA LEU G 30 -21.12 47.91 3.63
C LEU G 30 -22.33 48.34 4.45
N ASN G 31 -23.37 48.84 3.79
CA ASN G 31 -24.62 49.15 4.48
C ASN G 31 -25.25 47.89 5.06
N ASN G 32 -25.21 46.79 4.29
CA ASN G 32 -25.70 45.52 4.83
C ASN G 32 -24.94 45.10 6.06
N LYS G 33 -23.72 45.60 6.24
CA LYS G 33 -22.95 45.31 7.45
C LYS G 33 -22.95 46.44 8.46
N PHE G 34 -23.06 47.69 8.03
CA PHE G 34 -22.88 48.86 8.90
C PHE G 34 -24.02 49.86 8.72
N ALA G 35 -25.27 49.41 8.75
CA ALA G 35 -26.39 50.33 8.53
C ALA G 35 -26.84 50.99 9.82
N ASN G 36 -27.27 50.20 10.79
CA ASN G 36 -27.79 50.71 12.05
C ASN G 36 -27.28 49.85 13.20
N LYS G 37 -25.99 49.51 13.17
CA LYS G 37 -25.42 48.55 14.08
C LYS G 37 -24.29 49.19 14.87
N ILE G 38 -24.07 48.67 16.09
CA ILE G 38 -23.07 49.22 16.99
C ILE G 38 -21.73 48.57 16.68
N ILE G 39 -20.79 49.36 16.18
CA ILE G 39 -19.42 48.91 16.03
C ILE G 39 -18.77 48.91 17.40
N PRO G 40 -18.23 47.79 17.87
CA PRO G 40 -17.71 47.73 19.24
C PRO G 40 -16.63 48.77 19.48
N ASN G 41 -16.67 49.36 20.68
CA ASN G 41 -15.71 50.33 21.21
C ASN G 41 -15.75 51.67 20.50
N VAL G 42 -16.63 51.88 19.52
CA VAL G 42 -16.72 53.17 18.85
C VAL G 42 -18.13 53.73 18.78
N GLY G 43 -19.19 52.92 18.95
CA GLY G 43 -20.54 53.43 18.97
C GLY G 43 -21.37 52.88 17.82
N LEU G 44 -22.35 53.67 17.39
CA LEU G 44 -23.32 53.26 16.39
C LEU G 44 -23.02 53.93 15.06
N CYS G 45 -22.97 53.13 14.00
CA CYS G 45 -22.72 53.64 12.65
C CYS G 45 -24.05 53.97 11.97
N ILE G 46 -24.07 55.11 11.29
CA ILE G 46 -25.30 55.60 10.67
C ILE G 46 -25.35 55.25 9.19
N THR G 47 -24.34 55.68 8.43
CA THR G 47 -24.34 55.49 6.99
C THR G 47 -22.92 55.57 6.48
N ILE G 48 -22.59 54.70 5.53
CA ILE G 48 -21.26 54.72 4.91
C ILE G 48 -21.15 56.02 4.12
N TYR G 49 -20.29 56.92 4.60
CA TYR G 49 -20.21 58.26 4.02
C TYR G 49 -19.39 58.27 2.73
N ASP G 50 -18.12 57.90 2.82
CA ASP G 50 -17.19 58.00 1.70
C ASP G 50 -16.63 56.62 1.38
N LEU G 51 -15.67 56.58 0.45
CA LEU G 51 -15.04 55.34 0.04
C LEU G 51 -13.72 55.69 -0.64
N LEU G 52 -12.62 55.14 -0.14
CA LEU G 52 -11.30 55.47 -0.67
C LEU G 52 -10.39 54.26 -0.59
N THR G 53 -9.44 54.20 -1.52
CA THR G 53 -8.41 53.17 -1.55
C THR G 53 -9.02 51.77 -1.63
N VAL G 54 -9.67 51.51 -2.76
CA VAL G 54 -10.29 50.21 -3.02
C VAL G 54 -9.31 49.34 -3.80
N GLU G 55 -8.99 48.17 -3.25
CA GLU G 55 -8.08 47.24 -3.87
C GLU G 55 -8.84 46.28 -4.78
N GLU G 56 -8.14 45.76 -5.80
CA GLU G 56 -8.77 44.84 -6.75
C GLU G 56 -9.30 43.61 -6.04
N GLY G 57 -10.50 43.18 -6.45
CA GLY G 57 -11.15 42.07 -5.77
C GLY G 57 -10.48 40.74 -6.05
N GLN G 58 -10.67 39.81 -5.12
CA GLN G 58 -10.08 38.48 -5.23
C GLN G 58 -11.17 37.43 -5.12
N LEU G 59 -10.96 36.31 -5.82
CA LEU G 59 -11.93 35.22 -5.88
C LEU G 59 -11.37 34.01 -5.18
N LYS G 60 -12.14 33.46 -4.24
CA LYS G 60 -11.76 32.22 -3.59
C LYS G 60 -12.12 31.04 -4.48
N PRO G 61 -11.41 29.92 -4.35
CA PRO G 61 -11.58 28.81 -5.29
C PRO G 61 -12.85 28.00 -5.13
N GLY G 62 -13.86 28.47 -4.40
CA GLY G 62 -15.05 27.68 -4.23
C GLY G 62 -16.37 28.41 -4.23
N ASP G 63 -16.34 29.74 -4.38
CA ASP G 63 -17.57 30.52 -4.28
C ASP G 63 -17.93 31.22 -5.58
N GLY G 64 -17.01 31.94 -6.20
CA GLY G 64 -17.29 32.64 -7.43
C GLY G 64 -17.74 34.08 -7.28
N SER G 65 -17.74 34.61 -6.05
CA SER G 65 -18.07 36.01 -5.83
C SER G 65 -16.82 36.86 -6.09
N SER G 66 -16.84 38.10 -5.62
CA SER G 66 -15.66 38.97 -5.66
C SER G 66 -15.42 39.52 -4.27
N TYR G 67 -14.27 39.19 -3.68
CA TYR G 67 -13.91 39.66 -2.36
C TYR G 67 -12.95 40.83 -2.50
N ILE G 68 -13.35 42.00 -2.00
CA ILE G 68 -12.63 43.25 -2.21
C ILE G 68 -12.18 43.76 -0.84
N ASN G 69 -10.90 44.09 -0.73
CA ASN G 69 -10.38 44.77 0.46
C ASN G 69 -10.58 46.27 0.28
N VAL G 70 -11.35 46.88 1.18
CA VAL G 70 -11.77 48.26 1.00
C VAL G 70 -11.51 49.04 2.29
N THR G 71 -11.39 50.36 2.13
CA THR G 71 -11.35 51.28 3.26
C THR G 71 -12.39 52.36 3.03
N PHE G 72 -12.99 52.84 4.13
CA PHE G 72 -14.06 53.81 3.99
C PHE G 72 -14.18 54.61 5.28
N ARG G 73 -14.86 55.75 5.16
CA ARG G 73 -15.15 56.62 6.30
C ARG G 73 -16.62 56.51 6.64
N ALA G 74 -16.93 55.84 7.74
CA ALA G 74 -18.30 55.67 8.19
C ALA G 74 -18.73 56.85 9.06
N VAL G 75 -20.04 56.96 9.23
CA VAL G 75 -20.64 58.01 10.05
C VAL G 75 -21.09 57.38 11.35
N VAL G 76 -20.46 57.76 12.46
CA VAL G 76 -20.80 57.24 13.78
C VAL G 76 -21.08 58.40 14.72
N PHE G 77 -21.84 58.12 15.78
CA PHE G 77 -22.19 59.10 16.79
C PHE G 77 -21.45 58.77 18.08
N LYS G 78 -20.70 59.75 18.60
CA LYS G 78 -19.91 59.52 19.81
C LYS G 78 -19.57 60.83 20.50
N PRO G 79 -20.52 61.44 21.22
CA PRO G 79 -20.20 62.66 21.99
C PRO G 79 -19.68 62.34 23.38
N PHE G 80 -18.52 62.88 23.76
CA PHE G 80 -17.90 62.52 25.03
C PHE G 80 -18.13 63.56 26.12
N LEU G 81 -17.65 64.79 25.92
CA LEU G 81 -17.73 65.74 27.01
C LEU G 81 -18.35 67.08 26.62
N GLY G 82 -17.98 67.63 25.46
CA GLY G 82 -18.44 68.96 25.09
C GLY G 82 -19.72 68.95 24.30
N GLU G 83 -20.83 68.60 24.95
CA GLU G 83 -22.09 68.42 24.24
C GLU G 83 -23.26 68.68 25.18
N ILE G 84 -24.39 69.04 24.57
CA ILE G 84 -25.68 69.05 25.24
C ILE G 84 -26.68 68.42 24.27
N VAL G 85 -27.38 67.39 24.73
CA VAL G 85 -28.21 66.57 23.85
C VAL G 85 -29.66 66.63 24.34
N THR G 86 -30.58 66.89 23.43
CA THR G 86 -32.00 66.87 23.72
C THR G 86 -32.56 65.46 23.51
N GLY G 87 -33.68 65.18 24.16
CA GLY G 87 -34.29 63.88 24.04
C GLY G 87 -35.72 63.89 24.55
N TRP G 88 -36.36 62.73 24.45
CA TRP G 88 -37.73 62.52 24.89
C TRP G 88 -37.75 61.53 26.04
N ILE G 89 -38.94 61.25 26.55
CA ILE G 89 -39.14 60.33 27.67
C ILE G 89 -40.14 59.27 27.24
N SER G 90 -39.80 58.00 27.47
CA SER G 90 -40.68 56.88 27.17
C SER G 90 -41.20 56.19 28.43
N LYS G 91 -40.31 55.81 29.34
CA LYS G 91 -40.71 55.14 30.56
C LYS G 91 -39.76 55.54 31.68
N CYS G 92 -40.31 55.72 32.88
CA CYS G 92 -39.52 56.09 34.05
C CYS G 92 -39.95 55.24 35.24
N THR G 93 -38.99 54.96 36.12
CA THR G 93 -39.24 54.22 37.34
C THR G 93 -38.31 54.76 38.42
N ALA G 94 -38.41 54.19 39.62
CA ALA G 94 -37.64 54.68 40.75
C ALA G 94 -36.22 54.12 40.75
N GLU G 95 -35.53 54.18 39.60
CA GLU G 95 -34.11 53.87 39.55
C GLU G 95 -33.37 54.79 38.59
N GLY G 96 -33.99 55.88 38.15
CA GLY G 96 -33.45 56.80 37.18
C GLY G 96 -34.46 57.08 36.10
N ILE G 97 -34.03 57.78 35.06
CA ILE G 97 -34.90 58.16 33.95
C ILE G 97 -34.23 57.74 32.65
N LYS G 98 -34.97 57.06 31.78
CA LYS G 98 -34.49 56.68 30.46
C LYS G 98 -34.94 57.72 29.45
N VAL G 99 -33.98 58.33 28.76
CA VAL G 99 -34.27 59.36 27.77
C VAL G 99 -34.18 58.74 26.38
N SER G 100 -35.22 58.91 25.58
CA SER G 100 -35.32 58.33 24.26
C SER G 100 -35.28 59.41 23.19
N LEU G 101 -35.02 58.98 21.97
CA LEU G 101 -35.05 59.84 20.79
C LEU G 101 -36.20 59.41 19.89
N LEU G 102 -36.28 60.05 18.72
CA LEU G 102 -37.33 59.75 17.75
C LEU G 102 -36.87 58.70 16.74
N GLY G 103 -36.39 57.56 17.24
CA GLY G 103 -36.03 56.44 16.40
C GLY G 103 -34.55 56.17 16.26
N ILE G 104 -33.68 57.10 16.67
CA ILE G 104 -32.24 56.87 16.55
C ILE G 104 -31.82 55.72 17.46
N PHE G 105 -31.97 55.91 18.77
CA PHE G 105 -31.73 54.84 19.73
C PHE G 105 -32.25 55.29 21.09
N ASP G 106 -32.76 54.32 21.85
CA ASP G 106 -33.40 54.56 23.14
C ASP G 106 -32.66 53.84 24.25
N ASP G 107 -31.33 53.94 24.25
CA ASP G 107 -30.50 53.24 25.22
C ASP G 107 -29.91 54.14 26.30
N ILE G 108 -30.16 55.44 26.24
CA ILE G 108 -29.59 56.36 27.22
C ILE G 108 -30.43 56.32 28.49
N PHE G 109 -29.80 55.93 29.60
CA PHE G 109 -30.42 55.93 30.92
C PHE G 109 -29.56 56.77 31.85
N ILE G 110 -30.18 57.77 32.48
CA ILE G 110 -29.49 58.73 33.33
C ILE G 110 -30.08 58.64 34.73
N PRO G 111 -29.27 58.32 35.75
CA PRO G 111 -29.80 58.28 37.12
C PRO G 111 -29.73 59.62 37.80
N GLN G 112 -30.15 59.70 39.06
CA GLN G 112 -30.13 60.96 39.81
C GLN G 112 -28.86 61.10 40.65
N ASN G 113 -27.70 60.88 40.02
CA ASN G 113 -26.44 61.02 40.74
C ASN G 113 -25.90 62.44 40.65
N MET G 114 -25.67 62.92 39.42
CA MET G 114 -25.23 64.29 39.18
C MET G 114 -26.39 65.19 38.73
N LEU G 115 -27.59 64.91 39.23
CA LEU G 115 -28.79 65.67 38.87
C LEU G 115 -29.06 66.74 39.93
N PHE G 116 -30.23 67.37 39.82
CA PHE G 116 -30.63 68.37 40.80
C PHE G 116 -30.89 67.72 42.15
N GLU G 117 -30.57 68.47 43.21
CA GLU G 117 -30.63 67.91 44.57
C GLU G 117 -32.07 67.61 44.97
N GLY G 118 -33.03 68.43 44.55
CA GLY G 118 -34.39 68.27 44.97
C GLY G 118 -35.18 67.16 44.30
N CYS G 119 -34.56 66.47 43.34
CA CYS G 119 -35.25 65.38 42.65
C CYS G 119 -35.55 64.24 43.62
N TYR G 120 -36.74 63.64 43.47
CA TYR G 120 -37.17 62.56 44.34
C TYR G 120 -38.04 61.59 43.56
N TYR G 121 -38.40 60.45 44.15
CA TYR G 121 -39.19 59.50 43.32
C TYR G 121 -40.69 59.63 43.60
N THR G 122 -41.52 59.08 42.71
CA THR G 122 -42.99 59.12 42.90
C THR G 122 -43.63 57.95 42.15
N PRO G 123 -43.90 56.82 42.83
CA PRO G 123 -44.48 55.65 42.18
C PRO G 123 -45.73 56.05 41.39
N GLU G 124 -46.54 56.95 41.93
CA GLU G 124 -47.75 57.45 41.24
C GLU G 124 -47.35 58.58 40.30
N GLU G 125 -48.13 58.84 39.26
CA GLU G 125 -47.74 59.88 38.25
C GLU G 125 -46.21 59.89 38.11
N SER G 126 -45.58 58.73 37.91
CA SER G 126 -44.10 58.66 37.88
C SER G 126 -43.53 59.95 37.31
N ALA G 127 -42.69 60.66 38.06
CA ALA G 127 -42.18 61.97 37.59
C ALA G 127 -40.92 62.34 38.35
N TRP G 128 -40.28 63.45 37.98
CA TRP G 128 -39.12 63.88 38.75
C TRP G 128 -39.43 65.23 39.40
N ILE G 129 -40.11 65.16 40.55
CA ILE G 129 -40.44 66.38 41.29
C ILE G 129 -39.15 67.01 41.82
N TRP G 130 -39.00 68.30 41.59
CA TRP G 130 -37.79 69.02 41.99
C TRP G 130 -38.16 70.45 42.35
N PRO G 131 -38.45 70.71 43.62
CA PRO G 131 -38.91 72.05 44.03
C PRO G 131 -37.90 73.15 43.75
N MET G 132 -36.72 73.06 44.38
CA MET G 132 -35.64 74.04 44.25
C MET G 132 -36.03 75.40 44.79
N ASP G 133 -37.24 75.52 45.32
CA ASP G 133 -37.78 76.78 45.84
C ASP G 133 -39.06 76.44 46.61
N GLU G 134 -39.78 77.49 47.03
CA GLU G 134 -41.06 77.27 47.69
C GLU G 134 -42.08 76.64 46.73
N GLU G 135 -41.92 76.87 45.43
CA GLU G 135 -42.78 76.27 44.42
C GLU G 135 -42.20 74.92 44.03
N THR G 136 -42.96 73.85 44.25
CA THR G 136 -42.52 72.49 43.99
C THR G 136 -43.13 71.90 42.73
N LYS G 137 -43.63 72.73 41.84
CA LYS G 137 -44.30 72.27 40.61
C LYS G 137 -43.33 72.28 39.43
N LEU G 138 -42.27 71.47 39.55
CA LEU G 138 -41.24 71.35 38.52
C LEU G 138 -40.91 69.88 38.28
N TYR G 139 -41.93 69.05 38.17
CA TYR G 139 -41.74 67.64 37.87
C TYR G 139 -41.52 67.43 36.37
N PHE G 140 -40.72 66.40 36.05
CA PHE G 140 -40.44 66.08 34.67
C PHE G 140 -41.59 65.27 34.07
N ASP G 141 -42.09 65.71 32.92
CA ASP G 141 -43.18 65.03 32.25
C ASP G 141 -42.65 64.03 31.24
N VAL G 142 -43.49 63.05 30.92
CA VAL G 142 -43.16 62.02 29.95
C VAL G 142 -43.42 62.56 28.55
N ASN G 143 -42.57 62.18 27.60
CA ASN G 143 -42.72 62.56 26.19
C ASN G 143 -42.63 64.08 26.03
N GLU G 144 -41.52 64.64 26.48
CA GLU G 144 -41.26 66.07 26.33
C GLU G 144 -39.77 66.28 26.10
N LYS G 145 -39.43 67.47 25.61
CA LYS G 145 -38.03 67.81 25.42
C LYS G 145 -37.31 67.82 26.76
N ILE G 146 -36.13 67.21 26.81
CA ILE G 146 -35.29 67.23 28.00
C ILE G 146 -33.84 67.29 27.54
N ARG G 147 -33.10 68.28 28.02
CA ARG G 147 -31.68 68.38 27.69
C ARG G 147 -30.84 67.76 28.77
N PHE G 148 -29.73 67.13 28.36
CA PHE G 148 -28.85 66.47 29.31
C PHE G 148 -27.45 66.42 28.73
N ARG G 149 -26.47 66.29 29.62
CA ARG G 149 -25.09 66.06 29.23
C ARG G 149 -24.75 64.59 29.38
N ILE G 150 -23.69 64.17 28.70
CA ILE G 150 -23.19 62.80 28.79
C ILE G 150 -21.86 62.83 29.54
N GLU G 151 -21.81 62.12 30.67
CA GLU G 151 -20.58 62.08 31.45
C GLU G 151 -19.69 60.90 31.13
N ARG G 152 -20.27 59.76 30.73
CA ARG G 152 -19.48 58.58 30.40
C ARG G 152 -20.32 57.67 29.53
N GLU G 153 -19.62 56.78 28.81
CA GLU G 153 -20.25 55.84 27.90
C GLU G 153 -19.83 54.42 28.29
N VAL G 154 -20.80 53.51 28.30
CA VAL G 154 -20.57 52.13 28.71
C VAL G 154 -20.71 51.24 27.48
N PHE G 155 -19.71 50.39 27.25
CA PHE G 155 -19.71 49.43 26.14
C PHE G 155 -19.84 48.03 26.72
N VAL G 156 -20.90 47.32 26.32
CA VAL G 156 -21.12 45.94 26.73
C VAL G 156 -20.65 45.06 25.57
N ASP G 157 -19.41 44.58 25.67
CA ASP G 157 -18.77 43.82 24.60
C ASP G 157 -18.25 42.50 25.12
N VAL G 158 -19.11 41.76 25.83
CA VAL G 158 -18.75 40.47 26.39
C VAL G 158 -19.79 39.44 25.97
N LYS G 159 -19.34 38.19 25.82
CA LYS G 159 -20.23 37.10 25.45
C LYS G 159 -19.63 35.75 25.84
N PRO G 160 -19.53 35.45 27.15
CA PRO G 160 -19.04 34.13 27.59
C PRO G 160 -20.16 33.12 27.80
N LYS G 161 -21.01 32.93 26.79
CA LYS G 161 -22.16 32.05 26.90
C LYS G 161 -21.85 30.67 26.33
N SER G 162 -22.38 29.65 26.99
CA SER G 162 -22.16 28.25 26.63
C SER G 162 -23.39 27.67 25.94
N PRO G 163 -23.21 26.72 25.02
CA PRO G 163 -24.38 26.10 24.37
C PRO G 163 -25.35 25.46 25.36
N LYS G 164 -24.83 24.83 26.41
CA LYS G 164 -25.72 24.31 27.46
C LYS G 164 -26.46 25.44 28.14
N GLU G 165 -25.77 26.56 28.42
CA GLU G 165 -26.43 27.71 29.01
C GLU G 165 -27.47 28.30 28.07
N ARG G 166 -27.17 28.32 26.76
CA ARG G 166 -28.15 28.82 25.81
C ARG G 166 -29.40 27.94 25.79
N GLU G 167 -29.22 26.62 25.81
CA GLU G 167 -30.37 25.73 25.83
C GLU G 167 -31.16 25.90 27.13
N LEU G 168 -30.47 26.05 28.27
CA LEU G 168 -31.16 26.23 29.53
C LEU G 168 -31.96 27.53 29.54
N GLU G 169 -31.38 28.61 29.03
CA GLU G 169 -32.11 29.88 29.03
C GLU G 169 -33.26 29.85 28.05
N GLU G 170 -33.11 29.14 26.92
CA GLU G 170 -34.24 28.99 25.99
C GLU G 170 -35.37 28.19 26.63
N ARG G 171 -35.03 27.13 27.36
CA ARG G 171 -36.05 26.36 28.06
C ARG G 171 -36.70 27.16 29.18
N ALA G 172 -35.94 28.07 29.80
CA ALA G 172 -36.48 28.94 30.84
C ALA G 172 -37.14 30.19 30.28
N GLN G 173 -37.01 30.45 28.98
CA GLN G 173 -37.62 31.62 28.37
C GLN G 173 -38.97 31.26 27.76
N GLU G 189 -29.03 39.63 31.37
CA GLU G 189 -28.49 39.38 30.04
C GLU G 189 -27.90 40.65 29.44
N LYS G 190 -28.27 41.79 30.02
CA LYS G 190 -27.80 43.11 29.60
C LYS G 190 -28.00 43.33 28.11
N PRO G 191 -29.24 43.52 27.66
CA PRO G 191 -29.48 43.75 26.21
C PRO G 191 -28.73 44.95 25.65
N PRO G 192 -28.56 46.06 26.39
CA PRO G 192 -27.83 47.19 25.82
C PRO G 192 -26.39 46.83 25.47
N ALA G 193 -25.91 47.40 24.36
CA ALA G 193 -24.53 47.24 23.93
C ALA G 193 -23.78 48.56 23.79
N TYR G 194 -24.49 49.69 23.68
CA TYR G 194 -23.84 51.01 23.62
C TYR G 194 -24.78 52.01 24.28
N ALA G 195 -24.51 52.30 25.55
CA ALA G 195 -25.34 53.22 26.32
C ALA G 195 -24.47 54.34 26.87
N LEU G 196 -25.10 55.48 27.14
CA LEU G 196 -24.42 56.65 27.69
C LEU G 196 -25.07 57.02 29.02
N LEU G 197 -24.24 57.42 29.98
CA LEU G 197 -24.72 57.88 31.28
C LEU G 197 -24.83 59.40 31.28
N GLY G 198 -25.98 59.89 31.72
CA GLY G 198 -26.26 61.31 31.66
C GLY G 198 -25.98 62.05 32.96
N SER G 199 -25.97 63.37 32.84
CA SER G 199 -25.71 64.26 33.96
C SER G 199 -26.40 65.59 33.69
N CYS G 200 -26.92 66.19 34.76
CA CYS G 200 -27.63 67.46 34.70
C CYS G 200 -27.20 68.34 35.87
N GLN G 201 -25.89 68.41 36.11
CA GLN G 201 -25.38 69.15 37.26
C GLN G 201 -25.72 70.63 37.16
N THR G 202 -25.53 71.22 35.98
CA THR G 202 -25.85 72.63 35.80
C THR G 202 -27.32 72.78 35.44
N ASP G 203 -27.76 74.05 35.37
CA ASP G 203 -29.14 74.36 35.05
C ASP G 203 -29.39 74.21 33.55
N GLY G 204 -30.58 74.58 33.12
CA GLY G 204 -30.96 74.50 31.72
C GLY G 204 -31.39 73.13 31.25
N MET G 205 -31.46 72.14 32.14
CA MET G 205 -31.82 70.78 31.76
C MET G 205 -33.33 70.59 31.93
N GLY G 206 -33.79 69.35 31.90
CA GLY G 206 -35.20 69.05 32.11
C GLY G 206 -36.14 69.40 30.98
N LEU G 207 -36.11 70.64 30.53
CA LEU G 207 -36.91 71.08 29.39
C LEU G 207 -36.26 72.32 28.80
N VAL G 208 -36.15 72.35 27.48
CA VAL G 208 -35.55 73.50 26.82
C VAL G 208 -36.41 74.75 26.96
N SER G 209 -37.69 74.59 27.29
CA SER G 209 -38.59 75.74 27.45
C SER G 209 -38.69 76.21 28.89
N TRP G 210 -38.34 75.37 29.87
CA TRP G 210 -38.35 75.81 31.26
C TRP G 210 -37.35 76.94 31.48
N TRP G 211 -36.13 76.77 30.97
CA TRP G 211 -35.10 77.81 31.07
C TRP G 211 -35.18 78.74 29.86
N GLU G 212 -36.30 79.45 29.78
CA GLU G 212 -36.56 80.41 28.71
C GLU G 212 -36.43 79.75 27.33
N MET H 1 -0.32 19.99 -80.48
CA MET H 1 0.48 21.20 -80.61
C MET H 1 1.10 21.58 -79.27
N SER H 2 0.70 22.74 -78.76
CA SER H 2 1.23 23.24 -77.49
C SER H 2 0.57 22.59 -76.28
N ASN H 3 -0.56 21.92 -76.46
CA ASN H 3 -1.21 21.27 -75.33
C ASN H 3 -0.39 20.07 -74.83
N THR H 4 0.15 19.29 -75.76
CA THR H 4 0.97 18.14 -75.40
C THR H 4 2.37 18.60 -75.00
N LEU H 5 2.86 18.05 -73.88
CA LEU H 5 4.17 18.42 -73.37
C LEU H 5 5.11 17.22 -73.25
N PHE H 6 4.72 16.05 -73.76
CA PHE H 6 5.58 14.89 -73.81
C PHE H 6 4.95 13.86 -74.72
N ASP H 7 5.76 13.23 -75.57
CA ASP H 7 5.24 12.28 -76.55
C ASP H 7 6.39 11.39 -77.00
N ASP H 8 6.24 10.08 -76.81
CA ASP H 8 7.29 9.15 -77.20
C ASP H 8 6.71 7.77 -77.42
N ILE H 9 7.55 6.88 -77.95
CA ILE H 9 7.21 5.48 -78.17
C ILE H 9 8.13 4.65 -77.29
N PHE H 10 7.55 3.85 -76.40
CA PHE H 10 8.31 3.08 -75.43
C PHE H 10 8.08 1.60 -75.62
N GLN H 11 9.16 0.84 -75.71
CA GLN H 11 9.10 -0.61 -75.74
C GLN H 11 9.27 -1.15 -74.33
N VAL H 12 8.33 -2.00 -73.90
CA VAL H 12 8.38 -2.56 -72.56
C VAL H 12 9.35 -3.72 -72.53
N SER H 13 9.95 -3.96 -71.36
CA SER H 13 10.94 -5.01 -71.20
C SER H 13 10.70 -5.90 -69.99
N GLU H 14 9.71 -5.58 -69.16
CA GLU H 14 9.43 -6.39 -67.98
C GLU H 14 8.05 -6.02 -67.45
N VAL H 15 7.25 -7.05 -67.14
CA VAL H 15 5.94 -6.89 -66.53
C VAL H 15 5.81 -7.96 -65.46
N ASP H 16 5.72 -7.53 -64.19
CA ASP H 16 5.63 -8.46 -63.07
C ASP H 16 4.44 -8.10 -62.21
N PRO H 17 3.50 -9.03 -61.99
CA PRO H 17 2.38 -8.80 -61.07
C PRO H 17 2.75 -9.11 -59.63
N GLY H 18 3.48 -8.18 -59.00
CA GLY H 18 3.95 -8.40 -57.66
C GLY H 18 2.88 -8.22 -56.60
N ARG H 19 2.39 -9.33 -56.05
CA ARG H 19 1.43 -9.35 -54.95
C ARG H 19 0.12 -8.65 -55.30
N TYR H 20 -0.12 -8.38 -56.58
CA TYR H 20 -1.33 -7.69 -57.02
C TYR H 20 -2.01 -8.50 -58.12
N ASN H 21 -3.32 -8.36 -58.20
CA ASN H 21 -4.11 -9.09 -59.19
C ASN H 21 -4.56 -8.23 -60.36
N LYS H 22 -4.86 -6.96 -60.13
CA LYS H 22 -5.38 -6.10 -61.18
C LYS H 22 -4.56 -4.83 -61.33
N VAL H 23 -3.26 -4.89 -61.04
CA VAL H 23 -2.35 -3.78 -61.29
C VAL H 23 -0.94 -4.34 -61.34
N CYS H 24 -0.17 -3.92 -62.35
CA CYS H 24 1.16 -4.45 -62.59
C CYS H 24 2.12 -3.32 -62.93
N ARG H 25 3.39 -3.54 -62.59
CA ARG H 25 4.45 -2.56 -62.79
C ARG H 25 5.22 -2.94 -64.04
N ILE H 26 5.18 -2.07 -65.05
CA ILE H 26 5.91 -2.26 -66.28
C ILE H 26 7.15 -1.38 -66.27
N GLU H 27 8.19 -1.83 -66.98
CA GLU H 27 9.37 -1.03 -67.24
C GLU H 27 9.56 -0.95 -68.74
N ALA H 28 10.04 0.20 -69.22
CA ALA H 28 10.12 0.42 -70.65
C ALA H 28 11.26 1.37 -70.98
N ALA H 29 11.71 1.30 -72.23
CA ALA H 29 12.73 2.19 -72.75
C ALA H 29 12.26 2.81 -74.04
N SER H 30 12.64 4.06 -74.26
CA SER H 30 12.23 4.76 -75.46
C SER H 30 12.93 4.19 -76.69
N THR H 31 12.30 4.38 -77.85
CA THR H 31 12.84 3.92 -79.12
C THR H 31 13.63 5.03 -79.77
N THR H 32 14.86 4.72 -80.19
CA THR H 32 15.78 5.70 -80.78
C THR H 32 15.99 6.89 -79.84
N GLN H 33 16.01 6.60 -78.55
CA GLN H 33 16.27 7.63 -77.53
C GLN H 33 16.93 6.92 -76.34
N ASP H 34 18.26 6.92 -76.32
CA ASP H 34 19.00 6.14 -75.34
C ASP H 34 19.03 6.79 -73.96
N GLN H 35 18.61 8.05 -73.85
CA GLN H 35 18.64 8.77 -72.58
C GLN H 35 17.26 8.88 -71.94
N CYS H 36 16.42 7.85 -72.10
CA CYS H 36 15.08 7.88 -71.53
C CYS H 36 14.72 6.50 -70.99
N LYS H 37 14.08 6.48 -69.83
CA LYS H 37 13.62 5.26 -69.20
C LYS H 37 12.28 5.52 -68.53
N LEU H 38 11.48 4.47 -68.39
CA LEU H 38 10.16 4.58 -67.78
C LEU H 38 9.93 3.41 -66.84
N THR H 39 9.41 3.72 -65.65
CA THR H 39 9.00 2.70 -64.69
C THR H 39 7.59 3.07 -64.25
N LEU H 40 6.59 2.44 -64.86
CA LEU H 40 5.19 2.83 -64.71
C LEU H 40 4.41 1.73 -64.02
N ASP H 41 3.33 2.11 -63.35
CA ASP H 41 2.42 1.16 -62.73
C ASP H 41 1.02 1.38 -63.31
N ILE H 42 0.46 0.35 -63.93
CA ILE H 42 -0.83 0.48 -64.60
C ILE H 42 -1.73 -0.70 -64.28
N ASN H 43 -3.02 -0.47 -64.42
CA ASN H 43 -4.01 -1.54 -64.27
C ASN H 43 -3.90 -2.51 -65.45
N VAL H 44 -4.28 -3.76 -65.20
CA VAL H 44 -4.19 -4.81 -66.22
C VAL H 44 -5.53 -5.46 -66.51
N GLU H 45 -6.59 -5.13 -65.76
CA GLU H 45 -7.93 -5.56 -66.13
C GLU H 45 -8.64 -4.54 -66.99
N LEU H 46 -7.98 -3.42 -67.31
CA LEU H 46 -8.51 -2.39 -68.19
C LEU H 46 -7.67 -2.23 -69.43
N PHE H 47 -6.36 -2.16 -69.29
CA PHE H 47 -5.42 -2.03 -70.42
C PHE H 47 -4.35 -3.09 -70.26
N PRO H 48 -4.64 -4.32 -70.71
CA PRO H 48 -3.68 -5.42 -70.52
C PRO H 48 -2.44 -5.22 -71.37
N VAL H 49 -1.29 -5.18 -70.72
CA VAL H 49 0.01 -5.05 -71.38
C VAL H 49 0.78 -6.34 -71.20
N ALA H 50 1.30 -6.88 -72.30
CA ALA H 50 2.11 -8.08 -72.25
C ALA H 50 3.59 -7.72 -72.11
N ALA H 51 4.45 -8.71 -72.27
CA ALA H 51 5.88 -8.47 -72.23
C ALA H 51 6.44 -8.26 -73.63
N GLN H 52 7.31 -7.27 -73.77
CA GLN H 52 7.98 -6.95 -75.04
C GLN H 52 6.96 -6.59 -76.11
N ASP H 53 6.25 -5.49 -75.88
CA ASP H 53 5.36 -4.93 -76.88
C ASP H 53 5.39 -3.41 -76.78
N SER H 54 5.33 -2.75 -77.93
CA SER H 54 5.47 -1.30 -77.98
C SER H 54 4.22 -0.62 -77.45
N LEU H 55 4.40 0.62 -76.99
CA LEU H 55 3.32 1.47 -76.54
C LEU H 55 3.65 2.91 -76.91
N THR H 56 2.62 3.74 -76.99
CA THR H 56 2.78 5.17 -77.23
C THR H 56 2.38 5.91 -75.97
N VAL H 57 3.30 6.72 -75.43
CA VAL H 57 3.10 7.41 -74.17
C VAL H 57 3.07 8.91 -74.44
N THR H 58 2.14 9.59 -73.76
CA THR H 58 1.97 11.03 -73.90
C THR H 58 1.64 11.61 -72.53
N ILE H 59 2.24 12.74 -72.20
CA ILE H 59 1.90 13.49 -70.99
C ILE H 59 1.41 14.85 -71.44
N ALA H 60 0.13 15.14 -71.19
CA ALA H 60 -0.48 16.37 -71.64
C ALA H 60 -1.54 16.81 -70.64
N SER H 61 -1.47 18.06 -70.21
CA SER H 61 -2.50 18.65 -69.39
C SER H 61 -3.56 19.29 -70.28
N SER H 62 -4.75 19.47 -69.72
CA SER H 62 -5.87 20.10 -70.42
C SER H 62 -6.19 19.35 -71.71
N LEU H 63 -6.72 18.14 -71.55
CA LEU H 63 -6.99 17.25 -72.68
C LEU H 63 -8.21 17.68 -73.48
N ASN H 64 -8.72 18.89 -73.20
CA ASN H 64 -9.86 19.43 -73.93
C ASN H 64 -9.53 19.80 -75.36
N LEU H 65 -8.25 19.81 -75.73
CA LEU H 65 -7.79 20.11 -77.09
C LEU H 65 -8.26 21.49 -77.53
N SER H 74 -20.56 27.06 -64.53
CA SER H 74 -21.40 26.80 -63.37
C SER H 74 -20.61 26.93 -62.08
N ALA H 75 -19.29 26.77 -62.18
CA ALA H 75 -18.38 26.83 -61.04
C ALA H 75 -18.83 25.88 -59.93
N THR H 76 -19.16 24.64 -60.34
CA THR H 76 -19.62 23.64 -59.39
C THR H 76 -18.55 23.22 -58.40
N ARG H 77 -17.28 23.48 -58.71
CA ARG H 77 -16.16 23.14 -57.83
C ARG H 77 -16.15 21.65 -57.48
N SER H 78 -16.49 20.84 -58.47
CA SER H 78 -16.48 19.39 -58.34
C SER H 78 -16.39 18.79 -59.74
N TRP H 79 -15.53 17.80 -59.92
CA TRP H 79 -15.22 17.30 -61.25
C TRP H 79 -16.49 16.82 -61.95
N ARG H 80 -16.69 17.31 -63.18
CA ARG H 80 -17.82 16.95 -64.01
C ARG H 80 -17.29 16.33 -65.30
N PRO H 81 -17.76 15.15 -65.68
CA PRO H 81 -17.21 14.50 -66.85
C PRO H 81 -17.50 15.30 -68.11
N PRO H 82 -16.62 15.21 -69.11
CA PRO H 82 -16.91 15.86 -70.39
C PRO H 82 -18.11 15.21 -71.06
N GLN H 83 -18.78 15.97 -71.92
CA GLN H 83 -20.02 15.50 -72.52
C GLN H 83 -19.77 14.26 -73.36
N ALA H 84 -20.82 13.44 -73.50
CA ALA H 84 -20.68 12.17 -74.22
C ALA H 84 -20.25 12.38 -75.66
N GLY H 85 -20.62 13.51 -76.26
CA GLY H 85 -20.17 13.81 -77.60
C GLY H 85 -19.38 15.09 -77.70
N ASP H 86 -18.08 14.97 -77.95
CA ASP H 86 -17.21 16.11 -78.21
C ASP H 86 -15.87 15.60 -78.73
N ARG H 87 -15.38 16.17 -79.84
CA ARG H 87 -14.16 15.69 -80.47
C ARG H 87 -12.95 16.36 -79.81
N SER H 88 -12.67 15.93 -78.59
CA SER H 88 -11.52 16.38 -77.84
C SER H 88 -10.43 15.32 -77.90
N LEU H 89 -9.33 15.58 -77.19
CA LEU H 89 -8.24 14.62 -77.11
C LEU H 89 -8.67 13.43 -76.25
N ALA H 90 -7.77 12.47 -76.10
CA ALA H 90 -7.97 11.22 -75.37
C ALA H 90 -9.00 10.31 -76.02
N ASP H 91 -9.57 10.72 -77.17
CA ASP H 91 -10.47 9.83 -77.90
C ASP H 91 -9.71 8.75 -78.65
N ASP H 92 -8.50 9.05 -79.10
CA ASP H 92 -7.68 8.10 -79.84
C ASP H 92 -6.72 7.33 -78.95
N TYR H 93 -6.70 7.60 -77.64
CA TYR H 93 -5.83 6.90 -76.71
C TYR H 93 -6.62 5.90 -75.90
N ASP H 94 -6.04 4.71 -75.71
CA ASP H 94 -6.75 3.62 -75.03
C ASP H 94 -6.80 3.84 -73.52
N TYR H 95 -5.73 4.37 -72.93
CA TYR H 95 -5.62 4.47 -71.48
C TYR H 95 -5.33 5.91 -71.10
N VAL H 96 -6.11 6.48 -70.18
CA VAL H 96 -5.89 7.83 -69.70
C VAL H 96 -5.91 7.83 -68.18
N MET H 97 -4.91 8.45 -67.57
CA MET H 97 -4.79 8.57 -66.12
C MET H 97 -4.61 10.03 -65.74
N TYR H 98 -5.15 10.39 -64.59
CA TYR H 98 -5.06 11.76 -64.07
C TYR H 98 -4.29 11.73 -62.77
N GLY H 99 -3.32 12.64 -62.63
CA GLY H 99 -2.50 12.66 -61.43
C GLY H 99 -1.67 13.92 -61.36
N THR H 100 -0.76 13.92 -60.39
CA THR H 100 0.07 15.08 -60.11
C THR H 100 1.54 14.68 -60.10
N ALA H 101 2.40 15.63 -60.45
CA ALA H 101 3.84 15.48 -60.30
C ALA H 101 4.28 16.10 -58.99
N TYR H 102 5.20 15.42 -58.30
CA TYR H 102 5.62 15.94 -56.99
C TYR H 102 7.13 15.98 -56.83
N LYS H 103 7.87 15.12 -57.53
CA LYS H 103 9.31 15.05 -57.37
C LYS H 103 10.03 15.18 -58.70
N PHE H 104 11.02 16.06 -58.73
CA PHE H 104 11.99 16.19 -59.82
C PHE H 104 13.37 15.98 -59.22
N GLU H 105 13.94 14.79 -59.39
CA GLU H 105 15.22 14.46 -58.80
C GLU H 105 16.30 14.39 -59.86
N GLU H 106 17.55 14.48 -59.41
CA GLU H 106 18.71 14.42 -60.29
C GLU H 106 19.36 13.05 -60.20
N VAL H 107 19.77 12.52 -61.35
CA VAL H 107 20.43 11.22 -61.39
C VAL H 107 21.77 11.24 -62.10
N SER H 108 22.07 12.24 -62.92
CA SER H 108 23.36 12.30 -63.62
C SER H 108 23.58 13.74 -64.07
N LYS H 109 24.58 13.93 -64.92
CA LYS H 109 24.90 15.26 -65.45
C LYS H 109 23.79 15.69 -66.41
N ASP H 110 22.95 16.60 -65.95
CA ASP H 110 21.77 17.05 -66.69
C ASP H 110 20.91 15.86 -67.12
N LEU H 111 20.53 15.06 -66.13
CA LEU H 111 19.65 13.91 -66.33
C LEU H 111 18.74 13.83 -65.13
N ILE H 112 17.43 13.95 -65.35
CA ILE H 112 16.49 14.11 -64.25
C ILE H 112 15.37 13.08 -64.36
N ALA H 113 14.82 12.73 -63.20
CA ALA H 113 13.69 11.83 -63.09
C ALA H 113 12.50 12.58 -62.51
N VAL H 114 11.36 12.48 -63.18
CA VAL H 114 10.12 13.12 -62.75
C VAL H 114 9.14 12.05 -62.31
N TYR H 115 8.50 12.25 -61.17
CA TYR H 115 7.62 11.27 -60.58
C TYR H 115 6.17 11.76 -60.67
N TYR H 116 5.29 10.86 -61.11
CA TYR H 116 3.85 11.14 -61.19
C TYR H 116 3.11 10.10 -60.37
N SER H 117 2.08 10.54 -59.66
CA SER H 117 1.23 9.65 -58.88
C SER H 117 -0.21 9.83 -59.34
N PHE H 118 -0.78 8.77 -59.90
CA PHE H 118 -2.16 8.77 -60.39
C PHE H 118 -2.98 7.94 -59.40
N GLY H 119 -3.57 8.63 -58.43
CA GLY H 119 -4.33 7.94 -57.40
C GLY H 119 -3.51 6.99 -56.56
N GLY H 120 -2.19 7.11 -56.59
CA GLY H 120 -1.31 6.16 -55.93
C GLY H 120 -0.64 5.17 -56.86
N LEU H 121 -0.94 5.21 -58.15
CA LEU H 121 -0.22 4.42 -59.14
C LEU H 121 0.98 5.25 -59.60
N LEU H 122 2.18 4.72 -59.40
CA LEU H 122 3.39 5.51 -59.54
C LEU H 122 4.02 5.36 -60.91
N MET H 123 4.58 6.46 -61.40
CA MET H 123 5.32 6.49 -62.66
C MET H 123 6.58 7.30 -62.47
N ARG H 124 7.70 6.78 -62.95
CA ARG H 124 8.97 7.47 -62.93
C ARG H 124 9.48 7.58 -64.35
N LEU H 125 9.74 8.81 -64.80
CA LEU H 125 10.24 9.07 -66.15
C LEU H 125 11.62 9.69 -66.03
N GLU H 126 12.63 9.03 -66.60
CA GLU H 126 14.00 9.50 -66.54
C GLU H 126 14.43 9.97 -67.92
N GLY H 127 14.94 11.20 -68.00
CA GLY H 127 15.25 11.78 -69.28
C GLY H 127 16.26 12.91 -69.16
N ASN H 128 16.48 13.59 -70.29
CA ASN H 128 17.53 14.57 -70.43
C ASN H 128 16.99 16.00 -70.60
N TYR H 129 16.15 16.24 -71.59
CA TYR H 129 15.67 17.58 -71.92
C TYR H 129 14.14 17.58 -71.95
N ARG H 130 13.54 17.89 -70.80
CA ARG H 130 12.09 18.09 -70.71
C ARG H 130 11.73 19.25 -69.80
N ASN H 131 12.69 20.09 -69.40
CA ASN H 131 12.42 21.16 -68.46
C ASN H 131 11.48 22.20 -69.07
N LEU H 132 11.57 22.44 -70.38
CA LEU H 132 10.70 23.41 -71.03
C LEU H 132 9.24 22.97 -71.05
N ASN H 133 8.95 21.70 -70.77
CA ASN H 133 7.59 21.19 -70.85
C ASN H 133 7.05 20.74 -69.50
N ASN H 134 7.73 19.84 -68.81
CA ASN H 134 7.20 19.29 -67.57
C ASN H 134 7.20 20.33 -66.47
N LEU H 135 6.12 20.35 -65.68
CA LEU H 135 5.98 21.23 -64.54
C LEU H 135 5.47 20.42 -63.36
N LYS H 136 5.15 21.10 -62.27
CA LYS H 136 4.54 20.49 -61.10
C LYS H 136 3.04 20.77 -61.06
N GLN H 137 2.38 20.79 -62.21
CA GLN H 137 0.98 21.17 -62.29
C GLN H 137 0.08 20.10 -61.67
N GLU H 138 -1.07 20.56 -61.17
CA GLU H 138 -2.06 19.63 -60.61
C GLU H 138 -2.58 18.67 -61.68
N ASN H 139 -2.83 19.17 -62.88
CA ASN H 139 -3.35 18.35 -63.97
C ASN H 139 -2.21 17.93 -64.89
N ALA H 140 -2.08 16.62 -65.09
CA ALA H 140 -1.15 16.07 -66.07
C ALA H 140 -1.71 14.72 -66.51
N TYR H 141 -2.36 14.72 -67.67
CA TYR H 141 -3.01 13.52 -68.18
C TYR H 141 -1.97 12.61 -68.84
N LEU H 142 -1.87 11.38 -68.37
CA LEU H 142 -1.01 10.38 -68.98
C LEU H 142 -1.85 9.52 -69.92
N LEU H 143 -1.52 9.56 -71.20
CA LEU H 143 -2.25 8.85 -72.23
C LEU H 143 -1.37 7.78 -72.85
N ILE H 144 -1.94 6.58 -73.05
CA ILE H 144 -1.21 5.43 -73.55
C ILE H 144 -2.03 4.79 -74.66
N ARG H 145 -1.38 4.56 -75.79
CA ARG H 145 -1.92 3.77 -76.90
C ARG H 145 -1.16 2.46 -77.00
N ARG H 146 -1.87 1.40 -77.35
CA ARG H 146 -1.23 0.10 -77.53
C ARG H 146 -0.35 0.11 -78.77
N MET I 1 44.78 -34.54 10.95
CA MET I 1 45.61 -35.74 10.77
C MET I 1 44.84 -36.84 10.06
N LEU I 2 43.59 -37.05 10.50
CA LEU I 2 42.70 -38.06 9.93
C LEU I 2 43.32 -39.46 10.01
N SER I 3 43.53 -39.90 11.24
CA SER I 3 44.03 -41.24 11.50
C SER I 3 43.27 -41.83 12.69
N PHE I 4 43.09 -43.14 12.67
CA PHE I 4 42.30 -43.84 13.68
C PHE I 4 43.14 -44.95 14.31
N CYS I 5 43.04 -45.07 15.63
CA CYS I 5 43.88 -46.02 16.36
C CYS I 5 43.19 -47.37 16.44
N PRO I 6 43.93 -48.48 16.27
CA PRO I 6 43.32 -49.80 16.44
C PRO I 6 42.83 -50.01 17.86
N SER I 7 41.78 -50.83 17.98
CA SER I 7 41.10 -51.18 19.22
C SER I 7 40.31 -50.02 19.81
N CYS I 8 40.47 -48.83 19.25
CA CYS I 8 39.64 -47.66 19.70
C CYS I 8 38.90 -47.07 18.50
N ASN I 9 39.56 -46.94 17.34
CA ASN I 9 39.06 -46.38 16.10
C ASN I 9 38.66 -44.91 16.21
N ASN I 10 38.88 -44.26 17.35
CA ASN I 10 38.63 -42.83 17.44
C ASN I 10 39.71 -42.07 16.68
N MET I 11 39.46 -40.78 16.48
CA MET I 11 40.39 -39.94 15.74
C MET I 11 41.67 -39.72 16.55
N LEU I 12 42.81 -39.72 15.86
CA LEU I 12 44.08 -39.48 16.52
C LEU I 12 44.25 -38.01 16.86
N LEU I 13 44.82 -37.75 18.04
CA LEU I 13 45.06 -36.38 18.51
C LEU I 13 46.51 -36.21 18.88
N ILE I 14 47.08 -35.07 18.52
CA ILE I 14 48.44 -34.70 18.89
C ILE I 14 48.37 -33.87 20.17
N THR I 15 49.04 -34.34 21.22
CA THR I 15 48.99 -33.68 22.52
C THR I 15 50.39 -33.31 22.97
N SER I 16 50.50 -32.15 23.63
CA SER I 16 51.76 -31.73 24.21
C SER I 16 52.06 -32.56 25.45
N GLY I 17 52.81 -33.64 25.29
CA GLY I 17 53.09 -34.57 26.38
C GLY I 17 54.11 -34.04 27.37
N ASP I 18 54.80 -34.96 28.01
CA ASP I 18 55.81 -34.58 28.99
C ASP I 18 56.98 -33.89 28.31
N SER I 19 57.50 -32.85 28.97
CA SER I 19 58.62 -32.05 28.46
C SER I 19 58.30 -31.45 27.09
N GLY I 20 57.04 -31.14 26.85
CA GLY I 20 56.64 -30.49 25.61
C GLY I 20 56.88 -31.33 24.37
N VAL I 21 56.71 -32.65 24.46
CA VAL I 21 56.89 -33.55 23.33
C VAL I 21 55.52 -33.89 22.75
N TYR I 22 55.34 -33.64 21.45
CA TYR I 22 54.08 -33.90 20.76
C TYR I 22 53.93 -35.40 20.58
N THR I 23 53.01 -35.98 21.34
CA THR I 23 52.72 -37.40 21.25
C THR I 23 51.36 -37.61 20.59
N LEU I 24 51.28 -38.61 19.72
CA LEU I 24 50.09 -38.89 18.94
C LEU I 24 49.33 -40.05 19.55
N ALA I 25 48.10 -39.80 20.02
CA ALA I 25 47.33 -40.84 20.69
C ALA I 25 45.87 -40.43 20.71
N CYS I 26 45.02 -41.38 21.11
CA CYS I 26 43.59 -41.18 21.19
C CYS I 26 43.15 -41.14 22.65
N ARG I 27 42.20 -40.27 22.94
CA ARG I 27 41.58 -40.28 24.25
C ARG I 27 40.68 -41.52 24.39
N SER I 28 40.38 -41.86 25.64
CA SER I 28 39.54 -43.01 25.98
C SER I 28 40.17 -44.33 25.56
N CYS I 29 41.48 -44.35 25.34
CA CYS I 29 42.15 -45.57 24.92
C CYS I 29 43.46 -45.75 25.68
N PRO I 30 43.85 -46.98 25.98
CA PRO I 30 45.20 -47.26 26.49
C PRO I 30 46.22 -47.38 25.37
N TYR I 31 46.30 -46.34 24.53
CA TYR I 31 47.12 -46.38 23.33
C TYR I 31 47.90 -45.09 23.20
N GLU I 32 49.14 -45.20 22.73
CA GLU I 32 50.02 -44.05 22.51
C GLU I 32 50.81 -44.31 21.23
N PHE I 33 51.74 -43.41 20.93
CA PHE I 33 52.65 -43.62 19.82
C PHE I 33 53.91 -42.78 20.02
N PRO I 34 55.02 -43.38 20.48
CA PRO I 34 56.30 -42.65 20.50
C PRO I 34 56.60 -42.05 19.14
N ILE I 35 56.65 -40.73 19.08
CA ILE I 35 56.61 -40.04 17.80
C ILE I 35 57.94 -40.22 17.07
N GLU I 36 57.86 -40.65 15.82
CA GLU I 36 59.01 -40.77 14.94
C GLU I 36 59.28 -39.47 14.18
N GLY I 37 58.64 -38.38 14.58
CA GLY I 37 58.57 -37.18 13.78
C GLY I 37 57.42 -37.15 12.81
N ILE I 38 56.68 -38.25 12.69
CA ILE I 38 55.57 -38.41 11.76
C ILE I 38 56.00 -37.94 10.38
N GLU I 39 57.12 -38.47 9.88
CA GLU I 39 57.54 -38.16 8.53
C GLU I 39 56.61 -38.75 7.48
N ILE I 40 55.70 -39.64 7.88
CA ILE I 40 54.59 -40.00 7.01
C ILE I 40 53.75 -38.75 6.79
N TYR I 41 53.61 -38.35 5.54
CA TYR I 41 53.05 -37.05 5.20
C TYR I 41 51.53 -37.15 5.06
N ASP I 42 50.83 -36.20 5.67
CA ASP I 42 49.40 -36.05 5.47
C ASP I 42 49.12 -35.12 4.29
N ARG I 43 49.74 -35.43 3.15
CA ARG I 43 49.70 -34.53 2.01
C ARG I 43 48.32 -34.54 1.36
N LYS I 44 47.82 -33.33 1.09
CA LYS I 44 46.60 -33.14 0.30
C LYS I 44 47.01 -32.59 -1.06
N LYS I 45 46.77 -33.38 -2.11
CA LYS I 45 47.11 -32.96 -3.47
C LYS I 45 45.92 -32.17 -4.00
N LEU I 46 46.05 -30.85 -3.97
CA LEU I 46 44.94 -29.98 -4.36
C LEU I 46 44.62 -30.18 -5.84
N PRO I 47 43.37 -30.42 -6.19
CA PRO I 47 43.02 -30.71 -7.59
C PRO I 47 43.18 -29.50 -8.50
N ARG I 48 44.41 -29.08 -8.74
CA ARG I 48 44.67 -28.04 -9.73
C ARG I 48 44.38 -28.58 -11.13
N LYS I 49 43.79 -27.74 -11.96
CA LYS I 49 43.39 -28.13 -13.31
C LYS I 49 44.30 -27.47 -14.34
N GLU I 50 43.93 -27.65 -15.62
CA GLU I 50 44.76 -27.18 -16.71
C GLU I 50 44.81 -25.66 -16.73
N VAL I 51 45.96 -25.14 -17.16
CA VAL I 51 46.18 -23.70 -17.32
C VAL I 51 46.76 -23.44 -18.70
N ASP I 52 46.55 -22.23 -19.19
CA ASP I 52 47.00 -21.82 -20.52
C ASP I 52 47.94 -20.64 -20.41
N ASP I 53 48.93 -20.61 -21.31
CA ASP I 53 49.98 -19.60 -21.30
C ASP I 53 49.97 -18.83 -22.61
N VAL I 54 50.10 -17.50 -22.52
CA VAL I 54 50.21 -16.63 -23.67
C VAL I 54 51.56 -15.92 -23.73
N LEU I 55 52.12 -15.57 -22.57
CA LEU I 55 53.43 -14.91 -22.51
C LEU I 55 54.54 -15.95 -22.47
N MET J 1 -35.35 -27.53 -23.17
CA MET J 1 -36.40 -28.37 -22.62
C MET J 1 -37.05 -29.21 -23.71
N ILE J 2 -37.80 -28.55 -24.60
CA ILE J 2 -38.38 -29.20 -25.77
C ILE J 2 -37.74 -28.62 -27.02
N VAL J 3 -38.10 -29.18 -28.16
CA VAL J 3 -37.54 -28.71 -29.43
C VAL J 3 -37.96 -27.27 -29.67
N PRO J 4 -37.07 -26.38 -30.08
CA PRO J 4 -37.50 -25.03 -30.46
C PRO J 4 -38.50 -25.07 -31.59
N VAL J 5 -39.54 -24.23 -31.48
CA VAL J 5 -40.57 -24.22 -32.51
C VAL J 5 -39.99 -23.79 -33.85
N ARG J 6 -39.11 -22.79 -33.83
CA ARG J 6 -38.53 -22.25 -35.05
C ARG J 6 -37.01 -22.33 -34.99
N CYS J 7 -36.40 -22.62 -36.12
CA CYS J 7 -34.94 -22.72 -36.21
C CYS J 7 -34.39 -21.32 -36.21
N PHE J 8 -33.61 -20.96 -35.21
CA PHE J 8 -33.10 -19.59 -35.01
C PHE J 8 -32.54 -18.96 -36.28
N SER J 9 -31.64 -19.59 -37.00
CA SER J 9 -31.00 -18.89 -38.13
C SER J 9 -31.95 -18.54 -39.27
N CYS J 10 -32.76 -19.50 -39.76
CA CYS J 10 -33.65 -19.29 -40.93
C CYS J 10 -35.05 -18.86 -40.49
N GLY J 11 -35.72 -19.75 -39.81
CA GLY J 11 -37.05 -19.43 -39.28
C GLY J 11 -37.94 -20.62 -39.52
N LYS J 12 -37.40 -21.63 -40.18
CA LYS J 12 -38.29 -22.75 -40.52
C LYS J 12 -38.97 -23.18 -39.25
N VAL J 13 -40.15 -23.69 -39.37
CA VAL J 13 -40.88 -24.26 -38.24
C VAL J 13 -40.42 -25.70 -38.09
N VAL J 14 -39.46 -25.91 -37.19
CA VAL J 14 -38.93 -27.24 -36.94
C VAL J 14 -39.54 -27.90 -35.72
N GLY J 15 -40.51 -27.24 -35.06
CA GLY J 15 -41.08 -27.81 -33.86
C GLY J 15 -41.89 -29.07 -34.14
N ASP J 16 -42.61 -29.10 -35.25
CA ASP J 16 -43.51 -30.20 -35.54
C ASP J 16 -42.79 -31.47 -35.97
N LYS J 17 -41.59 -31.35 -36.54
CA LYS J 17 -40.91 -32.50 -37.12
C LYS J 17 -40.29 -33.41 -36.08
N TRP J 18 -40.03 -32.90 -34.86
CA TRP J 18 -39.27 -33.65 -33.87
C TRP J 18 -39.81 -35.06 -33.68
N GLU J 19 -41.09 -35.17 -33.30
CA GLU J 19 -41.68 -36.49 -33.11
C GLU J 19 -41.49 -37.36 -34.34
N SER J 20 -41.80 -36.82 -35.52
CA SER J 20 -41.61 -37.57 -36.75
C SER J 20 -40.16 -38.07 -36.86
N TYR J 21 -39.21 -37.16 -36.60
CA TYR J 21 -37.81 -37.53 -36.63
C TYR J 21 -37.53 -38.74 -35.75
N LEU J 22 -38.07 -38.73 -34.52
CA LEU J 22 -37.84 -39.86 -33.62
C LEU J 22 -38.35 -41.16 -34.23
N ASN J 23 -39.52 -41.11 -34.88
CA ASN J 23 -40.03 -42.32 -35.51
C ASN J 23 -39.07 -42.82 -36.57
N LEU J 24 -38.50 -41.90 -37.36
CA LEU J 24 -37.58 -42.32 -38.40
C LEU J 24 -36.30 -42.92 -37.83
N LEU J 25 -36.06 -42.79 -36.53
CA LEU J 25 -34.95 -43.49 -35.90
C LEU J 25 -35.38 -44.75 -35.17
N GLN J 26 -36.66 -44.88 -34.82
CA GLN J 26 -37.14 -46.05 -34.08
C GLN J 26 -37.70 -47.11 -35.02
N GLU J 27 -38.73 -46.75 -35.78
CA GLU J 27 -39.29 -47.65 -36.80
C GLU J 27 -38.71 -47.28 -38.17
N ASP J 28 -38.36 -48.31 -38.94
CA ASP J 28 -37.63 -48.13 -40.19
C ASP J 28 -36.36 -47.31 -39.94
N GLU J 29 -35.47 -47.91 -39.17
CA GLU J 29 -34.30 -47.21 -38.65
C GLU J 29 -33.41 -46.75 -39.79
N LEU J 30 -33.45 -45.45 -40.07
CA LEU J 30 -32.53 -44.84 -41.02
C LEU J 30 -31.30 -44.33 -40.29
N ASP J 31 -30.42 -43.66 -41.03
CA ASP J 31 -29.39 -42.85 -40.41
C ASP J 31 -29.98 -41.48 -40.05
N GLU J 32 -29.28 -40.78 -39.16
CA GLU J 32 -29.75 -39.45 -38.77
C GLU J 32 -29.76 -38.50 -39.95
N GLY J 33 -28.75 -38.57 -40.80
CA GLY J 33 -28.69 -37.66 -41.94
C GLY J 33 -29.82 -37.88 -42.92
N THR J 34 -30.09 -39.15 -43.27
CA THR J 34 -31.16 -39.44 -44.20
C THR J 34 -32.52 -39.10 -43.60
N ALA J 35 -32.70 -39.38 -42.30
CA ALA J 35 -33.96 -39.03 -41.65
C ALA J 35 -34.17 -37.52 -41.63
N LEU J 36 -33.12 -36.76 -41.36
CA LEU J 36 -33.23 -35.30 -41.39
C LEU J 36 -33.55 -34.81 -42.79
N SER J 37 -32.92 -35.39 -43.81
CA SER J 37 -33.18 -34.93 -45.17
C SER J 37 -34.58 -35.30 -45.64
N ARG J 38 -35.10 -36.44 -45.22
CA ARG J 38 -36.45 -36.86 -45.61
C ARG J 38 -37.53 -35.99 -45.01
N LEU J 39 -37.23 -35.24 -43.95
CA LEU J 39 -38.19 -34.33 -43.33
C LEU J 39 -38.20 -32.96 -44.00
N GLY J 40 -37.42 -32.75 -45.05
CA GLY J 40 -37.36 -31.49 -45.74
C GLY J 40 -36.33 -30.51 -45.21
N LEU J 41 -35.59 -30.90 -44.17
CA LEU J 41 -34.56 -30.02 -43.62
C LEU J 41 -33.35 -29.96 -44.54
N LYS J 42 -33.33 -28.97 -45.44
CA LYS J 42 -32.25 -28.85 -46.41
C LYS J 42 -31.12 -27.99 -45.90
N ARG J 43 -31.42 -26.85 -45.28
CA ARG J 43 -30.39 -25.99 -44.72
C ARG J 43 -29.89 -26.57 -43.41
N TYR J 44 -28.57 -26.50 -43.20
CA TYR J 44 -27.97 -27.16 -42.05
C TYR J 44 -28.35 -26.51 -40.72
N CYS J 45 -28.90 -25.29 -40.73
CA CYS J 45 -29.39 -24.70 -39.49
C CYS J 45 -30.54 -25.51 -38.93
N CYS J 46 -31.54 -25.81 -39.77
CA CYS J 46 -32.64 -26.65 -39.34
C CYS J 46 -32.16 -28.05 -38.99
N ARG J 47 -31.07 -28.49 -39.63
CA ARG J 47 -30.54 -29.82 -39.33
C ARG J 47 -29.91 -29.86 -37.93
N ARG J 48 -29.14 -28.85 -37.58
CA ARG J 48 -28.55 -28.82 -36.24
C ARG J 48 -29.57 -28.44 -35.17
N MET J 49 -30.71 -27.86 -35.56
CA MET J 49 -31.75 -27.60 -34.58
C MET J 49 -32.36 -28.89 -34.06
N ILE J 50 -32.46 -29.91 -34.91
CA ILE J 50 -33.07 -31.17 -34.52
C ILE J 50 -32.02 -32.20 -34.09
N LEU J 51 -30.94 -32.33 -34.86
CA LEU J 51 -29.93 -33.34 -34.57
C LEU J 51 -29.26 -33.09 -33.22
N THR J 52 -28.83 -31.85 -32.99
CA THR J 52 -28.15 -31.49 -31.75
C THR J 52 -29.15 -30.88 -30.78
N HIS J 53 -30.07 -31.73 -30.31
CA HIS J 53 -31.08 -31.34 -29.35
C HIS J 53 -31.17 -32.38 -28.26
N VAL J 54 -31.27 -31.93 -27.02
CA VAL J 54 -31.46 -32.80 -25.87
C VAL J 54 -32.90 -32.66 -25.40
N ASP J 55 -33.61 -33.79 -25.32
CA ASP J 55 -35.01 -33.77 -24.88
C ASP J 55 -35.05 -33.85 -23.35
N LEU J 56 -34.64 -32.75 -22.73
CA LEU J 56 -34.50 -32.71 -21.28
C LEU J 56 -35.84 -32.84 -20.57
N ILE J 57 -36.93 -32.38 -21.20
CA ILE J 57 -38.21 -32.38 -20.53
C ILE J 57 -38.65 -33.79 -20.19
N GLU J 58 -38.20 -34.79 -20.95
CA GLU J 58 -38.47 -36.18 -20.59
C GLU J 58 -37.88 -36.51 -19.23
N LYS J 59 -36.66 -36.05 -18.96
CA LYS J 59 -36.04 -36.28 -17.67
C LYS J 59 -36.68 -35.43 -16.58
N PHE J 60 -37.05 -34.18 -16.93
CA PHE J 60 -37.66 -33.30 -15.95
C PHE J 60 -39.01 -33.83 -15.47
N LEU J 61 -39.78 -34.43 -16.37
CA LEU J 61 -41.12 -34.91 -16.03
C LEU J 61 -41.11 -36.10 -15.08
N ARG J 62 -39.94 -36.71 -14.84
CA ARG J 62 -39.88 -37.79 -13.87
C ARG J 62 -40.04 -37.28 -12.44
N TYR J 63 -39.93 -35.97 -12.23
CA TYR J 63 -39.99 -35.36 -10.90
C TYR J 63 -41.20 -34.45 -10.75
N ASN J 64 -42.34 -34.85 -11.31
CA ASN J 64 -43.53 -34.02 -11.21
C ASN J 64 -44.06 -34.04 -9.78
N PRO J 65 -44.37 -32.89 -9.20
CA PRO J 65 -44.87 -32.85 -7.82
C PRO J 65 -46.37 -33.08 -7.66
N LEU J 66 -47.05 -33.57 -8.69
CA LEU J 66 -48.48 -33.86 -8.64
C LEU J 66 -48.76 -35.26 -9.19
N GLU J 67 -47.96 -36.24 -8.76
CA GLU J 67 -48.13 -37.60 -9.25
C GLU J 67 -49.41 -38.23 -8.73
N PRO K 42 -50.84 15.34 -44.97
CA PRO K 42 -49.61 16.10 -44.72
C PRO K 42 -48.88 15.64 -43.46
N ASP K 43 -47.62 15.24 -43.61
CA ASP K 43 -46.81 14.76 -42.49
C ASP K 43 -45.43 15.37 -42.65
N ARG K 44 -45.19 16.50 -41.98
CA ARG K 44 -43.92 17.21 -42.08
C ARG K 44 -42.93 16.76 -41.00
N GLU K 45 -42.79 15.45 -40.86
CA GLU K 45 -41.80 14.85 -39.96
C GLU K 45 -41.03 13.78 -40.70
N LYS K 46 -41.67 13.15 -41.68
CA LYS K 46 -41.05 12.04 -42.41
C LYS K 46 -39.81 12.50 -43.16
N ILE K 47 -39.88 13.68 -43.78
CA ILE K 47 -38.77 14.21 -44.56
C ILE K 47 -38.40 15.58 -44.01
N LYS K 48 -37.11 15.80 -43.81
CA LYS K 48 -36.60 17.11 -43.43
C LYS K 48 -35.39 17.43 -44.30
N LEU K 49 -35.17 18.71 -44.53
CA LEU K 49 -34.00 19.18 -45.27
C LEU K 49 -33.04 19.83 -44.29
N LEU K 50 -31.90 19.20 -44.06
CA LEU K 50 -30.94 19.75 -43.11
C LEU K 50 -30.32 21.02 -43.66
N THR K 51 -30.50 22.13 -42.93
CA THR K 51 -30.07 23.43 -43.44
C THR K 51 -28.55 23.60 -43.38
N GLN K 52 -27.90 23.05 -42.36
CA GLN K 52 -26.45 23.24 -42.23
C GLN K 52 -25.70 22.61 -43.39
N ALA K 53 -26.13 21.43 -43.83
CA ALA K 53 -25.48 20.78 -44.97
C ALA K 53 -25.87 21.41 -46.30
N THR K 54 -27.12 21.86 -46.43
CA THR K 54 -27.61 22.38 -47.69
C THR K 54 -26.91 23.69 -48.05
N SER K 55 -26.54 23.82 -49.33
CA SER K 55 -25.92 25.03 -49.83
C SER K 55 -26.98 25.98 -50.37
N GLU K 56 -26.54 27.17 -50.78
CA GLU K 56 -27.45 28.17 -51.31
C GLU K 56 -27.98 27.73 -52.67
N ASP K 57 -29.28 27.99 -52.89
CA ASP K 57 -29.96 27.65 -54.14
C ASP K 57 -29.86 26.16 -54.45
N GLY K 58 -29.90 25.34 -53.40
CA GLY K 58 -29.89 23.91 -53.59
C GLY K 58 -28.64 23.42 -54.29
N THR K 59 -28.81 22.45 -55.17
CA THR K 59 -27.77 21.81 -55.98
C THR K 59 -26.83 20.97 -55.11
N SER K 60 -27.05 21.00 -53.80
CA SER K 60 -26.38 20.07 -52.88
C SER K 60 -27.15 20.14 -51.57
N ALA K 61 -27.86 19.07 -51.22
CA ALA K 61 -28.70 19.08 -50.04
C ALA K 61 -28.70 17.72 -49.37
N SER K 62 -28.81 17.74 -48.05
CA SER K 62 -28.92 16.53 -47.25
C SER K 62 -30.31 16.46 -46.64
N PHE K 63 -30.90 15.27 -46.67
CA PHE K 63 -32.25 15.05 -46.18
C PHE K 63 -32.21 14.03 -45.06
N GLN K 64 -33.08 14.25 -44.07
CA GLN K 64 -33.22 13.36 -42.94
C GLN K 64 -34.59 12.70 -43.01
N ILE K 65 -34.62 11.38 -43.00
CA ILE K 65 -35.84 10.61 -43.17
C ILE K 65 -36.03 9.74 -41.93
N VAL K 66 -37.18 9.84 -41.31
CA VAL K 66 -37.49 9.12 -40.09
C VAL K 66 -38.16 7.81 -40.43
N GLU K 67 -37.96 6.80 -39.58
CA GLU K 67 -38.56 5.49 -39.73
C GLU K 67 -38.22 4.87 -41.08
N GLU K 68 -36.92 4.77 -41.35
CA GLU K 68 -36.43 4.18 -42.58
C GLU K 68 -35.09 3.50 -42.31
N ASP K 69 -34.69 2.64 -43.24
CA ASP K 69 -33.43 1.92 -43.14
C ASP K 69 -32.91 1.70 -44.57
N HIS K 70 -31.97 0.77 -44.71
CA HIS K 70 -31.34 0.54 -46.01
C HIS K 70 -32.36 0.13 -47.08
N THR K 71 -33.50 -0.41 -46.68
CA THR K 71 -34.48 -0.93 -47.63
C THR K 71 -34.83 0.12 -48.69
N LEU K 72 -35.22 1.32 -48.26
CA LEU K 72 -35.52 2.38 -49.20
C LEU K 72 -34.30 3.21 -49.56
N GLY K 73 -33.33 3.32 -48.65
CA GLY K 73 -32.17 4.14 -48.92
C GLY K 73 -31.37 3.62 -50.10
N ASN K 74 -31.15 2.31 -50.17
CA ASN K 74 -30.35 1.76 -51.26
C ASN K 74 -31.06 1.89 -52.59
N ALA K 75 -32.36 1.60 -52.63
CA ALA K 75 -33.12 1.75 -53.87
C ALA K 75 -33.13 3.21 -54.33
N LEU K 76 -33.34 4.14 -53.39
CA LEU K 76 -33.34 5.56 -53.74
C LEU K 76 -31.98 5.99 -54.25
N ARG K 77 -30.90 5.52 -53.62
CA ARG K 77 -29.56 5.84 -54.10
C ARG K 77 -29.33 5.32 -55.51
N TYR K 78 -29.77 4.09 -55.78
CA TYR K 78 -29.62 3.55 -57.13
C TYR K 78 -30.39 4.36 -58.15
N VAL K 79 -31.62 4.75 -57.81
CA VAL K 79 -32.44 5.47 -58.78
C VAL K 79 -31.90 6.88 -59.01
N ILE K 80 -31.49 7.56 -57.93
CA ILE K 80 -30.99 8.92 -58.04
C ILE K 80 -29.67 8.95 -58.80
N MET K 81 -28.79 8.00 -58.51
CA MET K 81 -27.48 7.96 -59.18
C MET K 81 -27.62 7.73 -60.67
N LYS K 82 -28.76 7.19 -61.12
CA LYS K 82 -29.01 7.01 -62.54
C LYS K 82 -29.44 8.30 -63.24
N ASN K 83 -29.78 9.33 -62.50
CA ASN K 83 -30.10 10.61 -63.12
C ASN K 83 -28.84 11.21 -63.72
N PRO K 84 -28.89 11.74 -64.94
CA PRO K 84 -27.67 12.29 -65.55
C PRO K 84 -27.12 13.52 -64.83
N ASP K 85 -27.93 14.20 -64.03
CA ASP K 85 -27.52 15.45 -63.41
C ASP K 85 -27.07 15.29 -61.95
N VAL K 86 -26.95 14.07 -61.45
CA VAL K 86 -26.60 13.82 -60.06
C VAL K 86 -25.12 13.49 -59.99
N GLU K 87 -24.37 14.31 -59.27
CA GLU K 87 -22.94 14.13 -59.07
C GLU K 87 -22.63 13.23 -57.87
N PHE K 88 -23.33 13.45 -56.76
CA PHE K 88 -23.09 12.76 -55.51
C PHE K 88 -24.42 12.27 -54.98
N CYS K 89 -24.48 11.02 -54.54
CA CYS K 89 -25.70 10.51 -53.93
C CYS K 89 -25.32 9.41 -52.96
N GLY K 90 -25.69 9.58 -51.71
CA GLY K 90 -25.35 8.57 -50.73
C GLY K 90 -26.14 8.65 -49.44
N TYR K 91 -26.58 7.51 -48.92
CA TYR K 91 -27.33 7.46 -47.68
C TYR K 91 -26.44 6.92 -46.57
N SER K 92 -26.91 7.11 -45.34
CA SER K 92 -26.22 6.56 -44.18
C SER K 92 -27.15 6.65 -42.98
N ILE K 93 -27.19 5.59 -42.17
CA ILE K 93 -27.93 5.57 -40.92
C ILE K 93 -26.97 6.01 -39.81
N PRO K 94 -27.16 7.18 -39.22
CA PRO K 94 -26.18 7.66 -38.23
C PRO K 94 -26.00 6.74 -37.04
N HIS K 95 -27.07 6.09 -36.58
CA HIS K 95 -26.97 5.20 -35.42
C HIS K 95 -28.13 4.21 -35.42
N PRO K 96 -27.86 2.92 -35.23
CA PRO K 96 -28.95 1.93 -35.25
C PRO K 96 -29.96 2.12 -34.13
N SER K 97 -29.60 2.79 -33.04
CA SER K 97 -30.56 3.04 -31.98
C SER K 97 -31.63 4.05 -32.38
N GLU K 98 -31.46 4.74 -33.50
CA GLU K 98 -32.40 5.74 -33.98
C GLU K 98 -32.91 5.34 -35.36
N ASN K 99 -34.22 5.50 -35.57
CA ASN K 99 -34.80 5.29 -36.89
C ASN K 99 -34.56 6.56 -37.70
N LEU K 100 -33.49 6.58 -38.47
CA LEU K 100 -33.11 7.76 -39.23
C LEU K 100 -32.39 7.34 -40.50
N LEU K 101 -32.32 8.25 -41.45
CA LEU K 101 -31.67 7.96 -42.73
C LEU K 101 -31.25 9.29 -43.34
N ASN K 102 -29.97 9.61 -43.24
CA ASN K 102 -29.44 10.83 -43.86
C ASN K 102 -29.03 10.49 -45.29
N ILE K 103 -29.73 11.05 -46.27
CA ILE K 103 -29.43 10.83 -47.67
C ILE K 103 -29.02 12.16 -48.29
N ARG K 104 -27.83 12.20 -48.88
CA ARG K 104 -27.30 13.42 -49.46
C ARG K 104 -27.30 13.31 -50.98
N ILE K 105 -27.76 14.37 -51.63
CA ILE K 105 -27.78 14.47 -53.08
C ILE K 105 -27.11 15.79 -53.45
N GLN K 106 -26.04 15.72 -54.24
CA GLN K 106 -25.37 16.89 -54.78
C GLN K 106 -25.46 16.82 -56.29
N THR K 107 -26.17 17.77 -56.89
CA THR K 107 -26.32 17.80 -58.37
C THR K 107 -25.40 18.88 -58.94
N TYR K 108 -25.53 19.18 -60.23
CA TYR K 108 -24.73 20.28 -60.83
C TYR K 108 -25.58 21.55 -60.86
N GLY K 109 -25.05 22.64 -61.42
CA GLY K 109 -25.79 23.92 -61.46
C GLY K 109 -26.90 23.89 -62.49
N GLU K 110 -27.83 22.94 -62.36
CA GLU K 110 -28.95 22.79 -63.33
C GLU K 110 -30.21 22.36 -62.59
N THR K 111 -30.16 21.22 -61.88
CA THR K 111 -31.31 20.77 -61.11
C THR K 111 -30.99 20.80 -59.63
N THR K 112 -31.90 21.38 -58.84
CA THR K 112 -31.73 21.39 -57.40
C THR K 112 -31.88 19.99 -56.83
N ALA K 113 -31.25 19.77 -55.68
CA ALA K 113 -31.26 18.43 -55.06
C ALA K 113 -32.66 17.98 -54.70
N VAL K 114 -33.54 18.92 -54.33
CA VAL K 114 -34.91 18.55 -53.99
C VAL K 114 -35.63 17.96 -55.20
N ASP K 115 -35.46 18.61 -56.37
CA ASP K 115 -36.05 18.06 -57.59
C ASP K 115 -35.43 16.73 -57.96
N ALA K 116 -34.13 16.55 -57.71
CA ALA K 116 -33.50 15.26 -57.97
C ALA K 116 -34.11 14.17 -57.11
N LEU K 117 -34.35 14.46 -55.82
CA LEU K 117 -34.98 13.48 -54.94
C LEU K 117 -36.41 13.19 -55.40
N GLN K 118 -37.15 14.22 -55.80
CA GLN K 118 -38.53 14.01 -56.26
C GLN K 118 -38.56 13.12 -57.50
N LYS K 119 -37.67 13.40 -58.47
CA LYS K 119 -37.62 12.58 -59.67
C LYS K 119 -37.15 11.17 -59.35
N GLY K 120 -36.24 11.01 -58.39
CA GLY K 120 -35.83 9.68 -57.98
C GLY K 120 -36.98 8.88 -57.37
N LEU K 121 -37.79 9.54 -56.53
CA LEU K 121 -38.96 8.87 -55.97
C LEU K 121 -39.96 8.49 -57.05
N LYS K 122 -40.20 9.39 -58.00
CA LYS K 122 -41.12 9.09 -59.09
C LYS K 122 -40.61 7.92 -59.93
N ASP K 123 -39.32 7.89 -60.21
CA ASP K 123 -38.75 6.79 -60.99
C ASP K 123 -38.77 5.49 -60.21
N LEU K 124 -38.59 5.54 -58.89
CA LEU K 124 -38.74 4.34 -58.09
C LEU K 124 -40.17 3.81 -58.14
N MET K 125 -41.14 4.72 -58.10
CA MET K 125 -42.53 4.29 -58.27
C MET K 125 -42.75 3.65 -59.63
N ASP K 126 -42.17 4.23 -60.68
CA ASP K 126 -42.31 3.65 -62.02
C ASP K 126 -41.67 2.27 -62.08
N LEU K 127 -40.50 2.10 -61.47
CA LEU K 127 -39.83 0.81 -61.44
C LEU K 127 -40.68 -0.23 -60.71
N CYS K 128 -41.23 0.16 -59.56
CA CYS K 128 -42.08 -0.76 -58.81
C CYS K 128 -43.32 -1.13 -59.61
N ASP K 129 -43.90 -0.16 -60.32
CA ASP K 129 -45.07 -0.45 -61.14
C ASP K 129 -44.73 -1.41 -62.28
N VAL K 130 -43.57 -1.22 -62.91
CA VAL K 130 -43.17 -2.10 -64.00
C VAL K 130 -42.98 -3.53 -63.48
N VAL K 131 -42.27 -3.67 -62.37
CA VAL K 131 -42.04 -5.00 -61.80
C VAL K 131 -43.36 -5.63 -61.38
N GLU K 132 -44.24 -4.85 -60.76
CA GLU K 132 -45.53 -5.36 -60.31
C GLU K 132 -46.36 -5.84 -61.49
N SER K 133 -46.42 -5.05 -62.56
CA SER K 133 -47.20 -5.44 -63.73
C SER K 133 -46.64 -6.68 -64.40
N LYS K 134 -45.31 -6.74 -64.55
CA LYS K 134 -44.71 -7.92 -65.18
C LYS K 134 -44.96 -9.17 -64.35
N PHE K 135 -44.79 -9.06 -63.04
CA PHE K 135 -45.03 -10.22 -62.18
C PHE K 135 -46.49 -10.64 -62.21
N THR K 136 -47.41 -9.67 -62.23
CA THR K 136 -48.83 -9.98 -62.27
C THR K 136 -49.19 -10.72 -63.55
N GLU K 137 -48.73 -10.20 -64.70
CA GLU K 137 -49.06 -10.87 -65.95
C GLU K 137 -48.39 -12.23 -66.06
N LYS K 138 -47.18 -12.38 -65.51
CA LYS K 138 -46.50 -13.67 -65.57
C LYS K 138 -47.20 -14.70 -64.69
N ILE K 139 -47.64 -14.29 -63.51
CA ILE K 139 -48.31 -15.25 -62.61
C ILE K 139 -49.70 -15.58 -63.13
N LYS K 140 -50.39 -14.61 -63.74
CA LYS K 140 -51.69 -14.91 -64.33
C LYS K 140 -51.56 -15.84 -65.52
N SER K 141 -50.58 -15.60 -66.39
CA SER K 141 -50.36 -16.50 -67.52
C SER K 141 -49.88 -17.86 -67.05
N MET K 142 -48.85 -17.88 -66.20
CA MET K 142 -48.27 -19.11 -65.66
C MET K 142 -47.88 -20.09 -66.76
N UNK L 1 -67.10 -4.37 -30.92
CA UNK L 1 -65.87 -3.94 -30.28
C UNK L 1 -65.53 -4.83 -29.08
N UNK L 2 -64.52 -4.41 -28.32
CA UNK L 2 -64.07 -5.11 -27.12
C UNK L 2 -63.56 -6.53 -27.41
N UNK L 3 -62.99 -7.15 -26.38
CA UNK L 3 -62.48 -8.51 -26.48
C UNK L 3 -62.33 -9.12 -25.09
N UNK L 4 -63.09 -8.56 -24.14
CA UNK L 4 -63.11 -9.02 -22.76
C UNK L 4 -61.72 -9.00 -22.10
N UNK L 5 -60.89 -9.98 -22.45
CA UNK L 5 -59.55 -10.13 -21.90
C UNK L 5 -59.57 -10.29 -20.39
N UNK L 6 -60.67 -10.83 -19.87
CA UNK L 6 -60.87 -11.03 -18.43
C UNK L 6 -60.64 -9.75 -17.64
N LEU L 33 -56.63 -20.88 -0.97
CA LEU L 33 -55.67 -21.36 0.00
C LEU L 33 -55.57 -22.88 -0.04
N LYS L 34 -54.58 -23.39 -0.75
CA LYS L 34 -54.36 -24.83 -0.86
C LYS L 34 -52.85 -25.10 -0.89
N TYR L 35 -52.45 -26.18 -0.24
CA TYR L 35 -51.05 -26.59 -0.19
C TYR L 35 -50.94 -28.03 -0.66
N ILE L 36 -49.79 -28.36 -1.24
CA ILE L 36 -49.54 -29.69 -1.81
C ILE L 36 -48.39 -30.32 -1.04
N CYS L 37 -48.61 -31.53 -0.54
CA CYS L 37 -47.53 -32.28 0.09
C CYS L 37 -46.48 -32.65 -0.94
N ALA L 38 -45.21 -32.50 -0.57
CA ALA L 38 -44.13 -32.82 -1.50
C ALA L 38 -44.03 -34.31 -1.78
N GLU L 39 -44.53 -35.16 -0.89
CA GLU L 39 -44.43 -36.60 -1.04
C GLU L 39 -45.72 -37.21 -1.57
N CYS L 40 -46.84 -36.98 -0.89
CA CYS L 40 -48.10 -37.57 -1.30
C CYS L 40 -48.77 -36.82 -2.45
N SER L 41 -48.32 -35.59 -2.74
CA SER L 41 -48.88 -34.78 -3.82
C SER L 41 -50.39 -34.61 -3.68
N SER L 42 -50.85 -34.38 -2.45
CA SER L 42 -52.27 -34.24 -2.15
C SER L 42 -52.55 -32.83 -1.67
N LYS L 43 -53.72 -32.30 -2.05
CA LYS L 43 -54.11 -30.96 -1.64
C LYS L 43 -54.38 -30.92 -0.14
N LEU L 44 -54.02 -29.80 0.48
CA LEU L 44 -54.19 -29.61 1.91
C LEU L 44 -54.78 -28.24 2.19
N SER L 45 -55.45 -28.13 3.33
CA SER L 45 -55.97 -26.87 3.84
C SER L 45 -55.64 -26.80 5.32
N LEU L 46 -54.69 -25.94 5.67
CA LEU L 46 -54.19 -25.84 7.05
C LEU L 46 -54.92 -24.70 7.75
N SER L 47 -55.68 -25.03 8.80
CA SER L 47 -56.25 -24.02 9.66
C SER L 47 -55.15 -23.37 10.50
N ARG L 48 -55.46 -22.20 11.05
CA ARG L 48 -54.47 -21.47 11.82
C ARG L 48 -54.13 -22.23 13.09
N THR L 49 -52.83 -22.48 13.29
CA THR L 49 -52.29 -23.18 14.45
C THR L 49 -52.92 -24.56 14.61
N ASP L 50 -52.73 -25.40 13.59
CA ASP L 50 -53.04 -26.81 13.69
C ASP L 50 -51.81 -27.68 13.53
N ALA L 51 -51.05 -27.49 12.46
CA ALA L 51 -49.81 -28.23 12.19
C ALA L 51 -49.23 -27.67 10.88
N VAL L 52 -48.09 -28.23 10.48
CA VAL L 52 -47.50 -27.93 9.18
C VAL L 52 -47.23 -29.18 8.37
N ARG L 53 -47.40 -30.37 8.94
CA ARG L 53 -47.16 -31.61 8.25
C ARG L 53 -48.30 -31.93 7.29
N CYS L 54 -48.11 -32.98 6.50
CA CYS L 54 -49.14 -33.46 5.59
C CYS L 54 -50.11 -34.35 6.35
N LYS L 55 -51.07 -34.94 5.64
CA LYS L 55 -52.08 -35.79 6.27
C LYS L 55 -52.03 -37.23 5.81
N ASP L 56 -51.92 -37.47 4.49
CA ASP L 56 -51.84 -38.84 4.01
C ASP L 56 -50.57 -39.53 4.51
N CYS L 57 -49.46 -38.82 4.51
CA CYS L 57 -48.20 -39.29 5.07
C CYS L 57 -47.73 -38.32 6.14
N GLY L 58 -46.53 -38.57 6.66
CA GLY L 58 -45.97 -37.73 7.69
C GLY L 58 -44.99 -36.70 7.16
N HIS L 59 -45.07 -36.44 5.85
CA HIS L 59 -44.12 -35.52 5.23
C HIS L 59 -44.31 -34.10 5.76
N ARG L 60 -43.18 -33.43 5.99
CA ARG L 60 -43.18 -32.13 6.66
C ARG L 60 -42.95 -30.98 5.69
N ILE L 61 -42.95 -31.23 4.39
CA ILE L 61 -42.69 -30.21 3.38
C ILE L 61 -43.96 -29.96 2.59
N LEU L 62 -44.37 -28.70 2.51
CA LEU L 62 -45.56 -28.31 1.77
C LEU L 62 -45.22 -27.21 0.78
N LEU L 63 -45.82 -27.27 -0.40
CA LEU L 63 -45.62 -26.28 -1.46
C LEU L 63 -46.94 -25.55 -1.70
N LYS L 64 -46.86 -24.23 -1.78
CA LYS L 64 -48.05 -23.44 -2.05
C LYS L 64 -48.56 -23.71 -3.46
N ALA L 65 -49.87 -23.84 -3.60
CA ALA L 65 -50.46 -24.08 -4.91
C ALA L 65 -50.36 -22.83 -5.78
N ARG L 66 -50.52 -23.04 -7.08
CA ARG L 66 -50.51 -21.92 -8.02
C ARG L 66 -51.73 -21.04 -7.79
N THR L 67 -51.54 -19.73 -7.99
CA THR L 67 -52.63 -18.78 -7.80
C THR L 67 -53.74 -19.06 -8.81
N LYS L 68 -54.98 -18.84 -8.38
CA LYS L 68 -56.13 -18.93 -9.28
C LYS L 68 -56.35 -17.65 -10.05
N ARG L 69 -55.56 -16.61 -9.79
CA ARG L 69 -55.73 -15.32 -10.43
C ARG L 69 -55.06 -15.32 -11.81
N LEU L 70 -55.69 -14.63 -12.76
CA LEU L 70 -55.15 -14.56 -14.11
C LEU L 70 -53.79 -13.86 -14.12
N VAL L 71 -52.85 -14.44 -14.87
CA VAL L 71 -51.52 -13.88 -15.04
C VAL L 71 -51.28 -13.67 -16.53
N GLN L 72 -50.84 -12.47 -16.90
CA GLN L 72 -50.66 -12.10 -18.30
C GLN L 72 -49.17 -12.08 -18.64
N PHE L 73 -48.83 -12.74 -19.74
CA PHE L 73 -47.47 -12.75 -20.26
C PHE L 73 -47.47 -12.29 -21.71
N GLU L 74 -46.56 -11.41 -22.05
CA GLU L 74 -46.36 -11.03 -23.44
C GLU L 74 -45.59 -12.12 -24.17
N ALA L 75 -46.07 -12.50 -25.35
CA ALA L 75 -45.37 -13.46 -26.19
C ALA L 75 -44.21 -12.85 -26.95
N ARG L 76 -43.80 -11.64 -26.57
CA ARG L 76 -42.72 -10.93 -27.24
C ARG L 76 -41.36 -11.53 -26.90
N ILE M 71 25.57 -81.14 -11.66
CA ILE M 71 24.87 -82.41 -11.84
C ILE M 71 25.00 -83.26 -10.58
N GLU M 72 26.18 -83.23 -9.97
CA GLU M 72 26.42 -84.02 -8.76
C GLU M 72 25.63 -83.42 -7.59
N GLU M 73 24.92 -84.28 -6.87
CA GLU M 73 24.11 -83.83 -5.75
C GLU M 73 24.99 -83.41 -4.58
N PHE M 74 24.67 -82.26 -3.99
CA PHE M 74 25.44 -81.68 -2.89
C PHE M 74 24.46 -81.40 -1.76
N PRO M 75 24.09 -82.42 -0.99
CA PRO M 75 22.99 -82.27 -0.03
C PRO M 75 23.36 -81.38 1.15
N LEU M 76 22.33 -81.07 1.95
CA LEU M 76 22.49 -80.34 3.19
C LEU M 76 21.29 -80.67 4.08
N LYS M 77 21.52 -80.76 5.39
CA LYS M 77 20.49 -81.12 6.34
C LYS M 77 20.50 -80.16 7.51
N ILE M 78 19.32 -79.77 7.98
CA ILE M 78 19.18 -78.89 9.12
C ILE M 78 18.99 -79.74 10.38
N SER M 79 19.77 -79.43 11.41
CA SER M 79 19.72 -80.15 12.67
C SER M 79 18.72 -79.48 13.61
N GLY M 80 18.75 -79.90 14.88
CA GLY M 80 17.90 -79.30 15.89
C GLY M 80 18.38 -77.93 16.30
N GLU M 81 17.61 -77.32 17.20
CA GLU M 81 17.94 -75.97 17.64
C GLU M 81 19.18 -75.95 18.53
N GLU M 82 19.40 -77.00 19.32
CA GLU M 82 20.49 -77.06 20.30
C GLU M 82 20.49 -75.80 21.17
N GLU M 83 19.32 -75.49 21.71
CA GLU M 83 19.06 -74.25 22.46
C GLU M 83 19.40 -73.09 21.53
N SER M 84 20.16 -72.09 21.97
CA SER M 84 20.46 -70.92 21.14
C SER M 84 21.97 -70.72 21.08
N LEU M 85 22.49 -70.54 19.88
CA LEU M 85 23.88 -70.16 19.68
C LEU M 85 23.91 -68.79 19.00
N HIS M 86 24.67 -67.86 19.56
CA HIS M 86 24.70 -66.49 19.08
C HIS M 86 25.89 -66.27 18.14
N VAL M 87 25.91 -65.10 17.53
CA VAL M 87 26.98 -64.70 16.62
C VAL M 87 27.52 -63.36 17.10
N PHE M 88 28.85 -63.27 17.21
CA PHE M 88 29.55 -62.05 17.58
C PHE M 88 30.17 -61.43 16.34
N GLN M 89 30.00 -60.13 16.16
CA GLN M 89 30.61 -59.39 15.06
C GLN M 89 31.42 -58.24 15.63
N TYR M 90 32.73 -58.29 15.42
CA TYR M 90 33.63 -57.22 15.88
C TYR M 90 33.69 -56.14 14.81
N ALA M 91 33.02 -55.02 15.07
CA ALA M 91 33.00 -53.92 14.12
C ALA M 91 34.37 -53.27 13.95
N ASN M 92 35.23 -53.37 14.95
CA ASN M 92 36.53 -52.70 14.90
C ASN M 92 37.61 -53.59 14.30
N ARG M 93 37.65 -54.86 14.68
CA ARG M 93 38.74 -55.74 14.28
C ARG M 93 38.55 -56.18 12.83
N PRO M 94 39.48 -55.86 11.93
CA PRO M 94 39.32 -56.29 10.53
C PRO M 94 40.03 -57.60 10.24
N ARG M 95 39.77 -58.18 9.08
CA ARG M 95 40.54 -59.32 8.61
C ARG M 95 41.90 -58.85 8.12
N LEU M 96 42.87 -59.77 8.13
CA LEU M 96 44.23 -59.41 7.77
C LEU M 96 44.32 -58.98 6.32
N VAL M 97 45.19 -58.00 6.06
CA VAL M 97 45.42 -57.53 4.71
C VAL M 97 46.03 -58.61 3.82
N GLY M 98 46.67 -59.62 4.42
CA GLY M 98 47.29 -60.69 3.67
C GLY M 98 46.30 -61.78 3.28
N ARG M 99 46.86 -62.85 2.72
CA ARG M 99 46.07 -63.99 2.29
C ARG M 99 45.71 -64.93 3.43
N LYS M 100 46.19 -64.68 4.65
CA LYS M 100 46.01 -65.57 5.79
C LYS M 100 45.35 -64.78 6.91
N PRO M 101 44.03 -64.60 6.89
CA PRO M 101 43.33 -63.85 7.94
C PRO M 101 43.02 -64.68 9.19
N ALA M 102 44.02 -65.42 9.64
CA ALA M 102 43.87 -66.27 10.83
C ALA M 102 44.40 -65.56 12.08
N GLU M 103 43.74 -64.47 12.43
CA GLU M 103 44.08 -63.70 13.62
C GLU M 103 42.87 -63.62 14.54
N HIS M 104 43.11 -63.80 15.84
CA HIS M 104 42.05 -63.74 16.83
C HIS M 104 42.62 -63.28 18.17
N PRO M 105 42.15 -62.16 18.70
CA PRO M 105 42.72 -61.65 19.96
C PRO M 105 42.39 -62.56 21.14
N PHE M 106 43.26 -62.52 22.14
CA PHE M 106 43.01 -63.25 23.37
C PHE M 106 41.77 -62.69 24.07
N ILE M 107 40.90 -63.57 24.52
CA ILE M 107 39.59 -63.17 25.01
C ILE M 107 39.32 -63.88 26.34
N SER M 108 38.73 -63.16 27.28
CA SER M 108 38.40 -63.68 28.60
C SER M 108 37.44 -62.71 29.28
N ALA M 109 36.90 -63.14 30.41
CA ALA M 109 36.00 -62.34 31.23
C ALA M 109 34.78 -61.88 30.43
N ALA M 110 33.99 -62.87 29.99
CA ALA M 110 32.78 -62.60 29.23
C ALA M 110 31.59 -62.47 30.18
N ARG M 111 30.85 -61.38 30.04
CA ARG M 111 29.67 -61.12 30.85
C ARG M 111 28.43 -61.15 29.95
N TYR M 112 27.45 -61.95 30.35
CA TYR M 112 26.19 -62.05 29.63
C TYR M 112 25.07 -61.42 30.45
N LYS M 113 24.01 -61.02 29.78
CA LYS M 113 22.86 -60.46 30.47
C LYS M 113 21.57 -60.88 29.74
N PRO M 114 20.79 -61.76 30.35
CA PRO M 114 19.51 -62.17 29.73
C PRO M 114 18.38 -61.24 30.11
N LYS M 115 17.26 -61.41 29.39
CA LYS M 115 16.04 -60.61 29.52
C LYS M 115 16.28 -59.17 29.07
N SER M 116 17.53 -58.86 28.73
CA SER M 116 17.88 -57.63 28.02
C SER M 116 18.85 -57.87 26.89
N HIS M 117 19.42 -59.07 26.78
CA HIS M 117 20.28 -59.47 25.66
C HIS M 117 21.49 -58.54 25.53
N LEU M 118 22.33 -58.57 26.56
CA LEU M 118 23.55 -57.76 26.60
C LEU M 118 24.77 -58.67 26.64
N TRP M 119 25.80 -58.29 25.89
CA TRP M 119 27.08 -59.00 25.87
C TRP M 119 28.20 -58.02 26.17
N GLU M 120 29.16 -58.47 26.99
CA GLU M 120 30.35 -57.67 27.30
C GLU M 120 31.56 -58.59 27.19
N ILE M 121 32.44 -58.29 26.23
CA ILE M 121 33.62 -59.10 25.95
C ILE M 121 34.85 -58.26 26.26
N ASP M 122 35.79 -58.84 27.00
CA ASP M 122 36.99 -58.14 27.45
C ASP M 122 38.21 -58.74 26.77
N ILE M 123 39.02 -57.88 26.16
CA ILE M 123 40.24 -58.29 25.48
C ILE M 123 41.43 -57.55 26.08
N PRO M 124 42.29 -58.23 26.85
CA PRO M 124 43.47 -57.56 27.40
C PRO M 124 44.43 -57.12 26.30
N LEU M 125 45.18 -56.06 26.60
CA LEU M 125 46.11 -55.46 25.66
C LEU M 125 47.54 -55.64 26.14
N ASP M 126 48.43 -55.88 25.19
CA ASP M 126 49.86 -55.99 25.48
C ASP M 126 50.43 -54.61 25.80
N GLU M 127 51.17 -54.52 26.89
CA GLU M 127 51.74 -53.24 27.34
C GLU M 127 53.09 -52.92 26.71
N GLN M 128 53.68 -53.85 25.95
CA GLN M 128 54.97 -53.60 25.34
C GLN M 128 54.88 -52.78 24.06
N ALA M 129 53.67 -52.49 23.59
CA ALA M 129 53.48 -51.76 22.33
C ALA M 129 52.34 -50.76 22.50
N PHE M 130 52.70 -49.49 22.68
CA PHE M 130 51.77 -48.37 22.63
C PHE M 130 50.65 -48.52 23.66
N TYR M 131 51.05 -48.48 24.94
CA TYR M 131 50.09 -48.58 26.02
C TYR M 131 49.83 -47.26 26.76
N ASN M 132 50.81 -46.37 26.83
CA ASN M 132 50.67 -45.09 27.55
C ASN M 132 50.35 -45.33 29.03
N LYS M 133 51.35 -45.88 29.72
CA LYS M 133 51.18 -46.29 31.11
C LYS M 133 50.85 -45.12 32.05
N ASP M 134 51.18 -43.89 31.66
CA ASP M 134 51.02 -42.77 32.59
C ASP M 134 49.56 -42.32 32.69
N LYS M 135 48.97 -41.85 31.58
CA LYS M 135 47.61 -41.33 31.64
C LYS M 135 46.58 -42.43 31.89
N ALA M 136 46.91 -43.68 31.58
CA ALA M 136 45.98 -44.78 31.83
C ALA M 136 45.62 -44.86 33.31
N GLU M 137 46.61 -44.71 34.19
CA GLU M 137 46.38 -44.69 35.63
C GLU M 137 46.16 -43.29 36.18
N SER M 138 46.59 -42.24 35.47
CA SER M 138 46.37 -40.89 35.96
C SER M 138 44.91 -40.47 35.81
N GLU M 139 44.30 -40.78 34.66
CA GLU M 139 42.92 -40.40 34.41
C GLU M 139 41.93 -41.50 34.78
N TRP M 140 42.30 -42.76 34.61
CA TRP M 140 41.47 -43.90 34.92
C TRP M 140 42.16 -44.75 35.98
N ASN M 141 41.57 -45.91 36.27
CA ASN M 141 42.20 -46.89 37.13
C ASN M 141 43.19 -47.72 36.32
N GLY M 142 43.57 -48.88 36.83
CA GLY M 142 44.48 -49.75 36.11
C GLY M 142 43.81 -50.47 34.97
N VAL M 143 43.40 -49.70 33.96
CA VAL M 143 42.69 -50.24 32.80
C VAL M 143 43.72 -50.65 31.74
N ASN M 144 43.64 -51.91 31.32
CA ASN M 144 44.50 -52.42 30.26
C ASN M 144 43.71 -53.22 29.22
N VAL M 145 42.38 -53.25 29.33
CA VAL M 145 41.54 -54.03 28.46
C VAL M 145 40.36 -53.17 28.01
N GLN M 146 40.12 -53.10 26.71
CA GLN M 146 38.95 -52.41 26.19
C GLN M 146 37.72 -53.30 26.32
N THR M 147 36.61 -52.70 26.74
CA THR M 147 35.37 -53.41 26.96
C THR M 147 34.49 -53.28 25.72
N LEU M 148 34.16 -54.41 25.11
CA LEU M 148 33.30 -54.46 23.93
C LEU M 148 31.89 -54.80 24.40
N LYS M 149 30.99 -53.82 24.33
CA LYS M 149 29.60 -54.02 24.70
C LYS M 149 28.76 -54.19 23.43
N GLY M 150 27.68 -54.97 23.58
CA GLY M 150 26.81 -55.21 22.44
C GLY M 150 25.43 -55.64 22.89
N VAL M 151 24.46 -55.42 22.00
CA VAL M 151 23.08 -55.80 22.22
C VAL M 151 22.72 -56.89 21.23
N GLY M 152 22.24 -58.02 21.73
CA GLY M 152 21.87 -59.13 20.88
C GLY M 152 20.50 -58.96 20.26
N VAL M 153 20.47 -58.65 18.97
CA VAL M 153 19.22 -58.45 18.24
C VAL M 153 18.79 -59.77 17.64
N GLU M 154 17.48 -60.02 17.64
CA GLU M 154 16.92 -61.23 17.06
C GLU M 154 16.71 -61.05 15.57
N ASN M 155 17.09 -62.06 14.79
CA ASN M 155 16.95 -62.02 13.33
C ASN M 155 16.64 -63.43 12.86
N ASN M 156 15.38 -63.68 12.51
CA ASN M 156 14.97 -64.99 12.04
C ASN M 156 15.53 -65.27 10.65
N GLY M 157 15.61 -66.55 10.32
CA GLY M 157 16.11 -66.99 9.03
C GLY M 157 17.61 -67.03 8.91
N GLN M 158 18.35 -66.69 9.97
CA GLN M 158 19.81 -66.71 9.94
C GLN M 158 20.28 -68.06 10.47
N TYR M 159 20.90 -68.85 9.60
CA TYR M 159 21.39 -70.18 9.94
C TYR M 159 22.90 -70.25 9.73
N ALA M 160 23.59 -70.85 10.67
CA ALA M 160 25.03 -71.09 10.55
C ALA M 160 25.28 -72.47 9.96
N ALA M 161 26.19 -72.54 9.00
CA ALA M 161 26.46 -73.75 8.25
C ALA M 161 27.91 -74.17 8.42
N PHE M 162 28.13 -75.48 8.57
CA PHE M 162 29.47 -76.04 8.58
C PHE M 162 29.48 -77.33 7.79
N VAL M 163 30.66 -77.71 7.31
CA VAL M 163 30.85 -78.86 6.44
C VAL M 163 31.58 -79.93 7.21
N LYS M 164 30.91 -81.06 7.44
CA LYS M 164 31.51 -82.24 8.05
C LYS M 164 31.86 -83.31 7.02
N ASP M 165 30.92 -83.60 6.12
CA ASP M 165 31.14 -84.51 5.01
C ASP M 165 30.76 -83.78 3.73
N MET M 166 30.59 -84.53 2.63
CA MET M 166 30.18 -83.91 1.37
C MET M 166 28.95 -83.03 1.52
N GLN M 167 28.11 -83.28 2.53
CA GLN M 167 26.92 -82.48 2.75
C GLN M 167 27.23 -81.30 3.67
N VAL M 168 26.19 -80.54 4.01
CA VAL M 168 26.30 -79.33 4.82
C VAL M 168 25.33 -79.44 5.99
N TYR M 169 25.78 -79.03 7.17
CA TYR M 169 24.96 -79.04 8.37
C TYR M 169 24.63 -77.61 8.79
N LEU M 170 23.34 -77.33 8.94
CA LEU M 170 22.84 -76.02 9.32
C LEU M 170 22.34 -76.04 10.76
N VAL M 171 22.32 -74.87 11.37
CA VAL M 171 21.84 -74.73 12.74
C VAL M 171 21.29 -73.32 12.94
N PRO M 172 20.13 -73.15 13.58
CA PRO M 172 19.57 -71.82 13.77
C PRO M 172 20.46 -70.95 14.65
N ILE M 173 20.44 -69.65 14.37
CA ILE M 173 21.22 -68.67 15.11
C ILE M 173 20.36 -67.88 16.09
N GLU M 174 19.27 -67.28 15.60
CA GLU M 174 18.23 -66.64 16.40
C GLU M 174 18.74 -65.46 17.21
N ARG M 175 20.02 -65.11 17.08
CA ARG M 175 20.56 -63.97 17.79
C ARG M 175 21.90 -63.53 17.22
N VAL M 176 22.01 -62.25 16.83
CA VAL M 176 23.24 -61.68 16.31
C VAL M 176 23.56 -60.43 17.10
N ALA M 177 24.84 -60.25 17.45
CA ALA M 177 25.26 -59.10 18.22
C ALA M 177 26.50 -58.49 17.59
N GLN M 178 26.47 -57.19 17.36
CA GLN M 178 27.64 -56.42 16.93
C GLN M 178 28.24 -55.73 18.14
N LEU M 179 29.49 -56.01 18.43
CA LEU M 179 30.17 -55.52 19.62
C LEU M 179 30.97 -54.27 19.28
N LYS M 180 30.81 -53.22 20.08
CA LYS M 180 31.51 -51.96 19.89
C LYS M 180 32.17 -51.56 21.20
N PRO M 181 33.28 -50.83 21.15
CA PRO M 181 33.99 -50.48 22.39
C PRO M 181 33.10 -49.71 23.35
N PHE M 182 33.24 -50.03 24.64
CA PHE M 182 32.50 -49.41 25.72
C PHE M 182 33.48 -48.74 26.67
N PHE M 183 33.26 -47.46 26.95
CA PHE M 183 34.15 -46.68 27.80
C PHE M 183 33.61 -46.67 29.23
N LYS M 184 33.76 -47.83 29.89
CA LYS M 184 33.29 -47.98 31.26
C LYS M 184 34.10 -47.09 32.21
N TYR M 185 35.41 -46.99 31.99
CA TYR M 185 36.25 -46.20 32.89
C TYR M 185 35.88 -44.73 32.86
N ILE M 186 35.46 -44.21 31.72
CA ILE M 186 35.02 -42.81 31.66
C ILE M 186 33.79 -42.59 32.52
N ASP M 187 32.82 -43.51 32.42
CA ASP M 187 31.62 -43.41 33.24
C ASP M 187 31.96 -43.51 34.72
N ASP M 188 32.85 -44.43 35.09
CA ASP M 188 33.25 -44.57 36.48
C ASP M 188 33.94 -43.29 36.97
N ALA M 189 34.84 -42.72 36.17
CA ALA M 189 35.53 -41.50 36.56
C ALA M 189 34.54 -40.36 36.74
N ASN M 190 33.57 -40.23 35.84
CA ASN M 190 32.59 -39.16 35.95
C ASN M 190 31.72 -39.35 37.20
N VAL M 191 31.28 -40.57 37.47
CA VAL M 191 30.41 -40.79 38.63
C VAL M 191 31.19 -40.60 39.93
N THR M 192 32.50 -40.87 39.92
CA THR M 192 33.31 -40.62 41.11
C THR M 192 33.58 -39.13 41.29
N ARG M 193 33.74 -38.39 40.19
CA ARG M 193 34.02 -36.96 40.28
C ARG M 193 32.77 -36.16 40.63
N LYS M 194 31.59 -36.62 40.22
CA LYS M 194 30.37 -35.88 40.51
C LYS M 194 29.95 -36.01 41.96
N GLN M 195 30.26 -37.12 42.62
CA GLN M 195 29.81 -37.36 43.99
C GLN M 195 30.53 -36.47 45.00
N GLU M 196 31.61 -35.80 44.61
CA GLU M 196 32.35 -34.94 45.54
C GLU M 196 32.03 -33.48 45.29
N ASN M 225 3.87 -42.79 37.64
CA ASN M 225 5.29 -43.12 37.55
C ASN M 225 5.50 -44.42 36.77
N ARG M 226 4.82 -44.55 35.64
CA ARG M 226 4.94 -45.76 34.83
C ARG M 226 6.35 -45.93 34.30
N LEU M 227 6.95 -44.86 33.79
CA LEU M 227 8.26 -44.90 33.15
C LEU M 227 8.27 -45.94 32.04
N THR M 228 7.44 -45.71 31.03
CA THR M 228 7.24 -46.65 29.95
C THR M 228 8.26 -46.41 28.83
N GLY M 229 8.11 -47.17 27.75
CA GLY M 229 8.99 -47.04 26.61
C GLY M 229 10.32 -47.73 26.82
N SER M 230 11.23 -47.49 25.86
CA SER M 230 12.56 -48.09 25.92
C SER M 230 13.29 -47.69 27.20
N LEU M 231 12.94 -46.54 27.77
CA LEU M 231 13.49 -46.13 29.05
C LEU M 231 13.36 -47.25 30.09
N LEU M 232 12.16 -47.83 30.17
CA LEU M 232 11.94 -48.96 31.09
C LEU M 232 12.94 -50.06 30.81
N ALA M 233 13.12 -50.41 29.54
CA ALA M 233 14.13 -51.40 29.18
C ALA M 233 15.51 -50.97 29.66
N HIS M 234 15.86 -49.70 29.40
CA HIS M 234 17.13 -49.18 29.91
C HIS M 234 17.22 -49.34 31.41
N LYS M 235 16.11 -49.12 32.13
CA LYS M 235 16.08 -49.33 33.56
C LYS M 235 16.56 -50.74 33.90
N VAL M 236 15.97 -51.75 33.26
CA VAL M 236 16.41 -53.12 33.47
C VAL M 236 17.89 -53.23 33.18
N ALA M 237 18.33 -52.64 32.05
CA ALA M 237 19.72 -52.75 31.64
C ALA M 237 20.68 -52.23 32.71
N ASP M 238 20.21 -51.34 33.58
CA ASP M 238 21.07 -50.85 34.65
C ASP M 238 20.41 -51.01 36.02
N GLU M 239 19.66 -52.10 36.21
CA GLU M 239 19.17 -52.44 37.54
C GLU M 239 19.77 -53.74 38.05
N GLU M 240 19.61 -54.84 37.29
CA GLU M 240 20.26 -56.10 37.60
C GLU M 240 20.85 -56.65 36.30
N ALA M 241 22.08 -57.14 36.37
CA ALA M 241 22.81 -57.54 35.17
C ALA M 241 24.06 -58.30 35.58
N ASN M 242 24.93 -58.56 34.60
CA ASN M 242 26.31 -59.01 34.81
C ASN M 242 26.36 -60.33 35.58
N ILE M 243 25.80 -61.37 34.95
CA ILE M 243 26.02 -62.74 35.39
C ILE M 243 27.28 -63.25 34.70
N GLU M 244 28.25 -63.70 35.49
CA GLU M 244 29.56 -64.02 34.96
C GLU M 244 29.51 -65.28 34.11
N LEU M 245 30.50 -65.40 33.23
CA LEU M 245 30.58 -66.54 32.31
C LEU M 245 32.03 -66.78 31.92
N THR M 246 32.29 -67.98 31.44
CA THR M 246 33.63 -68.43 31.08
C THR M 246 33.77 -68.55 29.56
N TRP M 247 34.97 -68.94 29.14
CA TRP M 247 35.27 -69.14 27.72
C TRP M 247 35.86 -70.52 27.50
N ALA M 248 35.90 -70.93 26.24
CA ALA M 248 36.47 -72.22 25.87
C ALA M 248 36.88 -72.16 24.41
N GLU M 249 38.18 -72.30 24.15
CA GLU M 249 38.70 -72.23 22.80
C GLU M 249 38.74 -73.64 22.20
N GLY M 250 38.03 -73.82 21.09
CA GLY M 250 37.98 -75.13 20.45
C GLY M 250 36.99 -76.07 21.09
N THR M 251 36.21 -76.77 20.28
CA THR M 251 35.19 -77.67 20.81
C THR M 251 34.88 -78.74 19.77
N PHE M 252 34.33 -79.85 20.25
CA PHE M 252 33.86 -80.92 19.40
C PHE M 252 32.49 -81.47 19.79
N GLU M 253 32.03 -81.25 21.02
CA GLU M 253 30.75 -81.80 21.43
C GLU M 253 29.58 -81.11 20.74
N GLN M 254 29.70 -79.81 20.45
CA GLN M 254 28.66 -79.12 19.69
C GLN M 254 28.56 -79.70 18.28
N PHE M 255 29.72 -79.91 17.64
CA PHE M 255 29.72 -80.52 16.30
C PHE M 255 29.13 -81.92 16.33
N LYS M 256 29.49 -82.72 17.34
CA LYS M 256 28.96 -84.07 17.43
C LYS M 256 27.45 -84.07 17.65
N ASP M 257 26.96 -83.21 18.55
CA ASP M 257 25.53 -83.15 18.80
C ASP M 257 24.76 -82.60 17.62
N THR M 258 25.39 -81.76 16.79
CA THR M 258 24.74 -81.31 15.57
C THR M 258 24.76 -82.37 14.48
N ILE M 259 25.79 -83.22 14.45
CA ILE M 259 25.93 -84.21 13.38
C ILE M 259 25.25 -85.53 13.68
N VAL M 260 24.92 -85.83 14.94
CA VAL M 260 24.35 -87.13 15.28
C VAL M 260 22.92 -87.27 14.76
N LYS M 261 22.40 -86.22 14.10
CA LYS M 261 21.07 -86.31 13.53
C LYS M 261 21.00 -87.39 12.46
N GLU M 262 22.07 -87.53 11.67
CA GLU M 262 22.27 -88.58 10.67
C GLU M 262 21.02 -88.86 9.83
N ALA M 263 20.27 -87.82 9.52
CA ALA M 263 19.09 -87.90 8.64
C ALA M 263 18.08 -88.94 9.13
N GLU M 264 17.96 -89.10 10.46
CA GLU M 264 16.99 -90.04 10.99
C GLU M 264 15.56 -89.55 10.78
N ASP M 265 15.38 -88.22 10.70
CA ASP M 265 14.08 -87.62 10.41
C ASP M 265 14.29 -86.70 9.21
N LYS M 266 14.13 -87.25 8.00
CA LYS M 266 14.40 -86.50 6.79
C LYS M 266 13.43 -85.33 6.62
N THR M 267 12.20 -85.49 7.10
CA THR M 267 11.18 -84.43 7.06
C THR M 267 10.96 -83.93 5.63
N LEU M 268 10.75 -84.88 4.72
CA LEU M 268 10.50 -84.56 3.32
C LEU M 268 9.02 -84.33 3.03
N VAL M 269 8.14 -84.57 3.99
CA VAL M 269 6.71 -84.39 3.76
C VAL M 269 6.41 -82.91 3.58
N ALA M 270 5.65 -82.58 2.53
CA ALA M 270 5.31 -81.20 2.24
C ALA M 270 4.05 -81.18 1.39
N LEU M 271 2.94 -80.74 1.98
CA LEU M 271 1.67 -80.70 1.26
C LEU M 271 1.65 -79.62 0.19
N GLU M 272 2.39 -78.52 0.41
CA GLU M 272 2.36 -77.40 -0.51
C GLU M 272 3.21 -77.68 -1.75
N LYS M 273 3.08 -76.79 -2.74
CA LYS M 273 3.86 -76.89 -3.96
C LYS M 273 4.58 -75.56 -4.21
N GLN M 274 5.16 -75.41 -5.40
CA GLN M 274 5.85 -74.17 -5.75
C GLN M 274 4.90 -72.98 -5.69
N GLU M 275 3.75 -73.09 -6.37
CA GLU M 275 2.81 -71.97 -6.42
C GLU M 275 2.19 -71.70 -5.05
N ASP M 276 1.88 -72.76 -4.29
CA ASP M 276 1.31 -72.57 -2.97
C ASP M 276 2.29 -71.84 -2.05
N TYR M 277 3.56 -72.23 -2.08
CA TYR M 277 4.57 -71.55 -1.27
C TYR M 277 4.75 -70.11 -1.72
N ILE M 278 4.72 -69.87 -3.04
CA ILE M 278 4.82 -68.49 -3.54
C ILE M 278 3.66 -67.66 -3.02
N ASP M 279 2.45 -68.23 -3.02
CA ASP M 279 1.28 -67.48 -2.55
C ASP M 279 1.34 -67.25 -1.05
N ASN M 280 1.88 -68.19 -0.29
CA ASN M 280 1.87 -68.14 1.17
C ASN M 280 3.22 -67.73 1.75
N LEU M 281 3.93 -66.81 1.10
CA LEU M 281 5.21 -66.33 1.61
C LEU M 281 5.05 -65.68 2.99
N LYS N 274 22.92 -54.53 -20.32
CA LYS N 274 23.52 -53.56 -19.41
C LYS N 274 23.50 -54.07 -17.97
N GLU N 275 22.52 -53.62 -17.20
CA GLU N 275 22.41 -54.04 -15.81
C GLU N 275 22.15 -55.54 -15.70
N ALA N 276 21.29 -56.08 -16.56
CA ALA N 276 20.97 -57.50 -16.49
C ALA N 276 22.18 -58.37 -16.82
N ALA N 277 22.94 -57.99 -17.86
CA ALA N 277 24.12 -58.77 -18.24
C ALA N 277 25.18 -58.73 -17.15
N ALA N 278 25.43 -57.55 -16.59
CA ALA N 278 26.41 -57.44 -15.51
C ALA N 278 25.95 -58.23 -14.29
N GLU N 279 24.65 -58.20 -13.99
CA GLU N 279 24.13 -58.98 -12.87
C GLU N 279 24.32 -60.47 -13.11
N LEU N 280 24.06 -60.93 -14.35
CA LEU N 280 24.24 -62.34 -14.66
C LEU N 280 25.70 -62.75 -14.54
N GLU N 281 26.61 -61.92 -15.05
CA GLU N 281 28.03 -62.23 -14.94
C GLU N 281 28.47 -62.28 -13.48
N LEU N 282 28.01 -61.32 -12.67
CA LEU N 282 28.35 -61.32 -11.25
C LEU N 282 27.78 -62.53 -10.54
N LEU N 283 26.56 -62.94 -10.92
CA LEU N 283 25.95 -64.13 -10.33
C LEU N 283 26.74 -65.38 -10.68
N ASN N 284 27.19 -65.50 -11.93
CA ASN N 284 28.01 -66.65 -12.30
C ASN N 284 29.33 -66.65 -11.55
N ALA N 285 29.96 -65.47 -11.41
CA ALA N 285 31.20 -65.37 -10.65
C ALA N 285 30.99 -65.76 -9.20
N ASP N 286 29.89 -65.32 -8.60
CA ASP N 286 29.58 -65.68 -7.22
C ASP N 286 29.28 -67.17 -7.10
N HIS N 287 28.62 -67.76 -8.09
CA HIS N 287 28.36 -69.19 -8.08
C HIS N 287 29.67 -69.98 -8.06
N GLN N 288 30.58 -69.67 -8.99
CA GLN N 288 31.84 -70.41 -9.01
C GLN N 288 32.66 -70.13 -7.76
N HIS N 289 32.66 -68.89 -7.28
CA HIS N 289 33.41 -68.55 -6.07
C HIS N 289 32.88 -69.31 -4.86
N ILE N 290 31.56 -69.40 -4.72
CA ILE N 290 31.01 -70.09 -3.56
C ILE N 290 31.19 -71.60 -3.69
N LEU N 291 31.17 -72.14 -4.92
CA LEU N 291 31.50 -73.56 -5.07
C LEU N 291 32.93 -73.84 -4.65
N ARG N 292 33.86 -72.96 -5.06
CA ARG N 292 35.25 -73.11 -4.63
C ARG N 292 35.38 -72.97 -3.12
N LYS N 293 34.64 -72.03 -2.52
CA LYS N 293 34.70 -71.84 -1.08
C LYS N 293 34.16 -73.06 -0.34
N LEU N 294 33.07 -73.64 -0.82
CA LEU N 294 32.52 -74.84 -0.21
C LEU N 294 33.50 -76.00 -0.32
N LYS N 295 34.14 -76.15 -1.47
CA LYS N 295 35.15 -77.20 -1.61
C LYS N 295 36.34 -76.96 -0.68
N LYS N 296 36.75 -75.69 -0.53
CA LYS N 296 37.95 -75.38 0.23
C LYS N 296 37.72 -75.53 1.73
N MET N 297 36.55 -75.14 2.22
CA MET N 297 36.26 -75.21 3.65
C MET N 297 35.73 -76.57 4.06
N ASN N 298 35.97 -77.61 3.26
CA ASN N 298 35.63 -78.96 3.68
C ASN N 298 36.39 -79.36 4.94
N ASN N 299 37.60 -78.84 5.11
CA ASN N 299 38.29 -78.99 6.39
C ASN N 299 37.53 -78.24 7.47
N LYS N 300 37.49 -78.83 8.67
CA LYS N 300 36.58 -78.32 9.68
C LYS N 300 37.26 -77.97 11.00
N PRO N 301 38.39 -77.23 11.00
CA PRO N 301 39.03 -76.91 12.28
C PRO N 301 38.15 -76.04 13.16
N GLU N 302 37.82 -74.84 12.67
CA GLU N 302 36.93 -73.96 13.41
C GLU N 302 36.01 -73.11 12.54
N ARG N 303 36.03 -73.28 11.22
CA ARG N 303 35.36 -72.33 10.33
C ARG N 303 33.88 -72.67 10.14
N PHE N 304 33.07 -71.63 10.00
CA PHE N 304 31.64 -71.72 9.76
C PHE N 304 31.27 -70.92 8.51
N MET N 305 29.97 -70.90 8.22
CA MET N 305 29.40 -70.04 7.19
C MET N 305 27.96 -69.78 7.56
N VAL N 306 27.49 -68.56 7.30
CA VAL N 306 26.18 -68.10 7.76
C VAL N 306 25.23 -68.03 6.57
N PHE N 307 24.08 -68.68 6.70
CA PHE N 307 23.05 -68.71 5.68
C PHE N 307 21.86 -67.87 6.11
N GLN N 308 21.25 -67.20 5.15
CA GLN N 308 19.99 -66.48 5.35
C GLN N 308 18.91 -67.20 4.55
N LEU N 309 17.80 -67.53 5.21
CA LEU N 309 16.73 -68.28 4.57
C LEU N 309 15.41 -67.53 4.75
N PRO N 310 14.49 -67.69 3.81
CA PRO N 310 13.14 -67.16 4.02
C PRO N 310 12.47 -67.84 5.20
N THR N 311 11.69 -67.07 5.94
CA THR N 311 11.03 -67.59 7.13
C THR N 311 9.88 -68.51 6.73
N ARG N 312 9.12 -68.95 7.72
CA ARG N 312 7.93 -69.79 7.66
C ARG N 312 8.27 -71.26 7.39
N LEU N 313 9.53 -71.59 7.07
CA LEU N 313 9.98 -72.98 6.94
C LEU N 313 9.07 -73.78 6.00
N PRO N 314 9.20 -73.58 4.68
CA PRO N 314 8.29 -74.28 3.75
C PRO N 314 8.42 -75.79 3.84
N ALA N 315 7.38 -76.43 4.36
CA ALA N 315 7.39 -77.88 4.54
C ALA N 315 5.98 -78.43 4.75
N VAL N 360 15.73 -82.35 4.65
CA VAL N 360 15.33 -81.28 3.75
C VAL N 360 15.81 -81.56 2.32
N GLY N 361 16.29 -80.52 1.64
CA GLY N 361 16.71 -80.61 0.28
C GLY N 361 18.22 -80.66 0.11
N SER N 362 18.66 -80.29 -1.09
CA SER N 362 20.08 -80.36 -1.45
C SER N 362 20.47 -79.11 -2.21
N ILE N 363 21.73 -78.71 -2.05
CA ILE N 363 22.29 -77.60 -2.83
C ILE N 363 22.82 -78.22 -4.12
N ARG N 364 21.91 -78.44 -5.07
CA ARG N 364 22.24 -79.16 -6.29
C ARG N 364 22.97 -78.21 -7.24
N VAL N 365 24.18 -78.60 -7.63
CA VAL N 365 24.98 -77.82 -8.58
C VAL N 365 24.69 -78.31 -9.99
N HIS N 366 24.51 -77.37 -10.91
CA HIS N 366 24.18 -77.68 -12.29
C HIS N 366 25.44 -77.60 -13.15
N LYS N 367 25.25 -77.85 -14.45
CA LYS N 367 26.34 -77.68 -15.40
C LYS N 367 26.67 -76.21 -15.57
N SER N 368 27.92 -75.94 -15.96
CA SER N 368 28.42 -74.58 -16.18
C SER N 368 28.33 -73.73 -14.91
N GLY N 369 28.54 -74.35 -13.76
CA GLY N 369 28.61 -73.61 -12.51
C GLY N 369 27.34 -72.91 -12.08
N LYS N 370 26.19 -73.59 -12.14
CA LYS N 370 24.93 -73.05 -11.65
C LYS N 370 24.53 -73.79 -10.38
N LEU N 371 24.22 -73.04 -9.33
CA LEU N 371 23.89 -73.61 -8.02
C LEU N 371 22.46 -73.27 -7.64
N SER N 372 21.75 -74.25 -7.09
CA SER N 372 20.39 -74.05 -6.64
C SER N 372 20.11 -75.00 -5.49
N VAL N 373 19.08 -74.67 -4.71
CA VAL N 373 18.72 -75.46 -3.53
C VAL N 373 17.27 -75.90 -3.66
N LYS N 374 16.92 -76.90 -2.86
CA LYS N 374 15.55 -77.40 -2.79
C LYS N 374 15.21 -77.67 -1.33
N ILE N 375 13.92 -77.92 -1.09
CA ILE N 375 13.41 -78.31 0.22
C ILE N 375 12.60 -79.58 0.01
N GLY N 376 11.94 -80.06 1.07
CA GLY N 376 11.08 -81.23 0.93
C GLY N 376 10.00 -81.01 -0.13
N ASN N 377 9.41 -79.82 -0.16
CA ASN N 377 8.60 -79.41 -1.28
C ASN N 377 9.49 -79.07 -2.47
N VAL N 378 8.99 -79.34 -3.67
CA VAL N 378 9.78 -79.05 -4.87
C VAL N 378 9.78 -77.54 -5.10
N VAL N 379 10.86 -76.87 -4.68
CA VAL N 379 10.99 -75.44 -4.84
C VAL N 379 12.47 -75.11 -5.02
N MET N 380 12.80 -74.47 -6.13
CA MET N 380 14.19 -74.20 -6.50
C MET N 380 14.51 -72.74 -6.16
N ASP N 381 14.96 -72.50 -4.93
CA ASP N 381 15.30 -71.15 -4.48
C ASP N 381 16.61 -70.74 -5.13
N ILE N 382 16.52 -70.06 -6.27
CA ILE N 382 17.71 -69.66 -7.02
C ILE N 382 18.14 -68.30 -6.47
N GLY N 383 18.88 -68.34 -5.37
CA GLY N 383 19.53 -67.17 -4.84
C GLY N 383 20.83 -67.54 -4.16
N LYS N 384 21.94 -67.00 -4.64
CA LYS N 384 23.26 -67.39 -4.14
C LYS N 384 24.17 -66.18 -4.10
N GLY N 385 24.88 -66.02 -2.98
CA GLY N 385 25.88 -64.98 -2.86
C GLY N 385 25.38 -63.76 -2.11
N ALA N 386 25.69 -63.69 -0.82
CA ALA N 386 25.37 -62.54 -0.01
C ALA N 386 26.49 -61.51 -0.15
N GLU N 387 26.48 -60.49 0.70
CA GLU N 387 27.52 -59.48 0.65
C GLU N 387 28.89 -60.10 0.89
N THR N 388 29.88 -59.63 0.15
CA THR N 388 31.28 -59.98 0.37
C THR N 388 31.91 -59.13 1.47
N THR N 389 31.08 -58.58 2.36
CA THR N 389 31.54 -57.72 3.43
C THR N 389 32.68 -58.36 4.21
N PHE N 390 33.63 -57.54 4.62
CA PHE N 390 34.80 -57.99 5.35
C PHE N 390 35.19 -56.89 6.32
N LEU N 391 36.43 -56.94 6.82
CA LEU N 391 36.93 -56.02 7.85
C LEU N 391 35.95 -55.88 9.01
N GLN N 392 35.21 -56.95 9.28
CA GLN N 392 34.33 -57.07 10.46
C GLN N 392 34.49 -58.50 10.96
N ASP N 393 35.42 -58.70 11.89
CA ASP N 393 35.69 -60.03 12.41
C ASP N 393 34.45 -60.59 13.09
N VAL N 394 33.87 -61.64 12.53
CA VAL N 394 32.62 -62.20 13.00
C VAL N 394 32.88 -63.65 13.42
N ILE N 395 32.52 -63.97 14.67
CA ILE N 395 32.69 -65.31 15.21
C ILE N 395 31.37 -65.76 15.84
N ALA N 396 31.21 -67.07 15.96
CA ALA N 396 29.98 -67.67 16.46
C ALA N 396 30.25 -68.36 17.80
N LEU N 397 29.33 -68.16 18.74
CA LEU N 397 29.41 -68.81 20.05
C LEU N 397 28.11 -69.55 20.34
N SER N 398 27.94 -70.02 21.57
CA SER N 398 26.75 -70.76 21.96
C SER N 398 26.40 -70.42 23.41
N ILE N 399 25.28 -70.98 23.87
CA ILE N 399 24.82 -70.84 25.26
C ILE N 399 24.33 -72.20 25.73
N ALA N 400 24.72 -72.59 26.95
CA ALA N 400 24.41 -73.92 27.47
C ALA N 400 23.78 -73.80 28.86
N ASP N 401 22.46 -73.62 28.89
CA ASP N 401 21.65 -73.76 30.11
C ASP N 401 22.15 -72.89 31.25
N ASP N 402 22.64 -71.69 30.91
CA ASP N 402 23.02 -70.67 31.90
C ASP N 402 24.17 -71.12 32.79
N ALA N 403 24.71 -72.30 32.55
CA ALA N 403 25.86 -72.82 33.29
C ALA N 403 27.14 -72.30 32.62
N SER N 404 28.27 -72.93 32.94
CA SER N 404 29.51 -72.62 32.23
C SER N 404 29.27 -72.79 30.73
N SER N 405 29.29 -71.68 30.00
CA SER N 405 28.82 -71.68 28.62
C SER N 405 29.61 -70.61 27.85
N ALA N 406 29.09 -70.22 26.70
CA ALA N 406 29.77 -69.32 25.76
C ALA N 406 31.02 -70.00 25.19
N GLU N 407 30.82 -71.17 24.61
CA GLU N 407 31.90 -71.91 23.98
C GLU N 407 32.13 -71.36 22.58
N LEU N 408 33.36 -70.93 22.31
CA LEU N 408 33.70 -70.33 21.02
C LEU N 408 33.62 -71.40 19.94
N LEU N 409 32.62 -71.28 19.07
CA LEU N 409 32.44 -72.22 17.97
C LEU N 409 33.25 -71.85 16.74
N GLY N 410 33.89 -70.69 16.73
CA GLY N 410 34.78 -70.30 15.66
C GLY N 410 34.23 -69.15 14.84
N ARG N 411 35.02 -68.75 13.86
CA ARG N 411 34.66 -67.67 12.95
C ARG N 411 33.96 -68.22 11.72
N VAL N 412 33.42 -67.30 10.91
CA VAL N 412 32.75 -67.65 9.66
C VAL N 412 33.56 -67.07 8.52
N ASP N 413 33.54 -67.77 7.38
CA ASP N 413 34.29 -67.31 6.21
C ASP N 413 33.50 -66.26 5.43
N GLY N 414 32.32 -66.62 4.96
CA GLY N 414 31.48 -65.70 4.23
C GLY N 414 30.01 -65.85 4.56
N LYS N 415 29.13 -65.23 3.77
CA LYS N 415 27.70 -65.32 3.99
C LYS N 415 27.00 -65.68 2.69
N ILE N 416 25.92 -66.46 2.81
CA ILE N 416 25.08 -66.82 1.69
C ILE N 416 23.66 -66.40 2.01
N VAL N 417 22.98 -65.81 1.03
CA VAL N 417 21.56 -65.50 1.13
C VAL N 417 20.83 -66.21 0.01
N VAL N 418 19.73 -66.87 0.33
CA VAL N 418 18.93 -67.58 -0.66
C VAL N 418 17.61 -66.85 -0.83
N THR N 419 16.97 -67.09 -1.98
CA THR N 419 15.75 -66.39 -2.32
C THR N 419 14.93 -67.25 -3.26
N PRO N 420 13.63 -67.44 -2.99
CA PRO N 420 12.79 -68.13 -3.96
C PRO N 420 12.67 -67.34 -5.25
N GLN N 421 12.56 -68.04 -6.35
CA GLN N 421 12.47 -67.43 -7.67
C GLN N 421 11.12 -67.76 -8.31
N ILE N 422 10.97 -67.36 -9.56
CA ILE N 422 9.71 -67.54 -10.28
C ILE N 422 9.88 -68.54 -11.42
N LEU O 25 -20.91 15.43 42.61
CA LEU O 25 -19.91 15.26 41.56
C LEU O 25 -19.48 16.60 40.99
N VAL O 26 -18.18 16.74 40.73
CA VAL O 26 -17.61 17.98 40.22
C VAL O 26 -17.29 17.78 38.76
N THR O 27 -17.96 18.53 37.89
CA THR O 27 -17.74 18.42 36.46
C THR O 27 -16.37 18.99 36.09
N PRO O 28 -15.77 18.48 35.01
CA PRO O 28 -14.46 19.01 34.58
C PRO O 28 -14.48 20.50 34.28
N GLU O 29 -15.63 21.04 33.82
CA GLU O 29 -15.72 22.48 33.59
C GLU O 29 -15.52 23.27 34.87
N ASP O 30 -15.75 22.65 36.03
CA ASP O 30 -15.48 23.26 37.33
C ASP O 30 -14.13 22.85 37.90
N VAL O 31 -13.69 21.63 37.60
CA VAL O 31 -12.38 21.18 38.06
C VAL O 31 -11.28 22.03 37.44
N MET O 32 -11.41 22.34 36.15
CA MET O 32 -10.42 23.19 35.50
C MET O 32 -10.34 24.58 36.11
N THR O 33 -11.38 25.00 36.85
CA THR O 33 -11.43 26.33 37.43
C THR O 33 -11.02 26.37 38.90
N ILE O 34 -11.41 25.38 39.70
CA ILE O 34 -11.19 25.49 41.14
C ILE O 34 -10.36 24.32 41.68
N SER O 35 -9.46 23.77 40.87
CA SER O 35 -8.61 22.68 41.33
C SER O 35 -7.13 22.92 41.15
N SER O 36 -6.72 24.07 40.61
CA SER O 36 -5.32 24.39 40.38
C SER O 36 -4.62 23.32 39.54
N LEU O 37 -5.30 22.92 38.46
CA LEU O 37 -4.78 21.90 37.56
C LEU O 37 -4.09 22.49 36.34
N GLU O 38 -4.47 23.68 35.92
CA GLU O 38 -3.81 24.32 34.79
C GLU O 38 -2.36 24.66 35.12
N GLN O 39 -2.11 25.14 36.34
CA GLN O 39 -0.76 25.49 36.76
C GLN O 39 0.03 24.29 37.27
N ARG O 40 -0.62 23.15 37.47
CA ARG O 40 0.06 21.95 37.95
C ARG O 40 1.04 21.39 36.93
N THR O 41 0.97 21.84 35.68
CA THR O 41 1.85 21.34 34.64
C THR O 41 3.14 22.17 34.50
N LEU O 42 3.15 23.40 35.00
CA LEU O 42 4.31 24.26 34.85
C LEU O 42 5.50 23.72 35.63
N ASN O 43 6.69 23.87 35.07
CA ASN O 43 7.91 23.47 35.76
C ASN O 43 8.09 24.34 36.99
N PRO O 44 8.38 23.75 38.16
CA PRO O 44 8.47 24.56 39.38
C PRO O 44 9.46 25.70 39.31
N ASP O 45 10.62 25.50 38.69
CA ASP O 45 11.59 26.58 38.56
C ASP O 45 11.06 27.69 37.69
N LEU O 46 10.57 27.35 36.50
CA LEU O 46 10.01 28.35 35.60
C LEU O 46 8.80 29.03 36.21
N PHE O 47 7.90 28.24 36.82
CA PHE O 47 6.72 28.81 37.47
C PHE O 47 7.12 29.81 38.53
N LEU O 48 8.01 29.42 39.45
CA LEU O 48 8.37 30.29 40.56
C LEU O 48 9.07 31.56 40.06
N TYR O 49 10.04 31.40 39.16
CA TYR O 49 10.79 32.56 38.69
C TYR O 49 9.91 33.53 37.93
N LYS O 50 9.07 33.01 37.03
CA LYS O 50 8.19 33.88 36.26
C LYS O 50 7.19 34.57 37.17
N GLU O 51 6.65 33.86 38.16
CA GLU O 51 5.69 34.48 39.06
C GLU O 51 6.33 35.57 39.89
N LEU O 52 7.53 35.32 40.42
CA LEU O 52 8.22 36.33 41.21
C LEU O 52 8.51 37.57 40.38
N VAL O 53 9.05 37.38 39.17
CA VAL O 53 9.39 38.52 38.33
C VAL O 53 8.13 39.28 37.93
N LYS O 54 7.04 38.57 37.64
CA LYS O 54 5.79 39.23 37.29
C LYS O 54 5.25 40.04 38.46
N ALA O 55 5.37 39.51 39.67
CA ALA O 55 4.85 40.22 40.84
C ALA O 55 5.69 41.45 41.16
N HIS O 56 7.01 41.36 41.01
CA HIS O 56 7.89 42.43 41.43
C HIS O 56 8.37 43.34 40.31
N LEU O 57 8.44 42.84 39.07
CA LEU O 57 8.92 43.66 37.96
C LEU O 57 7.81 44.01 36.98
N GLY O 58 7.12 43.02 36.42
CA GLY O 58 6.06 43.32 35.48
C GLY O 58 5.85 42.16 34.52
N GLU O 59 5.11 42.44 33.44
CA GLU O 59 4.78 41.41 32.48
C GLU O 59 5.86 41.24 31.41
N ARG O 60 6.44 42.34 30.92
CA ARG O 60 7.54 42.21 29.97
C ARG O 60 8.73 41.50 30.60
N ALA O 61 9.08 41.88 31.83
CA ALA O 61 10.17 41.22 32.53
C ALA O 61 9.84 39.76 32.80
N ALA O 62 8.58 39.48 33.12
CA ALA O 62 8.17 38.09 33.33
C ALA O 62 8.33 37.28 32.04
N SER O 63 7.95 37.86 30.90
CA SER O 63 8.09 37.16 29.63
C SER O 63 9.56 36.91 29.31
N VAL O 64 10.41 37.91 29.52
CA VAL O 64 11.83 37.75 29.24
C VAL O 64 12.45 36.68 30.15
N ILE O 65 12.10 36.70 31.44
CA ILE O 65 12.61 35.69 32.35
C ILE O 65 12.10 34.31 31.99
N GLY O 66 10.85 34.22 31.55
CA GLY O 66 10.32 32.94 31.10
C GLY O 66 11.06 32.39 29.90
N MET O 67 11.35 33.25 28.93
CA MET O 67 12.14 32.81 27.78
C MET O 67 13.55 32.39 28.20
N LEU O 68 14.15 33.14 29.13
CA LEU O 68 15.49 32.80 29.60
C LEU O 68 15.50 31.43 30.28
N VAL O 69 14.49 31.15 31.11
CA VAL O 69 14.44 29.87 31.79
C VAL O 69 14.14 28.74 30.81
N ALA O 70 13.20 28.97 29.88
CA ALA O 70 12.78 27.90 28.98
C ALA O 70 13.87 27.54 27.99
N LEU O 71 14.55 28.52 27.42
CA LEU O 71 15.56 28.27 26.39
C LEU O 71 16.99 28.31 26.93
N GLY O 72 17.34 29.36 27.66
CA GLY O 72 18.66 29.47 28.23
C GLY O 72 19.65 30.12 27.30
N ARG O 73 20.32 31.17 27.78
CA ARG O 73 21.40 31.84 27.05
C ARG O 73 20.90 32.40 25.70
N LEU O 74 20.01 33.38 25.79
CA LEU O 74 19.46 34.03 24.61
C LEU O 74 20.07 35.42 24.44
N SER O 75 20.46 35.73 23.21
CA SER O 75 20.90 37.08 22.89
C SER O 75 19.69 38.00 22.72
N VAL O 76 19.96 39.27 22.45
CA VAL O 76 18.86 40.22 22.26
C VAL O 76 18.04 39.86 21.03
N ARG O 77 18.70 39.46 19.94
CA ARG O 77 17.98 39.09 18.73
C ARG O 77 17.06 37.89 18.97
N GLU O 78 17.56 36.87 19.69
CA GLU O 78 16.74 35.71 19.97
C GLU O 78 15.59 36.04 20.91
N LEU O 79 15.83 36.91 21.89
CA LEU O 79 14.75 37.35 22.77
C LEU O 79 13.68 38.10 21.99
N VAL O 80 14.09 38.94 21.04
CA VAL O 80 13.14 39.65 20.19
C VAL O 80 12.33 38.65 19.36
N GLU O 81 13.02 37.68 18.77
CA GLU O 81 12.35 36.72 17.90
C GLU O 81 11.36 35.85 18.68
N LYS O 82 11.71 35.43 19.89
CA LYS O 82 10.93 34.46 20.63
C LYS O 82 9.81 35.07 21.46
N ILE O 83 9.61 36.39 21.39
CA ILE O 83 8.58 37.06 22.17
C ILE O 83 7.72 37.89 21.22
N ASP O 84 6.41 37.86 21.43
CA ASP O 84 5.50 38.68 20.61
C ASP O 84 5.77 40.16 20.82
N GLY O 85 6.05 40.57 22.05
CA GLY O 85 6.47 41.94 22.31
C GLY O 85 7.90 42.15 21.87
N MET O 86 8.11 42.11 20.55
CA MET O 86 9.44 42.09 19.97
C MET O 86 10.04 43.47 19.76
N ASP O 87 9.52 44.48 20.45
CA ASP O 87 10.12 45.81 20.37
C ASP O 87 11.53 45.75 20.95
N VAL O 88 12.52 46.10 20.13
CA VAL O 88 13.92 46.02 20.56
C VAL O 88 14.14 46.94 21.75
N ASP O 89 13.59 48.14 21.72
CA ASP O 89 13.72 49.06 22.85
C ASP O 89 13.06 48.48 24.09
N SER O 90 11.90 47.84 23.94
CA SER O 90 11.24 47.21 25.09
C SER O 90 12.10 46.10 25.68
N VAL O 91 12.70 45.28 24.82
CA VAL O 91 13.55 44.19 25.30
C VAL O 91 14.77 44.75 26.02
N LYS O 92 15.37 45.82 25.49
CA LYS O 92 16.55 46.38 26.13
C LYS O 92 16.20 47.05 27.46
N THR O 93 15.04 47.71 27.53
CA THR O 93 14.60 48.28 28.81
C THR O 93 14.35 47.18 29.83
N THR O 94 13.74 46.07 29.40
CA THR O 94 13.55 44.95 30.30
C THR O 94 14.89 44.38 30.77
N LEU O 95 15.85 44.29 29.86
CA LEU O 95 17.16 43.73 30.22
C LEU O 95 17.90 44.64 31.19
N VAL O 96 17.84 45.96 30.99
CA VAL O 96 18.50 46.84 31.94
C VAL O 96 17.76 46.82 33.29
N SER O 97 16.44 46.68 33.27
CA SER O 97 15.70 46.56 34.53
C SER O 97 16.11 45.29 35.28
N LEU O 98 16.30 44.19 34.57
CA LEU O 98 16.72 42.94 35.19
C LEU O 98 18.19 42.94 35.58
N THR O 99 19.02 43.74 34.92
CA THR O 99 20.45 43.79 35.22
C THR O 99 20.76 44.70 36.39
N GLN O 100 20.12 45.87 36.47
CA GLN O 100 20.32 46.74 37.62
C GLN O 100 19.85 46.06 38.89
N LEU O 101 18.75 45.33 38.82
CA LEU O 101 18.28 44.50 39.93
C LEU O 101 18.96 43.13 39.92
N ARG O 102 19.95 42.93 39.05
CA ARG O 102 20.70 41.68 38.89
C ARG O 102 19.80 40.45 38.97
N CYS O 103 18.72 40.48 38.19
CA CYS O 103 17.92 39.29 37.96
C CYS O 103 18.42 38.48 36.76
N VAL O 104 19.43 38.98 36.05
CA VAL O 104 20.05 38.27 34.95
C VAL O 104 21.56 38.30 35.13
N LYS O 105 22.23 37.34 34.50
CA LYS O 105 23.69 37.20 34.53
C LYS O 105 24.15 37.12 33.08
N TYR O 106 24.47 38.27 32.48
CA TYR O 106 24.85 38.29 31.08
C TYR O 106 26.23 37.68 30.89
N LEU O 107 26.69 37.66 29.64
CA LEU O 107 28.00 37.16 29.29
C LEU O 107 28.40 37.75 27.95
N GLN O 108 29.58 38.36 27.90
CA GLN O 108 30.09 39.01 26.69
C GLN O 108 31.21 38.14 26.12
N GLU O 109 30.86 37.31 25.13
CA GLU O 109 31.83 36.46 24.47
C GLU O 109 32.15 37.02 23.09
N THR O 110 33.40 36.85 22.68
CA THR O 110 33.88 37.36 21.40
C THR O 110 33.98 36.20 20.40
N ALA O 111 33.31 36.35 19.27
CA ALA O 111 33.38 35.35 18.21
C ALA O 111 34.64 35.58 17.38
N ILE O 112 35.46 34.54 17.24
CA ILE O 112 36.69 34.67 16.47
C ILE O 112 36.38 34.89 15.00
N SER O 113 35.35 34.24 14.48
CA SER O 113 35.03 34.31 13.06
C SER O 113 34.46 35.66 12.64
N GLY O 114 34.10 36.53 13.59
CA GLY O 114 33.53 37.80 13.21
C GLY O 114 32.96 38.61 14.35
N LYS O 115 31.71 39.07 14.18
CA LYS O 115 31.09 39.97 15.14
C LYS O 115 30.89 39.28 16.49
N LYS O 116 31.20 40.00 17.56
CA LYS O 116 30.98 39.50 18.91
C LYS O 116 29.51 39.61 19.27
N THR O 117 29.06 38.70 20.16
CA THR O 117 27.70 38.71 20.64
C THR O 117 27.69 38.51 22.15
N THR O 118 26.71 39.13 22.80
CA THR O 118 26.55 39.04 24.25
C THR O 118 25.29 38.24 24.56
N TYR O 119 25.45 37.20 25.37
CA TYR O 119 24.35 36.31 25.73
C TYR O 119 23.97 36.54 27.19
N TYR O 120 22.67 36.44 27.46
CA TYR O 120 22.13 36.66 28.79
C TYR O 120 21.66 35.34 29.38
N TYR O 121 21.95 35.12 30.65
CA TYR O 121 21.45 33.99 31.41
C TYR O 121 20.37 34.47 32.37
N TYR O 122 19.86 33.56 33.17
CA TYR O 122 18.94 33.92 34.25
C TYR O 122 19.68 33.79 35.57
N ASN O 123 19.63 34.84 36.39
CA ASN O 123 20.37 34.89 37.64
C ASN O 123 19.50 34.36 38.76
N GLU O 124 19.89 33.23 39.34
CA GLU O 124 19.12 32.64 40.43
C GLU O 124 19.26 33.43 41.72
N GLU O 125 20.43 34.01 41.96
CA GLU O 125 20.65 34.71 43.23
C GLU O 125 19.82 35.99 43.32
N GLY O 126 19.67 36.72 42.22
CA GLY O 126 18.85 37.92 42.25
C GLY O 126 17.38 37.60 42.49
N ILE O 127 16.88 36.55 41.85
CA ILE O 127 15.48 36.15 42.06
C ILE O 127 15.30 35.65 43.50
N HIS O 128 16.30 34.95 44.04
CA HIS O 128 16.23 34.55 45.44
C HIS O 128 16.21 35.77 46.35
N ILE O 129 16.99 36.80 46.02
CA ILE O 129 16.97 38.04 46.79
C ILE O 129 15.58 38.65 46.76
N LEU O 130 14.96 38.68 45.59
CA LEU O 130 13.56 39.11 45.51
C LEU O 130 12.65 38.23 46.36
N LEU O 131 13.00 36.95 46.50
CA LEU O 131 12.20 36.03 47.29
C LEU O 131 12.39 36.24 48.78
N TYR O 132 13.61 36.51 49.23
CA TYR O 132 13.93 36.56 50.65
C TYR O 132 13.89 37.97 51.22
N SER O 133 13.19 38.89 50.56
CA SER O 133 13.26 40.30 50.95
C SER O 133 12.81 40.52 52.39
N GLY O 134 11.64 39.97 52.76
CA GLY O 134 11.18 40.12 54.12
C GLY O 134 12.10 39.47 55.13
N LEU O 135 12.53 38.23 54.83
CA LEU O 135 13.47 37.55 55.71
C LEU O 135 14.80 38.29 55.76
N ILE O 136 15.23 38.86 54.64
CA ILE O 136 16.48 39.61 54.61
C ILE O 136 16.40 40.82 55.54
N ILE O 137 15.30 41.57 55.46
CA ILE O 137 15.16 42.74 56.32
C ILE O 137 15.04 42.32 57.78
N ASP O 138 14.34 41.22 58.05
CA ASP O 138 14.23 40.75 59.42
C ASP O 138 15.60 40.37 59.99
N GLU O 139 16.41 39.67 59.20
CA GLU O 139 17.75 39.30 59.65
C GLU O 139 18.63 40.53 59.85
N ILE O 140 18.54 41.50 58.94
CA ILE O 140 19.33 42.72 59.07
C ILE O 140 18.98 43.45 60.36
N ILE O 141 17.68 43.57 60.64
CA ILE O 141 17.26 44.29 61.84
C ILE O 141 17.66 43.52 63.09
N THR O 142 17.43 42.21 63.11
CA THR O 142 17.62 41.44 64.35
C THR O 142 19.10 41.25 64.66
N GLN O 143 19.91 40.88 63.66
CA GLN O 143 21.30 40.52 63.94
C GLN O 143 22.09 41.70 64.45
N MET O 144 21.92 42.88 63.86
CA MET O 144 22.58 44.07 64.37
C MET O 144 21.87 44.54 65.64
N ARG O 145 22.64 44.71 66.72
CA ARG O 145 22.07 45.09 68.01
C ARG O 145 21.71 46.57 68.02
N VAL O 146 20.82 46.94 67.11
CA VAL O 146 20.37 48.32 66.97
C VAL O 146 18.87 48.47 67.15
N ASN O 147 18.10 47.38 67.13
CA ASN O 147 16.67 47.48 67.43
C ASN O 147 16.45 47.86 68.88
N ASP O 148 17.37 47.49 69.77
CA ASP O 148 17.24 47.83 71.19
C ASP O 148 17.29 49.34 71.39
N GLU O 149 18.15 50.03 70.65
CA GLU O 149 18.26 51.49 70.82
C GLU O 149 17.07 52.21 70.23
N GLU O 150 16.34 51.58 69.31
CA GLU O 150 15.04 52.00 68.79
C GLU O 150 15.12 53.23 67.89
N GLU O 151 16.29 53.84 67.72
CA GLU O 151 16.38 55.10 66.99
C GLU O 151 16.92 54.94 65.57
N HIS O 152 17.92 54.10 65.36
CA HIS O 152 18.49 53.87 64.04
C HIS O 152 18.06 52.53 63.44
N LYS O 153 17.19 51.78 64.10
CA LYS O 153 16.62 50.59 63.47
C LYS O 153 15.83 50.97 62.24
N GLN O 154 15.08 52.07 62.29
CA GLN O 154 14.38 52.56 61.12
C GLN O 154 15.36 52.96 60.02
N LEU O 155 16.47 53.60 60.40
CA LEU O 155 17.47 54.01 59.41
C LEU O 155 18.07 52.80 58.70
N VAL O 156 18.46 51.77 59.47
CA VAL O 156 19.06 50.60 58.85
C VAL O 156 18.03 49.81 58.05
N ALA O 157 16.77 49.78 58.49
CA ALA O 157 15.72 49.14 57.71
C ALA O 157 15.53 49.85 56.38
N GLU O 158 15.51 51.18 56.40
CA GLU O 158 15.39 51.93 55.14
C GLU O 158 16.60 51.69 54.26
N ILE O 159 17.79 51.61 54.86
CA ILE O 159 19.01 51.37 54.09
C ILE O 159 18.93 50.03 53.37
N VAL O 160 18.60 48.97 54.10
CA VAL O 160 18.55 47.64 53.49
C VAL O 160 17.41 47.56 52.50
N GLN O 161 16.28 48.23 52.77
CA GLN O 161 15.17 48.25 51.83
C GLN O 161 15.57 48.89 50.51
N ASN O 162 16.24 50.05 50.58
CA ASN O 162 16.66 50.71 49.35
C ASN O 162 17.71 49.88 48.62
N VAL O 163 18.65 49.27 49.34
CA VAL O 163 19.68 48.46 48.70
C VAL O 163 19.05 47.27 47.99
N ILE O 164 18.09 46.60 48.64
CA ILE O 164 17.50 45.40 48.05
C ILE O 164 16.48 45.74 46.96
N SER O 165 15.88 46.92 46.99
CA SER O 165 14.87 47.27 46.00
C SER O 165 15.46 47.93 44.76
N LEU O 166 16.47 48.77 44.94
CA LEU O 166 17.10 49.45 43.80
C LEU O 166 18.26 48.68 43.20
N GLY O 167 18.65 47.56 43.82
CA GLY O 167 19.71 46.73 43.29
C GLY O 167 21.10 47.13 43.74
N SER O 168 21.62 48.22 43.19
CA SER O 168 22.97 48.69 43.48
C SER O 168 22.92 50.17 43.79
N LEU O 169 23.55 50.58 44.90
CA LEU O 169 23.56 51.96 45.32
C LEU O 169 24.97 52.40 45.67
N THR O 170 25.29 53.64 45.34
CA THR O 170 26.50 54.30 45.80
C THR O 170 26.13 55.24 46.95
N VAL O 171 27.02 55.32 47.95
CA VAL O 171 26.65 56.00 49.18
C VAL O 171 26.42 57.49 48.97
N GLU O 172 27.08 58.09 47.98
CA GLU O 172 26.96 59.55 47.82
C GLU O 172 25.55 59.94 47.40
N ASP O 173 24.88 59.13 46.58
CA ASP O 173 23.51 59.44 46.20
C ASP O 173 22.57 59.37 47.40
N TYR O 174 22.70 58.32 48.20
CA TYR O 174 21.85 58.18 49.39
C TYR O 174 22.09 59.32 50.36
N LEU O 175 23.37 59.70 50.56
CA LEU O 175 23.67 60.79 51.48
C LEU O 175 23.17 62.14 50.94
N SER O 176 23.31 62.38 49.64
CA SER O 176 22.83 63.61 49.04
C SER O 176 21.30 63.68 49.03
N SER O 177 20.63 62.55 49.10
CA SER O 177 19.17 62.57 49.22
C SER O 177 18.74 63.23 50.53
N VAL O 178 19.44 62.93 51.63
CA VAL O 178 19.15 63.53 52.91
C VAL O 178 19.94 64.81 53.06
N THR O 179 19.53 65.66 54.01
CA THR O 179 20.13 66.97 54.20
C THR O 179 20.83 67.12 55.55
N SER O 180 20.27 66.53 56.61
CA SER O 180 20.83 66.72 57.95
C SER O 180 22.23 66.13 58.05
N ASP O 181 23.14 66.88 58.68
CA ASP O 181 24.50 66.38 58.88
C ASP O 181 24.51 65.20 59.85
N SER O 182 23.70 65.26 60.91
CA SER O 182 23.61 64.14 61.83
C SER O 182 23.05 62.90 61.14
N MET O 183 22.02 63.08 60.31
CA MET O 183 21.49 61.96 59.54
C MET O 183 22.52 61.41 58.58
N LYS O 184 23.29 62.30 57.93
CA LYS O 184 24.33 61.85 57.02
C LYS O 184 25.38 61.02 57.75
N TYR O 185 25.81 61.48 58.92
CA TYR O 185 26.81 60.75 59.69
C TYR O 185 26.25 59.41 60.16
N THR O 186 24.99 59.39 60.60
CA THR O 186 24.39 58.14 61.05
C THR O 186 24.29 57.14 59.91
N ILE O 187 23.88 57.60 58.73
CA ILE O 187 23.77 56.71 57.58
C ILE O 187 25.13 56.19 57.16
N SER O 188 26.15 57.05 57.17
CA SER O 188 27.49 56.60 56.82
C SER O 188 28.01 55.58 57.83
N SER O 189 27.77 55.81 59.12
CA SER O 189 28.21 54.87 60.13
C SER O 189 27.48 53.53 60.00
N LEU O 190 26.19 53.56 59.71
CA LEU O 190 25.45 52.32 59.50
C LEU O 190 25.94 51.59 58.25
N PHE O 191 26.26 52.34 57.20
CA PHE O 191 26.84 51.73 56.01
C PHE O 191 28.15 51.02 56.34
N VAL O 192 29.02 51.68 57.09
CA VAL O 192 30.31 51.10 57.46
C VAL O 192 30.10 49.86 58.31
N GLN O 193 29.20 49.93 59.29
CA GLN O 193 28.96 48.79 60.17
C GLN O 193 28.38 47.62 59.39
N LEU O 194 27.43 47.88 58.49
CA LEU O 194 26.82 46.81 57.71
C LEU O 194 27.83 46.17 56.76
N CYS O 195 28.66 46.99 56.12
CA CYS O 195 29.68 46.45 55.23
C CYS O 195 30.71 45.62 56.00
N GLU O 196 31.10 46.08 57.19
CA GLU O 196 32.02 45.31 58.01
C GLU O 196 31.39 43.99 58.45
N MET O 197 30.09 44.01 58.77
CA MET O 197 29.42 42.80 59.24
C MET O 197 29.41 41.73 58.16
N GLY O 198 29.33 42.11 56.89
CA GLY O 198 29.37 41.18 55.78
C GLY O 198 28.09 41.12 54.96
N TYR O 199 27.02 41.79 55.37
CA TYR O 199 25.78 41.74 54.61
C TYR O 199 25.86 42.54 53.32
N LEU O 200 26.77 43.51 53.23
CA LEU O 200 26.93 44.33 52.04
C LEU O 200 28.32 44.13 51.46
N ILE O 201 28.39 43.99 50.14
CA ILE O 201 29.65 43.75 49.44
C ILE O 201 29.71 44.61 48.19
N GLN O 202 30.94 44.86 47.73
CA GLN O 202 31.13 45.58 46.48
C GLN O 202 30.69 44.70 45.31
N ILE O 203 29.90 45.27 44.42
CA ILE O 203 29.39 44.55 43.27
C ILE O 203 30.32 44.79 42.09
N SER O 204 30.72 43.71 41.43
CA SER O 204 31.64 43.75 40.30
C SER O 204 31.06 42.94 39.16
N LYS O 205 31.75 43.00 38.01
CA LYS O 205 31.32 42.22 36.85
C LYS O 205 31.34 40.72 37.14
N LEU O 206 32.09 40.29 38.15
CA LEU O 206 32.06 38.89 38.55
C LEU O 206 30.66 38.47 38.97
N HIS O 207 29.91 39.36 39.61
CA HIS O 207 28.54 39.08 39.97
C HIS O 207 27.63 38.95 38.77
N TYR O 208 28.08 39.36 37.58
CA TYR O 208 27.31 39.26 36.35
C TYR O 208 28.00 38.33 35.35
N THR O 209 28.63 37.27 35.85
CA THR O 209 29.28 36.29 35.00
C THR O 209 28.99 34.91 35.57
N PRO O 210 28.48 33.98 34.76
CA PRO O 210 28.20 32.64 35.27
C PRO O 210 29.45 31.97 35.81
N ILE O 211 29.30 31.24 36.91
CA ILE O 211 30.45 30.58 37.52
C ILE O 211 31.00 29.51 36.61
N GLU O 212 30.13 28.79 35.90
CA GLU O 212 30.59 27.75 34.98
C GLU O 212 31.43 28.37 33.86
N ASP O 213 30.96 29.47 33.28
CA ASP O 213 31.73 30.12 32.22
C ASP O 213 32.96 30.81 32.79
N LEU O 214 32.91 31.29 34.03
CA LEU O 214 34.11 31.84 34.65
C LEU O 214 35.18 30.77 34.79
N TRP O 215 34.80 29.57 35.23
CA TRP O 215 35.76 28.47 35.30
C TRP O 215 36.23 28.06 33.92
N GLN O 216 35.35 28.10 32.92
CA GLN O 216 35.79 27.81 31.56
C GLN O 216 36.84 28.80 31.09
N PHE O 217 36.66 30.08 31.39
CA PHE O 217 37.65 31.09 31.04
C PHE O 217 38.96 30.87 31.80
N LEU O 218 38.87 30.53 33.08
CA LEU O 218 40.08 30.35 33.88
C LEU O 218 40.80 29.04 33.57
N TYR O 219 40.12 28.06 32.97
CA TYR O 219 40.79 26.84 32.56
C TYR O 219 41.80 27.13 31.45
N GLU O 220 41.43 27.98 30.50
CA GLU O 220 42.39 28.56 29.58
C GLU O 220 43.14 29.68 30.28
N LYS O 221 44.15 30.23 29.60
CA LYS O 221 45.09 31.22 30.13
C LYS O 221 45.96 30.59 31.22
N HIS O 222 45.67 29.34 31.55
CA HIS O 222 46.53 28.50 32.37
C HIS O 222 46.85 27.16 31.72
N TYR O 223 46.06 26.72 30.74
CA TYR O 223 46.33 25.54 29.94
C TYR O 223 46.92 25.88 28.58
N LYS O 224 46.42 26.93 27.93
CA LYS O 224 46.96 27.34 26.65
C LYS O 224 48.38 27.88 26.78
N ASN O 225 48.68 28.60 27.86
CA ASN O 225 49.98 29.21 28.02
C ASN O 225 51.10 28.21 28.26
N ILE O 226 50.77 26.94 28.48
CA ILE O 226 51.81 25.91 28.62
C ILE O 226 52.61 25.83 27.31
N PRO O 227 53.93 25.80 27.37
CA PRO O 227 54.72 25.73 26.13
C PRO O 227 54.46 24.44 25.38
N ARG O 228 54.60 24.51 24.05
CA ARG O 228 54.33 23.37 23.19
C ARG O 228 55.36 22.25 23.32
N ASN O 229 56.32 22.36 24.23
CA ASN O 229 57.19 21.25 24.54
C ASN O 229 56.39 20.13 25.20
N SER O 230 57.04 18.99 25.40
CA SER O 230 56.33 17.89 26.09
C SER O 230 55.90 18.40 27.46
N PRO O 231 54.59 18.48 27.76
CA PRO O 231 54.13 18.86 29.09
C PRO O 231 54.29 17.57 29.90
N LEU O 232 54.21 17.64 31.23
CA LEU O 232 54.46 16.42 32.03
C LEU O 232 53.80 15.25 31.30
N SER O 233 52.48 15.30 31.15
CA SER O 233 51.73 14.27 30.40
C SER O 233 50.39 14.93 30.16
N ASP O 234 49.62 14.48 29.17
CA ASP O 234 48.40 15.24 28.91
C ASP O 234 47.47 15.24 30.12
N LEU O 235 47.30 14.09 30.77
CA LEU O 235 46.53 14.05 32.00
C LEU O 235 47.19 14.91 33.09
N LYS O 236 48.51 14.81 33.22
CA LYS O 236 49.20 15.64 34.19
C LYS O 236 49.21 17.11 33.78
N LYS O 237 49.21 17.39 32.47
CA LYS O 237 49.07 18.77 32.02
C LYS O 237 47.72 19.35 32.43
N ARG O 238 46.65 18.56 32.25
CA ARG O 238 45.32 19.02 32.67
C ARG O 238 45.24 19.15 34.19
N SER O 239 45.91 18.26 34.92
CA SER O 239 45.93 18.37 36.37
C SER O 239 46.63 19.65 36.80
N GLN O 240 47.76 19.98 36.17
CA GLN O 240 48.44 21.23 36.46
C GLN O 240 47.56 22.43 36.14
N ALA O 241 46.85 22.37 35.00
CA ALA O 241 45.96 23.45 34.63
C ALA O 241 44.85 23.63 35.67
N LYS O 242 44.26 22.54 36.12
CA LYS O 242 43.20 22.62 37.13
C LYS O 242 43.75 23.14 38.46
N MET O 243 44.92 22.67 38.87
CA MET O 243 45.50 23.13 40.13
C MET O 243 45.82 24.62 40.08
N ASN O 244 46.35 25.09 38.95
CA ASN O 244 46.64 26.52 38.82
C ASN O 244 45.36 27.34 38.73
N ALA O 245 44.32 26.79 38.09
CA ALA O 245 43.09 27.55 37.89
C ALA O 245 42.29 27.66 39.18
N LYS O 246 42.30 26.62 40.02
CA LYS O 246 41.52 26.67 41.26
C LYS O 246 42.01 27.78 42.18
N THR O 247 43.31 28.04 42.19
CA THR O 247 43.87 29.07 43.06
C THR O 247 43.27 30.44 42.75
N ASP O 248 43.50 30.93 41.53
CA ASP O 248 42.95 32.23 41.18
C ASP O 248 41.44 32.23 41.08
N PHE O 249 40.80 31.07 40.87
CA PHE O 249 39.35 31.01 40.93
C PHE O 249 38.87 31.35 42.34
N ALA O 250 39.44 30.69 43.35
CA ALA O 250 39.06 31.01 44.73
C ALA O 250 39.45 32.44 45.07
N LYS O 251 40.59 32.92 44.59
CA LYS O 251 41.02 34.28 44.88
C LYS O 251 40.03 35.30 44.32
N ILE O 252 39.59 35.10 43.07
CA ILE O 252 38.68 36.06 42.46
C ILE O 252 37.27 35.90 43.03
N ILE O 253 36.91 34.71 43.53
CA ILE O 253 35.64 34.55 44.21
C ILE O 253 35.64 35.32 45.53
N ASN O 254 36.74 35.24 46.28
CA ASN O 254 36.81 35.92 47.57
C ASN O 254 37.21 37.39 47.46
N LYS O 255 37.61 37.85 46.27
CA LYS O 255 37.98 39.24 46.09
C LYS O 255 36.91 40.24 46.53
N PRO O 256 35.63 40.08 46.19
CA PRO O 256 34.62 41.01 46.73
C PRO O 256 34.48 40.94 48.24
N ASN O 257 34.92 39.86 48.87
CA ASN O 257 34.79 39.68 50.32
C ASN O 257 36.11 39.95 51.05
N GLU O 258 36.86 40.97 50.63
CA GLU O 258 38.13 41.31 51.26
C GLU O 258 38.10 42.64 51.99
N LEU O 259 36.99 43.39 51.90
CA LEU O 259 36.88 44.71 52.55
C LEU O 259 38.01 45.64 52.13
N SER O 260 38.33 45.64 50.83
CA SER O 260 39.37 46.50 50.29
C SER O 260 38.88 47.91 49.99
N GLN O 261 37.58 48.19 50.17
CA GLN O 261 37.02 49.50 49.91
C GLN O 261 36.65 50.27 51.17
N ILE O 262 36.39 49.57 52.28
CA ILE O 262 36.00 50.23 53.51
C ILE O 262 37.18 50.96 54.16
N LEU O 263 38.41 50.56 53.83
CA LEU O 263 39.58 51.10 54.49
C LEU O 263 40.05 52.41 53.87
N THR O 264 39.14 53.38 53.78
CA THR O 264 39.50 54.75 53.43
C THR O 264 39.66 55.61 54.66
N VAL O 265 40.48 55.15 55.60
CA VAL O 265 40.57 55.78 56.91
C VAL O 265 41.28 57.13 56.78
N ASP O 266 40.84 58.08 57.59
CA ASP O 266 41.41 59.42 57.72
C ASP O 266 41.37 60.22 56.43
N PRO O 267 40.19 60.49 55.85
CA PRO O 267 40.09 61.60 54.90
C PRO O 267 39.99 62.91 55.66
N LYS O 268 39.38 62.82 56.85
CA LYS O 268 39.26 63.89 57.82
C LYS O 268 38.70 63.30 59.09
N THR O 269 39.19 63.79 60.24
CA THR O 269 38.82 63.38 61.59
C THR O 269 39.25 61.95 61.92
N SER O 270 39.92 61.24 61.00
CA SER O 270 40.49 59.92 61.26
C SER O 270 39.41 58.93 61.72
N LEU O 271 38.48 58.66 60.81
CA LEU O 271 37.41 57.71 61.08
C LEU O 271 37.29 56.73 59.91
N ARG O 272 36.73 55.55 60.21
CA ARG O 272 36.55 54.50 59.21
C ARG O 272 35.32 54.80 58.38
N ILE O 273 35.52 55.09 57.09
CA ILE O 273 34.43 55.48 56.20
C ILE O 273 34.55 54.68 54.90
N VAL O 274 33.41 54.28 54.36
CA VAL O 274 33.35 53.54 53.11
C VAL O 274 33.67 54.48 51.96
N LYS O 275 34.38 53.97 50.95
CA LYS O 275 34.74 54.79 49.81
C LYS O 275 33.48 55.23 49.06
N PRO O 276 33.31 56.53 48.78
CA PRO O 276 32.05 57.00 48.17
C PRO O 276 31.75 56.38 46.82
N THR O 277 32.76 56.21 45.96
CA THR O 277 32.49 55.79 44.59
C THR O 277 32.16 54.31 44.46
N VAL O 278 32.48 53.50 45.46
CA VAL O 278 32.28 52.06 45.35
C VAL O 278 30.81 51.73 45.50
N SER O 279 30.26 51.00 44.53
CA SER O 279 28.89 50.54 44.60
C SER O 279 28.78 49.35 45.54
N LEU O 280 27.71 49.34 46.33
CA LEU O 280 27.48 48.29 47.32
C LEU O 280 26.14 47.61 47.06
N THR O 281 26.13 46.29 47.15
CA THR O 281 24.89 45.53 47.09
C THR O 281 24.83 44.57 48.28
N ILE O 282 23.78 43.78 48.36
CA ILE O 282 23.61 42.87 49.48
C ILE O 282 24.26 41.54 49.18
N ASN O 283 24.96 41.00 50.18
CA ASN O 283 25.67 39.72 50.06
C ASN O 283 24.68 38.61 50.38
N LEU O 284 24.24 37.91 49.34
CA LEU O 284 23.28 36.83 49.55
C LEU O 284 23.90 35.65 50.28
N ASP O 285 25.19 35.40 50.05
CA ASP O 285 25.87 34.29 50.73
C ASP O 285 25.89 34.50 52.24
N ARG O 286 26.12 35.73 52.69
CA ARG O 286 26.11 36.03 54.12
C ARG O 286 24.73 35.79 54.71
N PHE O 287 23.69 36.26 54.03
CA PHE O 287 22.32 36.06 54.53
C PHE O 287 21.97 34.58 54.57
N MET O 288 22.37 33.81 53.56
CA MET O 288 22.07 32.39 53.57
C MET O 288 22.87 31.64 54.62
N LYS O 289 24.09 32.10 54.92
CA LYS O 289 24.81 31.54 56.06
C LYS O 289 24.08 31.83 57.37
N GLY O 290 23.52 33.03 57.49
CA GLY O 290 22.68 33.32 58.65
C GLY O 290 21.47 32.43 58.72
N ARG O 291 20.84 32.16 57.58
CA ARG O 291 19.70 31.26 57.54
C ARG O 291 20.09 29.85 57.97
N ARG O 292 21.26 29.38 57.52
CA ARG O 292 21.75 28.08 57.95
C ARG O 292 22.01 28.05 59.44
N SER O 293 22.57 29.14 59.98
CA SER O 293 22.78 29.22 61.43
C SER O 293 21.46 29.12 62.17
N LYS O 294 20.44 29.82 61.67
CA LYS O 294 19.12 29.76 62.32
C LYS O 294 18.54 28.35 62.24
N GLN O 295 18.70 27.68 61.10
CA GLN O 295 18.22 26.31 60.97
C GLN O 295 18.93 25.37 61.95
N LEU O 296 20.25 25.54 62.10
CA LEU O 296 20.99 24.72 63.05
C LEU O 296 20.56 25.00 64.48
N ILE O 297 20.28 26.27 64.81
CA ILE O 297 19.79 26.61 66.14
C ILE O 297 18.44 25.95 66.39
N ASN O 298 17.55 25.99 65.40
CA ASN O 298 16.25 25.35 65.54
C ASN O 298 16.39 23.84 65.72
N LEU O 299 17.31 23.23 64.98
CA LEU O 299 17.57 21.80 65.17
C LEU O 299 18.08 21.50 66.58
N ALA O 300 19.01 22.33 67.05
CA ALA O 300 19.59 22.10 68.38
C ALA O 300 18.57 22.32 69.48
N LYS O 301 17.59 23.18 69.25
CA LYS O 301 16.54 23.41 70.23
C LYS O 301 15.67 22.16 70.46
N THR O 302 15.77 21.16 69.59
CA THR O 302 15.08 19.90 69.75
C THR O 302 15.96 18.81 70.34
N ARG O 303 17.18 19.14 70.75
CA ARG O 303 18.11 18.17 71.30
C ARG O 303 18.74 18.56 72.61
N VAL O 304 18.81 19.85 72.94
CA VAL O 304 19.42 20.34 74.18
C VAL O 304 18.50 21.37 74.81
N GLY O 305 18.86 21.80 76.01
CA GLY O 305 18.05 22.75 76.75
C GLY O 305 18.07 24.13 76.13
N SER O 306 17.22 25.01 76.68
CA SER O 306 17.12 26.37 76.18
C SER O 306 18.44 27.12 76.37
N VAL O 307 19.09 26.93 77.52
CA VAL O 307 20.36 27.60 77.79
C VAL O 307 21.43 27.11 76.83
N THR O 308 21.50 25.80 76.61
CA THR O 308 22.47 25.26 75.67
C THR O 308 22.16 25.71 74.25
N ALA O 309 20.88 25.83 73.92
CA ALA O 309 20.50 26.37 72.62
C ALA O 309 20.95 27.82 72.45
N GLN O 310 20.83 28.61 73.52
CA GLN O 310 21.33 29.99 73.48
C GLN O 310 22.84 30.03 73.29
N VAL O 311 23.55 29.14 73.98
CA VAL O 311 25.01 29.07 73.81
C VAL O 311 25.36 28.71 72.38
N TYR O 312 24.67 27.73 71.81
CA TYR O 312 24.92 27.35 70.43
C TYR O 312 24.60 28.49 69.48
N LYS O 313 23.52 29.23 69.76
CA LYS O 313 23.14 30.36 68.91
C LYS O 313 24.21 31.43 68.93
N ILE O 314 24.72 31.76 70.11
CA ILE O 314 25.73 32.82 70.18
C ILE O 314 27.04 32.36 69.56
N ALA O 315 27.38 31.07 69.69
CA ALA O 315 28.56 30.56 69.01
C ALA O 315 28.40 30.65 67.49
N LEU O 316 27.22 30.30 66.99
CA LEU O 316 26.95 30.42 65.56
C LEU O 316 27.04 31.86 65.10
N ARG O 317 26.53 32.80 65.91
CA ARG O 317 26.62 34.21 65.53
C ARG O 317 28.06 34.69 65.53
N LEU O 318 28.88 34.21 66.47
CA LEU O 318 30.29 34.58 66.49
C LEU O 318 31.03 34.05 65.28
N THR O 319 30.76 32.80 64.89
CA THR O 319 31.49 32.17 63.80
C THR O 319 30.80 32.34 62.45
N GLU O 320 29.70 33.11 62.40
CA GLU O 320 28.89 33.19 61.20
C GLU O 320 29.63 33.86 60.04
N GLN O 321 30.31 34.97 60.32
CA GLN O 321 31.02 35.69 59.27
C GLN O 321 32.14 34.85 58.66
N LYS O 322 32.86 34.11 59.48
CA LYS O 322 34.00 33.33 59.03
C LYS O 322 33.61 31.94 58.53
N SER O 323 32.32 31.60 58.56
CA SER O 323 31.88 30.28 58.13
C SER O 323 32.06 30.12 56.62
N PRO O 324 32.19 28.89 56.15
CA PRO O 324 32.25 28.65 54.70
C PRO O 324 30.90 28.92 54.05
N LYS O 325 30.94 29.12 52.73
CA LYS O 325 29.74 29.45 51.98
C LYS O 325 28.74 28.30 52.05
N ILE O 326 27.46 28.67 52.03
CA ILE O 326 26.39 27.69 52.22
C ILE O 326 26.31 26.73 51.04
N ARG O 327 26.39 27.25 49.82
CA ARG O 327 26.14 26.44 48.64
C ARG O 327 27.31 25.52 48.34
N ASP O 328 28.46 26.10 48.01
CA ASP O 328 29.65 25.34 47.66
C ASP O 328 30.82 26.30 47.54
N PRO O 329 32.06 25.80 47.46
CA PRO O 329 33.19 26.69 47.15
C PRO O 329 33.11 27.31 45.76
N LEU O 330 31.97 27.10 45.09
CA LEU O 330 31.68 27.55 43.73
C LEU O 330 32.44 26.76 42.68
N THR O 331 33.12 25.69 43.07
CA THR O 331 33.80 24.83 42.11
C THR O 331 32.96 23.61 41.72
N GLN O 332 32.00 23.21 42.55
CA GLN O 332 31.13 22.09 42.20
C GLN O 332 30.32 22.40 40.95
N THR O 333 29.76 23.60 40.87
CA THR O 333 28.97 23.99 39.70
C THR O 333 29.85 24.22 38.48
N GLY O 334 31.10 24.63 38.69
CA GLY O 334 31.91 25.11 37.58
C GLY O 334 32.18 24.05 36.53
N LEU O 335 32.56 22.85 36.95
CA LEU O 335 33.03 21.83 36.03
C LEU O 335 32.44 20.48 36.47
N LEU O 336 32.86 19.42 35.78
CA LEU O 336 32.59 18.07 36.26
C LEU O 336 33.26 17.89 37.62
N GLN O 337 32.61 17.11 38.48
CA GLN O 337 33.14 16.91 39.82
C GLN O 337 34.57 16.38 39.75
N ASP O 338 34.73 15.14 39.30
CA ASP O 338 36.01 14.51 39.00
C ASP O 338 35.77 13.11 38.47
N LEU O 339 36.83 12.39 38.12
CA LEU O 339 36.71 10.95 37.97
C LEU O 339 36.24 10.33 39.28
N GLU O 340 37.07 10.42 40.31
CA GLU O 340 36.63 10.15 41.67
C GLU O 340 37.22 11.14 42.67
N GLU O 341 38.04 12.09 42.23
CA GLU O 341 38.68 13.08 43.10
C GLU O 341 37.71 14.15 43.59
N ALA O 342 36.40 14.02 43.35
CA ALA O 342 35.44 14.97 43.91
C ALA O 342 35.51 14.98 45.43
N LYS O 343 35.83 13.82 46.04
CA LYS O 343 36.03 13.77 47.47
C LYS O 343 37.07 14.78 47.94
N SER O 344 38.05 15.07 47.08
CA SER O 344 39.04 16.10 47.39
C SER O 344 38.36 17.39 47.81
N PHE O 345 37.35 17.82 47.06
CA PHE O 345 36.54 18.97 47.44
C PHE O 345 36.17 18.88 48.91
N GLN O 346 35.44 17.82 49.28
CA GLN O 346 35.09 17.58 50.68
C GLN O 346 36.31 17.77 51.56
N ASP O 347 37.38 17.00 51.29
CA ASP O 347 38.58 17.09 52.08
C ASP O 347 39.07 18.53 52.15
N GLU O 348 39.21 19.17 50.98
CA GLU O 348 39.65 20.56 50.97
C GLU O 348 38.71 21.42 51.79
N ALA O 349 37.41 21.28 51.56
CA ALA O 349 36.44 22.01 52.37
C ALA O 349 36.65 21.69 53.83
N GLU O 350 36.76 20.40 54.16
CA GLU O 350 36.97 19.99 55.54
C GLU O 350 38.19 20.68 56.12
N LEU O 351 39.27 20.77 55.33
CA LEU O 351 40.47 21.45 55.81
C LEU O 351 40.13 22.87 56.26
N VAL O 352 39.50 23.65 55.38
CA VAL O 352 39.12 25.00 55.77
C VAL O 352 38.10 24.93 56.89
N GLU O 353 37.20 23.94 56.83
CA GLU O 353 36.18 23.77 57.85
C GLU O 353 36.80 23.53 59.21
N GLU O 354 38.06 23.12 59.27
CA GLU O 354 38.76 22.92 60.52
C GLU O 354 39.83 23.97 60.79
N LYS O 355 40.24 24.76 59.80
CA LYS O 355 41.44 25.57 59.94
C LYS O 355 41.26 27.05 59.64
N THR O 356 40.05 27.50 59.34
CA THR O 356 39.82 28.93 59.27
C THR O 356 39.95 29.52 60.67
N PRO O 357 40.76 30.56 60.86
CA PRO O 357 41.04 31.02 62.23
C PRO O 357 39.80 31.44 63.01
N GLY O 358 38.79 32.00 62.33
CA GLY O 358 37.60 32.42 63.04
C GLY O 358 36.73 31.27 63.52
N LEU O 359 36.82 30.11 62.87
CA LEU O 359 35.94 29.00 63.21
C LEU O 359 36.24 28.45 64.59
N THR O 360 37.51 28.20 64.88
CA THR O 360 37.90 27.60 66.15
C THR O 360 37.63 28.58 67.30
N PHE O 361 37.04 28.06 68.37
CA PHE O 361 36.69 28.90 69.52
C PHE O 361 36.76 28.07 70.79
N ASN O 362 36.92 28.77 71.91
CA ASN O 362 36.89 28.18 73.24
C ASN O 362 35.80 28.87 74.06
N ALA O 363 35.55 28.32 75.25
CA ALA O 363 34.48 28.84 76.09
C ALA O 363 34.75 30.26 76.56
N ILE O 364 36.02 30.69 76.52
CA ILE O 364 36.37 32.03 77.01
C ILE O 364 35.71 33.11 76.17
N ASP O 365 35.76 32.97 74.84
CA ASP O 365 35.15 33.98 73.98
C ASP O 365 33.63 34.02 74.17
N LEU O 366 33.00 32.86 74.26
CA LEU O 366 31.56 32.81 74.49
C LEU O 366 31.19 33.49 75.80
N ALA O 367 31.93 33.19 76.87
CA ALA O 367 31.69 33.85 78.14
C ALA O 367 31.91 35.35 78.04
N ARG O 368 32.89 35.78 77.25
CA ARG O 368 33.10 37.20 77.03
C ARG O 368 31.88 37.84 76.38
N HIS O 369 31.30 37.19 75.38
CA HIS O 369 30.20 37.78 74.62
C HIS O 369 28.82 37.32 75.08
N LEU O 370 28.73 36.41 76.05
CA LEU O 370 27.44 35.90 76.46
C LEU O 370 26.62 37.00 77.15
N PRO O 371 25.33 37.11 76.84
CA PRO O 371 24.51 38.13 77.49
C PRO O 371 24.34 37.86 78.98
N ALA O 372 24.16 38.94 79.74
CA ALA O 372 24.02 38.82 81.18
C ALA O 372 22.65 38.30 81.59
N GLU O 373 21.67 38.32 80.69
CA GLU O 373 20.33 37.87 81.02
C GLU O 373 20.22 36.36 81.15
N LEU O 374 21.26 35.61 80.79
CA LEU O 374 21.25 34.16 80.88
C LEU O 374 21.70 33.74 82.27
N ASP O 375 20.90 32.89 82.93
CA ASP O 375 21.23 32.41 84.26
C ASP O 375 22.53 31.63 84.27
N LEU O 376 22.53 30.48 83.60
CA LEU O 376 23.75 29.67 83.41
C LEU O 376 24.40 29.32 84.75
N ARG O 377 23.58 29.07 85.78
CA ARG O 377 24.08 28.67 87.08
C ARG O 377 23.62 27.27 87.47
N GLY O 378 22.31 27.02 87.50
CA GLY O 378 21.78 25.73 87.84
C GLY O 378 21.31 24.89 86.67
N SER O 379 21.68 25.27 85.44
CA SER O 379 21.19 24.55 84.26
C SER O 379 21.70 23.12 84.21
N LEU O 380 22.96 22.91 84.59
CA LEU O 380 23.61 21.61 84.47
C LEU O 380 23.74 20.98 85.85
N LEU O 381 23.34 19.71 85.96
CA LEU O 381 23.44 18.95 87.19
C LEU O 381 24.71 18.11 87.16
N SER O 382 25.52 18.21 88.22
CA SER O 382 26.82 17.57 88.22
C SER O 382 26.71 16.05 88.17
N ARG O 383 25.79 15.46 88.94
CA ARG O 383 25.66 14.02 89.00
C ARG O 383 24.24 13.65 89.40
N LYS O 384 23.90 12.38 89.19
CA LYS O 384 22.58 11.87 89.52
C LYS O 384 22.35 11.88 91.03
N PRO O 447 27.56 34.91 87.09
CA PRO O 447 27.41 33.81 86.14
C PRO O 447 28.53 33.78 85.11
N HIS O 448 28.22 33.30 83.90
CA HIS O 448 29.16 33.24 82.80
C HIS O 448 30.42 32.46 83.18
N SER O 449 30.22 31.36 83.90
CA SER O 449 31.35 30.52 84.31
C SER O 449 31.96 29.85 83.09
N ALA O 450 33.28 29.93 82.98
CA ALA O 450 33.97 29.29 81.86
C ALA O 450 33.81 27.78 81.91
N SER O 451 33.88 27.19 83.10
CA SER O 451 33.75 25.74 83.22
C SER O 451 32.36 25.27 82.80
N LEU O 452 31.31 25.99 83.20
CA LEU O 452 29.96 25.61 82.84
C LEU O 452 29.74 25.72 81.33
N ILE O 453 30.26 26.78 80.71
CA ILE O 453 30.13 26.93 79.26
C ILE O 453 30.89 25.82 78.54
N ASN O 454 32.08 25.48 79.04
CA ASN O 454 32.83 24.37 78.44
C ASN O 454 32.07 23.06 78.58
N SER O 455 31.43 22.84 79.73
CA SER O 455 30.64 21.63 79.91
C SER O 455 29.45 21.59 78.96
N HIS O 456 28.80 22.73 78.75
CA HIS O 456 27.69 22.79 77.80
C HIS O 456 28.17 22.52 76.37
N LEU O 457 29.33 23.06 76.00
CA LEU O 457 29.89 22.73 74.70
C LEU O 457 30.21 21.25 74.60
N LYS O 458 30.69 20.65 75.69
CA LYS O 458 30.98 19.22 75.69
C LYS O 458 29.72 18.40 75.51
N ILE O 459 28.62 18.79 76.16
CA ILE O 459 27.37 18.04 75.99
C ILE O 459 26.80 18.27 74.59
N LEU O 460 27.06 19.44 74.00
CA LEU O 460 26.70 19.63 72.59
C LEU O 460 27.48 18.69 71.68
N ALA O 461 28.77 18.54 71.94
CA ALA O 461 29.61 17.69 71.11
C ALA O 461 29.42 16.20 71.39
N SER O 462 28.82 15.84 72.52
CA SER O 462 28.69 14.44 72.89
C SER O 462 27.61 13.74 72.07
N SER O 463 26.58 14.49 71.67
CA SER O 463 25.44 13.88 70.99
C SER O 463 25.85 13.30 69.63
N ASN O 464 25.06 12.33 69.17
CA ASN O 464 25.34 11.73 67.86
C ASN O 464 25.21 12.74 66.74
N PHE O 465 24.33 13.73 66.91
CA PHE O 465 24.25 14.83 65.95
C PHE O 465 25.49 15.71 66.12
N PRO O 466 26.30 15.89 65.07
CA PRO O 466 27.56 16.65 65.21
C PRO O 466 27.35 18.15 65.34
N PHE O 467 26.71 18.57 66.44
CA PHE O 467 26.52 19.99 66.68
C PHE O 467 27.86 20.71 66.81
N LEU O 468 28.78 20.12 67.57
CA LEU O 468 30.12 20.64 67.72
C LEU O 468 31.11 19.49 67.70
N ASN O 469 32.33 19.78 67.26
CA ASN O 469 33.39 18.79 67.20
C ASN O 469 34.63 19.35 67.88
N GLU O 470 35.43 18.44 68.44
CA GLU O 470 36.58 18.83 69.25
C GLU O 470 37.85 18.79 68.41
N THR O 471 38.54 19.94 68.33
CA THR O 471 39.83 20.02 67.64
C THR O 471 40.97 19.77 68.61
N LYS O 472 41.06 20.56 69.67
CA LYS O 472 42.04 20.44 70.73
C LYS O 472 41.29 20.24 72.03
N PRO O 473 41.93 19.65 73.05
CA PRO O 473 41.25 19.48 74.33
C PRO O 473 40.67 20.79 74.85
N GLY O 474 39.34 20.85 74.94
CA GLY O 474 38.67 22.08 75.33
C GLY O 474 38.46 23.08 74.21
N VAL O 475 38.76 22.73 72.97
CA VAL O 475 38.61 23.62 71.82
C VAL O 475 37.63 22.99 70.85
N TYR O 476 36.60 23.76 70.47
CA TYR O 476 35.50 23.25 69.66
C TYR O 476 35.36 24.07 68.39
N TYR O 477 34.80 23.41 67.37
CA TYR O 477 34.43 24.05 66.12
C TYR O 477 33.20 23.34 65.58
N VAL O 478 32.30 24.12 64.96
CA VAL O 478 31.05 23.54 64.46
C VAL O 478 31.30 22.92 63.08
N PRO O 479 31.18 21.61 62.94
CA PRO O 479 31.44 20.97 61.65
C PRO O 479 30.27 21.12 60.71
N TYR O 480 30.42 22.00 59.72
CA TYR O 480 29.34 22.20 58.76
C TYR O 480 29.26 21.06 57.75
N SER O 481 30.41 20.48 57.40
CA SER O 481 30.41 19.41 56.40
C SER O 481 29.62 18.20 56.86
N LYS O 482 29.80 17.80 58.12
CA LYS O 482 29.11 16.63 58.66
C LYS O 482 27.74 16.96 59.23
N LEU O 483 27.33 18.24 59.22
CA LEU O 483 26.04 18.62 59.77
C LEU O 483 24.96 18.84 58.72
N MET O 484 25.35 19.07 57.46
CA MET O 484 24.36 19.21 56.40
C MET O 484 23.56 17.94 56.18
N PRO O 485 24.17 16.75 56.00
CA PRO O 485 23.35 15.56 55.74
C PRO O 485 22.37 15.23 56.86
N VAL O 486 22.79 15.36 58.12
CA VAL O 486 21.89 15.03 59.21
C VAL O 486 20.76 16.06 59.31
N LEU O 487 21.07 17.34 59.06
CA LEU O 487 20.03 18.37 59.07
C LEU O 487 19.00 18.10 57.98
N LYS O 488 19.46 17.81 56.76
CA LYS O 488 18.54 17.51 55.67
C LYS O 488 17.71 16.28 55.98
N SER O 489 18.34 15.23 56.52
CA SER O 489 17.62 14.01 56.83
C SER O 489 16.56 14.25 57.89
N SER O 490 16.88 15.02 58.93
CA SER O 490 15.91 15.30 59.97
C SER O 490 14.75 16.13 59.45
N VAL O 491 15.04 17.16 58.66
CA VAL O 491 13.96 17.99 58.12
C VAL O 491 13.05 17.15 57.22
N TYR O 492 13.65 16.33 56.34
CA TYR O 492 12.86 15.51 55.45
C TYR O 492 12.01 14.49 56.21
N GLU O 493 12.60 13.85 57.22
CA GLU O 493 11.86 12.87 58.01
C GLU O 493 10.70 13.52 58.74
N TYR O 494 10.89 14.73 59.27
CA TYR O 494 9.81 15.38 59.98
C TYR O 494 8.74 15.92 59.04
N VAL O 495 9.11 16.33 57.82
CA VAL O 495 8.09 16.68 56.84
C VAL O 495 7.24 15.47 56.49
N ILE O 496 7.89 14.32 56.29
CA ILE O 496 7.13 13.09 56.03
C ILE O 496 6.23 12.76 57.21
N ALA O 497 6.75 12.91 58.44
CA ALA O 497 5.96 12.60 59.62
C ALA O 497 4.75 13.52 59.73
N SER O 498 4.91 14.80 59.39
CA SER O 498 3.82 15.74 59.53
C SER O 498 2.77 15.55 58.43
N THR O 499 3.19 15.33 57.20
CA THR O 499 2.23 15.19 56.10
C THR O 499 1.51 13.86 56.18
N LEU O 500 2.24 12.76 56.05
CA LEU O 500 1.66 11.44 56.23
C LEU O 500 1.61 11.12 57.72
N GLY O 501 1.37 9.87 58.07
CA GLY O 501 1.34 9.48 59.46
C GLY O 501 2.73 9.34 60.05
N PRO O 502 2.82 9.25 61.38
CA PRO O 502 4.11 8.96 61.99
C PRO O 502 4.67 7.60 61.57
N SER O 503 3.78 6.66 61.23
CA SER O 503 4.24 5.39 60.69
C SER O 503 5.01 5.56 59.40
N ALA O 504 4.69 6.60 58.62
CA ALA O 504 5.47 6.89 57.42
C ALA O 504 6.90 7.29 57.78
N MET O 505 7.07 8.12 58.81
CA MET O 505 8.41 8.45 59.26
C MET O 505 9.13 7.21 59.77
N ARG O 506 8.43 6.36 60.51
CA ARG O 506 9.05 5.14 61.02
C ARG O 506 9.52 4.26 59.87
N LEU O 507 8.68 4.08 58.86
CA LEU O 507 9.06 3.23 57.73
C LEU O 507 10.21 3.84 56.94
N SER O 508 10.18 5.16 56.71
CA SER O 508 11.26 5.81 55.98
C SER O 508 12.58 5.67 56.72
N ARG O 509 12.58 5.91 58.03
CA ARG O 509 13.81 5.78 58.80
C ARG O 509 14.27 4.33 58.88
N CYS O 510 13.34 3.38 58.94
CA CYS O 510 13.72 1.97 58.97
C CYS O 510 14.39 1.57 57.65
N ILE O 511 13.82 1.99 56.53
CA ILE O 511 14.41 1.67 55.23
C ILE O 511 15.75 2.37 55.07
N ARG O 512 15.87 3.60 55.59
CA ARG O 512 17.12 4.34 55.45
C ARG O 512 18.22 3.72 56.28
N ASP O 513 17.95 3.40 57.55
CA ASP O 513 18.96 2.76 58.39
C ASP O 513 19.33 1.39 57.87
N ASN O 514 18.33 0.60 57.46
CA ASN O 514 18.58 -0.66 56.80
C ASN O 514 18.92 -0.37 55.33
N LYS O 515 19.05 -1.43 54.53
CA LYS O 515 19.37 -1.26 53.12
C LYS O 515 18.86 -2.48 52.35
N LEU O 516 17.99 -2.24 51.37
CA LEU O 516 17.46 -3.30 50.51
C LEU O 516 16.77 -4.38 51.34
N VAL O 517 15.68 -3.97 51.97
CA VAL O 517 14.97 -4.78 52.96
C VAL O 517 13.65 -5.24 52.37
N SER O 518 13.39 -6.54 52.45
CA SER O 518 12.14 -7.10 51.95
C SER O 518 11.00 -6.78 52.91
N GLU O 519 9.78 -7.19 52.54
CA GLU O 519 8.63 -6.93 53.38
C GLU O 519 8.67 -7.75 54.67
N LYS O 520 9.17 -8.98 54.61
CA LYS O 520 9.25 -9.80 55.82
C LYS O 520 10.24 -9.21 56.81
N ILE O 521 11.41 -8.77 56.33
CA ILE O 521 12.37 -8.14 57.23
C ILE O 521 11.84 -6.80 57.71
N ILE O 522 11.07 -6.09 56.87
CA ILE O 522 10.44 -4.84 57.32
C ILE O 522 9.51 -5.12 58.49
N ASN O 523 8.68 -6.15 58.38
CA ASN O 523 7.79 -6.51 59.47
C ASN O 523 8.57 -6.92 60.71
N SER O 524 9.64 -7.70 60.52
CA SER O 524 10.42 -8.18 61.65
C SER O 524 11.10 -7.05 62.41
N THR O 525 11.65 -6.08 61.68
CA THR O 525 12.44 -5.01 62.29
C THR O 525 11.66 -3.71 62.46
N ALA O 526 10.36 -3.72 62.18
CA ALA O 526 9.51 -2.56 62.43
C ALA O 526 8.37 -2.85 63.38
N LEU O 527 7.95 -4.10 63.53
CA LEU O 527 6.97 -4.52 64.53
C LEU O 527 5.67 -3.73 64.41
N MET O 528 5.01 -3.90 63.26
CA MET O 528 3.68 -3.36 63.04
C MET O 528 2.99 -4.20 61.96
N LYS O 529 1.72 -3.92 61.73
CA LYS O 529 0.91 -4.73 60.84
C LYS O 529 1.43 -4.63 59.41
N GLU O 530 1.54 -5.78 58.73
CA GLU O 530 2.00 -5.76 57.34
C GLU O 530 0.99 -5.10 56.42
N LYS O 531 -0.29 -5.11 56.79
CA LYS O 531 -1.29 -4.39 55.99
C LYS O 531 -0.98 -2.91 55.97
N ASP O 532 -0.76 -2.32 57.15
CA ASP O 532 -0.40 -0.90 57.21
C ASP O 532 0.99 -0.66 56.64
N ILE O 533 1.89 -1.65 56.74
CA ILE O 533 3.20 -1.50 56.10
C ILE O 533 3.04 -1.34 54.60
N ARG O 534 2.24 -2.19 53.98
CA ARG O 534 2.04 -2.09 52.54
C ARG O 534 1.29 -0.82 52.17
N SER O 535 0.30 -0.44 52.98
CA SER O 535 -0.44 0.80 52.71
C SER O 535 0.49 2.01 52.74
N THR O 536 1.33 2.09 53.78
CA THR O 536 2.25 3.22 53.90
C THR O 536 3.31 3.20 52.81
N LEU O 537 3.80 2.00 52.46
CA LEU O 537 4.79 1.90 51.40
C LEU O 537 4.22 2.36 50.07
N ALA O 538 2.98 1.97 49.77
CA ALA O 538 2.33 2.42 48.54
C ALA O 538 2.08 3.91 48.55
N SER O 539 1.63 4.45 49.69
CA SER O 539 1.40 5.90 49.78
C SER O 539 2.70 6.69 49.76
N LEU O 540 3.82 6.05 50.10
CA LEU O 540 5.12 6.72 50.16
C LEU O 540 5.88 6.64 48.85
N ILE O 541 5.66 5.59 48.06
CA ILE O 541 6.34 5.46 46.78
C ILE O 541 5.83 6.49 45.78
N ARG O 542 4.68 7.13 46.05
CA ARG O 542 4.19 8.15 45.14
C ARG O 542 5.17 9.31 45.01
N TYR O 543 5.93 9.59 46.06
CA TYR O 543 7.07 10.48 46.00
C TYR O 543 8.35 9.65 45.89
N ASN O 544 9.46 10.33 45.61
CA ASN O 544 10.72 9.61 45.49
C ASN O 544 11.30 9.33 46.87
N SER O 545 10.51 8.74 47.75
CA SER O 545 10.94 8.45 49.11
C SER O 545 11.48 7.03 49.23
N VAL O 546 10.71 6.04 48.79
CA VAL O 546 11.09 4.64 48.83
C VAL O 546 11.09 4.11 47.41
N GLU O 547 12.19 3.51 47.00
CA GLU O 547 12.37 3.01 45.64
C GLU O 547 12.32 1.49 45.64
N ILE O 548 11.62 0.94 44.64
CA ILE O 548 11.44 -0.50 44.52
C ILE O 548 12.54 -1.05 43.62
N GLN O 549 13.28 -2.03 44.13
CA GLN O 549 14.28 -2.76 43.36
C GLN O 549 13.68 -4.11 42.99
N GLU O 550 13.64 -4.40 41.69
CA GLU O 550 13.04 -5.64 41.20
C GLU O 550 14.14 -6.66 40.96
N VAL O 551 14.02 -7.82 41.62
CA VAL O 551 14.94 -8.93 41.40
C VAL O 551 14.17 -10.00 40.63
N PRO O 552 14.45 -10.18 39.34
CA PRO O 552 13.68 -11.14 38.54
C PRO O 552 14.09 -12.57 38.81
N ARG O 553 13.10 -13.42 39.08
CA ARG O 553 13.32 -14.84 39.30
C ARG O 553 12.95 -15.69 38.10
N THR O 554 12.69 -15.08 36.95
CA THR O 554 12.35 -15.80 35.73
C THR O 554 13.07 -15.15 34.56
N ALA O 555 12.93 -15.77 33.39
CA ALA O 555 13.50 -15.19 32.17
C ALA O 555 12.86 -13.83 31.86
N ASP O 556 11.55 -13.73 32.02
CA ASP O 556 10.85 -12.46 31.90
C ASP O 556 10.77 -11.78 33.25
N ARG O 557 10.89 -10.46 33.26
CA ARG O 557 10.89 -9.68 34.49
C ARG O 557 9.48 -9.33 34.96
N SER O 558 8.48 -10.08 34.52
CA SER O 558 7.10 -9.82 34.92
C SER O 558 6.91 -10.13 36.41
N ALA O 559 5.86 -9.56 36.97
CA ALA O 559 5.58 -9.73 38.40
C ALA O 559 5.06 -11.15 38.66
N SER O 560 4.65 -11.36 39.91
CA SER O 560 4.15 -12.63 40.44
C SER O 560 5.23 -13.70 40.52
N ARG O 561 6.41 -13.45 40.00
CA ARG O 561 7.56 -14.34 40.15
C ARG O 561 8.78 -13.62 40.70
N ALA O 562 9.00 -12.37 40.30
CA ALA O 562 10.13 -11.60 40.81
C ALA O 562 9.86 -11.17 42.25
N VAL O 563 10.92 -10.74 42.93
CA VAL O 563 10.80 -10.19 44.27
C VAL O 563 11.08 -8.69 44.22
N PHE O 564 10.63 -7.99 45.25
CA PHE O 564 10.69 -6.53 45.29
C PHE O 564 11.30 -6.09 46.61
N LEU O 565 12.54 -5.64 46.57
CA LEU O 565 13.21 -5.05 47.72
C LEU O 565 13.01 -3.54 47.71
N PHE O 566 13.40 -2.88 48.79
CA PHE O 566 13.15 -1.45 48.94
C PHE O 566 14.40 -0.73 49.39
N ARG O 567 14.71 0.37 48.70
CA ARG O 567 15.81 1.27 49.05
C ARG O 567 15.25 2.67 49.28
N CYS O 568 16.13 3.62 49.58
CA CYS O 568 15.71 4.97 49.92
C CYS O 568 16.16 6.00 48.89
N LYS O 569 17.45 6.04 48.56
CA LYS O 569 17.99 6.98 47.57
C LYS O 569 17.68 8.42 47.96
N GLU O 570 18.32 8.85 49.06
CA GLU O 570 17.98 10.12 49.69
C GLU O 570 18.12 11.30 48.74
N THR O 571 18.98 11.20 47.73
CA THR O 571 19.13 12.30 46.77
C THR O 571 17.84 12.52 45.99
N HIS O 572 17.20 11.44 45.53
CA HIS O 572 15.93 11.56 44.84
C HIS O 572 14.89 12.22 45.73
N SER O 573 14.82 11.79 47.00
CA SER O 573 13.85 12.35 47.92
C SER O 573 14.07 13.84 48.15
N TYR O 574 15.33 14.23 48.38
CA TYR O 574 15.63 15.64 48.61
C TYR O 574 15.28 16.48 47.40
N ASN O 575 15.67 16.02 46.21
CA ASN O 575 15.39 16.80 45.01
C ASN O 575 13.89 16.91 44.75
N PHE O 576 13.16 15.81 44.92
CA PHE O 576 11.73 15.83 44.68
C PHE O 576 11.01 16.74 45.68
N MET O 577 11.41 16.68 46.95
CA MET O 577 10.79 17.56 47.93
C MET O 577 11.13 19.02 47.70
N ARG O 578 12.37 19.30 47.27
CA ARG O 578 12.71 20.68 46.94
C ARG O 578 11.86 21.19 45.79
N GLN O 579 11.66 20.37 44.75
CA GLN O 579 10.80 20.78 43.65
C GLN O 579 9.36 20.97 44.11
N ASN O 580 8.87 20.08 44.97
CA ASN O 580 7.51 20.19 45.47
C ASN O 580 7.32 21.49 46.25
N LEU O 581 8.27 21.83 47.11
CA LEU O 581 8.18 23.06 47.88
C LEU O 581 8.27 24.29 46.97
N GLU O 582 9.13 24.23 45.95
CA GLU O 582 9.20 25.34 45.00
C GLU O 582 7.86 25.54 44.32
N TRP O 583 7.23 24.45 43.89
CA TRP O 583 5.94 24.58 43.24
C TRP O 583 4.88 25.11 44.20
N ASN O 584 4.91 24.67 45.46
CA ASN O 584 3.94 25.18 46.42
C ASN O 584 4.11 26.68 46.65
N MET O 585 5.36 27.14 46.76
CA MET O 585 5.61 28.57 46.90
C MET O 585 5.13 29.33 45.67
N ALA O 586 5.40 28.79 44.48
CA ALA O 586 4.93 29.43 43.25
C ALA O 586 3.42 29.50 43.21
N ASN O 587 2.75 28.44 43.66
CA ASN O 587 1.29 28.41 43.70
C ASN O 587 0.75 29.46 44.66
N LEU O 588 1.37 29.60 45.83
CA LEU O 588 0.95 30.61 46.78
C LEU O 588 1.09 32.00 46.19
N LEU O 589 2.22 32.28 45.54
CA LEU O 589 2.42 33.60 44.95
C LEU O 589 1.44 33.85 43.82
N PHE O 590 1.16 32.83 43.01
CA PHE O 590 0.19 32.97 41.93
C PHE O 590 -1.19 33.27 42.47
N LYS O 591 -1.61 32.57 43.52
CA LYS O 591 -2.90 32.83 44.14
C LYS O 591 -2.96 34.24 44.73
N LYS O 592 -1.88 34.67 45.37
CA LYS O 592 -1.85 36.02 45.94
C LYS O 592 -2.01 37.08 44.86
N GLU O 593 -1.27 36.92 43.75
CA GLU O 593 -1.38 37.89 42.66
C GLU O 593 -2.77 37.86 42.03
N LYS O 594 -3.35 36.66 41.89
CA LYS O 594 -4.70 36.56 41.33
C LYS O 594 -5.71 37.27 42.22
N LEU O 595 -5.63 37.06 43.52
CA LEU O 595 -6.56 37.72 44.44
C LEU O 595 -6.36 39.22 44.44
N LYS O 596 -5.11 39.68 44.36
CA LYS O 596 -4.86 41.11 44.28
C LYS O 596 -5.46 41.71 43.01
N GLN O 597 -5.33 41.00 41.89
CA GLN O 597 -5.86 41.53 40.63
C GLN O 597 -7.38 41.52 40.61
N GLU O 598 -8.00 40.46 41.14
CA GLU O 598 -9.45 40.35 41.07
C GLU O 598 -10.15 41.47 41.82
N ASN O 599 -9.67 41.81 43.02
CA ASN O 599 -10.26 42.86 43.83
C ASN O 599 -9.46 44.15 43.76
N SER O 600 -8.89 44.45 42.59
CA SER O 600 -7.97 45.58 42.47
C SER O 600 -8.67 46.93 42.57
N THR O 601 -9.99 46.98 42.40
CA THR O 601 -10.68 48.26 42.36
C THR O 601 -10.59 48.99 43.71
N LEU O 602 -10.96 48.30 44.79
CA LEU O 602 -10.93 48.95 46.10
C LEU O 602 -9.50 49.13 46.59
N LEU O 603 -8.59 48.24 46.21
CA LEU O 603 -7.18 48.45 46.52
C LEU O 603 -6.66 49.74 45.87
N LYS O 604 -7.03 49.97 44.60
CA LYS O 604 -6.66 51.21 43.94
C LYS O 604 -7.31 52.41 44.61
N LYS O 605 -8.59 52.28 44.99
CA LYS O 605 -9.28 53.38 45.66
C LYS O 605 -8.62 53.71 47.00
N ALA O 606 -8.03 52.71 47.67
CA ALA O 606 -7.40 52.96 48.96
C ALA O 606 -6.25 53.95 48.85
N ASN O 607 -5.66 54.09 47.67
CA ASN O 607 -4.56 55.04 47.47
C ASN O 607 -4.86 56.04 46.36
N ARG O 608 -6.11 56.09 45.88
CA ARG O 608 -6.46 57.06 44.83
C ARG O 608 -6.27 58.49 45.31
N ASP O 609 -6.68 58.78 46.56
CA ASP O 609 -6.61 60.13 47.09
C ASP O 609 -5.86 60.17 48.41
N ASP O 610 -4.85 59.30 48.57
CA ASP O 610 -4.03 59.23 49.78
C ASP O 610 -4.92 59.03 51.01
N VAL O 611 -5.92 58.17 50.89
CA VAL O 611 -6.93 58.00 51.92
C VAL O 611 -6.56 56.85 52.85
N LYS O 612 -5.31 56.40 52.76
CA LYS O 612 -4.85 55.35 53.66
C LYS O 612 -4.89 55.83 55.10
N GLY O 613 -5.26 54.93 56.01
CA GLY O 613 -5.46 55.28 57.39
C GLY O 613 -6.80 55.90 57.70
N ARG O 614 -7.64 56.11 56.68
CA ARG O 614 -8.98 56.66 56.83
C ARG O 614 -10.01 55.70 56.25
N GLU O 615 -9.78 54.40 56.42
CA GLU O 615 -10.63 53.40 55.78
C GLU O 615 -12.05 53.44 56.32
N ASN O 616 -12.21 53.56 57.64
CA ASN O 616 -13.53 53.51 58.23
C ASN O 616 -14.34 54.77 57.95
N GLU O 617 -13.67 55.91 57.77
CA GLU O 617 -14.33 57.20 57.71
C GLU O 617 -14.55 57.70 56.28
N LEU O 618 -14.25 56.89 55.27
CA LEU O 618 -14.51 57.29 53.90
C LEU O 618 -15.15 56.22 53.02
N LEU O 619 -15.02 54.94 53.33
CA LEU O 619 -15.50 53.88 52.45
C LEU O 619 -16.75 53.22 53.02
N LEU O 620 -17.49 52.57 52.13
CA LEU O 620 -18.69 51.86 52.53
C LEU O 620 -18.32 50.63 53.36
N PRO O 621 -19.20 50.21 54.28
CA PRO O 621 -18.86 49.05 55.13
C PRO O 621 -18.57 47.78 54.36
N SER O 622 -19.25 47.56 53.23
CA SER O 622 -18.92 46.42 52.39
C SER O 622 -17.50 46.52 51.86
N GLU O 623 -17.09 47.71 51.44
CA GLU O 623 -15.71 47.92 51.02
C GLU O 623 -14.74 47.69 52.18
N LEU O 624 -15.11 48.11 53.38
CA LEU O 624 -14.28 47.86 54.55
C LEU O 624 -14.06 46.36 54.75
N ASN O 625 -15.15 45.59 54.72
CA ASN O 625 -15.03 44.14 54.92
C ASN O 625 -14.21 43.50 53.81
N GLN O 626 -14.45 43.92 52.56
CA GLN O 626 -13.70 43.33 51.44
C GLN O 626 -12.22 43.64 51.55
N LEU O 627 -11.87 44.88 51.88
CA LEU O 627 -10.46 45.25 52.02
C LEU O 627 -9.82 44.53 53.20
N LYS O 628 -10.54 44.37 54.31
CA LYS O 628 -10.00 43.63 55.44
C LYS O 628 -9.73 42.19 55.07
N MET O 629 -10.67 41.55 54.35
CA MET O 629 -10.47 40.17 53.95
C MET O 629 -9.29 40.03 52.97
N VAL O 630 -9.17 40.96 52.02
CA VAL O 630 -8.06 40.91 51.07
C VAL O 630 -6.73 41.05 51.80
N ASN O 631 -6.64 42.01 52.73
CA ASN O 631 -5.39 42.21 53.46
C ASN O 631 -5.06 41.00 54.32
N GLU O 632 -6.06 40.41 54.98
CA GLU O 632 -5.79 39.24 55.81
C GLU O 632 -5.34 38.06 54.95
N ARG O 633 -5.94 37.88 53.78
CA ARG O 633 -5.53 36.80 52.90
C ARG O 633 -4.10 36.99 52.41
N GLU O 634 -3.74 38.23 52.05
CA GLU O 634 -2.35 38.49 51.64
C GLU O 634 -1.37 38.26 52.78
N LEU O 635 -1.76 38.68 53.99
CA LEU O 635 -0.91 38.46 55.16
C LEU O 635 -0.68 36.97 55.39
N ASN O 636 -1.75 36.18 55.30
CA ASN O 636 -1.61 34.73 55.48
C ASN O 636 -0.78 34.12 54.37
N VAL O 637 -0.94 34.61 53.13
CA VAL O 637 -0.13 34.10 52.02
C VAL O 637 1.34 34.34 52.29
N PHE O 638 1.71 35.54 52.72
CA PHE O 638 3.12 35.83 52.94
C PHE O 638 3.66 35.11 54.18
N ALA O 639 2.83 34.90 55.20
CA ALA O 639 3.27 34.10 56.35
C ALA O 639 3.54 32.66 55.94
N ARG O 640 2.66 32.08 55.13
CA ARG O 640 2.88 30.72 54.63
C ARG O 640 4.09 30.67 53.71
N LEU O 641 4.33 31.73 52.94
CA LEU O 641 5.53 31.78 52.10
C LEU O 641 6.79 31.81 52.96
N SER O 642 6.77 32.57 54.06
CA SER O 642 7.91 32.57 54.97
C SER O 642 8.14 31.20 55.58
N ARG O 643 7.05 30.52 55.98
CA ARG O 643 7.20 29.17 56.52
C ARG O 643 7.75 28.21 55.47
N LEU O 644 7.27 28.30 54.23
CA LEU O 644 7.78 27.46 53.16
C LEU O 644 9.25 27.73 52.90
N LEU O 645 9.66 28.99 52.95
CA LEU O 645 11.08 29.32 52.80
C LEU O 645 11.90 28.70 53.91
N SER O 646 11.45 28.84 55.16
CA SER O 646 12.16 28.23 56.27
C SER O 646 12.21 26.72 56.16
N LEU O 647 11.26 26.12 55.45
CA LEU O 647 11.23 24.67 55.29
C LEU O 647 12.06 24.18 54.10
N TRP O 648 12.25 25.01 53.07
CA TRP O 648 12.95 24.59 51.87
C TRP O 648 14.39 25.09 51.79
N GLU O 649 14.77 26.05 52.64
CA GLU O 649 16.17 26.50 52.66
C GLU O 649 17.12 25.33 52.89
N VAL O 650 16.75 24.41 53.80
CA VAL O 650 17.62 23.29 54.14
C VAL O 650 17.89 22.42 52.91
N PHE O 651 16.85 22.14 52.13
CA PHE O 651 17.06 21.39 50.90
C PHE O 651 17.84 22.20 49.87
N GLN O 652 17.70 23.53 49.90
CA GLN O 652 18.50 24.36 49.01
C GLN O 652 19.98 24.34 49.37
N MET O 653 20.33 24.02 50.60
CA MET O 653 21.72 23.99 51.02
C MET O 653 22.46 22.84 50.34
N ALA O 654 23.79 22.92 50.39
CA ALA O 654 24.64 21.89 49.80
C ALA O 654 26.02 21.91 50.45
N GLY P 162 7.39 -15.72 66.56
CA GLY P 162 7.84 -14.90 67.67
C GLY P 162 6.83 -14.79 68.80
N PRO P 163 7.31 -14.48 70.01
CA PRO P 163 6.39 -14.34 71.15
C PRO P 163 5.40 -13.21 71.00
N TRP P 164 5.68 -12.24 70.12
CA TRP P 164 4.83 -11.06 69.96
C TRP P 164 3.72 -11.26 68.93
N PHE P 165 3.59 -12.45 68.36
CA PHE P 165 2.56 -12.71 67.36
C PHE P 165 1.29 -13.23 68.02
N THR P 166 0.15 -12.71 67.56
CA THR P 166 -1.16 -13.13 68.05
C THR P 166 -2.01 -13.56 66.86
N ASP P 167 -2.52 -14.79 66.92
CA ASP P 167 -3.35 -15.37 65.85
C ASP P 167 -2.60 -15.42 64.52
N GLY P 168 -1.28 -15.58 64.57
CA GLY P 168 -0.46 -15.59 63.38
C GLY P 168 -0.09 -14.24 62.84
N GLU P 169 -0.56 -13.16 63.46
CA GLU P 169 -0.25 -11.81 63.02
C GLU P 169 0.37 -11.03 64.18
N LEU P 170 1.14 -10.00 63.84
CA LEU P 170 1.83 -9.18 64.82
C LEU P 170 0.86 -8.12 65.33
N ASP P 171 0.36 -8.33 66.56
CA ASP P 171 -0.51 -7.34 67.18
C ASP P 171 0.31 -6.12 67.60
N ILE P 172 -0.39 -5.01 67.82
CA ILE P 172 0.29 -3.74 68.10
C ILE P 172 0.00 -3.26 69.51
N GLU P 173 -1.17 -3.62 70.05
CA GLU P 173 -1.59 -3.07 71.34
C GLU P 173 -0.61 -3.46 72.44
N PHE P 174 -0.26 -4.75 72.52
CA PHE P 174 0.77 -5.16 73.46
C PHE P 174 2.11 -4.54 73.11
N ILE P 175 2.44 -4.49 71.81
CA ILE P 175 3.68 -3.87 71.38
C ILE P 175 3.69 -2.38 71.72
N ASN P 176 2.56 -1.70 71.49
CA ASN P 176 2.50 -0.28 71.82
C ASN P 176 2.65 -0.05 73.32
N SER P 177 2.01 -0.88 74.15
CA SER P 177 2.16 -0.72 75.59
C SER P 177 3.60 -0.96 76.03
N LEU P 178 4.24 -2.00 75.48
CA LEU P 178 5.62 -2.27 75.82
C LEU P 178 6.53 -1.13 75.39
N LEU P 179 6.30 -0.59 74.19
CA LEU P 179 7.07 0.57 73.73
C LEU P 179 6.88 1.75 74.66
N THR P 180 5.65 2.00 75.10
CA THR P 180 5.38 3.14 75.97
C THR P 180 6.10 2.97 77.30
N ILE P 181 6.04 1.78 77.90
CA ILE P 181 6.65 1.61 79.21
C ILE P 181 8.17 1.66 79.11
N VAL P 182 8.74 1.05 78.06
CA VAL P 182 10.18 1.13 77.88
C VAL P 182 10.63 2.57 77.65
N TRP P 183 9.86 3.31 76.86
CA TRP P 183 10.18 4.71 76.61
C TRP P 183 10.13 5.54 77.88
N ARG P 184 9.11 5.31 78.71
CA ARG P 184 9.02 6.04 79.97
C ARG P 184 10.17 5.69 80.89
N PHE P 185 10.55 4.41 80.94
CA PHE P 185 11.69 4.01 81.77
C PHE P 185 12.98 4.68 81.31
N ILE P 186 13.22 4.69 80.00
CA ILE P 186 14.42 5.32 79.46
C ILE P 186 14.41 6.81 79.77
N SER P 187 13.27 7.47 79.58
CA SER P 187 13.17 8.90 79.84
C SER P 187 13.46 9.21 81.31
N GLU P 188 12.91 8.41 82.21
CA GLU P 188 13.17 8.60 83.63
C GLU P 188 14.65 8.40 83.95
N ASN P 189 15.27 7.41 83.32
CA ASN P 189 16.67 7.12 83.61
C ASN P 189 17.60 8.21 83.07
N THR P 190 17.27 8.80 81.92
CA THR P 190 18.17 9.72 81.25
C THR P 190 17.91 11.18 81.63
N PHE P 191 17.02 11.44 82.57
CA PHE P 191 16.74 12.81 82.98
C PHE P 191 16.95 12.97 84.47
N PRO P 192 17.24 14.20 84.95
CA PRO P 192 17.54 14.39 86.38
C PRO P 192 16.46 13.88 87.31
N ASN P 193 15.24 14.40 87.17
CA ASN P 193 14.13 13.99 88.04
C ASN P 193 13.02 13.28 87.29
N GLY P 194 12.77 13.62 86.03
CA GLY P 194 11.77 12.93 85.25
C GLY P 194 10.75 13.85 84.60
N PHE P 195 9.53 13.34 84.43
CA PHE P 195 8.47 14.12 83.80
C PHE P 195 8.17 15.39 84.58
N LYS P 196 8.35 15.35 85.91
CA LYS P 196 8.12 16.53 86.73
C LYS P 196 9.17 17.61 86.52
N ASN P 197 10.16 17.39 85.64
CA ASN P 197 11.03 18.47 85.21
C ASN P 197 10.40 19.30 84.10
N PHE P 198 9.24 18.90 83.58
CA PHE P 198 8.61 19.58 82.47
C PHE P 198 7.20 20.06 82.78
N GLU P 199 6.74 19.91 84.02
CA GLU P 199 5.43 20.45 84.40
C GLU P 199 5.43 21.97 84.31
N ASN P 200 6.54 22.60 84.72
CA ASN P 200 6.64 24.05 84.58
C ASN P 200 6.86 24.46 83.12
N GLY P 201 7.72 23.73 82.42
CA GLY P 201 7.99 24.01 81.02
C GLY P 201 9.45 23.92 80.68
N PRO P 202 9.80 24.25 79.43
CA PRO P 202 11.19 24.22 78.99
C PRO P 202 12.03 25.40 79.49
N LYS P 203 11.46 26.29 80.28
CA LYS P 203 12.18 27.47 80.76
C LYS P 203 12.96 27.22 82.05
N LYS P 204 12.76 26.06 82.69
CA LYS P 204 13.41 25.79 83.97
C LYS P 204 14.01 24.40 84.06
N ASN P 205 13.76 23.52 83.10
CA ASN P 205 14.26 22.15 83.18
C ASN P 205 15.79 22.12 83.17
N VAL P 206 16.35 21.15 83.90
CA VAL P 206 17.79 20.98 83.98
C VAL P 206 18.14 19.63 83.35
N PHE P 207 19.42 19.49 82.99
CA PHE P 207 19.90 18.31 82.30
C PHE P 207 21.16 17.78 82.97
N TYR P 208 21.39 16.48 82.78
CA TYR P 208 22.56 15.83 83.34
C TYR P 208 23.84 16.35 82.71
N ALA P 209 24.93 16.26 83.48
CA ALA P 209 26.22 16.70 82.99
C ALA P 209 26.70 15.78 81.86
N PRO P 210 27.51 16.30 80.93
CA PRO P 210 28.01 15.46 79.84
C PRO P 210 28.82 14.27 80.31
N ASN P 211 29.51 14.38 81.46
CA ASN P 211 30.36 13.31 81.93
C ASN P 211 29.59 12.16 82.57
N VAL P 212 28.33 12.36 82.92
CA VAL P 212 27.57 11.30 83.58
C VAL P 212 27.13 10.26 82.55
N LYS P 213 26.72 9.10 83.06
CA LYS P 213 26.25 8.00 82.23
C LYS P 213 24.73 8.01 82.24
N ASN P 214 24.15 8.95 81.49
CA ASN P 214 22.70 9.11 81.48
C ASN P 214 21.98 8.02 80.70
N TYR P 215 22.70 7.24 79.91
CA TYR P 215 22.07 6.24 79.06
C TYR P 215 21.52 5.09 79.88
N SER P 216 20.98 4.10 79.18
CA SER P 216 20.48 2.88 79.82
C SER P 216 20.68 1.74 78.83
N THR P 217 21.52 0.78 79.20
CA THR P 217 21.84 -0.33 78.30
C THR P 217 20.62 -1.24 78.16
N THR P 218 20.76 -2.27 77.31
CA THR P 218 19.68 -3.22 77.12
C THR P 218 19.39 -4.01 78.39
N GLN P 219 20.44 -4.33 79.16
CA GLN P 219 20.25 -5.12 80.36
C GLN P 219 19.41 -4.40 81.41
N GLU P 220 19.54 -3.08 81.51
CA GLU P 220 18.69 -2.33 82.43
C GLU P 220 17.23 -2.44 82.03
N ILE P 221 16.94 -2.37 80.73
CA ILE P 221 15.57 -2.54 80.25
C ILE P 221 15.08 -3.95 80.56
N LEU P 222 15.96 -4.95 80.39
CA LEU P 222 15.59 -6.33 80.72
C LEU P 222 15.23 -6.46 82.19
N GLU P 223 16.05 -5.86 83.07
CA GLU P 223 15.77 -5.94 84.50
C GLU P 223 14.47 -5.23 84.84
N PHE P 224 14.22 -4.07 84.23
CA PHE P 224 12.98 -3.34 84.51
C PHE P 224 11.76 -4.12 84.05
N ILE P 225 11.81 -4.70 82.85
CA ILE P 225 10.66 -5.44 82.35
C ILE P 225 10.46 -6.74 83.13
N THR P 226 11.54 -7.32 83.65
CA THR P 226 11.41 -8.52 84.46
C THR P 226 10.81 -8.20 85.83
N ALA P 227 11.26 -7.12 86.46
CA ALA P 227 10.75 -6.76 87.78
C ALA P 227 9.34 -6.18 87.71
N ALA P 228 8.97 -5.60 86.57
CA ALA P 228 7.64 -5.02 86.43
C ALA P 228 6.58 -6.09 86.18
N GLN P 229 6.94 -7.18 85.51
CA GLN P 229 5.99 -8.24 85.11
C GLN P 229 4.83 -7.68 84.31
N VAL P 230 5.11 -6.73 83.41
CA VAL P 230 4.06 -6.18 82.56
C VAL P 230 3.96 -6.93 81.23
N ALA P 231 5.10 -7.39 80.70
CA ALA P 231 5.06 -8.17 79.46
C ALA P 231 4.35 -9.49 79.65
N ASN P 232 4.38 -10.04 80.87
CA ASN P 232 3.70 -11.27 81.29
C ASN P 232 4.28 -12.52 80.66
N VAL P 233 5.26 -12.40 79.76
CA VAL P 233 5.94 -13.53 79.15
C VAL P 233 7.44 -13.30 79.27
N GLU P 234 8.20 -14.38 79.15
CA GLU P 234 9.65 -14.29 79.21
C GLU P 234 10.18 -13.67 77.92
N LEU P 235 10.94 -12.58 78.06
CA LEU P 235 11.51 -11.87 76.93
C LEU P 235 13.03 -11.98 76.98
N THR P 236 13.63 -12.48 75.90
CA THR P 236 15.07 -12.59 75.81
C THR P 236 15.69 -11.22 75.54
N PRO P 237 16.98 -11.05 75.88
CA PRO P 237 17.63 -9.75 75.61
C PRO P 237 17.63 -9.38 74.14
N SER P 238 17.71 -10.35 73.23
CA SER P 238 17.67 -10.05 71.81
C SER P 238 16.32 -9.47 71.40
N ASN P 239 15.23 -10.02 71.94
CA ASN P 239 13.90 -9.52 71.61
C ASN P 239 13.71 -8.09 72.10
N ILE P 240 14.15 -7.80 73.32
CA ILE P 240 14.05 -6.44 73.85
C ILE P 240 14.96 -5.50 73.06
N ARG P 241 16.12 -5.99 72.62
CA ARG P 241 16.99 -5.18 71.78
C ARG P 241 16.32 -4.84 70.47
N SER P 242 15.64 -5.81 69.85
CA SER P 242 14.91 -5.54 68.62
C SER P 242 13.78 -4.55 68.86
N LEU P 243 13.07 -4.69 69.98
CA LEU P 243 11.97 -3.79 70.28
C LEU P 243 12.47 -2.36 70.47
N CYS P 244 13.55 -2.19 71.22
CA CYS P 244 14.06 -0.83 71.42
C CYS P 244 14.75 -0.29 70.18
N GLU P 245 15.25 -1.15 69.30
CA GLU P 245 15.72 -0.68 67.99
C GLU P 245 14.56 -0.19 67.14
N VAL P 246 13.41 -0.86 67.22
CA VAL P 246 12.21 -0.34 66.58
C VAL P 246 11.84 1.01 67.17
N LEU P 247 11.90 1.12 68.49
CA LEU P 247 11.65 2.40 69.15
C LEU P 247 12.72 3.44 68.87
N VAL P 248 13.88 3.03 68.33
CA VAL P 248 14.89 4.00 67.93
C VAL P 248 14.35 4.91 66.84
N TYR P 249 13.53 4.36 65.95
CA TYR P 249 12.84 5.17 64.97
C TYR P 249 11.84 6.09 65.66
N ASP P 250 11.17 6.91 64.87
CA ASP P 250 10.28 7.97 65.37
C ASP P 250 11.03 8.99 66.22
N ASP P 251 12.35 9.05 66.10
CA ASP P 251 13.20 9.95 66.88
C ASP P 251 12.99 9.74 68.38
N LYS P 252 12.88 8.48 68.79
CA LYS P 252 12.81 8.11 70.19
C LYS P 252 13.98 7.18 70.51
N LEU P 253 14.39 7.17 71.78
CA LEU P 253 15.43 6.26 72.27
C LEU P 253 16.71 6.37 71.42
N GLU P 254 17.33 7.55 71.55
CA GLU P 254 18.60 7.80 70.87
C GLU P 254 19.61 6.71 71.20
N LYS P 255 20.27 6.22 70.16
CA LYS P 255 21.20 5.10 70.27
C LYS P 255 22.61 5.59 70.55
N VAL P 256 23.26 4.96 71.53
CA VAL P 256 24.64 5.24 71.90
C VAL P 256 25.41 3.94 71.79
N THR P 257 26.71 4.06 71.48
CA THR P 257 27.55 2.90 71.22
C THR P 257 27.53 1.92 72.39
N HIS P 258 27.87 0.67 72.10
CA HIS P 258 27.84 -0.43 73.07
C HIS P 258 26.43 -0.74 73.53
N ASP P 259 25.45 -0.57 72.63
CA ASP P 259 24.05 -0.92 72.88
C ASP P 259 23.50 -0.16 74.09
N CYS P 260 23.53 1.17 73.98
CA CYS P 260 23.01 2.04 75.01
C CYS P 260 21.88 2.89 74.43
N TYR P 261 20.98 3.33 75.29
CA TYR P 261 19.82 4.09 74.84
C TYR P 261 19.53 5.23 75.80
N ARG P 262 19.30 6.42 75.25
CA ARG P 262 18.86 7.56 76.03
C ARG P 262 17.86 8.35 75.19
N VAL P 263 16.69 8.64 75.77
CA VAL P 263 15.58 9.17 74.98
C VAL P 263 15.95 10.54 74.41
N THR P 264 15.40 10.83 73.23
CA THR P 264 15.61 12.13 72.61
C THR P 264 14.76 13.20 73.28
N LEU P 265 15.24 14.44 73.24
CA LEU P 265 14.48 15.54 73.80
C LEU P 265 13.21 15.80 73.01
N GLU P 266 13.21 15.50 71.71
CA GLU P 266 12.01 15.68 70.90
C GLU P 266 10.89 14.76 71.38
N SER P 267 11.25 13.53 71.77
CA SER P 267 10.24 12.57 72.19
C SER P 267 9.48 13.04 73.43
N ILE P 268 10.15 13.75 74.33
CA ILE P 268 9.46 14.31 75.50
C ILE P 268 8.86 15.68 75.20
N LEU P 269 9.38 16.38 74.18
CA LEU P 269 8.76 17.64 73.78
C LEU P 269 7.42 17.42 73.10
N GLN P 270 7.24 16.27 72.44
CA GLN P 270 6.01 15.98 71.73
C GLN P 270 4.97 15.29 72.60
N MET P 271 5.24 15.14 73.91
CA MET P 271 4.26 14.55 74.81
C MET P 271 3.11 15.51 75.10
N ASN P 272 3.34 16.81 74.96
CA ASN P 272 2.31 17.81 75.23
C ASN P 272 1.62 18.25 73.94
N PHE P 291 9.93 29.16 62.08
CA PHE P 291 8.72 28.34 62.06
C PHE P 291 8.89 27.09 62.90
N SER P 292 10.09 26.52 62.88
CA SER P 292 10.44 25.32 63.66
C SER P 292 9.53 24.14 63.27
N ILE P 293 9.77 23.65 62.05
CA ILE P 293 9.03 22.52 61.49
C ILE P 293 9.14 21.30 62.40
N PHE P 294 10.21 21.26 63.20
CA PHE P 294 10.48 20.07 64.02
C PHE P 294 9.36 19.83 65.03
N ASN P 295 8.84 20.88 65.65
CA ASN P 295 7.71 20.75 66.57
C ASN P 295 6.40 21.05 65.83
N TYR P 296 6.13 20.19 64.83
CA TYR P 296 4.94 20.36 64.01
C TYR P 296 3.65 20.12 64.78
N PHE P 297 3.70 19.36 65.88
CA PHE P 297 2.49 19.04 66.62
C PHE P 297 1.82 20.28 67.19
N LYS P 298 2.59 21.34 67.47
CA LYS P 298 2.02 22.56 68.02
C LYS P 298 1.16 23.30 66.99
N MET P 299 1.54 23.24 65.72
CA MET P 299 0.82 23.98 64.69
C MET P 299 -0.59 23.43 64.52
N PHE P 300 -1.55 24.35 64.31
CA PHE P 300 -2.98 24.11 64.16
C PHE P 300 -3.35 23.85 62.71
N PRO P 301 -4.38 23.05 62.47
CA PRO P 301 -4.84 22.82 61.10
C PRO P 301 -5.47 24.06 60.51
N ALA P 302 -5.50 24.11 59.18
CA ALA P 302 -6.06 25.23 58.46
C ALA P 302 -7.56 25.35 58.71
N SER P 303 -8.06 26.58 58.62
CA SER P 303 -9.49 26.82 58.81
C SER P 303 -10.28 26.27 57.63
N LYS P 304 -11.56 26.00 57.87
CA LYS P 304 -12.43 25.47 56.83
C LYS P 304 -12.73 26.53 55.79
N HIS P 305 -13.00 26.07 54.56
CA HIS P 305 -13.33 26.91 53.42
C HIS P 305 -12.37 28.09 53.29
N ASP P 306 -11.08 27.78 53.46
CA ASP P 306 -10.01 28.77 53.36
C ASP P 306 -9.16 28.47 52.14
N LYS P 307 -8.96 29.48 51.30
CA LYS P 307 -8.09 29.34 50.14
C LYS P 307 -6.66 29.66 50.52
N GLU P 308 -5.74 29.46 49.56
CA GLU P 308 -4.32 29.70 49.76
C GLU P 308 -3.78 28.90 50.95
N VAL P 309 -4.20 27.64 51.04
CA VAL P 309 -3.69 26.70 52.04
C VAL P 309 -2.79 25.72 51.32
N VAL P 310 -1.63 25.44 51.91
CA VAL P 310 -0.59 24.66 51.26
C VAL P 310 -0.85 23.18 51.50
N TYR P 311 -0.87 22.40 50.42
CA TYR P 311 -1.05 20.96 50.48
C TYR P 311 0.21 20.25 49.99
N PHE P 312 0.57 19.16 50.66
CA PHE P 312 1.78 18.43 50.29
C PHE P 312 1.64 17.77 48.94
N ASP P 313 0.46 17.23 48.62
CA ASP P 313 0.23 16.49 47.39
C ASP P 313 -0.51 17.32 46.35
N GLU P 314 -0.47 18.65 46.45
CA GLU P 314 -1.12 19.49 45.46
C GLU P 314 -0.42 19.44 44.11
N TRP P 315 0.86 19.09 44.09
CA TRP P 315 1.63 19.04 42.85
C TRP P 315 1.74 17.63 42.27
N THR P 316 1.59 16.60 43.10
CA THR P 316 1.67 15.23 42.62
C THR P 316 0.43 14.85 41.83
N ASN Q 18 -8.24 -11.53 38.01
CA ASN Q 18 -7.71 -12.12 39.24
C ASN Q 18 -7.71 -11.09 40.38
N LEU Q 19 -8.76 -11.12 41.19
CA LEU Q 19 -8.82 -10.23 42.34
C LEU Q 19 -7.74 -10.62 43.35
N PRO Q 20 -7.01 -9.66 43.92
CA PRO Q 20 -5.92 -10.00 44.84
C PRO Q 20 -6.42 -10.50 46.18
N PHE Q 21 -5.48 -10.94 47.04
CA PHE Q 21 -5.86 -11.52 48.32
C PHE Q 21 -6.51 -10.49 49.24
N GLY Q 22 -6.00 -9.26 49.23
CA GLY Q 22 -6.45 -8.25 50.17
C GLY Q 22 -7.54 -7.34 49.66
N LEU Q 23 -8.27 -7.77 48.63
CA LEU Q 23 -9.31 -6.95 48.03
C LEU Q 23 -10.58 -7.76 47.83
N GLY Q 24 -11.71 -7.06 47.82
CA GLY Q 24 -12.99 -7.67 47.54
C GLY Q 24 -13.74 -6.87 46.49
N TYR Q 25 -14.76 -7.52 45.91
CA TYR Q 25 -15.51 -6.89 44.83
C TYR Q 25 -16.27 -5.65 45.29
N GLY Q 26 -16.54 -5.52 46.59
CA GLY Q 26 -17.26 -4.36 47.07
C GLY Q 26 -16.48 -3.07 46.90
N ASP Q 27 -15.18 -3.09 47.17
CA ASP Q 27 -14.36 -1.89 47.12
C ASP Q 27 -13.93 -1.50 45.70
N VAL Q 28 -14.20 -2.35 44.71
CA VAL Q 28 -13.82 -2.07 43.32
C VAL Q 28 -15.08 -1.98 42.48
N GLY Q 29 -14.97 -1.26 41.36
CA GLY Q 29 -16.10 -1.06 40.47
C GLY Q 29 -16.19 0.34 39.92
N LYS Q 30 -15.72 1.33 40.68
CA LYS Q 30 -15.68 2.71 40.23
C LYS Q 30 -14.30 3.28 40.50
N ASN Q 31 -13.78 4.03 39.54
CA ASN Q 31 -12.44 4.60 39.61
C ASN Q 31 -12.57 6.06 40.02
N HIS Q 32 -12.72 6.29 41.33
CA HIS Q 32 -12.88 7.63 41.88
C HIS Q 32 -11.52 8.10 42.38
N ILE Q 33 -10.87 8.96 41.59
CA ILE Q 33 -9.64 9.62 42.00
C ILE Q 33 -10.02 10.99 42.57
N THR Q 34 -9.38 11.36 43.68
CA THR Q 34 -9.84 12.50 44.47
C THR Q 34 -9.79 13.79 43.65
N GLU Q 35 -8.71 14.02 42.91
CA GLU Q 35 -8.51 15.21 42.09
C GLU Q 35 -8.36 16.45 42.97
N PHE Q 36 -8.52 16.28 44.28
CA PHE Q 36 -8.37 17.33 45.26
C PHE Q 36 -7.40 16.89 46.35
N PRO Q 37 -6.48 17.75 46.76
CA PRO Q 37 -5.52 17.36 47.79
C PRO Q 37 -6.20 17.18 49.15
N SER Q 38 -5.62 16.29 49.96
CA SER Q 38 -6.14 16.04 51.29
C SER Q 38 -5.02 15.91 52.33
N ILE Q 39 -3.78 16.19 51.97
CA ILE Q 39 -2.65 16.09 52.89
C ILE Q 39 -2.00 17.47 53.00
N PRO Q 40 -2.35 18.24 54.02
CA PRO Q 40 -1.83 19.60 54.14
C PRO Q 40 -0.58 19.70 54.99
N LEU Q 41 0.28 20.65 54.61
CA LEU Q 41 1.45 20.95 55.41
C LEU Q 41 1.04 21.69 56.68
N PRO Q 42 1.83 21.58 57.75
CA PRO Q 42 1.49 22.26 59.01
C PRO Q 42 1.76 23.75 59.02
N ILE Q 43 2.00 24.35 57.86
CA ILE Q 43 2.39 25.76 57.78
C ILE Q 43 1.16 26.63 57.63
N ASN Q 44 -0.02 26.05 57.78
CA ASN Q 44 -1.28 26.75 57.55
C ASN Q 44 -1.88 27.35 58.83
N GLY Q 45 -1.17 27.29 59.94
CA GLY Q 45 -1.68 27.77 61.20
C GLY Q 45 -1.84 29.27 61.24
N PRO Q 46 -2.50 29.78 62.28
CA PRO Q 46 -2.71 31.23 62.39
C PRO Q 46 -1.38 31.97 62.49
N ILE Q 47 -1.35 33.18 61.92
CA ILE Q 47 -0.13 33.95 61.88
C ILE Q 47 0.20 34.51 63.27
N THR Q 48 1.47 34.85 63.46
CA THR Q 48 1.95 35.45 64.70
C THR Q 48 2.33 36.90 64.45
N ASN Q 49 2.56 37.63 65.55
CA ASN Q 49 2.88 39.04 65.43
C ASN Q 49 4.20 39.25 64.68
N LYS Q 50 5.22 38.45 64.99
CA LYS Q 50 6.47 38.54 64.25
C LYS Q 50 6.27 38.20 62.79
N GLU Q 51 5.51 37.14 62.51
CA GLU Q 51 5.17 36.81 61.13
C GLU Q 51 4.35 37.92 60.49
N ARG Q 52 3.50 38.59 61.27
CA ARG Q 52 2.72 39.70 60.72
C ARG Q 52 3.63 40.86 60.31
N SER Q 53 4.72 41.03 61.05
CA SER Q 53 5.72 42.07 60.68
C SER Q 53 6.32 41.67 59.34
N LEU Q 54 6.94 40.49 59.28
CA LEU Q 54 7.63 40.11 58.01
C LEU Q 54 6.67 40.51 56.88
N ALA Q 55 5.48 39.93 56.90
CA ALA Q 55 4.56 40.21 55.80
C ALA Q 55 4.68 41.69 55.45
N VAL Q 56 4.48 42.56 56.42
CA VAL Q 56 4.45 43.99 56.04
C VAL Q 56 5.75 44.29 55.27
N LYS Q 57 6.88 43.73 55.71
CA LYS Q 57 8.17 44.07 55.05
C LYS Q 57 8.24 43.24 53.78
N TYR Q 58 7.16 42.50 53.50
CA TYR Q 58 7.10 41.74 52.24
C TYR Q 58 6.07 42.42 51.35
N ILE Q 59 5.06 43.04 51.97
CA ILE Q 59 4.05 43.80 51.17
C ILE Q 59 4.64 45.16 50.82
N ASN Q 60 5.30 45.79 51.79
CA ASN Q 60 5.93 47.11 51.55
C ASN Q 60 6.95 46.92 50.44
N PHE Q 61 7.96 46.07 50.68
CA PHE Q 61 8.87 45.75 49.56
C PHE Q 61 7.91 45.17 48.56
N GLY Q 62 8.24 45.25 47.29
CA GLY Q 62 7.23 44.84 46.34
C GLY Q 62 6.34 46.01 46.00
N LYS Q 63 5.68 46.63 46.98
CA LYS Q 63 4.98 47.88 46.69
C LYS Q 63 5.96 48.95 46.25
N THR Q 64 7.10 49.06 46.93
CA THR Q 64 8.10 50.06 46.57
C THR Q 64 8.64 49.82 45.17
N VAL Q 65 8.91 48.56 44.83
CA VAL Q 65 9.47 48.27 43.51
C VAL Q 65 8.41 48.40 42.42
N LYS Q 66 7.13 48.18 42.76
CA LYS Q 66 6.06 48.52 41.81
C LYS Q 66 6.03 50.02 41.56
N ASP Q 67 6.20 50.82 42.61
CA ASP Q 67 6.40 52.25 42.42
C ASP Q 67 7.81 52.57 41.93
N GLY Q 68 8.72 51.61 41.95
CA GLY Q 68 10.09 51.83 41.54
C GLY Q 68 10.22 52.09 40.05
N PRO Q 69 11.31 52.74 39.66
CA PRO Q 69 11.50 53.07 38.24
C PRO Q 69 11.66 51.86 37.34
N PHE Q 70 12.07 50.71 37.88
CA PHE Q 70 12.33 49.52 37.07
C PHE Q 70 11.09 48.64 37.10
N TYR Q 71 10.06 49.06 36.36
CA TYR Q 71 8.84 48.26 36.29
C TYR Q 71 8.54 47.76 34.88
N THR Q 72 8.38 48.67 33.91
CA THR Q 72 7.97 48.37 32.53
C THR Q 72 6.93 47.26 32.49
N GLY Q 73 5.96 47.31 33.41
CA GLY Q 73 5.04 46.19 33.58
C GLY Q 73 4.11 45.97 32.41
N SER Q 74 3.60 47.06 31.82
CA SER Q 74 2.59 46.93 30.78
C SER Q 74 3.14 46.15 29.59
N MET Q 75 2.35 45.19 29.11
CA MET Q 75 2.78 44.34 28.01
C MET Q 75 2.46 44.97 26.67
N THR Q 101 -11.54 60.31 26.94
CA THR Q 101 -10.29 59.81 27.52
C THR Q 101 -9.18 59.76 26.48
N ASN Q 102 -8.11 60.50 26.74
CA ASN Q 102 -6.95 60.57 25.85
C ASN Q 102 -7.33 61.06 24.45
N ASP Q 103 -8.39 61.86 24.35
CA ASP Q 103 -8.81 62.39 23.07
C ASP Q 103 -7.83 63.45 22.57
N GLY Q 104 -7.70 63.52 21.26
CA GLY Q 104 -6.85 64.50 20.62
C GLY Q 104 -7.43 65.89 20.48
N ILE Q 105 -8.65 66.09 20.94
CA ILE Q 105 -9.30 67.39 20.85
C ILE Q 105 -8.87 68.25 22.03
N GLU Q 106 -8.37 69.45 21.73
CA GLU Q 106 -7.99 70.38 22.78
C GLU Q 106 -9.23 70.82 23.56
N ARG Q 107 -9.08 70.92 24.87
CA ARG Q 107 -10.20 71.30 25.74
C ARG Q 107 -9.68 72.16 26.88
N TYR Q 108 -10.43 73.20 27.21
CA TYR Q 108 -10.06 74.05 28.34
C TYR Q 108 -10.23 73.34 29.67
N SER Q 109 -11.03 72.27 29.71
CA SER Q 109 -11.20 71.53 30.95
C SER Q 109 -9.92 70.79 31.35
N ASP Q 110 -9.26 70.14 30.39
CA ASP Q 110 -8.01 69.45 30.73
C ASP Q 110 -6.90 70.45 31.05
N LYS Q 111 -6.92 71.61 30.41
CA LYS Q 111 -6.01 72.68 30.80
C LYS Q 111 -6.36 73.18 32.20
N TYR Q 112 -5.39 73.80 32.85
CA TYR Q 112 -5.45 74.24 34.25
C TYR Q 112 -5.53 73.08 35.22
N LEU Q 113 -5.26 71.85 34.76
CA LEU Q 113 -5.23 70.67 35.62
C LEU Q 113 -3.79 70.18 35.70
N LYS Q 114 -3.35 69.87 36.91
CA LYS Q 114 -1.96 69.51 37.15
C LYS Q 114 -1.63 68.15 36.53
N LYS Q 115 -0.36 67.97 36.18
CA LYS Q 115 0.13 66.66 35.77
C LYS Q 115 0.04 65.71 36.95
N ARG Q 116 -0.23 64.43 36.63
CA ARG Q 116 -0.50 63.45 37.68
C ARG Q 116 0.68 63.31 38.64
N LYS Q 117 1.89 63.24 38.11
CA LYS Q 117 3.09 63.08 38.93
C LYS Q 117 4.30 63.39 38.05
N ILE Q 118 5.50 63.20 38.62
CA ILE Q 118 6.75 63.40 37.83
C ILE Q 118 7.31 62.02 37.50
N GLY Q 119 6.75 61.36 36.47
CA GLY Q 119 7.17 59.98 36.13
C GLY Q 119 8.68 59.86 36.01
N ILE Q 120 9.28 58.93 36.75
CA ILE Q 120 10.76 58.69 36.64
C ILE Q 120 10.97 57.46 35.76
N SER Q 121 11.56 57.65 34.58
CA SER Q 121 11.78 56.55 33.66
C SER Q 121 12.97 55.71 34.12
N ILE Q 122 13.24 54.62 33.40
CA ILE Q 122 14.34 53.74 33.75
C ILE Q 122 15.68 54.44 33.50
N ASP Q 123 15.76 55.23 32.43
CA ASP Q 123 17.04 55.82 32.04
C ASP Q 123 17.54 56.85 33.05
N ASP Q 124 16.63 57.59 33.70
CA ASP Q 124 17.04 58.67 34.57
C ASP Q 124 17.79 58.20 35.80
N HIS Q 125 17.66 56.94 36.18
CA HIS Q 125 18.35 56.44 37.35
C HIS Q 125 19.86 56.42 37.12
N PRO Q 126 20.66 56.77 38.13
CA PRO Q 126 22.12 56.65 37.99
C PRO Q 126 22.52 55.20 37.75
N TYR Q 127 23.54 55.01 36.93
CA TYR Q 127 23.95 53.67 36.53
C TYR Q 127 25.47 53.54 36.61
N ASN Q 128 25.93 52.38 37.07
CA ASN Q 128 27.34 52.03 37.07
C ASN Q 128 27.64 51.41 35.71
N LEU Q 129 28.26 52.19 34.83
CA LEU Q 129 28.36 51.79 33.42
C LEU Q 129 29.21 50.55 33.23
N ASN Q 130 30.21 50.34 34.08
CA ASN Q 130 31.12 49.21 33.90
C ASN Q 130 30.45 47.86 34.13
N LEU Q 131 29.25 47.83 34.73
CA LEU Q 131 28.57 46.57 34.96
C LEU Q 131 27.78 46.11 33.73
N PHE Q 132 27.00 47.02 33.15
CA PHE Q 132 26.07 46.64 32.11
C PHE Q 132 26.80 46.32 30.80
N PRO Q 133 26.18 45.51 29.94
CA PRO Q 133 26.73 45.29 28.60
C PRO Q 133 26.68 46.57 27.78
N ASN Q 134 27.59 46.67 26.81
CA ASN Q 134 27.73 47.90 26.04
C ASN Q 134 26.49 48.19 25.20
N GLU Q 135 25.87 47.15 24.63
CA GLU Q 135 24.78 47.35 23.69
C GLU Q 135 23.57 48.03 24.33
N LEU Q 136 23.42 47.94 25.64
CA LEU Q 136 22.30 48.59 26.32
C LEU Q 136 22.56 50.05 26.63
N TYR Q 137 23.74 50.57 26.29
CA TYR Q 137 24.04 51.98 26.59
C TYR Q 137 23.13 52.93 25.81
N ASN Q 138 22.65 52.51 24.63
CA ASN Q 138 21.84 53.40 23.82
C ASN Q 138 20.45 53.63 24.41
N VAL Q 139 20.04 52.83 25.40
CA VAL Q 139 18.71 52.95 25.97
C VAL Q 139 18.71 53.52 27.39
N MET Q 140 19.86 53.62 28.03
CA MET Q 140 19.93 54.14 29.40
C MET Q 140 20.06 55.66 29.37
N GLY Q 141 20.23 56.25 30.54
CA GLY Q 141 20.52 57.66 30.65
C GLY Q 141 22.00 57.92 30.70
N ILE Q 142 22.70 57.61 29.61
CA ILE Q 142 24.15 57.83 29.56
C ILE Q 142 24.46 59.31 29.71
N ASN Q 143 23.68 60.16 29.05
CA ASN Q 143 23.80 61.62 29.19
C ASN Q 143 22.41 62.15 29.55
N LYS Q 144 22.10 62.13 30.85
CA LYS Q 144 20.82 62.59 31.34
C LYS Q 144 20.98 63.05 32.78
N LYS Q 145 20.10 63.95 33.21
CA LYS Q 145 20.18 64.51 34.56
C LYS Q 145 20.03 63.42 35.60
N LYS Q 146 20.91 63.44 36.60
CA LYS Q 146 20.86 62.45 37.67
C LYS Q 146 19.64 62.65 38.54
N LEU Q 147 19.00 61.55 38.92
CA LEU Q 147 17.86 61.60 39.84
C LEU Q 147 17.67 60.21 40.43
N LEU Q 148 17.70 60.13 41.76
CA LEU Q 148 17.52 58.86 42.47
C LEU Q 148 16.37 59.00 43.45
N ALA Q 149 15.53 57.96 43.51
CA ALA Q 149 14.39 57.93 44.40
C ALA Q 149 14.71 57.07 45.61
N ILE Q 150 14.37 57.57 46.80
CA ILE Q 150 14.61 56.88 48.06
C ILE Q 150 13.34 56.14 48.45
N SER Q 151 13.47 54.83 48.70
CA SER Q 151 12.33 54.01 49.12
C SER Q 151 12.28 54.04 50.64
N LYS Q 152 11.49 54.98 51.18
CA LYS Q 152 11.33 55.06 52.62
C LYS Q 152 10.55 53.87 53.15
N PHE Q 153 10.90 53.41 54.34
CA PHE Q 153 10.29 52.26 54.98
C PHE Q 153 9.49 52.72 56.18
N ASN Q 154 8.19 52.43 56.18
CA ASN Q 154 7.30 52.77 57.29
C ASN Q 154 7.04 51.49 58.08
N ASN Q 155 7.62 51.40 59.28
CA ASN Q 155 7.46 50.21 60.10
C ASN Q 155 6.02 50.01 60.56
N ALA Q 156 5.20 51.06 60.55
CA ALA Q 156 3.80 50.93 60.91
C ALA Q 156 3.06 50.14 59.84
N ASP Q 157 2.26 49.16 60.27
CA ASP Q 157 1.56 48.31 59.34
C ASP Q 157 0.47 49.07 58.61
N ASP Q 158 0.34 48.82 57.31
CA ASP Q 158 -0.72 49.41 56.49
C ASP Q 158 -1.93 48.50 56.37
N VAL Q 159 -1.92 47.35 57.03
CA VAL Q 159 -3.06 46.45 57.00
C VAL Q 159 -4.20 47.04 57.83
N PHE Q 160 -5.41 46.97 57.30
CA PHE Q 160 -6.57 47.51 58.01
C PHE Q 160 -6.79 46.76 59.32
N THR Q 161 -6.97 47.52 60.40
CA THR Q 161 -7.17 46.98 61.74
C THR Q 161 -6.07 46.00 62.14
ZN ZN U . -23.03 16.08 21.23
ZN ZN V . 22.97 13.34 37.52
MG MG W . -10.89 -7.46 -21.17
C1 4QM X . 28.44 0.01 -1.88
C2 4QM X . 29.60 -1.01 -1.93
C3 4QM X . 28.14 -2.77 -0.73
C4 4QM X . 28.05 -3.90 0.29
C5 4QM X . 29.16 -4.94 0.04
C6 4QM X . 30.50 -4.20 0.12
C7 4QM X . 31.54 -5.30 0.12
C8 4QM X . 30.87 -6.44 0.91
C9 4QM X . 29.38 -6.04 1.11
C10 4QM X . 28.92 -5.60 -1.33
C11 4QM X . 29.56 -1.69 -3.31
C12 4QM X . 28.49 0.98 -0.71
C13 4QM X . 29.79 1.73 -0.66
C14 4QM X . 30.93 0.75 -0.58
C15 4QM X . 30.94 -0.24 -1.76
C16 4QM X . 32.15 -1.19 -1.69
C17 4QM X . 32.00 -2.39 -0.75
C18 4QM X . 30.66 -3.08 -0.90
C19 4QM X . 29.50 -2.07 -0.79
C20 4QM X . 28.46 -7.29 1.12
C21 4QM X . 27.49 -7.30 2.30
C22 4QM X . 29.30 -8.56 1.10
C23 4QM X . 29.22 -9.42 2.35
C24 4QM X . 30.26 -10.52 2.40
O2 4QM X . 29.81 2.59 0.48
O3 4QM X . 32.17 -2.00 0.63
O4 4QM X . 28.17 -3.35 1.62
ZN ZN Y . -9.39 27.53 21.84
C1 4QM Z . -51.49 -13.88 -56.97
C2 4QM Z . -51.37 -12.34 -57.04
C3 4QM Z . -52.40 -12.10 -54.69
C4 4QM Z . -53.33 -11.33 -53.73
C5 4QM Z . -53.09 -9.82 -53.85
C6 4QM Z . -53.31 -9.44 -55.33
C7 4QM Z . -53.39 -7.92 -55.33
C8 4QM Z . -54.02 -7.57 -53.97
C9 4QM Z . -54.11 -8.87 -53.14
C10 4QM Z . -51.67 -9.50 -53.36
C11 4QM Z . -49.95 -11.96 -56.57
C12 4QM Z . -52.74 -14.44 -57.64
C13 4QM Z . -52.80 -14.04 -59.10
C14 4QM Z . -52.79 -12.54 -59.20
C15 4QM Z . -51.58 -11.89 -58.52
C16 4QM Z . -51.61 -10.36 -58.67
C17 4QM Z . -52.57 -9.66 -57.71
C18 4QM Z . -52.35 -10.11 -56.27
C19 4QM Z . -52.45 -11.65 -56.15
C20 4QM Z . -53.95 -8.61 -51.63
C21 4QM Z . -54.97 -9.36 -50.79
C22 4QM Z . -54.04 -7.09 -51.35
C23 4QM Z . -52.80 -6.49 -50.72
C24 4QM Z . -52.89 -4.98 -50.61
O2 4QM Z . -53.99 -14.58 -59.69
O3 4QM Z . -53.95 -9.91 -58.08
O4 4QM Z . -54.69 -11.65 -54.05
C1 4QM AA . 50.62 -44.69 10.86
C2 4QM AA . 50.03 -45.12 12.22
C3 4QM AA . 51.20 -47.42 12.04
C4 4QM AA . 51.13 -48.93 12.24
C5 4QM AA . 50.63 -49.28 13.66
C6 4QM AA . 49.26 -48.59 13.82
C7 4QM AA . 48.72 -49.18 15.10
C8 4QM AA . 49.14 -50.66 15.02
C9 4QM AA . 50.26 -50.76 13.96
C10 4QM AA . 51.67 -48.78 14.68
C11 4QM AA . 50.98 -44.58 13.32
C12 4QM AA . 49.69 -44.93 9.68
C13 4QM AA . 48.37 -44.21 9.88
C14 4QM AA . 47.72 -44.68 11.16
C15 4QM AA . 48.62 -44.49 12.38
C16 4QM AA . 47.91 -44.96 13.67
C17 4QM AA . 47.91 -46.48 13.90
C18 4QM AA . 49.30 -47.08 13.69
C19 4QM AA . 49.89 -46.67 12.33
C20 4QM AA . 51.37 -51.74 14.41
C21 4QM AA . 52.11 -52.38 13.24
C22 4QM AA . 50.77 -52.81 15.33
C23 4QM AA . 50.50 -54.15 14.66
C24 4QM AA . 49.04 -54.55 14.66
O2 4QM AA . 47.51 -44.47 8.75
O3 4QM AA . 46.97 -47.14 13.02
O4 4QM AA . 50.25 -49.49 11.24
ZN ZN BA . 42.20 -44.33 20.85
ZN ZN CA . -33.21 -23.07 -40.50
ZN ZN DA . -48.11 -36.19 2.44
#